data_7XE0
#
_entry.id   7XE0
#
_cell.length_a   1.00
_cell.length_b   1.00
_cell.length_c   1.00
_cell.angle_alpha   90.00
_cell.angle_beta   90.00
_cell.angle_gamma   90.00
#
_symmetry.space_group_name_H-M   'P 1'
#
loop_
_entity.id
_entity.type
_entity.pdbx_description
1 polymer Sr35
2 polymer AvrSr35
3 non-polymer "ADENOSINE-5'-TRIPHOSPHATE"
#
loop_
_entity_poly.entity_id
_entity_poly.type
_entity_poly.pdbx_seq_one_letter_code
_entity_poly.pdbx_strand_id
1 'polypeptide(L)'
;TENLYFQSNAMEIAMGAIGSLLPKLGELLIGEITLEKKVRKGIESLITELKLMQAVLSKVSKVPADQLDEGVKIWAGNVK
ELSYQMEDIVDAFMVRVGDGGESTNPKNRVKKILKKVKKLFKNGKDLHRISAALEEVVLQAKQLAELRQRYEQEMRDTSA
NTSVDPRMMALYTDVTELVGIEETRDKLINMLTEGDDWSKHPLKTISIVGFGGLGKTTLAKAAYDKIKVQFDCGAFVSVS
RNPEMKKVLKDILYGLDKVKYENIHNAARDEKYLIDDIIEFLNDKRYLIVIDDIWNEKAWELIKCAFSKKSPGSRLITTT
RNVSVSEACCSSEDDIYRMEPLSNDVSRTLFCKRIFSQEEGCPQELLKVSEEILKKCGGVPLAIITIASLLANKGHIKAK
DEWYALLSSIGHGLTKNRSLEQMKKILLFSYYDLPSYLKPCLLYLSIFPEDREIRRARLIWRWISEGFVYSEKQDISLYE
LGDSYFNELVNRSMIQPIGIDDEGKVKACRVHDMVLDLICSLSSEENFVTILDDPRRKMPNSESKVRRLSIQNSKIDVDT
TRMEHMRSVTVFSDNVVGKVLDISRFKVLRVLDLEGCHVSDVGYVGNLLHLRYLGLKGTHVKDLPMEIGKLQFLLTLDLR
GTKIEVLPWSVVQLRRLMCLYVDYGMKLPSGIGNLTFLEVLDDLGLSDVDLDFVKELGRLTKLRVLRLDFHGFDQSMGKA
LEESISNMYKLDSLDVFVNRGLINCLSEHWVPPPRLCRLAFPSKRSWFKTLPSWINPSSLPLLSYLDITLFEVRSEDIQL
LGTLPALVYLEIWNYSVFEEAHEVEAPVLSSGAALFPCATECRFIGIGAVPSMFPQGAAPRLKRLWFTFPAKWISSENIG
LGMRHLPSLQRVVVDVISEGASREEADEAEAALRAAAEDHPNRPILDIW
;
A,C,E,G,I
2 'polypeptide(L)'
;HHHHHHSSGVDLGTENLYFQSNAMRNFAADRVHGVESVISGSKSSSNPMALSKSMDKPDTSDLVDSNVQAKNDGSRYEED
FTAKYSEQVDHVSKILKEIEEQEPGTIIIDHKAFPIQDKSPKQVVNFPFPKKMITESNSKDIREYLASTFPFEQQSTILD
SVKSIAKVQIDDRKAFDLQLKFRQENLAELKDQIILSLGANNGNQNWQKLLDYTNKLDELSNTKISPEEFIEEIQKVLYK
VKLESTSTSKLYSQFNLSIQDFALQIIHSKYKSNQISQNDLLKLITEDEMLKILAKTKVLTYKMKYFDSASKMGINKYIS
TEMMDLDWQFSHYKTFNDALKKNKASDSSYLGWLTHGYSIKYGLSPNNERSMFFQDGRKYAELYAFSKSPHRKIIPGEHL
KDLLAKINKSKGIFLDQNALLDKRIYAFHELNTLETHFPGITSSFTDDLKSNYRKKMESVSLTCQVLQEIGNIHRFIESK
VPYHSSTEYGLFSIPKIFSIPIDYKHGEKENLVSYVDFLYSTAHERILQDNSINQLCLDPLQESLNRIKSNIPVFFNLAS
HSSPIKPSNVHEGKL
;
B,D,F,H,J
#
loop_
_chem_comp.id
_chem_comp.type
_chem_comp.name
_chem_comp.formula
ATP non-polymer ADENOSINE-5'-TRIPHOSPHATE 'C10 H16 N5 O13 P3'
#
# COMPACT_ATOMS: atom_id res chain seq x y z
N THR A 34 44.77 5.31 -4.77
CA THR A 34 44.09 6.48 -5.28
C THR A 34 43.01 6.09 -6.28
N LEU A 35 43.41 5.93 -7.55
CA LEU A 35 42.47 5.49 -8.57
C LEU A 35 41.92 4.12 -8.24
N GLU A 36 42.79 3.20 -7.83
CA GLU A 36 42.33 1.87 -7.43
C GLU A 36 41.44 1.93 -6.20
N LYS A 37 41.63 2.94 -5.36
CA LYS A 37 40.81 3.06 -4.15
C LYS A 37 39.34 3.24 -4.50
N LYS A 38 39.05 4.09 -5.49
CA LYS A 38 37.66 4.30 -5.89
C LYS A 38 37.04 3.00 -6.41
N VAL A 39 37.79 2.28 -7.24
CA VAL A 39 37.27 1.04 -7.79
C VAL A 39 36.98 0.04 -6.68
N ARG A 40 37.94 -0.15 -5.77
CA ARG A 40 37.75 -1.14 -4.73
C ARG A 40 36.66 -0.72 -3.75
N LYS A 41 36.45 0.57 -3.58
CA LYS A 41 35.35 1.04 -2.74
C LYS A 41 34.01 0.95 -3.45
N GLY A 42 34.00 0.84 -4.78
CA GLY A 42 32.76 0.53 -5.46
C GLY A 42 32.46 -0.96 -5.53
N ILE A 43 33.48 -1.80 -5.41
CA ILE A 43 33.27 -3.24 -5.54
C ILE A 43 32.35 -3.76 -4.43
N GLU A 44 32.52 -3.31 -3.20
CA GLU A 44 31.67 -3.83 -2.14
C GLU A 44 30.23 -3.37 -2.29
N SER A 45 30.02 -2.13 -2.78
CA SER A 45 28.68 -1.72 -3.13
C SER A 45 28.09 -2.64 -4.19
N LEU A 46 28.91 -3.00 -5.18
CA LEU A 46 28.44 -3.88 -6.23
C LEU A 46 28.05 -5.25 -5.67
N ILE A 47 28.85 -5.81 -4.76
CA ILE A 47 28.55 -7.14 -4.27
C ILE A 47 27.31 -7.12 -3.38
N THR A 48 27.10 -6.03 -2.63
CA THR A 48 25.83 -5.88 -1.93
C THR A 48 24.68 -5.85 -2.92
N GLU A 49 24.86 -5.11 -4.02
CA GLU A 49 23.83 -5.10 -5.07
C GLU A 49 23.52 -6.52 -5.52
N LEU A 50 24.56 -7.31 -5.79
CA LEU A 50 24.36 -8.73 -6.08
C LEU A 50 23.46 -9.36 -5.03
N LYS A 51 23.91 -9.33 -3.77
CA LYS A 51 23.20 -10.04 -2.72
C LYS A 51 21.71 -9.73 -2.75
N LEU A 52 21.36 -8.45 -2.90
CA LEU A 52 19.96 -8.08 -3.04
C LEU A 52 19.34 -8.68 -4.31
N MET A 53 20.08 -8.70 -5.42
CA MET A 53 19.47 -9.15 -6.67
C MET A 53 19.22 -10.65 -6.68
N GLN A 54 20.18 -11.45 -6.20
CA GLN A 54 19.85 -12.86 -6.02
C GLN A 54 18.77 -13.07 -4.98
N ALA A 55 18.67 -12.18 -3.97
CA ALA A 55 17.54 -12.27 -3.06
C ALA A 55 16.23 -12.16 -3.82
N VAL A 56 16.12 -11.13 -4.67
CA VAL A 56 14.88 -10.91 -5.41
C VAL A 56 14.60 -12.04 -6.37
N LEU A 57 15.62 -12.48 -7.12
CA LEU A 57 15.42 -13.54 -8.10
C LEU A 57 15.02 -14.84 -7.43
N SER A 58 15.63 -15.15 -6.28
CA SER A 58 15.21 -16.31 -5.52
C SER A 58 13.78 -16.18 -5.07
N LYS A 59 13.37 -14.96 -4.67
CA LYS A 59 11.99 -14.76 -4.24
C LYS A 59 11.02 -15.03 -5.38
N VAL A 60 11.29 -14.45 -6.56
CA VAL A 60 10.33 -14.51 -7.64
C VAL A 60 10.22 -15.91 -8.22
N SER A 61 11.34 -16.62 -8.34
CA SER A 61 11.33 -17.91 -9.00
C SER A 61 10.55 -18.97 -8.24
N LYS A 62 10.19 -18.72 -6.99
CA LYS A 62 9.46 -19.73 -6.22
C LYS A 62 8.09 -19.98 -6.81
N VAL A 63 7.37 -18.93 -7.19
CA VAL A 63 6.00 -19.08 -7.67
C VAL A 63 5.99 -19.66 -9.08
N PRO A 64 5.02 -20.48 -9.44
CA PRO A 64 4.95 -21.01 -10.79
C PRO A 64 4.66 -19.91 -11.80
N ALA A 65 5.12 -20.12 -13.03
CA ALA A 65 5.00 -19.09 -14.05
C ALA A 65 3.62 -19.07 -14.67
N ASP A 66 2.58 -19.07 -13.85
CA ASP A 66 1.21 -18.86 -14.29
C ASP A 66 0.52 -17.76 -13.50
N GLN A 67 0.74 -17.71 -12.19
CA GLN A 67 0.26 -16.60 -11.39
C GLN A 67 1.17 -15.38 -11.48
N LEU A 68 2.35 -15.54 -12.07
CA LEU A 68 3.26 -14.42 -12.20
C LEU A 68 2.82 -13.54 -13.36
N ASP A 69 2.60 -12.26 -13.09
CA ASP A 69 2.24 -11.32 -14.13
C ASP A 69 3.43 -11.07 -15.05
N GLU A 70 3.15 -10.76 -16.31
CA GLU A 70 4.19 -10.73 -17.32
C GLU A 70 5.13 -9.56 -17.12
N GLY A 71 4.64 -8.45 -16.59
CA GLY A 71 5.52 -7.32 -16.36
C GLY A 71 6.62 -7.65 -15.37
N VAL A 72 6.26 -8.30 -14.27
CA VAL A 72 7.26 -8.72 -13.30
C VAL A 72 8.19 -9.75 -13.92
N LYS A 73 7.67 -10.60 -14.80
CA LYS A 73 8.53 -11.58 -15.46
C LYS A 73 9.59 -10.92 -16.32
N ILE A 74 9.19 -9.93 -17.12
CA ILE A 74 10.14 -9.23 -17.98
C ILE A 74 11.17 -8.50 -17.12
N TRP A 75 10.71 -7.84 -16.06
CA TRP A 75 11.61 -7.17 -15.15
C TRP A 75 12.61 -8.15 -14.56
N ALA A 76 12.14 -9.33 -14.17
CA ALA A 76 13.01 -10.33 -13.59
C ALA A 76 14.06 -10.81 -14.58
N GLY A 77 13.66 -11.00 -15.84
CA GLY A 77 14.64 -11.39 -16.84
C GLY A 77 15.74 -10.35 -17.00
N ASN A 78 15.36 -9.07 -17.03
CA ASN A 78 16.37 -8.04 -17.14
C ASN A 78 17.26 -8.01 -15.89
N VAL A 79 16.67 -8.24 -14.72
CA VAL A 79 17.46 -8.36 -13.50
C VAL A 79 18.50 -9.46 -13.64
N LYS A 80 18.11 -10.61 -14.16
CA LYS A 80 19.05 -11.71 -14.30
C LYS A 80 20.19 -11.35 -15.24
N GLU A 81 19.87 -10.70 -16.36
CA GLU A 81 20.93 -10.31 -17.28
C GLU A 81 21.92 -9.35 -16.62
N LEU A 82 21.40 -8.36 -15.89
CA LEU A 82 22.28 -7.44 -15.20
C LEU A 82 23.11 -8.18 -14.14
N SER A 83 22.52 -9.20 -13.53
CA SER A 83 23.25 -10.00 -12.55
C SER A 83 24.46 -10.67 -13.19
N TYR A 84 24.27 -11.26 -14.37
CA TYR A 84 25.41 -11.82 -15.09
C TYR A 84 26.46 -10.76 -15.36
N GLN A 85 26.05 -9.58 -15.81
CA GLN A 85 27.03 -8.55 -16.12
C GLN A 85 27.87 -8.15 -14.90
N MET A 86 27.21 -7.96 -13.75
CA MET A 86 27.95 -7.52 -12.58
C MET A 86 28.83 -8.63 -12.03
N GLU A 87 28.36 -9.88 -12.10
CA GLU A 87 29.22 -11.00 -11.72
C GLU A 87 30.47 -11.03 -12.59
N ASP A 88 30.29 -10.77 -13.89
CA ASP A 88 31.43 -10.71 -14.80
C ASP A 88 32.42 -9.64 -14.35
N ILE A 89 31.92 -8.44 -14.03
CA ILE A 89 32.83 -7.36 -13.65
C ILE A 89 33.58 -7.72 -12.37
N VAL A 90 32.88 -8.25 -11.38
CA VAL A 90 33.53 -8.52 -10.10
C VAL A 90 34.56 -9.64 -10.25
N ASP A 91 34.24 -10.66 -11.04
CA ASP A 91 35.21 -11.72 -11.28
C ASP A 91 36.44 -11.20 -12.01
N ALA A 92 36.23 -10.33 -13.00
CA ALA A 92 37.37 -9.77 -13.73
C ALA A 92 38.28 -8.99 -12.80
N PHE A 93 37.69 -8.14 -11.95
CA PHE A 93 38.50 -7.36 -11.03
C PHE A 93 39.24 -8.26 -10.05
N MET A 94 38.54 -9.29 -9.54
CA MET A 94 39.18 -10.17 -8.57
C MET A 94 40.34 -10.93 -9.20
N VAL A 95 40.21 -11.33 -10.46
CA VAL A 95 41.29 -12.03 -11.13
C VAL A 95 42.47 -11.10 -11.40
N ARG A 96 42.20 -9.90 -11.90
CA ARG A 96 43.29 -9.01 -12.26
C ARG A 96 44.04 -8.53 -11.03
N VAL A 97 43.34 -7.85 -10.13
CA VAL A 97 43.99 -7.25 -8.96
C VAL A 97 43.42 -7.86 -7.68
N LYS A 125 45.98 0.76 -16.68
CA LYS A 125 45.45 0.14 -17.88
C LYS A 125 44.10 -0.51 -17.61
N ASP A 126 44.14 -1.62 -16.88
CA ASP A 126 42.91 -2.34 -16.57
C ASP A 126 41.99 -1.52 -15.66
N LEU A 127 42.55 -0.62 -14.86
CA LEU A 127 41.74 0.15 -13.93
C LEU A 127 40.72 1.01 -14.67
N HIS A 128 41.14 1.66 -15.75
CA HIS A 128 40.22 2.51 -16.49
C HIS A 128 39.10 1.69 -17.14
N ARG A 129 39.46 0.53 -17.71
CA ARG A 129 38.45 -0.33 -18.32
C ARG A 129 37.43 -0.81 -17.28
N ILE A 130 37.93 -1.24 -16.12
CA ILE A 130 37.04 -1.66 -15.05
C ILE A 130 36.15 -0.50 -14.62
N SER A 131 36.74 0.69 -14.50
CA SER A 131 35.98 1.86 -14.09
C SER A 131 34.84 2.14 -15.05
N ALA A 132 35.14 2.20 -16.35
CA ALA A 132 34.10 2.49 -17.33
C ALA A 132 33.01 1.43 -17.30
N ALA A 133 33.41 0.16 -17.20
CA ALA A 133 32.41 -0.91 -17.18
C ALA A 133 31.49 -0.78 -15.97
N LEU A 134 32.07 -0.55 -14.78
CA LEU A 134 31.24 -0.47 -13.59
C LEU A 134 30.31 0.74 -13.64
N GLU A 135 30.81 1.90 -14.10
CA GLU A 135 29.94 3.06 -14.21
C GLU A 135 28.77 2.79 -15.14
N GLU A 136 29.06 2.26 -16.34
CA GLU A 136 27.96 2.06 -17.28
C GLU A 136 26.96 1.04 -16.74
N VAL A 137 27.43 0.00 -16.05
CA VAL A 137 26.52 -0.97 -15.47
C VAL A 137 25.63 -0.31 -14.43
N VAL A 138 26.20 0.59 -13.64
CA VAL A 138 25.38 1.36 -12.71
C VAL A 138 24.33 2.15 -13.47
N LEU A 139 24.70 2.68 -14.63
CA LEU A 139 23.73 3.44 -15.43
C LEU A 139 22.57 2.57 -15.90
N GLN A 140 22.85 1.35 -16.39
CA GLN A 140 21.69 0.54 -16.77
C GLN A 140 20.86 0.14 -15.56
N ALA A 141 21.50 -0.12 -14.41
CA ALA A 141 20.71 -0.42 -13.22
C ALA A 141 19.78 0.75 -12.89
N LYS A 142 20.32 1.96 -12.90
CA LYS A 142 19.51 3.13 -12.58
C LYS A 142 18.40 3.33 -13.60
N GLN A 143 18.69 3.17 -14.89
CA GLN A 143 17.65 3.34 -15.89
C GLN A 143 16.54 2.31 -15.70
N LEU A 144 16.91 1.05 -15.54
CA LEU A 144 15.93 -0.01 -15.39
C LEU A 144 15.12 0.16 -14.11
N ALA A 145 15.65 0.89 -13.13
CA ALA A 145 14.92 1.07 -11.88
C ALA A 145 13.53 1.64 -12.11
N GLU A 146 13.43 2.76 -12.83
CA GLU A 146 12.14 3.44 -12.92
C GLU A 146 11.27 2.97 -14.06
N LEU A 147 11.76 2.11 -14.95
CA LEU A 147 10.85 1.50 -15.91
C LEU A 147 9.79 0.67 -15.19
N ARG A 148 10.17 -0.05 -14.15
CA ARG A 148 9.18 -0.79 -13.39
C ARG A 148 8.16 0.16 -12.76
N GLN A 149 8.63 1.27 -12.21
CA GLN A 149 7.72 2.22 -11.57
C GLN A 149 6.78 2.86 -12.58
N ARG A 150 7.30 3.20 -13.76
CA ARG A 150 6.57 4.05 -14.69
C ARG A 150 5.30 3.38 -15.20
N TYR A 151 5.35 2.08 -15.48
CA TYR A 151 4.25 1.36 -16.09
C TYR A 151 3.85 0.24 -15.13
N GLU A 152 3.01 0.56 -14.17
CA GLU A 152 2.58 -0.43 -13.20
C GLU A 152 1.29 0.05 -12.55
N GLN A 153 0.49 -0.91 -12.11
CA GLN A 153 -0.83 -0.60 -11.58
C GLN A 153 -1.13 -1.52 -10.41
N GLU A 154 -2.35 -1.40 -9.89
CA GLU A 154 -2.78 -2.16 -8.72
C GLU A 154 -3.91 -3.14 -9.04
N MET A 155 -5.05 -2.64 -9.54
CA MET A 155 -6.18 -3.51 -9.88
C MET A 155 -6.63 -4.32 -8.65
N ARG A 156 -7.19 -3.59 -7.69
CA ARG A 156 -7.72 -4.21 -6.49
C ARG A 156 -8.70 -5.33 -6.83
N ASP A 157 -9.46 -5.18 -7.91
CA ASP A 157 -10.40 -6.21 -8.36
C ASP A 157 -9.75 -7.09 -9.42
N THR A 158 -8.62 -7.71 -9.05
CA THR A 158 -7.94 -8.67 -9.92
C THR A 158 -7.99 -10.09 -9.33
N SER A 159 -8.86 -10.33 -8.36
CA SER A 159 -8.82 -11.56 -7.57
C SER A 159 -9.31 -12.72 -8.43
N ALA A 160 -8.40 -13.24 -9.25
CA ALA A 160 -8.68 -14.46 -9.99
C ALA A 160 -8.56 -15.67 -9.07
N ASN A 161 -9.44 -16.65 -9.28
CA ASN A 161 -9.48 -17.81 -8.41
C ASN A 161 -8.18 -18.60 -8.51
N THR A 162 -7.83 -19.25 -7.41
CA THR A 162 -6.62 -20.08 -7.39
C THR A 162 -6.80 -21.30 -8.28
N SER A 163 -5.72 -21.70 -8.95
CA SER A 163 -5.77 -22.85 -9.83
C SER A 163 -6.00 -24.13 -9.05
N VAL A 164 -6.76 -25.05 -9.65
CA VAL A 164 -7.08 -26.33 -9.04
C VAL A 164 -5.91 -27.28 -9.23
N ASP A 165 -5.94 -28.42 -8.57
CA ASP A 165 -4.85 -29.39 -8.67
C ASP A 165 -4.88 -30.09 -10.01
N PRO A 166 -3.83 -30.01 -10.83
CA PRO A 166 -3.85 -30.66 -12.14
C PRO A 166 -3.99 -32.16 -12.07
N ARG A 167 -3.65 -32.79 -10.95
CA ARG A 167 -3.68 -34.23 -10.82
C ARG A 167 -4.79 -34.68 -9.88
N MET A 168 -5.91 -33.97 -9.88
CA MET A 168 -7.09 -34.45 -9.18
C MET A 168 -8.00 -35.23 -10.11
N MET A 169 -8.19 -34.76 -11.34
CA MET A 169 -9.01 -35.49 -12.30
C MET A 169 -8.43 -36.87 -12.54
N ALA A 170 -7.11 -37.00 -12.49
CA ALA A 170 -6.48 -38.30 -12.64
C ALA A 170 -6.91 -39.25 -11.53
N LEU A 171 -7.20 -38.71 -10.35
CA LEU A 171 -7.73 -39.55 -9.28
C LEU A 171 -9.07 -40.14 -9.67
N TYR A 172 -9.83 -39.44 -10.51
CA TYR A 172 -11.14 -39.91 -10.97
C TYR A 172 -10.98 -40.48 -12.37
N THR A 173 -10.48 -41.71 -12.43
CA THR A 173 -10.37 -42.44 -13.68
C THR A 173 -10.97 -43.83 -13.51
N ASP A 174 -11.36 -44.43 -14.63
CA ASP A 174 -12.05 -45.71 -14.59
C ASP A 174 -11.16 -46.81 -14.05
N VAL A 175 -11.75 -47.67 -13.21
CA VAL A 175 -11.01 -48.81 -12.68
C VAL A 175 -10.62 -49.76 -13.80
N THR A 176 -11.57 -50.06 -14.69
CA THR A 176 -11.30 -50.99 -15.77
C THR A 176 -10.61 -50.29 -16.94
N GLU A 177 -9.53 -49.57 -16.64
CA GLU A 177 -8.78 -48.85 -17.66
C GLU A 177 -7.30 -49.12 -17.49
N LEU A 178 -6.86 -49.29 -16.25
CA LEU A 178 -5.45 -49.49 -15.96
C LEU A 178 -5.09 -50.95 -16.18
N VAL A 179 -4.00 -51.18 -16.91
CA VAL A 179 -3.54 -52.52 -17.21
C VAL A 179 -2.15 -52.71 -16.63
N GLY A 180 -1.88 -53.93 -16.18
CA GLY A 180 -0.59 -54.24 -15.63
C GLY A 180 -0.40 -53.81 -14.18
N ILE A 181 -1.42 -53.17 -13.59
CA ILE A 181 -1.32 -52.77 -12.19
C ILE A 181 -1.30 -53.98 -11.26
N GLU A 182 -1.69 -55.14 -11.75
CA GLU A 182 -1.75 -56.35 -10.94
C GLU A 182 -0.33 -56.82 -10.65
N GLU A 183 -0.24 -57.91 -9.88
CA GLU A 183 1.00 -58.59 -9.51
C GLU A 183 1.99 -57.60 -8.88
N THR A 184 1.53 -56.38 -8.62
CA THR A 184 2.19 -55.38 -7.80
C THR A 184 1.29 -54.90 -6.69
N ARG A 185 0.01 -54.72 -6.98
CA ARG A 185 -0.98 -54.47 -5.94
C ARG A 185 -1.04 -55.65 -4.98
N ASP A 186 -1.08 -56.87 -5.51
CA ASP A 186 -1.11 -58.04 -4.65
C ASP A 186 0.16 -58.17 -3.83
N LYS A 187 1.31 -57.89 -4.45
CA LYS A 187 2.58 -58.01 -3.72
C LYS A 187 2.67 -56.97 -2.62
N LEU A 188 2.24 -55.74 -2.89
CA LEU A 188 2.21 -54.74 -1.82
C LEU A 188 1.18 -55.08 -0.76
N ILE A 189 0.08 -55.73 -1.14
CA ILE A 189 -0.90 -56.15 -0.16
C ILE A 189 -0.28 -57.17 0.80
N ASN A 190 0.33 -58.22 0.25
CA ASN A 190 0.80 -59.30 1.10
C ASN A 190 2.18 -59.02 1.69
N MET A 191 2.84 -57.92 1.32
CA MET A 191 4.03 -57.53 2.05
C MET A 191 3.69 -56.80 3.34
N LEU A 192 2.41 -56.47 3.55
CA LEU A 192 1.96 -55.89 4.80
C LEU A 192 0.78 -56.62 5.41
N THR A 193 -0.09 -57.23 4.61
CA THR A 193 -1.20 -57.97 5.19
C THR A 193 -0.81 -59.36 5.64
N GLU A 194 0.43 -59.79 5.39
CA GLU A 194 0.88 -61.08 5.90
C GLU A 194 0.88 -61.10 7.41
N GLY A 195 1.14 -59.96 8.05
CA GLY A 195 0.98 -59.81 9.48
C GLY A 195 -0.41 -59.46 9.93
N ASP A 196 -1.32 -59.21 8.99
CA ASP A 196 -2.71 -58.96 9.35
C ASP A 196 -3.32 -60.17 10.02
N ASP A 197 -2.98 -61.37 9.57
CA ASP A 197 -3.30 -62.55 10.34
C ASP A 197 -2.53 -62.51 11.64
N TRP A 198 -3.19 -62.92 12.73
CA TRP A 198 -2.74 -62.61 14.08
C TRP A 198 -2.64 -61.08 14.24
N SER A 199 -3.80 -60.45 14.10
CA SER A 199 -3.86 -59.00 13.98
C SER A 199 -3.53 -58.36 15.31
N LYS A 200 -2.35 -58.67 15.82
CA LYS A 200 -1.86 -58.11 17.07
C LYS A 200 -0.44 -57.60 16.93
N HIS A 201 0.15 -57.68 15.74
CA HIS A 201 1.50 -57.21 15.54
C HIS A 201 1.57 -55.70 15.70
N PRO A 202 2.69 -55.18 16.17
CA PRO A 202 2.80 -53.73 16.38
C PRO A 202 2.68 -52.97 15.07
N LEU A 203 2.17 -51.75 15.17
CA LEU A 203 1.89 -50.96 13.98
C LEU A 203 3.19 -50.62 13.25
N LYS A 204 3.09 -50.49 11.93
CA LYS A 204 4.24 -50.17 11.11
C LYS A 204 3.77 -49.38 9.90
N THR A 205 4.73 -48.73 9.26
CA THR A 205 4.45 -47.93 8.08
C THR A 205 5.14 -48.55 6.88
N ILE A 206 4.57 -48.34 5.69
CA ILE A 206 5.17 -48.77 4.44
C ILE A 206 5.08 -47.60 3.49
N SER A 207 6.22 -46.98 3.20
CA SER A 207 6.24 -45.83 2.31
C SER A 207 6.41 -46.29 0.86
N ILE A 208 6.11 -45.39 -0.06
CA ILE A 208 6.25 -45.67 -1.49
C ILE A 208 6.97 -44.50 -2.14
N VAL A 209 8.21 -44.70 -2.53
CA VAL A 209 8.98 -43.64 -3.16
C VAL A 209 9.04 -43.89 -4.65
N GLY A 210 9.22 -42.81 -5.40
CA GLY A 210 9.31 -42.90 -6.84
C GLY A 210 9.50 -41.53 -7.42
N PHE A 211 9.58 -41.48 -8.75
CA PHE A 211 9.87 -40.25 -9.46
C PHE A 211 8.80 -39.98 -10.50
N GLY A 212 8.60 -38.70 -10.77
CA GLY A 212 7.68 -38.30 -11.83
C GLY A 212 6.29 -38.83 -11.56
N GLY A 213 5.72 -39.49 -12.56
CA GLY A 213 4.37 -39.99 -12.45
C GLY A 213 4.27 -41.49 -12.67
N LEU A 214 5.23 -42.26 -12.14
CA LEU A 214 5.22 -43.69 -12.37
C LEU A 214 4.04 -44.38 -11.69
N GLY A 215 3.25 -43.66 -10.91
CA GLY A 215 2.02 -44.18 -10.38
C GLY A 215 2.15 -44.64 -8.94
N LYS A 216 1.85 -43.75 -8.01
CA LYS A 216 1.87 -44.07 -6.60
C LYS A 216 0.49 -44.00 -5.97
N THR A 217 -0.22 -42.88 -6.18
CA THR A 217 -1.57 -42.76 -5.69
C THR A 217 -2.48 -43.82 -6.27
N THR A 218 -2.28 -44.18 -7.54
CA THR A 218 -3.11 -45.21 -8.17
C THR A 218 -3.00 -46.53 -7.42
N LEU A 219 -1.77 -46.99 -7.20
CA LEU A 219 -1.58 -48.27 -6.51
C LEU A 219 -2.00 -48.16 -5.06
N ALA A 220 -1.75 -47.01 -4.43
CA ALA A 220 -2.17 -46.82 -3.05
C ALA A 220 -3.68 -46.94 -2.92
N LYS A 221 -4.42 -46.32 -3.84
CA LYS A 221 -5.87 -46.44 -3.81
C LYS A 221 -6.31 -47.86 -4.13
N ALA A 222 -5.61 -48.53 -5.04
CA ALA A 222 -5.97 -49.91 -5.37
C ALA A 222 -5.86 -50.80 -4.15
N ALA A 223 -4.77 -50.68 -3.41
CA ALA A 223 -4.65 -51.42 -2.16
C ALA A 223 -5.66 -50.92 -1.14
N TYR A 224 -6.01 -49.63 -1.20
CA TYR A 224 -6.96 -49.03 -0.30
C TYR A 224 -8.39 -49.43 -0.60
N ASP A 225 -8.65 -50.04 -1.75
CA ASP A 225 -10.01 -50.38 -2.12
C ASP A 225 -10.36 -51.84 -1.92
N LYS A 226 -9.36 -52.69 -1.69
CA LYS A 226 -9.61 -54.13 -1.59
C LYS A 226 -9.80 -54.55 -0.12
N ILE A 227 -8.80 -54.29 0.71
CA ILE A 227 -8.83 -54.71 2.10
C ILE A 227 -9.26 -53.57 3.02
N LYS A 228 -10.57 -53.45 3.22
CA LYS A 228 -11.07 -52.43 4.14
C LYS A 228 -12.14 -52.99 5.06
N VAL A 229 -12.89 -53.97 4.60
CA VAL A 229 -13.99 -54.52 5.37
C VAL A 229 -13.51 -55.11 6.68
N GLN A 230 -12.22 -55.45 6.76
CA GLN A 230 -11.60 -55.99 7.95
C GLN A 230 -10.94 -54.90 8.80
N PHE A 231 -11.45 -53.68 8.73
CA PHE A 231 -10.90 -52.57 9.51
C PHE A 231 -12.03 -51.74 10.09
N ASP A 232 -11.71 -50.99 11.14
CA ASP A 232 -12.69 -50.13 11.81
C ASP A 232 -12.64 -48.69 11.34
N CYS A 233 -11.50 -48.21 10.87
CA CYS A 233 -11.34 -46.81 10.50
C CYS A 233 -10.54 -46.76 9.21
N GLY A 234 -10.08 -45.58 8.86
CA GLY A 234 -9.27 -45.39 7.67
C GLY A 234 -9.48 -44.00 7.10
N ALA A 235 -8.48 -43.52 6.36
CA ALA A 235 -8.58 -42.22 5.74
C ALA A 235 -7.54 -42.10 4.64
N PHE A 236 -7.96 -41.58 3.49
CA PHE A 236 -7.07 -41.24 2.38
C PHE A 236 -6.98 -39.72 2.33
N VAL A 237 -5.83 -39.18 2.72
CA VAL A 237 -5.66 -37.73 2.86
C VAL A 237 -4.41 -37.30 2.09
N SER A 238 -4.54 -36.22 1.32
CA SER A 238 -3.44 -35.68 0.55
C SER A 238 -2.81 -34.49 1.26
N VAL A 239 -1.59 -34.17 0.86
CA VAL A 239 -0.84 -33.02 1.36
C VAL A 239 -0.19 -32.33 0.18
N SER A 240 -0.23 -31.00 0.17
CA SER A 240 0.34 -30.23 -0.93
C SER A 240 1.81 -29.95 -0.65
N ARG A 241 2.38 -29.02 -1.42
CA ARG A 241 3.77 -28.62 -1.22
C ARG A 241 3.94 -27.87 0.09
N ASN A 242 3.05 -26.92 0.35
CA ASN A 242 3.11 -26.11 1.56
C ASN A 242 1.80 -26.26 2.32
N PRO A 243 1.65 -27.32 3.10
CA PRO A 243 0.36 -27.63 3.68
C PRO A 243 0.02 -26.69 4.83
N GLU A 244 -1.26 -26.70 5.19
CA GLU A 244 -1.73 -26.10 6.42
C GLU A 244 -2.10 -27.23 7.36
N MET A 245 -1.39 -27.31 8.49
CA MET A 245 -1.51 -28.48 9.35
C MET A 245 -2.93 -28.67 9.85
N LYS A 246 -3.58 -27.58 10.26
CA LYS A 246 -4.96 -27.68 10.72
C LYS A 246 -5.86 -28.18 9.60
N LYS A 247 -5.62 -27.74 8.37
CA LYS A 247 -6.39 -28.24 7.24
C LYS A 247 -6.18 -29.73 7.05
N VAL A 248 -4.94 -30.19 7.19
CA VAL A 248 -4.64 -31.62 7.03
C VAL A 248 -5.37 -32.43 8.10
N LEU A 249 -5.33 -31.96 9.33
CA LEU A 249 -5.93 -32.72 10.42
C LEU A 249 -7.45 -32.69 10.35
N LYS A 250 -8.02 -31.57 9.90
CA LYS A 250 -9.45 -31.55 9.62
C LYS A 250 -9.79 -32.55 8.52
N ASP A 251 -8.93 -32.65 7.51
CA ASP A 251 -9.13 -33.62 6.43
C ASP A 251 -9.15 -35.03 6.99
N ILE A 252 -8.22 -35.33 7.89
CA ILE A 252 -8.18 -36.67 8.47
C ILE A 252 -9.44 -36.94 9.27
N LEU A 253 -9.87 -35.97 10.08
CA LEU A 253 -11.05 -36.18 10.90
C LEU A 253 -12.29 -36.40 10.06
N TYR A 254 -12.46 -35.59 9.00
CA TYR A 254 -13.64 -35.76 8.16
C TYR A 254 -13.65 -37.11 7.46
N GLY A 255 -12.46 -37.67 7.22
CA GLY A 255 -12.37 -38.97 6.58
C GLY A 255 -12.77 -40.14 7.46
N LEU A 256 -12.79 -39.94 8.78
CA LEU A 256 -13.15 -41.02 9.69
C LEU A 256 -14.66 -41.11 9.87
N ASP A 257 -15.28 -40.04 10.37
CA ASP A 257 -16.73 -39.96 10.49
C ASP A 257 -17.19 -38.64 9.91
N LYS A 258 -18.15 -38.70 8.99
CA LYS A 258 -18.74 -37.50 8.42
C LYS A 258 -19.99 -37.06 9.15
N VAL A 259 -20.43 -37.82 10.15
CA VAL A 259 -21.66 -37.49 10.86
C VAL A 259 -21.34 -36.52 11.98
N LYS A 260 -20.55 -36.96 12.96
CA LYS A 260 -20.20 -36.08 14.07
C LYS A 260 -19.27 -34.96 13.64
N TYR A 261 -18.57 -35.12 12.53
CA TYR A 261 -17.56 -34.16 12.09
C TYR A 261 -17.89 -33.60 10.72
N GLU A 262 -19.18 -33.40 10.43
CA GLU A 262 -19.55 -32.90 9.11
C GLU A 262 -18.99 -31.51 8.87
N ASN A 263 -19.24 -30.58 9.78
CA ASN A 263 -18.70 -29.22 9.68
C ASN A 263 -17.40 -29.10 10.48
N ILE A 264 -16.50 -30.06 10.30
CA ILE A 264 -15.26 -30.04 11.04
C ILE A 264 -14.27 -29.05 10.46
N HIS A 265 -14.50 -28.57 9.24
CA HIS A 265 -13.63 -27.59 8.62
C HIS A 265 -13.95 -26.17 9.05
N ASN A 266 -15.04 -25.97 9.79
CA ASN A 266 -15.47 -24.64 10.19
C ASN A 266 -14.76 -24.18 11.47
N ALA A 267 -14.86 -24.97 12.53
CA ALA A 267 -14.30 -24.56 13.82
C ALA A 267 -12.79 -24.41 13.72
N ALA A 268 -12.27 -23.34 14.31
CA ALA A 268 -10.84 -23.05 14.31
C ALA A 268 -10.37 -23.11 15.75
N ARG A 269 -10.04 -24.33 16.21
CA ARG A 269 -9.71 -24.51 17.62
C ARG A 269 -8.26 -24.17 17.88
N ASP A 270 -7.35 -25.05 17.45
CA ASP A 270 -5.91 -24.83 17.45
C ASP A 270 -5.23 -26.06 16.90
N GLU A 271 -3.90 -26.02 16.78
CA GLU A 271 -3.17 -27.16 16.28
C GLU A 271 -3.17 -28.33 17.26
N LYS A 272 -3.65 -28.14 18.47
CA LYS A 272 -3.39 -29.07 19.56
C LYS A 272 -4.62 -29.82 20.02
N TYR A 273 -5.71 -29.10 20.27
CA TYR A 273 -6.90 -29.74 20.83
C TYR A 273 -7.53 -30.72 19.83
N LEU A 274 -7.49 -30.39 18.55
CA LEU A 274 -7.96 -31.34 17.55
C LEU A 274 -7.03 -32.54 17.43
N ILE A 275 -5.73 -32.36 17.67
CA ILE A 275 -4.84 -33.51 17.77
C ILE A 275 -5.27 -34.38 18.94
N ASP A 276 -5.60 -33.77 20.06
CA ASP A 276 -6.08 -34.56 21.19
C ASP A 276 -7.37 -35.28 20.84
N ASP A 277 -8.25 -34.63 20.08
CA ASP A 277 -9.50 -35.25 19.67
C ASP A 277 -9.25 -36.47 18.79
N ILE A 278 -8.35 -36.34 17.81
CA ILE A 278 -8.07 -37.47 16.94
C ILE A 278 -7.39 -38.58 17.72
N ILE A 279 -6.52 -38.24 18.68
CA ILE A 279 -5.90 -39.26 19.50
C ILE A 279 -6.96 -40.01 20.30
N GLU A 280 -7.92 -39.28 20.86
CA GLU A 280 -8.99 -39.91 21.62
C GLU A 280 -9.84 -40.82 20.75
N PHE A 281 -10.16 -40.38 19.54
CA PHE A 281 -11.03 -41.17 18.68
C PHE A 281 -10.37 -42.46 18.21
N LEU A 282 -9.06 -42.62 18.40
CA LEU A 282 -8.31 -43.75 17.88
C LEU A 282 -8.00 -44.78 18.95
N ASN A 283 -8.89 -45.01 19.89
CA ASN A 283 -8.68 -45.98 20.95
C ASN A 283 -9.41 -47.27 20.64
N ASP A 284 -8.75 -48.41 20.88
CA ASP A 284 -9.34 -49.73 20.77
C ASP A 284 -9.91 -49.99 19.37
N LYS A 285 -9.17 -49.53 18.36
CA LYS A 285 -9.56 -49.74 16.97
C LYS A 285 -8.30 -49.85 16.13
N ARG A 286 -8.46 -50.40 14.92
CA ARG A 286 -7.39 -50.47 13.93
C ARG A 286 -7.71 -49.48 12.82
N TYR A 287 -6.81 -48.54 12.57
CA TYR A 287 -7.23 -47.45 11.69
C TYR A 287 -6.82 -47.65 10.24
N LEU A 288 -5.53 -47.92 9.96
CA LEU A 288 -5.05 -48.04 8.59
C LEU A 288 -5.28 -46.73 7.82
N ILE A 289 -4.59 -45.70 8.26
CA ILE A 289 -4.63 -44.44 7.57
C ILE A 289 -3.58 -44.44 6.47
N VAL A 290 -3.85 -43.75 5.38
CA VAL A 290 -2.88 -43.53 4.32
C VAL A 290 -2.78 -42.04 4.05
N ILE A 291 -1.55 -41.54 3.94
CA ILE A 291 -1.29 -40.14 3.69
C ILE A 291 -0.32 -40.08 2.52
N ASP A 292 -0.64 -39.26 1.52
CA ASP A 292 0.16 -39.23 0.31
C ASP A 292 0.63 -37.82 -0.01
N ASP A 293 1.67 -37.76 -0.83
CA ASP A 293 2.32 -36.52 -1.24
C ASP A 293 2.77 -35.71 -0.03
N ILE A 294 3.66 -36.31 0.76
CA ILE A 294 4.28 -35.64 1.89
C ILE A 294 5.67 -35.21 1.47
N TRP A 295 5.94 -33.92 1.49
CA TRP A 295 7.26 -33.41 1.17
C TRP A 295 7.79 -32.73 2.42
N ASN A 296 9.11 -32.62 2.53
CA ASN A 296 9.73 -31.88 3.63
C ASN A 296 9.30 -32.44 4.98
N GLU A 297 9.85 -33.62 5.29
CA GLU A 297 9.44 -34.49 6.39
C GLU A 297 9.15 -33.77 7.70
N LYS A 298 9.76 -32.60 7.90
CA LYS A 298 9.49 -31.77 9.06
C LYS A 298 7.99 -31.63 9.29
N ALA A 299 7.22 -31.59 8.21
CA ALA A 299 5.76 -31.61 8.36
C ALA A 299 5.28 -32.94 8.90
N TRP A 300 5.89 -34.04 8.45
CA TRP A 300 5.39 -35.37 8.80
C TRP A 300 5.51 -35.64 10.29
N GLU A 301 6.61 -35.21 10.91
CA GLU A 301 6.81 -35.53 12.32
C GLU A 301 5.73 -34.94 13.21
N LEU A 302 4.99 -33.94 12.74
CA LEU A 302 3.82 -33.49 13.48
C LEU A 302 2.76 -34.58 13.51
N ILE A 303 2.50 -35.21 12.36
CA ILE A 303 1.43 -36.20 12.30
C ILE A 303 1.79 -37.44 13.09
N LYS A 304 3.07 -37.86 13.08
CA LYS A 304 3.43 -39.11 13.72
C LYS A 304 3.11 -39.07 15.21
N CYS A 305 3.18 -37.90 15.84
CA CYS A 305 2.82 -37.82 17.23
C CYS A 305 1.33 -38.01 17.44
N ALA A 306 0.51 -37.74 16.42
CA ALA A 306 -0.91 -38.07 16.52
C ALA A 306 -1.13 -39.57 16.61
N PHE A 307 -0.21 -40.38 16.10
CA PHE A 307 -0.24 -41.83 16.27
C PHE A 307 0.95 -42.16 17.18
N SER A 308 0.75 -42.04 18.48
CA SER A 308 1.82 -42.28 19.44
C SER A 308 1.46 -43.35 20.45
N LYS A 309 0.30 -43.97 20.32
CA LYS A 309 -0.17 -44.97 21.27
C LYS A 309 -0.01 -46.36 20.68
N LYS A 310 0.15 -47.34 21.57
CA LYS A 310 0.21 -48.73 21.13
C LYS A 310 -1.13 -49.14 20.55
N SER A 311 -1.12 -49.71 19.36
CA SER A 311 -2.35 -50.14 18.70
C SER A 311 -2.04 -51.37 17.85
N PRO A 312 -2.19 -52.56 18.41
CA PRO A 312 -1.97 -53.77 17.62
C PRO A 312 -2.98 -53.89 16.49
N GLY A 313 -2.52 -54.41 15.36
CA GLY A 313 -3.38 -54.70 14.24
C GLY A 313 -3.65 -53.56 13.28
N SER A 314 -2.97 -52.43 13.41
CA SER A 314 -3.12 -51.33 12.47
C SER A 314 -1.78 -50.99 11.84
N ARG A 315 -1.84 -50.49 10.62
CA ARG A 315 -0.65 -50.10 9.83
C ARG A 315 -1.01 -48.90 8.97
N LEU A 316 -0.01 -48.18 8.47
CA LEU A 316 -0.31 -47.00 7.66
C LEU A 316 0.61 -46.98 6.46
N ILE A 317 0.19 -46.24 5.44
CA ILE A 317 0.90 -46.15 4.16
C ILE A 317 1.22 -44.70 3.88
N THR A 318 2.39 -44.47 3.30
CA THR A 318 2.85 -43.15 2.93
C THR A 318 3.39 -43.19 1.51
N THR A 319 3.33 -42.06 0.81
CA THR A 319 3.98 -41.91 -0.48
C THR A 319 4.72 -40.59 -0.49
N THR A 320 5.75 -40.51 -1.31
CA THR A 320 6.50 -39.27 -1.47
C THR A 320 7.42 -39.38 -2.67
N ARG A 321 7.95 -38.22 -3.09
CA ARG A 321 8.89 -38.15 -4.24
C ARG A 321 10.33 -38.09 -3.70
N ASN A 322 10.50 -38.19 -2.37
CA ASN A 322 11.82 -38.14 -1.76
C ASN A 322 12.06 -39.41 -0.96
N VAL A 323 13.05 -40.21 -1.38
CA VAL A 323 13.44 -41.32 -0.53
C VAL A 323 14.08 -40.82 0.75
N SER A 324 14.66 -39.62 0.72
CA SER A 324 15.34 -39.05 1.87
C SER A 324 14.37 -38.64 2.98
N VAL A 325 13.09 -38.94 2.86
CA VAL A 325 12.14 -38.75 3.95
C VAL A 325 11.43 -40.03 4.33
N SER A 326 11.47 -41.06 3.49
CA SER A 326 10.82 -42.32 3.83
C SER A 326 11.62 -43.14 4.83
N GLU A 327 12.95 -43.06 4.76
CA GLU A 327 13.76 -43.70 5.78
C GLU A 327 13.50 -43.12 7.15
N ALA A 328 12.99 -41.89 7.20
CA ALA A 328 12.51 -41.34 8.46
C ALA A 328 11.29 -42.09 8.97
N CYS A 329 10.67 -42.92 8.13
CA CYS A 329 9.56 -43.75 8.52
C CYS A 329 10.01 -45.22 8.56
N CYS A 330 9.24 -46.02 9.30
CA CYS A 330 9.23 -47.48 9.33
C CYS A 330 10.52 -48.09 9.87
N SER A 331 11.54 -47.27 10.10
CA SER A 331 12.76 -47.66 10.81
C SER A 331 13.48 -48.86 10.19
N SER A 332 13.08 -49.30 9.01
CA SER A 332 13.64 -50.52 8.44
C SER A 332 13.51 -50.48 6.93
N GLU A 333 14.45 -51.09 6.23
CA GLU A 333 14.43 -51.09 4.77
C GLU A 333 13.46 -52.11 4.20
N ASP A 334 13.09 -53.14 4.96
CA ASP A 334 12.14 -54.13 4.46
C ASP A 334 10.75 -53.55 4.28
N ASP A 335 10.44 -52.45 4.96
CA ASP A 335 9.16 -51.79 4.80
C ASP A 335 9.16 -50.70 3.73
N ILE A 336 10.33 -50.37 3.17
CA ILE A 336 10.39 -49.45 2.05
C ILE A 336 9.98 -50.20 0.78
N TYR A 337 9.07 -49.61 0.02
CA TYR A 337 8.51 -50.23 -1.17
C TYR A 337 8.86 -49.38 -2.38
N ARG A 338 9.90 -49.77 -3.11
CA ARG A 338 10.19 -49.13 -4.39
C ARG A 338 9.14 -49.54 -5.41
N MET A 339 8.84 -48.63 -6.34
CA MET A 339 7.96 -48.93 -7.45
C MET A 339 8.74 -48.74 -8.75
N GLU A 340 8.48 -49.61 -9.72
CA GLU A 340 9.31 -49.70 -10.91
C GLU A 340 8.54 -49.33 -12.16
N PRO A 341 9.22 -48.86 -13.21
CA PRO A 341 8.56 -48.68 -14.50
C PRO A 341 8.07 -50.01 -15.04
N LEU A 342 6.99 -49.95 -15.82
CA LEU A 342 6.38 -51.16 -16.33
C LEU A 342 7.28 -51.83 -17.38
N SER A 343 7.02 -53.11 -17.61
CA SER A 343 7.80 -53.88 -18.57
C SER A 343 7.42 -53.48 -20.00
N ASN A 344 8.27 -53.88 -20.96
CA ASN A 344 8.06 -53.51 -22.34
C ASN A 344 6.75 -54.09 -22.88
N ASP A 345 6.45 -55.34 -22.56
CA ASP A 345 5.22 -55.95 -23.06
C ASP A 345 3.98 -55.29 -22.48
N VAL A 346 3.98 -55.05 -21.17
CA VAL A 346 2.84 -54.38 -20.55
C VAL A 346 2.70 -52.96 -21.08
N SER A 347 3.82 -52.27 -21.27
CA SER A 347 3.76 -50.92 -21.83
C SER A 347 3.19 -50.94 -23.24
N ARG A 348 3.59 -51.91 -24.05
CA ARG A 348 3.05 -52.02 -25.41
C ARG A 348 1.55 -52.27 -25.38
N THR A 349 1.10 -53.18 -24.52
CA THR A 349 -0.32 -53.46 -24.42
C THR A 349 -1.09 -52.21 -24.01
N LEU A 350 -0.57 -51.48 -23.03
CA LEU A 350 -1.27 -50.28 -22.59
C LEU A 350 -1.28 -49.22 -23.68
N PHE A 351 -0.17 -49.07 -24.40
CA PHE A 351 -0.09 -48.07 -25.46
C PHE A 351 -1.08 -48.37 -26.58
N CYS A 352 -1.18 -49.64 -26.97
CA CYS A 352 -2.10 -50.01 -28.04
C CYS A 352 -3.55 -50.09 -27.56
N LYS A 353 -3.78 -50.16 -26.25
CA LYS A 353 -5.14 -50.12 -25.74
C LYS A 353 -5.83 -48.82 -26.10
N ARG A 354 -5.07 -47.73 -26.17
CA ARG A 354 -5.66 -46.41 -26.35
C ARG A 354 -5.89 -46.10 -27.83
N ILE A 355 -4.81 -46.08 -28.61
CA ILE A 355 -4.88 -45.62 -29.99
C ILE A 355 -5.58 -46.66 -30.86
N PHE A 356 -5.02 -47.87 -30.93
CA PHE A 356 -5.66 -48.93 -31.70
C PHE A 356 -6.98 -49.29 -31.05
N SER A 357 -7.93 -49.73 -31.88
CA SER A 357 -9.22 -50.14 -31.35
C SER A 357 -9.12 -51.42 -30.54
N GLN A 358 -8.85 -52.54 -31.21
CA GLN A 358 -8.62 -53.82 -30.55
C GLN A 358 -7.46 -54.61 -31.13
N GLU A 359 -6.93 -54.23 -32.28
CA GLU A 359 -5.94 -55.01 -33.02
C GLU A 359 -4.72 -54.16 -33.30
N GLU A 360 -3.59 -54.84 -33.51
CA GLU A 360 -2.30 -54.17 -33.59
C GLU A 360 -1.59 -54.35 -34.92
N GLY A 361 -1.80 -55.47 -35.62
CA GLY A 361 -1.05 -55.76 -36.82
C GLY A 361 -1.54 -55.13 -38.09
N CYS A 362 -2.68 -54.44 -38.07
CA CYS A 362 -3.17 -53.78 -39.26
C CYS A 362 -2.20 -52.75 -39.82
N PRO A 363 -1.56 -51.88 -39.03
CA PRO A 363 -0.55 -51.00 -39.61
C PRO A 363 0.62 -51.79 -40.20
N GLN A 364 1.28 -52.59 -39.37
CA GLN A 364 2.32 -53.52 -39.83
C GLN A 364 3.47 -52.81 -40.52
N GLU A 365 3.42 -51.48 -40.58
CA GLU A 365 4.47 -50.69 -41.20
C GLU A 365 4.92 -49.52 -40.35
N LEU A 366 4.12 -49.09 -39.37
CA LEU A 366 4.56 -48.16 -38.35
C LEU A 366 4.91 -48.86 -37.05
N LEU A 367 5.00 -50.19 -37.08
CA LEU A 367 5.29 -50.94 -35.85
C LEU A 367 6.62 -50.50 -35.27
N LYS A 368 7.67 -50.47 -36.10
CA LYS A 368 8.98 -50.06 -35.61
C LYS A 368 8.95 -48.65 -35.04
N VAL A 369 8.14 -47.78 -35.64
CA VAL A 369 7.95 -46.45 -35.07
C VAL A 369 7.33 -46.56 -33.69
N SER A 370 6.39 -47.49 -33.51
CA SER A 370 5.75 -47.66 -32.22
C SER A 370 6.75 -48.08 -31.16
N GLU A 371 7.58 -49.10 -31.46
CA GLU A 371 8.58 -49.48 -30.46
C GLU A 371 9.58 -48.34 -30.22
N GLU A 372 10.01 -47.66 -31.27
CA GLU A 372 10.99 -46.60 -31.08
C GLU A 372 10.46 -45.49 -30.20
N ILE A 373 9.22 -45.06 -30.42
CA ILE A 373 8.65 -44.01 -29.59
C ILE A 373 8.40 -44.51 -28.17
N LEU A 374 7.82 -45.70 -28.03
CA LEU A 374 7.54 -46.21 -26.70
C LEU A 374 8.82 -46.40 -25.89
N LYS A 375 9.96 -46.58 -26.54
CA LYS A 375 11.22 -46.65 -25.81
C LYS A 375 11.54 -45.33 -25.12
N LYS A 376 11.11 -44.20 -25.69
CA LYS A 376 11.43 -42.91 -25.10
C LYS A 376 10.81 -42.76 -23.71
N CYS A 377 9.56 -43.19 -23.54
CA CYS A 377 8.91 -43.08 -22.24
C CYS A 377 9.53 -44.04 -21.23
N GLY A 378 9.99 -45.20 -21.69
CA GLY A 378 10.60 -46.18 -20.84
C GLY A 378 9.59 -47.08 -20.15
N GLY A 379 8.97 -46.59 -19.08
CA GLY A 379 7.95 -47.39 -18.42
C GLY A 379 6.88 -46.56 -17.75
N VAL A 380 6.92 -45.25 -17.95
CA VAL A 380 6.09 -44.33 -17.18
C VAL A 380 4.64 -44.45 -17.60
N PRO A 381 3.74 -44.82 -16.68
CA PRO A 381 2.32 -44.94 -17.03
C PRO A 381 1.58 -43.61 -17.13
N LEU A 382 2.30 -42.51 -17.19
CA LEU A 382 1.71 -41.19 -17.46
C LEU A 382 2.15 -40.61 -18.78
N ALA A 383 3.43 -40.75 -19.12
CA ALA A 383 3.93 -40.25 -20.40
C ALA A 383 3.24 -40.96 -21.56
N ILE A 384 3.09 -42.28 -21.47
CA ILE A 384 2.47 -43.02 -22.55
C ILE A 384 0.97 -42.71 -22.64
N ILE A 385 0.30 -42.50 -21.51
CA ILE A 385 -1.08 -42.02 -21.56
C ILE A 385 -1.15 -40.70 -22.31
N THR A 386 -0.25 -39.78 -21.97
CA THR A 386 -0.25 -38.47 -22.62
C THR A 386 -0.04 -38.59 -24.13
N ILE A 387 0.96 -39.38 -24.52
CA ILE A 387 1.27 -39.49 -25.94
C ILE A 387 0.13 -40.17 -26.69
N ALA A 388 -0.44 -41.22 -26.11
CA ALA A 388 -1.55 -41.91 -26.78
C ALA A 388 -2.75 -41.00 -26.95
N SER A 389 -3.07 -40.20 -25.93
CA SER A 389 -4.20 -39.29 -26.05
C SER A 389 -3.90 -38.14 -27.01
N LEU A 390 -2.65 -37.72 -27.10
CA LEU A 390 -2.29 -36.66 -28.05
C LEU A 390 -2.31 -37.15 -29.49
N LEU A 391 -1.93 -38.39 -29.70
CA LEU A 391 -1.57 -38.85 -31.04
C LEU A 391 -2.77 -39.23 -31.89
N ALA A 392 -3.96 -39.33 -31.31
CA ALA A 392 -5.14 -39.76 -32.08
C ALA A 392 -6.37 -39.03 -31.55
N ASN A 393 -6.77 -37.97 -32.26
CA ASN A 393 -8.04 -37.32 -31.94
C ASN A 393 -9.22 -38.21 -32.31
N LYS A 394 -9.16 -38.84 -33.48
CA LYS A 394 -10.20 -39.79 -33.88
C LYS A 394 -9.59 -40.77 -34.88
N GLY A 395 -9.19 -41.94 -34.39
CA GLY A 395 -8.76 -43.03 -35.25
C GLY A 395 -7.60 -42.70 -36.18
N HIS A 396 -6.39 -42.59 -35.63
CA HIS A 396 -5.18 -42.39 -36.42
C HIS A 396 -5.30 -41.16 -37.32
N ILE A 397 -5.51 -40.01 -36.68
CA ILE A 397 -5.63 -38.77 -37.45
C ILE A 397 -4.36 -38.48 -38.22
N LYS A 398 -3.28 -39.21 -37.92
CA LYS A 398 -1.99 -38.94 -38.51
C LYS A 398 -1.23 -40.25 -38.67
N ALA A 399 -0.29 -40.27 -39.62
CA ALA A 399 0.34 -41.53 -40.01
C ALA A 399 1.76 -41.29 -40.52
N LYS A 400 2.74 -41.71 -39.72
CA LYS A 400 4.07 -42.09 -40.18
C LYS A 400 4.97 -40.94 -40.64
N ASP A 401 4.43 -39.73 -40.78
CA ASP A 401 5.26 -38.60 -41.17
C ASP A 401 5.34 -37.57 -40.05
N GLU A 402 4.19 -37.08 -39.61
CA GLU A 402 4.14 -36.29 -38.39
C GLU A 402 4.54 -37.11 -37.18
N TRP A 403 4.46 -38.43 -37.25
CA TRP A 403 5.03 -39.24 -36.18
C TRP A 403 6.54 -39.06 -36.12
N TYR A 404 7.20 -39.06 -37.28
CA TYR A 404 8.63 -38.78 -37.31
C TYR A 404 8.91 -37.36 -36.86
N ALA A 405 8.02 -36.43 -37.22
CA ALA A 405 8.18 -35.06 -36.74
C ALA A 405 8.08 -35.00 -35.22
N LEU A 406 7.15 -35.74 -34.64
CA LEU A 406 7.01 -35.81 -33.19
C LEU A 406 8.25 -36.41 -32.56
N LEU A 407 8.77 -37.49 -33.12
CA LEU A 407 9.97 -38.12 -32.59
C LEU A 407 11.16 -37.17 -32.64
N SER A 408 11.31 -36.44 -33.75
CA SER A 408 12.38 -35.46 -33.83
C SER A 408 12.15 -34.31 -32.86
N SER A 409 10.89 -33.99 -32.57
CA SER A 409 10.57 -32.85 -31.72
C SER A 409 11.02 -33.07 -30.28
N ILE A 410 10.86 -34.30 -29.77
CA ILE A 410 11.24 -34.57 -28.40
C ILE A 410 12.75 -34.38 -28.25
N GLY A 411 13.14 -33.73 -27.16
CA GLY A 411 14.52 -33.37 -26.97
C GLY A 411 14.71 -31.87 -27.08
N HIS A 412 14.00 -31.24 -27.99
CA HIS A 412 14.16 -29.80 -28.17
C HIS A 412 12.86 -29.01 -28.15
N GLY A 413 11.78 -29.54 -28.74
CA GLY A 413 10.58 -28.73 -28.86
C GLY A 413 9.24 -29.42 -28.74
N LEU A 414 9.18 -30.63 -28.17
CA LEU A 414 7.92 -31.35 -28.14
C LEU A 414 6.95 -30.76 -27.13
N THR A 415 7.46 -30.17 -26.05
CA THR A 415 6.61 -29.80 -24.92
C THR A 415 5.57 -28.74 -25.31
N LYS A 416 5.97 -27.79 -26.14
CA LYS A 416 5.08 -26.69 -26.53
C LYS A 416 4.02 -27.22 -27.48
N ASN A 417 2.91 -27.69 -26.91
CA ASN A 417 1.81 -28.25 -27.69
C ASN A 417 0.51 -27.98 -26.95
N ARG A 418 -0.55 -28.68 -27.34
CA ARG A 418 -1.87 -28.49 -26.78
C ARG A 418 -2.28 -29.72 -25.99
N SER A 419 -2.92 -29.50 -24.84
CA SER A 419 -3.32 -30.56 -23.91
C SER A 419 -2.14 -31.37 -23.41
N LEU A 420 -0.93 -30.84 -23.60
CA LEU A 420 0.30 -31.46 -23.13
C LEU A 420 0.85 -30.78 -21.89
N GLU A 421 0.68 -29.47 -21.77
CA GLU A 421 1.15 -28.74 -20.61
C GLU A 421 0.41 -29.12 -19.33
N GLN A 422 -0.73 -29.79 -19.45
CA GLN A 422 -1.45 -30.22 -18.25
C GLN A 422 -0.69 -31.29 -17.48
N MET A 423 0.23 -32.00 -18.12
CA MET A 423 1.04 -32.98 -17.41
C MET A 423 2.41 -32.46 -17.02
N LYS A 424 2.95 -31.48 -17.75
CA LYS A 424 4.26 -30.96 -17.37
C LYS A 424 4.23 -30.26 -16.03
N LYS A 425 3.06 -29.83 -15.57
CA LYS A 425 2.97 -29.28 -14.22
C LYS A 425 3.32 -30.33 -13.17
N ILE A 426 2.85 -31.55 -13.37
CA ILE A 426 3.15 -32.62 -12.42
C ILE A 426 4.65 -32.84 -12.34
N LEU A 427 5.34 -32.71 -13.46
CA LEU A 427 6.80 -32.89 -13.44
C LEU A 427 7.49 -31.68 -12.82
N LEU A 428 7.04 -30.47 -13.12
CA LEU A 428 7.68 -29.29 -12.54
C LEU A 428 7.40 -29.11 -11.06
N PHE A 429 6.43 -29.84 -10.50
CA PHE A 429 6.24 -29.78 -9.05
C PHE A 429 7.56 -30.05 -8.33
N SER A 430 8.18 -31.17 -8.68
CA SER A 430 9.47 -31.60 -8.05
C SER A 430 10.54 -30.52 -8.23
N TYR A 431 10.63 -29.93 -9.43
CA TYR A 431 11.64 -28.92 -9.68
C TYR A 431 11.39 -27.68 -8.83
N TYR A 432 10.13 -27.31 -8.66
CA TYR A 432 9.82 -26.15 -7.84
C TYR A 432 10.09 -26.40 -6.36
N ASP A 433 9.87 -27.62 -5.89
CA ASP A 433 10.13 -27.89 -4.48
C ASP A 433 11.62 -27.82 -4.14
N LEU A 434 12.50 -27.80 -5.13
CA LEU A 434 13.92 -27.69 -4.83
C LEU A 434 14.19 -26.40 -4.07
N PRO A 435 15.11 -26.41 -3.12
CA PRO A 435 15.55 -25.14 -2.54
C PRO A 435 16.40 -24.41 -3.55
N SER A 436 16.90 -23.24 -3.19
CA SER A 436 17.86 -22.59 -4.08
C SER A 436 19.16 -23.37 -4.05
N TYR A 437 20.19 -22.81 -4.66
CA TYR A 437 21.52 -23.41 -4.79
C TYR A 437 21.44 -24.82 -5.36
N LEU A 438 20.27 -25.20 -5.87
CA LEU A 438 20.06 -26.49 -6.49
C LEU A 438 19.35 -26.41 -7.83
N LYS A 439 18.60 -25.34 -8.09
CA LYS A 439 18.08 -25.12 -9.43
C LYS A 439 19.18 -25.07 -10.48
N PRO A 440 20.28 -24.34 -10.29
CA PRO A 440 21.36 -24.39 -11.28
C PRO A 440 21.92 -25.79 -11.46
N CYS A 441 22.04 -26.56 -10.38
CA CYS A 441 22.59 -27.90 -10.49
C CYS A 441 21.71 -28.78 -11.37
N LEU A 442 20.39 -28.73 -11.18
CA LEU A 442 19.50 -29.54 -12.01
C LEU A 442 19.49 -29.02 -13.44
N LEU A 443 19.46 -27.71 -13.63
CA LEU A 443 19.44 -27.16 -14.97
C LEU A 443 20.73 -27.41 -15.72
N TYR A 444 21.82 -27.71 -15.02
CA TYR A 444 23.09 -27.94 -15.70
C TYR A 444 23.10 -29.23 -16.51
N LEU A 445 22.12 -30.12 -16.32
CA LEU A 445 22.11 -31.40 -17.01
C LEU A 445 21.75 -31.29 -18.49
N SER A 446 21.30 -30.12 -18.95
CA SER A 446 20.90 -29.99 -20.34
C SER A 446 22.08 -29.95 -21.30
N ILE A 447 23.30 -29.76 -20.80
CA ILE A 447 24.45 -29.65 -21.68
C ILE A 447 24.70 -30.96 -22.41
N PHE A 448 24.68 -32.07 -21.68
CA PHE A 448 25.09 -33.35 -22.23
C PHE A 448 24.04 -33.90 -23.18
N PRO A 449 24.45 -34.76 -24.14
CA PRO A 449 23.50 -35.25 -25.15
C PRO A 449 22.38 -36.08 -24.56
N GLU A 450 21.46 -36.53 -25.42
CA GLU A 450 20.23 -37.15 -24.93
C GLU A 450 20.53 -38.43 -24.17
N ASP A 451 21.13 -39.41 -24.82
CA ASP A 451 21.34 -40.73 -24.23
C ASP A 451 22.84 -40.98 -24.09
N ARG A 452 23.40 -40.51 -22.98
CA ARG A 452 24.81 -40.73 -22.66
C ARG A 452 24.94 -40.73 -21.15
N GLU A 453 25.66 -41.71 -20.62
CA GLU A 453 25.87 -41.77 -19.18
C GLU A 453 26.86 -40.71 -18.74
N ILE A 454 26.61 -40.12 -17.58
CA ILE A 454 27.40 -38.99 -17.09
C ILE A 454 28.06 -39.40 -15.79
N ARG A 455 29.38 -39.41 -15.78
CA ARG A 455 30.13 -39.71 -14.56
C ARG A 455 29.92 -38.60 -13.54
N ARG A 456 29.59 -38.98 -12.31
CA ARG A 456 29.25 -37.98 -11.31
C ARG A 456 30.45 -37.12 -10.94
N ALA A 457 31.66 -37.67 -11.03
CA ALA A 457 32.84 -36.87 -10.72
C ALA A 457 32.95 -35.67 -11.65
N ARG A 458 32.68 -35.89 -12.94
CA ARG A 458 32.67 -34.80 -13.89
C ARG A 458 31.64 -33.75 -13.50
N LEU A 459 30.45 -34.20 -13.08
CA LEU A 459 29.41 -33.26 -12.67
C LEU A 459 29.86 -32.42 -11.49
N ILE A 460 30.42 -33.07 -10.46
CA ILE A 460 30.81 -32.34 -9.26
C ILE A 460 31.89 -31.33 -9.57
N TRP A 461 32.90 -31.75 -10.34
CA TRP A 461 33.98 -30.82 -10.66
C TRP A 461 33.47 -29.68 -11.51
N ARG A 462 32.55 -29.96 -12.43
CA ARG A 462 31.98 -28.88 -13.24
C ARG A 462 31.21 -27.89 -12.37
N TRP A 463 30.44 -28.39 -11.40
CA TRP A 463 29.70 -27.48 -10.53
C TRP A 463 30.66 -26.61 -9.72
N ILE A 464 31.67 -27.21 -9.12
CA ILE A 464 32.60 -26.44 -8.30
C ILE A 464 33.33 -25.41 -9.14
N SER A 465 33.80 -25.83 -10.32
CA SER A 465 34.49 -24.91 -11.21
C SER A 465 33.59 -23.77 -11.65
N GLU A 466 32.31 -24.06 -11.90
CA GLU A 466 31.37 -23.01 -12.28
C GLU A 466 31.19 -21.99 -11.16
N GLY A 467 31.08 -22.47 -9.92
CA GLY A 467 30.88 -21.57 -8.80
C GLY A 467 29.51 -21.70 -8.17
N PHE A 468 28.90 -22.87 -8.30
CA PHE A 468 27.60 -23.12 -7.69
C PHE A 468 27.71 -23.69 -6.30
N VAL A 469 28.93 -23.95 -5.82
CA VAL A 469 29.17 -24.55 -4.51
C VAL A 469 30.03 -23.58 -3.72
N TYR A 470 29.55 -23.19 -2.54
CA TYR A 470 30.28 -22.29 -1.65
C TYR A 470 29.58 -22.28 -0.31
N SER A 471 30.34 -21.94 0.72
CA SER A 471 29.79 -21.83 2.08
C SER A 471 30.78 -21.05 2.93
N GLU A 472 30.39 -20.83 4.19
CA GLU A 472 31.21 -20.09 5.15
C GLU A 472 31.20 -20.79 6.50
N LYS A 473 31.42 -22.10 6.49
CA LYS A 473 31.54 -22.88 7.72
C LYS A 473 32.99 -23.23 8.04
N GLN A 474 33.84 -23.37 7.02
CA GLN A 474 35.26 -23.70 7.12
C GLN A 474 35.50 -25.12 7.65
N ASP A 475 34.44 -25.87 7.93
CA ASP A 475 34.56 -27.27 8.34
C ASP A 475 34.33 -28.23 7.18
N ILE A 476 34.22 -27.71 5.96
CA ILE A 476 33.93 -28.50 4.78
C ILE A 476 35.03 -28.24 3.74
N SER A 477 35.55 -29.32 3.16
CA SER A 477 36.62 -29.21 2.20
C SER A 477 36.13 -28.89 0.79
N LEU A 478 34.86 -28.57 0.63
CA LEU A 478 34.24 -27.98 -0.55
C LEU A 478 34.03 -29.02 -1.67
N TYR A 479 34.57 -30.22 -1.55
CA TYR A 479 34.30 -31.30 -2.50
C TYR A 479 33.15 -32.19 -2.03
N GLU A 480 33.20 -32.62 -0.78
CA GLU A 480 32.08 -33.35 -0.20
C GLU A 480 30.81 -32.51 -0.19
N LEU A 481 30.93 -31.18 -0.27
CA LEU A 481 29.75 -30.35 -0.40
C LEU A 481 29.06 -30.60 -1.74
N GLY A 482 29.83 -30.61 -2.82
CA GLY A 482 29.27 -30.96 -4.11
C GLY A 482 28.75 -32.39 -4.13
N ASP A 483 29.45 -33.30 -3.45
CA ASP A 483 28.95 -34.66 -3.35
C ASP A 483 27.60 -34.69 -2.64
N SER A 484 27.44 -33.86 -1.61
CA SER A 484 26.16 -33.77 -0.92
C SER A 484 25.09 -33.22 -1.85
N TYR A 485 25.45 -32.24 -2.69
CA TYR A 485 24.51 -31.74 -3.68
C TYR A 485 24.04 -32.88 -4.59
N PHE A 486 24.98 -33.68 -5.06
CA PHE A 486 24.64 -34.80 -5.95
C PHE A 486 23.73 -35.80 -5.25
N ASN A 487 24.05 -36.14 -4.00
CA ASN A 487 23.23 -37.09 -3.27
C ASN A 487 21.84 -36.53 -3.00
N GLU A 488 21.74 -35.22 -2.78
CA GLU A 488 20.43 -34.61 -2.60
C GLU A 488 19.63 -34.65 -3.89
N LEU A 489 20.30 -34.44 -5.03
CA LEU A 489 19.60 -34.60 -6.30
C LEU A 489 19.10 -36.03 -6.46
N VAL A 490 19.91 -37.01 -6.07
CA VAL A 490 19.54 -38.41 -6.26
C VAL A 490 18.36 -38.77 -5.37
N ASN A 491 18.42 -38.43 -4.07
CA ASN A 491 17.40 -38.89 -3.14
C ASN A 491 16.07 -38.17 -3.34
N ARG A 492 16.04 -37.13 -4.15
CA ARG A 492 14.80 -36.45 -4.51
C ARG A 492 14.05 -37.17 -5.62
N SER A 493 14.52 -38.35 -6.04
CA SER A 493 13.95 -39.09 -7.16
C SER A 493 13.93 -38.22 -8.42
N MET A 494 15.10 -37.78 -8.82
CA MET A 494 15.22 -36.94 -10.00
C MET A 494 16.35 -37.36 -10.92
N ILE A 495 17.27 -38.20 -10.46
CA ILE A 495 18.35 -38.73 -11.29
C ILE A 495 18.50 -40.22 -10.99
N GLN A 496 18.73 -41.01 -12.03
CA GLN A 496 18.97 -42.43 -11.85
C GLN A 496 20.47 -42.68 -11.69
N PRO A 497 20.91 -43.30 -10.60
CA PRO A 497 22.33 -43.65 -10.44
C PRO A 497 22.62 -45.05 -10.96
N ILE A 498 23.84 -45.22 -11.46
CA ILE A 498 24.27 -46.50 -12.02
C ILE A 498 25.71 -46.78 -11.62
N GLY A 499 25.98 -48.01 -11.21
CA GLY A 499 27.34 -48.48 -10.99
C GLY A 499 28.06 -47.88 -9.81
N ILE A 500 29.23 -48.43 -9.50
CA ILE A 500 30.07 -47.94 -8.42
C ILE A 500 31.49 -47.79 -8.96
N ASP A 501 32.04 -46.59 -8.86
CA ASP A 501 33.37 -46.33 -9.42
C ASP A 501 34.44 -46.78 -8.43
N ASP A 502 35.69 -46.43 -8.71
CA ASP A 502 36.82 -46.77 -7.85
C ASP A 502 36.93 -45.86 -6.63
N GLU A 503 35.95 -44.98 -6.44
CA GLU A 503 35.91 -44.11 -5.28
C GLU A 503 35.09 -44.70 -4.15
N GLY A 504 34.46 -45.85 -4.37
CA GLY A 504 33.51 -46.40 -3.42
C GLY A 504 32.13 -45.78 -3.51
N LYS A 505 31.90 -44.88 -4.46
CA LYS A 505 30.63 -44.17 -4.59
C LYS A 505 30.02 -44.48 -5.96
N VAL A 506 28.92 -43.80 -6.27
CA VAL A 506 28.20 -44.07 -7.51
C VAL A 506 29.07 -43.70 -8.71
N LYS A 507 28.97 -44.50 -9.77
CA LYS A 507 29.82 -44.31 -10.93
C LYS A 507 29.33 -43.18 -11.82
N ALA A 508 28.14 -43.32 -12.39
CA ALA A 508 27.63 -42.36 -13.36
C ALA A 508 26.14 -42.16 -13.14
N CYS A 509 25.55 -41.29 -13.96
CA CYS A 509 24.16 -40.92 -13.81
C CYS A 509 23.52 -40.78 -15.19
N ARG A 510 22.19 -40.95 -15.22
CA ARG A 510 21.41 -40.80 -16.44
C ARG A 510 20.13 -40.04 -16.14
N VAL A 511 19.58 -39.41 -17.17
CA VAL A 511 18.44 -38.52 -17.05
C VAL A 511 17.30 -39.05 -17.90
N HIS A 512 16.08 -39.00 -17.36
CA HIS A 512 14.91 -39.40 -18.12
C HIS A 512 14.70 -38.47 -19.30
N ASP A 513 14.18 -39.03 -20.39
CA ASP A 513 14.11 -38.30 -21.66
C ASP A 513 13.12 -37.14 -21.58
N MET A 514 11.89 -37.41 -21.14
CA MET A 514 10.91 -36.33 -21.14
C MET A 514 11.13 -35.34 -20.01
N VAL A 515 12.04 -35.63 -19.08
CA VAL A 515 12.51 -34.59 -18.19
C VAL A 515 13.66 -33.83 -18.82
N LEU A 516 14.45 -34.51 -19.66
CA LEU A 516 15.59 -33.84 -20.27
C LEU A 516 15.15 -32.73 -21.21
N ASP A 517 14.21 -33.01 -22.11
CA ASP A 517 13.73 -31.97 -23.00
C ASP A 517 13.01 -30.87 -22.23
N LEU A 518 12.32 -31.24 -21.15
CA LEU A 518 11.60 -30.26 -20.36
C LEU A 518 12.56 -29.27 -19.71
N ILE A 519 13.61 -29.78 -19.06
CA ILE A 519 14.59 -28.88 -18.48
C ILE A 519 15.37 -28.16 -19.57
N CYS A 520 15.50 -28.77 -20.75
CA CYS A 520 16.14 -28.08 -21.87
C CYS A 520 15.36 -26.83 -22.24
N SER A 521 14.04 -26.97 -22.38
CA SER A 521 13.21 -25.81 -22.67
C SER A 521 13.27 -24.80 -21.53
N LEU A 522 13.20 -25.29 -20.29
CA LEU A 522 13.17 -24.41 -19.14
C LEU A 522 14.45 -23.57 -19.04
N SER A 523 15.59 -24.18 -19.33
CA SER A 523 16.83 -23.43 -19.44
C SER A 523 16.92 -22.63 -20.72
N SER A 524 16.12 -22.99 -21.72
CA SER A 524 16.21 -22.35 -23.02
C SER A 524 15.50 -21.01 -23.06
N GLU A 525 14.40 -20.84 -22.32
CA GLU A 525 13.72 -19.54 -22.42
C GLU A 525 14.58 -18.43 -21.84
N GLU A 526 15.47 -18.77 -20.91
CA GLU A 526 16.54 -17.86 -20.52
C GLU A 526 17.82 -18.30 -21.23
N ASN A 527 18.93 -17.66 -20.91
CA ASN A 527 20.19 -17.93 -21.60
C ASN A 527 21.12 -18.79 -20.77
N PHE A 528 20.57 -19.77 -20.05
CA PHE A 528 21.41 -20.60 -19.19
C PHE A 528 22.29 -21.52 -20.02
N VAL A 529 21.78 -22.09 -21.11
CA VAL A 529 22.55 -22.92 -22.02
C VAL A 529 22.18 -22.58 -23.45
N THR A 530 22.86 -23.22 -24.40
CA THR A 530 22.55 -23.12 -25.82
C THR A 530 22.94 -24.41 -26.49
N ILE A 531 22.04 -24.98 -27.29
CA ILE A 531 22.26 -26.28 -27.92
C ILE A 531 22.16 -26.11 -29.43
N LEU A 532 23.06 -26.78 -30.15
CA LEU A 532 23.07 -26.80 -31.61
C LEU A 532 22.78 -28.24 -32.05
N ASP A 533 21.51 -28.52 -32.35
CA ASP A 533 21.06 -29.86 -32.70
C ASP A 533 20.44 -29.87 -34.10
N ASP A 534 20.68 -30.96 -34.83
CA ASP A 534 20.11 -31.08 -36.18
C ASP A 534 18.58 -31.10 -36.14
N PRO A 535 17.91 -31.93 -35.32
CA PRO A 535 16.45 -31.83 -35.26
C PRO A 535 15.96 -30.46 -34.84
N ARG A 536 16.71 -29.77 -33.99
CA ARG A 536 16.34 -28.43 -33.56
C ARG A 536 16.74 -27.39 -34.61
N ARG A 537 18.04 -27.27 -34.87
CA ARG A 537 18.58 -26.30 -35.82
C ARG A 537 18.01 -24.91 -35.58
N LYS A 538 18.15 -24.44 -34.34
CA LYS A 538 17.68 -23.14 -33.93
C LYS A 538 18.78 -22.40 -33.20
N MET A 539 18.77 -21.07 -33.34
CA MET A 539 19.71 -20.19 -32.65
C MET A 539 18.92 -19.05 -32.04
N PRO A 540 19.29 -18.60 -30.84
CA PRO A 540 18.60 -17.44 -30.27
C PRO A 540 18.78 -16.21 -31.15
N ASN A 541 17.78 -15.36 -31.14
CA ASN A 541 17.80 -14.15 -31.97
C ASN A 541 18.79 -13.11 -31.50
N SER A 542 19.63 -13.42 -30.51
CA SER A 542 20.63 -12.48 -30.01
C SER A 542 21.92 -13.25 -29.79
N GLU A 543 22.88 -13.06 -30.69
CA GLU A 543 24.16 -13.75 -30.57
C GLU A 543 24.96 -13.25 -29.36
N SER A 544 24.73 -12.01 -28.95
CA SER A 544 25.54 -11.42 -27.89
C SER A 544 25.36 -12.15 -26.57
N LYS A 545 24.10 -12.37 -26.17
CA LYS A 545 23.79 -12.90 -24.84
C LYS A 545 23.76 -14.43 -24.85
N VAL A 546 24.95 -15.01 -25.06
CA VAL A 546 25.15 -16.44 -24.97
C VAL A 546 26.22 -16.71 -23.92
N ARG A 547 25.93 -17.60 -22.97
CA ARG A 547 26.84 -17.91 -21.89
C ARG A 547 27.33 -19.34 -21.91
N ARG A 548 26.44 -20.32 -22.00
CA ARG A 548 26.81 -21.72 -22.05
C ARG A 548 26.42 -22.31 -23.40
N LEU A 549 27.36 -23.00 -24.04
CA LEU A 549 27.14 -23.59 -25.34
C LEU A 549 27.45 -25.08 -25.28
N SER A 550 26.52 -25.91 -25.74
CA SER A 550 26.66 -27.36 -25.70
C SER A 550 26.54 -27.92 -27.12
N ILE A 551 27.66 -27.96 -27.83
CA ILE A 551 27.65 -28.42 -29.22
C ILE A 551 27.41 -29.92 -29.26
N GLN A 552 26.67 -30.36 -30.27
CA GLN A 552 26.30 -31.76 -30.42
C GLN A 552 26.44 -32.12 -31.90
N ASN A 553 25.81 -33.22 -32.31
CA ASN A 553 25.96 -33.81 -33.63
C ASN A 553 26.04 -32.81 -34.77
N SER A 554 25.32 -31.69 -34.67
CA SER A 554 25.34 -30.67 -35.70
C SER A 554 26.76 -30.16 -35.90
N LYS A 555 27.18 -30.06 -37.17
CA LYS A 555 28.53 -29.62 -37.49
C LYS A 555 28.53 -28.63 -38.65
N ILE A 556 27.50 -27.77 -38.73
CA ILE A 556 27.33 -26.87 -39.86
C ILE A 556 27.48 -25.41 -39.43
N ASP A 557 26.57 -24.93 -38.58
CA ASP A 557 26.62 -23.55 -38.10
C ASP A 557 27.50 -23.51 -36.87
N VAL A 558 28.76 -23.13 -37.07
CA VAL A 558 29.73 -23.10 -35.99
C VAL A 558 30.24 -21.67 -35.88
N ASP A 559 29.36 -20.71 -36.16
CA ASP A 559 29.74 -19.31 -36.09
C ASP A 559 30.17 -18.89 -34.69
N THR A 560 31.18 -18.03 -34.62
CA THR A 560 31.77 -17.60 -33.35
C THR A 560 31.99 -16.10 -33.34
N THR A 561 31.17 -15.36 -34.09
CA THR A 561 31.44 -13.95 -34.28
C THR A 561 31.20 -13.14 -33.01
N ARG A 562 30.07 -13.34 -32.35
CA ARG A 562 29.59 -12.37 -31.35
C ARG A 562 29.28 -13.05 -30.02
N MET A 563 30.21 -13.85 -29.51
CA MET A 563 30.17 -14.26 -28.10
C MET A 563 31.49 -13.82 -27.47
N GLU A 564 31.54 -12.57 -27.02
CA GLU A 564 32.72 -12.10 -26.28
C GLU A 564 32.75 -12.73 -24.89
N HIS A 565 31.60 -12.74 -24.22
CA HIS A 565 31.49 -13.26 -22.86
C HIS A 565 30.93 -14.68 -22.90
N MET A 566 31.81 -15.60 -23.28
CA MET A 566 31.46 -17.02 -23.42
C MET A 566 31.90 -17.72 -22.14
N ARG A 567 30.93 -18.07 -21.29
CA ARG A 567 31.26 -18.66 -20.00
C ARG A 567 31.88 -20.04 -20.15
N SER A 568 31.24 -20.92 -20.92
CA SER A 568 31.67 -22.30 -21.02
C SER A 568 31.31 -22.86 -22.37
N VAL A 569 32.08 -23.84 -22.82
CA VAL A 569 31.89 -24.44 -24.14
C VAL A 569 32.33 -25.90 -24.08
N THR A 570 31.57 -26.76 -24.76
CA THR A 570 31.85 -28.19 -24.77
C THR A 570 31.52 -28.77 -26.14
N VAL A 571 32.20 -29.85 -26.48
CA VAL A 571 32.01 -30.55 -27.75
C VAL A 571 31.86 -32.03 -27.46
N PHE A 572 30.91 -32.68 -28.14
CA PHE A 572 30.58 -34.07 -27.89
C PHE A 572 30.79 -34.90 -29.15
N SER A 573 31.88 -35.65 -29.19
CA SER A 573 32.14 -36.66 -30.22
C SER A 573 32.03 -36.07 -31.62
N ASP A 574 32.68 -34.93 -31.83
CA ASP A 574 32.62 -34.24 -33.11
C ASP A 574 34.03 -33.95 -33.60
N ASN A 575 34.21 -34.10 -34.90
CA ASN A 575 35.45 -33.70 -35.56
C ASN A 575 35.40 -32.27 -36.08
N VAL A 576 34.28 -31.58 -35.88
CA VAL A 576 34.14 -30.21 -36.34
C VAL A 576 34.99 -29.25 -35.52
N VAL A 577 35.47 -29.69 -34.36
CA VAL A 577 36.26 -28.84 -33.48
C VAL A 577 37.58 -28.46 -34.15
N GLY A 578 38.01 -27.22 -33.95
CA GLY A 578 39.30 -26.79 -34.42
C GLY A 578 39.28 -26.29 -35.85
N LYS A 579 38.90 -27.17 -36.78
CA LYS A 579 38.86 -26.81 -38.19
C LYS A 579 37.84 -25.72 -38.48
N VAL A 580 36.81 -25.59 -37.66
CA VAL A 580 35.79 -24.57 -37.83
C VAL A 580 35.69 -23.63 -36.65
N LEU A 581 35.86 -24.15 -35.43
CA LEU A 581 35.67 -23.37 -34.22
C LEU A 581 37.00 -22.86 -33.67
N ASP A 582 36.98 -21.66 -33.11
CA ASP A 582 38.13 -21.07 -32.43
C ASP A 582 37.74 -20.73 -31.00
N ILE A 583 38.60 -21.11 -30.05
CA ILE A 583 38.31 -20.88 -28.64
C ILE A 583 39.08 -19.65 -28.18
N SER A 584 40.25 -19.41 -28.77
CA SER A 584 41.10 -18.31 -28.34
C SER A 584 40.41 -16.96 -28.45
N ARG A 585 39.37 -16.85 -29.28
CA ARG A 585 38.64 -15.59 -29.38
C ARG A 585 37.81 -15.31 -28.13
N PHE A 586 37.57 -16.32 -27.30
CA PHE A 586 36.83 -16.14 -26.05
C PHE A 586 37.74 -15.45 -25.04
N LYS A 587 37.51 -14.16 -24.82
CA LYS A 587 38.35 -13.41 -23.88
C LYS A 587 38.25 -14.00 -22.48
N VAL A 588 37.06 -14.39 -22.07
CA VAL A 588 36.84 -15.05 -20.80
C VAL A 588 36.36 -16.46 -21.08
N LEU A 589 36.63 -17.38 -20.16
CA LEU A 589 36.16 -18.74 -20.26
C LEU A 589 36.29 -19.38 -18.89
N ARG A 590 35.18 -19.84 -18.33
CA ARG A 590 35.22 -20.43 -17.00
C ARG A 590 35.72 -21.87 -17.05
N VAL A 591 35.04 -22.72 -17.81
CA VAL A 591 35.42 -24.13 -17.91
C VAL A 591 35.55 -24.49 -19.38
N LEU A 592 36.41 -25.47 -19.65
CA LEU A 592 36.63 -25.98 -21.00
C LEU A 592 36.51 -27.50 -20.96
N ASP A 593 35.71 -28.06 -21.86
CA ASP A 593 35.47 -29.49 -21.88
C ASP A 593 35.60 -29.97 -23.32
N LEU A 594 36.57 -30.85 -23.56
CA LEU A 594 36.85 -31.30 -24.92
C LEU A 594 37.14 -32.79 -24.98
N GLU A 595 36.62 -33.57 -24.03
CA GLU A 595 36.92 -34.99 -23.99
C GLU A 595 36.33 -35.70 -25.21
N GLY A 596 37.08 -36.64 -25.75
CA GLY A 596 36.66 -37.39 -26.92
C GLY A 596 37.02 -36.77 -28.24
N CYS A 597 37.65 -35.59 -28.25
CA CYS A 597 38.07 -34.96 -29.49
C CYS A 597 39.34 -35.62 -30.01
N HIS A 598 39.76 -35.20 -31.19
CA HIS A 598 40.94 -35.76 -31.86
C HIS A 598 41.87 -34.65 -32.30
N VAL A 599 42.11 -33.70 -31.39
CA VAL A 599 42.93 -32.53 -31.70
C VAL A 599 44.03 -32.42 -30.66
N SER A 600 45.24 -32.11 -31.11
CA SER A 600 46.36 -31.84 -30.22
C SER A 600 46.93 -30.49 -30.64
N ASP A 601 46.30 -29.42 -30.17
CA ASP A 601 46.81 -28.08 -30.42
C ASP A 601 46.64 -27.17 -29.22
N VAL A 602 46.38 -27.70 -28.03
CA VAL A 602 46.00 -26.89 -26.89
C VAL A 602 47.25 -26.23 -26.33
N GLY A 603 47.60 -25.06 -26.85
CA GLY A 603 48.78 -24.33 -26.42
C GLY A 603 48.50 -22.85 -26.36
N TYR A 604 47.27 -22.49 -26.66
CA TYR A 604 46.79 -21.12 -26.62
C TYR A 604 46.12 -20.76 -25.30
N VAL A 605 46.13 -21.68 -24.32
CA VAL A 605 45.49 -21.42 -23.04
C VAL A 605 46.15 -20.27 -22.29
N GLY A 606 47.42 -19.97 -22.61
CA GLY A 606 48.08 -18.85 -21.97
C GLY A 606 47.35 -17.54 -22.16
N ASN A 607 46.58 -17.42 -23.24
CA ASN A 607 45.71 -16.27 -23.43
C ASN A 607 44.46 -16.32 -22.56
N LEU A 608 44.17 -17.48 -21.97
CA LEU A 608 43.02 -17.66 -21.10
C LEU A 608 43.46 -17.61 -19.64
N LEU A 609 42.70 -16.87 -18.83
CA LEU A 609 43.08 -16.65 -17.44
C LEU A 609 42.05 -17.11 -16.43
N HIS A 610 40.77 -17.13 -16.80
CA HIS A 610 39.70 -17.47 -15.86
C HIS A 610 39.35 -18.94 -15.88
N LEU A 611 40.09 -19.75 -16.63
CA LEU A 611 39.75 -21.16 -16.76
C LEU A 611 39.85 -21.86 -15.42
N ARG A 612 38.89 -22.76 -15.16
CA ARG A 612 38.89 -23.56 -13.95
C ARG A 612 38.97 -25.05 -14.24
N TYR A 613 38.07 -25.57 -15.07
CA TYR A 613 38.01 -26.99 -15.41
C TYR A 613 38.66 -27.21 -16.76
N LEU A 614 39.54 -28.20 -16.84
CA LEU A 614 40.27 -28.51 -18.07
C LEU A 614 40.22 -30.01 -18.29
N GLY A 615 39.25 -30.47 -19.06
CA GLY A 615 39.09 -31.89 -19.35
C GLY A 615 39.66 -32.24 -20.71
N LEU A 616 40.56 -33.22 -20.72
CA LEU A 616 41.25 -33.60 -21.95
C LEU A 616 41.33 -35.12 -22.05
N LYS A 617 40.27 -35.82 -21.65
CA LYS A 617 40.28 -37.27 -21.63
C LYS A 617 40.15 -37.81 -23.05
N GLY A 618 41.13 -38.59 -23.49
CA GLY A 618 41.11 -39.16 -24.83
C GLY A 618 41.13 -38.10 -25.90
N THR A 619 42.24 -37.37 -26.01
CA THR A 619 42.31 -36.22 -26.90
C THR A 619 43.47 -36.30 -27.89
N HIS A 620 44.33 -37.31 -27.80
CA HIS A 620 45.49 -37.46 -28.68
C HIS A 620 46.45 -36.28 -28.51
N VAL A 621 46.57 -35.81 -27.27
CA VAL A 621 47.45 -34.68 -26.95
C VAL A 621 48.87 -35.19 -26.84
N LYS A 622 49.76 -34.62 -27.65
CA LYS A 622 51.17 -34.98 -27.60
C LYS A 622 51.95 -34.18 -26.57
N ASP A 623 51.63 -32.89 -26.42
CA ASP A 623 52.34 -32.04 -25.49
C ASP A 623 51.46 -30.83 -25.17
N LEU A 624 51.75 -30.20 -24.03
CA LEU A 624 51.06 -29.02 -23.56
C LEU A 624 52.07 -27.92 -23.24
N PRO A 625 51.70 -26.65 -23.36
CA PRO A 625 52.70 -25.58 -23.35
C PRO A 625 53.36 -25.40 -22.00
N MET A 626 54.59 -24.89 -22.05
CA MET A 626 55.36 -24.55 -20.86
C MET A 626 54.78 -23.33 -20.14
N GLU A 627 53.92 -22.58 -20.79
CA GLU A 627 53.37 -21.33 -20.25
C GLU A 627 52.09 -21.54 -19.45
N ILE A 628 51.87 -22.75 -18.91
CA ILE A 628 50.65 -23.01 -18.15
C ILE A 628 50.68 -22.43 -16.75
N GLY A 629 51.83 -21.90 -16.31
CA GLY A 629 51.92 -21.36 -14.97
C GLY A 629 51.07 -20.13 -14.76
N LYS A 630 50.62 -19.49 -15.83
CA LYS A 630 49.78 -18.30 -15.72
C LYS A 630 48.39 -18.60 -15.18
N LEU A 631 47.99 -19.86 -15.13
CA LEU A 631 46.65 -20.23 -14.65
C LEU A 631 46.69 -20.44 -13.13
N GLN A 632 46.80 -19.33 -12.41
CA GLN A 632 46.79 -19.40 -10.96
C GLN A 632 45.48 -19.94 -10.45
N PHE A 633 44.37 -19.54 -11.07
CA PHE A 633 43.06 -20.06 -10.73
C PHE A 633 42.80 -21.31 -11.56
N LEU A 634 42.63 -22.44 -10.89
CA LEU A 634 42.33 -23.70 -11.54
C LEU A 634 41.94 -24.69 -10.46
N LEU A 635 41.04 -25.60 -10.80
CA LEU A 635 40.55 -26.56 -9.83
C LEU A 635 40.76 -28.01 -10.24
N THR A 636 40.65 -28.33 -11.52
CA THR A 636 40.79 -29.69 -11.99
C THR A 636 41.79 -29.73 -13.14
N LEU A 637 42.42 -30.89 -13.30
CA LEU A 637 43.34 -31.10 -14.43
C LEU A 637 43.34 -32.60 -14.73
N ASP A 638 42.58 -33.00 -15.73
CA ASP A 638 42.49 -34.38 -16.15
C ASP A 638 43.26 -34.57 -17.44
N LEU A 639 44.14 -35.58 -17.47
CA LEU A 639 44.98 -35.83 -18.62
C LEU A 639 44.99 -37.32 -18.99
N ARG A 640 44.05 -38.09 -18.48
CA ARG A 640 44.03 -39.53 -18.75
C ARG A 640 43.81 -39.80 -20.24
N GLY A 641 44.47 -40.84 -20.74
CA GLY A 641 44.30 -41.21 -22.12
C GLY A 641 44.97 -40.31 -23.12
N THR A 642 46.01 -39.58 -22.73
CA THR A 642 46.71 -38.69 -23.63
C THR A 642 48.09 -39.25 -23.98
N LYS A 643 48.60 -38.82 -25.13
CA LYS A 643 49.91 -39.26 -25.60
C LYS A 643 51.06 -38.60 -24.87
N ILE A 644 50.83 -37.46 -24.21
CA ILE A 644 51.92 -36.77 -23.51
C ILE A 644 52.46 -37.67 -22.40
N GLU A 645 53.78 -37.66 -22.23
CA GLU A 645 54.43 -38.54 -21.26
C GLU A 645 55.36 -37.81 -20.30
N VAL A 646 55.36 -36.48 -20.30
CA VAL A 646 56.19 -35.73 -19.36
C VAL A 646 55.52 -34.39 -19.10
N LEU A 647 55.53 -33.97 -17.83
CA LEU A 647 54.88 -32.69 -17.59
C LEU A 647 55.91 -31.57 -17.49
N PRO A 648 55.56 -30.37 -17.91
CA PRO A 648 56.50 -29.25 -17.83
C PRO A 648 56.80 -28.88 -16.40
N TRP A 649 57.98 -28.29 -16.20
CA TRP A 649 58.39 -27.84 -14.88
C TRP A 649 57.46 -26.75 -14.33
N SER A 650 56.77 -26.02 -15.19
CA SER A 650 55.94 -24.91 -14.72
C SER A 650 54.61 -25.41 -14.19
N VAL A 651 54.65 -26.37 -13.27
CA VAL A 651 53.47 -26.78 -12.52
C VAL A 651 53.62 -26.45 -11.04
N VAL A 652 54.85 -26.37 -10.52
CA VAL A 652 55.06 -25.89 -9.16
C VAL A 652 54.61 -24.43 -9.05
N GLN A 653 54.64 -23.70 -10.17
CA GLN A 653 54.14 -22.33 -10.16
C GLN A 653 52.67 -22.28 -9.79
N LEU A 654 51.92 -23.34 -10.08
CA LEU A 654 50.51 -23.39 -9.73
C LEU A 654 50.34 -23.40 -8.22
N ARG A 655 49.19 -22.90 -7.77
CA ARG A 655 48.90 -22.74 -6.36
C ARG A 655 47.67 -23.49 -5.87
N ARG A 656 46.65 -23.65 -6.70
CA ARG A 656 45.37 -24.20 -6.27
C ARG A 656 45.00 -25.37 -7.16
N LEU A 657 44.77 -26.53 -6.55
CA LEU A 657 44.16 -27.68 -7.21
C LEU A 657 43.55 -28.56 -6.14
N MET A 658 42.66 -29.46 -6.58
CA MET A 658 42.11 -30.45 -5.67
C MET A 658 42.23 -31.85 -6.24
N CYS A 659 42.19 -31.97 -7.57
CA CYS A 659 42.30 -33.26 -8.22
C CYS A 659 43.35 -33.19 -9.32
N LEU A 660 43.98 -34.33 -9.58
CA LEU A 660 44.95 -34.45 -10.68
C LEU A 660 44.90 -35.89 -11.18
N TYR A 661 44.10 -36.10 -12.23
CA TYR A 661 43.94 -37.42 -12.83
C TYR A 661 45.06 -37.63 -13.84
N VAL A 662 46.25 -37.89 -13.32
CA VAL A 662 47.45 -37.99 -14.13
C VAL A 662 47.72 -39.46 -14.45
N ASP A 663 48.44 -39.69 -15.53
CA ASP A 663 48.84 -41.04 -15.94
C ASP A 663 50.19 -41.38 -15.35
N TYR A 664 50.30 -42.60 -14.81
CA TYR A 664 51.55 -43.03 -14.18
C TYR A 664 52.67 -43.12 -15.19
N GLY A 665 52.36 -43.25 -16.47
CA GLY A 665 53.40 -43.18 -17.48
C GLY A 665 54.09 -41.83 -17.51
N MET A 666 53.36 -40.76 -17.23
CA MET A 666 53.93 -39.43 -17.27
C MET A 666 54.83 -39.18 -16.07
N LYS A 667 55.71 -38.20 -16.22
CA LYS A 667 56.72 -37.85 -15.23
C LYS A 667 56.24 -36.68 -14.39
N LEU A 668 56.40 -36.80 -13.07
CA LEU A 668 56.01 -35.74 -12.16
C LEU A 668 57.26 -34.99 -11.70
N PRO A 669 57.39 -33.71 -11.97
CA PRO A 669 58.62 -32.99 -11.60
C PRO A 669 58.71 -32.79 -10.09
N SER A 670 59.94 -32.51 -9.64
CA SER A 670 60.19 -32.30 -8.22
C SER A 670 59.52 -31.01 -7.76
N GLY A 671 59.34 -30.91 -6.44
CA GLY A 671 58.60 -29.81 -5.86
C GLY A 671 57.11 -30.05 -5.78
N ILE A 672 56.67 -31.31 -5.84
CA ILE A 672 55.25 -31.61 -5.79
C ILE A 672 54.63 -31.22 -4.46
N GLY A 673 55.43 -31.13 -3.40
CA GLY A 673 54.89 -30.82 -2.09
C GLY A 673 54.30 -29.43 -1.97
N ASN A 674 54.60 -28.53 -2.90
CA ASN A 674 54.07 -27.18 -2.81
C ASN A 674 52.57 -27.13 -3.02
N LEU A 675 52.00 -28.08 -3.76
CA LEU A 675 50.55 -28.09 -4.01
C LEU A 675 49.84 -28.56 -2.75
N THR A 676 49.85 -27.68 -1.74
CA THR A 676 49.29 -28.02 -0.44
C THR A 676 47.79 -28.29 -0.54
N PHE A 677 47.08 -27.50 -1.33
CA PHE A 677 45.63 -27.62 -1.39
C PHE A 677 45.18 -28.88 -2.13
N LEU A 678 46.08 -29.62 -2.75
CA LEU A 678 45.68 -30.78 -3.52
C LEU A 678 44.96 -31.78 -2.63
N GLU A 679 43.87 -32.35 -3.16
CA GLU A 679 42.97 -33.16 -2.35
C GLU A 679 42.76 -34.57 -2.85
N VAL A 680 43.00 -34.85 -4.12
CA VAL A 680 42.96 -36.23 -4.62
C VAL A 680 43.94 -36.36 -5.78
N LEU A 681 44.69 -37.46 -5.77
CA LEU A 681 45.69 -37.76 -6.79
C LEU A 681 45.52 -39.20 -7.24
N ASP A 682 45.58 -39.43 -8.54
CA ASP A 682 45.24 -40.71 -9.13
C ASP A 682 46.37 -41.22 -10.02
N ASP A 683 46.72 -42.49 -9.85
CA ASP A 683 47.64 -43.20 -10.75
C ASP A 683 49.00 -42.50 -10.83
N LEU A 684 49.67 -42.44 -9.69
CA LEU A 684 51.00 -41.85 -9.63
C LEU A 684 52.05 -42.92 -9.92
N GLY A 685 52.94 -42.61 -10.87
CA GLY A 685 54.01 -43.51 -11.21
C GLY A 685 55.25 -43.28 -10.37
N LEU A 686 55.63 -44.28 -9.58
CA LEU A 686 56.72 -44.16 -8.63
C LEU A 686 57.88 -45.04 -9.11
N SER A 687 58.73 -44.47 -9.96
CA SER A 687 59.88 -45.20 -10.47
C SER A 687 61.04 -44.23 -10.60
N ASP A 688 62.22 -44.66 -10.15
CA ASP A 688 63.44 -43.87 -10.21
C ASP A 688 63.24 -42.51 -9.54
N VAL A 689 62.96 -42.57 -8.24
CA VAL A 689 62.63 -41.40 -7.45
C VAL A 689 63.64 -41.25 -6.32
N ASP A 690 64.02 -40.02 -6.03
CA ASP A 690 64.93 -39.74 -4.93
C ASP A 690 64.16 -39.49 -3.64
N LEU A 691 64.88 -39.57 -2.52
CA LEU A 691 64.23 -39.66 -1.21
C LEU A 691 63.45 -38.40 -0.87
N ASP A 692 64.00 -37.22 -1.19
CA ASP A 692 63.34 -35.97 -0.83
C ASP A 692 61.99 -35.84 -1.52
N PHE A 693 61.92 -36.26 -2.80
CA PHE A 693 60.64 -36.20 -3.51
C PHE A 693 59.59 -37.07 -2.84
N VAL A 694 59.99 -38.27 -2.41
CA VAL A 694 59.06 -39.15 -1.70
C VAL A 694 58.63 -38.52 -0.38
N LYS A 695 59.57 -37.93 0.35
CA LYS A 695 59.23 -37.31 1.63
C LYS A 695 58.36 -36.07 1.47
N GLU A 696 58.39 -35.43 0.31
CA GLU A 696 57.51 -34.28 0.07
C GLU A 696 56.05 -34.68 0.21
N LEU A 697 55.72 -35.93 -0.12
CA LEU A 697 54.33 -36.36 -0.12
C LEU A 697 53.71 -36.38 1.27
N GLY A 698 54.52 -36.38 2.31
CA GLY A 698 53.97 -36.35 3.66
C GLY A 698 53.61 -34.96 4.09
N ARG A 699 54.17 -33.95 3.42
CA ARG A 699 53.96 -32.57 3.85
C ARG A 699 52.52 -32.13 3.63
N LEU A 700 52.00 -32.36 2.43
CA LEU A 700 50.66 -31.89 2.08
C LEU A 700 49.63 -32.89 2.58
N THR A 701 49.00 -32.55 3.70
CA THR A 701 48.02 -33.43 4.34
C THR A 701 46.62 -32.94 4.04
N LYS A 702 46.14 -33.31 2.85
CA LYS A 702 44.77 -32.98 2.47
C LYS A 702 44.11 -34.08 1.64
N LEU A 703 44.78 -35.21 1.46
CA LEU A 703 44.27 -36.23 0.56
C LEU A 703 43.07 -36.95 1.14
N ARG A 704 42.17 -37.37 0.26
CA ARG A 704 41.14 -38.33 0.59
C ARG A 704 41.27 -39.63 -0.20
N VAL A 705 41.76 -39.55 -1.43
CA VAL A 705 41.92 -40.72 -2.29
C VAL A 705 43.27 -40.64 -2.98
N LEU A 706 44.00 -41.76 -2.98
CA LEU A 706 45.29 -41.84 -3.64
C LEU A 706 45.44 -43.21 -4.28
N ARG A 707 45.94 -43.23 -5.51
CA ARG A 707 46.18 -44.46 -6.24
C ARG A 707 47.64 -44.52 -6.67
N LEU A 708 48.31 -45.63 -6.36
CA LEU A 708 49.74 -45.76 -6.59
C LEU A 708 50.04 -47.06 -7.30
N ASP A 709 50.87 -46.98 -8.35
CA ASP A 709 51.48 -48.13 -8.97
C ASP A 709 52.94 -47.81 -9.21
N PHE A 710 53.78 -48.83 -9.17
CA PHE A 710 55.22 -48.61 -9.24
C PHE A 710 55.92 -49.89 -9.69
N HIS A 711 57.13 -49.72 -10.19
CA HIS A 711 57.98 -50.84 -10.54
C HIS A 711 59.43 -50.69 -10.13
N GLY A 712 59.88 -49.52 -9.70
CA GLY A 712 61.32 -49.29 -9.59
C GLY A 712 61.83 -48.64 -8.32
N PHE A 713 61.23 -48.95 -7.16
CA PHE A 713 61.81 -48.43 -5.93
C PHE A 713 61.68 -49.40 -4.76
N ASP A 714 61.60 -50.71 -5.04
CA ASP A 714 61.39 -51.71 -4.00
C ASP A 714 62.63 -51.80 -3.12
N GLN A 715 62.75 -50.82 -2.23
CA GLN A 715 63.89 -50.72 -1.32
C GLN A 715 63.36 -50.28 0.03
N SER A 716 64.24 -49.82 0.91
CA SER A 716 63.80 -49.16 2.14
C SER A 716 63.07 -47.86 1.86
N MET A 717 63.15 -47.35 0.63
CA MET A 717 62.33 -46.21 0.22
C MET A 717 60.86 -46.48 0.46
N GLY A 718 60.45 -47.74 0.31
CA GLY A 718 59.07 -48.12 0.63
C GLY A 718 58.74 -47.84 2.08
N LYS A 719 59.64 -48.20 3.00
CA LYS A 719 59.41 -47.88 4.40
C LYS A 719 59.49 -46.39 4.65
N ALA A 720 60.35 -45.67 3.92
CA ALA A 720 60.43 -44.22 4.08
C ALA A 720 59.09 -43.56 3.76
N LEU A 721 58.45 -43.99 2.67
CA LEU A 721 57.11 -43.51 2.35
C LEU A 721 56.05 -44.11 3.26
N GLU A 722 56.34 -45.25 3.88
CA GLU A 722 55.35 -46.00 4.62
C GLU A 722 54.82 -45.22 5.82
N GLU A 723 55.72 -44.56 6.55
CA GLU A 723 55.28 -43.68 7.62
C GLU A 723 54.85 -42.33 7.10
N SER A 724 55.40 -41.90 5.95
CA SER A 724 55.00 -40.64 5.35
C SER A 724 53.53 -40.64 4.98
N ILE A 725 52.97 -41.82 4.72
CA ILE A 725 51.53 -41.91 4.51
C ILE A 725 50.77 -41.45 5.74
N SER A 726 51.22 -41.87 6.92
CA SER A 726 50.48 -41.59 8.16
C SER A 726 50.40 -40.10 8.49
N ASN A 727 51.22 -39.27 7.85
CA ASN A 727 51.14 -37.84 8.09
C ASN A 727 49.78 -37.28 7.69
N MET A 728 49.15 -37.87 6.68
CA MET A 728 47.80 -37.48 6.30
C MET A 728 46.79 -38.18 7.20
N TYR A 729 45.67 -37.49 7.44
CA TYR A 729 44.63 -38.04 8.30
C TYR A 729 43.25 -37.96 7.69
N LYS A 730 43.13 -37.52 6.44
CA LYS A 730 41.83 -37.33 5.79
C LYS A 730 41.55 -38.41 4.76
N LEU A 731 42.33 -39.48 4.73
CA LEU A 731 42.19 -40.47 3.67
C LEU A 731 40.83 -41.14 3.72
N ASP A 732 40.37 -41.60 2.57
CA ASP A 732 39.11 -42.32 2.47
C ASP A 732 39.37 -43.67 1.82
N SER A 733 40.28 -43.69 0.86
CA SER A 733 40.58 -44.88 0.09
C SER A 733 42.07 -44.88 -0.26
N LEU A 734 42.60 -46.08 -0.49
CA LEU A 734 43.99 -46.22 -0.90
C LEU A 734 44.16 -47.56 -1.58
N ASP A 735 45.14 -47.62 -2.48
CA ASP A 735 45.45 -48.87 -3.16
C ASP A 735 46.86 -48.79 -3.73
N VAL A 736 47.54 -49.93 -3.76
CA VAL A 736 48.94 -50.03 -4.15
C VAL A 736 49.08 -51.17 -5.14
N PHE A 737 49.79 -50.90 -6.24
CA PHE A 737 49.97 -51.87 -7.31
C PHE A 737 51.45 -52.19 -7.47
N VAL A 738 51.78 -53.48 -7.47
CA VAL A 738 53.15 -53.95 -7.63
C VAL A 738 53.10 -55.37 -8.15
N ASN A 739 54.10 -55.74 -8.94
CA ASN A 739 54.06 -56.97 -9.72
C ASN A 739 54.84 -58.08 -9.01
N ARG A 740 54.18 -59.20 -8.77
CA ARG A 740 54.78 -60.50 -8.44
C ARG A 740 55.97 -60.36 -7.49
N GLY A 741 55.68 -59.88 -6.29
CA GLY A 741 56.73 -59.76 -5.30
C GLY A 741 56.14 -59.71 -3.90
N LEU A 742 57.01 -59.94 -2.93
CA LEU A 742 56.65 -59.71 -1.55
C LEU A 742 56.61 -58.22 -1.28
N ILE A 743 55.68 -57.79 -0.43
CA ILE A 743 55.40 -56.37 -0.26
C ILE A 743 56.49 -55.78 0.64
N ASN A 744 57.51 -55.19 0.04
CA ASN A 744 58.57 -54.54 0.82
C ASN A 744 58.30 -53.06 1.01
N CYS A 745 57.07 -52.72 1.40
CA CYS A 745 56.72 -51.34 1.71
C CYS A 745 56.19 -51.17 3.12
N LEU A 746 55.16 -51.93 3.49
CA LEU A 746 54.45 -51.72 4.74
C LEU A 746 55.09 -52.50 5.87
N SER A 747 55.37 -51.82 6.98
CA SER A 747 55.86 -52.46 8.17
C SER A 747 54.69 -52.88 9.05
N GLU A 748 55.01 -53.66 10.09
CA GLU A 748 54.01 -54.04 11.08
C GLU A 748 53.91 -53.04 12.22
N HIS A 749 54.74 -52.00 12.21
CA HIS A 749 54.75 -50.98 13.26
C HIS A 749 54.64 -49.62 12.57
N TRP A 750 53.40 -49.22 12.32
CA TRP A 750 53.12 -47.96 11.63
C TRP A 750 51.66 -47.61 11.88
N VAL A 751 51.42 -46.46 12.49
CA VAL A 751 50.04 -46.04 12.76
C VAL A 751 49.37 -45.67 11.46
N PRO A 752 48.17 -46.18 11.18
CA PRO A 752 47.47 -45.79 9.96
C PRO A 752 46.65 -44.53 10.18
N PRO A 753 46.29 -43.83 9.13
CA PRO A 753 45.35 -42.71 9.27
C PRO A 753 44.03 -43.20 9.86
N PRO A 754 43.42 -42.41 10.74
CA PRO A 754 42.23 -42.89 11.46
C PRO A 754 41.06 -43.20 10.55
N ARG A 755 40.96 -42.53 9.40
CA ARG A 755 39.82 -42.68 8.51
C ARG A 755 40.26 -43.44 7.26
N LEU A 756 39.66 -44.60 7.04
CA LEU A 756 39.88 -45.40 5.84
C LEU A 756 38.64 -46.24 5.59
N CYS A 757 38.18 -46.25 4.35
CA CYS A 757 36.97 -46.97 3.99
C CYS A 757 37.19 -48.04 2.93
N ARG A 758 38.00 -47.77 1.91
CA ARG A 758 38.16 -48.71 0.81
C ARG A 758 39.41 -49.59 0.95
N LEU A 759 40.59 -48.99 0.92
CA LEU A 759 41.86 -49.73 1.06
C LEU A 759 41.89 -50.94 0.12
N ALA A 760 42.06 -50.64 -1.16
CA ALA A 760 42.08 -51.68 -2.19
C ALA A 760 43.50 -52.15 -2.47
N PHE A 761 43.60 -53.21 -3.27
CA PHE A 761 44.88 -53.71 -3.76
C PHE A 761 44.65 -54.34 -5.13
N PRO A 762 45.05 -53.66 -6.20
CA PRO A 762 44.72 -54.17 -7.55
C PRO A 762 45.55 -55.37 -7.96
N SER A 763 46.82 -55.40 -7.58
CA SER A 763 47.71 -56.47 -8.05
C SER A 763 47.32 -57.81 -7.44
N LYS A 764 47.46 -58.87 -8.23
CA LYS A 764 47.24 -60.22 -7.77
C LYS A 764 48.48 -61.09 -7.85
N ARG A 765 49.52 -60.65 -8.58
CA ARG A 765 50.77 -61.39 -8.65
C ARG A 765 51.62 -61.20 -7.40
N SER A 766 51.54 -60.02 -6.78
CA SER A 766 52.25 -59.78 -5.55
C SER A 766 51.49 -60.37 -4.37
N TRP A 767 52.14 -60.36 -3.20
CA TRP A 767 51.57 -61.00 -2.03
C TRP A 767 52.19 -60.43 -0.77
N PHE A 768 51.44 -60.48 0.31
CA PHE A 768 52.00 -60.29 1.64
C PHE A 768 52.37 -61.65 2.21
N LYS A 769 53.33 -61.64 3.15
CA LYS A 769 53.67 -62.87 3.85
C LYS A 769 52.50 -63.35 4.69
N THR A 770 51.95 -62.48 5.54
CA THR A 770 50.82 -62.81 6.39
C THR A 770 49.91 -61.59 6.49
N LEU A 771 48.86 -61.72 7.28
CA LEU A 771 47.96 -60.60 7.54
C LEU A 771 48.70 -59.56 8.37
N PRO A 772 48.73 -58.29 7.93
CA PRO A 772 49.44 -57.27 8.70
C PRO A 772 48.85 -57.09 10.09
N SER A 773 49.73 -56.82 11.06
CA SER A 773 49.29 -56.63 12.43
C SER A 773 48.50 -55.34 12.60
N TRP A 774 48.91 -54.28 11.90
CA TRP A 774 48.26 -52.98 12.07
C TRP A 774 46.82 -52.97 11.58
N ILE A 775 46.39 -53.98 10.83
CA ILE A 775 44.97 -54.15 10.55
C ILE A 775 44.32 -54.75 11.80
N ASN A 776 43.43 -53.98 12.41
CA ASN A 776 42.77 -54.40 13.63
C ASN A 776 41.45 -53.66 13.75
N PRO A 777 40.48 -54.22 14.47
CA PRO A 777 39.24 -53.47 14.72
C PRO A 777 39.47 -52.19 15.51
N SER A 778 40.59 -52.08 16.23
CA SER A 778 40.90 -50.85 16.95
C SER A 778 41.08 -49.69 15.99
N SER A 779 42.15 -49.71 15.21
CA SER A 779 42.41 -48.64 14.27
C SER A 779 41.58 -48.83 13.02
N LEU A 780 41.19 -47.70 12.40
CA LEU A 780 40.45 -47.69 11.11
C LEU A 780 39.17 -48.55 11.12
N PRO A 781 38.13 -48.25 11.93
CA PRO A 781 36.93 -49.08 11.97
C PRO A 781 35.91 -48.55 10.94
N LEU A 782 36.40 -47.88 9.89
CA LEU A 782 35.51 -47.33 8.88
C LEU A 782 35.57 -48.07 7.56
N LEU A 783 36.23 -49.22 7.51
CA LEU A 783 36.40 -49.94 6.26
C LEU A 783 35.09 -50.53 5.76
N SER A 784 34.86 -50.40 4.46
CA SER A 784 33.73 -51.03 3.79
C SER A 784 34.19 -51.80 2.55
N TYR A 785 35.48 -52.15 2.51
CA TYR A 785 36.13 -52.69 1.33
C TYR A 785 37.46 -53.27 1.76
N LEU A 786 37.80 -54.48 1.29
CA LEU A 786 39.00 -55.14 1.81
C LEU A 786 40.07 -55.37 0.74
N ASP A 787 39.78 -56.14 -0.31
CA ASP A 787 40.66 -56.30 -1.46
C ASP A 787 42.12 -56.56 -1.07
N ILE A 788 42.35 -57.74 -0.49
CA ILE A 788 43.71 -58.12 -0.10
C ILE A 788 44.14 -59.35 -0.88
N THR A 789 45.46 -59.48 -1.05
CA THR A 789 46.08 -60.69 -1.56
C THR A 789 47.39 -60.90 -0.81
N LEU A 790 47.68 -62.16 -0.47
CA LEU A 790 48.84 -62.47 0.34
C LEU A 790 49.22 -63.92 0.10
N PHE A 791 50.45 -64.26 0.49
CA PHE A 791 50.97 -65.59 0.21
C PHE A 791 50.24 -66.67 1.00
N GLU A 792 50.31 -66.58 2.32
CA GLU A 792 49.76 -67.62 3.17
C GLU A 792 48.29 -67.32 3.50
N VAL A 793 47.72 -68.10 4.41
CA VAL A 793 46.37 -67.88 4.89
C VAL A 793 46.28 -68.53 6.27
N ARG A 794 45.42 -67.96 7.12
CA ARG A 794 45.26 -68.46 8.47
C ARG A 794 43.77 -68.52 8.82
N SER A 795 43.39 -69.56 9.56
CA SER A 795 42.03 -69.64 10.08
C SER A 795 41.78 -68.63 11.17
N GLU A 796 42.81 -67.94 11.65
CA GLU A 796 42.67 -66.86 12.62
C GLU A 796 42.59 -65.49 11.97
N ASP A 797 43.11 -65.35 10.74
CA ASP A 797 42.98 -64.08 10.04
C ASP A 797 41.51 -63.75 9.77
N ILE A 798 40.73 -64.75 9.39
CA ILE A 798 39.30 -64.53 9.17
C ILE A 798 38.62 -64.14 10.47
N GLN A 799 39.01 -64.77 11.57
CA GLN A 799 38.44 -64.42 12.87
C GLN A 799 38.76 -62.98 13.24
N LEU A 800 40.00 -62.55 12.96
CA LEU A 800 40.36 -61.16 13.22
C LEU A 800 39.55 -60.21 12.34
N LEU A 801 39.40 -60.55 11.06
CA LEU A 801 38.67 -59.68 10.15
C LEU A 801 37.17 -59.65 10.44
N GLY A 802 36.66 -60.65 11.14
CA GLY A 802 35.25 -60.68 11.47
C GLY A 802 34.91 -59.80 12.66
N THR A 803 35.85 -58.95 13.10
CA THR A 803 35.58 -58.06 14.20
C THR A 803 35.38 -56.61 13.76
N LEU A 804 35.89 -56.25 12.59
CA LEU A 804 35.71 -54.90 12.08
C LEU A 804 34.23 -54.62 11.83
N PRO A 805 33.79 -53.36 12.01
CA PRO A 805 32.35 -53.07 12.01
C PRO A 805 31.62 -53.31 10.70
N ALA A 806 32.01 -52.62 9.62
CA ALA A 806 31.18 -52.65 8.43
C ALA A 806 31.64 -53.69 7.41
N LEU A 807 32.82 -53.50 6.84
CA LEU A 807 33.39 -54.39 5.83
C LEU A 807 32.34 -54.88 4.83
N VAL A 808 31.75 -53.91 4.12
CA VAL A 808 30.70 -54.23 3.16
C VAL A 808 31.25 -55.12 2.04
N TYR A 809 32.44 -54.79 1.54
CA TYR A 809 33.06 -55.51 0.44
C TYR A 809 34.23 -56.32 0.95
N LEU A 810 34.26 -57.61 0.61
CA LEU A 810 35.31 -58.53 1.04
C LEU A 810 35.85 -59.28 -0.17
N GLU A 811 37.18 -59.32 -0.29
CA GLU A 811 37.84 -60.03 -1.38
C GLU A 811 39.24 -60.40 -0.96
N ILE A 812 39.52 -61.70 -0.85
CA ILE A 812 40.80 -62.19 -0.36
C ILE A 812 41.37 -63.20 -1.34
N TRP A 813 42.66 -63.09 -1.63
CA TRP A 813 43.35 -63.98 -2.56
C TRP A 813 44.42 -64.77 -1.80
N ASN A 814 44.39 -66.09 -1.95
CA ASN A 814 45.41 -66.97 -1.38
C ASN A 814 46.43 -67.28 -2.46
N TYR A 815 47.59 -66.62 -2.39
CA TYR A 815 48.56 -66.72 -3.47
C TYR A 815 49.10 -68.15 -3.61
N SER A 816 49.39 -68.80 -2.49
CA SER A 816 50.08 -70.08 -2.52
C SER A 816 49.20 -71.17 -3.13
N VAL A 817 47.88 -71.06 -3.02
CA VAL A 817 47.00 -72.11 -3.53
C VAL A 817 47.05 -72.18 -5.05
N PHE A 818 46.95 -71.03 -5.72
CA PHE A 818 46.93 -70.97 -7.17
C PHE A 818 48.32 -70.77 -7.77
N GLU A 819 49.36 -70.77 -6.94
CA GLU A 819 50.70 -70.61 -7.46
C GLU A 819 51.58 -71.80 -7.11
N GLU A 820 51.49 -72.26 -5.87
CA GLU A 820 52.26 -73.39 -5.39
C GLU A 820 51.36 -74.59 -5.16
N ALA A 821 51.96 -75.77 -5.09
CA ALA A 821 51.19 -76.98 -4.83
C ALA A 821 50.69 -76.99 -3.40
N HIS A 822 49.43 -76.66 -3.20
CA HIS A 822 48.85 -76.60 -1.87
C HIS A 822 47.38 -77.03 -1.95
N GLU A 823 46.89 -77.55 -0.82
CA GLU A 823 45.49 -77.95 -0.74
C GLU A 823 44.68 -76.88 -0.05
N VAL A 824 43.52 -76.58 -0.64
CA VAL A 824 42.61 -75.61 -0.05
C VAL A 824 42.06 -76.18 1.25
N GLU A 825 42.54 -75.66 2.37
CA GLU A 825 42.09 -76.10 3.68
C GLU A 825 40.74 -75.47 4.00
N ALA A 826 40.21 -75.77 5.20
CA ALA A 826 38.95 -75.22 5.66
C ALA A 826 39.18 -74.39 6.91
N PRO A 827 39.31 -73.06 6.78
CA PRO A 827 39.46 -72.23 7.98
C PRO A 827 38.21 -72.25 8.83
N VAL A 828 38.40 -72.06 10.13
CA VAL A 828 37.33 -72.21 11.11
C VAL A 828 37.08 -70.87 11.78
N LEU A 829 35.84 -70.41 11.74
CA LEU A 829 35.41 -69.21 12.46
C LEU A 829 35.15 -69.62 13.90
N SER A 830 36.20 -69.59 14.72
CA SER A 830 36.12 -70.15 16.06
C SER A 830 35.32 -69.26 17.01
N SER A 831 35.83 -68.07 17.28
CA SER A 831 35.25 -67.22 18.30
C SER A 831 34.01 -66.50 17.78
N GLY A 832 33.16 -66.09 18.73
CA GLY A 832 31.98 -65.31 18.40
C GLY A 832 30.86 -66.12 17.78
N ALA A 833 29.83 -65.40 17.35
CA ALA A 833 28.65 -66.02 16.75
C ALA A 833 28.39 -65.53 15.33
N ALA A 834 28.42 -64.21 15.10
CA ALA A 834 28.09 -63.65 13.80
C ALA A 834 29.32 -63.06 13.10
N LEU A 835 30.00 -62.11 13.75
CA LEU A 835 31.22 -61.51 13.25
C LEU A 835 31.04 -60.77 11.94
N PHE A 836 29.82 -60.70 11.42
CA PHE A 836 29.55 -60.11 10.11
C PHE A 836 28.15 -59.56 10.11
N PRO A 837 27.95 -58.36 10.66
CA PRO A 837 26.60 -57.78 10.67
C PRO A 837 26.11 -57.38 9.30
N CYS A 838 26.95 -56.70 8.52
CA CYS A 838 26.56 -56.21 7.18
C CYS A 838 27.77 -56.37 6.26
N ALA A 839 27.86 -57.54 5.62
CA ALA A 839 28.91 -57.80 4.63
C ALA A 839 28.22 -58.46 3.43
N THR A 840 27.71 -57.63 2.53
CA THR A 840 26.93 -58.17 1.41
C THR A 840 27.82 -58.85 0.38
N GLU A 841 29.02 -58.31 0.14
CA GLU A 841 29.91 -58.82 -0.89
C GLU A 841 31.14 -59.44 -0.23
N CYS A 842 31.26 -60.76 -0.35
CA CYS A 842 32.39 -61.50 0.21
C CYS A 842 32.99 -62.38 -0.88
N ARG A 843 34.31 -62.33 -1.02
CA ARG A 843 35.01 -63.07 -2.07
C ARG A 843 36.20 -63.77 -1.45
N PHE A 844 36.25 -65.09 -1.60
CA PHE A 844 37.37 -65.90 -1.14
C PHE A 844 37.98 -66.60 -2.34
N ILE A 845 39.29 -66.42 -2.51
CA ILE A 845 40.02 -67.02 -3.62
C ILE A 845 41.02 -68.01 -3.05
N GLY A 846 40.92 -69.27 -3.50
CA GLY A 846 41.80 -70.30 -2.99
C GLY A 846 41.55 -70.68 -1.55
N ILE A 847 40.44 -70.26 -0.98
CA ILE A 847 40.12 -70.50 0.43
C ILE A 847 38.74 -71.14 0.50
N GLY A 848 38.63 -72.22 1.26
CA GLY A 848 37.39 -72.95 1.34
C GLY A 848 36.39 -72.35 2.31
N ALA A 849 35.32 -71.77 1.79
CA ALA A 849 34.28 -71.17 2.61
C ALA A 849 32.99 -71.97 2.41
N VAL A 850 32.82 -72.99 3.24
CA VAL A 850 31.62 -73.82 3.18
C VAL A 850 30.45 -72.99 3.72
N PRO A 851 29.21 -73.31 3.39
CA PRO A 851 28.09 -72.57 3.97
C PRO A 851 28.00 -72.69 5.48
N SER A 852 28.59 -73.74 6.06
CA SER A 852 28.47 -73.98 7.50
C SER A 852 29.62 -73.38 8.29
N MET A 853 29.87 -72.09 8.10
CA MET A 853 30.67 -71.35 9.08
C MET A 853 29.85 -71.05 10.33
N PHE A 854 28.54 -70.97 10.19
CA PHE A 854 27.62 -70.67 11.27
C PHE A 854 26.20 -70.83 10.75
N PRO A 855 25.22 -70.99 11.63
CA PRO A 855 23.82 -70.91 11.18
C PRO A 855 23.50 -69.59 10.49
N GLN A 856 22.27 -69.48 9.96
CA GLN A 856 21.89 -68.33 9.15
C GLN A 856 22.02 -67.01 9.91
N GLY A 857 22.02 -67.04 11.23
CA GLY A 857 22.15 -65.83 12.02
C GLY A 857 23.58 -65.36 12.24
N ALA A 858 24.39 -65.36 11.18
CA ALA A 858 25.76 -64.87 11.23
C ALA A 858 25.96 -63.66 10.33
N ALA A 859 25.58 -63.77 9.06
CA ALA A 859 25.69 -62.69 8.08
C ALA A 859 24.29 -62.40 7.56
N PRO A 860 23.54 -61.50 8.21
CA PRO A 860 22.19 -61.21 7.72
C PRO A 860 22.17 -60.73 6.29
N ARG A 861 23.13 -59.90 5.90
CA ARG A 861 23.17 -59.30 4.57
C ARG A 861 24.38 -59.85 3.84
N LEU A 862 24.15 -60.79 2.92
CA LEU A 862 25.21 -61.31 2.07
C LEU A 862 24.56 -61.80 0.77
N LYS A 863 24.67 -60.99 -0.28
CA LYS A 863 24.09 -61.36 -1.56
C LYS A 863 25.02 -62.28 -2.36
N ARG A 864 26.32 -62.16 -2.16
CA ARG A 864 27.29 -62.82 -3.02
C ARG A 864 28.40 -63.45 -2.19
N LEU A 865 28.82 -64.65 -2.59
CA LEU A 865 29.86 -65.38 -1.89
C LEU A 865 30.62 -66.22 -2.91
N TRP A 866 31.95 -66.18 -2.85
CA TRP A 866 32.79 -66.95 -3.75
C TRP A 866 33.87 -67.69 -2.96
N PHE A 867 34.08 -68.95 -3.31
CA PHE A 867 35.10 -69.77 -2.67
C PHE A 867 35.39 -70.97 -3.55
N THR A 868 36.41 -71.73 -3.16
CA THR A 868 36.86 -72.90 -3.88
C THR A 868 36.48 -74.17 -3.11
N PHE A 869 36.18 -75.24 -3.84
CA PHE A 869 35.71 -76.46 -3.22
C PHE A 869 36.39 -77.69 -3.83
N PRO A 870 37.14 -78.46 -3.05
CA PRO A 870 37.74 -79.68 -3.57
C PRO A 870 36.69 -80.73 -3.86
N ALA A 871 36.99 -81.59 -4.84
CA ALA A 871 36.09 -82.70 -5.14
C ALA A 871 36.19 -83.83 -4.13
N LYS A 872 37.26 -83.87 -3.34
CA LYS A 872 37.43 -84.91 -2.34
C LYS A 872 36.49 -84.71 -1.14
N TRP A 873 35.96 -83.51 -0.97
CA TRP A 873 35.04 -83.23 0.13
C TRP A 873 33.60 -83.58 -0.22
N ILE A 874 33.35 -84.05 -1.45
CA ILE A 874 32.00 -84.42 -1.86
C ILE A 874 31.47 -85.53 -0.97
N SER A 875 32.30 -86.53 -0.68
CA SER A 875 31.92 -87.64 0.19
C SER A 875 32.03 -87.28 1.66
N SER A 876 32.54 -86.10 2.00
CA SER A 876 32.69 -85.70 3.40
C SER A 876 31.36 -85.18 3.94
N GLU A 877 31.37 -84.76 5.20
CA GLU A 877 30.18 -84.21 5.84
C GLU A 877 30.35 -82.74 6.24
N ASN A 878 31.36 -82.06 5.70
CA ASN A 878 31.60 -80.65 6.01
C ASN A 878 30.94 -79.71 5.02
N ILE A 879 30.12 -80.23 4.10
CA ILE A 879 29.49 -79.42 3.06
C ILE A 879 27.98 -79.50 3.29
N GLY A 880 27.58 -79.60 4.56
CA GLY A 880 26.20 -79.89 4.89
C GLY A 880 25.23 -78.75 4.63
N LEU A 881 24.99 -78.45 3.36
CA LEU A 881 24.05 -77.41 2.95
C LEU A 881 22.66 -78.01 2.81
N GLY A 882 21.72 -77.22 2.29
CA GLY A 882 20.34 -77.65 2.09
C GLY A 882 19.31 -76.70 2.66
N MET A 883 19.71 -75.79 3.54
CA MET A 883 18.81 -74.80 4.13
C MET A 883 18.97 -73.44 3.46
N ARG A 884 17.95 -72.61 3.60
CA ARG A 884 17.94 -71.27 3.03
C ARG A 884 18.39 -70.27 4.09
N HIS A 885 19.42 -69.50 3.76
CA HIS A 885 19.96 -68.51 4.68
C HIS A 885 19.16 -67.22 4.61
N LEU A 886 19.47 -66.30 5.52
CA LEU A 886 18.69 -65.06 5.63
C LEU A 886 18.74 -64.21 4.36
N PRO A 887 19.89 -63.89 3.78
CA PRO A 887 19.89 -63.08 2.56
C PRO A 887 19.57 -63.95 1.34
N SER A 888 19.59 -63.32 0.17
CA SER A 888 19.29 -64.01 -1.08
C SER A 888 20.44 -64.94 -1.47
N LEU A 889 20.64 -65.95 -0.62
CA LEU A 889 21.76 -66.87 -0.78
C LEU A 889 21.29 -68.15 -1.46
N GLN A 890 20.87 -67.98 -2.71
CA GLN A 890 20.39 -69.09 -3.52
C GLN A 890 21.00 -69.14 -4.91
N ARG A 891 21.75 -68.11 -5.32
CA ARG A 891 22.38 -68.06 -6.63
C ARG A 891 23.88 -68.16 -6.43
N VAL A 892 24.43 -69.33 -6.73
CA VAL A 892 25.85 -69.59 -6.51
C VAL A 892 26.30 -70.71 -7.44
N VAL A 893 27.49 -70.54 -8.01
CA VAL A 893 28.15 -71.59 -8.79
C VAL A 893 29.59 -71.64 -8.27
N VAL A 894 29.87 -72.62 -7.41
CA VAL A 894 31.17 -72.70 -6.73
C VAL A 894 32.20 -73.25 -7.68
N ASP A 895 33.42 -72.73 -7.61
CA ASP A 895 34.54 -73.29 -8.35
C ASP A 895 34.98 -74.59 -7.68
N VAL A 896 34.74 -75.71 -8.35
CA VAL A 896 35.06 -77.03 -7.81
C VAL A 896 36.39 -77.50 -8.39
N ILE A 897 37.22 -78.09 -7.54
CA ILE A 897 38.55 -78.57 -7.92
C ILE A 897 38.59 -80.08 -7.72
N SER A 898 39.05 -80.79 -8.75
CA SER A 898 39.17 -82.24 -8.70
C SER A 898 40.09 -82.71 -7.58
N VAL B 125 49.74 -62.74 -64.15
CA VAL B 125 49.22 -64.04 -64.52
C VAL B 125 48.16 -64.49 -63.51
N ASN B 126 47.04 -65.01 -64.02
CA ASN B 126 45.94 -65.47 -63.18
C ASN B 126 46.04 -67.00 -63.06
N PHE B 127 46.98 -67.44 -62.23
CA PHE B 127 47.22 -68.87 -62.09
C PHE B 127 46.05 -69.52 -61.35
N PRO B 128 45.55 -70.65 -61.83
CA PRO B 128 44.43 -71.33 -61.15
C PRO B 128 44.95 -72.13 -59.95
N PHE B 129 44.01 -72.79 -59.29
CA PHE B 129 44.35 -73.56 -58.09
C PHE B 129 45.13 -74.81 -58.46
N PRO B 130 46.33 -75.03 -57.92
CA PRO B 130 47.07 -76.26 -58.21
C PRO B 130 46.48 -77.46 -57.49
N LYS B 131 45.46 -78.07 -58.07
CA LYS B 131 44.77 -79.20 -57.44
C LYS B 131 45.70 -80.41 -57.39
N LYS B 132 46.21 -80.71 -56.20
CA LYS B 132 47.04 -81.89 -55.99
C LYS B 132 46.54 -82.67 -54.78
N MET B 133 47.30 -83.68 -54.35
CA MET B 133 46.90 -84.48 -53.20
C MET B 133 48.15 -85.00 -52.50
N ILE B 134 48.21 -84.79 -51.19
CA ILE B 134 49.29 -85.32 -50.35
C ILE B 134 48.74 -86.53 -49.61
N THR B 135 49.11 -87.73 -50.04
CA THR B 135 48.60 -88.95 -49.46
C THR B 135 49.73 -89.85 -49.00
N GLU B 136 49.42 -91.09 -48.63
CA GLU B 136 50.44 -92.02 -48.20
C GLU B 136 51.41 -92.31 -49.34
N SER B 137 52.66 -92.60 -48.97
CA SER B 137 53.76 -92.79 -49.92
C SER B 137 54.03 -91.56 -50.76
N ASN B 138 53.59 -90.38 -50.29
CA ASN B 138 53.86 -89.12 -50.95
C ASN B 138 54.44 -88.05 -50.04
N SER B 139 54.20 -88.13 -48.72
CA SER B 139 54.81 -87.19 -47.80
C SER B 139 56.33 -87.33 -47.79
N LYS B 140 56.82 -88.57 -47.81
CA LYS B 140 58.25 -88.84 -47.84
C LYS B 140 58.88 -88.56 -49.19
N ASP B 141 58.07 -88.25 -50.21
CA ASP B 141 58.62 -87.98 -51.54
C ASP B 141 59.51 -86.74 -51.52
N ILE B 142 59.10 -85.70 -50.81
CA ILE B 142 59.84 -84.45 -50.75
C ILE B 142 60.46 -84.23 -49.37
N ARG B 143 59.79 -84.67 -48.31
CA ARG B 143 60.30 -84.46 -46.96
C ARG B 143 61.64 -85.14 -46.74
N GLU B 144 61.90 -86.24 -47.47
CA GLU B 144 63.20 -86.91 -47.36
C GLU B 144 64.32 -85.97 -47.77
N TYR B 145 64.14 -85.26 -48.88
CA TYR B 145 65.08 -84.19 -49.23
C TYR B 145 65.03 -83.07 -48.18
N LEU B 146 63.83 -82.73 -47.72
CA LEU B 146 63.68 -81.67 -46.74
C LEU B 146 64.30 -82.02 -45.39
N ALA B 147 64.44 -83.32 -45.10
CA ALA B 147 65.02 -83.74 -43.83
C ALA B 147 66.53 -83.57 -43.77
N SER B 148 67.18 -83.26 -44.90
CA SER B 148 68.62 -83.12 -44.94
C SER B 148 69.11 -81.87 -45.66
N THR B 149 68.26 -81.18 -46.41
CA THR B 149 68.69 -79.99 -47.12
C THR B 149 68.94 -78.85 -46.13
N PHE B 150 69.60 -77.80 -46.63
CA PHE B 150 69.96 -76.67 -45.77
C PHE B 150 68.75 -76.01 -45.12
N PRO B 151 67.66 -75.71 -45.83
CA PRO B 151 66.46 -75.22 -45.16
C PRO B 151 65.69 -76.40 -44.55
N PHE B 152 64.64 -76.06 -43.81
CA PHE B 152 63.68 -77.00 -43.24
C PHE B 152 64.29 -77.88 -42.15
N GLU B 153 65.59 -77.75 -41.87
CA GLU B 153 66.17 -78.48 -40.75
C GLU B 153 65.68 -77.94 -39.43
N GLN B 154 65.47 -76.63 -39.33
CA GLN B 154 64.98 -75.98 -38.12
C GLN B 154 63.52 -75.57 -38.25
N GLN B 155 62.79 -76.16 -39.19
CA GLN B 155 61.38 -75.82 -39.39
C GLN B 155 60.53 -77.09 -39.42
N SER B 156 59.26 -76.95 -39.79
CA SER B 156 58.34 -78.08 -39.88
C SER B 156 57.42 -77.88 -41.08
N THR B 157 56.49 -78.81 -41.27
CA THR B 157 55.53 -78.76 -42.36
C THR B 157 54.11 -78.84 -41.81
N ILE B 158 53.22 -78.04 -42.39
CA ILE B 158 51.82 -78.05 -41.97
C ILE B 158 51.17 -79.38 -42.30
N LEU B 159 51.66 -80.09 -43.32
CA LEU B 159 51.07 -81.37 -43.69
C LEU B 159 51.17 -82.41 -42.59
N ASP B 160 52.07 -82.21 -41.62
CA ASP B 160 52.21 -83.13 -40.50
C ASP B 160 50.97 -83.11 -39.61
N GLN B 179 76.10 -79.61 -36.39
CA GLN B 179 75.31 -78.45 -36.77
C GLN B 179 75.70 -77.23 -35.95
N LEU B 180 76.36 -77.45 -34.81
CA LEU B 180 76.82 -76.35 -33.97
C LEU B 180 77.89 -75.52 -34.66
N LYS B 181 78.56 -76.05 -35.67
CA LYS B 181 79.52 -75.26 -36.42
C LYS B 181 78.85 -74.13 -37.18
N PHE B 182 77.57 -74.27 -37.53
CA PHE B 182 76.88 -73.24 -38.30
C PHE B 182 76.88 -71.91 -37.56
N ARG B 183 76.53 -71.91 -36.28
CA ARG B 183 76.60 -70.68 -35.50
C ARG B 183 77.95 -70.50 -34.83
N GLN B 184 78.77 -71.56 -34.74
CA GLN B 184 80.14 -71.38 -34.24
C GLN B 184 80.95 -70.50 -35.19
N GLU B 185 80.74 -70.68 -36.50
CA GLU B 185 81.43 -69.84 -37.47
C GLU B 185 81.00 -68.38 -37.35
N ASN B 186 79.71 -68.14 -37.07
CA ASN B 186 79.27 -66.79 -36.80
C ASN B 186 79.87 -66.25 -35.51
N LEU B 187 79.99 -67.10 -34.48
CA LEU B 187 80.69 -66.70 -33.26
C LEU B 187 82.14 -66.34 -33.54
N ALA B 188 82.74 -66.95 -34.56
CA ALA B 188 84.08 -66.57 -34.96
C ALA B 188 84.09 -65.23 -35.70
N GLU B 189 83.13 -65.04 -36.61
CA GLU B 189 83.04 -63.82 -37.42
C GLU B 189 82.38 -62.66 -36.68
N LEU B 190 82.05 -62.86 -35.40
CA LEU B 190 81.33 -61.87 -34.61
C LEU B 190 81.91 -60.46 -34.69
N LYS B 191 83.18 -60.31 -35.10
CA LYS B 191 83.83 -59.00 -35.13
C LYS B 191 84.36 -58.71 -36.53
N ASP B 192 83.51 -58.92 -37.53
CA ASP B 192 83.91 -58.64 -38.91
C ASP B 192 84.18 -57.14 -39.11
N GLN B 193 83.16 -56.31 -38.87
CA GLN B 193 83.24 -54.89 -39.16
C GLN B 193 83.39 -54.00 -37.94
N ILE B 194 83.46 -54.59 -36.74
CA ILE B 194 83.59 -53.78 -35.53
C ILE B 194 84.90 -53.02 -35.52
N ILE B 195 85.99 -53.68 -35.94
CA ILE B 195 87.31 -53.06 -35.93
C ILE B 195 87.48 -52.00 -37.00
N LEU B 196 86.57 -51.92 -37.97
CA LEU B 196 86.75 -50.99 -39.08
C LEU B 196 86.54 -49.55 -38.65
N SER B 197 85.61 -49.30 -37.74
CA SER B 197 85.24 -47.96 -37.32
C SER B 197 85.22 -47.85 -35.80
N LEU B 198 86.28 -48.32 -35.16
CA LEU B 198 86.35 -48.30 -33.70
C LEU B 198 86.37 -46.89 -33.15
N GLY B 199 86.73 -45.89 -33.95
CA GLY B 199 86.77 -44.51 -33.49
C GLY B 199 85.41 -43.94 -33.15
N ASN B 206 83.48 -44.20 -27.91
CA ASN B 206 82.31 -44.17 -28.80
C ASN B 206 82.00 -45.57 -29.32
N TRP B 207 82.90 -46.11 -30.13
CA TRP B 207 82.72 -47.41 -30.76
C TRP B 207 83.72 -48.44 -30.22
N GLN B 208 84.25 -48.21 -29.03
CA GLN B 208 85.23 -49.12 -28.44
C GLN B 208 84.59 -50.18 -27.55
N LYS B 209 83.52 -49.83 -26.84
CA LYS B 209 82.85 -50.79 -25.97
C LYS B 209 82.30 -51.97 -26.75
N LEU B 210 81.91 -51.73 -28.01
CA LEU B 210 81.43 -52.82 -28.86
C LEU B 210 82.48 -53.92 -28.97
N LEU B 211 83.70 -53.57 -29.35
CA LEU B 211 84.76 -54.56 -29.44
C LEU B 211 85.21 -55.04 -28.07
N ASP B 212 85.08 -54.18 -27.05
CA ASP B 212 85.46 -54.59 -25.70
C ASP B 212 84.62 -55.74 -25.21
N TYR B 213 83.30 -55.68 -25.44
CA TYR B 213 82.41 -56.78 -25.11
C TYR B 213 82.41 -57.88 -26.15
N THR B 214 82.82 -57.58 -27.39
CA THR B 214 82.85 -58.58 -28.44
C THR B 214 83.82 -59.71 -28.10
N ASN B 215 85.03 -59.36 -27.69
CA ASN B 215 86.01 -60.38 -27.32
C ASN B 215 85.59 -61.12 -26.06
N LYS B 216 84.91 -60.45 -25.14
CA LYS B 216 84.38 -61.14 -23.95
C LYS B 216 83.35 -62.20 -24.36
N LEU B 217 82.44 -61.84 -25.26
CA LEU B 217 81.45 -62.81 -25.73
C LEU B 217 82.13 -63.95 -26.48
N ASP B 218 83.14 -63.63 -27.30
CA ASP B 218 83.88 -64.69 -27.99
C ASP B 218 84.55 -65.62 -27.00
N GLU B 219 85.12 -65.08 -25.92
CA GLU B 219 85.73 -65.90 -24.88
C GLU B 219 84.69 -66.82 -24.24
N LEU B 220 83.57 -66.25 -23.82
CA LEU B 220 82.54 -67.05 -23.15
C LEU B 220 81.85 -68.04 -24.10
N SER B 221 81.95 -67.82 -25.41
CA SER B 221 81.32 -68.73 -26.36
C SER B 221 81.94 -70.11 -26.33
N ASN B 222 83.28 -70.18 -26.28
CA ASN B 222 83.98 -71.46 -26.38
C ASN B 222 84.49 -71.98 -25.05
N THR B 223 84.72 -71.12 -24.07
CA THR B 223 85.20 -71.57 -22.77
C THR B 223 84.12 -72.37 -22.05
N LYS B 224 84.54 -73.41 -21.35
CA LYS B 224 83.64 -74.27 -20.58
C LYS B 224 83.58 -73.79 -19.14
N ILE B 225 82.39 -73.44 -18.69
CA ILE B 225 82.16 -72.92 -17.34
C ILE B 225 80.96 -73.64 -16.74
N SER B 226 81.02 -73.93 -15.45
CA SER B 226 79.92 -74.58 -14.77
C SER B 226 78.66 -73.71 -14.81
N PRO B 227 77.48 -74.31 -14.88
CA PRO B 227 76.25 -73.52 -15.06
C PRO B 227 76.03 -72.49 -13.96
N GLU B 228 76.39 -72.80 -12.71
CA GLU B 228 76.13 -71.89 -11.61
C GLU B 228 77.03 -70.66 -11.64
N GLU B 229 78.05 -70.64 -12.51
CA GLU B 229 78.82 -69.42 -12.74
C GLU B 229 78.65 -68.83 -14.13
N PHE B 230 78.26 -69.64 -15.12
CA PHE B 230 78.17 -69.14 -16.49
C PHE B 230 77.08 -68.09 -16.63
N ILE B 231 75.96 -68.26 -15.92
CA ILE B 231 74.90 -67.27 -15.97
C ILE B 231 75.40 -65.93 -15.42
N GLU B 232 76.13 -65.96 -14.30
CA GLU B 232 76.69 -64.74 -13.74
C GLU B 232 77.70 -64.12 -14.68
N GLU B 233 78.52 -64.94 -15.33
CA GLU B 233 79.51 -64.42 -16.27
C GLU B 233 78.83 -63.72 -17.45
N ILE B 234 77.78 -64.34 -18.00
CA ILE B 234 77.17 -63.79 -19.21
C ILE B 234 76.27 -62.61 -18.87
N GLN B 235 75.70 -62.56 -17.67
CA GLN B 235 74.83 -61.46 -17.30
C GLN B 235 75.59 -60.18 -16.99
N LYS B 236 76.93 -60.25 -16.91
CA LYS B 236 77.72 -59.06 -16.62
C LYS B 236 77.57 -58.01 -17.71
N VAL B 237 77.28 -58.43 -18.94
CA VAL B 237 77.05 -57.52 -20.05
C VAL B 237 75.55 -57.32 -20.22
N LEU B 238 74.77 -58.34 -19.89
CA LEU B 238 73.32 -58.25 -20.03
C LEU B 238 72.73 -57.18 -19.13
N TYR B 239 73.21 -57.08 -17.90
CA TYR B 239 72.73 -56.11 -16.94
C TYR B 239 73.49 -54.79 -17.01
N LYS B 240 74.41 -54.66 -17.96
CA LYS B 240 75.26 -53.48 -18.09
C LYS B 240 74.82 -52.55 -19.21
N VAL B 241 74.55 -53.09 -20.40
CA VAL B 241 74.20 -52.24 -21.54
C VAL B 241 72.82 -51.65 -21.34
N LYS B 242 72.63 -50.43 -21.84
CA LYS B 242 71.37 -49.71 -21.72
C LYS B 242 70.72 -49.45 -23.07
N LEU B 243 71.45 -48.90 -24.03
CA LEU B 243 70.90 -48.64 -25.35
C LEU B 243 71.99 -48.61 -26.41
N LYS B 250 72.47 -45.22 -33.84
CA LYS B 250 71.76 -46.06 -34.85
C LYS B 250 72.57 -47.32 -35.12
N LEU B 251 73.79 -47.15 -35.65
CA LEU B 251 74.68 -48.30 -35.98
C LEU B 251 75.03 -49.04 -34.67
N TYR B 252 75.27 -48.29 -33.60
CA TYR B 252 75.63 -48.86 -32.27
C TYR B 252 74.62 -49.97 -31.91
N SER B 253 73.35 -49.61 -31.76
CA SER B 253 72.29 -50.60 -31.41
C SER B 253 72.42 -51.83 -32.32
N GLN B 254 72.72 -51.61 -33.60
CA GLN B 254 72.86 -52.72 -34.58
C GLN B 254 73.83 -53.77 -34.01
N PHE B 255 75.00 -53.34 -33.56
CA PHE B 255 76.02 -54.27 -32.98
C PHE B 255 75.57 -54.68 -31.57
N ASN B 256 74.86 -53.79 -30.88
CA ASN B 256 74.39 -54.07 -29.53
C ASN B 256 73.40 -55.24 -29.52
N LEU B 257 72.51 -55.28 -30.51
CA LEU B 257 71.57 -56.39 -30.60
C LEU B 257 72.29 -57.71 -30.85
N SER B 258 73.31 -57.68 -31.71
CA SER B 258 74.11 -58.88 -31.94
C SER B 258 74.84 -59.31 -30.69
N ILE B 259 75.23 -58.35 -29.85
CA ILE B 259 75.85 -58.67 -28.58
C ILE B 259 74.89 -59.47 -27.71
N GLN B 260 73.65 -59.00 -27.61
CA GLN B 260 72.67 -59.69 -26.77
C GLN B 260 72.18 -60.97 -27.41
N ASP B 261 71.90 -60.93 -28.71
CA ASP B 261 71.29 -62.08 -29.38
C ASP B 261 72.22 -63.29 -29.39
N PHE B 262 73.51 -63.05 -29.67
CA PHE B 262 74.44 -64.18 -29.77
C PHE B 262 74.79 -64.72 -28.39
N ALA B 263 74.81 -63.86 -27.37
CA ALA B 263 75.13 -64.31 -26.02
C ALA B 263 74.08 -65.26 -25.48
N LEU B 264 72.80 -64.96 -25.70
CA LEU B 264 71.75 -65.79 -25.14
C LEU B 264 71.68 -67.15 -25.83
N GLN B 265 72.03 -67.22 -27.12
CA GLN B 265 72.01 -68.48 -27.84
C GLN B 265 72.98 -69.50 -27.26
N ILE B 266 73.99 -69.02 -26.52
CA ILE B 266 74.97 -69.92 -25.92
C ILE B 266 74.30 -70.83 -24.89
N ILE B 267 73.38 -70.27 -24.11
CA ILE B 267 72.74 -71.05 -23.05
C ILE B 267 71.95 -72.21 -23.64
N HIS B 268 71.18 -71.94 -24.70
CA HIS B 268 70.44 -73.01 -25.36
C HIS B 268 71.38 -74.03 -25.97
N SER B 269 72.49 -73.57 -26.55
CA SER B 269 73.47 -74.49 -27.12
C SER B 269 74.05 -75.40 -26.05
N LYS B 270 74.35 -74.84 -24.87
CA LYS B 270 74.80 -75.68 -23.77
C LYS B 270 73.66 -76.48 -23.15
N TYR B 271 72.42 -76.00 -23.26
CA TYR B 271 71.29 -76.74 -22.72
C TYR B 271 70.98 -77.98 -23.55
N LYS B 272 70.99 -77.84 -24.88
CA LYS B 272 70.74 -79.00 -25.73
C LYS B 272 71.84 -80.04 -25.60
N SER B 273 73.00 -79.65 -25.11
CA SER B 273 74.08 -80.58 -24.82
C SER B 273 74.00 -81.14 -23.40
N ASN B 274 72.95 -80.80 -22.66
CA ASN B 274 72.77 -81.19 -21.27
C ASN B 274 73.89 -80.68 -20.37
N GLN B 275 74.58 -79.62 -20.81
CA GLN B 275 75.59 -79.00 -19.97
C GLN B 275 74.97 -78.18 -18.85
N ILE B 276 73.81 -77.57 -19.09
CA ILE B 276 73.10 -76.77 -18.11
C ILE B 276 71.90 -77.57 -17.62
N SER B 277 71.77 -77.70 -16.30
CA SER B 277 70.65 -78.43 -15.74
C SER B 277 69.33 -77.70 -16.02
N GLN B 278 68.28 -78.48 -16.24
CA GLN B 278 66.97 -77.91 -16.54
C GLN B 278 66.45 -77.09 -15.36
N ASN B 279 66.65 -77.60 -14.14
CA ASN B 279 66.19 -76.87 -12.95
C ASN B 279 66.91 -75.55 -12.80
N ASP B 280 68.21 -75.52 -13.12
CA ASP B 280 68.96 -74.27 -13.04
C ASP B 280 68.43 -73.24 -14.02
N LEU B 281 68.08 -73.66 -15.23
CA LEU B 281 67.47 -72.75 -16.19
C LEU B 281 66.09 -72.28 -15.71
N LEU B 282 65.32 -73.20 -15.11
CA LEU B 282 64.00 -72.83 -14.60
C LEU B 282 64.12 -71.78 -13.50
N LYS B 283 65.11 -71.93 -12.61
CA LYS B 283 65.29 -71.00 -11.51
C LYS B 283 65.65 -69.60 -11.96
N LEU B 284 66.07 -69.42 -13.20
CA LEU B 284 66.42 -68.10 -13.71
C LEU B 284 65.42 -67.53 -14.71
N ILE B 285 64.77 -68.38 -15.51
CA ILE B 285 63.87 -67.87 -16.54
C ILE B 285 62.68 -67.14 -15.91
N THR B 286 62.30 -67.52 -14.69
CA THR B 286 61.19 -66.86 -14.00
C THR B 286 61.52 -65.42 -13.62
N GLU B 287 62.79 -65.02 -13.72
CA GLU B 287 63.15 -63.64 -13.43
C GLU B 287 62.45 -62.70 -14.40
N ASP B 288 62.02 -61.55 -13.87
CA ASP B 288 61.17 -60.65 -14.65
C ASP B 288 61.95 -59.93 -15.73
N GLU B 289 63.18 -59.50 -15.43
CA GLU B 289 63.91 -58.64 -16.36
C GLU B 289 64.22 -59.35 -17.66
N MET B 290 64.68 -60.60 -17.60
CA MET B 290 65.01 -61.29 -18.84
C MET B 290 63.78 -61.57 -19.69
N LEU B 291 62.59 -61.59 -19.09
CA LEU B 291 61.37 -61.72 -19.87
C LEU B 291 61.22 -60.54 -20.83
N LYS B 292 61.32 -59.31 -20.30
CA LYS B 292 61.24 -58.13 -21.15
C LYS B 292 62.48 -57.95 -22.01
N ILE B 293 63.62 -58.53 -21.64
CA ILE B 293 64.79 -58.55 -22.49
C ILE B 293 64.56 -59.39 -23.74
N LEU B 294 64.04 -60.61 -23.56
CA LEU B 294 63.80 -61.48 -24.71
C LEU B 294 62.65 -60.97 -25.56
N ALA B 295 61.57 -60.50 -24.91
CA ALA B 295 60.42 -59.99 -25.64
C ALA B 295 60.76 -58.76 -26.48
N LYS B 296 61.85 -58.06 -26.15
CA LYS B 296 62.36 -56.94 -26.92
C LYS B 296 63.36 -57.36 -27.98
N THR B 297 64.33 -58.22 -27.62
CA THR B 297 65.36 -58.60 -28.56
C THR B 297 64.80 -59.43 -29.70
N LYS B 298 63.77 -60.25 -29.45
CA LYS B 298 63.20 -61.06 -30.53
C LYS B 298 62.61 -60.16 -31.62
N VAL B 299 61.78 -59.20 -31.24
CA VAL B 299 61.15 -58.34 -32.23
C VAL B 299 62.18 -57.44 -32.90
N LEU B 300 63.16 -56.95 -32.12
CA LEU B 300 64.20 -56.11 -32.73
C LEU B 300 65.00 -56.89 -33.76
N THR B 301 65.42 -58.12 -33.42
CA THR B 301 66.18 -58.93 -34.34
C THR B 301 65.37 -59.28 -35.58
N TYR B 302 64.08 -59.59 -35.41
CA TYR B 302 63.26 -59.87 -36.59
C TYR B 302 63.15 -58.65 -37.49
N LYS B 303 62.86 -57.47 -36.90
CA LYS B 303 62.61 -56.31 -37.74
C LYS B 303 63.87 -55.80 -38.42
N MET B 304 65.04 -55.98 -37.78
CA MET B 304 66.25 -55.41 -38.35
C MET B 304 66.67 -56.16 -39.62
N LYS B 305 66.39 -57.46 -39.69
CA LYS B 305 66.84 -58.26 -40.83
C LYS B 305 65.72 -58.66 -41.79
N TYR B 306 64.60 -59.18 -41.31
CA TYR B 306 63.61 -59.78 -42.20
C TYR B 306 62.57 -58.81 -42.71
N PHE B 307 62.29 -57.73 -41.97
CA PHE B 307 61.27 -56.78 -42.37
C PHE B 307 61.59 -56.08 -43.69
N ASP B 308 62.87 -55.81 -43.95
CA ASP B 308 63.25 -55.12 -45.18
C ASP B 308 62.88 -55.93 -46.41
N SER B 309 63.10 -57.25 -46.39
CA SER B 309 62.71 -58.11 -47.49
C SER B 309 61.24 -58.49 -47.45
N ALA B 310 60.62 -58.50 -46.26
CA ALA B 310 59.20 -58.83 -46.18
C ALA B 310 58.34 -57.72 -46.76
N SER B 311 58.75 -56.47 -46.57
CA SER B 311 57.97 -55.35 -47.07
C SER B 311 57.89 -55.37 -48.59
N LYS B 312 59.01 -55.65 -49.27
CA LYS B 312 59.02 -55.65 -50.72
C LYS B 312 58.12 -56.74 -51.29
N MET B 313 58.14 -57.92 -50.68
CA MET B 313 57.27 -59.01 -51.13
C MET B 313 55.80 -58.73 -50.89
N GLY B 314 55.49 -57.76 -50.02
CA GLY B 314 54.11 -57.50 -49.66
C GLY B 314 53.57 -58.34 -48.54
N ILE B 315 54.44 -59.07 -47.83
CA ILE B 315 54.03 -59.90 -46.71
C ILE B 315 54.22 -59.19 -45.37
N ASN B 316 54.61 -57.91 -45.39
CA ASN B 316 54.77 -57.17 -44.14
C ASN B 316 53.45 -57.05 -43.40
N LYS B 317 52.36 -56.85 -44.14
CA LYS B 317 51.04 -56.74 -43.51
C LYS B 317 50.60 -58.05 -42.86
N TYR B 318 51.27 -59.15 -43.14
CA TYR B 318 50.88 -60.43 -42.57
C TYR B 318 51.99 -61.02 -41.71
N ILE B 319 52.56 -60.19 -40.85
CA ILE B 319 53.55 -60.64 -39.87
C ILE B 319 52.81 -60.98 -38.58
N SER B 320 52.95 -62.23 -38.13
CA SER B 320 52.27 -62.71 -36.94
C SER B 320 53.29 -62.88 -35.81
N THR B 321 53.08 -62.16 -34.71
CA THR B 321 54.00 -62.24 -33.58
C THR B 321 53.98 -63.62 -32.95
N GLU B 322 52.79 -64.22 -32.81
CA GLU B 322 52.69 -65.55 -32.23
C GLU B 322 53.32 -66.60 -33.15
N MET B 323 53.31 -66.35 -34.46
CA MET B 323 53.87 -67.28 -35.43
C MET B 323 55.29 -66.83 -35.79
N MET B 324 56.15 -66.88 -34.79
CA MET B 324 57.53 -66.45 -34.94
C MET B 324 58.55 -67.54 -34.63
N ASP B 325 58.20 -68.51 -33.78
CA ASP B 325 59.15 -69.55 -33.41
C ASP B 325 59.49 -70.48 -34.56
N LEU B 326 58.64 -70.56 -35.58
CA LEU B 326 58.86 -71.46 -36.69
C LEU B 326 59.99 -71.02 -37.61
N ASP B 327 60.50 -69.80 -37.43
CA ASP B 327 61.63 -69.33 -38.23
C ASP B 327 62.86 -70.18 -37.95
N TRP B 328 63.61 -70.49 -39.00
CA TRP B 328 64.80 -71.32 -38.84
C TRP B 328 65.85 -70.63 -37.97
N GLN B 329 66.01 -69.32 -38.12
CA GLN B 329 67.04 -68.62 -37.36
C GLN B 329 66.68 -68.56 -35.87
N PHE B 330 65.41 -68.30 -35.56
CA PHE B 330 64.96 -68.27 -34.17
C PHE B 330 64.51 -69.66 -33.72
N SER B 331 65.40 -70.64 -33.84
CA SER B 331 65.09 -72.03 -33.60
C SER B 331 65.25 -72.45 -32.15
N HIS B 332 65.69 -71.56 -31.27
CA HIS B 332 65.96 -71.90 -29.89
C HIS B 332 64.79 -71.60 -28.94
N TYR B 333 63.67 -71.08 -29.45
CA TYR B 333 62.59 -70.64 -28.59
C TYR B 333 61.60 -71.74 -28.24
N LYS B 334 61.65 -72.91 -28.89
CA LYS B 334 60.74 -73.99 -28.51
C LYS B 334 60.96 -74.42 -27.07
N THR B 335 62.21 -74.51 -26.62
CA THR B 335 62.45 -74.83 -25.22
C THR B 335 61.86 -73.77 -24.31
N PHE B 336 62.21 -72.50 -24.55
CA PHE B 336 61.75 -71.41 -23.71
C PHE B 336 60.23 -71.34 -23.64
N ASN B 337 59.54 -71.77 -24.70
CA ASN B 337 58.09 -71.77 -24.71
C ASN B 337 57.51 -73.00 -24.00
N ASP B 338 57.86 -74.20 -24.48
CA ASP B 338 57.20 -75.41 -24.01
C ASP B 338 57.59 -75.77 -22.58
N ALA B 339 58.89 -75.70 -22.26
CA ALA B 339 59.31 -76.05 -20.91
C ALA B 339 58.70 -75.08 -19.90
N LEU B 340 58.71 -73.79 -20.21
CA LEU B 340 58.11 -72.80 -19.32
C LEU B 340 56.61 -73.03 -19.18
N LYS B 341 55.93 -73.33 -20.29
CA LYS B 341 54.49 -73.60 -20.22
C LYS B 341 54.20 -74.82 -19.35
N LYS B 342 54.99 -75.87 -19.51
CA LYS B 342 54.78 -77.08 -18.71
C LYS B 342 55.02 -76.80 -17.23
N ASN B 343 56.02 -75.99 -16.92
CA ASN B 343 56.36 -75.71 -15.53
C ASN B 343 55.58 -74.53 -14.97
N LYS B 344 55.56 -73.40 -15.67
CA LYS B 344 54.87 -72.20 -15.23
C LYS B 344 53.97 -71.72 -16.37
N ALA B 345 52.73 -72.22 -16.40
CA ALA B 345 51.82 -71.91 -17.50
C ALA B 345 51.45 -70.43 -17.54
N SER B 346 51.23 -69.81 -16.38
CA SER B 346 50.80 -68.42 -16.35
C SER B 346 51.85 -67.50 -16.95
N ASP B 347 53.13 -67.76 -16.65
CA ASP B 347 54.20 -66.91 -17.14
C ASP B 347 54.32 -66.92 -18.65
N SER B 348 53.92 -68.01 -19.32
CA SER B 348 53.96 -68.04 -20.77
C SER B 348 53.00 -67.02 -21.36
N SER B 349 51.75 -67.02 -20.89
CA SER B 349 50.79 -66.02 -21.32
C SER B 349 51.25 -64.62 -20.93
N TYR B 350 51.84 -64.50 -19.75
CA TYR B 350 52.33 -63.20 -19.30
C TYR B 350 53.40 -62.66 -20.24
N LEU B 351 54.36 -63.51 -20.63
CA LEU B 351 55.45 -63.04 -21.49
C LEU B 351 54.95 -62.79 -22.91
N GLY B 352 53.99 -63.58 -23.39
CA GLY B 352 53.40 -63.29 -24.69
C GLY B 352 52.66 -61.97 -24.70
N TRP B 353 51.91 -61.69 -23.62
CA TRP B 353 51.24 -60.41 -23.47
C TRP B 353 52.24 -59.26 -23.46
N LEU B 354 53.35 -59.42 -22.74
CA LEU B 354 54.39 -58.41 -22.77
C LEU B 354 54.99 -58.25 -24.16
N THR B 355 55.22 -59.37 -24.85
CA THR B 355 55.88 -59.33 -26.15
C THR B 355 55.04 -58.56 -27.17
N HIS B 356 53.74 -58.84 -27.20
CA HIS B 356 52.90 -58.15 -28.18
C HIS B 356 52.81 -56.65 -27.92
N GLY B 357 52.96 -56.23 -26.66
CA GLY B 357 52.91 -54.80 -26.37
C GLY B 357 54.00 -54.02 -27.08
N TYR B 358 55.23 -54.52 -27.04
CA TYR B 358 56.30 -53.87 -27.78
C TYR B 358 56.08 -53.99 -29.28
N SER B 359 55.61 -55.14 -29.75
CA SER B 359 55.35 -55.32 -31.17
C SER B 359 54.38 -54.26 -31.68
N ILE B 360 53.36 -53.93 -30.88
CA ILE B 360 52.50 -52.79 -31.22
C ILE B 360 53.29 -51.50 -31.23
N LYS B 361 54.15 -51.30 -30.22
CA LYS B 361 54.81 -50.01 -30.08
C LYS B 361 55.93 -49.84 -31.11
N TYR B 362 56.59 -50.94 -31.48
CA TYR B 362 57.70 -50.86 -32.42
C TYR B 362 57.26 -50.88 -33.87
N GLY B 363 55.97 -51.01 -34.14
CA GLY B 363 55.46 -50.93 -35.48
C GLY B 363 55.23 -52.25 -36.19
N LEU B 364 55.29 -53.37 -35.48
CA LEU B 364 54.91 -54.64 -36.10
C LEU B 364 53.43 -54.63 -36.49
N SER B 365 52.58 -54.07 -35.63
CA SER B 365 51.16 -53.85 -35.93
C SER B 365 50.82 -52.42 -35.58
N PRO B 366 51.29 -51.46 -36.37
CA PRO B 366 51.12 -50.05 -36.01
C PRO B 366 49.68 -49.59 -36.13
N ASN B 367 49.36 -48.55 -35.37
CA ASN B 367 48.05 -47.90 -35.44
C ASN B 367 48.17 -46.50 -34.88
N ASN B 368 47.22 -45.65 -35.26
CA ASN B 368 47.16 -44.27 -34.78
C ASN B 368 46.36 -44.13 -33.49
N GLU B 369 45.71 -45.19 -33.03
CA GLU B 369 44.87 -45.16 -31.84
C GLU B 369 45.48 -46.07 -30.77
N ARG B 370 45.26 -45.70 -29.52
CA ARG B 370 45.94 -46.35 -28.41
C ARG B 370 45.53 -47.81 -28.29
N SER B 371 46.36 -48.59 -27.60
CA SER B 371 46.07 -50.00 -27.35
C SER B 371 45.58 -50.14 -25.93
N MET B 372 44.27 -50.34 -25.76
CA MET B 372 43.66 -50.42 -24.44
C MET B 372 43.81 -51.78 -23.80
N PHE B 373 44.66 -52.66 -24.33
CA PHE B 373 44.84 -53.99 -23.78
C PHE B 373 46.27 -54.31 -23.37
N PHE B 374 47.23 -53.45 -23.74
CA PHE B 374 48.64 -53.70 -23.47
C PHE B 374 49.26 -52.44 -22.87
N GLN B 375 50.50 -52.58 -22.42
CA GLN B 375 51.26 -51.47 -21.84
C GLN B 375 50.55 -50.91 -20.60
N ASP B 376 49.93 -51.77 -19.82
CA ASP B 376 49.30 -51.37 -18.56
C ASP B 376 49.15 -52.59 -17.68
N GLY B 377 49.80 -52.57 -16.51
CA GLY B 377 49.76 -53.73 -15.64
C GLY B 377 48.37 -54.08 -15.16
N ARG B 378 47.51 -53.07 -14.97
CA ARG B 378 46.17 -53.31 -14.46
C ARG B 378 45.35 -54.18 -15.41
N LYS B 379 45.70 -54.21 -16.71
CA LYS B 379 45.04 -55.12 -17.64
C LYS B 379 45.33 -56.57 -17.25
N TYR B 380 46.60 -56.89 -17.06
CA TYR B 380 46.97 -58.26 -16.68
C TYR B 380 46.35 -58.64 -15.34
N ALA B 381 46.02 -57.66 -14.51
CA ALA B 381 45.37 -57.98 -13.24
C ALA B 381 44.07 -58.74 -13.47
N GLU B 382 43.17 -58.19 -14.30
CA GLU B 382 41.95 -58.90 -14.60
C GLU B 382 42.21 -60.10 -15.50
N LEU B 383 43.20 -60.02 -16.38
CA LEU B 383 43.51 -61.14 -17.25
C LEU B 383 43.86 -62.39 -16.45
N TYR B 384 44.65 -62.23 -15.39
CA TYR B 384 45.02 -63.31 -14.51
C TYR B 384 43.94 -63.60 -13.47
N ALA B 385 43.11 -62.61 -13.15
CA ALA B 385 41.99 -62.81 -12.23
C ALA B 385 40.94 -63.75 -12.80
N PHE B 386 40.59 -63.62 -14.07
CA PHE B 386 39.68 -64.59 -14.67
C PHE B 386 40.36 -65.89 -15.04
N SER B 387 41.68 -65.92 -15.13
CA SER B 387 42.40 -67.13 -15.46
C SER B 387 42.29 -68.21 -14.39
N LYS B 388 41.80 -67.86 -13.21
CA LYS B 388 41.71 -68.80 -12.10
C LYS B 388 40.28 -69.01 -11.59
N SER B 389 39.31 -68.26 -12.09
CA SER B 389 37.93 -68.38 -11.67
C SER B 389 37.03 -68.63 -12.89
N PRO B 390 36.16 -69.64 -12.86
CA PRO B 390 35.37 -69.95 -14.05
C PRO B 390 34.04 -69.21 -14.09
N HIS B 391 33.82 -68.30 -13.16
CA HIS B 391 32.52 -67.64 -13.06
C HIS B 391 32.67 -66.15 -12.84
N ARG B 392 33.55 -65.49 -13.58
CA ARG B 392 33.77 -64.07 -13.41
C ARG B 392 33.35 -63.24 -14.62
N LYS B 393 33.22 -63.85 -15.79
CA LYS B 393 32.71 -63.18 -16.98
C LYS B 393 31.19 -63.05 -16.99
N ILE B 394 30.50 -64.01 -16.37
CA ILE B 394 29.04 -63.96 -16.32
C ILE B 394 28.58 -62.72 -15.56
N ILE B 395 29.20 -62.49 -14.40
CA ILE B 395 28.87 -61.34 -13.57
C ILE B 395 30.16 -60.56 -13.35
N PRO B 396 30.54 -59.66 -14.26
CA PRO B 396 31.85 -59.02 -14.15
C PRO B 396 31.86 -57.88 -13.15
N GLY B 397 33.05 -57.33 -12.90
CA GLY B 397 33.20 -56.21 -12.00
C GLY B 397 33.65 -54.97 -12.74
N GLU B 398 34.00 -53.92 -12.00
CA GLU B 398 34.44 -52.69 -12.65
C GLU B 398 35.79 -52.90 -13.31
N HIS B 399 36.09 -52.06 -14.31
CA HIS B 399 37.27 -52.18 -15.14
C HIS B 399 37.24 -53.51 -15.91
N LEU B 400 36.08 -54.16 -15.94
CA LEU B 400 35.89 -55.37 -16.73
C LEU B 400 34.81 -55.23 -17.78
N LYS B 401 33.78 -54.41 -17.54
CA LYS B 401 32.84 -54.10 -18.61
C LYS B 401 33.53 -53.37 -19.75
N ASP B 402 34.45 -52.47 -19.42
CA ASP B 402 35.14 -51.70 -20.46
C ASP B 402 35.96 -52.62 -21.36
N LEU B 403 36.67 -53.57 -20.77
CA LEU B 403 37.45 -54.50 -21.59
C LEU B 403 36.56 -55.33 -22.50
N LEU B 404 35.44 -55.83 -21.98
CA LEU B 404 34.52 -56.60 -22.81
C LEU B 404 33.94 -55.74 -23.93
N ALA B 405 33.64 -54.48 -23.64
CA ALA B 405 33.14 -53.58 -24.68
C ALA B 405 34.17 -53.39 -25.78
N LYS B 406 35.43 -53.15 -25.41
CA LYS B 406 36.45 -53.00 -26.43
C LYS B 406 36.76 -54.30 -27.17
N ILE B 407 36.52 -55.45 -26.55
CA ILE B 407 36.67 -56.73 -27.24
C ILE B 407 35.57 -56.91 -28.28
N ASN B 408 34.32 -56.70 -27.89
CA ASN B 408 33.23 -56.96 -28.82
C ASN B 408 33.13 -55.88 -29.89
N LYS B 409 33.56 -54.66 -29.61
CA LYS B 409 33.58 -53.63 -30.64
C LYS B 409 34.54 -54.01 -31.76
N SER B 410 35.72 -54.52 -31.40
CA SER B 410 36.67 -54.99 -32.42
C SER B 410 36.22 -56.30 -33.06
N LYS B 411 35.50 -57.15 -32.32
CA LYS B 411 34.95 -58.35 -32.92
C LYS B 411 33.95 -58.01 -34.02
N GLY B 412 33.09 -57.01 -33.76
CA GLY B 412 32.21 -56.50 -34.80
C GLY B 412 32.95 -55.85 -35.96
N ILE B 413 34.07 -55.18 -35.68
CA ILE B 413 34.90 -54.64 -36.76
C ILE B 413 35.43 -55.76 -37.65
N PHE B 414 35.92 -56.84 -37.04
CA PHE B 414 36.42 -57.97 -37.80
C PHE B 414 35.31 -58.66 -38.58
N LEU B 415 34.12 -58.78 -37.98
CA LEU B 415 33.02 -59.42 -38.67
C LEU B 415 32.45 -58.57 -39.80
N ASP B 416 32.86 -57.30 -39.91
CA ASP B 416 32.41 -56.43 -40.98
C ASP B 416 33.14 -56.78 -42.28
N GLN B 417 32.62 -56.22 -43.38
CA GLN B 417 33.12 -56.53 -44.71
C GLN B 417 33.62 -55.29 -45.46
N ASN B 418 32.86 -54.20 -45.44
CA ASN B 418 33.14 -53.06 -46.29
C ASN B 418 34.31 -52.22 -45.77
N ALA B 419 34.48 -52.15 -44.45
CA ALA B 419 35.42 -51.23 -43.86
C ALA B 419 36.86 -51.58 -44.25
N LEU B 420 37.78 -50.69 -43.85
CA LEU B 420 39.16 -50.76 -44.29
C LEU B 420 39.85 -52.02 -43.77
N LEU B 421 40.83 -52.50 -44.54
CA LEU B 421 41.39 -53.83 -44.31
C LEU B 421 42.59 -53.79 -43.37
N ASP B 422 43.41 -52.74 -43.45
CA ASP B 422 44.62 -52.68 -42.63
C ASP B 422 44.28 -52.64 -41.15
N LYS B 423 43.24 -51.88 -40.77
CA LYS B 423 42.80 -51.87 -39.39
C LYS B 423 42.19 -53.20 -38.97
N ARG B 424 41.56 -53.93 -39.89
CA ARG B 424 41.14 -55.28 -39.58
C ARG B 424 42.32 -56.19 -39.29
N ILE B 425 43.39 -56.05 -40.09
CA ILE B 425 44.61 -56.81 -39.83
C ILE B 425 45.16 -56.46 -38.46
N TYR B 426 45.16 -55.17 -38.12
CA TYR B 426 45.60 -54.74 -36.79
C TYR B 426 44.78 -55.40 -35.70
N ALA B 427 43.45 -55.33 -35.82
CA ALA B 427 42.57 -55.93 -34.82
C ALA B 427 42.74 -57.43 -34.74
N PHE B 428 43.16 -58.07 -35.83
CA PHE B 428 43.42 -59.51 -35.81
C PHE B 428 44.52 -59.88 -34.83
N HIS B 429 45.62 -59.13 -34.81
CA HIS B 429 46.80 -59.57 -34.09
C HIS B 429 46.56 -59.66 -32.59
N GLU B 430 46.06 -58.57 -32.00
CA GLU B 430 45.83 -58.58 -30.56
C GLU B 430 44.72 -59.55 -30.18
N LEU B 431 43.68 -59.64 -31.01
CA LEU B 431 42.61 -60.59 -30.72
C LEU B 431 43.14 -62.01 -30.67
N ASN B 432 43.87 -62.42 -31.71
CA ASN B 432 44.42 -63.78 -31.74
C ASN B 432 45.38 -64.01 -30.59
N THR B 433 46.16 -62.99 -30.25
CA THR B 433 47.01 -63.10 -29.06
C THR B 433 46.20 -63.33 -27.80
N LEU B 434 44.98 -62.77 -27.75
CA LEU B 434 44.19 -62.83 -26.53
C LEU B 434 43.74 -64.24 -26.18
N GLU B 435 43.13 -64.96 -27.12
CA GLU B 435 42.53 -66.25 -26.77
C GLU B 435 43.59 -67.32 -26.57
N THR B 436 44.64 -67.31 -27.39
CA THR B 436 45.66 -68.35 -27.27
C THR B 436 46.31 -68.32 -25.90
N HIS B 437 46.68 -67.13 -25.43
CA HIS B 437 47.27 -67.01 -24.10
C HIS B 437 46.23 -67.09 -23.00
N PHE B 438 45.01 -66.62 -23.26
CA PHE B 438 43.92 -66.60 -22.29
C PHE B 438 42.73 -67.33 -22.90
N PRO B 439 42.71 -68.65 -22.87
CA PRO B 439 41.58 -69.39 -23.44
C PRO B 439 40.29 -69.07 -22.70
N GLY B 440 39.19 -69.14 -23.43
CA GLY B 440 37.89 -68.84 -22.85
C GLY B 440 37.72 -67.39 -22.44
N ILE B 441 38.24 -66.47 -23.23
CA ILE B 441 38.11 -65.06 -22.94
C ILE B 441 37.06 -64.37 -23.80
N THR B 442 36.87 -64.80 -25.05
CA THR B 442 35.85 -64.24 -25.93
C THR B 442 34.82 -65.29 -26.29
N SER B 443 34.55 -66.21 -25.36
CA SER B 443 33.65 -67.33 -25.60
C SER B 443 32.20 -66.83 -25.64
N SER B 444 31.92 -66.03 -26.67
CA SER B 444 30.57 -65.55 -26.94
C SER B 444 29.80 -66.71 -27.58
N PHE B 445 29.26 -67.57 -26.71
CA PHE B 445 28.68 -68.83 -27.16
C PHE B 445 27.52 -68.61 -28.11
N THR B 446 26.86 -67.46 -28.03
CA THR B 446 25.72 -67.18 -28.91
C THR B 446 26.17 -66.57 -30.22
N ASP B 447 26.93 -65.48 -30.15
CA ASP B 447 27.26 -64.73 -31.36
C ASP B 447 28.16 -65.52 -32.30
N ASP B 448 29.10 -66.30 -31.77
CA ASP B 448 30.04 -67.01 -32.62
C ASP B 448 29.35 -68.07 -33.49
N LEU B 449 28.35 -68.76 -32.94
CA LEU B 449 27.70 -69.83 -33.68
C LEU B 449 26.94 -69.29 -34.89
N LYS B 450 26.22 -68.17 -34.71
CA LYS B 450 25.53 -67.53 -35.81
C LYS B 450 26.42 -66.62 -36.64
N SER B 451 27.75 -66.81 -36.58
CA SER B 451 28.66 -66.12 -37.47
C SER B 451 29.80 -66.99 -37.95
N ASN B 452 29.85 -68.27 -37.56
CA ASN B 452 30.95 -69.18 -37.90
C ASN B 452 32.30 -68.60 -37.50
N TYR B 453 32.32 -67.86 -36.40
CA TYR B 453 33.52 -67.15 -35.97
C TYR B 453 34.64 -68.11 -35.59
N ARG B 454 34.29 -69.22 -34.94
CA ARG B 454 35.32 -70.17 -34.47
C ARG B 454 36.08 -70.77 -35.64
N LYS B 455 35.39 -71.12 -36.72
CA LYS B 455 36.08 -71.63 -37.90
C LYS B 455 36.72 -70.51 -38.70
N LYS B 456 36.11 -69.32 -38.69
CA LYS B 456 36.66 -68.20 -39.44
C LYS B 456 38.03 -67.79 -38.90
N MET B 457 38.20 -67.80 -37.57
CA MET B 457 39.49 -67.43 -37.00
C MET B 457 40.58 -68.40 -37.43
N GLU B 458 40.28 -69.70 -37.42
CA GLU B 458 41.27 -70.68 -37.85
C GLU B 458 41.56 -70.56 -39.33
N SER B 459 40.53 -70.31 -40.15
CA SER B 459 40.73 -70.16 -41.58
C SER B 459 41.63 -68.98 -41.89
N VAL B 460 41.41 -67.85 -41.21
CA VAL B 460 42.27 -66.69 -41.46
C VAL B 460 43.63 -66.83 -40.77
N SER B 461 43.74 -67.71 -39.78
CA SER B 461 45.05 -67.95 -39.15
C SER B 461 45.95 -68.78 -40.05
N LEU B 462 45.39 -69.79 -40.70
CA LEU B 462 46.19 -70.65 -41.57
C LEU B 462 46.76 -69.89 -42.77
N THR B 463 46.11 -68.80 -43.18
CA THR B 463 46.60 -68.03 -44.32
C THR B 463 47.98 -67.44 -44.05
N CYS B 464 48.19 -66.89 -42.85
CA CYS B 464 49.50 -66.35 -42.51
C CYS B 464 50.54 -67.46 -42.41
N GLN B 465 50.15 -68.63 -41.91
CA GLN B 465 51.08 -69.76 -41.86
C GLN B 465 51.54 -70.15 -43.25
N VAL B 466 50.62 -70.18 -44.21
CA VAL B 466 51.00 -70.50 -45.59
C VAL B 466 51.93 -69.43 -46.15
N LEU B 467 51.60 -68.16 -45.92
CA LEU B 467 52.39 -67.07 -46.48
C LEU B 467 53.79 -67.03 -45.88
N GLN B 468 53.93 -67.46 -44.62
CA GLN B 468 55.27 -67.51 -44.02
C GLN B 468 56.18 -68.45 -44.80
N GLU B 469 55.70 -69.65 -45.11
CA GLU B 469 56.51 -70.60 -45.85
C GLU B 469 56.72 -70.15 -47.30
N ILE B 470 55.72 -69.49 -47.88
CA ILE B 470 55.89 -68.95 -49.22
C ILE B 470 57.00 -67.90 -49.25
N GLY B 471 57.00 -67.00 -48.26
CA GLY B 471 58.08 -66.03 -48.14
C GLY B 471 59.42 -66.68 -47.88
N ASN B 472 59.43 -67.79 -47.13
CA ASN B 472 60.68 -68.52 -46.93
C ASN B 472 61.20 -69.07 -48.25
N ILE B 473 60.32 -69.63 -49.07
CA ILE B 473 60.74 -70.14 -50.37
C ILE B 473 61.25 -69.01 -51.24
N HIS B 474 60.60 -67.84 -51.19
CA HIS B 474 61.09 -66.69 -51.94
C HIS B 474 62.45 -66.22 -51.45
N ARG B 475 62.68 -66.23 -50.14
CA ARG B 475 63.98 -65.90 -49.58
C ARG B 475 65.03 -66.94 -49.88
N PHE B 476 64.63 -68.17 -50.21
CA PHE B 476 65.58 -69.21 -50.60
C PHE B 476 65.94 -69.18 -52.08
N ILE B 477 64.98 -68.83 -52.94
CA ILE B 477 65.22 -68.96 -54.39
C ILE B 477 66.24 -67.94 -54.87
N GLU B 478 66.13 -66.68 -54.43
CA GLU B 478 67.03 -65.64 -54.95
C GLU B 478 68.44 -65.80 -54.38
N SER B 479 68.55 -66.28 -53.14
CA SER B 479 69.87 -66.50 -52.55
C SER B 479 70.65 -67.57 -53.30
N LYS B 480 69.94 -68.51 -53.94
CA LYS B 480 70.60 -69.58 -54.69
C LYS B 480 70.97 -69.12 -56.09
N THR B 487 71.63 -59.38 -48.15
CA THR B 487 71.31 -60.79 -48.02
C THR B 487 69.89 -60.98 -47.50
N GLU B 488 69.07 -61.70 -48.27
CA GLU B 488 67.69 -61.94 -47.86
C GLU B 488 67.57 -62.95 -46.72
N TYR B 489 68.60 -63.76 -46.48
CA TYR B 489 68.64 -64.56 -45.27
C TYR B 489 68.81 -63.69 -44.02
N GLY B 490 69.20 -62.44 -44.19
CA GLY B 490 69.35 -61.54 -43.07
C GLY B 490 70.80 -61.38 -42.64
N LEU B 491 71.12 -60.21 -42.09
CA LEU B 491 72.46 -59.94 -41.61
C LEU B 491 72.77 -60.82 -40.40
N PHE B 492 74.02 -61.33 -40.36
CA PHE B 492 74.51 -62.15 -39.27
C PHE B 492 73.71 -63.44 -39.09
N SER B 493 73.01 -63.89 -40.14
CA SER B 493 72.24 -65.12 -40.09
C SER B 493 73.00 -66.31 -40.67
N ILE B 494 73.61 -66.13 -41.84
CA ILE B 494 74.36 -67.17 -42.52
C ILE B 494 75.77 -66.64 -42.76
N PRO B 495 76.81 -67.36 -42.34
CA PRO B 495 78.17 -66.88 -42.54
C PRO B 495 78.63 -67.06 -43.98
N LYS B 496 79.73 -66.36 -44.31
CA LYS B 496 80.17 -66.28 -45.70
C LYS B 496 80.62 -67.64 -46.23
N ILE B 497 81.34 -68.42 -45.43
CA ILE B 497 81.80 -69.71 -45.89
C ILE B 497 80.64 -70.66 -46.11
N PHE B 498 79.67 -70.64 -45.20
CA PHE B 498 78.46 -71.46 -45.35
C PHE B 498 77.42 -70.82 -46.27
N SER B 499 77.77 -69.79 -47.03
CA SER B 499 76.81 -69.12 -47.89
C SER B 499 76.42 -70.04 -49.06
N ILE B 500 75.47 -69.57 -49.86
CA ILE B 500 74.91 -70.33 -50.97
C ILE B 500 75.25 -69.60 -52.26
N PRO B 501 75.86 -70.27 -53.25
CA PRO B 501 76.19 -69.59 -54.51
C PRO B 501 74.98 -69.36 -55.40
N ILE B 502 75.22 -68.89 -56.62
CA ILE B 502 74.14 -68.52 -57.53
C ILE B 502 73.64 -69.68 -58.37
N ASP B 503 74.41 -70.77 -58.48
CA ASP B 503 74.10 -71.84 -59.40
C ASP B 503 72.77 -72.51 -59.04
N TYR B 504 71.99 -72.83 -60.07
CA TYR B 504 70.74 -73.55 -59.87
C TYR B 504 71.04 -74.99 -59.45
N LYS B 505 70.23 -75.52 -58.55
CA LYS B 505 70.43 -76.86 -58.01
C LYS B 505 69.42 -77.82 -58.64
N HIS B 506 69.91 -79.03 -58.97
CA HIS B 506 69.05 -80.01 -59.62
C HIS B 506 67.94 -80.51 -58.72
N GLY B 507 68.18 -80.58 -57.41
CA GLY B 507 67.16 -81.06 -56.50
C GLY B 507 66.01 -80.09 -56.29
N GLU B 508 66.13 -78.85 -56.77
CA GLU B 508 65.05 -77.89 -56.65
C GLU B 508 63.88 -78.21 -57.57
N LYS B 509 64.15 -78.66 -58.80
CA LYS B 509 63.10 -78.94 -59.75
C LYS B 509 62.16 -80.06 -59.28
N GLU B 510 62.63 -80.92 -58.38
CA GLU B 510 61.83 -82.05 -57.92
C GLU B 510 61.25 -81.87 -56.52
N ASN B 511 61.75 -80.91 -55.74
CA ASN B 511 61.33 -80.75 -54.37
C ASN B 511 60.87 -79.34 -54.02
N LEU B 512 60.88 -78.40 -54.97
CA LEU B 512 60.46 -77.03 -54.70
C LEU B 512 59.22 -76.64 -55.50
N VAL B 513 59.27 -76.73 -56.83
CA VAL B 513 58.12 -76.33 -57.64
C VAL B 513 56.97 -77.31 -57.43
N SER B 514 57.28 -78.61 -57.32
CA SER B 514 56.24 -79.58 -56.99
C SER B 514 55.70 -79.35 -55.59
N TYR B 515 56.58 -79.04 -54.64
CA TYR B 515 56.15 -78.82 -53.26
C TYR B 515 55.27 -77.59 -53.14
N VAL B 516 55.44 -76.60 -54.02
CA VAL B 516 54.57 -75.44 -54.03
C VAL B 516 53.13 -75.85 -54.33
N ASP B 517 52.95 -76.77 -55.30
CA ASP B 517 51.62 -77.26 -55.60
C ASP B 517 51.01 -77.99 -54.41
N PHE B 518 51.80 -78.80 -53.70
CA PHE B 518 51.31 -79.44 -52.49
C PHE B 518 50.91 -78.43 -51.44
N LEU B 519 51.70 -77.38 -51.24
CA LEU B 519 51.37 -76.32 -50.29
C LEU B 519 50.06 -75.63 -50.64
N TYR B 520 49.86 -75.29 -51.91
CA TYR B 520 48.64 -74.58 -52.28
C TYR B 520 47.42 -75.50 -52.23
N SER B 521 47.58 -76.78 -52.58
CA SER B 521 46.49 -77.74 -52.42
C SER B 521 46.13 -77.90 -50.95
N THR B 522 47.13 -77.96 -50.08
CA THR B 522 46.86 -78.03 -48.65
C THR B 522 46.21 -76.75 -48.14
N ALA B 523 46.55 -75.61 -48.73
CA ALA B 523 45.92 -74.36 -48.32
C ALA B 523 44.45 -74.30 -48.75
N HIS B 524 44.15 -74.81 -49.94
CA HIS B 524 42.82 -74.69 -50.53
C HIS B 524 41.98 -75.95 -50.36
N GLU B 525 42.12 -76.65 -49.25
CA GLU B 525 41.44 -77.93 -49.06
C GLU B 525 40.38 -77.92 -47.96
N ARG B 526 40.53 -77.09 -46.93
CA ARG B 526 39.58 -77.10 -45.83
C ARG B 526 39.25 -75.71 -45.31
N ILE B 527 39.58 -74.65 -46.03
CA ILE B 527 39.28 -73.29 -45.61
C ILE B 527 37.92 -72.89 -46.19
N LEU B 528 37.05 -72.37 -45.32
CA LEU B 528 35.75 -71.93 -45.79
C LEU B 528 35.87 -70.60 -46.53
N GLN B 529 34.82 -70.27 -47.28
CA GLN B 529 34.79 -69.06 -48.09
C GLN B 529 33.63 -68.18 -47.67
N ASP B 530 33.89 -66.89 -47.52
CA ASP B 530 32.88 -65.91 -47.17
C ASP B 530 33.31 -64.57 -47.75
N ASN B 531 32.32 -63.69 -47.96
CA ASN B 531 32.61 -62.37 -48.50
C ASN B 531 33.60 -61.61 -47.64
N SER B 532 33.53 -61.78 -46.32
CA SER B 532 34.56 -61.23 -45.44
C SER B 532 35.84 -62.05 -45.51
N ILE B 533 35.72 -63.38 -45.57
CA ILE B 533 36.90 -64.24 -45.66
C ILE B 533 37.61 -64.05 -46.99
N ASN B 534 36.86 -63.82 -48.07
CA ASN B 534 37.48 -63.67 -49.38
C ASN B 534 38.44 -62.48 -49.41
N GLN B 535 38.05 -61.37 -48.79
CA GLN B 535 38.96 -60.24 -48.66
C GLN B 535 40.10 -60.52 -47.69
N LEU B 536 39.98 -61.55 -46.86
CA LEU B 536 40.99 -61.90 -45.88
C LEU B 536 41.79 -63.15 -46.23
N CYS B 537 41.18 -64.11 -46.92
CA CYS B 537 41.86 -65.35 -47.28
C CYS B 537 42.00 -65.54 -48.77
N LEU B 538 40.90 -65.43 -49.53
CA LEU B 538 40.93 -65.78 -50.95
C LEU B 538 41.82 -64.82 -51.72
N ASP B 539 41.67 -63.52 -51.51
CA ASP B 539 42.46 -62.55 -52.26
C ASP B 539 43.96 -62.65 -51.98
N PRO B 540 44.44 -62.66 -50.74
CA PRO B 540 45.90 -62.83 -50.54
C PRO B 540 46.43 -64.16 -51.04
N LEU B 541 45.65 -65.23 -50.88
CA LEU B 541 46.10 -66.53 -51.39
C LEU B 541 46.22 -66.51 -52.91
N GLN B 542 45.26 -65.92 -53.61
CA GLN B 542 45.35 -65.83 -55.06
C GLN B 542 46.51 -64.95 -55.49
N GLU B 543 46.75 -63.83 -54.78
CA GLU B 543 47.87 -62.97 -55.12
C GLU B 543 49.20 -63.71 -54.94
N SER B 544 49.35 -64.44 -53.83
CA SER B 544 50.56 -65.22 -53.62
C SER B 544 50.71 -66.32 -54.66
N LEU B 545 49.61 -66.97 -55.04
CA LEU B 545 49.66 -68.00 -56.06
C LEU B 545 50.10 -67.43 -57.40
N ASN B 546 49.62 -66.24 -57.74
CA ASN B 546 50.05 -65.57 -58.96
C ASN B 546 51.54 -65.24 -58.90
N ARG B 547 51.99 -64.71 -57.75
CA ARG B 547 53.38 -64.27 -57.65
C ARG B 547 54.35 -65.45 -57.60
N ILE B 548 53.91 -66.60 -57.10
CA ILE B 548 54.82 -67.73 -56.95
C ILE B 548 55.03 -68.48 -58.27
N LYS B 549 54.15 -68.31 -59.24
CA LYS B 549 54.27 -68.96 -60.53
C LYS B 549 54.86 -68.06 -61.61
N SER B 550 55.39 -66.90 -61.23
CA SER B 550 56.03 -65.99 -62.18
C SER B 550 57.50 -65.77 -61.88
N ASN B 551 58.09 -66.55 -60.96
CA ASN B 551 59.50 -66.39 -60.62
C ASN B 551 60.26 -67.69 -60.47
N ILE B 552 59.60 -68.85 -60.40
CA ILE B 552 60.34 -70.11 -60.25
C ILE B 552 61.25 -70.40 -61.44
N PRO B 553 60.80 -70.34 -62.70
CA PRO B 553 61.72 -70.63 -63.81
C PRO B 553 62.91 -69.68 -63.87
N VAL B 554 62.73 -68.43 -63.49
CA VAL B 554 63.81 -67.46 -63.56
C VAL B 554 64.54 -67.38 -62.22
N THR C 34 31.41 29.88 12.66
CA THR C 34 31.47 29.93 11.22
C THR C 34 31.59 28.53 10.63
N LEU C 35 32.83 28.07 10.44
CA LEU C 35 33.05 26.72 9.97
C LEU C 35 32.49 25.70 10.96
N GLU C 36 32.77 25.90 12.25
CA GLU C 36 32.26 25.00 13.27
C GLU C 36 30.74 25.08 13.40
N LYS C 37 30.15 26.20 12.98
CA LYS C 37 28.69 26.34 13.04
C LYS C 37 28.01 25.29 12.17
N LYS C 38 28.53 25.07 10.96
CA LYS C 38 27.97 24.06 10.09
C LYS C 38 28.08 22.68 10.72
N VAL C 39 29.22 22.38 11.33
CA VAL C 39 29.42 21.07 11.92
C VAL C 39 28.42 20.84 13.05
N ARG C 40 28.33 21.78 13.98
CA ARG C 40 27.45 21.61 15.12
C ARG C 40 25.99 21.80 14.76
N LYS C 41 25.69 22.28 13.55
CA LYS C 41 24.32 22.27 13.06
C LYS C 41 24.00 21.00 12.30
N GLY C 42 25.01 20.25 11.87
CA GLY C 42 24.75 18.96 11.27
C GLY C 42 24.68 17.85 12.31
N ILE C 43 25.31 18.08 13.46
CA ILE C 43 25.36 17.02 14.48
C ILE C 43 23.96 16.65 14.97
N GLU C 44 23.10 17.64 15.21
CA GLU C 44 21.79 17.31 15.76
C GLU C 44 20.94 16.59 14.73
N SER C 45 21.06 16.95 13.45
CA SER C 45 20.41 16.17 12.41
C SER C 45 20.91 14.74 12.44
N LEU C 46 22.22 14.58 12.62
CA LEU C 46 22.79 13.24 12.66
C LEU C 46 22.22 12.43 13.82
N ILE C 47 22.11 13.04 14.99
CA ILE C 47 21.64 12.28 16.15
C ILE C 47 20.16 11.94 16.02
N THR C 48 19.36 12.85 15.44
CA THR C 48 17.99 12.46 15.13
C THR C 48 17.96 11.28 14.19
N GLU C 49 18.84 11.29 13.19
CA GLU C 49 18.87 10.23 12.20
C GLU C 49 19.21 8.89 12.86
N LEU C 50 20.20 8.88 13.74
CA LEU C 50 20.41 7.71 14.60
C LEU C 50 19.12 7.30 15.27
N LYS C 51 18.56 8.16 16.13
CA LYS C 51 17.38 7.75 16.89
C LYS C 51 16.35 7.05 16.00
N LEU C 52 16.19 7.54 14.77
CA LEU C 52 15.37 6.81 13.81
C LEU C 52 15.92 5.40 13.56
N MET C 53 17.23 5.28 13.39
CA MET C 53 17.75 3.94 13.08
C MET C 53 17.68 2.98 14.26
N GLN C 54 17.97 3.43 15.48
CA GLN C 54 17.73 2.48 16.57
C GLN C 54 16.25 2.16 16.70
N ALA C 55 15.36 3.10 16.35
CA ALA C 55 13.94 2.75 16.31
C ALA C 55 13.70 1.59 15.35
N VAL C 56 14.19 1.72 14.12
CA VAL C 56 13.91 0.68 13.12
C VAL C 56 14.62 -0.62 13.44
N LEU C 57 15.83 -0.56 13.99
CA LEU C 57 16.55 -1.78 14.33
C LEU C 57 15.88 -2.50 15.49
N SER C 58 15.42 -1.76 16.49
CA SER C 58 14.63 -2.37 17.54
C SER C 58 13.35 -2.96 16.98
N LYS C 59 12.79 -2.35 15.95
CA LYS C 59 11.59 -2.91 15.33
C LYS C 59 11.90 -4.24 14.66
N VAL C 60 12.96 -4.29 13.85
CA VAL C 60 13.22 -5.49 13.05
C VAL C 60 13.69 -6.65 13.92
N SER C 61 14.54 -6.37 14.91
CA SER C 61 15.12 -7.46 15.69
C SER C 61 14.08 -8.19 16.53
N LYS C 62 12.88 -7.65 16.68
CA LYS C 62 11.86 -8.31 17.49
C LYS C 62 11.45 -9.64 16.89
N VAL C 63 11.25 -9.69 15.57
CA VAL C 63 10.74 -10.90 14.93
C VAL C 63 11.85 -11.94 14.85
N PRO C 64 11.51 -13.23 14.95
CA PRO C 64 12.55 -14.26 14.83
C PRO C 64 13.11 -14.30 13.41
N ALA C 65 14.36 -14.73 13.31
CA ALA C 65 15.05 -14.70 12.03
C ALA C 65 14.67 -15.90 11.16
N ASP C 66 13.39 -16.18 11.05
CA ASP C 66 12.87 -17.19 10.13
C ASP C 66 11.75 -16.65 9.26
N GLN C 67 10.89 -15.80 9.81
CA GLN C 67 9.87 -15.12 9.01
C GLN C 67 10.41 -13.86 8.37
N LEU C 68 11.67 -13.52 8.62
CA LEU C 68 12.25 -12.32 8.05
C LEU C 68 12.87 -12.63 6.70
N ASP C 69 12.46 -11.89 5.67
CA ASP C 69 13.04 -12.04 4.35
C ASP C 69 14.47 -11.53 4.32
N GLU C 70 15.30 -12.17 3.48
CA GLU C 70 16.73 -11.94 3.54
C GLU C 70 17.11 -10.54 3.05
N GLY C 71 16.31 -9.96 2.16
CA GLY C 71 16.61 -8.59 1.73
C GLY C 71 16.57 -7.63 2.90
N VAL C 72 15.56 -7.76 3.75
CA VAL C 72 15.48 -6.93 4.94
C VAL C 72 16.65 -7.21 5.87
N LYS C 73 17.06 -8.48 5.96
CA LYS C 73 18.21 -8.81 6.82
C LYS C 73 19.47 -8.10 6.34
N ILE C 74 19.73 -8.15 5.04
CA ILE C 74 20.93 -7.51 4.50
C ILE C 74 20.88 -6.01 4.72
N TRP C 75 19.70 -5.41 4.47
CA TRP C 75 19.54 -3.98 4.68
C TRP C 75 19.77 -3.61 6.15
N ALA C 76 19.26 -4.44 7.06
CA ALA C 76 19.43 -4.18 8.48
C ALA C 76 20.90 -4.26 8.88
N GLY C 77 21.61 -5.25 8.38
CA GLY C 77 23.03 -5.34 8.68
C GLY C 77 23.78 -4.10 8.23
N ASN C 78 23.47 -3.64 7.02
CA ASN C 78 24.16 -2.47 6.51
C ASN C 78 23.85 -1.23 7.33
N VAL C 79 22.58 -1.06 7.72
CA VAL C 79 22.26 0.13 8.50
C VAL C 79 22.89 0.05 9.88
N LYS C 80 23.06 -1.16 10.41
CA LYS C 80 23.75 -1.29 11.70
C LYS C 80 25.20 -0.87 11.59
N GLU C 81 25.87 -1.27 10.52
CA GLU C 81 27.26 -0.83 10.34
C GLU C 81 27.34 0.68 10.22
N LEU C 82 26.42 1.27 9.46
CA LEU C 82 26.38 2.73 9.36
C LEU C 82 26.14 3.36 10.73
N SER C 83 25.33 2.70 11.56
CA SER C 83 25.07 3.21 12.91
C SER C 83 26.35 3.27 13.72
N TYR C 84 27.15 2.21 13.66
CA TYR C 84 28.45 2.27 14.33
C TYR C 84 29.29 3.44 13.81
N GLN C 85 29.32 3.64 12.50
CA GLN C 85 30.16 4.72 11.97
C GLN C 85 29.73 6.08 12.50
N MET C 86 28.42 6.32 12.51
CA MET C 86 27.94 7.62 12.96
C MET C 86 28.14 7.81 14.46
N GLU C 87 27.97 6.73 15.23
CA GLU C 87 28.26 6.83 16.65
C GLU C 87 29.71 7.21 16.88
N ASP C 88 30.62 6.61 16.11
CA ASP C 88 32.02 6.97 16.23
C ASP C 88 32.24 8.44 15.91
N ILE C 89 31.62 8.93 14.84
CA ILE C 89 31.81 10.34 14.47
C ILE C 89 31.29 11.26 15.58
N VAL C 90 30.10 10.98 16.10
CA VAL C 90 29.53 11.89 17.10
C VAL C 90 30.33 11.84 18.39
N ASP C 91 30.82 10.66 18.78
CA ASP C 91 31.65 10.59 19.98
C ASP C 91 32.95 11.34 19.77
N ALA C 92 33.56 11.23 18.59
CA ALA C 92 34.80 11.95 18.33
C ALA C 92 34.58 13.46 18.43
N PHE C 93 33.50 13.95 17.83
CA PHE C 93 33.24 15.39 17.90
C PHE C 93 32.98 15.82 19.34
N MET C 94 32.20 15.04 20.08
CA MET C 94 31.88 15.39 21.45
C MET C 94 33.11 15.42 22.33
N VAL C 95 34.05 14.50 22.12
CA VAL C 95 35.29 14.50 22.89
C VAL C 95 36.20 15.66 22.50
N ARG C 96 36.34 15.93 21.20
CA ARG C 96 37.25 16.99 20.78
C ARG C 96 36.74 18.36 21.21
N VAL C 97 35.55 18.73 20.75
CA VAL C 97 35.02 20.07 21.01
C VAL C 97 33.74 19.98 21.82
N LYS C 125 41.73 22.31 12.26
CA LYS C 125 42.40 21.04 12.07
C LYS C 125 41.41 19.89 12.10
N ASP C 126 40.90 19.59 13.30
CA ASP C 126 39.94 18.50 13.43
C ASP C 126 38.62 18.81 12.75
N LEU C 127 38.30 20.09 12.58
CA LEU C 127 37.02 20.46 11.97
C LEU C 127 36.91 19.95 10.55
N HIS C 128 37.98 20.08 9.77
CA HIS C 128 37.94 19.62 8.38
C HIS C 128 37.79 18.11 8.30
N ARG C 129 38.51 17.39 9.15
CA ARG C 129 38.39 15.93 9.18
C ARG C 129 36.98 15.50 9.55
N ILE C 130 36.41 16.13 10.57
CA ILE C 130 35.04 15.84 10.97
C ILE C 130 34.09 16.15 9.82
N SER C 131 34.32 17.28 9.14
CA SER C 131 33.46 17.67 8.03
C SER C 131 33.45 16.61 6.95
N ALA C 132 34.65 16.19 6.51
CA ALA C 132 34.72 15.17 5.46
C ALA C 132 34.06 13.88 5.90
N ALA C 133 34.30 13.46 7.14
CA ALA C 133 33.74 12.20 7.62
C ALA C 133 32.22 12.24 7.62
N LEU C 134 31.64 13.31 8.18
CA LEU C 134 30.19 13.40 8.22
C LEU C 134 29.61 13.47 6.82
N GLU C 135 30.25 14.24 5.93
CA GLU C 135 29.76 14.36 4.56
C GLU C 135 29.70 12.99 3.88
N GLU C 136 30.81 12.26 3.91
CA GLU C 136 30.80 10.96 3.24
C GLU C 136 29.81 10.00 3.91
N VAL C 137 29.67 10.06 5.23
CA VAL C 137 28.70 9.18 5.88
C VAL C 137 27.30 9.47 5.37
N VAL C 138 26.96 10.75 5.23
CA VAL C 138 25.70 11.12 4.61
C VAL C 138 25.62 10.53 3.21
N LEU C 139 26.73 10.54 2.48
CA LEU C 139 26.69 10.02 1.12
C LEU C 139 26.33 8.54 1.07
N GLN C 140 27.00 7.69 1.86
CA GLN C 140 26.62 6.27 1.78
C GLN C 140 25.25 6.01 2.38
N ALA C 141 24.84 6.80 3.38
CA ALA C 141 23.46 6.66 3.84
C ALA C 141 22.48 6.92 2.69
N LYS C 142 22.70 8.00 1.95
CA LYS C 142 21.82 8.33 0.84
C LYS C 142 21.84 7.24 -0.22
N GLN C 143 23.04 6.76 -0.56
CA GLN C 143 23.13 5.72 -1.59
C GLN C 143 22.39 4.47 -1.16
N LEU C 144 22.58 4.03 0.08
CA LEU C 144 21.88 2.87 0.58
C LEU C 144 20.38 3.09 0.57
N ALA C 145 19.93 4.34 0.63
CA ALA C 145 18.49 4.59 0.50
C ALA C 145 17.97 4.09 -0.86
N GLU C 146 18.61 4.47 -1.96
CA GLU C 146 18.13 3.99 -3.26
C GLU C 146 18.41 2.51 -3.44
N LEU C 147 19.50 2.00 -2.85
CA LEU C 147 19.79 0.58 -2.99
C LEU C 147 18.65 -0.27 -2.47
N ARG C 148 18.07 0.11 -1.34
CA ARG C 148 16.93 -0.65 -0.82
C ARG C 148 15.75 -0.57 -1.78
N GLN C 149 15.35 0.65 -2.15
CA GLN C 149 14.11 0.81 -2.90
C GLN C 149 14.22 0.32 -4.33
N ARG C 150 15.43 0.09 -4.83
CA ARG C 150 15.57 -0.35 -6.21
C ARG C 150 15.00 -1.74 -6.41
N TYR C 151 14.89 -2.55 -5.35
CA TYR C 151 14.48 -3.95 -5.44
C TYR C 151 13.46 -4.27 -4.35
N GLU C 152 12.18 -4.13 -4.66
CA GLU C 152 11.13 -4.66 -3.80
C GLU C 152 10.06 -5.31 -4.66
N GLN C 153 9.34 -6.23 -4.04
CA GLN C 153 8.17 -6.83 -4.67
C GLN C 153 7.10 -7.05 -3.63
N GLU C 154 5.85 -7.01 -4.07
CA GLU C 154 4.72 -7.15 -3.17
C GLU C 154 4.41 -8.63 -2.88
N MET C 155 4.06 -9.38 -3.92
CA MET C 155 3.72 -10.80 -3.78
C MET C 155 2.57 -10.98 -2.79
N ARG C 156 1.41 -10.49 -3.21
CA ARG C 156 0.18 -10.64 -2.42
C ARG C 156 -0.06 -12.10 -2.04
N ASP C 157 0.28 -13.02 -2.92
CA ASP C 157 0.12 -14.45 -2.64
C ASP C 157 1.41 -15.04 -2.09
N THR C 158 1.88 -14.46 -0.98
CA THR C 158 3.06 -14.97 -0.27
C THR C 158 2.71 -15.51 1.11
N SER C 159 1.42 -15.76 1.36
CA SER C 159 0.95 -16.07 2.71
C SER C 159 1.40 -17.48 3.07
N ALA C 160 2.63 -17.58 3.58
CA ALA C 160 3.14 -18.82 4.11
C ALA C 160 2.56 -19.05 5.50
N ASN C 161 2.20 -20.30 5.79
CA ASN C 161 1.57 -20.62 7.05
C ASN C 161 2.51 -20.36 8.23
N THR C 162 1.93 -19.96 9.35
CA THR C 162 2.72 -19.69 10.55
C THR C 162 3.33 -20.97 11.09
N SER C 163 4.56 -20.86 11.59
CA SER C 163 5.26 -22.02 12.12
C SER C 163 4.58 -22.52 13.39
N VAL C 164 4.60 -23.84 13.58
CA VAL C 164 4.01 -24.46 14.75
C VAL C 164 4.98 -24.35 15.92
N ASP C 165 4.51 -24.68 17.11
CA ASP C 165 5.34 -24.57 18.30
C ASP C 165 6.40 -25.66 18.31
N PRO C 166 7.70 -25.33 18.35
CA PRO C 166 8.72 -26.38 18.35
C PRO C 166 8.60 -27.32 19.54
N ARG C 167 8.06 -26.86 20.66
CA ARG C 167 7.94 -27.67 21.86
C ARG C 167 6.53 -28.19 22.06
N MET C 168 5.77 -28.41 20.99
CA MET C 168 4.46 -29.01 21.13
C MET C 168 4.56 -30.53 21.14
N MET C 169 5.18 -31.10 20.10
CA MET C 169 5.33 -32.55 20.05
C MET C 169 6.17 -33.07 21.21
N ALA C 170 7.01 -32.21 21.79
CA ALA C 170 7.72 -32.60 23.00
C ALA C 170 6.75 -32.93 24.12
N LEU C 171 5.60 -32.27 24.14
CA LEU C 171 4.55 -32.67 25.08
C LEU C 171 4.06 -34.07 24.79
N TYR C 172 4.15 -34.50 23.54
CA TYR C 172 3.73 -35.85 23.15
C TYR C 172 4.94 -36.77 23.11
N THR C 173 5.39 -37.15 24.30
CA THR C 173 6.48 -38.11 24.46
C THR C 173 6.02 -39.24 25.37
N ASP C 174 6.68 -40.39 25.21
CA ASP C 174 6.26 -41.59 25.92
C ASP C 174 6.46 -41.45 27.43
N VAL C 175 5.48 -41.93 28.19
CA VAL C 175 5.58 -41.91 29.64
C VAL C 175 6.72 -42.81 30.11
N THR C 176 6.80 -44.01 29.55
CA THR C 176 7.83 -44.95 29.97
C THR C 176 9.15 -44.64 29.29
N GLU C 177 9.57 -43.37 29.36
CA GLU C 177 10.83 -42.93 28.77
C GLU C 177 11.54 -42.02 29.77
N LEU C 178 10.75 -41.34 30.59
CA LEU C 178 11.29 -40.35 31.51
C LEU C 178 11.98 -41.07 32.66
N VAL C 179 13.19 -40.65 32.99
CA VAL C 179 13.95 -41.25 34.08
C VAL C 179 14.40 -40.17 35.04
N GLY C 180 14.38 -40.49 36.33
CA GLY C 180 14.78 -39.54 37.34
C GLY C 180 13.74 -38.49 37.67
N ILE C 181 12.58 -38.52 37.00
CA ILE C 181 11.55 -37.54 37.28
C ILE C 181 10.94 -37.78 38.65
N GLU C 182 11.12 -38.97 39.20
CA GLU C 182 10.53 -39.34 40.47
C GLU C 182 11.22 -38.57 41.59
N GLU C 183 10.74 -38.78 42.82
CA GLU C 183 11.27 -38.19 44.05
C GLU C 183 11.36 -36.67 43.95
N THR C 184 10.82 -36.12 42.87
CA THR C 184 10.55 -34.70 42.70
C THR C 184 9.09 -34.44 42.41
N ARG C 185 8.48 -35.28 41.58
CA ARG C 185 7.04 -35.24 41.39
C ARG C 185 6.32 -35.51 42.70
N ASP C 186 6.78 -36.52 43.44
CA ASP C 186 6.17 -36.82 44.74
C ASP C 186 6.38 -35.68 45.71
N LYS C 187 7.56 -35.07 45.68
CA LYS C 187 7.84 -33.94 46.57
C LYS C 187 6.91 -32.78 46.28
N LEU C 188 6.72 -32.45 45.01
CA LEU C 188 5.82 -31.35 44.66
C LEU C 188 4.38 -31.70 45.02
N ILE C 189 3.98 -32.95 44.77
CA ILE C 189 2.65 -33.41 45.15
C ILE C 189 2.41 -33.15 46.63
N ASN C 190 3.24 -33.75 47.49
CA ASN C 190 2.98 -33.66 48.91
C ASN C 190 3.38 -32.31 49.50
N MET C 191 4.01 -31.42 48.72
CA MET C 191 4.12 -30.05 49.18
C MET C 191 2.93 -29.20 48.76
N LEU C 192 2.11 -29.67 47.83
CA LEU C 192 0.83 -29.02 47.61
C LEU C 192 -0.38 -29.83 48.09
N THR C 193 -0.30 -31.16 48.08
CA THR C 193 -1.44 -31.98 48.48
C THR C 193 -1.47 -32.27 49.97
N GLU C 194 -0.45 -31.84 50.73
CA GLU C 194 -0.47 -32.08 52.16
C GLU C 194 -1.66 -31.41 52.83
N GLY C 195 -2.10 -30.27 52.29
CA GLY C 195 -3.32 -29.63 52.73
C GLY C 195 -4.58 -30.13 52.05
N ASP C 196 -4.43 -31.01 51.06
CA ASP C 196 -5.61 -31.58 50.41
C ASP C 196 -6.46 -32.36 51.41
N ASP C 197 -5.82 -33.07 52.32
CA ASP C 197 -6.55 -33.60 53.46
C ASP C 197 -7.09 -32.45 54.29
N TRP C 198 -8.32 -32.58 54.76
CA TRP C 198 -9.11 -31.45 55.23
C TRP C 198 -9.25 -30.43 54.09
N SER C 199 -9.91 -30.88 53.03
CA SER C 199 -9.94 -30.13 51.78
C SER C 199 -10.81 -28.90 51.94
N LYS C 200 -10.45 -28.05 52.90
CA LYS C 200 -11.14 -26.80 53.14
C LYS C 200 -10.17 -25.64 53.25
N HIS C 201 -8.87 -25.90 53.10
CA HIS C 201 -7.88 -24.84 53.21
C HIS C 201 -8.04 -23.84 52.07
N PRO C 202 -7.71 -22.58 52.30
CA PRO C 202 -7.89 -21.56 51.25
C PRO C 202 -6.99 -21.84 50.06
N LEU C 203 -7.44 -21.40 48.89
CA LEU C 203 -6.73 -21.69 47.65
C LEU C 203 -5.37 -21.01 47.64
N LYS C 204 -4.44 -21.62 46.91
CA LYS C 204 -3.08 -21.12 46.82
C LYS C 204 -2.48 -21.54 45.50
N THR C 205 -1.40 -20.88 45.13
CA THR C 205 -0.69 -21.17 43.89
C THR C 205 0.70 -21.69 44.24
N ILE C 206 1.25 -22.50 43.34
CA ILE C 206 2.63 -23.00 43.47
C ILE C 206 3.28 -22.81 42.12
N SER C 207 4.05 -21.75 41.97
CA SER C 207 4.71 -21.51 40.71
C SER C 207 5.94 -22.40 40.58
N ILE C 208 6.41 -22.56 39.34
CA ILE C 208 7.60 -23.34 39.05
C ILE C 208 8.50 -22.53 38.15
N VAL C 209 9.60 -22.03 38.68
CA VAL C 209 10.53 -21.24 37.88
C VAL C 209 11.68 -22.12 37.43
N GLY C 210 12.26 -21.74 36.30
CA GLY C 210 13.37 -22.51 35.75
C GLY C 210 13.97 -21.76 34.59
N PHE C 211 14.90 -22.41 33.91
CA PHE C 211 15.56 -21.80 32.78
C PHE C 211 15.80 -22.85 31.71
N GLY C 212 15.94 -22.37 30.48
CA GLY C 212 16.26 -23.28 29.39
C GLY C 212 15.20 -24.34 29.25
N GLY C 213 15.63 -25.59 29.27
CA GLY C 213 14.71 -26.70 29.12
C GLY C 213 14.87 -27.74 30.20
N LEU C 214 15.10 -27.30 31.45
CA LEU C 214 15.34 -28.25 32.53
C LEU C 214 14.12 -29.11 32.83
N GLY C 215 12.96 -28.77 32.29
CA GLY C 215 11.79 -29.62 32.40
C GLY C 215 10.80 -29.12 33.42
N LYS C 216 9.82 -28.37 32.96
CA LYS C 216 8.81 -27.80 33.83
C LYS C 216 7.41 -28.29 33.47
N THR C 217 7.05 -28.21 32.19
CA THR C 217 5.78 -28.77 31.75
C THR C 217 5.73 -30.27 31.97
N THR C 218 6.86 -30.96 31.85
CA THR C 218 6.88 -32.39 32.07
C THR C 218 6.46 -32.73 33.48
N LEU C 219 7.09 -32.11 34.47
CA LEU C 219 6.75 -32.37 35.86
C LEU C 219 5.36 -31.86 36.18
N ALA C 220 4.97 -30.74 35.59
CA ALA C 220 3.64 -30.20 35.81
C ALA C 220 2.58 -31.18 35.35
N LYS C 221 2.78 -31.78 34.17
CA LYS C 221 1.83 -32.75 33.67
C LYS C 221 1.86 -34.02 34.49
N ALA C 222 3.06 -34.43 34.95
CA ALA C 222 3.16 -35.63 35.75
C ALA C 222 2.35 -35.49 37.04
N ALA C 223 2.49 -34.35 37.72
CA ALA C 223 1.67 -34.11 38.90
C ALA C 223 0.20 -33.95 38.52
N TYR C 224 -0.05 -33.34 37.36
CA TYR C 224 -1.42 -33.15 36.88
C TYR C 224 -2.12 -34.48 36.63
N ASP C 225 -1.40 -35.44 36.06
CA ASP C 225 -2.00 -36.71 35.69
C ASP C 225 -2.19 -37.65 36.87
N LYS C 226 -1.48 -37.43 37.97
CA LYS C 226 -1.55 -38.37 39.09
C LYS C 226 -2.65 -38.00 40.07
N ILE C 227 -2.57 -36.81 40.67
CA ILE C 227 -3.61 -36.35 41.60
C ILE C 227 -4.62 -35.57 40.76
N LYS C 228 -5.50 -36.30 40.13
CA LYS C 228 -6.49 -35.63 39.30
C LYS C 228 -7.90 -36.12 39.57
N VAL C 229 -8.08 -37.42 39.83
CA VAL C 229 -9.41 -37.99 39.98
C VAL C 229 -10.15 -37.45 41.18
N GLN C 230 -9.45 -36.80 42.12
CA GLN C 230 -10.05 -36.26 43.33
C GLN C 230 -10.48 -34.81 43.17
N PHE C 231 -10.82 -34.40 41.95
CA PHE C 231 -11.21 -33.02 41.68
C PHE C 231 -12.41 -33.01 40.75
N ASP C 232 -13.17 -31.92 40.81
CA ASP C 232 -14.34 -31.76 39.96
C ASP C 232 -14.01 -31.12 38.62
N CYS C 233 -12.95 -30.33 38.54
CA CYS C 233 -12.63 -29.60 37.33
C CYS C 233 -11.12 -29.68 37.11
N GLY C 234 -10.62 -28.86 36.20
CA GLY C 234 -9.19 -28.81 35.91
C GLY C 234 -8.97 -28.45 34.46
N ALA C 235 -7.81 -27.85 34.18
CA ALA C 235 -7.47 -27.50 32.82
C ALA C 235 -5.98 -27.23 32.71
N PHE C 236 -5.35 -27.82 31.69
CA PHE C 236 -3.96 -27.55 31.35
C PHE C 236 -3.96 -26.62 30.14
N VAL C 237 -3.54 -25.38 30.35
CA VAL C 237 -3.61 -24.35 29.32
C VAL C 237 -2.25 -23.67 29.18
N SER C 238 -1.82 -23.47 27.94
CA SER C 238 -0.56 -22.79 27.65
C SER C 238 -0.79 -21.35 27.25
N VAL C 239 0.26 -20.55 27.40
CA VAL C 239 0.28 -19.16 27.00
C VAL C 239 1.59 -18.90 26.25
N SER C 240 1.50 -18.18 25.15
CA SER C 240 2.68 -17.91 24.34
C SER C 240 3.36 -16.62 24.80
N ARG C 241 4.24 -16.08 23.95
CA ARG C 241 4.94 -14.85 24.30
C ARG C 241 4.00 -13.66 24.27
N ASN C 242 3.15 -13.57 23.25
CA ASN C 242 2.21 -12.46 23.06
C ASN C 242 0.82 -13.05 22.95
N PRO C 243 0.19 -13.37 24.06
CA PRO C 243 -1.07 -14.11 24.02
C PRO C 243 -2.21 -13.24 23.55
N GLU C 244 -3.31 -13.90 23.20
CA GLU C 244 -4.60 -13.25 23.00
C GLU C 244 -5.50 -13.68 24.14
N MET C 245 -5.93 -12.72 24.95
CA MET C 245 -6.60 -13.06 26.20
C MET C 245 -7.89 -13.85 25.95
N LYS C 246 -8.65 -13.45 24.94
CA LYS C 246 -9.88 -14.17 24.63
C LYS C 246 -9.57 -15.60 24.23
N LYS C 247 -8.48 -15.80 23.47
CA LYS C 247 -8.08 -17.15 23.12
C LYS C 247 -7.73 -17.96 24.35
N VAL C 248 -7.01 -17.35 25.30
CA VAL C 248 -6.62 -18.07 26.51
C VAL C 248 -7.86 -18.48 27.30
N LEU C 249 -8.80 -17.57 27.45
CA LEU C 249 -9.99 -17.87 28.24
C LEU C 249 -10.88 -18.88 27.54
N LYS C 250 -10.95 -18.83 26.21
CA LYS C 250 -11.63 -19.89 25.47
C LYS C 250 -10.94 -21.23 25.71
N ASP C 251 -9.61 -21.22 25.76
CA ASP C 251 -8.86 -22.44 26.01
C ASP C 251 -9.22 -23.01 27.37
N ILE C 252 -9.31 -22.16 28.38
CA ILE C 252 -9.69 -22.63 29.71
C ILE C 252 -11.09 -23.21 29.69
N LEU C 253 -12.02 -22.52 29.02
CA LEU C 253 -13.40 -23.00 29.00
C LEU C 253 -13.51 -24.35 28.31
N TYR C 254 -12.83 -24.52 27.17
CA TYR C 254 -12.93 -25.79 26.46
C TYR C 254 -12.34 -26.93 27.27
N GLY C 255 -11.33 -26.64 28.09
CA GLY C 255 -10.72 -27.67 28.91
C GLY C 255 -11.56 -28.09 30.09
N LEU C 256 -12.62 -27.36 30.41
CA LEU C 256 -13.47 -27.73 31.53
C LEU C 256 -14.60 -28.67 31.08
N ASP C 257 -15.44 -28.21 30.16
CA ASP C 257 -16.46 -29.04 29.55
C ASP C 257 -16.40 -28.87 28.05
N LYS C 258 -16.34 -29.99 27.33
CA LYS C 258 -16.33 -29.99 25.88
C LYS C 258 -17.70 -30.17 25.28
N VAL C 259 -18.74 -30.29 26.10
CA VAL C 259 -20.08 -30.52 25.60
C VAL C 259 -20.80 -29.18 25.45
N LYS C 260 -21.04 -28.50 26.58
CA LYS C 260 -21.71 -27.21 26.50
C LYS C 260 -20.83 -26.16 25.84
N TYR C 261 -19.52 -26.34 25.91
CA TYR C 261 -18.56 -25.38 25.35
C TYR C 261 -17.77 -26.00 24.21
N GLU C 262 -18.45 -26.81 23.39
CA GLU C 262 -17.82 -27.49 22.27
C GLU C 262 -17.23 -26.48 21.28
N ASN C 263 -18.08 -25.70 20.64
CA ASN C 263 -17.63 -24.68 19.70
C ASN C 263 -17.42 -23.34 20.39
N ILE C 264 -16.73 -23.37 21.53
CA ILE C 264 -16.55 -22.17 22.31
C ILE C 264 -15.54 -21.22 21.68
N HIS C 265 -14.75 -21.72 20.73
CA HIS C 265 -13.77 -20.87 20.07
C HIS C 265 -14.37 -20.03 18.95
N ASN C 266 -15.64 -20.24 18.63
CA ASN C 266 -16.28 -19.53 17.52
C ASN C 266 -16.83 -18.19 17.95
N ALA C 267 -17.65 -18.17 19.00
CA ALA C 267 -18.30 -16.93 19.42
C ALA C 267 -17.27 -15.91 19.87
N ALA C 268 -17.49 -14.66 19.47
CA ALA C 268 -16.61 -13.55 19.81
C ALA C 268 -17.43 -12.57 20.64
N ARG C 269 -17.54 -12.84 21.94
CA ARG C 269 -18.42 -12.04 22.79
C ARG C 269 -17.72 -10.75 23.20
N ASP C 270 -16.75 -10.88 24.11
CA ASP C 270 -15.84 -9.83 24.53
C ASP C 270 -14.95 -10.43 25.61
N GLU C 271 -14.01 -9.64 26.11
CA GLU C 271 -13.15 -10.15 27.17
C GLU C 271 -13.89 -10.31 28.49
N LYS C 272 -15.12 -9.81 28.60
CA LYS C 272 -15.78 -9.66 29.89
C LYS C 272 -16.80 -10.75 30.18
N TYR C 273 -17.78 -10.94 29.29
CA TYR C 273 -18.86 -11.86 29.59
C TYR C 273 -18.37 -13.30 29.68
N LEU C 274 -17.36 -13.65 28.91
CA LEU C 274 -16.78 -14.99 29.07
C LEU C 274 -16.04 -15.13 30.40
N ILE C 275 -15.43 -14.06 30.89
CA ILE C 275 -14.89 -14.10 32.24
C ILE C 275 -16.01 -14.31 33.25
N ASP C 276 -17.14 -13.63 33.05
CA ASP C 276 -18.28 -13.86 33.94
C ASP C 276 -18.75 -15.30 33.86
N ASP C 277 -18.75 -15.87 32.65
CA ASP C 277 -19.17 -17.25 32.47
C ASP C 277 -18.26 -18.21 33.21
N ILE C 278 -16.94 -18.03 33.09
CA ILE C 278 -16.02 -18.91 33.77
C ILE C 278 -16.12 -18.73 35.28
N ILE C 279 -16.36 -17.50 35.73
CA ILE C 279 -16.56 -17.29 37.17
C ILE C 279 -17.80 -18.04 37.64
N GLU C 280 -18.88 -17.97 36.86
CA GLU C 280 -20.12 -18.63 37.25
C GLU C 280 -19.96 -20.14 37.27
N PHE C 281 -19.25 -20.70 36.29
CA PHE C 281 -19.10 -22.15 36.23
C PHE C 281 -18.27 -22.71 37.37
N LEU C 282 -17.60 -21.86 38.14
CA LEU C 282 -16.67 -22.31 39.17
C LEU C 282 -17.25 -22.17 40.57
N ASN C 283 -18.55 -22.40 40.74
CA ASN C 283 -19.18 -22.32 42.04
C ASN C 283 -19.31 -23.71 42.66
N ASP C 284 -19.00 -23.79 43.95
CA ASP C 284 -19.19 -25.01 44.74
C ASP C 284 -18.44 -26.20 44.13
N LYS C 285 -17.22 -25.94 43.65
CA LYS C 285 -16.38 -26.98 43.08
C LYS C 285 -14.92 -26.63 43.35
N ARG C 286 -14.05 -27.64 43.23
CA ARG C 286 -12.61 -27.47 43.33
C ARG C 286 -12.01 -27.67 41.95
N TYR C 287 -11.29 -26.66 41.45
CA TYR C 287 -10.90 -26.72 40.05
C TYR C 287 -9.51 -27.28 39.81
N LEU C 288 -8.48 -26.74 40.46
CA LEU C 288 -7.11 -27.16 40.20
C LEU C 288 -6.72 -26.90 38.74
N ILE C 289 -6.71 -25.63 38.39
CA ILE C 289 -6.27 -25.24 37.06
C ILE C 289 -4.76 -25.04 37.07
N VAL C 290 -4.13 -25.31 35.93
CA VAL C 290 -2.71 -25.05 35.76
C VAL C 290 -2.52 -24.24 34.48
N ILE C 291 -1.75 -23.16 34.57
CA ILE C 291 -1.47 -22.29 33.45
C ILE C 291 0.04 -22.13 33.36
N ASP C 292 0.60 -22.42 32.21
CA ASP C 292 2.05 -22.47 32.09
C ASP C 292 2.55 -21.53 30.99
N ASP C 293 3.86 -21.29 31.03
CA ASP C 293 4.55 -20.43 30.06
C ASP C 293 3.95 -19.03 30.02
N ILE C 294 3.53 -18.53 31.16
CA ILE C 294 3.00 -17.17 31.25
C ILE C 294 4.16 -16.23 31.47
N TRP C 295 4.24 -15.18 30.65
CA TRP C 295 5.31 -14.21 30.77
C TRP C 295 4.66 -12.85 30.96
N ASN C 296 5.43 -11.87 31.44
CA ASN C 296 4.95 -10.49 31.50
C ASN C 296 3.68 -10.40 32.34
N GLU C 297 3.85 -10.55 33.65
CA GLU C 297 2.80 -10.76 34.64
C GLU C 297 1.54 -9.92 34.42
N LYS C 298 1.67 -8.75 33.80
CA LYS C 298 0.50 -7.95 33.47
C LYS C 298 -0.55 -8.80 32.77
N ALA C 299 -0.12 -9.74 31.93
CA ALA C 299 -1.06 -10.71 31.37
C ALA C 299 -1.64 -11.60 32.45
N TRP C 300 -0.82 -12.01 33.42
CA TRP C 300 -1.28 -12.97 34.42
C TRP C 300 -2.41 -12.40 35.27
N GLU C 301 -2.31 -11.14 35.66
CA GLU C 301 -3.28 -10.58 36.58
C GLU C 301 -4.68 -10.47 35.99
N LEU C 302 -4.83 -10.64 34.68
CA LEU C 302 -6.16 -10.72 34.09
C LEU C 302 -6.85 -12.04 34.39
N ILE C 303 -6.14 -13.02 34.95
CA ILE C 303 -6.70 -14.32 35.24
C ILE C 303 -6.98 -14.51 36.72
N LYS C 304 -6.12 -13.96 37.58
CA LYS C 304 -6.37 -14.05 39.01
C LYS C 304 -7.70 -13.39 39.37
N CYS C 305 -8.12 -12.40 38.60
CA CYS C 305 -9.45 -11.84 38.80
C CYS C 305 -10.52 -12.84 38.43
N ALA C 306 -10.24 -13.74 37.50
CA ALA C 306 -11.22 -14.77 37.17
C ALA C 306 -11.39 -15.77 38.30
N PHE C 307 -10.43 -15.88 39.22
CA PHE C 307 -10.58 -16.64 40.45
C PHE C 307 -10.49 -15.65 41.60
N SER C 308 -11.61 -15.00 41.90
CA SER C 308 -11.64 -14.01 42.96
C SER C 308 -12.57 -14.40 44.10
N LYS C 309 -13.18 -15.57 44.04
CA LYS C 309 -14.12 -16.01 45.04
C LYS C 309 -13.46 -17.01 45.99
N LYS C 310 -13.97 -17.06 47.21
CA LYS C 310 -13.50 -18.04 48.17
C LYS C 310 -13.86 -19.44 47.68
N SER C 311 -12.87 -20.32 47.63
CA SER C 311 -13.08 -21.69 47.18
C SER C 311 -12.20 -22.62 48.00
N PRO C 312 -12.71 -23.17 49.09
CA PRO C 312 -11.93 -24.13 49.86
C PRO C 312 -11.70 -25.41 49.06
N GLY C 313 -10.51 -25.96 49.21
CA GLY C 313 -10.17 -27.23 48.60
C GLY C 313 -9.66 -27.18 47.17
N SER C 314 -9.47 -25.99 46.59
CA SER C 314 -8.94 -25.87 45.25
C SER C 314 -7.63 -25.13 45.29
N ARG C 315 -6.78 -25.40 44.31
CA ARG C 315 -5.46 -24.78 44.22
C ARG C 315 -5.17 -24.52 42.75
N LEU C 316 -3.95 -24.08 42.48
CA LEU C 316 -3.55 -23.94 41.08
C LEU C 316 -2.04 -23.98 40.98
N ILE C 317 -1.56 -24.28 39.78
CA ILE C 317 -0.14 -24.45 39.48
C ILE C 317 0.22 -23.54 38.33
N THR C 318 1.42 -22.98 38.38
CA THR C 318 1.91 -22.10 37.34
C THR C 318 3.37 -22.45 37.04
N THR C 319 3.79 -22.18 35.81
CA THR C 319 5.20 -22.23 35.46
C THR C 319 5.56 -20.96 34.70
N THR C 320 6.83 -20.61 34.75
CA THR C 320 7.33 -19.47 34.00
C THR C 320 8.85 -19.53 34.00
N ARG C 321 9.45 -18.77 33.09
CA ARG C 321 10.93 -18.72 32.95
C ARG C 321 11.49 -17.52 33.73
N ASN C 322 10.62 -16.69 34.31
CA ASN C 322 11.06 -15.52 35.06
C ASN C 322 10.64 -15.68 36.51
N VAL C 323 11.61 -15.67 37.41
CA VAL C 323 11.25 -15.72 38.82
C VAL C 323 10.59 -14.43 39.25
N SER C 324 10.88 -13.32 38.56
CA SER C 324 10.38 -12.00 38.95
C SER C 324 8.89 -11.84 38.75
N VAL C 325 8.19 -12.85 38.23
CA VAL C 325 6.74 -12.83 38.16
C VAL C 325 6.10 -13.84 39.10
N SER C 326 6.86 -14.77 39.67
CA SER C 326 6.27 -15.76 40.55
C SER C 326 5.98 -15.20 41.94
N GLU C 327 6.81 -14.25 42.42
CA GLU C 327 6.48 -13.64 43.70
C GLU C 327 5.18 -12.86 43.60
N ALA C 328 4.79 -12.45 42.39
CA ALA C 328 3.46 -11.89 42.19
C ALA C 328 2.39 -12.92 42.45
N CYS C 329 2.75 -14.19 42.53
CA CYS C 329 1.83 -15.25 42.90
C CYS C 329 2.18 -15.77 44.31
N CYS C 330 1.17 -16.37 44.94
CA CYS C 330 1.25 -17.20 46.15
C CYS C 330 1.71 -16.46 47.39
N SER C 331 2.14 -15.20 47.25
CA SER C 331 2.41 -14.30 48.36
C SER C 331 3.44 -14.84 49.35
N SER C 332 4.11 -15.95 49.05
CA SER C 332 5.02 -16.56 50.02
C SER C 332 6.05 -17.40 49.27
N GLU C 333 7.30 -17.34 49.73
CA GLU C 333 8.34 -18.15 49.12
C GLU C 333 8.25 -19.61 49.54
N ASP C 334 7.47 -19.91 50.58
CA ASP C 334 7.21 -21.30 50.93
C ASP C 334 6.44 -22.03 49.84
N ASP C 335 5.75 -21.29 48.97
CA ASP C 335 5.00 -21.88 47.88
C ASP C 335 5.77 -21.87 46.56
N ILE C 336 6.86 -21.12 46.47
CA ILE C 336 7.70 -21.16 45.28
C ILE C 336 8.41 -22.51 45.22
N TYR C 337 8.39 -23.14 44.05
CA TYR C 337 9.01 -24.44 43.85
C TYR C 337 10.14 -24.29 42.84
N ARG C 338 11.36 -24.14 43.32
CA ARG C 338 12.51 -24.17 42.44
C ARG C 338 12.68 -25.56 41.86
N MET C 339 13.19 -25.63 40.63
CA MET C 339 13.54 -26.90 40.01
C MET C 339 15.00 -26.84 39.60
N GLU C 340 15.70 -27.95 39.78
CA GLU C 340 17.15 -27.99 39.71
C GLU C 340 17.62 -29.03 38.70
N PRO C 341 18.82 -28.87 38.16
CA PRO C 341 19.35 -29.87 37.22
C PRO C 341 19.54 -31.22 37.90
N LEU C 342 19.45 -32.28 37.09
CA LEU C 342 19.55 -33.63 37.61
C LEU C 342 20.97 -33.94 38.08
N SER C 343 21.09 -34.99 38.89
CA SER C 343 22.37 -35.40 39.43
C SER C 343 23.19 -36.11 38.37
N ASN C 344 24.49 -36.27 38.65
CA ASN C 344 25.40 -36.87 37.68
C ASN C 344 25.02 -38.31 37.37
N ASP C 345 24.65 -39.08 38.39
CA ASP C 345 24.31 -40.48 38.16
C ASP C 345 23.04 -40.62 37.34
N VAL C 346 22.01 -39.84 37.67
CA VAL C 346 20.76 -39.89 36.90
C VAL C 346 21.00 -39.42 35.48
N SER C 347 21.80 -38.37 35.31
CA SER C 347 22.13 -37.89 33.98
C SER C 347 22.87 -38.95 33.18
N ARG C 348 23.79 -39.67 33.82
CA ARG C 348 24.50 -40.74 33.13
C ARG C 348 23.54 -41.85 32.70
N THR C 349 22.61 -42.23 33.59
CA THR C 349 21.64 -43.25 33.22
C THR C 349 20.81 -42.80 32.04
N LEU C 350 20.37 -41.54 32.04
CA LEU C 350 19.58 -41.03 30.92
C LEU C 350 20.39 -41.01 29.63
N PHE C 351 21.66 -40.60 29.72
CA PHE C 351 22.50 -40.55 28.53
C PHE C 351 22.72 -41.92 27.94
N CYS C 352 23.00 -42.92 28.79
CA CYS C 352 23.26 -44.27 28.30
C CYS C 352 21.98 -45.00 27.90
N LYS C 353 20.83 -44.55 28.37
CA LYS C 353 19.57 -45.14 27.94
C LYS C 353 19.36 -44.97 26.45
N ARG C 354 19.76 -43.82 25.92
CA ARG C 354 19.47 -43.50 24.53
C ARG C 354 20.42 -44.20 23.57
N ILE C 355 21.72 -43.90 23.68
CA ILE C 355 22.68 -44.38 22.69
C ILE C 355 22.92 -45.87 22.84
N PHE C 356 23.46 -46.27 23.99
CA PHE C 356 23.90 -47.65 24.17
C PHE C 356 22.68 -48.56 24.22
N SER C 357 22.89 -49.83 23.87
CA SER C 357 21.75 -50.73 23.77
C SER C 357 21.15 -51.02 25.14
N GLN C 358 21.90 -51.73 25.99
CA GLN C 358 21.45 -52.00 27.35
C GLN C 358 22.55 -51.86 28.39
N GLU C 359 23.82 -51.80 28.00
CA GLU C 359 24.93 -51.69 28.94
C GLU C 359 25.76 -50.47 28.62
N GLU C 360 26.30 -49.83 29.67
CA GLU C 360 27.10 -48.63 29.51
C GLU C 360 28.59 -48.91 29.45
N GLY C 361 29.05 -49.98 30.08
CA GLY C 361 30.46 -50.31 30.09
C GLY C 361 30.96 -51.07 28.89
N CYS C 362 30.09 -51.31 27.91
CA CYS C 362 30.51 -52.04 26.71
C CYS C 362 31.72 -51.43 26.03
N PRO C 363 31.80 -50.11 25.81
CA PRO C 363 33.01 -49.57 25.17
C PRO C 363 34.25 -49.70 26.05
N GLN C 364 34.14 -49.26 27.31
CA GLN C 364 35.24 -49.27 28.26
C GLN C 364 36.45 -48.49 27.78
N GLU C 365 36.32 -47.78 26.67
CA GLU C 365 37.41 -47.03 26.07
C GLU C 365 37.03 -45.62 25.66
N LEU C 366 35.74 -45.30 25.55
CA LEU C 366 35.28 -43.94 25.39
C LEU C 366 34.64 -43.38 26.66
N LEU C 367 34.88 -44.03 27.81
CA LEU C 367 34.30 -43.55 29.06
C LEU C 367 34.73 -42.11 29.31
N LYS C 368 36.04 -41.86 29.30
CA LYS C 368 36.56 -40.53 29.58
C LYS C 368 35.83 -39.50 28.72
N VAL C 369 35.59 -39.85 27.45
CA VAL C 369 34.82 -38.97 26.57
C VAL C 369 33.41 -38.78 27.10
N SER C 370 32.76 -39.86 27.54
CA SER C 370 31.37 -39.76 27.96
C SER C 370 31.22 -38.89 29.21
N GLU C 371 31.99 -39.19 30.25
CA GLU C 371 31.99 -38.34 31.45
C GLU C 371 32.53 -36.94 31.19
N GLU C 372 33.25 -36.72 30.09
CA GLU C 372 33.68 -35.35 29.84
C GLU C 372 32.60 -34.55 29.13
N ILE C 373 31.91 -35.18 28.17
CA ILE C 373 30.83 -34.48 27.46
C ILE C 373 29.63 -34.25 28.36
N LEU C 374 29.26 -35.25 29.16
CA LEU C 374 28.05 -35.12 29.96
C LEU C 374 28.17 -34.00 30.98
N LYS C 375 29.40 -33.60 31.32
CA LYS C 375 29.58 -32.46 32.20
C LYS C 375 29.18 -31.15 31.54
N LYS C 376 29.37 -31.02 30.23
CA LYS C 376 29.04 -29.78 29.54
C LYS C 376 27.54 -29.50 29.60
N CYS C 377 26.71 -30.52 29.42
CA CYS C 377 25.27 -30.34 29.56
C CYS C 377 24.89 -29.93 30.97
N GLY C 378 25.58 -30.49 31.97
CA GLY C 378 25.34 -30.18 33.36
C GLY C 378 24.21 -30.98 33.98
N GLY C 379 22.97 -30.56 33.76
CA GLY C 379 21.86 -31.36 34.24
C GLY C 379 20.61 -31.25 33.40
N VAL C 380 20.71 -30.57 32.26
CA VAL C 380 19.53 -30.12 31.53
C VAL C 380 18.93 -31.26 30.73
N PRO C 381 17.72 -31.72 31.04
CA PRO C 381 17.17 -32.85 30.29
C PRO C 381 16.66 -32.43 28.93
N LEU C 382 17.38 -31.53 28.28
CA LEU C 382 17.22 -31.24 26.87
C LEU C 382 18.53 -31.37 26.12
N ALA C 383 19.62 -30.89 26.72
CA ALA C 383 20.93 -31.02 26.11
C ALA C 383 21.33 -32.48 25.95
N ILE C 384 21.12 -33.28 27.00
CA ILE C 384 21.42 -34.70 26.92
C ILE C 384 20.55 -35.44 25.92
N ILE C 385 19.26 -35.13 25.86
CA ILE C 385 18.39 -35.72 24.85
C ILE C 385 18.89 -35.38 23.45
N THR C 386 19.19 -34.11 23.22
CA THR C 386 19.63 -33.66 21.91
C THR C 386 20.93 -34.35 21.49
N ILE C 387 21.93 -34.32 22.36
CA ILE C 387 23.22 -34.88 21.98
C ILE C 387 23.13 -36.39 21.82
N ALA C 388 22.35 -37.05 22.67
CA ALA C 388 22.19 -38.49 22.55
C ALA C 388 21.53 -38.86 21.22
N SER C 389 20.53 -38.09 20.80
CA SER C 389 19.89 -38.38 19.52
C SER C 389 20.79 -38.01 18.35
N LEU C 390 21.63 -36.99 18.51
CA LEU C 390 22.51 -36.58 17.42
C LEU C 390 23.65 -37.57 17.22
N LEU C 391 24.20 -38.11 18.30
CA LEU C 391 25.43 -38.88 18.22
C LEU C 391 25.23 -40.33 17.79
N ALA C 392 23.98 -40.78 17.66
CA ALA C 392 23.71 -42.17 17.29
C ALA C 392 22.69 -42.19 16.16
N ASN C 393 23.18 -42.12 14.92
CA ASN C 393 22.29 -42.35 13.77
C ASN C 393 21.84 -43.80 13.73
N LYS C 394 22.78 -44.73 13.71
CA LYS C 394 22.47 -46.15 13.92
C LYS C 394 23.69 -46.80 14.57
N GLY C 395 23.68 -46.87 15.88
CA GLY C 395 24.71 -47.59 16.62
C GLY C 395 26.11 -47.06 16.46
N HIS C 396 26.36 -45.85 16.96
CA HIS C 396 27.72 -45.31 17.10
C HIS C 396 28.42 -45.23 15.75
N ILE C 397 27.92 -44.31 14.92
CA ILE C 397 28.45 -44.14 13.56
C ILE C 397 29.97 -44.08 13.56
N LYS C 398 30.57 -43.45 14.57
CA LYS C 398 32.00 -43.53 14.78
C LYS C 398 32.33 -42.98 16.16
N ALA C 399 33.48 -43.36 16.69
CA ALA C 399 33.82 -43.14 18.09
C ALA C 399 35.19 -42.50 18.23
N LYS C 400 35.33 -41.66 19.26
CA LYS C 400 36.59 -41.10 19.71
C LYS C 400 37.20 -40.14 18.68
N ASP C 401 36.56 -40.03 17.51
CA ASP C 401 36.94 -39.02 16.53
C ASP C 401 35.84 -37.98 16.34
N GLU C 402 34.63 -38.41 16.01
CA GLU C 402 33.51 -37.49 15.95
C GLU C 402 33.16 -36.98 17.33
N TRP C 403 33.39 -37.78 18.37
CA TRP C 403 33.11 -37.33 19.72
C TRP C 403 34.05 -36.20 20.11
N TYR C 404 35.34 -36.34 19.77
CA TYR C 404 36.28 -35.27 20.04
C TYR C 404 35.97 -34.04 19.19
N ALA C 405 35.57 -34.24 17.94
CA ALA C 405 35.18 -33.11 17.11
C ALA C 405 33.99 -32.38 17.72
N LEU C 406 33.01 -33.13 18.22
CA LEU C 406 31.86 -32.55 18.88
C LEU C 406 32.27 -31.75 20.10
N LEU C 407 33.17 -32.31 20.91
CA LEU C 407 33.63 -31.61 22.11
C LEU C 407 34.34 -30.32 21.73
N SER C 408 35.20 -30.35 20.72
CA SER C 408 35.88 -29.14 20.29
C SER C 408 34.89 -28.11 19.76
N SER C 409 33.86 -28.57 19.05
CA SER C 409 32.90 -27.65 18.45
C SER C 409 32.07 -26.90 19.49
N ILE C 410 32.02 -27.39 20.73
CA ILE C 410 31.38 -26.64 21.80
C ILE C 410 32.13 -25.33 22.00
N GLY C 411 31.45 -24.21 21.77
CA GLY C 411 32.06 -22.92 21.97
C GLY C 411 32.13 -22.09 20.71
N HIS C 412 32.36 -22.74 19.57
CA HIS C 412 32.56 -21.96 18.36
C HIS C 412 31.67 -22.37 17.19
N GLY C 413 31.42 -23.67 17.00
CA GLY C 413 30.72 -24.07 15.79
C GLY C 413 29.75 -25.23 15.85
N LEU C 414 29.41 -25.75 17.03
CA LEU C 414 28.53 -26.92 17.07
C LEU C 414 27.09 -26.56 16.70
N THR C 415 26.66 -25.33 17.00
CA THR C 415 25.24 -25.00 16.88
C THR C 415 24.75 -25.14 15.44
N LYS C 416 25.62 -24.93 14.45
CA LYS C 416 25.24 -25.03 13.05
C LYS C 416 25.32 -26.50 12.62
N ASN C 417 24.21 -27.20 12.72
CA ASN C 417 24.15 -28.61 12.41
C ASN C 417 22.76 -28.95 11.88
N ARG C 418 22.41 -30.24 11.91
CA ARG C 418 21.11 -30.71 11.45
C ARG C 418 20.39 -31.39 12.59
N SER C 419 19.06 -31.23 12.61
CA SER C 419 18.20 -31.79 13.66
C SER C 419 18.56 -31.23 15.03
N LEU C 420 19.36 -30.18 15.04
CA LEU C 420 19.78 -29.51 16.27
C LEU C 420 19.09 -28.17 16.46
N GLU C 421 18.83 -27.44 15.37
CA GLU C 421 18.18 -26.14 15.48
C GLU C 421 16.74 -26.24 15.96
N GLN C 422 16.15 -27.43 15.97
CA GLN C 422 14.80 -27.58 16.48
C GLN C 422 14.72 -27.28 17.97
N MET C 423 15.85 -27.32 18.69
CA MET C 423 15.83 -27.00 20.11
C MET C 423 16.41 -25.62 20.41
N LYS C 424 17.28 -25.08 19.55
CA LYS C 424 17.85 -23.77 19.83
C LYS C 424 16.78 -22.69 19.82
N LYS C 425 15.64 -22.90 19.15
CA LYS C 425 14.55 -21.96 19.26
C LYS C 425 14.03 -21.89 20.69
N ILE C 426 13.96 -23.03 21.36
CA ILE C 426 13.46 -23.07 22.72
C ILE C 426 14.34 -22.25 23.65
N LEU C 427 15.61 -22.09 23.31
CA LEU C 427 16.50 -21.24 24.07
C LEU C 427 16.47 -19.79 23.62
N LEU C 428 16.34 -19.54 22.32
CA LEU C 428 16.24 -18.15 21.86
C LEU C 428 14.92 -17.50 22.21
N PHE C 429 13.93 -18.25 22.67
CA PHE C 429 12.70 -17.61 23.14
C PHE C 429 13.02 -16.58 24.22
N SER C 430 13.86 -16.94 25.18
CA SER C 430 14.19 -16.01 26.25
C SER C 430 14.91 -14.79 25.72
N TYR C 431 15.86 -14.99 24.80
CA TYR C 431 16.58 -13.85 24.24
C TYR C 431 15.65 -12.92 23.48
N TYR C 432 14.66 -13.46 22.80
CA TYR C 432 13.72 -12.62 22.08
C TYR C 432 12.77 -11.89 23.02
N ASP C 433 12.38 -12.52 24.12
CA ASP C 433 11.46 -11.85 25.04
C ASP C 433 12.11 -10.68 25.77
N LEU C 434 13.43 -10.56 25.74
CA LEU C 434 14.08 -9.43 26.40
C LEU C 434 13.59 -8.13 25.77
N PRO C 435 13.45 -7.07 26.56
CA PRO C 435 13.21 -5.77 25.96
C PRO C 435 14.48 -5.29 25.29
N SER C 436 14.45 -4.11 24.68
CA SER C 436 15.70 -3.55 24.20
C SER C 436 16.54 -3.15 25.39
N TYR C 437 17.66 -2.46 25.11
CA TYR C 437 18.61 -1.98 26.11
C TYR C 437 19.10 -3.12 27.00
N LEU C 438 18.73 -4.35 26.66
CA LEU C 438 19.16 -5.54 27.39
C LEU C 438 19.74 -6.60 26.50
N LYS C 439 19.43 -6.61 25.21
CA LYS C 439 20.13 -7.50 24.28
C LYS C 439 21.63 -7.27 24.30
N PRO C 440 22.15 -6.04 24.21
CA PRO C 440 23.61 -5.87 24.32
C PRO C 440 24.16 -6.41 25.62
N CYS C 441 23.43 -6.26 26.72
CA CYS C 441 23.91 -6.77 27.99
C CYS C 441 24.07 -8.28 27.96
N LEU C 442 23.11 -8.99 27.37
CA LEU C 442 23.23 -10.45 27.30
C LEU C 442 24.34 -10.86 26.35
N LEU C 443 24.41 -10.23 25.18
CA LEU C 443 25.47 -10.59 24.24
C LEU C 443 26.86 -10.18 24.70
N TYR C 444 26.96 -9.33 25.72
CA TYR C 444 28.30 -8.97 26.19
C TYR C 444 29.01 -10.11 26.90
N LEU C 445 28.29 -11.18 27.26
CA LEU C 445 28.89 -12.27 28.02
C LEU C 445 29.78 -13.16 27.18
N SER C 446 29.81 -12.98 25.86
CA SER C 446 30.63 -13.84 25.01
C SER C 446 32.10 -13.51 25.07
N ILE C 447 32.48 -12.37 25.63
CA ILE C 447 33.89 -11.98 25.67
C ILE C 447 34.68 -12.95 26.54
N PHE C 448 34.16 -13.24 27.72
CA PHE C 448 34.93 -13.98 28.72
C PHE C 448 35.04 -15.46 28.34
N PRO C 449 36.09 -16.15 28.80
CA PRO C 449 36.31 -17.54 28.39
C PRO C 449 35.20 -18.48 28.83
N GLU C 450 35.28 -19.74 28.43
CA GLU C 450 34.17 -20.66 28.63
C GLU C 450 33.87 -20.86 30.10
N ASP C 451 34.81 -21.42 30.85
CA ASP C 451 34.57 -21.79 32.24
C ASP C 451 35.41 -20.88 33.14
N ARG C 452 34.83 -19.74 33.49
CA ARG C 452 35.45 -18.81 34.42
C ARG C 452 34.34 -18.09 35.17
N GLU C 453 34.71 -17.47 36.28
CA GLU C 453 33.75 -16.72 37.08
C GLU C 453 33.88 -15.24 36.80
N ILE C 454 32.75 -14.56 36.68
CA ILE C 454 32.71 -13.17 36.26
C ILE C 454 32.13 -12.35 37.41
N ARG C 455 32.95 -11.51 38.01
CA ARG C 455 32.48 -10.64 39.08
C ARG C 455 31.50 -9.63 38.53
N ARG C 456 30.35 -9.49 39.18
CA ARG C 456 29.30 -8.64 38.63
C ARG C 456 29.73 -7.18 38.59
N ALA C 457 30.60 -6.76 39.52
CA ALA C 457 31.07 -5.38 39.49
C ALA C 457 31.79 -5.08 38.18
N ARG C 458 32.61 -6.03 37.72
CA ARG C 458 33.29 -5.86 36.43
C ARG C 458 32.28 -5.70 35.31
N LEU C 459 31.23 -6.53 35.31
CA LEU C 459 30.20 -6.42 34.28
C LEU C 459 29.53 -5.05 34.31
N ILE C 460 29.16 -4.58 35.50
CA ILE C 460 28.43 -3.32 35.60
C ILE C 460 29.30 -2.17 35.10
N TRP C 461 30.55 -2.14 35.54
CA TRP C 461 31.43 -1.06 35.11
C TRP C 461 31.71 -1.14 33.62
N ARG C 462 31.84 -2.35 33.08
CA ARG C 462 32.04 -2.48 31.64
C ARG C 462 30.84 -1.96 30.88
N TRP C 463 29.63 -2.28 31.35
CA TRP C 463 28.43 -1.81 30.67
C TRP C 463 28.35 -0.29 30.69
N ILE C 464 28.56 0.30 31.86
CA ILE C 464 28.43 1.75 31.97
C ILE C 464 29.49 2.44 31.11
N SER C 465 30.71 1.93 31.14
CA SER C 465 31.77 2.51 30.33
C SER C 465 31.46 2.36 28.84
N GLU C 466 30.88 1.23 28.44
CA GLU C 466 30.52 1.04 27.05
C GLU C 466 29.48 2.05 26.59
N GLY C 467 28.48 2.30 27.42
CA GLY C 467 27.42 3.22 27.06
C GLY C 467 26.08 2.55 26.84
N PHE C 468 25.88 1.40 27.46
CA PHE C 468 24.61 0.70 27.36
C PHE C 468 23.63 1.10 28.45
N VAL C 469 24.04 1.97 29.37
CA VAL C 469 23.21 2.41 30.48
C VAL C 469 23.09 3.93 30.40
N TYR C 470 21.85 4.43 30.36
CA TYR C 470 21.58 5.85 30.30
C TYR C 470 20.09 6.07 30.49
N SER C 471 19.74 7.26 30.97
CA SER C 471 18.35 7.64 31.14
C SER C 471 18.27 9.15 31.31
N GLU C 472 17.05 9.65 31.49
CA GLU C 472 16.81 11.09 31.64
C GLU C 472 15.81 11.33 32.76
N LYS C 473 16.05 10.72 33.91
CA LYS C 473 15.22 10.96 35.09
C LYS C 473 15.90 11.85 36.12
N GLN C 474 17.23 11.84 36.18
CA GLN C 474 18.07 12.62 37.08
C GLN C 474 17.88 12.24 38.55
N ASP C 475 17.01 11.29 38.85
CA ASP C 475 16.84 10.78 40.21
C ASP C 475 17.53 9.43 40.40
N ILE C 476 18.37 9.04 39.46
CA ILE C 476 18.99 7.72 39.46
C ILE C 476 20.51 7.88 39.55
N SER C 477 21.17 6.83 40.03
CA SER C 477 22.58 6.91 40.36
C SER C 477 23.50 6.59 39.19
N LEU C 478 22.97 6.06 38.10
CA LEU C 478 23.71 5.54 36.94
C LEU C 478 24.50 4.30 37.29
N TYR C 479 24.54 3.90 38.55
CA TYR C 479 25.15 2.65 38.98
C TYR C 479 24.14 1.66 39.53
N GLU C 480 23.19 2.13 40.35
CA GLU C 480 22.09 1.27 40.71
C GLU C 480 21.28 0.89 39.49
N LEU C 481 21.33 1.70 38.43
CA LEU C 481 20.70 1.31 37.17
C LEU C 481 21.39 0.09 36.58
N GLY C 482 22.72 0.07 36.61
CA GLY C 482 23.43 -1.13 36.18
C GLY C 482 23.11 -2.33 37.06
N ASP C 483 23.00 -2.11 38.37
CA ASP C 483 22.58 -3.18 39.24
C ASP C 483 21.19 -3.68 38.86
N SER C 484 20.31 -2.76 38.48
CA SER C 484 18.98 -3.14 38.05
C SER C 484 19.04 -4.01 36.81
N TYR C 485 19.89 -3.62 35.85
CA TYR C 485 20.05 -4.44 34.65
C TYR C 485 20.53 -5.84 35.00
N PHE C 486 21.52 -5.93 35.89
CA PHE C 486 22.05 -7.23 36.29
C PHE C 486 20.99 -8.08 36.97
N ASN C 487 20.22 -7.48 37.88
CA ASN C 487 19.19 -8.23 38.58
C ASN C 487 18.07 -8.64 37.64
N GLU C 488 17.79 -7.82 36.62
CA GLU C 488 16.80 -8.20 35.63
C GLU C 488 17.30 -9.37 34.80
N LEU C 489 18.59 -9.39 34.47
CA LEU C 489 19.14 -10.55 33.79
C LEU C 489 19.02 -11.79 34.66
N VAL C 490 19.27 -11.64 35.96
CA VAL C 490 19.24 -12.80 36.87
C VAL C 490 17.82 -13.34 37.00
N ASN C 491 16.85 -12.47 37.27
CA ASN C 491 15.51 -12.96 37.56
C ASN C 491 14.79 -13.47 36.32
N ARG C 492 15.35 -13.24 35.14
CA ARG C 492 14.85 -13.83 33.92
C ARG C 492 15.32 -15.25 33.72
N SER C 493 16.11 -15.79 34.65
CA SER C 493 16.67 -17.13 34.59
C SER C 493 17.56 -17.28 33.36
N MET C 494 18.59 -16.44 33.31
CA MET C 494 19.58 -16.52 32.25
C MET C 494 21.01 -16.49 32.76
N ILE C 495 21.22 -16.22 34.05
CA ILE C 495 22.55 -16.20 34.65
C ILE C 495 22.46 -16.83 36.03
N GLN C 496 23.47 -17.62 36.38
CA GLN C 496 23.54 -18.20 37.71
C GLN C 496 24.38 -17.31 38.62
N PRO C 497 23.84 -16.81 39.72
CA PRO C 497 24.63 -16.01 40.66
C PRO C 497 25.26 -16.86 41.74
N ILE C 498 26.46 -16.45 42.16
CA ILE C 498 27.20 -17.16 43.20
C ILE C 498 27.84 -16.15 44.15
N GLY C 499 27.82 -16.48 45.44
CA GLY C 499 28.57 -15.74 46.44
C GLY C 499 28.02 -14.38 46.80
N ILE C 500 28.59 -13.78 47.83
CA ILE C 500 28.22 -12.43 48.27
C ILE C 500 29.50 -11.65 48.50
N ASP C 501 29.68 -10.55 47.78
CA ASP C 501 30.92 -9.78 47.86
C ASP C 501 30.89 -8.90 49.11
N ASP C 502 31.88 -8.01 49.23
CA ASP C 502 31.98 -7.08 50.35
C ASP C 502 31.04 -5.89 50.19
N GLU C 503 30.16 -5.93 49.19
CA GLU C 503 29.17 -4.89 48.98
C GLU C 503 27.81 -5.26 49.55
N GLY C 504 27.65 -6.46 50.09
CA GLY C 504 26.36 -6.97 50.46
C GLY C 504 25.56 -7.55 49.32
N LYS C 505 26.11 -7.61 48.12
CA LYS C 505 25.42 -8.08 46.94
C LYS C 505 26.12 -9.32 46.40
N VAL C 506 25.67 -9.80 45.23
CA VAL C 506 26.18 -11.04 44.67
C VAL C 506 27.64 -10.87 44.27
N LYS C 507 28.42 -11.94 44.44
CA LYS C 507 29.85 -11.88 44.14
C LYS C 507 30.13 -11.93 42.65
N ALA C 508 29.81 -13.04 42.00
CA ALA C 508 30.17 -13.24 40.61
C ALA C 508 29.10 -14.06 39.91
N CYS C 509 29.27 -14.25 38.61
CA CYS C 509 28.26 -14.89 37.79
C CYS C 509 28.90 -15.90 36.86
N ARG C 510 28.11 -16.89 36.45
CA ARG C 510 28.56 -17.92 35.52
C ARG C 510 27.47 -18.17 34.50
N VAL C 511 27.88 -18.63 33.31
CA VAL C 511 27.01 -18.79 32.17
C VAL C 511 26.98 -20.26 31.76
N HIS C 512 25.79 -20.75 31.42
CA HIS C 512 25.67 -22.12 30.94
C HIS C 512 26.39 -22.29 29.61
N ASP C 513 26.80 -23.52 29.33
CA ASP C 513 27.66 -23.78 28.18
C ASP C 513 26.91 -23.55 26.87
N MET C 514 25.87 -24.33 26.62
CA MET C 514 25.16 -24.20 25.35
C MET C 514 24.47 -22.85 25.19
N VAL C 515 24.23 -22.12 26.28
CA VAL C 515 23.88 -20.73 26.11
C VAL C 515 25.08 -19.93 25.63
N LEU C 516 26.28 -20.27 26.12
CA LEU C 516 27.46 -19.46 25.81
C LEU C 516 27.81 -19.51 24.33
N ASP C 517 27.91 -20.71 23.76
CA ASP C 517 28.26 -20.79 22.34
C ASP C 517 27.13 -20.26 21.48
N LEU C 518 25.88 -20.43 21.93
CA LEU C 518 24.75 -19.91 21.18
C LEU C 518 24.80 -18.39 21.09
N ILE C 519 25.01 -17.71 22.21
CA ILE C 519 25.14 -16.26 22.17
C ILE C 519 26.43 -15.86 21.46
N CYS C 520 27.44 -16.72 21.50
CA CYS C 520 28.65 -16.45 20.73
C CYS C 520 28.33 -16.39 19.24
N SER C 521 27.55 -17.35 18.75
CA SER C 521 27.13 -17.34 17.36
C SER C 521 26.28 -16.11 17.06
N LEU C 522 25.30 -15.84 17.92
CA LEU C 522 24.39 -14.73 17.71
C LEU C 522 25.08 -13.38 17.77
N SER C 523 26.24 -13.31 18.42
CA SER C 523 27.08 -12.12 18.35
C SER C 523 28.09 -12.21 17.22
N SER C 524 28.30 -13.40 16.67
CA SER C 524 29.29 -13.61 15.64
C SER C 524 28.79 -13.30 14.25
N GLU C 525 27.50 -13.49 13.96
CA GLU C 525 27.06 -13.18 12.60
C GLU C 525 27.18 -11.70 12.33
N GLU C 526 27.12 -10.86 13.36
CA GLU C 526 27.48 -9.47 13.27
C GLU C 526 28.88 -9.30 13.80
N ASN C 527 29.34 -8.05 13.90
CA ASN C 527 30.67 -7.75 14.37
C ASN C 527 30.64 -7.26 15.82
N PHE C 528 29.72 -7.82 16.61
CA PHE C 528 29.58 -7.36 17.99
C PHE C 528 30.77 -7.79 18.83
N VAL C 529 31.29 -9.00 18.62
CA VAL C 529 32.48 -9.49 19.31
C VAL C 529 33.36 -10.22 18.29
N THR C 530 34.54 -10.64 18.74
CA THR C 530 35.46 -11.41 17.91
C THR C 530 36.35 -12.22 18.85
N ILE C 531 36.42 -13.53 18.63
CA ILE C 531 37.14 -14.43 19.50
C ILE C 531 38.23 -15.12 18.69
N LEU C 532 39.41 -15.26 19.30
CA LEU C 532 40.53 -15.98 18.71
C LEU C 532 40.82 -17.20 19.58
N ASP C 533 40.29 -18.35 19.16
CA ASP C 533 40.37 -19.59 19.93
C ASP C 533 41.00 -20.70 19.09
N ASP C 534 41.75 -21.57 19.76
CA ASP C 534 42.41 -22.68 19.07
C ASP C 534 41.41 -23.63 18.44
N PRO C 535 40.38 -24.14 19.14
CA PRO C 535 39.39 -24.97 18.45
C PRO C 535 38.70 -24.24 17.31
N ARG C 536 38.49 -22.93 17.45
CA ARG C 536 37.87 -22.15 16.39
C ARG C 536 38.87 -21.82 15.30
N ARG C 537 39.92 -21.06 15.65
CA ARG C 537 40.95 -20.63 14.71
C ARG C 537 40.34 -20.04 13.45
N LYS C 538 39.43 -19.09 13.64
CA LYS C 538 38.75 -18.42 12.56
C LYS C 538 38.80 -16.91 12.76
N MET C 539 38.83 -16.19 11.64
CA MET C 539 38.78 -14.73 11.64
C MET C 539 37.77 -14.33 10.57
N PRO C 540 36.98 -13.29 10.81
CA PRO C 540 36.06 -12.82 9.78
C PRO C 540 36.81 -12.32 8.56
N ASN C 541 36.17 -12.45 7.41
CA ASN C 541 36.81 -12.13 6.13
C ASN C 541 37.04 -10.64 5.93
N SER C 542 36.83 -9.80 6.95
CA SER C 542 37.08 -8.37 6.84
C SER C 542 37.77 -7.91 8.11
N GLU C 543 39.07 -7.64 8.03
CA GLU C 543 39.81 -7.13 9.17
C GLU C 543 39.37 -5.73 9.57
N SER C 544 38.79 -4.98 8.63
CA SER C 544 38.47 -3.58 8.89
C SER C 544 37.38 -3.44 9.96
N LYS C 545 36.20 -3.99 9.68
CA LYS C 545 35.04 -3.80 10.56
C LYS C 545 35.06 -4.80 11.71
N VAL C 546 35.99 -4.56 12.63
CA VAL C 546 36.08 -5.30 13.89
C VAL C 546 36.00 -4.28 15.02
N ARG C 547 35.10 -4.52 15.99
CA ARG C 547 34.88 -3.59 17.08
C ARG C 547 35.32 -4.14 18.43
N ARG C 548 34.84 -5.32 18.81
CA ARG C 548 35.19 -5.93 20.08
C ARG C 548 36.02 -7.18 19.85
N LEU C 549 37.13 -7.31 20.57
CA LEU C 549 38.01 -8.45 20.45
C LEU C 549 38.23 -9.07 21.82
N SER C 550 38.06 -10.39 21.89
CA SER C 550 38.20 -11.14 23.14
C SER C 550 39.27 -12.21 22.95
N ILE C 551 40.52 -11.83 23.15
CA ILE C 551 41.63 -12.76 22.95
C ILE C 551 41.62 -13.82 24.05
N GLN C 552 41.99 -15.04 23.68
CA GLN C 552 41.96 -16.17 24.61
C GLN C 552 43.23 -16.98 24.39
N ASN C 553 43.23 -18.22 24.87
CA ASN C 553 44.41 -19.08 24.91
C ASN C 553 45.29 -19.04 23.67
N SER C 554 44.68 -18.79 22.51
CA SER C 554 45.44 -18.70 21.26
C SER C 554 46.46 -17.58 21.35
N LYS C 555 47.70 -17.87 20.97
CA LYS C 555 48.79 -16.90 21.04
C LYS C 555 49.62 -16.94 19.77
N ILE C 556 48.95 -17.09 18.62
CA ILE C 556 49.67 -17.25 17.36
C ILE C 556 49.36 -16.09 16.43
N ASP C 557 48.10 -15.97 16.02
CA ASP C 557 47.69 -14.92 15.10
C ASP C 557 47.26 -13.72 15.93
N VAL C 558 48.15 -12.74 16.06
CA VAL C 558 47.88 -11.54 16.84
C VAL C 558 48.01 -10.34 15.91
N ASP C 559 47.66 -10.55 14.64
CA ASP C 559 47.77 -9.49 13.65
C ASP C 559 46.85 -8.32 14.00
N THR C 560 47.36 -7.11 13.83
CA THR C 560 46.60 -5.90 14.16
C THR C 560 46.77 -4.82 13.09
N THR C 561 46.99 -5.20 11.84
CA THR C 561 47.29 -4.22 10.81
C THR C 561 46.08 -3.34 10.53
N ARG C 562 44.89 -3.93 10.43
CA ARG C 562 43.75 -3.21 9.86
C ARG C 562 42.57 -3.11 10.80
N MET C 563 42.79 -2.70 12.05
CA MET C 563 41.71 -2.42 12.99
C MET C 563 41.89 -0.99 13.50
N GLU C 564 41.44 -0.01 12.70
CA GLU C 564 41.53 1.37 13.12
C GLU C 564 40.50 1.69 14.19
N HIS C 565 39.27 1.27 13.97
CA HIS C 565 38.15 1.57 14.88
C HIS C 565 37.94 0.39 15.82
N MET C 566 38.89 0.25 16.73
CA MET C 566 38.89 -0.84 17.70
C MET C 566 38.19 -0.36 18.97
N ARG C 567 36.96 -0.79 19.18
CA ARG C 567 36.19 -0.29 20.32
C ARG C 567 36.77 -0.78 21.63
N SER C 568 37.04 -2.08 21.74
CA SER C 568 37.48 -2.66 23.01
C SER C 568 38.37 -3.86 22.72
N VAL C 569 39.24 -4.16 23.68
CA VAL C 569 40.17 -5.27 23.55
C VAL C 569 40.49 -5.80 24.94
N THR C 570 40.58 -7.12 25.06
CA THR C 570 40.85 -7.76 26.34
C THR C 570 41.74 -8.98 26.11
N VAL C 571 42.50 -9.34 27.15
CA VAL C 571 43.42 -10.48 27.11
C VAL C 571 43.19 -11.30 28.35
N PHE C 572 43.11 -12.62 28.20
CA PHE C 572 42.78 -13.52 29.29
C PHE C 572 43.94 -14.47 29.56
N SER C 573 44.67 -14.21 30.64
CA SER C 573 45.68 -15.12 31.17
C SER C 573 46.69 -15.56 30.11
N ASP C 574 47.20 -14.57 29.38
CA ASP C 574 48.15 -14.83 28.31
C ASP C 574 49.40 -13.98 28.50
N ASN C 575 50.54 -14.56 28.14
CA ASN C 575 51.81 -13.85 28.12
C ASN C 575 52.12 -13.26 26.76
N VAL C 576 51.24 -13.47 25.77
CA VAL C 576 51.44 -12.95 24.43
C VAL C 576 51.24 -11.45 24.35
N VAL C 577 50.65 -10.84 25.39
CA VAL C 577 50.36 -9.41 25.36
C VAL C 577 51.64 -8.60 25.29
N GLY C 578 51.63 -7.56 24.45
CA GLY C 578 52.74 -6.64 24.39
C GLY C 578 53.84 -7.08 23.45
N LYS C 579 54.38 -8.28 23.70
CA LYS C 579 55.48 -8.76 22.87
C LYS C 579 55.03 -9.03 21.45
N VAL C 580 53.74 -9.24 21.22
CA VAL C 580 53.24 -9.52 19.88
C VAL C 580 52.14 -8.53 19.54
N LEU C 581 51.54 -7.92 20.56
CA LEU C 581 50.38 -7.05 20.39
C LEU C 581 50.74 -5.61 20.72
N ASP C 582 50.16 -4.67 19.96
CA ASP C 582 50.30 -3.25 20.20
C ASP C 582 48.92 -2.62 20.37
N ILE C 583 48.79 -1.75 21.37
CA ILE C 583 47.52 -1.10 21.65
C ILE C 583 47.56 0.34 21.17
N SER C 584 48.75 0.94 21.21
CA SER C 584 48.88 2.36 20.85
C SER C 584 48.46 2.63 19.41
N ARG C 585 48.41 1.60 18.56
CA ARG C 585 47.96 1.80 17.19
C ARG C 585 46.45 2.04 17.12
N PHE C 586 45.69 1.66 18.15
CA PHE C 586 44.26 1.90 18.20
C PHE C 586 44.01 3.38 18.45
N LYS C 587 43.62 4.11 17.41
CA LYS C 587 43.37 5.54 17.56
C LYS C 587 42.26 5.80 18.57
N VAL C 588 41.21 5.00 18.53
CA VAL C 588 40.12 5.08 19.49
C VAL C 588 40.11 3.78 20.29
N LEU C 589 39.62 3.88 21.52
CA LEU C 589 39.46 2.69 22.37
C LEU C 589 38.53 3.07 23.51
N ARG C 590 37.42 2.34 23.63
CA ARG C 590 36.45 2.67 24.67
C ARG C 590 36.88 2.11 26.02
N VAL C 591 37.00 0.79 26.13
CA VAL C 591 37.39 0.17 27.38
C VAL C 591 38.64 -0.67 27.13
N LEU C 592 39.47 -0.78 28.16
CA LEU C 592 40.69 -1.57 28.11
C LEU C 592 40.71 -2.50 29.31
N ASP C 593 40.96 -3.78 29.07
CA ASP C 593 40.93 -4.79 30.12
C ASP C 593 42.17 -5.67 29.97
N LEU C 594 43.03 -5.66 31.00
CA LEU C 594 44.28 -6.41 30.93
C LEU C 594 44.59 -7.11 32.23
N GLU C 595 43.57 -7.45 33.01
CA GLU C 595 43.81 -8.07 34.31
C GLU C 595 44.41 -9.45 34.14
N GLY C 596 45.34 -9.79 35.03
CA GLY C 596 46.02 -11.08 34.97
C GLY C 596 47.25 -11.12 34.10
N CYS C 597 47.60 -10.03 33.43
CA CYS C 597 48.79 -10.00 32.60
C CYS C 597 50.03 -9.80 33.47
N HIS C 598 51.19 -9.82 32.83
CA HIS C 598 52.48 -9.68 33.51
C HIS C 598 53.33 -8.63 32.81
N VAL C 599 52.72 -7.50 32.49
CA VAL C 599 53.39 -6.43 31.76
C VAL C 599 53.27 -5.15 32.55
N SER C 600 54.38 -4.41 32.65
CA SER C 600 54.39 -3.08 33.27
C SER C 600 55.00 -2.12 32.26
N ASP C 601 54.17 -1.67 31.32
CA ASP C 601 54.61 -0.67 30.34
C ASP C 601 53.52 0.33 30.03
N VAL C 602 52.49 0.44 30.88
CA VAL C 602 51.31 1.23 30.53
C VAL C 602 51.65 2.69 30.76
N GLY C 603 52.19 3.34 29.72
CA GLY C 603 52.55 4.74 29.80
C GLY C 603 52.24 5.44 28.50
N TYR C 604 51.68 4.69 27.56
CA TYR C 604 51.27 5.20 26.26
C TYR C 604 49.81 5.59 26.21
N VAL C 605 49.09 5.49 27.34
CA VAL C 605 47.67 5.84 27.39
C VAL C 605 47.45 7.33 27.10
N GLY C 606 48.46 8.16 27.33
CA GLY C 606 48.32 9.57 26.99
C GLY C 606 48.00 9.80 25.53
N ASN C 607 48.46 8.91 24.66
CA ASN C 607 48.05 8.97 23.26
C ASN C 607 46.60 8.56 23.05
N LEU C 608 45.99 7.95 24.07
CA LEU C 608 44.61 7.47 23.99
C LEU C 608 43.70 8.47 24.69
N LEU C 609 42.49 8.66 24.15
CA LEU C 609 41.65 9.74 24.67
C LEU C 609 40.26 9.29 25.08
N HIS C 610 39.74 8.24 24.45
CA HIS C 610 38.36 7.85 24.64
C HIS C 610 38.19 6.76 25.68
N LEU C 611 39.24 6.42 26.42
CA LEU C 611 39.17 5.32 27.36
C LEU C 611 38.19 5.63 28.48
N ARG C 612 37.44 4.62 28.90
CA ARG C 612 36.55 4.74 30.04
C ARG C 612 36.89 3.75 31.14
N TYR C 613 37.07 2.49 30.81
CA TYR C 613 37.39 1.44 31.78
C TYR C 613 38.88 1.15 31.70
N LEU C 614 39.53 1.07 32.86
CA LEU C 614 40.96 0.77 32.94
C LEU C 614 41.18 -0.23 34.06
N GLY C 615 41.21 -1.51 33.71
CA GLY C 615 41.40 -2.57 34.69
C GLY C 615 42.83 -3.10 34.63
N LEU C 616 43.48 -3.11 35.79
CA LEU C 616 44.89 -3.50 35.88
C LEU C 616 45.11 -4.37 37.10
N LYS C 617 44.19 -5.27 37.38
CA LYS C 617 44.27 -6.11 38.58
C LYS C 617 45.30 -7.21 38.35
N GLY C 618 46.32 -7.27 39.21
CA GLY C 618 47.36 -8.27 39.09
C GLY C 618 48.15 -8.13 37.81
N THR C 619 48.92 -7.05 37.69
CA THR C 619 49.57 -6.72 36.43
C THR C 619 51.06 -6.44 36.58
N HIS C 620 51.60 -6.44 37.80
CA HIS C 620 53.02 -6.14 38.05
C HIS C 620 53.36 -4.73 37.62
N VAL C 621 52.41 -3.82 37.73
CA VAL C 621 52.60 -2.43 37.34
C VAL C 621 53.44 -1.73 38.41
N LYS C 622 54.54 -1.12 37.99
CA LYS C 622 55.43 -0.43 38.91
C LYS C 622 55.09 1.06 39.04
N ASP C 623 54.69 1.70 37.95
CA ASP C 623 54.40 3.12 37.98
C ASP C 623 53.51 3.49 36.82
N LEU C 624 52.70 4.54 37.01
CA LEU C 624 51.80 5.10 36.02
C LEU C 624 52.32 6.46 35.54
N PRO C 625 52.07 6.82 34.29
CA PRO C 625 52.65 8.05 33.75
C PRO C 625 52.05 9.30 34.37
N MET C 626 52.85 10.36 34.39
CA MET C 626 52.42 11.67 34.87
C MET C 626 51.42 12.33 33.94
N GLU C 627 51.30 11.84 32.70
CA GLU C 627 50.45 12.45 31.68
C GLU C 627 49.03 11.89 31.65
N ILE C 628 48.57 11.30 32.76
CA ILE C 628 47.23 10.72 32.80
C ILE C 628 46.14 11.77 32.89
N GLY C 629 46.50 13.04 33.10
CA GLY C 629 45.48 14.07 33.21
C GLY C 629 44.69 14.29 31.94
N LYS C 630 45.20 13.81 30.80
CA LYS C 630 44.51 13.98 29.52
C LYS C 630 43.25 13.15 29.40
N LEU C 631 43.01 12.21 30.32
CA LEU C 631 41.83 11.35 30.26
C LEU C 631 40.69 11.99 31.07
N GLN C 632 40.15 13.07 30.49
CA GLN C 632 39.04 13.75 31.14
C GLN C 632 37.83 12.84 31.25
N PHE C 633 37.57 12.05 30.21
CA PHE C 633 36.48 11.08 30.23
C PHE C 633 36.99 9.77 30.80
N LEU C 634 36.40 9.37 31.93
CA LEU C 634 36.75 8.11 32.58
C LEU C 634 35.72 7.86 33.68
N LEU C 635 35.51 6.60 34.00
CA LEU C 635 34.54 6.26 35.02
C LEU C 635 35.12 5.41 36.14
N THR C 636 36.00 4.48 35.81
CA THR C 636 36.52 3.53 36.79
C THR C 636 38.04 3.46 36.67
N LEU C 637 38.68 3.06 37.76
CA LEU C 637 40.13 2.96 37.78
C LEU C 637 40.48 1.95 38.88
N ASP C 638 40.81 0.73 38.45
CA ASP C 638 41.16 -0.35 39.36
C ASP C 638 42.67 -0.56 39.32
N LEU C 639 43.29 -0.59 40.50
CA LEU C 639 44.73 -0.75 40.61
C LEU C 639 45.10 -1.80 41.66
N ARG C 640 44.16 -2.63 42.08
CA ARG C 640 44.43 -3.61 43.12
C ARG C 640 45.46 -4.63 42.63
N GLY C 641 46.34 -5.04 43.54
CA GLY C 641 47.34 -6.03 43.21
C GLY C 641 48.49 -5.53 42.37
N THR C 642 48.77 -4.23 42.40
CA THR C 642 49.87 -3.67 41.63
C THR C 642 51.04 -3.31 42.55
N LYS C 643 52.21 -3.15 41.94
CA LYS C 643 53.42 -2.80 42.68
C LYS C 643 53.57 -1.30 42.92
N ILE C 644 52.78 -0.47 42.23
CA ILE C 644 52.87 0.97 42.42
C ILE C 644 52.49 1.31 43.85
N GLU C 645 53.16 2.31 44.43
CA GLU C 645 52.90 2.70 45.81
C GLU C 645 52.64 4.18 46.01
N VAL C 646 52.65 4.98 44.94
CA VAL C 646 52.36 6.41 45.06
C VAL C 646 51.69 6.88 43.77
N LEU C 647 50.64 7.67 43.91
CA LEU C 647 50.00 8.09 42.69
C LEU C 647 50.52 9.46 42.25
N PRO C 648 50.56 9.70 40.95
CA PRO C 648 51.02 11.00 40.47
C PRO C 648 50.08 12.12 40.88
N TRP C 649 50.64 13.32 40.98
CA TRP C 649 49.83 14.48 41.35
C TRP C 649 48.78 14.80 40.30
N SER C 650 48.98 14.34 39.06
CA SER C 650 48.04 14.67 37.99
C SER C 650 46.80 13.78 38.04
N VAL C 651 46.19 13.68 39.22
CA VAL C 651 44.86 13.09 39.34
C VAL C 651 43.84 14.09 39.83
N VAL C 652 44.26 15.15 40.52
CA VAL C 652 43.36 16.26 40.82
C VAL C 652 42.89 16.91 39.52
N GLN C 653 43.74 16.90 38.49
CA GLN C 653 43.33 17.40 37.20
C GLN C 653 42.11 16.66 36.66
N LEU C 654 42.00 15.37 36.98
CA LEU C 654 40.88 14.58 36.51
C LEU C 654 39.58 15.10 37.12
N ARG C 655 38.49 14.95 36.36
CA ARG C 655 37.21 15.54 36.71
C ARG C 655 36.12 14.53 37.03
N ARG C 656 35.93 13.52 36.18
CA ARG C 656 34.81 12.60 36.31
C ARG C 656 35.32 11.24 36.73
N LEU C 657 34.80 10.72 37.83
CA LEU C 657 35.10 9.35 38.24
C LEU C 657 33.94 8.82 39.04
N MET C 658 33.85 7.50 39.10
CA MET C 658 32.77 6.81 39.80
C MET C 658 33.28 5.84 40.85
N CYS C 659 34.36 5.13 40.56
CA CYS C 659 34.94 4.19 41.51
C CYS C 659 36.45 4.37 41.52
N LEU C 660 37.07 3.94 42.62
CA LEU C 660 38.53 3.98 42.75
C LEU C 660 38.93 2.82 43.66
N TYR C 661 39.28 1.69 43.04
CA TYR C 661 39.74 0.51 43.77
C TYR C 661 41.25 0.63 43.96
N VAL C 662 41.65 1.24 45.08
CA VAL C 662 43.05 1.48 45.37
C VAL C 662 43.39 0.83 46.70
N ASP C 663 44.44 0.02 46.71
CA ASP C 663 44.92 -0.57 47.95
C ASP C 663 45.53 0.50 48.84
N TYR C 664 45.39 0.30 50.15
CA TYR C 664 45.81 1.28 51.14
C TYR C 664 47.33 1.48 51.16
N GLY C 665 48.10 0.61 50.53
CA GLY C 665 49.53 0.82 50.47
C GLY C 665 49.89 2.09 49.73
N MET C 666 49.12 2.45 48.71
CA MET C 666 49.43 3.63 47.92
C MET C 666 49.11 4.91 48.69
N LYS C 667 49.66 6.01 48.19
CA LYS C 667 49.52 7.32 48.79
C LYS C 667 48.57 8.17 47.97
N LEU C 668 47.56 8.74 48.62
CA LEU C 668 46.58 9.59 47.94
C LEU C 668 47.03 11.04 48.01
N PRO C 669 47.20 11.73 46.88
CA PRO C 669 47.68 13.11 46.93
C PRO C 669 46.63 14.06 47.47
N SER C 670 47.10 15.22 47.93
CA SER C 670 46.20 16.22 48.46
C SER C 670 45.29 16.78 47.37
N GLY C 671 44.10 17.20 47.77
CA GLY C 671 43.10 17.65 46.83
C GLY C 671 42.06 16.61 46.45
N ILE C 672 41.74 15.70 47.36
CA ILE C 672 40.73 14.69 47.07
C ILE C 672 39.35 15.30 46.87
N GLY C 673 39.08 16.44 47.51
CA GLY C 673 37.76 17.05 47.42
C GLY C 673 37.39 17.52 46.03
N ASN C 674 38.35 17.60 45.11
CA ASN C 674 38.03 18.03 43.75
C ASN C 674 37.12 17.02 43.07
N LEU C 675 37.36 15.72 43.28
CA LEU C 675 36.59 14.67 42.62
C LEU C 675 35.20 14.61 43.25
N THR C 676 34.36 15.56 42.85
CA THR C 676 33.01 15.64 43.40
C THR C 676 32.15 14.48 42.96
N PHE C 677 32.30 14.05 41.72
CA PHE C 677 31.45 13.00 41.17
C PHE C 677 31.80 11.62 41.69
N LEU C 678 32.90 11.47 42.43
CA LEU C 678 33.29 10.15 42.89
C LEU C 678 32.20 9.55 43.76
N GLU C 679 31.94 8.26 43.57
CA GLU C 679 30.78 7.62 44.16
C GLU C 679 31.11 6.37 44.97
N VAL C 680 32.29 5.80 44.83
CA VAL C 680 32.70 4.69 45.69
C VAL C 680 34.22 4.60 45.77
N LEU C 681 34.73 4.45 46.98
CA LEU C 681 36.16 4.41 47.25
C LEU C 681 36.46 3.24 48.18
N ASP C 682 37.51 2.49 47.87
CA ASP C 682 37.81 1.24 48.54
C ASP C 682 39.21 1.28 49.14
N ASP C 683 39.32 0.79 50.38
CA ASP C 683 40.60 0.56 51.04
C ASP C 683 41.47 1.82 51.05
N LEU C 684 40.96 2.85 51.73
CA LEU C 684 41.69 4.10 51.83
C LEU C 684 42.78 3.98 52.88
N GLY C 685 44.01 4.33 52.50
CA GLY C 685 45.12 4.32 53.42
C GLY C 685 45.30 5.65 54.14
N LEU C 686 44.95 5.68 55.42
CA LEU C 686 44.93 6.91 56.19
C LEU C 686 46.03 6.83 57.24
N SER C 687 47.19 7.38 56.91
CA SER C 687 48.32 7.41 57.82
C SER C 687 49.13 8.67 57.55
N ASP C 688 49.48 9.39 58.61
CA ASP C 688 50.27 10.62 58.50
C ASP C 688 49.61 11.61 57.55
N VAL C 689 48.42 12.05 57.95
CA VAL C 689 47.59 12.92 57.13
C VAL C 689 47.24 14.17 57.93
N ASP C 690 47.30 15.31 57.26
CA ASP C 690 46.95 16.57 57.88
C ASP C 690 45.44 16.73 57.98
N LEU C 691 45.01 17.66 58.84
CA LEU C 691 43.60 17.76 59.19
C LEU C 691 42.75 18.27 58.02
N ASP C 692 43.29 19.21 57.24
CA ASP C 692 42.52 19.76 56.13
C ASP C 692 42.18 18.69 55.11
N PHE C 693 43.14 17.82 54.78
CA PHE C 693 42.88 16.74 53.86
C PHE C 693 41.83 15.78 54.43
N VAL C 694 41.87 15.55 55.73
CA VAL C 694 40.86 14.71 56.37
C VAL C 694 39.47 15.32 56.22
N LYS C 695 39.36 16.62 56.45
CA LYS C 695 38.07 17.28 56.31
C LYS C 695 37.62 17.36 54.86
N GLU C 696 38.56 17.31 53.92
CA GLU C 696 38.19 17.31 52.50
C GLU C 696 37.29 16.13 52.17
N LEU C 697 37.40 15.04 52.94
CA LEU C 697 36.63 13.85 52.65
C LEU C 697 35.14 14.06 52.82
N GLY C 698 34.72 15.00 53.66
CA GLY C 698 33.31 15.29 53.81
C GLY C 698 32.74 16.18 52.74
N ARG C 699 33.58 16.70 51.85
CA ARG C 699 33.10 17.61 50.82
C ARG C 699 32.20 16.90 49.83
N LEU C 700 32.60 15.72 49.37
CA LEU C 700 31.88 15.01 48.32
C LEU C 700 30.73 14.23 48.94
N THR C 701 29.52 14.74 48.75
CA THR C 701 28.31 14.12 49.31
C THR C 701 27.62 13.22 48.30
N LYS C 702 28.38 12.31 47.69
CA LYS C 702 27.84 11.43 46.67
C LYS C 702 28.30 10.00 46.85
N LEU C 703 29.17 9.74 47.82
CA LEU C 703 29.79 8.44 47.98
C LEU C 703 28.83 7.47 48.63
N ARG C 704 28.88 6.20 48.21
CA ARG C 704 28.04 5.16 48.78
C ARG C 704 28.81 4.16 49.62
N VAL C 705 29.88 3.57 49.09
CA VAL C 705 30.58 2.49 49.75
C VAL C 705 32.01 2.93 50.01
N LEU C 706 32.44 2.82 51.27
CA LEU C 706 33.75 3.30 51.69
C LEU C 706 34.39 2.28 52.61
N ARG C 707 35.70 2.08 52.44
CA ARG C 707 36.47 1.14 53.25
C ARG C 707 37.72 1.81 53.76
N LEU C 708 37.93 1.76 55.08
CA LEU C 708 39.05 2.41 55.73
C LEU C 708 39.82 1.44 56.61
N ASP C 709 41.14 1.51 56.50
CA ASP C 709 42.06 0.87 57.42
C ASP C 709 43.18 1.85 57.70
N PHE C 710 43.68 1.85 58.93
CA PHE C 710 44.65 2.87 59.30
C PHE C 710 45.49 2.40 60.47
N HIS C 711 46.61 3.09 60.66
CA HIS C 711 47.47 2.85 61.81
C HIS C 711 48.04 4.10 62.45
N GLY C 712 47.91 5.28 61.83
CA GLY C 712 48.72 6.41 62.27
C GLY C 712 48.08 7.77 62.43
N PHE C 713 46.82 7.85 62.87
CA PHE C 713 46.27 9.17 63.14
C PHE C 713 45.29 9.19 64.32
N ASP C 714 45.38 8.24 65.25
CA ASP C 714 44.35 8.11 66.28
C ASP C 714 44.46 9.28 67.26
N GLN C 715 43.85 10.40 66.86
CA GLN C 715 43.84 11.62 67.64
C GLN C 715 42.45 12.23 67.54
N SER C 716 42.33 13.50 67.96
CA SER C 716 41.06 14.21 67.82
C SER C 716 40.67 14.40 66.36
N MET C 717 41.64 14.38 65.45
CA MET C 717 41.33 14.41 64.04
C MET C 717 40.49 13.20 63.63
N GLY C 718 40.59 12.10 64.39
CA GLY C 718 39.65 11.01 64.20
C GLY C 718 38.21 11.46 64.40
N LYS C 719 37.96 12.25 65.43
CA LYS C 719 36.63 12.82 65.61
C LYS C 719 36.32 13.86 64.53
N ALA C 720 37.32 14.62 64.10
CA ALA C 720 37.11 15.57 63.02
C ALA C 720 36.56 14.88 61.79
N LEU C 721 37.13 13.73 61.44
CA LEU C 721 36.57 12.90 60.38
C LEU C 721 35.26 12.24 60.79
N GLU C 722 35.09 11.97 62.08
CA GLU C 722 33.90 11.27 62.56
C GLU C 722 32.64 12.05 62.28
N GLU C 723 32.65 13.35 62.60
CA GLU C 723 31.52 14.18 62.19
C GLU C 723 31.55 14.50 60.70
N SER C 724 32.72 14.38 60.06
CA SER C 724 32.80 14.65 58.64
C SER C 724 32.07 13.58 57.83
N ILE C 725 32.00 12.36 58.36
CA ILE C 725 31.28 11.29 57.67
C ILE C 725 29.82 11.65 57.48
N SER C 726 29.20 12.24 58.51
CA SER C 726 27.77 12.50 58.46
C SER C 726 27.41 13.54 57.39
N ASN C 727 28.39 14.24 56.84
CA ASN C 727 28.11 15.18 55.76
C ASN C 727 27.50 14.48 54.55
N MET C 728 27.79 13.19 54.38
CA MET C 728 27.22 12.41 53.28
C MET C 728 25.93 11.75 53.71
N TYR C 729 25.05 11.52 52.73
CA TYR C 729 23.77 10.87 52.98
C TYR C 729 23.48 9.75 51.99
N LYS C 730 24.41 9.49 51.06
CA LYS C 730 24.24 8.44 50.06
C LYS C 730 24.91 7.15 50.48
N LEU C 731 25.39 7.07 51.72
CA LEU C 731 26.05 5.85 52.19
C LEU C 731 25.08 4.69 52.19
N ASP C 732 25.63 3.49 52.05
CA ASP C 732 24.88 2.26 52.28
C ASP C 732 25.71 1.18 52.95
N SER C 733 27.04 1.31 53.02
CA SER C 733 27.89 0.34 53.66
C SER C 733 29.18 1.03 54.09
N LEU C 734 29.77 0.53 55.17
CA LEU C 734 30.99 1.12 55.70
C LEU C 734 31.71 0.07 56.54
N ASP C 735 33.00 0.30 56.76
CA ASP C 735 33.79 -0.56 57.62
C ASP C 735 35.11 0.12 57.95
N VAL C 736 35.62 -0.14 59.15
CA VAL C 736 36.82 0.51 59.67
C VAL C 736 37.74 -0.56 60.25
N PHE C 737 39.03 -0.47 59.94
CA PHE C 737 40.02 -1.44 60.37
C PHE C 737 41.11 -0.74 61.17
N VAL C 738 41.43 -1.30 62.33
CA VAL C 738 42.46 -0.74 63.21
C VAL C 738 42.92 -1.85 64.15
N ASN C 739 44.17 -1.77 64.59
CA ASN C 739 44.82 -2.88 65.27
C ASN C 739 44.81 -2.68 66.78
N ARG C 740 44.20 -3.64 67.48
CA ARG C 740 44.34 -3.82 68.94
C ARG C 740 44.35 -2.51 69.71
N GLY C 741 43.24 -1.79 69.60
CA GLY C 741 43.14 -0.53 70.32
C GLY C 741 41.71 -0.20 70.62
N LEU C 742 41.53 0.70 71.59
CA LEU C 742 40.22 1.28 71.81
C LEU C 742 39.90 2.25 70.68
N ILE C 743 38.64 2.29 70.28
CA ILE C 743 38.24 3.01 69.07
C ILE C 743 38.17 4.49 69.43
N ASN C 744 39.24 5.23 69.13
CA ASN C 744 39.24 6.68 69.38
C ASN C 744 38.82 7.46 68.15
N CYS C 745 37.73 7.05 67.51
CA CYS C 745 37.16 7.80 66.41
C CYS C 745 35.71 8.19 66.64
N LEU C 746 34.85 7.23 66.95
CA LEU C 746 33.41 7.45 67.00
C LEU C 746 33.00 7.96 68.36
N SER C 747 32.27 9.07 68.37
CA SER C 747 31.71 9.62 69.60
C SER C 747 30.28 9.12 69.78
N GLU C 748 29.72 9.41 70.95
CA GLU C 748 28.33 9.08 71.22
C GLU C 748 27.38 10.18 70.80
N HIS C 749 27.91 11.34 70.39
CA HIS C 749 27.11 12.46 69.90
C HIS C 749 27.52 12.72 68.46
N TRP C 750 26.91 11.96 67.55
CA TRP C 750 27.20 12.11 66.12
C TRP C 750 26.07 11.45 65.35
N VAL C 751 25.34 12.24 64.57
CA VAL C 751 24.22 11.70 63.80
C VAL C 751 24.77 10.85 62.66
N PRO C 752 24.23 9.65 62.43
CA PRO C 752 24.68 8.83 61.32
C PRO C 752 23.91 9.18 60.05
N PRO C 753 24.46 8.85 58.88
CA PRO C 753 23.69 9.01 57.64
C PRO C 753 22.43 8.17 57.68
N PRO C 754 21.32 8.69 57.15
CA PRO C 754 20.04 7.99 57.29
C PRO C 754 20.02 6.61 56.66
N ARG C 755 20.74 6.41 55.56
CA ARG C 755 20.73 5.15 54.84
C ARG C 755 22.02 4.41 55.13
N LEU C 756 21.92 3.27 55.81
CA LEU C 756 23.05 2.41 56.11
C LEU C 756 22.57 0.98 56.21
N CYS C 757 23.31 0.06 55.58
CA CYS C 757 22.90 -1.33 55.54
C CYS C 757 23.94 -2.30 56.07
N ARG C 758 25.23 -2.04 55.83
CA ARG C 758 26.22 -3.05 56.17
C ARG C 758 27.00 -2.75 57.45
N LEU C 759 27.75 -1.66 57.47
CA LEU C 759 28.57 -1.26 58.63
C LEU C 759 29.31 -2.45 59.25
N ALA C 760 30.31 -2.92 58.50
CA ALA C 760 31.15 -4.01 58.96
C ALA C 760 32.31 -3.48 59.81
N PHE C 761 33.06 -4.40 60.39
CA PHE C 761 34.28 -4.07 61.14
C PHE C 761 35.25 -5.23 61.01
N PRO C 762 36.20 -5.14 60.07
CA PRO C 762 37.09 -6.29 59.84
C PRO C 762 37.99 -6.61 61.01
N SER C 763 38.42 -5.61 61.77
CA SER C 763 39.37 -5.85 62.84
C SER C 763 38.73 -6.62 63.98
N LYS C 764 39.52 -7.48 64.63
CA LYS C 764 39.09 -8.20 65.81
C LYS C 764 39.97 -7.95 67.02
N ARG C 765 41.18 -7.44 66.83
CA ARG C 765 42.03 -7.09 67.96
C ARG C 765 41.58 -5.79 68.63
N SER C 766 41.04 -4.85 67.86
CA SER C 766 40.51 -3.63 68.44
C SER C 766 39.16 -3.89 69.10
N TRP C 767 38.67 -2.90 69.83
CA TRP C 767 37.45 -3.07 70.61
C TRP C 767 36.83 -1.71 70.89
N PHE C 768 35.52 -1.73 71.08
CA PHE C 768 34.83 -0.61 71.70
C PHE C 768 34.70 -0.86 73.19
N LYS C 769 34.57 0.23 73.95
CA LYS C 769 34.29 0.08 75.37
C LYS C 769 32.92 -0.55 75.60
N THR C 770 31.89 0.01 74.98
CA THR C 770 30.53 -0.48 75.09
C THR C 770 29.83 -0.33 73.75
N LEU C 771 28.56 -0.71 73.71
CA LEU C 771 27.75 -0.51 72.51
C LEU C 771 27.50 0.97 72.32
N PRO C 772 27.79 1.52 71.13
CA PRO C 772 27.57 2.96 70.91
C PRO C 772 26.11 3.33 71.06
N SER C 773 25.88 4.53 71.61
CA SER C 773 24.52 4.99 71.83
C SER C 773 23.81 5.30 70.51
N TRP C 774 24.53 5.87 69.54
CA TRP C 774 23.90 6.26 68.28
C TRP C 774 23.39 5.08 67.47
N ILE C 775 23.78 3.86 67.80
CA ILE C 775 23.13 2.69 67.23
C ILE C 775 21.79 2.52 67.93
N ASN C 776 20.71 2.73 67.19
CA ASN C 776 19.37 2.66 67.74
C ASN C 776 18.41 2.29 66.64
N PRO C 777 17.27 1.70 66.97
CA PRO C 777 16.24 1.46 65.94
C PRO C 777 15.71 2.75 65.33
N SER C 778 15.87 3.88 66.01
CA SER C 778 15.47 5.17 65.47
C SER C 778 16.21 5.49 64.18
N SER C 779 17.50 5.76 64.29
CA SER C 779 18.31 6.08 63.12
C SER C 779 18.77 4.80 62.44
N LEU C 780 19.16 4.94 61.18
CA LEU C 780 19.68 3.84 60.38
C LEU C 780 18.91 2.52 60.52
N PRO C 781 17.62 2.51 60.20
CA PRO C 781 16.84 1.27 60.30
C PRO C 781 17.03 0.31 59.12
N LEU C 782 17.99 0.57 58.25
CA LEU C 782 18.17 -0.20 57.02
C LEU C 782 19.29 -1.23 57.13
N LEU C 783 19.78 -1.50 58.34
CA LEU C 783 20.91 -2.40 58.50
C LEU C 783 20.52 -3.84 58.18
N SER C 784 21.39 -4.53 57.44
CA SER C 784 21.26 -5.95 57.17
C SER C 784 22.56 -6.68 57.49
N TYR C 785 23.40 -6.08 58.33
CA TYR C 785 24.75 -6.55 58.57
C TYR C 785 25.27 -5.81 59.80
N LEU C 786 25.88 -6.53 60.73
CA LEU C 786 26.26 -5.90 61.99
C LEU C 786 27.78 -5.88 62.22
N ASP C 787 28.43 -7.05 62.29
CA ASP C 787 29.89 -7.16 62.34
C ASP C 787 30.54 -6.18 63.32
N ILE C 788 30.28 -6.40 64.61
CA ILE C 788 30.87 -5.55 65.64
C ILE C 788 31.82 -6.37 66.50
N THR C 789 32.80 -5.67 67.07
CA THR C 789 33.66 -6.23 68.11
C THR C 789 33.92 -5.16 69.15
N LEU C 790 33.92 -5.55 70.41
CA LEU C 790 34.05 -4.59 71.50
C LEU C 790 34.55 -5.31 72.74
N PHE C 791 35.01 -4.52 73.71
CA PHE C 791 35.63 -5.09 74.90
C PHE C 791 34.61 -5.80 75.78
N GLU C 792 33.62 -5.07 76.27
CA GLU C 792 32.67 -5.60 77.22
C GLU C 792 31.47 -6.19 76.48
N VAL C 793 30.44 -6.56 77.25
CA VAL C 793 29.19 -7.05 76.69
C VAL C 793 28.11 -6.83 77.74
N ARG C 794 26.88 -6.61 77.27
CA ARG C 794 25.76 -6.36 78.15
C ARG C 794 24.56 -7.18 77.71
N SER C 795 23.80 -7.67 78.69
CA SER C 795 22.55 -8.35 78.39
C SER C 795 21.48 -7.40 77.88
N GLU C 796 21.74 -6.09 77.96
CA GLU C 796 20.84 -5.09 77.40
C GLU C 796 21.24 -4.67 75.98
N ASP C 797 22.50 -4.87 75.60
CA ASP C 797 22.91 -4.57 74.23
C ASP C 797 22.17 -5.46 73.25
N ILE C 798 22.01 -6.74 73.58
CA ILE C 798 21.25 -7.64 72.71
C ILE C 798 19.79 -7.21 72.62
N GLN C 799 19.22 -6.76 73.75
CA GLN C 799 17.85 -6.29 73.73
C GLN C 799 17.70 -5.06 72.84
N LEU C 800 18.67 -4.15 72.91
CA LEU C 800 18.65 -2.97 72.03
C LEU C 800 18.76 -3.38 70.57
N LEU C 801 19.66 -4.31 70.26
CA LEU C 801 19.86 -4.73 68.89
C LEU C 801 18.69 -5.53 68.36
N GLY C 802 17.87 -6.10 69.23
CA GLY C 802 16.70 -6.82 68.79
C GLY C 802 15.53 -5.96 68.38
N THR C 803 15.68 -4.64 68.35
CA THR C 803 14.60 -3.77 67.91
C THR C 803 14.77 -3.29 66.48
N LEU C 804 15.98 -3.33 65.94
CA LEU C 804 16.21 -2.91 64.57
C LEU C 804 15.46 -3.81 63.60
N PRO C 805 14.99 -3.26 62.47
CA PRO C 805 14.08 -4.00 61.60
C PRO C 805 14.63 -5.26 60.95
N ALA C 806 15.69 -5.13 60.14
CA ALA C 806 16.11 -6.28 59.33
C ALA C 806 17.22 -7.09 59.97
N LEU C 807 18.41 -6.51 60.09
CA LEU C 807 19.59 -7.16 60.64
C LEU C 807 19.72 -8.61 60.16
N VAL C 808 19.85 -8.76 58.84
CA VAL C 808 19.96 -10.09 58.25
C VAL C 808 21.22 -10.79 58.75
N TYR C 809 22.33 -10.08 58.80
CA TYR C 809 23.61 -10.64 59.20
C TYR C 809 24.01 -10.10 60.57
N LEU C 810 24.38 -11.00 61.48
CA LEU C 810 24.76 -10.64 62.83
C LEU C 810 26.08 -11.31 63.20
N GLU C 811 27.02 -10.53 63.72
CA GLU C 811 28.31 -11.05 64.14
C GLU C 811 28.86 -10.13 65.22
N ILE C 812 29.08 -10.69 66.42
CA ILE C 812 29.51 -9.92 67.58
C ILE C 812 30.68 -10.64 68.25
N TRP C 813 31.70 -9.87 68.62
CA TRP C 813 32.90 -10.39 69.27
C TRP C 813 33.04 -9.78 70.66
N ASN C 814 33.25 -10.65 71.65
CA ASN C 814 33.48 -10.21 73.03
C ASN C 814 34.98 -10.30 73.30
N TYR C 815 35.64 -9.14 73.32
CA TYR C 815 37.10 -9.12 73.40
C TYR C 815 37.60 -9.68 74.73
N SER C 816 36.93 -9.35 75.82
CA SER C 816 37.43 -9.70 77.15
C SER C 816 37.43 -11.21 77.38
N VAL C 817 36.49 -11.93 76.76
CA VAL C 817 36.42 -13.38 76.98
C VAL C 817 37.63 -14.07 76.38
N PHE C 818 37.97 -13.73 75.13
CA PHE C 818 39.07 -14.38 74.43
C PHE C 818 40.40 -13.68 74.62
N GLU C 819 40.46 -12.64 75.45
CA GLU C 819 41.72 -11.96 75.73
C GLU C 819 42.00 -11.76 77.21
N GLU C 820 40.99 -11.82 78.07
CA GLU C 820 41.18 -11.63 79.50
C GLU C 820 40.51 -12.78 80.23
N ALA C 821 40.79 -12.87 81.53
CA ALA C 821 40.24 -13.93 82.37
C ALA C 821 38.80 -13.56 82.72
N HIS C 822 37.88 -13.94 81.85
CA HIS C 822 36.46 -13.68 82.08
C HIS C 822 35.67 -14.93 81.74
N GLU C 823 34.51 -15.05 82.38
CA GLU C 823 33.63 -16.19 82.19
C GLU C 823 32.50 -15.81 81.25
N VAL C 824 32.18 -16.70 80.32
CA VAL C 824 31.08 -16.47 79.40
C VAL C 824 29.78 -16.48 80.20
N GLU C 825 29.18 -15.31 80.36
CA GLU C 825 27.90 -15.19 81.05
C GLU C 825 26.76 -15.53 80.08
N ALA C 826 25.53 -15.48 80.58
CA ALA C 826 24.35 -15.78 79.79
C ALA C 826 23.47 -14.54 79.69
N PRO C 827 23.59 -13.74 78.63
CA PRO C 827 22.72 -12.57 78.50
C PRO C 827 21.27 -12.98 78.32
N VAL C 828 20.38 -12.12 78.79
CA VAL C 828 18.95 -12.43 78.84
C VAL C 828 18.19 -11.44 77.96
N LEU C 829 17.39 -11.98 77.05
CA LEU C 829 16.50 -11.16 76.22
C LEU C 829 15.27 -10.84 77.05
N SER C 830 15.31 -9.71 77.74
CA SER C 830 14.28 -9.39 78.72
C SER C 830 12.98 -8.97 78.07
N SER C 831 13.00 -7.83 77.37
CA SER C 831 11.77 -7.25 76.85
C SER C 831 11.39 -7.87 75.51
N GLY C 832 10.11 -7.70 75.16
CA GLY C 832 9.60 -8.17 73.89
C GLY C 832 9.39 -9.66 73.85
N ALA C 833 9.01 -10.13 72.65
CA ALA C 833 8.74 -11.55 72.41
C ALA C 833 9.64 -12.15 71.36
N ALA C 834 9.79 -11.49 70.21
CA ALA C 834 10.57 -12.03 69.10
C ALA C 834 11.86 -11.26 68.85
N LEU C 835 11.76 -9.95 68.63
CA LEU C 835 12.90 -9.06 68.46
C LEU C 835 13.76 -9.42 67.24
N PHE C 836 13.35 -10.41 66.47
CA PHE C 836 14.14 -10.89 65.34
C PHE C 836 13.21 -11.47 64.29
N PRO C 837 12.61 -10.59 63.47
CA PRO C 837 11.72 -11.10 62.42
C PRO C 837 12.45 -11.87 61.34
N CYS C 838 13.54 -11.32 60.81
CA CYS C 838 14.30 -11.96 59.73
C CYS C 838 15.79 -11.71 60.00
N ALA C 839 16.42 -12.64 60.72
CA ALA C 839 17.85 -12.59 60.99
C ALA C 839 18.38 -14.01 60.77
N THR C 840 18.71 -14.32 59.52
CA THR C 840 19.11 -15.68 59.17
C THR C 840 20.51 -16.01 59.68
N GLU C 841 21.42 -15.04 59.64
CA GLU C 841 22.82 -15.26 59.99
C GLU C 841 23.13 -14.50 61.28
N CYS C 842 23.40 -15.24 62.35
CA CYS C 842 23.73 -14.68 63.65
C CYS C 842 25.00 -15.36 64.16
N ARG C 843 25.95 -14.56 64.62
CA ARG C 843 27.22 -15.08 65.12
C ARG C 843 27.56 -14.39 66.43
N PHE C 844 27.71 -15.18 67.49
CA PHE C 844 28.11 -14.68 68.80
C PHE C 844 29.46 -15.29 69.14
N ILE C 845 30.43 -14.45 69.45
CA ILE C 845 31.79 -14.87 69.76
C ILE C 845 32.05 -14.57 71.23
N GLY C 846 32.40 -15.61 71.99
CA GLY C 846 32.65 -15.43 73.41
C GLY C 846 31.44 -15.07 74.22
N ILE C 847 30.25 -15.22 73.66
CA ILE C 847 29.00 -14.85 74.32
C ILE C 847 28.07 -16.05 74.27
N GLY C 848 27.49 -16.40 75.41
CA GLY C 848 26.65 -17.57 75.51
C GLY C 848 25.25 -17.36 75.00
N ALA C 849 24.90 -18.02 73.89
CA ALA C 849 23.58 -17.93 73.29
C ALA C 849 22.95 -19.31 73.33
N VAL C 850 22.24 -19.61 74.42
CA VAL C 850 21.55 -20.89 74.56
C VAL C 850 20.37 -20.88 73.60
N PRO C 851 19.85 -22.05 73.21
CA PRO C 851 18.65 -22.06 72.36
C PRO C 851 17.44 -21.43 73.03
N SER C 852 17.41 -21.36 74.36
CA SER C 852 16.23 -20.89 75.08
C SER C 852 16.30 -19.40 75.40
N MET C 853 16.53 -18.57 74.38
CA MET C 853 16.23 -17.15 74.52
C MET C 853 14.73 -16.89 74.46
N PHE C 854 13.99 -17.77 73.80
CA PHE C 854 12.56 -17.64 73.62
C PHE C 854 12.06 -18.92 72.96
N PRO C 855 10.75 -19.19 73.04
CA PRO C 855 10.19 -20.29 72.23
C PRO C 855 10.45 -20.11 70.75
N GLN C 856 10.06 -21.11 69.95
CA GLN C 856 10.39 -21.13 68.53
C GLN C 856 9.85 -19.93 67.78
N GLY C 857 8.84 -19.25 68.31
CA GLY C 857 8.28 -18.08 67.66
C GLY C 857 9.00 -16.77 67.97
N ALA C 858 10.32 -16.77 67.89
CA ALA C 858 11.13 -15.57 68.08
C ALA C 858 11.89 -15.18 66.82
N ALA C 859 12.63 -16.11 66.23
CA ALA C 859 13.38 -15.87 65.00
C ALA C 859 12.88 -16.87 63.97
N PRO C 860 11.88 -16.49 63.17
CA PRO C 860 11.39 -17.44 62.15
C PRO C 860 12.47 -17.88 61.18
N ARG C 861 13.36 -16.97 60.80
CA ARG C 861 14.38 -17.22 59.79
C ARG C 861 15.74 -17.16 60.48
N LEU C 862 16.35 -18.33 60.70
CA LEU C 862 17.71 -18.38 61.23
C LEU C 862 18.32 -19.72 60.83
N LYS C 863 19.18 -19.69 59.82
CA LYS C 863 19.84 -20.91 59.34
C LYS C 863 21.11 -21.22 60.12
N ARG C 864 21.77 -20.21 60.69
CA ARG C 864 23.09 -20.38 61.27
C ARG C 864 23.18 -19.63 62.58
N LEU C 865 23.81 -20.27 63.57
CA LEU C 865 23.98 -19.67 64.88
C LEU C 865 25.30 -20.15 65.47
N TRP C 866 26.00 -19.26 66.16
CA TRP C 866 27.29 -19.57 66.75
C TRP C 866 27.40 -18.94 68.13
N PHE C 867 27.88 -19.72 69.10
CA PHE C 867 28.07 -19.22 70.46
C PHE C 867 29.01 -20.15 71.20
N THR C 868 29.44 -19.71 72.37
CA THR C 868 30.34 -20.48 73.22
C THR C 868 29.56 -21.08 74.39
N PHE C 869 30.01 -22.25 74.85
CA PHE C 869 29.30 -22.96 75.91
C PHE C 869 30.26 -23.53 76.94
N PRO C 870 30.16 -23.10 78.20
CA PRO C 870 31.01 -23.67 79.24
C PRO C 870 30.62 -25.12 79.54
N ALA C 871 31.60 -25.90 79.97
CA ALA C 871 31.32 -27.27 80.39
C ALA C 871 30.63 -27.35 81.74
N LYS C 872 30.71 -26.29 82.54
CA LYS C 872 30.07 -26.29 83.85
C LYS C 872 28.56 -26.19 83.75
N TRP C 873 28.03 -25.74 82.61
CA TRP C 873 26.59 -25.64 82.42
C TRP C 873 25.98 -26.95 81.96
N ILE C 874 26.79 -27.99 81.76
CA ILE C 874 26.26 -29.27 81.30
C ILE C 874 25.28 -29.83 82.32
N SER C 875 25.62 -29.75 83.60
CA SER C 875 24.76 -30.24 84.67
C SER C 875 23.67 -29.24 85.05
N SER C 876 23.66 -28.05 84.46
CA SER C 876 22.66 -27.04 84.79
C SER C 876 21.36 -27.33 84.03
N GLU C 877 20.39 -26.43 84.20
CA GLU C 877 19.11 -26.54 83.51
C GLU C 877 18.85 -25.37 82.57
N ASN C 878 19.87 -24.56 82.27
CA ASN C 878 19.74 -23.43 81.36
C ASN C 878 20.06 -23.78 79.92
N ILE C 879 20.28 -25.06 79.61
CA ILE C 879 20.65 -25.50 78.28
C ILE C 879 19.53 -26.40 77.78
N GLY C 880 18.29 -26.10 78.18
CA GLY C 880 17.18 -26.99 77.93
C GLY C 880 16.72 -27.06 76.49
N LEU C 881 17.56 -27.62 75.62
CA LEU C 881 17.23 -27.78 74.21
C LEU C 881 16.53 -29.12 74.00
N GLY C 882 16.31 -29.48 72.74
CA GLY C 882 15.65 -30.73 72.40
C GLY C 882 14.46 -30.58 71.45
N MET C 883 14.00 -29.36 71.19
CA MET C 883 12.87 -29.12 70.31
C MET C 883 13.35 -28.51 68.99
N ARG C 884 12.61 -28.78 67.92
CA ARG C 884 12.97 -28.34 66.59
C ARG C 884 12.35 -26.97 66.32
N HIS C 885 13.20 -25.98 66.10
CA HIS C 885 12.76 -24.61 65.90
C HIS C 885 12.22 -24.42 64.48
N LEU C 886 11.64 -23.25 64.24
CA LEU C 886 10.99 -22.99 62.96
C LEU C 886 11.94 -23.08 61.76
N PRO C 887 13.09 -22.41 61.75
CA PRO C 887 14.00 -22.53 60.59
C PRO C 887 14.77 -23.85 60.66
N SER C 888 15.66 -24.03 59.68
CA SER C 888 16.48 -25.24 59.60
C SER C 888 17.55 -25.23 60.70
N LEU C 889 17.08 -25.28 61.94
CA LEU C 889 17.95 -25.17 63.10
C LEU C 889 18.25 -26.57 63.64
N GLN C 890 18.90 -27.36 62.79
CA GLN C 890 19.30 -28.71 63.16
C GLN C 890 20.77 -29.01 62.88
N ARG C 891 21.47 -28.12 62.17
CA ARG C 891 22.88 -28.30 61.85
C ARG C 891 23.67 -27.28 62.67
N VAL C 892 24.20 -27.73 63.81
CA VAL C 892 24.90 -26.84 64.72
C VAL C 892 25.90 -27.62 65.57
N VAL C 893 27.09 -27.06 65.75
CA VAL C 893 28.07 -27.53 66.72
C VAL C 893 28.55 -26.32 67.51
N VAL C 894 28.72 -26.49 68.81
CA VAL C 894 29.01 -25.38 69.70
C VAL C 894 30.45 -25.50 70.20
N ASP C 895 31.16 -24.38 70.24
CA ASP C 895 32.48 -24.32 70.84
C ASP C 895 32.32 -24.48 72.35
N VAL C 896 32.64 -25.67 72.86
CA VAL C 896 32.49 -25.97 74.27
C VAL C 896 33.79 -25.65 75.00
N ILE C 897 33.67 -25.05 76.18
CA ILE C 897 34.82 -24.65 76.99
C ILE C 897 34.78 -25.43 78.29
N SER C 898 35.90 -26.04 78.64
CA SER C 898 36.02 -26.81 79.89
C SER C 898 35.77 -25.93 81.11
N THR D 34 8.32 44.25 -5.55
CA THR D 34 9.38 43.50 -6.18
C THR D 34 9.96 42.46 -5.23
N LEU D 35 10.95 42.87 -4.44
CA LEU D 35 11.53 41.96 -3.45
C LEU D 35 10.48 41.52 -2.45
N GLU D 36 9.66 42.45 -1.96
CA GLU D 36 8.61 42.09 -1.02
C GLU D 36 7.57 41.19 -1.65
N LYS D 37 7.40 41.29 -2.98
CA LYS D 37 6.41 40.46 -3.66
C LYS D 37 6.72 38.98 -3.52
N LYS D 38 8.00 38.62 -3.68
CA LYS D 38 8.39 37.21 -3.55
C LYS D 38 8.12 36.70 -2.14
N VAL D 39 8.46 37.51 -1.13
CA VAL D 39 8.23 37.09 0.25
C VAL D 39 6.74 36.89 0.49
N ARG D 40 5.92 37.87 0.06
CA ARG D 40 4.49 37.78 0.32
C ARG D 40 3.87 36.61 -0.43
N LYS D 41 4.39 36.27 -1.61
CA LYS D 41 3.89 35.10 -2.33
C LYS D 41 4.37 33.80 -1.70
N GLY D 42 5.49 33.82 -0.99
CA GLY D 42 5.86 32.63 -0.22
C GLY D 42 5.06 32.46 1.06
N ILE D 43 4.52 33.56 1.59
CA ILE D 43 3.81 33.48 2.86
C ILE D 43 2.58 32.57 2.76
N GLU D 44 1.84 32.66 1.66
CA GLU D 44 0.64 31.84 1.56
C GLU D 44 1.00 30.36 1.43
N SER D 45 2.07 30.05 0.72
CA SER D 45 2.56 28.67 0.70
C SER D 45 2.89 28.22 2.11
N LEU D 46 3.54 29.10 2.88
CA LEU D 46 3.89 28.75 4.25
C LEU D 46 2.65 28.49 5.09
N ILE D 47 1.62 29.31 4.96
CA ILE D 47 0.44 29.11 5.80
C ILE D 47 -0.30 27.86 5.40
N THR D 48 -0.30 27.51 4.12
CA THR D 48 -0.83 26.22 3.72
C THR D 48 -0.04 25.08 4.35
N GLU D 49 1.28 25.23 4.39
CA GLU D 49 2.12 24.24 5.07
C GLU D 49 1.70 24.08 6.52
N LEU D 50 1.53 25.20 7.22
CA LEU D 50 0.98 25.16 8.56
C LEU D 50 -0.28 24.32 8.59
N LYS D 51 -1.31 24.74 7.85
CA LYS D 51 -2.59 24.06 7.92
C LYS D 51 -2.43 22.55 7.76
N LEU D 52 -1.57 22.14 6.83
CA LEU D 52 -1.28 20.71 6.69
C LEU D 52 -0.67 20.13 7.96
N MET D 53 0.26 20.87 8.59
CA MET D 53 0.93 20.29 9.76
C MET D 53 0.01 20.20 10.96
N GLN D 54 -0.80 21.23 11.22
CA GLN D 54 -1.79 21.04 12.28
C GLN D 54 -2.76 19.94 11.94
N ALA D 55 -3.07 19.74 10.65
CA ALA D 55 -3.89 18.60 10.29
C ALA D 55 -3.25 17.29 10.75
N VAL D 56 -1.99 17.07 10.39
CA VAL D 56 -1.35 15.80 10.68
C VAL D 56 -1.10 15.65 12.19
N LEU D 57 -0.75 16.74 12.86
CA LEU D 57 -0.50 16.68 14.30
C LEU D 57 -1.78 16.40 15.07
N SER D 58 -2.89 17.00 14.63
CA SER D 58 -4.18 16.64 15.20
C SER D 58 -4.48 15.18 14.96
N LYS D 59 -4.14 14.67 13.77
CA LYS D 59 -4.38 13.27 13.48
C LYS D 59 -3.61 12.35 14.42
N VAL D 60 -2.32 12.65 14.63
CA VAL D 60 -1.47 11.73 15.37
C VAL D 60 -1.80 11.76 16.86
N SER D 61 -2.09 12.93 17.41
CA SER D 61 -2.28 13.05 18.85
C SER D 61 -3.53 12.34 19.34
N LYS D 62 -4.42 11.92 18.43
CA LYS D 62 -5.64 11.25 18.85
C LYS D 62 -5.35 9.92 19.53
N VAL D 63 -4.44 9.13 18.97
CA VAL D 63 -4.18 7.79 19.50
C VAL D 63 -3.36 7.90 20.78
N PRO D 64 -3.54 6.98 21.72
CA PRO D 64 -2.74 7.02 22.94
C PRO D 64 -1.28 6.72 22.65
N ALA D 65 -0.40 7.24 23.50
CA ALA D 65 1.03 7.16 23.23
C ALA D 65 1.59 5.80 23.62
N ASP D 66 0.91 4.73 23.23
CA ASP D 66 1.41 3.37 23.38
C ASP D 66 1.37 2.60 22.08
N GLN D 67 0.32 2.79 21.27
CA GLN D 67 0.24 2.16 19.97
C GLN D 67 1.09 2.87 18.94
N LEU D 68 1.65 4.02 19.26
CA LEU D 68 2.49 4.75 18.32
C LEU D 68 3.89 4.17 18.32
N ASP D 69 4.41 3.92 17.12
CA ASP D 69 5.79 3.49 16.99
C ASP D 69 6.73 4.69 17.13
N GLU D 70 7.99 4.39 17.43
CA GLU D 70 8.95 5.43 17.79
C GLU D 70 9.24 6.35 16.62
N GLY D 71 9.29 5.81 15.40
CA GLY D 71 9.55 6.66 14.25
C GLY D 71 8.51 7.76 14.12
N VAL D 72 7.23 7.41 14.26
CA VAL D 72 6.17 8.40 14.16
C VAL D 72 6.27 9.41 15.28
N LYS D 73 6.55 8.95 16.51
CA LYS D 73 6.67 9.87 17.63
C LYS D 73 7.78 10.89 17.38
N ILE D 74 8.94 10.43 16.95
CA ILE D 74 10.07 11.32 16.73
C ILE D 74 9.77 12.29 15.59
N TRP D 75 9.17 11.78 14.52
CA TRP D 75 8.80 12.63 13.40
C TRP D 75 7.82 13.72 13.83
N ALA D 76 6.83 13.35 14.64
CA ALA D 76 5.89 14.33 15.15
C ALA D 76 6.59 15.36 16.03
N GLY D 77 7.51 14.90 16.86
CA GLY D 77 8.24 15.84 17.70
C GLY D 77 8.98 16.88 16.88
N ASN D 78 9.58 16.45 15.77
CA ASN D 78 10.31 17.40 14.94
C ASN D 78 9.36 18.33 14.17
N VAL D 79 8.26 17.79 13.66
CA VAL D 79 7.38 18.66 12.90
C VAL D 79 6.74 19.71 13.80
N LYS D 80 6.56 19.39 15.09
CA LYS D 80 6.03 20.40 16.00
C LYS D 80 6.98 21.59 16.13
N GLU D 81 8.28 21.32 16.27
CA GLU D 81 9.24 22.40 16.35
C GLU D 81 9.26 23.21 15.06
N LEU D 82 9.18 22.53 13.91
CA LEU D 82 9.09 23.25 12.65
C LEU D 82 7.85 24.14 12.61
N SER D 83 6.74 23.64 13.18
CA SER D 83 5.51 24.41 13.24
C SER D 83 5.72 25.69 14.03
N TYR D 84 6.37 25.59 15.18
CA TYR D 84 6.70 26.80 15.95
C TYR D 84 7.54 27.75 15.13
N GLN D 85 8.53 27.24 14.40
CA GLN D 85 9.43 28.11 13.66
C GLN D 85 8.68 28.91 12.60
N MET D 86 7.83 28.24 11.82
CA MET D 86 7.15 28.99 10.77
C MET D 86 6.05 29.87 11.33
N GLU D 87 5.42 29.49 12.44
CA GLU D 87 4.50 30.41 13.09
C GLU D 87 5.22 31.68 13.51
N ASP D 88 6.44 31.53 14.03
CA ASP D 88 7.25 32.69 14.37
C ASP D 88 7.52 33.56 13.16
N ILE D 89 7.91 32.93 12.04
CA ILE D 89 8.25 33.71 10.84
C ILE D 89 7.03 34.47 10.34
N VAL D 90 5.88 33.81 10.27
CA VAL D 90 4.70 34.46 9.73
C VAL D 90 4.24 35.59 10.66
N ASP D 91 4.34 35.38 11.97
CA ASP D 91 3.97 36.44 12.91
C ASP D 91 4.89 37.63 12.75
N ALA D 92 6.19 37.38 12.59
CA ALA D 92 7.13 38.49 12.41
C ALA D 92 6.81 39.28 11.15
N PHE D 93 6.56 38.58 10.05
CA PHE D 93 6.24 39.29 8.81
C PHE D 93 4.95 40.07 8.97
N MET D 94 3.95 39.50 9.66
CA MET D 94 2.68 40.18 9.82
C MET D 94 2.84 41.44 10.66
N VAL D 95 3.65 41.39 11.72
CA VAL D 95 3.77 42.56 12.58
C VAL D 95 4.62 43.64 11.92
N ARG D 96 5.65 43.27 11.17
CA ARG D 96 6.49 44.27 10.54
C ARG D 96 5.78 44.94 9.38
N VAL D 97 5.41 44.16 8.37
CA VAL D 97 4.78 44.69 7.17
C VAL D 97 3.37 44.17 7.03
N LYS D 125 15.56 46.14 4.65
CA LYS D 125 16.23 45.72 5.87
C LYS D 125 15.64 44.41 6.39
N ASP D 126 14.40 44.49 6.88
CA ASP D 126 13.75 43.31 7.42
C ASP D 126 13.43 42.29 6.33
N LEU D 127 13.27 42.74 5.08
CA LEU D 127 12.89 41.83 4.01
C LEU D 127 13.96 40.76 3.80
N HIS D 128 15.22 41.15 3.81
CA HIS D 128 16.30 40.19 3.59
C HIS D 128 16.37 39.18 4.73
N ARG D 129 16.21 39.64 5.97
CA ARG D 129 16.22 38.73 7.11
C ARG D 129 15.06 37.73 7.02
N ILE D 130 13.87 38.23 6.69
CA ILE D 130 12.72 37.34 6.53
C ILE D 130 12.97 36.35 5.41
N SER D 131 13.56 36.81 4.31
CA SER D 131 13.86 35.94 3.18
C SER D 131 14.78 34.81 3.61
N ALA D 132 15.88 35.14 4.29
CA ALA D 132 16.82 34.12 4.71
C ALA D 132 16.14 33.13 5.65
N ALA D 133 15.36 33.64 6.60
CA ALA D 133 14.70 32.75 7.56
C ALA D 133 13.76 31.78 6.87
N LEU D 134 12.91 32.29 5.98
CA LEU D 134 11.96 31.41 5.31
C LEU D 134 12.68 30.39 4.43
N GLU D 135 13.72 30.84 3.73
CA GLU D 135 14.46 29.91 2.86
C GLU D 135 15.06 28.78 3.66
N GLU D 136 15.74 29.09 4.76
CA GLU D 136 16.37 28.04 5.54
C GLU D 136 15.32 27.12 6.15
N VAL D 137 14.20 27.67 6.60
CA VAL D 137 13.15 26.83 7.18
C VAL D 137 12.62 25.86 6.13
N VAL D 138 12.43 26.33 4.90
CA VAL D 138 12.05 25.45 3.81
C VAL D 138 13.09 24.35 3.66
N LEU D 139 14.36 24.70 3.81
CA LEU D 139 15.41 23.69 3.70
C LEU D 139 15.27 22.60 4.76
N GLN D 140 15.03 22.98 6.03
CA GLN D 140 14.90 21.90 7.02
C GLN D 140 13.65 21.07 6.79
N ALA D 141 12.55 21.70 6.36
CA ALA D 141 11.36 20.91 6.05
C ALA D 141 11.66 19.90 4.95
N LYS D 142 12.31 20.37 3.88
CA LYS D 142 12.63 19.50 2.76
C LYS D 142 13.55 18.37 3.18
N GLN D 143 14.57 18.67 3.99
CA GLN D 143 15.46 17.62 4.47
C GLN D 143 14.71 16.59 5.30
N LEU D 144 13.97 17.06 6.31
CA LEU D 144 13.25 16.16 7.18
C LEU D 144 12.31 15.26 6.41
N ALA D 145 11.82 15.72 5.25
CA ALA D 145 11.03 14.84 4.40
C ALA D 145 11.74 13.52 4.14
N GLU D 146 12.90 13.56 3.48
CA GLU D 146 13.57 12.30 3.20
C GLU D 146 14.25 11.69 4.41
N LEU D 147 14.57 12.47 5.44
CA LEU D 147 14.99 11.84 6.69
C LEU D 147 13.92 10.90 7.21
N ARG D 148 12.66 11.31 7.13
CA ARG D 148 11.58 10.37 7.44
C ARG D 148 11.53 9.26 6.41
N GLN D 149 11.53 9.60 5.13
CA GLN D 149 11.26 8.64 4.08
C GLN D 149 12.34 7.58 3.96
N ARG D 150 13.51 7.80 4.55
CA ARG D 150 14.63 6.88 4.35
C ARG D 150 14.43 5.58 5.11
N TYR D 151 13.72 5.60 6.25
CA TYR D 151 13.63 4.45 7.14
C TYR D 151 12.17 4.14 7.44
N GLU D 152 11.53 3.34 6.58
CA GLU D 152 10.19 2.85 6.84
C GLU D 152 10.15 1.35 6.57
N GLN D 153 9.32 0.65 7.32
CA GLN D 153 9.11 -0.76 7.10
C GLN D 153 7.65 -1.10 7.37
N GLU D 154 7.22 -2.21 6.80
CA GLU D 154 5.82 -2.61 6.85
C GLU D 154 5.54 -3.61 7.97
N MET D 155 6.22 -4.77 7.94
CA MET D 155 6.03 -5.81 8.94
C MET D 155 4.55 -6.25 9.00
N ARG D 156 4.14 -6.89 7.92
CA ARG D 156 2.77 -7.36 7.81
C ARG D 156 2.35 -8.20 9.01
N ASP D 157 3.27 -8.95 9.59
CA ASP D 157 2.99 -9.74 10.78
C ASP D 157 3.40 -8.97 12.04
N THR D 158 2.83 -7.77 12.20
CA THR D 158 3.03 -6.96 13.39
C THR D 158 1.76 -6.84 14.22
N SER D 159 0.77 -7.70 13.98
CA SER D 159 -0.57 -7.53 14.55
C SER D 159 -0.52 -7.88 16.04
N ALA D 160 -0.09 -6.91 16.83
CA ALA D 160 -0.12 -7.05 18.28
C ALA D 160 -1.56 -6.87 18.76
N ASN D 161 -1.95 -7.67 19.75
CA ASN D 161 -3.32 -7.62 20.23
C ASN D 161 -3.62 -6.28 20.88
N THR D 162 -4.87 -5.85 20.76
CA THR D 162 -5.30 -4.59 21.36
C THR D 162 -5.26 -4.68 22.88
N SER D 163 -4.89 -3.58 23.52
CA SER D 163 -4.80 -3.55 24.97
C SER D 163 -6.18 -3.67 25.60
N VAL D 164 -6.22 -4.30 26.77
CA VAL D 164 -7.47 -4.50 27.50
C VAL D 164 -7.81 -3.22 28.25
N ASP D 165 -9.01 -3.15 28.80
CA ASP D 165 -9.43 -1.97 29.54
C ASP D 165 -8.70 -1.89 30.88
N PRO D 166 -7.95 -0.82 31.16
CA PRO D 166 -7.23 -0.75 32.44
C PRO D 166 -8.14 -0.82 33.64
N ARG D 167 -9.40 -0.39 33.51
CA ARG D 167 -10.32 -0.33 34.64
C ARG D 167 -11.36 -1.44 34.59
N MET D 168 -10.96 -2.63 34.14
CA MET D 168 -11.88 -3.77 34.16
C MET D 168 -11.70 -4.63 35.41
N MET D 169 -10.49 -5.06 35.71
CA MET D 169 -10.26 -5.81 36.93
C MET D 169 -10.57 -4.98 38.16
N ALA D 170 -10.56 -3.65 38.04
CA ALA D 170 -11.05 -2.81 39.13
C ALA D 170 -12.51 -3.11 39.42
N LEU D 171 -13.29 -3.44 38.40
CA LEU D 171 -14.66 -3.89 38.63
C LEU D 171 -14.69 -5.19 39.40
N TYR D 172 -13.67 -6.03 39.24
CA TYR D 172 -13.58 -7.28 39.98
C TYR D 172 -12.73 -7.07 41.24
N THR D 173 -13.33 -6.41 42.21
CA THR D 173 -12.72 -6.20 43.51
C THR D 173 -13.65 -6.70 44.61
N ASP D 174 -13.07 -7.00 45.77
CA ASP D 174 -13.83 -7.60 46.85
C ASP D 174 -14.90 -6.65 47.37
N VAL D 175 -16.08 -7.20 47.66
CA VAL D 175 -17.16 -6.39 48.23
C VAL D 175 -16.76 -5.89 49.62
N THR D 176 -16.20 -6.78 50.44
CA THR D 176 -15.85 -6.40 51.81
C THR D 176 -14.50 -5.71 51.83
N GLU D 177 -14.33 -4.73 50.98
CA GLU D 177 -13.09 -3.96 50.91
C GLU D 177 -13.33 -2.46 50.94
N LEU D 178 -14.37 -1.98 50.28
CA LEU D 178 -14.65 -0.55 50.21
C LEU D 178 -15.22 -0.08 51.54
N VAL D 179 -14.80 1.10 51.97
CA VAL D 179 -15.26 1.68 53.21
C VAL D 179 -15.84 3.06 52.92
N GLY D 180 -16.87 3.42 53.69
CA GLY D 180 -17.52 4.69 53.52
C GLY D 180 -18.46 4.77 52.33
N ILE D 181 -18.60 3.69 51.56
CA ILE D 181 -19.51 3.72 50.43
C ILE D 181 -20.96 3.81 50.90
N GLU D 182 -21.20 3.49 52.16
CA GLU D 182 -22.54 3.52 52.73
C GLU D 182 -23.00 4.97 52.86
N GLU D 183 -24.23 5.14 53.31
CA GLU D 183 -24.89 6.43 53.56
C GLU D 183 -24.83 7.32 52.33
N THR D 184 -24.37 6.78 51.22
CA THR D 184 -24.47 7.34 49.88
C THR D 184 -25.14 6.38 48.93
N ARG D 185 -24.83 5.10 49.05
CA ARG D 185 -25.59 4.07 48.34
C ARG D 185 -27.05 4.08 48.75
N ASP D 186 -27.30 4.19 50.05
CA ASP D 186 -28.69 4.24 50.53
C ASP D 186 -29.38 5.50 50.05
N LYS D 187 -28.69 6.63 50.07
CA LYS D 187 -29.29 7.87 49.60
C LYS D 187 -29.62 7.82 48.13
N LEU D 188 -28.71 7.27 47.32
CA LEU D 188 -29.01 7.14 45.90
C LEU D 188 -30.09 6.09 45.66
N ILE D 189 -30.20 5.10 46.53
CA ILE D 189 -31.28 4.13 46.41
C ILE D 189 -32.62 4.82 46.64
N ASN D 190 -32.75 5.54 47.74
CA ASN D 190 -34.05 6.09 48.09
C ASN D 190 -34.37 7.41 47.41
N MET D 191 -33.41 7.98 46.66
CA MET D 191 -33.78 9.11 45.81
C MET D 191 -34.47 8.66 44.53
N LEU D 192 -34.50 7.36 44.27
CA LEU D 192 -35.24 6.82 43.14
C LEU D 192 -36.18 5.68 43.49
N THR D 193 -35.89 4.91 44.54
CA THR D 193 -36.81 3.84 44.90
C THR D 193 -37.96 4.35 45.78
N GLU D 194 -37.94 5.61 46.17
CA GLU D 194 -39.07 6.17 46.90
C GLU D 194 -40.33 6.17 46.04
N GLY D 195 -40.17 6.31 44.72
CA GLY D 195 -41.26 6.12 43.79
C GLY D 195 -41.48 4.69 43.37
N ASP D 196 -40.58 3.79 43.75
CA ASP D 196 -40.79 2.36 43.48
C ASP D 196 -42.03 1.86 44.19
N ASP D 197 -42.28 2.32 45.40
CA ASP D 197 -43.58 2.10 46.00
C ASP D 197 -44.63 2.83 45.19
N TRP D 198 -45.78 2.18 45.00
CA TRP D 198 -46.73 2.56 43.95
C TRP D 198 -46.02 2.51 42.59
N SER D 199 -45.60 1.30 42.24
CA SER D 199 -44.69 1.12 41.11
C SER D 199 -45.46 1.35 39.81
N LYS D 200 -46.02 2.54 39.69
CA LYS D 200 -46.72 2.95 38.48
C LYS D 200 -46.27 4.33 38.01
N HIS D 201 -45.32 4.94 38.70
CA HIS D 201 -44.84 6.25 38.31
C HIS D 201 -44.12 6.16 36.97
N PRO D 202 -44.17 7.22 36.17
CA PRO D 202 -43.53 7.17 34.85
C PRO D 202 -42.03 7.01 34.99
N LEU D 203 -41.44 6.36 33.99
CA LEU D 203 -40.02 6.05 34.04
C LEU D 203 -39.19 7.32 34.00
N LYS D 204 -38.02 7.25 34.62
CA LYS D 204 -37.13 8.40 34.72
C LYS D 204 -35.70 7.91 34.78
N THR D 205 -34.77 8.83 34.53
CA THR D 205 -33.36 8.53 34.56
C THR D 205 -32.70 9.30 35.68
N ILE D 206 -31.63 8.73 36.23
CA ILE D 206 -30.82 9.41 37.23
C ILE D 206 -29.37 9.26 36.79
N SER D 207 -28.78 10.34 36.30
CA SER D 207 -27.41 10.30 35.87
C SER D 207 -26.49 10.49 37.07
N ILE D 208 -25.21 10.16 36.88
CA ILE D 208 -24.18 10.32 37.89
C ILE D 208 -22.98 10.96 37.22
N VAL D 209 -22.66 12.18 37.62
CA VAL D 209 -21.52 12.88 37.05
C VAL D 209 -20.40 12.89 38.08
N GLY D 210 -19.18 12.82 37.57
CA GLY D 210 -18.02 12.83 38.44
C GLY D 210 -16.77 13.08 37.62
N PHE D 211 -15.62 13.00 38.29
CA PHE D 211 -14.38 13.26 37.61
C PHE D 211 -13.33 12.28 38.09
N GLY D 212 -12.31 12.09 37.25
CA GLY D 212 -11.21 11.23 37.64
C GLY D 212 -11.71 9.84 37.95
N GLY D 213 -11.40 9.37 39.15
CA GLY D 213 -11.83 8.06 39.59
C GLY D 213 -12.49 8.08 40.95
N LEU D 214 -13.31 9.11 41.21
CA LEU D 214 -13.92 9.23 42.53
C LEU D 214 -14.88 8.08 42.84
N GLY D 215 -15.24 7.28 41.85
CA GLY D 215 -16.02 6.09 42.10
C GLY D 215 -17.45 6.23 41.70
N LYS D 216 -17.76 5.83 40.48
CA LYS D 216 -19.12 5.92 39.95
C LYS D 216 -19.67 4.55 39.58
N THR D 217 -18.90 3.76 38.83
CA THR D 217 -19.30 2.39 38.56
C THR D 217 -19.42 1.58 39.83
N THR D 218 -18.58 1.87 40.83
CA THR D 218 -18.65 1.15 42.09
C THR D 218 -20.02 1.33 42.74
N LEU D 219 -20.44 2.58 42.91
CA LEU D 219 -21.72 2.85 43.55
C LEU D 219 -22.88 2.40 42.66
N ALA D 220 -22.71 2.52 41.34
CA ALA D 220 -23.74 2.04 40.44
C ALA D 220 -23.95 0.54 40.59
N LYS D 221 -22.85 -0.21 40.69
CA LYS D 221 -22.97 -1.64 40.94
C LYS D 221 -23.58 -1.92 42.29
N ALA D 222 -23.21 -1.13 43.31
CA ALA D 222 -23.75 -1.34 44.64
C ALA D 222 -25.26 -1.20 44.64
N ALA D 223 -25.77 -0.14 44.02
CA ALA D 223 -27.22 0.02 43.90
C ALA D 223 -27.80 -1.02 42.95
N TYR D 224 -26.98 -1.53 42.05
CA TYR D 224 -27.38 -2.52 41.06
C TYR D 224 -27.37 -3.94 41.62
N ASP D 225 -27.04 -4.09 42.90
CA ASP D 225 -26.99 -5.40 43.52
C ASP D 225 -28.00 -5.58 44.65
N LYS D 226 -28.41 -4.50 45.29
CA LYS D 226 -29.31 -4.62 46.44
C LYS D 226 -30.77 -4.76 45.99
N ILE D 227 -31.29 -3.74 45.32
CA ILE D 227 -32.67 -3.72 44.88
C ILE D 227 -32.83 -4.28 43.47
N LYS D 228 -32.84 -5.58 43.34
CA LYS D 228 -32.99 -6.17 42.02
C LYS D 228 -34.08 -7.24 41.96
N VAL D 229 -34.24 -8.04 43.02
CA VAL D 229 -35.19 -9.13 42.99
C VAL D 229 -36.61 -8.64 42.75
N GLN D 230 -36.86 -7.35 42.99
CA GLN D 230 -38.14 -6.73 42.74
C GLN D 230 -38.24 -6.17 41.33
N PHE D 231 -37.49 -6.74 40.38
CA PHE D 231 -37.54 -6.31 38.99
C PHE D 231 -37.57 -7.54 38.08
N ASP D 232 -38.05 -7.33 36.85
CA ASP D 232 -38.14 -8.39 35.87
C ASP D 232 -36.95 -8.47 34.94
N CYS D 233 -36.25 -7.37 34.70
CA CYS D 233 -35.17 -7.33 33.73
C CYS D 233 -34.03 -6.50 34.32
N GLY D 234 -33.08 -6.15 33.49
CA GLY D 234 -31.95 -5.33 33.91
C GLY D 234 -30.74 -5.65 33.06
N ALA D 235 -29.83 -4.68 32.99
CA ALA D 235 -28.61 -4.85 32.21
C ALA D 235 -27.58 -3.82 32.64
N PHE D 236 -26.40 -4.28 33.01
CA PHE D 236 -25.25 -3.42 33.27
C PHE D 236 -24.36 -3.46 32.05
N VAL D 237 -24.29 -2.35 31.32
CA VAL D 237 -23.59 -2.29 30.03
C VAL D 237 -22.65 -1.10 30.04
N SER D 238 -21.44 -1.30 29.55
CA SER D 238 -20.46 -0.24 29.42
C SER D 238 -20.39 0.28 28.00
N VAL D 239 -19.85 1.49 27.86
CA VAL D 239 -19.61 2.12 26.57
C VAL D 239 -18.22 2.74 26.60
N SER D 240 -17.48 2.58 25.51
CA SER D 240 -16.12 3.09 25.44
C SER D 240 -16.11 4.54 24.95
N ARG D 241 -14.96 5.01 24.51
CA ARG D 241 -14.85 6.36 23.97
C ARG D 241 -15.49 6.44 22.58
N ASN D 242 -15.25 5.43 21.75
CA ASN D 242 -15.76 5.37 20.38
C ASN D 242 -16.54 4.07 20.23
N PRO D 243 -17.78 4.04 20.68
CA PRO D 243 -18.52 2.77 20.72
C PRO D 243 -18.92 2.33 19.33
N GLU D 244 -19.27 1.05 19.25
CA GLU D 244 -19.96 0.50 18.11
C GLU D 244 -21.40 0.23 18.54
N MET D 245 -22.35 0.87 17.88
CA MET D 245 -23.73 0.85 18.36
C MET D 245 -24.29 -0.57 18.37
N LYS D 246 -24.02 -1.34 17.32
CA LYS D 246 -24.49 -2.72 17.29
C LYS D 246 -23.85 -3.53 18.40
N LYS D 247 -22.58 -3.25 18.70
CA LYS D 247 -21.92 -3.91 19.83
C LYS D 247 -22.65 -3.60 21.13
N VAL D 248 -22.99 -2.33 21.35
CA VAL D 248 -23.67 -1.94 22.57
C VAL D 248 -25.02 -2.62 22.69
N LEU D 249 -25.78 -2.62 21.60
CA LEU D 249 -27.13 -3.18 21.65
C LEU D 249 -27.10 -4.69 21.81
N LYS D 250 -26.11 -5.36 21.19
CA LYS D 250 -25.92 -6.76 21.48
C LYS D 250 -25.59 -6.97 22.95
N ASP D 251 -24.80 -6.06 23.52
CA ASP D 251 -24.46 -6.15 24.93
C ASP D 251 -25.70 -6.09 25.80
N ILE D 252 -26.62 -5.17 25.48
CA ILE D 252 -27.87 -5.09 26.24
C ILE D 252 -28.67 -6.37 26.08
N LEU D 253 -28.75 -6.88 24.84
CA LEU D 253 -29.57 -8.06 24.61
C LEU D 253 -29.04 -9.26 25.38
N TYR D 254 -27.72 -9.47 25.36
CA TYR D 254 -27.16 -10.61 26.06
C TYR D 254 -27.36 -10.48 27.57
N GLY D 255 -27.40 -9.25 28.08
CA GLY D 255 -27.61 -9.05 29.50
C GLY D 255 -29.02 -9.27 29.96
N LEU D 256 -29.99 -9.36 29.04
CA LEU D 256 -31.37 -9.60 29.44
C LEU D 256 -31.66 -11.09 29.56
N ASP D 257 -31.48 -11.83 28.46
CA ASP D 257 -31.58 -13.28 28.48
C ASP D 257 -30.39 -13.86 27.76
N LYS D 258 -29.72 -14.81 28.41
CA LYS D 258 -28.59 -15.50 27.82
C LYS D 258 -29.00 -16.80 27.14
N VAL D 259 -30.27 -17.15 27.16
CA VAL D 259 -30.72 -18.41 26.58
C VAL D 259 -31.15 -18.17 25.14
N LYS D 260 -32.20 -17.39 24.94
CA LYS D 260 -32.66 -17.11 23.57
C LYS D 260 -31.66 -16.26 22.82
N TYR D 261 -30.86 -15.47 23.53
CA TYR D 261 -29.89 -14.57 22.92
C TYR D 261 -28.47 -14.97 23.29
N GLU D 262 -28.23 -16.28 23.32
CA GLU D 262 -26.91 -16.82 23.66
C GLU D 262 -25.83 -16.33 22.71
N ASN D 263 -25.91 -16.73 21.44
CA ASN D 263 -24.95 -16.28 20.45
C ASN D 263 -25.45 -15.03 19.73
N ILE D 264 -25.91 -14.06 20.50
CA ILE D 264 -26.46 -12.84 19.92
C ILE D 264 -25.37 -11.94 19.35
N HIS D 265 -24.11 -12.19 19.69
CA HIS D 265 -23.01 -11.40 19.17
C HIS D 265 -22.60 -11.81 17.77
N ASN D 266 -23.12 -12.93 17.27
CA ASN D 266 -22.72 -13.46 15.98
C ASN D 266 -23.50 -12.84 14.83
N ALA D 267 -24.83 -12.88 14.92
CA ALA D 267 -25.66 -12.38 13.83
C ALA D 267 -25.45 -10.89 13.64
N ALA D 268 -25.47 -10.45 12.38
CA ALA D 268 -25.28 -9.05 12.03
C ALA D 268 -26.49 -8.61 11.20
N ARG D 269 -27.56 -8.21 11.87
CA ARG D 269 -28.76 -7.80 11.14
C ARG D 269 -28.61 -6.37 10.63
N ASP D 270 -28.70 -5.42 11.54
CA ASP D 270 -28.51 -4.00 11.26
C ASP D 270 -28.76 -3.22 12.55
N GLU D 271 -28.54 -1.91 12.52
CA GLU D 271 -28.76 -1.11 13.72
C GLU D 271 -30.23 -1.01 14.09
N LYS D 272 -31.14 -1.47 13.24
CA LYS D 272 -32.56 -1.17 13.36
C LYS D 272 -33.39 -2.36 13.79
N TYR D 273 -33.20 -3.52 13.14
CA TYR D 273 -34.06 -4.65 13.45
C TYR D 273 -33.83 -5.16 14.87
N LEU D 274 -32.59 -5.15 15.32
CA LEU D 274 -32.32 -5.51 16.71
C LEU D 274 -32.85 -4.47 17.69
N ILE D 275 -32.89 -3.20 17.30
CA ILE D 275 -33.58 -2.20 18.13
C ILE D 275 -35.05 -2.56 18.24
N ASP D 276 -35.67 -2.96 17.13
CA ASP D 276 -37.05 -3.40 17.19
C ASP D 276 -37.20 -4.62 18.09
N ASP D 277 -36.21 -5.51 18.04
CA ASP D 277 -36.25 -6.70 18.89
C ASP D 277 -36.23 -6.32 20.36
N ILE D 278 -35.30 -5.45 20.75
CA ILE D 278 -35.20 -5.06 22.15
C ILE D 278 -36.44 -4.30 22.58
N ILE D 279 -37.00 -3.49 21.68
CA ILE D 279 -38.24 -2.79 22.01
C ILE D 279 -39.35 -3.79 22.26
N GLU D 280 -39.44 -4.82 21.41
CA GLU D 280 -40.48 -5.83 21.58
C GLU D 280 -40.31 -6.60 22.88
N PHE D 281 -39.06 -6.94 23.23
CA PHE D 281 -38.83 -7.72 24.43
C PHE D 281 -39.16 -6.97 25.71
N LEU D 282 -39.37 -5.66 25.63
CA LEU D 282 -39.55 -4.82 26.81
C LEU D 282 -41.01 -4.44 27.02
N ASN D 283 -41.94 -5.33 26.72
CA ASN D 283 -43.36 -5.06 26.91
C ASN D 283 -43.85 -5.65 28.23
N ASP D 284 -44.65 -4.87 28.95
CA ASP D 284 -45.31 -5.32 30.18
C ASP D 284 -44.31 -5.81 31.21
N LYS D 285 -43.19 -5.09 31.34
CA LYS D 285 -42.16 -5.42 32.31
C LYS D 285 -41.48 -4.13 32.76
N ARG D 286 -40.79 -4.20 33.90
CA ARG D 286 -39.98 -3.10 34.42
C ARG D 286 -38.52 -3.48 34.24
N TYR D 287 -37.77 -2.69 33.47
CA TYR D 287 -36.45 -3.18 33.09
C TYR D 287 -35.35 -2.77 34.06
N LEU D 288 -35.21 -1.48 34.36
CA LEU D 288 -34.11 -0.99 35.19
C LEU D 288 -32.76 -1.32 34.55
N ILE D 289 -32.52 -0.68 33.42
CA ILE D 289 -31.22 -0.81 32.77
C ILE D 289 -30.29 0.28 33.31
N VAL D 290 -29.00 0.01 33.24
CA VAL D 290 -27.98 1.01 33.56
C VAL D 290 -26.92 0.98 32.47
N ILE D 291 -26.54 2.16 32.01
CA ILE D 291 -25.53 2.32 30.97
C ILE D 291 -24.53 3.34 31.47
N ASP D 292 -23.25 3.00 31.44
CA ASP D 292 -22.24 3.85 32.03
C ASP D 292 -21.14 4.19 31.03
N ASP D 293 -20.37 5.22 31.37
CA ASP D 293 -19.26 5.70 30.56
C ASP D 293 -19.69 6.07 29.15
N ILE D 294 -20.85 6.71 29.04
CA ILE D 294 -21.32 7.22 27.75
C ILE D 294 -20.78 8.61 27.56
N TRP D 295 -20.14 8.85 26.44
CA TRP D 295 -19.59 10.16 26.14
C TRP D 295 -20.20 10.62 24.82
N ASN D 296 -20.17 11.91 24.55
CA ASN D 296 -20.63 12.44 23.27
C ASN D 296 -22.09 12.03 23.01
N GLU D 297 -22.97 12.69 23.76
CA GLU D 297 -24.38 12.32 23.93
C GLU D 297 -25.07 11.88 22.65
N LYS D 298 -24.62 12.33 21.48
CA LYS D 298 -25.16 11.84 20.22
C LYS D 298 -25.25 10.33 20.19
N ALA D 299 -24.35 9.64 20.89
CA ALA D 299 -24.52 8.21 21.09
C ALA D 299 -25.76 7.92 21.95
N TRP D 300 -25.94 8.69 23.03
CA TRP D 300 -26.99 8.38 23.99
C TRP D 300 -28.37 8.44 23.36
N GLU D 301 -28.62 9.46 22.53
CA GLU D 301 -29.95 9.63 21.97
C GLU D 301 -30.36 8.44 21.12
N LEU D 302 -29.39 7.78 20.48
CA LEU D 302 -29.71 6.60 19.69
C LEU D 302 -30.23 5.48 20.58
N ILE D 303 -29.58 5.24 21.72
CA ILE D 303 -30.10 4.28 22.67
C ILE D 303 -31.40 4.80 23.27
N LYS D 304 -31.53 6.12 23.40
CA LYS D 304 -32.70 6.69 24.05
C LYS D 304 -33.99 6.29 23.34
N CYS D 305 -33.96 6.30 22.00
CA CYS D 305 -35.15 5.92 21.25
C CYS D 305 -35.54 4.48 21.49
N ALA D 306 -34.58 3.62 21.85
CA ALA D 306 -34.93 2.25 22.20
C ALA D 306 -35.80 2.19 23.45
N PHE D 307 -35.79 3.23 24.27
CA PHE D 307 -36.71 3.38 25.40
C PHE D 307 -37.63 4.53 25.05
N SER D 308 -38.71 4.24 24.34
CA SER D 308 -39.64 5.27 23.93
C SER D 308 -41.08 4.94 24.25
N LYS D 309 -41.34 3.80 24.88
CA LYS D 309 -42.70 3.38 25.19
C LYS D 309 -43.02 3.67 26.65
N LYS D 310 -44.30 3.87 26.93
CA LYS D 310 -44.74 4.06 28.30
C LYS D 310 -44.53 2.77 29.09
N SER D 311 -43.88 2.89 30.24
CA SER D 311 -43.62 1.73 31.09
C SER D 311 -43.64 2.18 32.54
N PRO D 312 -44.79 2.08 33.20
CA PRO D 312 -44.84 2.43 34.62
C PRO D 312 -44.00 1.47 35.45
N GLY D 313 -43.37 2.03 36.48
CA GLY D 313 -42.59 1.23 37.40
C GLY D 313 -41.17 0.93 36.98
N SER D 314 -40.68 1.51 35.90
CA SER D 314 -39.31 1.31 35.45
C SER D 314 -38.54 2.62 35.53
N ARG D 315 -37.25 2.53 35.25
CA ARG D 315 -36.34 3.67 35.33
C ARG D 315 -34.98 3.19 34.86
N LEU D 316 -34.01 4.11 34.83
CA LEU D 316 -32.67 3.69 34.42
C LEU D 316 -31.64 4.61 35.04
N ILE D 317 -30.40 4.13 35.05
CA ILE D 317 -29.27 4.81 35.67
C ILE D 317 -28.20 5.03 34.61
N THR D 318 -27.56 6.19 34.69
CA THR D 318 -26.49 6.54 33.77
C THR D 318 -25.34 7.14 34.55
N THR D 319 -24.12 6.92 34.06
CA THR D 319 -22.95 7.61 34.58
C THR D 319 -22.16 8.17 33.42
N THR D 320 -21.49 9.29 33.66
CA THR D 320 -20.63 9.87 32.65
C THR D 320 -19.72 10.88 33.32
N ARG D 321 -18.66 11.29 32.60
CA ARG D 321 -17.67 12.25 33.13
C ARG D 321 -18.01 13.68 32.69
N ASN D 322 -19.08 13.85 31.92
CA ASN D 322 -19.47 15.17 31.45
C ASN D 322 -20.86 15.49 31.97
N VAL D 323 -20.99 16.62 32.68
CA VAL D 323 -22.32 17.06 33.07
C VAL D 323 -23.06 17.65 31.87
N SER D 324 -22.33 18.10 30.85
CA SER D 324 -22.94 18.67 29.66
C SER D 324 -23.69 17.64 28.82
N VAL D 325 -23.75 16.39 29.27
CA VAL D 325 -24.59 15.38 28.63
C VAL D 325 -25.60 14.78 29.57
N SER D 326 -25.45 14.95 30.88
CA SER D 326 -26.43 14.41 31.82
C SER D 326 -27.69 15.25 31.86
N GLU D 327 -27.54 16.58 31.78
CA GLU D 327 -28.70 17.45 31.68
C GLU D 327 -29.51 17.15 30.43
N ALA D 328 -28.88 16.55 29.42
CA ALA D 328 -29.62 16.01 28.28
C ALA D 328 -30.52 14.86 28.68
N CYS D 329 -30.35 14.31 29.88
CA CYS D 329 -31.20 13.29 30.41
C CYS D 329 -32.02 13.83 31.57
N CYS D 330 -33.09 13.09 31.90
CA CYS D 330 -33.91 13.21 33.10
C CYS D 330 -34.69 14.52 33.20
N SER D 331 -34.44 15.45 32.27
CA SER D 331 -35.26 16.65 32.09
C SER D 331 -35.38 17.51 33.34
N SER D 332 -34.61 17.22 34.40
CA SER D 332 -34.79 17.93 35.66
C SER D 332 -33.48 17.92 36.43
N GLU D 333 -33.24 18.96 37.22
CA GLU D 333 -32.06 18.99 38.07
C GLU D 333 -32.23 18.17 39.34
N ASP D 334 -33.47 17.82 39.69
CA ASP D 334 -33.71 16.99 40.86
C ASP D 334 -33.19 15.58 40.66
N ASP D 335 -33.11 15.11 39.43
CA ASP D 335 -32.66 13.76 39.15
C ASP D 335 -31.17 13.65 38.90
N ILE D 336 -30.45 14.78 38.81
CA ILE D 336 -29.01 14.75 38.71
C ILE D 336 -28.42 14.41 40.07
N TYR D 337 -27.48 13.47 40.09
CA TYR D 337 -26.85 13.01 41.32
C TYR D 337 -25.38 13.37 41.28
N ARG D 338 -25.02 14.51 41.85
CA ARG D 338 -23.61 14.83 42.00
C ARG D 338 -22.97 13.86 42.99
N MET D 339 -21.72 13.49 42.72
CA MET D 339 -20.95 12.67 43.64
C MET D 339 -19.71 13.44 44.07
N GLU D 340 -19.34 13.30 45.33
CA GLU D 340 -18.37 14.16 45.98
C GLU D 340 -17.23 13.36 46.60
N PRO D 341 -16.06 13.96 46.76
CA PRO D 341 -14.95 13.27 47.42
C PRO D 341 -15.29 12.93 48.87
N LEU D 342 -14.68 11.85 49.36
CA LEU D 342 -14.97 11.37 50.70
C LEU D 342 -14.43 12.32 51.76
N SER D 343 -14.92 12.17 52.98
CA SER D 343 -14.51 13.01 54.09
C SER D 343 -13.12 12.62 54.57
N ASN D 344 -12.52 13.52 55.36
CA ASN D 344 -11.16 13.29 55.85
C ASN D 344 -11.07 12.06 56.72
N ASP D 345 -12.06 11.86 57.60
CA ASP D 345 -12.00 10.72 58.52
C ASP D 345 -12.13 9.40 57.76
N VAL D 346 -13.08 9.33 56.83
CA VAL D 346 -13.25 8.10 56.04
C VAL D 346 -12.01 7.85 55.19
N SER D 347 -11.44 8.91 54.62
CA SER D 347 -10.23 8.74 53.83
C SER D 347 -9.08 8.23 54.70
N ARG D 348 -8.95 8.75 55.92
CA ARG D 348 -7.91 8.26 56.82
C ARG D 348 -8.11 6.80 57.16
N THR D 349 -9.36 6.40 57.43
CA THR D 349 -9.64 5.00 57.73
C THR D 349 -9.25 4.12 56.55
N LEU D 350 -9.62 4.53 55.33
CA LEU D 350 -9.28 3.73 54.16
C LEU D 350 -7.78 3.66 53.96
N PHE D 351 -7.08 4.77 54.17
CA PHE D 351 -5.63 4.80 53.98
C PHE D 351 -4.93 3.87 54.96
N CYS D 352 -5.35 3.90 56.23
CA CYS D 352 -4.74 3.02 57.22
C CYS D 352 -5.20 1.58 57.11
N LYS D 353 -6.32 1.33 56.43
CA LYS D 353 -6.76 -0.04 56.20
C LYS D 353 -5.73 -0.81 55.39
N ARG D 354 -5.14 -0.17 54.38
CA ARG D 354 -4.27 -0.88 53.45
C ARG D 354 -2.88 -1.08 54.03
N ILE D 355 -2.18 0.02 54.30
CA ILE D 355 -0.76 -0.07 54.67
C ILE D 355 -0.60 -0.73 56.03
N PHE D 356 -1.37 -0.30 57.02
CA PHE D 356 -1.13 -0.73 58.38
C PHE D 356 -1.81 -2.06 58.63
N SER D 357 -1.45 -2.71 59.73
CA SER D 357 -2.01 -4.03 60.00
C SER D 357 -3.46 -3.93 60.46
N GLN D 358 -3.68 -3.39 61.66
CA GLN D 358 -5.02 -3.14 62.16
C GLN D 358 -5.16 -1.82 62.89
N GLU D 359 -4.08 -1.16 63.26
CA GLU D 359 -4.11 0.05 64.07
C GLU D 359 -3.13 1.06 63.49
N GLU D 360 -3.41 2.35 63.75
CA GLU D 360 -2.67 3.43 63.13
C GLU D 360 -1.73 4.16 64.08
N GLY D 361 -1.87 3.98 65.39
CA GLY D 361 -1.03 4.71 66.32
C GLY D 361 0.35 4.15 66.53
N CYS D 362 0.66 3.01 65.90
CA CYS D 362 1.98 2.40 66.07
C CYS D 362 3.12 3.33 65.66
N PRO D 363 3.08 4.02 64.52
CA PRO D 363 4.20 4.92 64.20
C PRO D 363 4.33 6.06 65.18
N GLN D 364 3.26 6.85 65.36
CA GLN D 364 3.25 7.96 66.32
C GLN D 364 4.31 9.00 66.00
N GLU D 365 5.03 8.82 64.89
CA GLU D 365 6.09 9.72 64.49
C GLU D 365 6.02 10.13 63.03
N LEU D 366 5.33 9.35 62.18
CA LEU D 366 5.03 9.76 60.81
C LEU D 366 3.58 10.16 60.62
N LEU D 367 2.84 10.36 61.71
CA LEU D 367 1.43 10.75 61.59
C LEU D 367 1.29 12.02 60.78
N LYS D 368 2.02 13.06 61.17
CA LYS D 368 1.93 14.33 60.46
C LYS D 368 2.22 14.15 58.98
N VAL D 369 3.16 13.27 58.65
CA VAL D 369 3.38 12.93 57.25
C VAL D 369 2.12 12.31 56.65
N SER D 370 1.44 11.48 57.43
CA SER D 370 0.27 10.78 56.90
C SER D 370 -0.83 11.77 56.52
N GLU D 371 -1.22 12.65 57.45
CA GLU D 371 -2.28 13.58 57.05
C GLU D 371 -1.77 14.64 56.06
N GLU D 372 -0.47 14.92 56.07
CA GLU D 372 0.05 15.84 55.06
C GLU D 372 -0.08 15.27 53.66
N ILE D 373 0.27 14.00 53.49
CA ILE D 373 0.17 13.37 52.18
C ILE D 373 -1.30 13.13 51.81
N LEU D 374 -2.11 12.69 52.77
CA LEU D 374 -3.46 12.26 52.44
C LEU D 374 -4.29 13.40 51.88
N LYS D 375 -3.97 14.65 52.23
CA LYS D 375 -4.75 15.75 51.69
C LYS D 375 -4.43 16.02 50.23
N LYS D 376 -3.30 15.53 49.73
CA LYS D 376 -2.99 15.68 48.31
C LYS D 376 -4.01 14.96 47.45
N CYS D 377 -4.44 13.77 47.87
CA CYS D 377 -5.49 13.06 47.15
C CYS D 377 -6.82 13.79 47.25
N GLY D 378 -7.07 14.44 48.38
CA GLY D 378 -8.30 15.15 48.63
C GLY D 378 -9.42 14.24 49.11
N GLY D 379 -10.09 13.54 48.20
CA GLY D 379 -11.05 12.55 48.62
C GLY D 379 -11.17 11.40 47.66
N VAL D 380 -10.30 11.37 46.65
CA VAL D 380 -10.45 10.45 45.52
C VAL D 380 -10.13 9.04 45.95
N PRO D 381 -11.07 8.10 45.83
CA PRO D 381 -10.76 6.71 46.20
C PRO D 381 -10.03 5.99 45.08
N LEU D 382 -9.10 6.68 44.43
CA LEU D 382 -8.17 6.06 43.51
C LEU D 382 -6.73 6.39 43.86
N ALA D 383 -6.44 7.64 44.20
CA ALA D 383 -5.11 7.99 44.64
C ALA D 383 -4.80 7.38 45.99
N ILE D 384 -5.76 7.37 46.90
CA ILE D 384 -5.58 6.77 48.22
C ILE D 384 -5.51 5.25 48.15
N ILE D 385 -5.85 4.66 47.01
CA ILE D 385 -5.60 3.23 46.79
C ILE D 385 -4.22 3.02 46.17
N THR D 386 -3.91 3.83 45.15
CA THR D 386 -2.65 3.70 44.45
C THR D 386 -1.46 3.93 45.37
N ILE D 387 -1.48 5.03 46.13
CA ILE D 387 -0.36 5.35 47.00
C ILE D 387 -0.26 4.33 48.13
N ALA D 388 -1.40 3.87 48.64
CA ALA D 388 -1.36 2.87 49.70
C ALA D 388 -0.71 1.58 49.21
N SER D 389 -1.04 1.16 48.00
CA SER D 389 -0.43 -0.06 47.47
C SER D 389 1.03 0.15 47.08
N LEU D 390 1.38 1.35 46.61
CA LEU D 390 2.75 1.62 46.19
C LEU D 390 3.68 1.71 47.38
N LEU D 391 3.22 2.35 48.46
CA LEU D 391 4.11 2.75 49.55
C LEU D 391 4.50 1.59 50.45
N ALA D 392 3.74 0.49 50.45
CA ALA D 392 4.01 -0.66 51.31
C ALA D 392 4.25 -1.88 50.42
N ASN D 393 5.50 -2.07 50.00
CA ASN D 393 5.83 -3.28 49.24
C ASN D 393 5.66 -4.52 50.12
N LYS D 394 6.27 -4.52 51.30
CA LYS D 394 5.96 -5.51 52.32
C LYS D 394 6.21 -4.87 53.69
N GLY D 395 5.15 -4.33 54.27
CA GLY D 395 5.23 -3.80 55.62
C GLY D 395 6.24 -2.69 55.81
N HIS D 396 5.99 -1.53 55.22
CA HIS D 396 6.78 -0.32 55.48
C HIS D 396 8.25 -0.53 55.11
N ILE D 397 8.49 -0.61 53.80
CA ILE D 397 9.82 -0.76 53.23
C ILE D 397 10.86 0.02 54.03
N LYS D 398 10.52 1.25 54.39
CA LYS D 398 11.34 2.08 55.25
C LYS D 398 10.49 3.24 55.72
N ALA D 399 11.09 4.13 56.52
CA ALA D 399 10.32 5.09 57.31
C ALA D 399 10.76 6.52 57.01
N LYS D 400 9.78 7.36 56.64
CA LYS D 400 9.89 8.81 56.72
C LYS D 400 10.87 9.40 55.71
N ASP D 401 11.68 8.56 55.07
CA ASP D 401 12.56 9.09 54.06
C ASP D 401 11.96 8.97 52.66
N GLU D 402 11.44 7.80 52.31
CA GLU D 402 10.82 7.71 51.00
C GLU D 402 9.49 8.44 50.99
N TRP D 403 8.87 8.61 52.16
CA TRP D 403 7.66 9.41 52.24
C TRP D 403 7.95 10.86 51.88
N TYR D 404 9.05 11.41 52.41
CA TYR D 404 9.45 12.75 52.03
C TYR D 404 9.84 12.81 50.56
N ALA D 405 10.53 11.78 50.06
CA ALA D 405 10.88 11.76 48.66
C ALA D 405 9.64 11.75 47.77
N LEU D 406 8.63 10.98 48.18
CA LEU D 406 7.37 10.93 47.45
C LEU D 406 6.66 12.28 47.48
N LEU D 407 6.61 12.91 48.65
CA LEU D 407 5.95 14.20 48.79
C LEU D 407 6.65 15.26 47.94
N SER D 408 7.97 15.25 47.92
CA SER D 408 8.69 16.17 47.05
C SER D 408 8.46 15.83 45.58
N SER D 409 8.36 14.54 45.26
CA SER D 409 8.26 14.11 43.87
C SER D 409 6.94 14.56 43.25
N ILE D 410 5.85 14.49 44.01
CA ILE D 410 4.55 14.89 43.46
C ILE D 410 4.60 16.36 43.10
N GLY D 411 4.05 16.69 41.94
CA GLY D 411 4.16 18.04 41.41
C GLY D 411 5.10 18.10 40.23
N HIS D 412 6.19 17.35 40.28
CA HIS D 412 7.14 17.40 39.17
C HIS D 412 7.52 16.03 38.62
N GLY D 413 7.66 15.01 39.46
CA GLY D 413 8.15 13.74 38.94
C GLY D 413 7.62 12.46 39.54
N LEU D 414 6.47 12.50 40.23
CA LEU D 414 5.99 11.30 40.88
C LEU D 414 5.44 10.28 39.90
N THR D 415 4.95 10.72 38.75
CA THR D 415 4.21 9.83 37.85
C THR D 415 5.10 8.72 37.30
N LYS D 416 6.35 9.04 36.98
CA LYS D 416 7.27 8.06 36.38
C LYS D 416 7.72 7.08 37.46
N ASN D 417 6.97 5.99 37.60
CA ASN D 417 7.26 4.98 38.61
C ASN D 417 6.78 3.63 38.06
N ARG D 418 6.61 2.65 38.95
CA ARG D 418 6.17 1.33 38.58
C ARG D 418 4.83 1.03 39.25
N SER D 419 4.00 0.27 38.56
CA SER D 419 2.64 -0.07 38.99
C SER D 419 1.78 1.17 39.19
N LEU D 420 2.16 2.27 38.56
CA LEU D 420 1.46 3.54 38.67
C LEU D 420 0.83 3.97 37.36
N GLU D 421 1.45 3.66 36.22
CA GLU D 421 0.89 4.03 34.93
C GLU D 421 -0.42 3.33 34.64
N GLN D 422 -0.69 2.19 35.28
CA GLN D 422 -2.00 1.55 35.12
C GLN D 422 -3.11 2.43 35.65
N MET D 423 -2.78 3.43 36.46
CA MET D 423 -3.76 4.38 36.96
C MET D 423 -3.79 5.68 36.17
N LYS D 424 -2.67 6.12 35.61
CA LYS D 424 -2.66 7.38 34.88
C LYS D 424 -3.45 7.29 33.57
N LYS D 425 -3.65 6.09 33.02
CA LYS D 425 -4.46 5.98 31.82
C LYS D 425 -5.90 6.41 32.09
N ILE D 426 -6.42 6.02 33.25
CA ILE D 426 -7.80 6.35 33.59
C ILE D 426 -7.99 7.86 33.66
N LEU D 427 -6.93 8.60 33.94
CA LEU D 427 -7.01 10.05 33.96
C LEU D 427 -6.75 10.66 32.58
N LEU D 428 -5.83 10.10 31.81
CA LEU D 428 -5.63 10.61 30.46
C LEU D 428 -6.77 10.29 29.51
N PHE D 429 -7.71 9.42 29.90
CA PHE D 429 -8.89 9.22 29.08
C PHE D 429 -9.58 10.54 28.78
N SER D 430 -9.79 11.35 29.82
CA SER D 430 -10.47 12.63 29.64
C SER D 430 -9.68 13.56 28.73
N TYR D 431 -8.36 13.60 28.91
CA TYR D 431 -7.54 14.46 28.09
C TYR D 431 -7.60 14.04 26.63
N TYR D 432 -7.65 12.74 26.37
CA TYR D 432 -7.72 12.26 24.99
C TYR D 432 -9.08 12.52 24.38
N ASP D 433 -10.15 12.46 25.18
CA ASP D 433 -11.47 12.70 24.61
C ASP D 433 -11.70 14.16 24.21
N LEU D 434 -10.85 15.07 24.66
CA LEU D 434 -11.02 16.46 24.29
C LEU D 434 -10.94 16.60 22.77
N PRO D 435 -11.71 17.50 22.17
CA PRO D 435 -11.48 17.82 20.77
C PRO D 435 -10.21 18.63 20.65
N SER D 436 -9.84 19.02 19.44
CA SER D 436 -8.72 19.94 19.31
C SER D 436 -9.14 21.30 19.87
N TYR D 437 -8.27 22.29 19.67
CA TYR D 437 -8.48 23.67 20.11
C TYR D 437 -8.79 23.74 21.61
N LEU D 438 -8.63 22.62 22.30
CA LEU D 438 -8.85 22.55 23.74
C LEU D 438 -7.73 21.87 24.48
N LYS D 439 -6.90 21.05 23.82
CA LYS D 439 -5.71 20.52 24.46
C LYS D 439 -4.78 21.63 24.92
N PRO D 440 -4.43 22.62 24.09
CA PRO D 440 -3.60 23.71 24.62
C PRO D 440 -4.24 24.43 25.78
N CYS D 441 -5.57 24.53 25.80
CA CYS D 441 -6.22 25.20 26.90
C CYS D 441 -5.97 24.47 28.22
N LEU D 442 -6.05 23.14 28.21
CA LEU D 442 -5.79 22.40 29.44
C LEU D 442 -4.32 22.43 29.80
N LEU D 443 -3.44 22.21 28.82
CA LEU D 443 -2.01 22.21 29.11
C LEU D 443 -1.50 23.58 29.52
N TYR D 444 -2.26 24.65 29.30
CA TYR D 444 -1.84 25.95 29.79
C TYR D 444 -1.93 26.06 31.30
N LEU D 445 -2.61 25.14 31.97
CA LEU D 445 -2.80 25.23 33.42
C LEU D 445 -1.56 24.87 34.21
N SER D 446 -0.53 24.33 33.57
CA SER D 446 0.67 23.94 34.29
C SER D 446 1.53 25.12 34.71
N ILE D 447 1.29 26.32 34.16
CA ILE D 447 2.14 27.46 34.46
C ILE D 447 2.01 27.86 35.92
N PHE D 448 0.77 27.94 36.41
CA PHE D 448 0.54 28.50 37.73
C PHE D 448 0.97 27.53 38.82
N PRO D 449 1.31 28.04 40.02
CA PRO D 449 1.83 27.17 41.08
C PRO D 449 0.83 26.13 41.54
N GLU D 450 1.27 25.25 42.43
CA GLU D 450 0.46 24.09 42.79
C GLU D 450 -0.87 24.50 43.41
N ASP D 451 -0.82 25.15 44.57
CA ASP D 451 -2.03 25.49 45.31
C ASP D 451 -2.19 27.01 45.32
N ARG D 452 -2.82 27.52 44.27
CA ARG D 452 -3.15 28.94 44.16
C ARG D 452 -4.39 29.05 43.30
N GLU D 453 -5.31 29.92 43.69
CA GLU D 453 -6.53 30.09 42.92
C GLU D 453 -6.24 30.87 41.64
N ILE D 454 -6.99 30.54 40.59
CA ILE D 454 -6.77 31.13 39.28
C ILE D 454 -8.06 31.78 38.82
N ARG D 455 -8.05 33.10 38.70
CA ARG D 455 -9.23 33.82 38.22
C ARG D 455 -9.48 33.50 36.76
N ARG D 456 -10.74 33.21 36.44
CA ARG D 456 -11.08 32.78 35.09
C ARG D 456 -10.80 33.88 34.07
N ALA D 457 -10.96 35.15 34.47
CA ALA D 457 -10.71 36.24 33.53
C ALA D 457 -9.26 36.24 33.08
N ARG D 458 -8.34 35.98 34.00
CA ARG D 458 -6.93 35.88 33.65
C ARG D 458 -6.71 34.77 32.63
N LEU D 459 -7.34 33.62 32.83
CA LEU D 459 -7.20 32.52 31.89
C LEU D 459 -7.73 32.91 30.51
N ILE D 460 -8.90 33.53 30.45
CA ILE D 460 -9.51 33.85 29.17
C ILE D 460 -8.61 34.82 28.42
N TRP D 461 -8.14 35.86 29.11
CA TRP D 461 -7.32 36.85 28.43
C TRP D 461 -5.99 36.25 28.02
N ARG D 462 -5.42 35.36 28.84
CA ARG D 462 -4.19 34.72 28.45
C ARG D 462 -4.38 33.86 27.21
N TRP D 463 -5.48 33.13 27.14
CA TRP D 463 -5.74 32.29 25.97
C TRP D 463 -5.88 33.15 24.71
N ILE D 464 -6.69 34.21 24.79
CA ILE D 464 -6.90 35.04 23.61
C ILE D 464 -5.59 35.69 23.18
N SER D 465 -4.81 36.18 24.13
CA SER D 465 -3.53 36.79 23.80
C SER D 465 -2.59 35.78 23.17
N GLU D 466 -2.59 34.54 23.67
CA GLU D 466 -1.74 33.51 23.10
C GLU D 466 -2.10 33.22 21.65
N GLY D 467 -3.39 33.14 21.36
CA GLY D 467 -3.83 32.84 20.01
C GLY D 467 -4.50 31.49 19.88
N PHE D 468 -5.05 30.97 20.98
CA PHE D 468 -5.74 29.69 20.96
C PHE D 468 -7.22 29.83 20.64
N VAL D 469 -7.72 31.05 20.50
CA VAL D 469 -9.13 31.31 20.23
C VAL D 469 -9.23 32.09 18.93
N TYR D 470 -10.00 31.56 17.99
CA TYR D 470 -10.21 32.20 16.70
C TYR D 470 -11.34 31.49 15.99
N SER D 471 -11.98 32.21 15.07
CA SER D 471 -13.06 31.62 14.28
C SER D 471 -13.25 32.47 13.02
N GLU D 472 -14.14 32.01 12.15
CA GLU D 472 -14.44 32.67 10.89
C GLU D 472 -15.94 32.71 10.63
N LYS D 473 -16.68 33.18 11.64
CA LYS D 473 -18.12 33.39 11.48
C LYS D 473 -18.52 34.85 11.60
N GLN D 474 -17.71 35.68 12.25
CA GLN D 474 -17.92 37.12 12.44
C GLN D 474 -19.13 37.44 13.32
N ASP D 475 -19.77 36.42 13.90
CA ASP D 475 -20.88 36.62 14.82
C ASP D 475 -20.49 36.35 16.26
N ILE D 476 -19.20 36.29 16.56
CA ILE D 476 -18.70 35.92 17.88
C ILE D 476 -17.88 37.08 18.45
N SER D 477 -18.10 37.38 19.72
CA SER D 477 -17.39 38.47 20.39
C SER D 477 -15.90 38.18 20.56
N LEU D 478 -15.47 36.93 20.37
CA LEU D 478 -14.09 36.48 20.53
C LEU D 478 -13.72 36.47 22.01
N TYR D 479 -14.59 37.00 22.86
CA TYR D 479 -14.45 36.90 24.30
C TYR D 479 -15.43 35.92 24.92
N GLU D 480 -16.72 35.98 24.52
CA GLU D 480 -17.62 34.93 24.97
C GLU D 480 -17.22 33.60 24.38
N LEU D 481 -16.43 33.59 23.31
CA LEU D 481 -15.82 32.36 22.83
C LEU D 481 -14.86 31.79 23.86
N GLY D 482 -14.03 32.64 24.47
CA GLY D 482 -13.19 32.19 25.56
C GLY D 482 -14.01 31.71 26.73
N ASP D 483 -15.10 32.41 27.04
CA ASP D 483 -16.00 31.94 28.09
C ASP D 483 -16.56 30.57 27.75
N SER D 484 -16.86 30.34 26.46
CA SER D 484 -17.36 29.05 26.02
C SER D 484 -16.31 27.97 26.24
N TYR D 485 -15.06 28.28 25.91
CA TYR D 485 -13.98 27.32 26.14
C TYR D 485 -13.88 26.98 27.63
N PHE D 486 -13.94 27.99 28.48
CA PHE D 486 -13.83 27.78 29.92
C PHE D 486 -14.98 26.92 30.42
N ASN D 487 -16.21 27.23 29.99
CA ASN D 487 -17.36 26.46 30.44
C ASN D 487 -17.31 25.04 29.91
N GLU D 488 -16.75 24.85 28.71
CA GLU D 488 -16.59 23.49 28.20
C GLU D 488 -15.57 22.72 29.01
N LEU D 489 -14.50 23.38 29.44
CA LEU D 489 -13.57 22.72 30.34
C LEU D 489 -14.26 22.35 31.65
N VAL D 490 -15.11 23.23 32.17
CA VAL D 490 -15.76 22.97 33.44
C VAL D 490 -16.73 21.81 33.35
N ASN D 491 -17.60 21.83 32.35
CA ASN D 491 -18.67 20.84 32.29
C ASN D 491 -18.15 19.45 31.96
N ARG D 492 -16.91 19.34 31.51
CA ARG D 492 -16.26 18.05 31.32
C ARG D 492 -15.82 17.43 32.63
N SER D 493 -16.14 18.07 33.76
CA SER D 493 -15.74 17.59 35.08
C SER D 493 -14.24 17.44 35.16
N MET D 494 -13.53 18.53 34.88
CA MET D 494 -12.09 18.50 34.95
C MET D 494 -11.47 19.81 35.43
N ILE D 495 -12.29 20.74 35.92
CA ILE D 495 -11.82 21.93 36.63
C ILE D 495 -12.85 22.25 37.71
N GLN D 496 -12.38 22.66 38.89
CA GLN D 496 -13.28 23.03 39.98
C GLN D 496 -13.53 24.52 39.96
N PRO D 497 -14.77 24.98 39.82
CA PRO D 497 -15.05 26.42 39.85
C PRO D 497 -15.47 26.89 41.24
N ILE D 498 -15.12 28.14 41.59
CA ILE D 498 -15.50 28.71 42.89
C ILE D 498 -15.90 30.16 42.71
N GLY D 499 -16.88 30.59 43.50
CA GLY D 499 -17.25 31.99 43.59
C GLY D 499 -18.06 32.48 42.39
N ILE D 500 -18.64 33.67 42.56
CA ILE D 500 -19.39 34.33 41.50
C ILE D 500 -19.02 35.81 41.46
N ASP D 501 -18.12 36.19 40.56
CA ASP D 501 -17.53 37.52 40.60
C ASP D 501 -18.55 38.57 40.16
N ASP D 502 -18.08 39.82 40.03
CA ASP D 502 -18.89 40.97 39.64
C ASP D 502 -19.36 40.90 38.21
N GLU D 503 -18.82 39.98 37.43
CA GLU D 503 -19.28 39.76 36.08
C GLU D 503 -20.55 38.92 36.02
N GLY D 504 -21.01 38.42 37.17
CA GLY D 504 -22.14 37.53 37.23
C GLY D 504 -21.80 36.08 37.05
N LYS D 505 -20.54 35.74 36.83
CA LYS D 505 -20.14 34.37 36.58
C LYS D 505 -19.02 33.94 37.52
N VAL D 506 -18.43 32.77 37.27
CA VAL D 506 -17.52 32.16 38.23
C VAL D 506 -16.32 33.06 38.50
N LYS D 507 -15.91 33.10 39.77
CA LYS D 507 -14.76 33.92 40.18
C LYS D 507 -13.44 33.33 39.71
N ALA D 508 -13.08 32.16 40.22
CA ALA D 508 -11.75 31.60 39.97
C ALA D 508 -11.86 30.09 39.91
N CYS D 509 -10.74 29.45 39.58
CA CYS D 509 -10.70 28.02 39.38
C CYS D 509 -9.48 27.42 40.07
N ARG D 510 -9.60 26.13 40.41
CA ARG D 510 -8.52 25.38 41.03
C ARG D 510 -8.38 24.05 40.32
N VAL D 511 -7.17 23.51 40.36
CA VAL D 511 -6.80 22.30 39.64
C VAL D 511 -6.43 21.23 40.65
N HIS D 512 -6.85 19.99 40.39
CA HIS D 512 -6.49 18.88 41.26
C HIS D 512 -4.99 18.64 41.22
N ASP D 513 -4.45 18.16 42.34
CA ASP D 513 -3.00 18.16 42.53
C ASP D 513 -2.31 17.20 41.56
N MET D 514 -2.62 15.91 41.66
CA MET D 514 -1.90 14.95 40.83
C MET D 514 -2.23 15.13 39.36
N VAL D 515 -3.44 15.58 39.05
CA VAL D 515 -3.74 15.96 37.68
C VAL D 515 -2.82 17.08 37.23
N LEU D 516 -2.49 17.99 38.15
CA LEU D 516 -1.61 19.09 37.79
C LEU D 516 -0.22 18.58 37.40
N ASP D 517 0.35 17.67 38.18
CA ASP D 517 1.66 17.16 37.80
C ASP D 517 1.59 16.28 36.57
N LEU D 518 0.46 15.60 36.38
CA LEU D 518 0.28 14.77 35.19
C LEU D 518 0.30 15.63 33.92
N ILE D 519 -0.48 16.71 33.93
CA ILE D 519 -0.46 17.61 32.78
C ILE D 519 0.89 18.32 32.70
N CYS D 520 1.56 18.51 33.84
CA CYS D 520 2.90 19.07 33.82
C CYS D 520 3.84 18.16 33.04
N SER D 521 3.77 16.85 33.30
CA SER D 521 4.60 15.91 32.56
C SER D 521 4.23 15.90 31.08
N LEU D 522 2.93 15.89 30.77
CA LEU D 522 2.50 15.87 29.38
C LEU D 522 3.00 17.10 28.63
N SER D 523 2.97 18.26 29.27
CA SER D 523 3.56 19.44 28.66
C SER D 523 5.08 19.39 28.70
N SER D 524 5.66 18.58 29.59
CA SER D 524 7.09 18.55 29.77
C SER D 524 7.81 17.73 28.71
N GLU D 525 7.19 16.67 28.18
CA GLU D 525 7.94 15.89 27.19
C GLU D 525 8.13 16.69 25.91
N GLU D 526 7.18 17.56 25.57
CA GLU D 526 7.48 18.60 24.60
C GLU D 526 7.93 19.85 25.36
N ASN D 527 8.02 20.98 24.66
CA ASN D 527 8.48 22.22 25.26
C ASN D 527 7.35 23.22 25.42
N PHE D 528 6.17 22.74 25.80
CA PHE D 528 5.02 23.63 25.93
C PHE D 528 5.23 24.63 27.06
N VAL D 529 5.76 24.19 28.20
CA VAL D 529 6.09 25.08 29.31
C VAL D 529 7.44 24.68 29.88
N THR D 530 7.90 25.45 30.85
CA THR D 530 9.13 25.14 31.59
C THR D 530 8.97 25.66 33.00
N ILE D 531 9.27 24.82 33.98
CA ILE D 531 9.08 25.15 35.39
C ILE D 531 10.43 25.12 36.09
N LEU D 532 10.64 26.07 37.00
CA LEU D 532 11.85 26.14 37.81
C LEU D 532 11.46 25.99 39.28
N ASP D 533 11.56 24.76 39.79
CA ASP D 533 11.17 24.43 41.16
C ASP D 533 12.33 23.77 41.89
N ASP D 534 12.53 24.14 43.16
CA ASP D 534 13.62 23.61 43.96
C ASP D 534 13.56 22.11 44.28
N PRO D 535 12.38 21.48 44.43
CA PRO D 535 12.39 20.02 44.47
C PRO D 535 12.73 19.40 43.13
N ARG D 536 12.39 20.08 42.04
CA ARG D 536 12.77 19.62 40.72
C ARG D 536 14.21 20.01 40.39
N ARG D 537 14.48 21.31 40.36
CA ARG D 537 15.81 21.85 40.02
C ARG D 537 16.32 21.23 38.72
N LYS D 538 15.45 21.18 37.72
CA LYS D 538 15.76 20.59 36.43
C LYS D 538 15.62 21.62 35.33
N MET D 539 16.48 21.50 34.32
CA MET D 539 16.44 22.31 33.12
C MET D 539 16.56 21.36 31.94
N PRO D 540 15.76 21.56 30.89
CA PRO D 540 15.90 20.71 29.71
C PRO D 540 17.28 20.86 29.09
N ASN D 541 17.75 19.78 28.48
CA ASN D 541 19.11 19.71 27.95
C ASN D 541 19.33 20.63 26.76
N SER D 542 18.36 21.47 26.38
CA SER D 542 18.55 22.41 25.28
C SER D 542 17.97 23.75 25.72
N GLU D 543 18.86 24.69 26.06
CA GLU D 543 18.41 26.02 26.46
C GLU D 543 17.76 26.77 25.31
N SER D 544 18.03 26.39 24.06
CA SER D 544 17.55 27.15 22.92
C SER D 544 16.03 27.07 22.81
N LYS D 545 15.50 25.86 22.61
CA LYS D 545 14.09 25.68 22.32
C LYS D 545 13.27 25.66 23.62
N VAL D 546 13.12 26.85 24.20
CA VAL D 546 12.24 27.11 25.33
C VAL D 546 11.29 28.22 24.94
N ARG D 547 9.99 28.00 25.14
CA ARG D 547 8.98 28.96 24.75
C ARG D 547 8.26 29.57 25.95
N ARG D 548 7.70 28.76 26.82
CA ARG D 548 6.96 29.24 27.98
C ARG D 548 7.72 28.88 29.25
N LEU D 549 7.93 29.86 30.12
CA LEU D 549 8.63 29.68 31.38
C LEU D 549 7.74 30.13 32.52
N SER D 550 7.61 29.30 33.54
CA SER D 550 6.78 29.58 34.71
C SER D 550 7.67 29.57 35.94
N ILE D 551 8.31 30.71 36.22
CA ILE D 551 9.22 30.80 37.35
C ILE D 551 8.42 30.72 38.65
N GLN D 552 8.99 30.05 39.65
CA GLN D 552 8.32 29.83 40.92
C GLN D 552 9.36 30.06 42.02
N ASN D 553 9.06 29.57 43.22
CA ASN D 553 9.83 29.84 44.43
C ASN D 553 11.35 29.79 44.23
N SER D 554 11.81 28.96 43.29
CA SER D 554 13.24 28.89 43.00
C SER D 554 13.77 30.25 42.57
N LYS D 555 14.90 30.65 43.15
CA LYS D 555 15.49 31.95 42.87
C LYS D 555 17.00 31.85 42.69
N ILE D 556 17.49 30.74 42.18
CA ILE D 556 18.92 30.47 42.08
C ILE D 556 19.40 30.51 40.63
N ASP D 557 18.92 29.59 39.80
CA ASP D 557 19.31 29.53 38.40
C ASP D 557 18.32 30.34 37.59
N VAL D 558 18.69 31.58 37.27
CA VAL D 558 17.82 32.49 36.54
C VAL D 558 18.54 32.87 35.26
N ASP D 559 19.33 31.94 34.72
CA ASP D 559 20.10 32.21 33.51
C ASP D 559 19.18 32.54 32.33
N THR D 560 19.62 33.50 31.52
CA THR D 560 18.81 34.01 30.41
C THR D 560 19.62 34.09 29.12
N THR D 561 20.64 33.24 28.99
CA THR D 561 21.58 33.40 27.89
C THR D 561 20.94 33.00 26.56
N ARG D 562 20.26 31.85 26.51
CA ARG D 562 19.98 31.24 25.22
C ARG D 562 18.49 31.00 24.96
N MET D 563 17.64 31.99 25.23
CA MET D 563 16.24 31.94 24.79
C MET D 563 15.97 33.17 23.93
N GLU D 564 16.31 33.09 22.65
CA GLU D 564 15.98 34.18 21.74
C GLU D 564 14.48 34.22 21.48
N HIS D 565 13.90 33.05 21.18
CA HIS D 565 12.47 32.93 20.90
C HIS D 565 11.77 32.59 22.21
N MET D 566 11.32 33.62 22.91
CA MET D 566 10.73 33.49 24.24
C MET D 566 9.26 33.88 24.12
N ARG D 567 8.38 32.88 24.04
CA ARG D 567 6.97 33.16 23.79
C ARG D 567 6.35 33.92 24.95
N SER D 568 6.51 33.42 26.17
CA SER D 568 5.85 34.00 27.33
C SER D 568 6.66 33.71 28.58
N VAL D 569 6.57 34.61 29.55
CA VAL D 569 7.32 34.47 30.80
C VAL D 569 6.48 35.05 31.93
N THR D 570 6.55 34.40 33.09
CA THR D 570 5.77 34.83 34.25
C THR D 570 6.56 34.56 35.52
N VAL D 571 6.29 35.35 36.55
CA VAL D 571 6.95 35.23 37.85
C VAL D 571 5.87 35.20 38.92
N PHE D 572 6.06 34.36 39.94
CA PHE D 572 5.05 34.15 40.96
C PHE D 572 5.64 34.46 42.34
N SER D 573 5.30 35.63 42.88
CA SER D 573 5.59 36.00 44.26
C SER D 573 7.07 35.86 44.59
N ASP D 574 7.91 36.46 43.75
CA ASP D 574 9.35 36.39 43.93
C ASP D 574 9.95 37.79 43.88
N ASN D 575 10.98 37.99 44.68
CA ASN D 575 11.79 39.20 44.63
C ASN D 575 12.99 39.05 43.71
N VAL D 576 13.15 37.88 43.09
CA VAL D 576 14.27 37.63 42.18
C VAL D 576 14.12 38.37 40.85
N VAL D 577 12.93 38.88 40.56
CA VAL D 577 12.68 39.55 39.29
C VAL D 577 13.51 40.83 39.20
N GLY D 578 14.07 41.08 38.02
CA GLY D 578 14.78 42.32 37.77
C GLY D 578 16.22 42.29 38.20
N LYS D 579 16.46 42.02 39.49
CA LYS D 579 17.82 41.99 40.01
C LYS D 579 18.64 40.87 39.39
N VAL D 580 17.99 39.80 38.89
CA VAL D 580 18.67 38.70 38.25
C VAL D 580 18.20 38.49 36.81
N LEU D 581 16.90 38.67 36.56
CA LEU D 581 16.34 38.40 35.24
C LEU D 581 16.21 39.67 34.42
N ASP D 582 16.48 39.55 33.12
CA ASP D 582 16.30 40.62 32.15
C ASP D 582 15.26 40.18 31.13
N ILE D 583 14.30 41.06 30.86
CA ILE D 583 13.22 40.75 29.94
C ILE D 583 13.50 41.40 28.59
N SER D 584 14.18 42.55 28.62
CA SER D 584 14.45 43.27 27.38
C SER D 584 15.28 42.47 26.40
N ARG D 585 15.97 41.43 26.87
CA ARG D 585 16.74 40.59 25.96
C ARG D 585 15.85 39.70 25.10
N PHE D 586 14.59 39.50 25.49
CA PHE D 586 13.65 38.72 24.69
C PHE D 586 13.23 39.54 23.48
N LYS D 587 13.75 39.20 22.30
CA LYS D 587 13.43 39.94 21.09
C LYS D 587 11.93 39.87 20.80
N VAL D 588 11.33 38.71 20.99
CA VAL D 588 9.89 38.53 20.85
C VAL D 588 9.33 38.12 22.19
N LEU D 589 8.07 38.46 22.42
CA LEU D 589 7.39 38.07 23.64
C LEU D 589 5.90 38.24 23.42
N ARG D 590 5.13 37.16 23.56
CA ARG D 590 3.71 37.24 23.30
C ARG D 590 2.96 37.86 24.47
N VAL D 591 3.06 37.25 25.65
CA VAL D 591 2.40 37.77 26.83
C VAL D 591 3.42 37.96 27.93
N LEU D 592 3.17 38.93 28.81
CA LEU D 592 4.01 39.22 29.95
C LEU D 592 3.14 39.26 31.19
N ASP D 593 3.56 38.55 32.23
CA ASP D 593 2.78 38.44 33.46
C ASP D 593 3.71 38.66 34.64
N LEU D 594 3.46 39.72 35.41
CA LEU D 594 4.34 40.08 36.51
C LEU D 594 3.56 40.51 37.74
N GLU D 595 2.32 40.04 37.88
CA GLU D 595 1.49 40.47 39.00
C GLU D 595 2.07 39.95 40.32
N GLY D 596 1.99 40.77 41.35
CA GLY D 596 2.53 40.43 42.65
C GLY D 596 3.99 40.80 42.87
N CYS D 597 4.67 41.34 41.87
CA CYS D 597 6.05 41.74 42.01
C CYS D 597 6.14 43.09 42.72
N HIS D 598 7.37 43.53 42.98
CA HIS D 598 7.63 44.78 43.69
C HIS D 598 8.64 45.61 42.92
N VAL D 599 8.44 45.73 41.62
CA VAL D 599 9.37 46.44 40.75
C VAL D 599 8.60 47.49 39.96
N SER D 600 9.17 48.68 39.87
CA SER D 600 8.63 49.75 39.02
C SER D 600 9.78 50.21 38.11
N ASP D 601 10.00 49.47 37.03
CA ASP D 601 11.01 49.84 36.05
C ASP D 601 10.54 49.53 34.63
N VAL D 602 9.24 49.30 34.44
CA VAL D 602 8.75 48.80 33.17
C VAL D 602 8.71 49.95 32.18
N GLY D 603 9.81 50.17 31.48
CA GLY D 603 9.93 51.26 30.53
C GLY D 603 10.68 50.85 29.29
N TYR D 604 11.06 49.58 29.25
CA TYR D 604 11.76 49.00 28.11
C TYR D 604 10.81 48.37 27.10
N VAL D 605 9.50 48.47 27.32
CA VAL D 605 8.52 47.86 26.43
C VAL D 605 8.60 48.43 25.02
N GLY D 606 9.04 49.67 24.87
CA GLY D 606 9.20 50.24 23.54
C GLY D 606 10.14 49.44 22.67
N ASN D 607 11.08 48.71 23.29
CA ASN D 607 11.93 47.80 22.55
C ASN D 607 11.20 46.52 22.15
N LEU D 608 9.99 46.31 22.64
CA LEU D 608 9.23 45.09 22.40
C LEU D 608 8.01 45.41 21.55
N LEU D 609 7.65 44.50 20.65
CA LEU D 609 6.59 44.77 19.70
C LEU D 609 5.42 43.79 19.74
N HIS D 610 5.58 42.60 20.30
CA HIS D 610 4.59 41.54 20.13
C HIS D 610 3.77 41.27 21.39
N LEU D 611 3.83 42.13 22.40
CA LEU D 611 3.00 41.89 23.58
C LEU D 611 1.53 41.94 23.22
N ARG D 612 0.77 41.05 23.84
CA ARG D 612 -0.69 41.09 23.83
C ARG D 612 -1.27 41.24 25.22
N TYR D 613 -0.79 40.47 26.18
CA TYR D 613 -1.25 40.53 27.56
C TYR D 613 -0.20 41.28 28.38
N LEU D 614 -0.65 42.21 29.21
CA LEU D 614 0.24 43.01 30.06
C LEU D 614 -0.41 43.13 31.43
N GLY D 615 -0.05 42.23 32.34
CA GLY D 615 -0.60 42.20 33.68
C GLY D 615 0.36 42.84 34.67
N LEU D 616 -0.13 43.82 35.41
CA LEU D 616 0.68 44.57 36.37
C LEU D 616 -0.09 44.80 37.66
N LYS D 617 -0.81 43.79 38.12
CA LYS D 617 -1.65 43.93 39.31
C LYS D 617 -0.79 43.87 40.56
N GLY D 618 -0.83 44.93 41.37
CA GLY D 618 -0.04 44.97 42.58
C GLY D 618 1.44 44.94 42.31
N THR D 619 1.96 45.99 41.68
CA THR D 619 3.34 46.00 41.21
C THR D 619 4.15 47.19 41.70
N HIS D 620 3.54 48.13 42.42
CA HIS D 620 4.22 49.34 42.91
C HIS D 620 4.73 50.18 41.75
N VAL D 621 3.98 50.22 40.66
CA VAL D 621 4.38 50.96 39.47
C VAL D 621 4.07 52.43 39.68
N LYS D 622 5.11 53.27 39.59
CA LYS D 622 4.91 54.71 39.76
C LYS D 622 4.54 55.38 38.45
N ASP D 623 5.14 54.95 37.35
CA ASP D 623 4.89 55.57 36.05
C ASP D 623 5.28 54.59 34.95
N LEU D 624 4.71 54.79 33.76
CA LEU D 624 4.97 54.00 32.58
C LEU D 624 5.32 54.92 31.41
N PRO D 625 6.16 54.46 30.47
CA PRO D 625 6.76 55.38 29.50
C PRO D 625 5.75 55.94 28.51
N MET D 626 6.09 57.11 27.98
CA MET D 626 5.33 57.76 26.93
C MET D 626 5.43 57.03 25.60
N GLU D 627 6.37 56.10 25.46
CA GLU D 627 6.62 55.40 24.20
C GLU D 627 5.77 54.14 24.04
N ILE D 628 4.65 54.04 24.77
CA ILE D 628 3.81 52.84 24.68
C ILE D 628 2.98 52.79 23.42
N GLY D 629 2.94 53.88 22.64
CA GLY D 629 2.14 53.88 21.42
C GLY D 629 2.63 52.91 20.36
N LYS D 630 3.86 52.44 20.48
CA LYS D 630 4.40 51.49 19.53
C LYS D 630 3.73 50.12 19.61
N LEU D 631 2.98 49.85 20.68
CA LEU D 631 2.31 48.56 20.85
C LEU D 631 0.93 48.59 20.18
N GLN D 632 0.96 48.62 18.85
CA GLN D 632 -0.28 48.60 18.09
C GLN D 632 -1.06 47.32 18.34
N PHE D 633 -0.36 46.20 18.42
CA PHE D 633 -1.00 44.94 18.77
C PHE D 633 -1.02 44.79 20.28
N LEU D 634 -2.22 44.68 20.85
CA LEU D 634 -2.41 44.51 22.28
C LEU D 634 -3.87 44.22 22.51
N LEU D 635 -4.16 43.43 23.52
CA LEU D 635 -5.53 43.03 23.78
C LEU D 635 -6.01 43.43 25.16
N THR D 636 -5.15 43.37 26.17
CA THR D 636 -5.53 43.65 27.53
C THR D 636 -4.52 44.61 28.15
N LEU D 637 -4.97 45.31 29.20
CA LEU D 637 -4.10 46.22 29.92
C LEU D 637 -4.67 46.39 31.33
N ASP D 638 -4.09 45.67 32.28
CA ASP D 638 -4.52 45.72 33.67
C ASP D 638 -3.53 46.54 34.48
N LEU D 639 -4.05 47.53 35.21
CA LEU D 639 -3.20 48.42 35.99
C LEU D 639 -3.72 48.58 37.42
N ARG D 640 -4.56 47.66 37.88
CA ARG D 640 -5.14 47.78 39.21
C ARG D 640 -4.07 47.65 40.28
N GLY D 641 -4.21 48.43 41.35
CA GLY D 641 -3.28 48.37 42.45
C GLY D 641 -1.93 48.98 42.18
N THR D 642 -1.84 49.94 41.27
CA THR D 642 -0.57 50.59 40.96
C THR D 642 -0.55 52.01 41.52
N LYS D 643 0.66 52.53 41.70
CA LYS D 643 0.86 53.87 42.21
C LYS D 643 0.69 54.96 41.16
N ILE D 644 0.73 54.60 39.87
CA ILE D 644 0.54 55.59 38.83
C ILE D 644 -0.85 56.19 38.94
N GLU D 645 -0.95 57.50 38.75
CA GLU D 645 -2.21 58.21 38.93
C GLU D 645 -2.65 59.00 37.70
N VAL D 646 -1.92 58.90 36.59
CA VAL D 646 -2.32 59.58 35.37
C VAL D 646 -1.75 58.82 34.17
N LEU D 647 -2.60 58.59 33.18
CA LEU D 647 -2.06 57.87 32.03
C LEU D 647 -1.47 58.84 31.02
N PRO D 648 -0.45 58.39 30.28
CA PRO D 648 0.15 59.25 29.26
C PRO D 648 -0.82 59.49 28.11
N TRP D 649 -0.57 60.60 27.41
CA TRP D 649 -1.38 60.94 26.25
C TRP D 649 -1.27 59.90 25.13
N SER D 650 -0.20 59.12 25.11
CA SER D 650 0.00 58.17 24.01
C SER D 650 -0.84 56.92 24.19
N VAL D 651 -2.13 57.10 24.43
CA VAL D 651 -3.09 56.00 24.35
C VAL D 651 -4.07 56.20 23.20
N VAL D 652 -4.21 57.43 22.70
CA VAL D 652 -4.94 57.66 21.46
C VAL D 652 -4.31 56.88 20.32
N GLN D 653 -2.98 56.78 20.33
CA GLN D 653 -2.27 56.02 19.32
C GLN D 653 -2.65 54.55 19.32
N LEU D 654 -3.15 54.03 20.44
CA LEU D 654 -3.58 52.64 20.50
C LEU D 654 -4.81 52.42 19.62
N ARG D 655 -4.90 51.23 19.05
CA ARG D 655 -5.94 50.89 18.09
C ARG D 655 -6.75 49.66 18.49
N ARG D 656 -6.10 48.62 19.00
CA ARG D 656 -6.77 47.37 19.32
C ARG D 656 -6.74 47.16 20.82
N LEU D 657 -7.91 46.88 21.40
CA LEU D 657 -8.03 46.62 22.82
C LEU D 657 -9.47 46.23 23.11
N MET D 658 -9.66 45.40 24.14
CA MET D 658 -11.01 45.01 24.52
C MET D 658 -11.27 45.25 26.00
N CYS D 659 -10.25 45.11 26.85
CA CYS D 659 -10.43 45.31 28.28
C CYS D 659 -9.39 46.29 28.81
N LEU D 660 -9.80 47.09 29.79
CA LEU D 660 -8.93 48.05 30.45
C LEU D 660 -9.32 48.08 31.92
N TYR D 661 -8.66 47.23 32.72
CA TYR D 661 -8.90 47.15 34.16
C TYR D 661 -8.14 48.27 34.86
N VAL D 662 -8.71 49.46 34.80
CA VAL D 662 -8.09 50.66 35.35
C VAL D 662 -8.84 51.05 36.62
N ASP D 663 -8.16 51.80 37.49
CA ASP D 663 -8.77 52.31 38.71
C ASP D 663 -9.14 53.78 38.52
N TYR D 664 -10.21 54.18 39.20
CA TYR D 664 -10.77 55.52 39.03
C TYR D 664 -9.84 56.61 39.53
N GLY D 665 -8.82 56.27 40.31
CA GLY D 665 -7.86 57.27 40.72
C GLY D 665 -7.13 57.90 39.56
N MET D 666 -6.87 57.12 38.51
CA MET D 666 -6.11 57.64 37.39
C MET D 666 -6.97 58.54 36.51
N LYS D 667 -6.29 59.29 35.64
CA LYS D 667 -6.90 60.27 34.76
C LYS D 667 -6.89 59.74 33.33
N LEU D 668 -8.05 59.79 32.68
CA LEU D 668 -8.18 59.32 31.32
C LEU D 668 -8.08 60.50 30.36
N PRO D 669 -7.14 60.50 29.41
CA PRO D 669 -7.00 61.64 28.52
C PRO D 669 -8.15 61.74 27.54
N SER D 670 -8.34 62.95 27.01
CA SER D 670 -9.43 63.19 26.07
C SER D 670 -9.18 62.45 24.77
N GLY D 671 -10.29 62.10 24.10
CA GLY D 671 -10.21 61.33 22.88
C GLY D 671 -10.34 59.84 23.13
N ILE D 672 -11.36 59.46 23.90
CA ILE D 672 -11.56 58.05 24.21
C ILE D 672 -12.44 57.34 23.19
N GLY D 673 -13.27 58.08 22.47
CA GLY D 673 -14.18 57.45 21.52
C GLY D 673 -13.51 56.76 20.37
N ASN D 674 -12.21 57.02 20.15
CA ASN D 674 -11.49 56.37 19.07
C ASN D 674 -11.40 54.86 19.27
N LEU D 675 -11.27 54.40 20.52
CA LEU D 675 -11.11 52.98 20.79
C LEU D 675 -12.44 52.27 20.55
N THR D 676 -12.76 52.11 19.27
CA THR D 676 -14.03 51.48 18.89
C THR D 676 -14.06 50.02 19.32
N PHE D 677 -12.94 49.32 19.19
CA PHE D 677 -12.91 47.90 19.50
C PHE D 677 -12.99 47.61 20.99
N LEU D 678 -12.92 48.62 21.84
CA LEU D 678 -12.94 48.38 23.27
C LEU D 678 -14.24 47.68 23.66
N GLU D 679 -14.13 46.70 24.56
CA GLU D 679 -15.24 45.81 24.86
C GLU D 679 -15.62 45.76 26.33
N VAL D 680 -14.72 46.12 27.24
CA VAL D 680 -15.07 46.17 28.66
C VAL D 680 -14.16 47.15 29.40
N LEU D 681 -14.76 47.99 30.22
CA LEU D 681 -14.05 49.03 30.97
C LEU D 681 -14.51 49.02 32.42
N ASP D 682 -13.55 49.12 33.33
CA ASP D 682 -13.81 48.95 34.75
C ASP D 682 -13.35 50.17 35.53
N ASP D 683 -14.20 50.60 36.47
CA ASP D 683 -13.86 51.61 37.48
C ASP D 683 -13.30 52.87 36.84
N LEU D 684 -14.13 53.53 36.05
CA LEU D 684 -13.73 54.78 35.40
C LEU D 684 -13.96 55.95 36.34
N GLY D 685 -12.96 56.81 36.47
CA GLY D 685 -13.06 57.99 37.31
C GLY D 685 -13.66 59.17 36.55
N LEU D 686 -14.84 59.60 36.97
CA LEU D 686 -15.58 60.63 36.27
C LEU D 686 -15.72 61.84 37.19
N SER D 687 -14.74 62.73 37.13
CA SER D 687 -14.74 63.94 37.94
C SER D 687 -14.06 65.05 37.17
N ASP D 688 -14.67 66.22 37.15
CA ASP D 688 -14.14 67.40 36.46
C ASP D 688 -13.85 67.09 34.99
N VAL D 689 -14.91 66.77 34.28
CA VAL D 689 -14.83 66.33 32.89
C VAL D 689 -15.74 67.19 32.02
N ASP D 690 -15.23 67.56 30.85
CA ASP D 690 -15.99 68.36 29.90
C ASP D 690 -17.03 67.50 29.19
N LEU D 691 -18.02 68.17 28.61
CA LEU D 691 -19.20 67.48 28.09
C LEU D 691 -18.89 66.68 26.82
N ASP D 692 -18.02 67.20 25.96
CA ASP D 692 -17.69 66.48 24.73
C ASP D 692 -17.07 65.13 25.05
N PHE D 693 -16.13 65.09 26.00
CA PHE D 693 -15.54 63.82 26.40
C PHE D 693 -16.59 62.88 26.97
N VAL D 694 -17.54 63.43 27.72
CA VAL D 694 -18.62 62.62 28.27
C VAL D 694 -19.43 61.98 27.14
N LYS D 695 -19.76 62.77 26.11
CA LYS D 695 -20.50 62.23 24.99
C LYS D 695 -19.67 61.26 24.16
N GLU D 696 -18.35 61.35 24.23
CA GLU D 696 -17.51 60.42 23.48
C GLU D 696 -17.78 58.98 23.87
N LEU D 697 -18.24 58.75 25.10
CA LEU D 697 -18.50 57.40 25.57
C LEU D 697 -19.60 56.70 24.78
N GLY D 698 -20.54 57.44 24.20
CA GLY D 698 -21.55 56.80 23.40
C GLY D 698 -21.11 56.40 22.02
N ARG D 699 -19.89 56.78 21.63
CA ARG D 699 -19.43 56.49 20.28
C ARG D 699 -19.17 55.00 20.09
N LEU D 700 -18.55 54.35 21.07
CA LEU D 700 -18.13 52.96 20.94
C LEU D 700 -19.30 52.06 21.32
N THR D 701 -19.94 51.48 20.31
CA THR D 701 -21.12 50.63 20.50
C THR D 701 -20.76 49.16 20.56
N LYS D 702 -19.80 48.81 21.41
CA LYS D 702 -19.37 47.42 21.54
C LYS D 702 -19.17 46.99 22.98
N LEU D 703 -19.29 47.89 23.94
CA LEU D 703 -18.93 47.58 25.31
C LEU D 703 -19.99 46.72 25.97
N ARG D 704 -19.54 45.75 26.78
CA ARG D 704 -20.44 44.90 27.54
C ARG D 704 -20.54 45.28 29.02
N VAL D 705 -19.41 45.37 29.72
CA VAL D 705 -19.41 45.55 31.17
C VAL D 705 -18.73 46.87 31.50
N LEU D 706 -19.44 47.73 32.22
CA LEU D 706 -18.91 49.04 32.60
C LEU D 706 -19.15 49.28 34.08
N ARG D 707 -18.13 49.80 34.76
CA ARG D 707 -18.21 50.15 36.17
C ARG D 707 -17.86 51.61 36.34
N LEU D 708 -18.73 52.36 37.02
CA LEU D 708 -18.57 53.80 37.16
C LEU D 708 -18.74 54.22 38.60
N ASP D 709 -17.79 55.03 39.07
CA ASP D 709 -17.92 55.75 40.33
C ASP D 709 -17.49 57.18 40.08
N PHE D 710 -18.06 58.11 40.83
CA PHE D 710 -17.81 59.52 40.56
C PHE D 710 -18.16 60.35 41.79
N HIS D 711 -17.62 61.57 41.80
CA HIS D 711 -17.98 62.56 42.82
C HIS D 711 -18.22 63.96 42.29
N GLY D 712 -17.88 64.27 41.04
CA GLY D 712 -17.78 65.66 40.66
C GLY D 712 -18.39 66.13 39.36
N PHE D 713 -19.54 65.58 38.95
CA PHE D 713 -20.18 66.13 37.76
C PHE D 713 -21.71 66.11 37.83
N ASP D 714 -22.30 66.11 39.03
CA ASP D 714 -23.75 65.92 39.15
C ASP D 714 -24.46 67.16 38.60
N GLN D 715 -24.61 67.17 37.29
CA GLN D 715 -25.30 68.25 36.58
C GLN D 715 -26.15 67.61 35.49
N SER D 716 -26.66 68.44 34.57
CA SER D 716 -27.39 67.90 33.43
C SER D 716 -26.49 67.11 32.48
N MET D 717 -25.18 67.31 32.57
CA MET D 717 -24.27 66.48 31.80
C MET D 717 -24.38 65.02 32.22
N GLY D 718 -24.82 64.79 33.46
CA GLY D 718 -25.17 63.44 33.86
C GLY D 718 -26.27 62.85 32.99
N LYS D 719 -27.30 63.64 32.70
CA LYS D 719 -28.33 63.18 31.76
C LYS D 719 -27.78 63.07 30.34
N ALA D 720 -26.86 63.97 29.97
CA ALA D 720 -26.24 63.87 28.65
C ALA D 720 -25.57 62.52 28.47
N LEU D 721 -24.84 62.06 29.48
CA LEU D 721 -24.30 60.70 29.47
C LEU D 721 -25.39 59.65 29.64
N GLU D 722 -26.49 59.99 30.32
CA GLU D 722 -27.54 59.02 30.59
C GLU D 722 -28.19 58.54 29.31
N GLU D 723 -28.52 59.45 28.40
CA GLU D 723 -28.99 59.00 27.10
C GLU D 723 -27.84 58.51 26.22
N SER D 724 -26.61 58.95 26.49
CA SER D 724 -25.47 58.45 25.72
C SER D 724 -25.25 56.96 25.97
N ILE D 725 -25.66 56.47 27.13
CA ILE D 725 -25.53 55.05 27.44
C ILE D 725 -26.33 54.21 26.45
N SER D 726 -27.55 54.64 26.13
CA SER D 726 -28.42 53.84 25.29
C SER D 726 -27.92 53.70 23.86
N ASN D 727 -26.91 54.48 23.48
CA ASN D 727 -26.30 54.31 22.16
C ASN D 727 -25.73 52.92 21.98
N MET D 728 -25.37 52.26 23.07
CA MET D 728 -24.83 50.91 23.03
C MET D 728 -25.94 49.89 23.26
N TYR D 729 -25.79 48.72 22.61
CA TYR D 729 -26.77 47.66 22.73
C TYR D 729 -26.16 46.32 23.11
N LYS D 730 -24.85 46.27 23.33
CA LYS D 730 -24.15 45.06 23.70
C LYS D 730 -24.01 44.88 25.20
N LEU D 731 -24.59 45.77 25.99
CA LEU D 731 -24.42 45.69 27.44
C LEU D 731 -24.93 44.37 27.99
N ASP D 732 -24.37 43.96 29.11
CA ASP D 732 -24.93 42.87 29.90
C ASP D 732 -24.86 43.11 31.40
N SER D 733 -24.12 44.11 31.87
CA SER D 733 -24.03 44.43 33.28
C SER D 733 -23.59 45.88 33.42
N LEU D 734 -24.02 46.51 34.52
CA LEU D 734 -23.68 47.91 34.77
C LEU D 734 -23.81 48.17 36.26
N ASP D 735 -23.16 49.24 36.72
CA ASP D 735 -23.26 49.65 38.10
C ASP D 735 -22.72 51.07 38.24
N VAL D 736 -23.33 51.83 39.15
CA VAL D 736 -23.02 53.24 39.34
C VAL D 736 -22.83 53.52 40.82
N PHE D 737 -21.79 54.25 41.16
CA PHE D 737 -21.44 54.55 42.55
C PHE D 737 -21.44 56.06 42.76
N VAL D 738 -22.11 56.51 43.83
CA VAL D 738 -22.20 57.92 44.15
C VAL D 738 -22.55 58.03 45.63
N ASN D 739 -22.08 59.10 46.27
CA ASN D 739 -22.10 59.23 47.72
C ASN D 739 -23.30 60.06 48.17
N ARG D 740 -24.17 59.44 48.98
CA ARG D 740 -25.21 60.10 49.78
C ARG D 740 -25.87 61.25 49.04
N GLY D 741 -26.53 60.92 47.93
CA GLY D 741 -27.23 61.93 47.17
C GLY D 741 -28.38 61.34 46.42
N LEU D 742 -29.27 62.23 45.98
CA LEU D 742 -30.32 61.82 45.05
C LEU D 742 -29.69 61.61 43.68
N ILE D 743 -30.21 60.63 42.93
CA ILE D 743 -29.57 60.19 41.70
C ILE D 743 -29.96 61.18 40.61
N ASN D 744 -29.09 62.16 40.35
CA ASN D 744 -29.36 63.13 39.28
C ASN D 744 -28.71 62.72 37.97
N CYS D 745 -28.88 61.45 37.58
CA CYS D 745 -28.43 60.99 36.28
C CYS D 745 -29.54 60.39 35.45
N LEU D 746 -30.26 59.41 35.97
CA LEU D 746 -31.23 58.65 35.21
C LEU D 746 -32.57 59.35 35.18
N SER D 747 -33.09 59.55 33.97
CA SER D 747 -34.43 60.11 33.79
C SER D 747 -35.45 58.98 33.71
N GLU D 748 -36.72 59.35 33.71
CA GLU D 748 -37.78 58.38 33.51
C GLU D 748 -38.12 58.17 32.04
N HIS D 749 -37.53 58.97 31.15
CA HIS D 749 -37.73 58.83 29.71
C HIS D 749 -36.35 58.57 29.09
N TRP D 750 -35.95 57.30 29.10
CA TRP D 750 -34.68 56.89 28.52
C TRP D 750 -34.75 55.40 28.26
N VAL D 751 -34.67 55.02 26.98
CA VAL D 751 -34.75 53.60 26.64
C VAL D 751 -33.47 52.88 27.08
N PRO D 752 -33.58 51.73 27.73
CA PRO D 752 -32.38 50.99 28.11
C PRO D 752 -31.91 50.09 26.98
N PRO D 753 -30.66 49.66 27.00
CA PRO D 753 -30.20 48.65 26.04
C PRO D 753 -30.99 47.37 26.20
N PRO D 754 -31.31 46.70 25.09
CA PRO D 754 -32.20 45.53 25.17
C PRO D 754 -31.66 44.40 26.02
N ARG D 755 -30.35 44.22 26.05
CA ARG D 755 -29.74 43.12 26.78
C ARG D 755 -29.11 43.69 28.05
N LEU D 756 -29.63 43.26 29.21
CA LEU D 756 -29.11 43.66 30.50
C LEU D 756 -29.38 42.54 31.50
N CYS D 757 -28.37 42.19 32.27
CA CYS D 757 -28.48 41.08 33.21
C CYS D 757 -28.21 41.46 34.65
N ARG D 758 -27.22 42.32 34.91
CA ARG D 758 -26.82 42.54 36.29
C ARG D 758 -27.34 43.85 36.89
N LEU D 759 -26.92 45.00 36.33
CA LEU D 759 -27.32 46.32 36.81
C LEU D 759 -27.27 46.42 38.34
N ALA D 760 -26.04 46.44 38.85
CA ALA D 760 -25.82 46.58 40.28
C ALA D 760 -25.76 48.05 40.67
N PHE D 761 -25.68 48.28 41.98
CA PHE D 761 -25.50 49.63 42.52
C PHE D 761 -24.75 49.51 43.84
N PRO D 762 -23.45 49.78 43.83
CA PRO D 762 -22.64 49.56 45.04
C PRO D 762 -22.95 50.53 46.16
N SER D 763 -23.30 51.77 45.84
CA SER D 763 -23.52 52.78 46.87
C SER D 763 -24.78 52.47 47.68
N LYS D 764 -24.73 52.77 48.98
CA LYS D 764 -25.88 52.64 49.85
C LYS D 764 -26.26 53.93 50.54
N ARG D 765 -25.38 54.93 50.57
CA ARG D 765 -25.74 56.23 51.10
C ARG D 765 -26.60 57.03 50.14
N SER D 766 -26.40 56.86 48.84
CA SER D 766 -27.24 57.52 47.86
C SER D 766 -28.58 56.80 47.75
N TRP D 767 -29.52 57.42 47.04
CA TRP D 767 -30.87 56.91 46.97
C TRP D 767 -31.56 57.43 45.73
N PHE D 768 -32.52 56.65 45.24
CA PHE D 768 -33.50 57.15 44.30
C PHE D 768 -34.73 57.65 45.06
N LYS D 769 -35.45 58.57 44.43
CA LYS D 769 -36.72 59.00 45.00
C LYS D 769 -37.72 57.87 45.02
N THR D 770 -37.94 57.23 43.87
CA THR D 770 -38.87 56.12 43.74
C THR D 770 -38.29 55.10 42.78
N LEU D 771 -39.07 54.05 42.53
CA LEU D 771 -38.66 53.05 41.54
C LEU D 771 -38.74 53.65 40.15
N PRO D 772 -37.66 53.59 39.36
CA PRO D 772 -37.70 54.18 38.02
C PRO D 772 -38.76 53.53 37.15
N SER D 773 -39.39 54.36 36.30
CA SER D 773 -40.43 53.86 35.41
C SER D 773 -39.86 52.97 34.31
N TRP D 774 -38.67 53.29 33.81
CA TRP D 774 -38.11 52.54 32.70
C TRP D 774 -37.74 51.11 33.08
N ILE D 775 -37.72 50.77 34.36
CA ILE D 775 -37.65 49.38 34.77
C ILE D 775 -39.03 48.77 34.60
N ASN D 776 -39.12 47.78 33.72
CA ASN D 776 -40.40 47.15 33.42
C ASN D 776 -40.14 45.77 32.88
N PRO D 777 -41.09 44.84 33.00
CA PRO D 777 -40.93 43.54 32.35
C PRO D 777 -40.84 43.63 30.85
N SER D 778 -41.32 44.72 30.25
CA SER D 778 -41.22 44.92 28.80
C SER D 778 -39.76 44.99 28.37
N SER D 779 -39.07 46.06 28.74
CA SER D 779 -37.68 46.20 28.36
C SER D 779 -36.79 45.42 29.32
N LEU D 780 -35.56 45.17 28.89
CA LEU D 780 -34.55 44.47 29.68
C LEU D 780 -35.07 43.26 30.46
N PRO D 781 -35.65 42.28 29.77
CA PRO D 781 -36.17 41.09 30.46
C PRO D 781 -35.11 40.06 30.81
N LEU D 782 -33.83 40.38 30.66
CA LEU D 782 -32.76 39.43 30.87
C LEU D 782 -32.07 39.60 32.21
N LEU D 783 -32.66 40.35 33.13
CA LEU D 783 -32.00 40.63 34.40
C LEU D 783 -31.94 39.39 35.28
N SER D 784 -30.78 39.20 35.92
CA SER D 784 -30.60 38.15 36.92
C SER D 784 -29.99 38.71 38.19
N TYR D 785 -30.13 40.01 38.40
CA TYR D 785 -29.43 40.74 39.46
C TYR D 785 -30.10 42.11 39.56
N LEU D 786 -30.37 42.55 40.79
CA LEU D 786 -31.13 43.79 40.96
C LEU D 786 -30.35 44.89 41.66
N ASP D 787 -29.94 44.68 42.92
CA ASP D 787 -29.05 45.59 43.65
C ASP D 787 -29.46 47.06 43.52
N ILE D 788 -30.58 47.40 44.14
CA ILE D 788 -31.06 48.78 44.13
C ILE D 788 -31.10 49.32 45.55
N THR D 789 -30.95 50.64 45.66
CA THR D 789 -31.21 51.38 46.89
C THR D 789 -31.91 52.68 46.53
N LEU D 790 -32.87 53.07 47.36
CA LEU D 790 -33.68 54.24 47.08
C LEU D 790 -34.27 54.75 48.39
N PHE D 791 -34.76 55.99 48.35
CA PHE D 791 -35.24 56.62 49.57
C PHE D 791 -36.52 55.97 50.07
N GLU D 792 -37.57 56.03 49.26
CA GLU D 792 -38.88 55.55 49.69
C GLU D 792 -39.03 54.07 49.36
N VAL D 793 -40.26 53.56 49.51
CA VAL D 793 -40.58 52.18 49.17
C VAL D 793 -42.08 52.11 48.94
N ARG D 794 -42.50 51.21 48.06
CA ARG D 794 -43.91 51.07 47.73
C ARG D 794 -44.27 49.59 47.71
N SER D 795 -45.50 49.30 48.16
CA SER D 795 -46.02 47.94 48.06
C SER D 795 -46.35 47.56 46.63
N GLU D 796 -46.33 48.50 45.70
CA GLU D 796 -46.51 48.23 44.28
C GLU D 796 -45.20 48.05 43.54
N ASP D 797 -44.09 48.56 44.08
CA ASP D 797 -42.79 48.33 43.46
C ASP D 797 -42.44 46.84 43.46
N ILE D 798 -42.74 46.15 44.56
CA ILE D 798 -42.50 44.71 44.62
C ILE D 798 -43.37 43.98 43.60
N GLN D 799 -44.63 44.41 43.46
CA GLN D 799 -45.51 43.80 42.49
C GLN D 799 -44.99 44.00 41.07
N LEU D 800 -44.48 45.19 40.77
CA LEU D 800 -43.87 45.44 39.47
C LEU D 800 -42.65 44.57 39.24
N LEU D 801 -41.79 44.45 40.25
CA LEU D 801 -40.58 43.66 40.11
C LEU D 801 -40.86 42.17 40.01
N GLY D 802 -42.01 41.72 40.51
CA GLY D 802 -42.35 40.33 40.40
C GLY D 802 -42.80 39.88 39.03
N THR D 803 -42.82 40.77 38.05
CA THR D 803 -43.23 40.37 36.71
C THR D 803 -42.03 40.06 35.81
N LEU D 804 -40.85 40.53 36.17
CA LEU D 804 -39.66 40.28 35.37
C LEU D 804 -39.34 38.78 35.37
N PRO D 805 -38.79 38.25 34.27
CA PRO D 805 -38.66 36.80 34.14
C PRO D 805 -37.73 36.11 35.12
N ALA D 806 -36.44 36.48 35.14
CA ALA D 806 -35.49 35.68 35.91
C ALA D 806 -35.23 36.24 37.29
N LEU D 807 -34.60 37.41 37.36
CA LEU D 807 -34.25 38.08 38.62
C LEU D 807 -33.72 37.09 39.66
N VAL D 808 -32.60 36.45 39.31
CA VAL D 808 -32.02 35.44 40.20
C VAL D 808 -31.57 36.09 41.50
N TYR D 809 -30.95 37.26 41.42
CA TYR D 809 -30.41 37.95 42.59
C TYR D 809 -31.24 39.19 42.89
N LEU D 810 -31.66 39.33 44.15
CA LEU D 810 -32.47 40.45 44.59
C LEU D 810 -31.89 41.06 45.86
N GLU D 811 -31.73 42.38 45.87
CA GLU D 811 -31.20 43.08 47.03
C GLU D 811 -31.68 44.52 46.98
N ILE D 812 -32.54 44.90 47.91
CA ILE D 812 -33.17 46.22 47.92
C ILE D 812 -32.91 46.89 49.27
N TRP D 813 -32.55 48.18 49.22
CA TRP D 813 -32.28 48.97 50.41
C TRP D 813 -33.31 50.09 50.54
N ASN D 814 -33.88 50.23 51.74
CA ASN D 814 -34.82 51.29 52.04
C ASN D 814 -34.10 52.36 52.87
N TYR D 815 -33.76 53.47 52.22
CA TYR D 815 -32.92 54.48 52.85
C TYR D 815 -33.62 55.11 54.05
N SER D 816 -34.92 55.40 53.92
CA SER D 816 -35.63 56.15 54.95
C SER D 816 -35.70 55.39 56.28
N VAL D 817 -35.81 54.07 56.23
CA VAL D 817 -35.93 53.29 57.46
C VAL D 817 -34.64 53.38 58.27
N PHE D 818 -33.50 53.19 57.62
CA PHE D 818 -32.22 53.16 58.31
C PHE D 818 -31.55 54.53 58.41
N GLU D 819 -32.21 55.59 57.93
CA GLU D 819 -31.67 56.93 58.05
C GLU D 819 -32.65 57.97 58.58
N GLU D 820 -33.95 57.69 58.55
CA GLU D 820 -34.95 58.63 59.04
C GLU D 820 -35.89 57.91 59.99
N ALA D 821 -36.66 58.68 60.72
CA ALA D 821 -37.61 58.14 61.70
C ALA D 821 -38.80 57.58 60.95
N HIS D 822 -38.68 56.34 60.50
CA HIS D 822 -39.75 55.66 59.78
C HIS D 822 -39.91 54.25 60.32
N GLU D 823 -41.13 53.73 60.20
CA GLU D 823 -41.44 52.39 60.66
C GLU D 823 -41.51 51.43 59.47
N VAL D 824 -40.94 50.24 59.67
CA VAL D 824 -40.95 49.21 58.65
C VAL D 824 -42.41 48.78 58.43
N GLU D 825 -42.97 49.14 57.28
CA GLU D 825 -44.31 48.73 56.93
C GLU D 825 -44.29 47.31 56.37
N ALA D 826 -45.46 46.82 55.98
CA ALA D 826 -45.59 45.48 55.39
C ALA D 826 -46.11 45.60 53.97
N PRO D 827 -45.24 45.59 52.97
CA PRO D 827 -45.72 45.62 51.58
C PRO D 827 -46.50 44.36 51.24
N VAL D 828 -47.45 44.50 50.32
CA VAL D 828 -48.39 43.45 49.99
C VAL D 828 -48.21 43.06 48.53
N LEU D 829 -48.02 41.78 48.29
CA LEU D 829 -47.96 41.23 46.93
C LEU D 829 -49.38 40.99 46.47
N SER D 830 -49.99 42.02 45.87
CA SER D 830 -51.41 41.98 45.57
C SER D 830 -51.71 41.10 44.35
N SER D 831 -51.24 41.50 43.18
CA SER D 831 -51.61 40.82 41.95
C SER D 831 -50.80 39.55 41.75
N GLY D 832 -51.34 38.65 40.93
CA GLY D 832 -50.66 37.42 40.58
C GLY D 832 -50.66 36.39 41.70
N ALA D 833 -49.94 35.30 41.45
CA ALA D 833 -49.83 34.21 42.39
C ALA D 833 -48.41 33.94 42.83
N ALA D 834 -47.46 33.85 41.90
CA ALA D 834 -46.08 33.51 42.23
C ALA D 834 -45.14 34.69 42.02
N LEU D 835 -45.11 35.26 40.81
CA LEU D 835 -44.30 36.43 40.49
C LEU D 835 -42.80 36.18 40.65
N PHE D 836 -42.41 34.95 40.97
CA PHE D 836 -41.01 34.63 41.22
C PHE D 836 -40.77 33.17 40.84
N PRO D 837 -40.73 32.88 39.53
CA PRO D 837 -40.47 31.51 39.10
C PRO D 837 -39.13 30.97 39.55
N CYS D 838 -38.11 31.82 39.60
CA CYS D 838 -36.76 31.38 39.96
C CYS D 838 -36.02 32.59 40.55
N ALA D 839 -36.00 32.67 41.88
CA ALA D 839 -35.30 33.74 42.58
C ALA D 839 -34.60 33.11 43.78
N THR D 840 -33.36 32.66 43.56
CA THR D 840 -32.63 31.98 44.63
C THR D 840 -32.22 32.95 45.72
N GLU D 841 -31.73 34.13 45.35
CA GLU D 841 -31.19 35.10 46.29
C GLU D 841 -32.07 36.34 46.30
N CYS D 842 -32.65 36.64 47.47
CA CYS D 842 -33.49 37.81 47.67
C CYS D 842 -33.12 38.47 48.99
N ARG D 843 -32.85 39.77 48.94
CA ARG D 843 -32.48 40.52 50.14
C ARG D 843 -33.34 41.76 50.24
N PHE D 844 -33.94 41.97 51.41
CA PHE D 844 -34.71 43.17 51.69
C PHE D 844 -34.10 43.86 52.90
N ILE D 845 -33.77 45.14 52.74
CA ILE D 845 -33.13 45.92 53.79
C ILE D 845 -34.12 46.98 54.25
N GLY D 846 -34.43 46.98 55.55
CA GLY D 846 -35.37 47.92 56.09
C GLY D 846 -36.79 47.74 55.60
N ILE D 847 -37.09 46.62 54.95
CA ILE D 847 -38.41 46.35 54.40
C ILE D 847 -38.89 45.01 54.95
N GLY D 848 -40.13 44.99 55.45
CA GLY D 848 -40.65 43.81 56.09
C GLY D 848 -41.19 42.78 55.12
N ALA D 849 -40.52 41.64 55.03
CA ALA D 849 -40.94 40.55 54.16
C ALA D 849 -41.32 39.37 55.05
N VAL D 850 -42.60 39.27 55.38
CA VAL D 850 -43.09 38.17 56.20
C VAL D 850 -43.04 36.90 55.37
N PRO D 851 -42.94 35.73 55.99
CA PRO D 851 -42.99 34.48 55.20
C PRO D 851 -44.29 34.30 54.45
N SER D 852 -45.37 34.94 54.89
CA SER D 852 -46.68 34.76 54.26
C SER D 852 -46.94 35.81 53.18
N MET D 853 -46.00 35.96 52.24
CA MET D 853 -46.30 36.67 51.01
C MET D 853 -47.25 35.87 50.14
N PHE D 854 -47.17 34.54 50.22
CA PHE D 854 -47.96 33.62 49.43
C PHE D 854 -47.71 32.21 49.96
N PRO D 855 -48.59 31.26 49.66
CA PRO D 855 -48.27 29.85 49.94
C PRO D 855 -46.97 29.43 49.27
N GLN D 856 -46.55 28.21 49.60
CA GLN D 856 -45.25 27.71 49.16
C GLN D 856 -45.10 27.70 47.64
N GLY D 857 -46.21 27.70 46.90
CA GLY D 857 -46.15 27.70 45.45
C GLY D 857 -45.98 29.07 44.82
N ALA D 858 -45.08 29.88 45.36
CA ALA D 858 -44.75 31.18 44.80
C ALA D 858 -43.30 31.28 44.37
N ALA D 859 -42.37 30.86 45.23
CA ALA D 859 -40.94 30.87 44.93
C ALA D 859 -40.46 29.43 45.00
N PRO D 860 -40.44 28.72 43.87
CA PRO D 860 -39.95 27.33 43.90
C PRO D 860 -38.53 27.21 44.43
N ARG D 861 -37.64 28.11 44.00
CA ARG D 861 -36.23 28.03 44.35
C ARG D 861 -35.83 29.33 45.04
N LEU D 862 -35.60 29.25 46.35
CA LEU D 862 -35.17 30.41 47.12
C LEU D 862 -34.43 29.89 48.35
N LYS D 863 -33.10 29.97 48.31
CA LYS D 863 -32.27 29.50 49.41
C LYS D 863 -32.08 30.54 50.50
N ARG D 864 -32.16 31.83 50.17
CA ARG D 864 -31.76 32.88 51.09
C ARG D 864 -32.78 34.00 51.08
N LEU D 865 -33.08 34.54 52.25
CA LEU D 865 -34.03 35.63 52.40
C LEU D 865 -33.60 36.50 53.58
N TRP D 866 -33.76 37.81 53.42
CA TRP D 866 -33.39 38.75 54.47
C TRP D 866 -34.41 39.87 54.54
N PHE D 867 -34.84 40.19 55.75
CA PHE D 867 -35.81 41.27 55.97
C PHE D 867 -35.74 41.71 57.43
N THR D 868 -36.38 42.83 57.72
CA THR D 868 -36.45 43.38 59.06
C THR D 868 -37.81 43.11 59.67
N PHE D 869 -37.83 42.87 60.98
CA PHE D 869 -39.05 42.47 61.68
C PHE D 869 -39.19 43.30 62.96
N PRO D 870 -40.25 44.09 63.11
CA PRO D 870 -40.46 44.81 64.36
C PRO D 870 -40.83 43.86 65.48
N ALA D 871 -40.49 44.25 66.70
CA ALA D 871 -40.89 43.47 67.87
C ALA D 871 -42.36 43.64 68.22
N LYS D 872 -43.00 44.69 67.71
CA LYS D 872 -44.42 44.92 67.99
C LYS D 872 -45.31 43.96 67.24
N TRP D 873 -44.81 43.33 66.18
CA TRP D 873 -45.58 42.37 65.41
C TRP D 873 -45.55 40.98 66.02
N ILE D 874 -44.81 40.80 67.12
CA ILE D 874 -44.72 39.47 67.75
C ILE D 874 -46.10 39.01 68.20
N SER D 875 -46.88 39.91 68.80
CA SER D 875 -48.22 39.58 69.25
C SER D 875 -49.26 39.65 68.14
N SER D 876 -48.87 40.04 66.93
CA SER D 876 -49.81 40.13 65.82
C SER D 876 -50.01 38.76 65.18
N GLU D 877 -50.78 38.73 64.10
CA GLU D 877 -51.02 37.50 63.36
C GLU D 877 -50.53 37.56 61.92
N ASN D 878 -49.69 38.52 61.58
CA ASN D 878 -49.14 38.66 60.24
C ASN D 878 -47.81 37.95 60.06
N ILE D 879 -47.37 37.19 61.06
CA ILE D 879 -46.07 36.51 61.02
C ILE D 879 -46.37 35.02 61.10
N GLY D 880 -47.49 34.60 60.52
CA GLY D 880 -47.97 33.24 60.70
C GLY D 880 -47.17 32.17 59.99
N LEU D 881 -45.95 31.94 60.46
CA LEU D 881 -45.07 30.92 59.90
C LEU D 881 -45.29 29.60 60.63
N GLY D 882 -44.45 28.61 60.35
CA GLY D 882 -44.55 27.29 60.94
C GLY D 882 -44.51 26.15 59.96
N MET D 883 -44.79 26.41 58.68
CA MET D 883 -44.76 25.39 57.65
C MET D 883 -43.44 25.42 56.89
N ARG D 884 -43.15 24.32 56.20
CA ARG D 884 -41.92 24.19 55.43
C ARG D 884 -42.22 24.51 53.97
N HIS D 885 -41.52 25.49 53.42
CA HIS D 885 -41.72 25.92 52.05
C HIS D 885 -40.98 24.99 51.08
N LEU D 886 -41.28 25.16 49.80
CA LEU D 886 -40.70 24.28 48.78
C LEU D 886 -39.18 24.31 48.75
N PRO D 887 -38.51 25.46 48.70
CA PRO D 887 -37.04 25.47 48.71
C PRO D 887 -36.52 25.20 50.12
N SER D 888 -35.19 25.17 50.24
CA SER D 888 -34.53 24.91 51.52
C SER D 888 -34.63 26.14 52.41
N LEU D 889 -35.87 26.48 52.76
CA LEU D 889 -36.15 27.68 53.54
C LEU D 889 -36.32 27.32 55.01
N GLN D 890 -35.20 26.88 55.60
CA GLN D 890 -35.17 26.51 57.01
C GLN D 890 -34.00 27.14 57.75
N ARG D 891 -33.06 27.76 57.05
CA ARG D 891 -31.90 28.40 57.65
C ARG D 891 -32.07 29.91 57.51
N VAL D 892 -32.54 30.55 58.58
CA VAL D 892 -32.83 31.98 58.53
C VAL D 892 -32.77 32.58 59.93
N VAL D 893 -32.16 33.76 60.03
CA VAL D 893 -32.23 34.61 61.22
C VAL D 893 -32.64 36.00 60.76
N VAL D 894 -33.56 36.62 61.49
CA VAL D 894 -34.17 37.88 61.08
C VAL D 894 -33.68 38.99 61.99
N ASP D 895 -33.32 40.12 61.39
CA ASP D 895 -32.99 41.32 62.17
C ASP D 895 -34.26 41.85 62.82
N VAL D 896 -34.39 41.63 64.12
CA VAL D 896 -35.57 42.06 64.87
C VAL D 896 -35.31 43.43 65.46
N ILE D 897 -36.31 44.31 65.39
CA ILE D 897 -36.22 45.66 65.89
C ILE D 897 -37.24 45.84 67.01
N SER D 898 -36.77 46.36 68.15
CA SER D 898 -37.63 46.60 69.31
C SER D 898 -38.77 47.57 68.97
N THR E 34 6.90 28.53 -34.90
CA THR E 34 8.07 28.23 -34.09
C THR E 34 7.74 28.33 -32.60
N LEU E 35 7.74 29.57 -32.10
CA LEU E 35 7.40 29.81 -30.70
C LEU E 35 5.98 29.33 -30.40
N GLU E 36 5.05 29.59 -31.31
CA GLU E 36 3.66 29.20 -31.08
C GLU E 36 3.50 27.69 -31.00
N LYS E 37 4.36 26.94 -31.70
CA LYS E 37 4.29 25.49 -31.63
C LYS E 37 4.54 25.00 -30.20
N LYS E 38 5.55 25.58 -29.55
CA LYS E 38 5.81 25.22 -28.16
C LYS E 38 4.61 25.57 -27.28
N VAL E 39 4.00 26.73 -27.55
CA VAL E 39 2.86 27.15 -26.74
C VAL E 39 1.71 26.16 -26.86
N ARG E 40 1.38 25.76 -28.09
CA ARG E 40 0.25 24.87 -28.28
C ARG E 40 0.56 23.46 -27.76
N LYS E 41 1.80 23.01 -27.91
CA LYS E 41 2.16 21.69 -27.39
C LYS E 41 2.11 21.69 -25.86
N GLY E 42 2.42 22.82 -25.23
CA GLY E 42 2.19 22.93 -23.80
C GLY E 42 0.72 22.96 -23.46
N ILE E 43 -0.07 23.65 -24.29
CA ILE E 43 -1.50 23.83 -23.99
C ILE E 43 -2.21 22.49 -24.01
N GLU E 44 -1.89 21.64 -24.98
CA GLU E 44 -2.58 20.35 -25.05
C GLU E 44 -2.26 19.49 -23.83
N SER E 45 -0.99 19.47 -23.40
CA SER E 45 -0.65 18.76 -22.17
C SER E 45 -1.40 19.35 -20.99
N LEU E 46 -1.53 20.67 -20.96
CA LEU E 46 -2.27 21.31 -19.88
C LEU E 46 -3.71 20.83 -19.88
N ILE E 47 -4.30 20.66 -21.06
CA ILE E 47 -5.69 20.23 -21.14
C ILE E 47 -5.83 18.79 -20.64
N THR E 48 -4.86 17.95 -20.97
CA THR E 48 -4.87 16.60 -20.40
C THR E 48 -4.82 16.67 -18.88
N GLU E 49 -3.97 17.56 -18.36
CA GLU E 49 -3.92 17.77 -16.91
C GLU E 49 -5.27 18.16 -16.37
N LEU E 50 -6.00 19.03 -17.09
CA LEU E 50 -7.38 19.31 -16.72
C LEU E 50 -8.17 18.03 -16.57
N LYS E 51 -8.30 17.25 -17.66
CA LYS E 51 -9.12 16.05 -17.55
C LYS E 51 -8.77 15.27 -16.30
N LEU E 52 -7.48 15.13 -16.01
CA LEU E 52 -7.07 14.43 -14.80
C LEU E 52 -7.63 15.09 -13.55
N MET E 53 -7.60 16.42 -13.50
CA MET E 53 -7.94 17.11 -12.27
C MET E 53 -9.44 17.16 -12.02
N GLN E 54 -10.25 17.38 -13.06
CA GLN E 54 -11.68 17.18 -12.85
C GLN E 54 -12.00 15.73 -12.54
N ALA E 55 -11.23 14.77 -13.04
CA ALA E 55 -11.42 13.39 -12.62
C ALA E 55 -11.26 13.27 -11.11
N VAL E 56 -10.17 13.82 -10.59
CA VAL E 56 -9.89 13.71 -9.15
C VAL E 56 -10.96 14.44 -8.34
N LEU E 57 -11.31 15.66 -8.75
CA LEU E 57 -12.29 16.44 -8.01
C LEU E 57 -13.65 15.77 -8.02
N SER E 58 -14.04 15.19 -9.15
CA SER E 58 -15.28 14.42 -9.20
C SER E 58 -15.20 13.23 -8.26
N LYS E 59 -14.04 12.59 -8.17
CA LYS E 59 -13.89 11.47 -7.26
C LYS E 59 -14.09 11.89 -5.81
N VAL E 60 -13.43 12.99 -5.41
CA VAL E 60 -13.41 13.36 -4.00
C VAL E 60 -14.78 13.88 -3.56
N SER E 61 -15.46 14.65 -4.40
CA SER E 61 -16.69 15.31 -3.96
C SER E 61 -17.83 14.33 -3.74
N LYS E 62 -17.68 13.08 -4.15
CA LYS E 62 -18.77 12.12 -3.98
C LYS E 62 -19.07 11.86 -2.50
N VAL E 63 -18.03 11.64 -1.70
CA VAL E 63 -18.20 11.26 -0.30
C VAL E 63 -18.62 12.48 0.52
N PRO E 64 -19.43 12.29 1.57
CA PRO E 64 -19.86 13.44 2.37
C PRO E 64 -18.69 14.05 3.12
N ALA E 65 -18.83 15.34 3.41
CA ALA E 65 -17.73 16.07 4.03
C ALA E 65 -17.66 15.83 5.53
N ASP E 66 -17.70 14.58 5.94
CA ASP E 66 -17.48 14.19 7.33
C ASP E 66 -16.46 13.06 7.46
N GLN E 67 -16.50 12.08 6.56
CA GLN E 67 -15.53 11.00 6.58
C GLN E 67 -14.22 11.40 5.93
N LEU E 68 -14.15 12.56 5.30
CA LEU E 68 -12.92 13.00 4.67
C LEU E 68 -12.03 13.68 5.69
N ASP E 69 -10.77 13.23 5.76
CA ASP E 69 -9.79 13.92 6.57
C ASP E 69 -9.48 15.29 5.99
N GLU E 70 -9.15 16.22 6.88
CA GLU E 70 -9.05 17.62 6.49
C GLU E 70 -7.86 17.86 5.55
N GLY E 71 -6.84 17.00 5.58
CA GLY E 71 -5.75 17.16 4.64
C GLY E 71 -6.24 17.01 3.20
N VAL E 72 -7.09 16.02 2.96
CA VAL E 72 -7.71 15.89 1.65
C VAL E 72 -8.54 17.13 1.31
N LYS E 73 -9.26 17.67 2.30
CA LYS E 73 -10.04 18.87 2.05
C LYS E 73 -9.16 20.02 1.57
N ILE E 74 -8.04 20.24 2.26
CA ILE E 74 -7.17 21.36 1.92
C ILE E 74 -6.56 21.15 0.54
N TRP E 75 -6.07 19.94 0.29
CA TRP E 75 -5.46 19.65 -1.02
C TRP E 75 -6.49 19.79 -2.14
N ALA E 76 -7.71 19.33 -1.92
CA ALA E 76 -8.74 19.45 -2.93
C ALA E 76 -9.09 20.90 -3.20
N GLY E 77 -9.19 21.71 -2.15
CA GLY E 77 -9.44 23.13 -2.36
C GLY E 77 -8.35 23.77 -3.20
N ASN E 78 -7.10 23.44 -2.89
CA ASN E 78 -6.00 24.04 -3.63
C ASN E 78 -6.00 23.60 -5.09
N VAL E 79 -6.30 22.32 -5.36
CA VAL E 79 -6.28 21.87 -6.74
C VAL E 79 -7.44 22.50 -7.50
N LYS E 80 -8.58 22.73 -6.85
CA LYS E 80 -9.67 23.43 -7.52
C LYS E 80 -9.28 24.85 -7.88
N GLU E 81 -8.61 25.54 -6.95
CA GLU E 81 -8.17 26.89 -7.23
C GLU E 81 -7.18 26.92 -8.39
N LEU E 82 -6.30 25.93 -8.47
CA LEU E 82 -5.40 25.84 -9.62
C LEU E 82 -6.16 25.53 -10.90
N SER E 83 -7.23 24.74 -10.78
CA SER E 83 -8.04 24.39 -11.94
C SER E 83 -8.63 25.63 -12.58
N TYR E 84 -9.11 26.56 -11.76
CA TYR E 84 -9.60 27.82 -12.32
C TYR E 84 -8.53 28.53 -13.14
N GLN E 85 -7.31 28.62 -12.61
CA GLN E 85 -6.26 29.34 -13.33
C GLN E 85 -5.94 28.69 -14.66
N MET E 86 -5.86 27.35 -14.67
CA MET E 86 -5.54 26.67 -15.92
C MET E 86 -6.65 26.82 -16.95
N GLU E 87 -7.90 26.74 -16.50
CA GLU E 87 -9.01 26.99 -17.42
C GLU E 87 -8.93 28.40 -17.97
N ASP E 88 -8.56 29.36 -17.12
CA ASP E 88 -8.39 30.74 -17.56
C ASP E 88 -7.35 30.83 -18.66
N ILE E 89 -6.20 30.20 -18.47
CA ILE E 89 -5.12 30.29 -19.45
C ILE E 89 -5.56 29.66 -20.77
N VAL E 90 -6.18 28.48 -20.71
CA VAL E 90 -6.56 27.81 -21.94
C VAL E 90 -7.62 28.62 -22.68
N ASP E 91 -8.58 29.20 -21.96
CA ASP E 91 -9.60 30.01 -22.60
C ASP E 91 -8.97 31.24 -23.25
N ALA E 92 -8.04 31.89 -22.55
CA ALA E 92 -7.39 33.06 -23.12
C ALA E 92 -6.66 32.72 -24.40
N PHE E 93 -5.89 31.63 -24.39
CA PHE E 93 -5.19 31.23 -25.61
C PHE E 93 -6.16 30.91 -26.72
N MET E 94 -7.27 30.24 -26.40
CA MET E 94 -8.24 29.86 -27.41
C MET E 94 -8.92 31.08 -28.03
N VAL E 95 -9.15 32.14 -27.27
CA VAL E 95 -9.84 33.29 -27.83
C VAL E 95 -8.86 34.20 -28.57
N ARG E 96 -7.61 34.28 -28.11
CA ARG E 96 -6.65 35.13 -28.80
C ARG E 96 -6.22 34.51 -30.13
N VAL E 97 -5.60 33.34 -30.06
CA VAL E 97 -5.07 32.68 -31.25
C VAL E 97 -5.79 31.37 -31.51
N LYS E 125 3.62 39.44 -28.78
CA LYS E 125 3.10 40.17 -27.63
C LYS E 125 2.37 39.24 -26.68
N ASP E 126 1.21 38.75 -27.11
CA ASP E 126 0.42 37.85 -26.27
C ASP E 126 1.12 36.52 -26.05
N LEU E 127 1.96 36.09 -27.00
CA LEU E 127 2.61 34.79 -26.87
C LEU E 127 3.51 34.74 -25.66
N HIS E 128 4.28 35.80 -25.42
CA HIS E 128 5.21 35.81 -24.28
C HIS E 128 4.44 35.83 -22.96
N ARG E 129 3.36 36.61 -22.89
CA ARG E 129 2.55 36.64 -21.68
C ARG E 129 1.95 35.27 -21.40
N ILE E 130 1.41 34.63 -22.43
CA ILE E 130 0.85 33.29 -22.27
C ILE E 130 1.95 32.33 -21.82
N SER E 131 3.14 32.46 -22.41
CA SER E 131 4.24 31.58 -22.06
C SER E 131 4.58 31.71 -20.58
N ALA E 132 4.75 32.93 -20.10
CA ALA E 132 5.09 33.13 -18.69
C ALA E 132 4.00 32.59 -17.79
N ALA E 133 2.73 32.85 -18.12
CA ALA E 133 1.64 32.40 -17.27
C ALA E 133 1.59 30.89 -17.18
N LEU E 134 1.67 30.20 -18.34
CA LEU E 134 1.63 28.75 -18.31
C LEU E 134 2.83 28.18 -17.56
N GLU E 135 4.02 28.74 -17.78
CA GLU E 135 5.20 28.26 -17.10
C GLU E 135 5.03 28.36 -15.59
N GLU E 136 4.64 29.53 -15.09
CA GLU E 136 4.53 29.68 -13.65
C GLU E 136 3.45 28.76 -13.09
N VAL E 137 2.32 28.62 -13.79
CA VAL E 137 1.26 27.74 -13.31
C VAL E 137 1.78 26.32 -13.18
N VAL E 138 2.57 25.87 -14.17
CA VAL E 138 3.23 24.58 -14.04
C VAL E 138 4.08 24.55 -12.78
N LEU E 139 4.77 25.65 -12.48
CA LEU E 139 5.62 25.68 -11.31
C LEU E 139 4.82 25.46 -10.02
N GLN E 140 3.74 26.20 -9.80
CA GLN E 140 3.06 25.97 -8.51
C GLN E 140 2.29 24.67 -8.51
N ALA E 141 1.89 24.16 -9.68
CA ALA E 141 1.35 22.81 -9.71
C ALA E 141 2.38 21.80 -9.22
N LYS E 142 3.60 21.91 -9.74
CA LYS E 142 4.67 21.01 -9.34
C LYS E 142 5.00 21.16 -7.86
N GLN E 143 4.97 22.39 -7.36
CA GLN E 143 5.21 22.62 -5.93
C GLN E 143 4.13 21.97 -5.09
N LEU E 144 2.86 22.22 -5.42
CA LEU E 144 1.78 21.61 -4.68
C LEU E 144 1.83 20.09 -4.74
N ALA E 145 2.50 19.53 -5.76
CA ALA E 145 2.59 18.09 -5.86
C ALA E 145 3.20 17.47 -4.60
N GLU E 146 4.38 17.95 -4.17
CA GLU E 146 5.02 17.27 -3.05
C GLU E 146 4.67 17.85 -1.69
N LEU E 147 4.12 19.06 -1.63
CA LEU E 147 3.57 19.52 -0.36
C LEU E 147 2.53 18.54 0.17
N ARG E 148 1.79 17.90 -0.73
CA ARG E 148 0.87 16.86 -0.30
C ARG E 148 1.62 15.68 0.29
N GLN E 149 2.51 15.07 -0.49
CA GLN E 149 3.14 13.82 -0.06
C GLN E 149 4.02 14.02 1.15
N ARG E 150 4.44 15.26 1.41
CA ARG E 150 5.37 15.50 2.52
C ARG E 150 4.73 15.15 3.86
N TYR E 151 3.40 15.17 3.94
CA TYR E 151 2.71 15.00 5.21
C TYR E 151 1.54 14.02 5.05
N GLU E 152 1.84 12.72 5.17
CA GLU E 152 0.79 11.71 5.30
C GLU E 152 1.23 10.66 6.31
N GLN E 153 0.23 10.01 6.89
CA GLN E 153 0.44 8.81 7.67
C GLN E 153 -0.67 7.84 7.31
N GLU E 154 -0.49 6.59 7.70
CA GLU E 154 -1.46 5.54 7.36
C GLU E 154 -2.42 5.27 8.50
N MET E 155 -1.91 5.11 9.73
CA MET E 155 -2.75 4.90 10.91
C MET E 155 -3.68 3.72 10.70
N ARG E 156 -3.08 2.53 10.61
CA ARG E 156 -3.84 1.32 10.33
C ARG E 156 -5.00 1.13 11.30
N ASP E 157 -4.83 1.55 12.55
CA ASP E 157 -5.90 1.48 13.54
C ASP E 157 -6.67 2.80 13.59
N THR E 158 -7.21 3.20 12.45
CA THR E 158 -8.06 4.39 12.36
C THR E 158 -9.52 4.04 12.04
N SER E 159 -9.90 2.77 12.21
CA SER E 159 -11.19 2.29 11.76
C SER E 159 -12.29 2.84 12.66
N ALA E 160 -12.72 4.07 12.34
CA ALA E 160 -13.85 4.67 13.02
C ALA E 160 -15.13 4.09 12.46
N ASN E 161 -16.09 3.81 13.34
CA ASN E 161 -17.33 3.18 12.92
C ASN E 161 -18.12 4.10 11.99
N THR E 162 -18.84 3.48 11.07
CA THR E 162 -19.65 4.24 10.11
C THR E 162 -20.80 4.94 10.82
N SER E 163 -21.12 6.14 10.35
CA SER E 163 -22.19 6.91 10.94
C SER E 163 -23.54 6.25 10.70
N VAL E 164 -24.44 6.38 11.67
CA VAL E 164 -25.77 5.82 11.58
C VAL E 164 -26.65 6.74 10.73
N ASP E 165 -27.84 6.27 10.39
CA ASP E 165 -28.73 7.07 9.54
C ASP E 165 -29.32 8.23 10.32
N PRO E 166 -29.09 9.47 9.92
CA PRO E 166 -29.64 10.61 10.69
C PRO E 166 -31.15 10.58 10.80
N ARG E 167 -31.84 10.05 9.81
CA ARG E 167 -33.30 10.00 9.80
C ARG E 167 -33.81 8.63 10.22
N MET E 168 -33.09 7.93 11.08
CA MET E 168 -33.55 6.63 11.56
C MET E 168 -34.39 6.78 12.82
N MET E 169 -33.85 7.45 13.83
CA MET E 169 -34.60 7.65 15.06
C MET E 169 -35.84 8.50 14.82
N ALA E 170 -35.84 9.30 13.76
CA ALA E 170 -37.05 10.05 13.40
C ALA E 170 -38.20 9.10 13.12
N LEU E 171 -37.91 7.89 12.63
CA LEU E 171 -38.95 6.88 12.51
C LEU E 171 -39.50 6.51 13.88
N TYR E 172 -38.67 6.57 14.91
CA TYR E 172 -39.12 6.28 16.27
C TYR E 172 -39.54 7.58 16.96
N THR E 173 -40.72 8.05 16.57
CA THR E 173 -41.33 9.22 17.19
C THR E 173 -42.75 8.87 17.63
N ASP E 174 -43.25 9.64 18.59
CA ASP E 174 -44.54 9.33 19.19
C ASP E 174 -45.67 9.48 18.19
N VAL E 175 -46.62 8.54 18.25
CA VAL E 175 -47.80 8.62 17.38
C VAL E 175 -48.63 9.85 17.72
N THR E 176 -48.86 10.09 19.00
CA THR E 176 -49.70 11.20 19.42
C THR E 176 -48.91 12.50 19.43
N GLU E 177 -48.20 12.77 18.36
CA GLU E 177 -47.42 13.99 18.22
C GLU E 177 -47.69 14.71 16.91
N LEU E 178 -47.88 13.96 15.82
CA LEU E 178 -48.09 14.56 14.52
C LEU E 178 -49.51 15.10 14.41
N VAL E 179 -49.65 16.28 13.83
CA VAL E 179 -50.95 16.91 13.66
C VAL E 179 -51.17 17.19 12.17
N GLY E 180 -52.42 17.16 11.76
CA GLY E 180 -52.76 17.38 10.39
C GLY E 180 -52.45 16.24 9.46
N ILE E 181 -51.89 15.14 9.97
CA ILE E 181 -51.58 14.00 9.12
C ILE E 181 -52.85 13.35 8.61
N GLU E 182 -53.97 13.60 9.28
CA GLU E 182 -55.25 13.03 8.89
C GLU E 182 -55.72 13.65 7.58
N GLU E 183 -56.86 13.15 7.09
CA GLU E 183 -57.52 13.62 5.88
C GLU E 183 -56.58 13.58 4.68
N THR E 184 -55.40 13.02 4.87
CA THR E 184 -54.45 12.64 3.83
C THR E 184 -54.09 11.18 3.93
N ARG E 185 -53.91 10.67 5.15
CA ARG E 185 -53.79 9.23 5.34
C ARG E 185 -55.05 8.51 4.90
N ASP E 186 -56.22 9.05 5.25
CA ASP E 186 -57.47 8.44 4.82
C ASP E 186 -57.61 8.48 3.30
N LYS E 187 -57.22 9.61 2.70
CA LYS E 187 -57.30 9.73 1.24
C LYS E 187 -56.40 8.73 0.56
N LEU E 188 -55.17 8.58 1.04
CA LEU E 188 -54.26 7.62 0.44
C LEU E 188 -54.71 6.19 0.71
N ILE E 189 -55.39 5.96 1.84
CA ILE E 189 -55.93 4.64 2.12
C ILE E 189 -57.01 4.29 1.09
N ASN E 190 -57.99 5.18 0.93
CA ASN E 190 -59.13 4.85 0.08
C ASN E 190 -58.86 5.10 -1.40
N MET E 191 -57.70 5.64 -1.76
CA MET E 191 -57.32 5.66 -3.16
C MET E 191 -56.70 4.35 -3.62
N LEU E 192 -56.46 3.43 -2.69
CA LEU E 192 -55.98 2.10 -3.07
C LEU E 192 -56.82 1.00 -2.43
N THR E 193 -57.38 1.26 -1.25
CA THR E 193 -58.20 0.23 -0.63
C THR E 193 -59.62 0.21 -1.17
N GLU E 194 -59.99 1.15 -2.04
CA GLU E 194 -61.31 1.10 -2.67
C GLU E 194 -61.46 -0.14 -3.52
N GLY E 195 -60.37 -0.61 -4.12
CA GLY E 195 -60.34 -1.89 -4.81
C GLY E 195 -60.07 -3.07 -3.91
N ASP E 196 -59.76 -2.83 -2.64
CA ASP E 196 -59.57 -3.93 -1.71
C ASP E 196 -60.87 -4.73 -1.55
N ASP E 197 -62.01 -4.05 -1.55
CA ASP E 197 -63.27 -4.77 -1.66
C ASP E 197 -63.32 -5.44 -3.04
N TRP E 198 -63.84 -6.66 -3.06
CA TRP E 198 -63.63 -7.57 -4.18
C TRP E 198 -62.13 -7.79 -4.39
N SER E 199 -61.51 -8.36 -3.36
CA SER E 199 -60.07 -8.42 -3.29
C SER E 199 -59.53 -9.41 -4.32
N LYS E 200 -59.86 -9.15 -5.58
CA LYS E 200 -59.39 -9.96 -6.69
C LYS E 200 -58.81 -9.10 -7.80
N HIS E 201 -58.76 -7.79 -7.61
CA HIS E 201 -58.24 -6.90 -8.62
C HIS E 201 -56.74 -7.13 -8.80
N PRO E 202 -56.22 -6.92 -10.01
CA PRO E 202 -54.80 -7.16 -10.25
C PRO E 202 -53.94 -6.21 -9.43
N LEU E 203 -52.75 -6.67 -9.10
CA LEU E 203 -51.87 -5.90 -8.23
C LEU E 203 -51.44 -4.59 -8.89
N LYS E 204 -51.17 -3.60 -8.07
CA LYS E 204 -50.77 -2.29 -8.55
C LYS E 204 -49.88 -1.62 -7.52
N THR E 205 -49.18 -0.59 -7.95
CA THR E 205 -48.28 0.16 -7.10
C THR E 205 -48.77 1.59 -6.99
N ILE E 206 -48.43 2.23 -5.88
CA ILE E 206 -48.75 3.64 -5.66
C ILE E 206 -47.50 4.29 -5.11
N SER E 207 -46.76 4.99 -5.95
CA SER E 207 -45.57 5.67 -5.48
C SER E 207 -45.94 6.97 -4.81
N ILE E 208 -45.00 7.49 -4.02
CA ILE E 208 -45.19 8.76 -3.31
C ILE E 208 -43.95 9.62 -3.53
N VAL E 209 -44.07 10.65 -4.34
CA VAL E 209 -42.96 11.51 -4.63
C VAL E 209 -43.04 12.74 -3.74
N GLY E 210 -41.88 13.35 -3.50
CA GLY E 210 -41.82 14.51 -2.66
C GLY E 210 -40.41 15.05 -2.66
N PHE E 211 -40.17 16.04 -1.80
CA PHE E 211 -38.86 16.65 -1.71
C PHE E 211 -38.56 16.99 -0.27
N GLY E 212 -37.28 17.13 0.03
CA GLY E 212 -36.88 17.55 1.36
C GLY E 212 -37.39 16.60 2.40
N GLY E 213 -38.13 17.13 3.36
CA GLY E 213 -38.67 16.32 4.42
C GLY E 213 -40.15 16.55 4.64
N LEU E 214 -40.91 16.70 3.55
CA LEU E 214 -42.33 17.01 3.68
C LEU E 214 -43.12 15.88 4.31
N GLY E 215 -42.53 14.70 4.49
CA GLY E 215 -43.16 13.62 5.21
C GLY E 215 -43.72 12.56 4.29
N LYS E 216 -42.92 11.51 4.06
CA LYS E 216 -43.33 10.42 3.20
C LYS E 216 -43.35 9.09 3.93
N THR E 217 -42.25 8.76 4.63
CA THR E 217 -42.24 7.56 5.43
C THR E 217 -43.26 7.62 6.55
N THR E 218 -43.50 8.81 7.11
CA THR E 218 -44.48 8.93 8.18
C THR E 218 -45.86 8.50 7.71
N LEU E 219 -46.33 9.08 6.61
CA LEU E 219 -47.64 8.72 6.09
C LEU E 219 -47.66 7.30 5.57
N ALA E 220 -46.55 6.85 5.00
CA ALA E 220 -46.47 5.47 4.53
C ALA E 220 -46.66 4.49 5.68
N LYS E 221 -46.01 4.76 6.82
CA LYS E 221 -46.18 3.90 7.98
C LYS E 221 -47.58 4.01 8.54
N ALA E 222 -48.14 5.23 8.55
CA ALA E 222 -49.48 5.41 9.08
C ALA E 222 -50.50 4.58 8.31
N ALA E 223 -50.42 4.63 6.98
CA ALA E 223 -51.28 3.77 6.17
C ALA E 223 -50.92 2.30 6.37
N TYR E 224 -49.63 2.01 6.52
CA TYR E 224 -49.17 0.66 6.73
C TYR E 224 -49.69 0.09 8.04
N ASP E 225 -49.76 0.91 9.08
CA ASP E 225 -50.19 0.45 10.40
C ASP E 225 -51.69 0.25 10.50
N LYS E 226 -52.48 1.04 9.77
CA LYS E 226 -53.92 0.99 9.95
C LYS E 226 -54.53 -0.19 9.20
N ILE E 227 -54.40 -0.21 7.88
CA ILE E 227 -54.93 -1.30 7.05
C ILE E 227 -53.82 -2.34 6.95
N LYS E 228 -53.72 -3.15 7.97
CA LYS E 228 -52.68 -4.17 7.95
C LYS E 228 -53.20 -5.55 8.35
N VAL E 229 -54.11 -5.62 9.32
CA VAL E 229 -54.58 -6.90 9.82
C VAL E 229 -55.34 -7.71 8.79
N GLN E 230 -55.74 -7.07 7.70
CA GLN E 230 -56.48 -7.73 6.63
C GLN E 230 -55.57 -8.25 5.52
N PHE E 231 -54.34 -8.62 5.86
CA PHE E 231 -53.38 -9.15 4.91
C PHE E 231 -52.65 -10.34 5.50
N ASP E 232 -52.11 -11.19 4.63
CA ASP E 232 -51.35 -12.35 5.07
C ASP E 232 -49.87 -12.06 5.26
N CYS E 233 -49.32 -11.06 4.57
CA CYS E 233 -47.89 -10.79 4.60
C CYS E 233 -47.69 -9.28 4.65
N GLY E 234 -46.47 -8.85 4.41
CA GLY E 234 -46.14 -7.44 4.40
C GLY E 234 -44.74 -7.21 4.90
N ALA E 235 -44.17 -6.09 4.49
CA ALA E 235 -42.82 -5.75 4.92
C ALA E 235 -42.57 -4.27 4.65
N PHE E 236 -42.01 -3.60 5.65
CA PHE E 236 -41.55 -2.22 5.53
C PHE E 236 -40.03 -2.25 5.45
N VAL E 237 -39.48 -1.95 4.28
CA VAL E 237 -38.05 -2.10 4.03
C VAL E 237 -37.51 -0.82 3.43
N SER E 238 -36.37 -0.37 3.94
CA SER E 238 -35.70 0.82 3.45
C SER E 238 -34.57 0.47 2.50
N VAL E 239 -34.19 1.44 1.67
CA VAL E 239 -33.07 1.32 0.76
C VAL E 239 -32.25 2.60 0.85
N SER E 240 -30.94 2.47 0.86
CA SER E 240 -30.07 3.63 0.97
C SER E 240 -29.73 4.16 -0.42
N ARG E 241 -28.69 4.98 -0.50
CA ARG E 241 -28.28 5.52 -1.80
C ARG E 241 -27.62 4.45 -2.66
N ASN E 242 -26.73 3.66 -2.07
CA ASN E 242 -25.96 2.64 -2.79
C ASN E 242 -26.15 1.31 -2.09
N PRO E 243 -27.25 0.63 -2.33
CA PRO E 243 -27.58 -0.57 -1.57
C PRO E 243 -26.85 -1.79 -2.12
N GLU E 244 -26.97 -2.89 -1.39
CA GLU E 244 -26.59 -4.21 -1.88
C GLU E 244 -27.86 -5.04 -1.98
N MET E 245 -28.13 -5.54 -3.18
CA MET E 245 -29.41 -6.21 -3.42
C MET E 245 -29.60 -7.38 -2.46
N LYS E 246 -28.51 -8.08 -2.14
CA LYS E 246 -28.59 -9.18 -1.20
C LYS E 246 -29.07 -8.69 0.17
N LYS E 247 -28.54 -7.55 0.62
CA LYS E 247 -28.98 -6.99 1.89
C LYS E 247 -30.47 -6.65 1.84
N VAL E 248 -30.90 -6.03 0.75
CA VAL E 248 -32.30 -5.62 0.63
C VAL E 248 -33.22 -6.83 0.68
N LEU E 249 -32.86 -7.88 -0.06
CA LEU E 249 -33.72 -9.05 -0.13
C LEU E 249 -33.70 -9.84 1.16
N LYS E 250 -32.56 -9.87 1.85
CA LYS E 250 -32.53 -10.42 3.19
C LYS E 250 -33.46 -9.63 4.11
N ASP E 251 -33.46 -8.31 3.96
CA ASP E 251 -34.32 -7.46 4.76
C ASP E 251 -35.78 -7.80 4.52
N ILE E 252 -36.15 -7.99 3.26
CA ILE E 252 -37.54 -8.33 2.94
C ILE E 252 -37.90 -9.67 3.54
N LEU E 253 -37.02 -10.66 3.40
CA LEU E 253 -37.32 -11.99 3.92
C LEU E 253 -37.50 -11.97 5.44
N TYR E 254 -36.61 -11.27 6.15
CA TYR E 254 -36.74 -11.24 7.59
C TYR E 254 -38.00 -10.50 8.01
N GLY E 255 -38.49 -9.59 7.16
CA GLY E 255 -39.72 -8.87 7.49
C GLY E 255 -40.97 -9.69 7.34
N LEU E 256 -40.90 -10.81 6.62
CA LEU E 256 -42.09 -11.64 6.44
C LEU E 256 -42.24 -12.65 7.57
N ASP E 257 -41.25 -13.52 7.76
CA ASP E 257 -41.23 -14.45 8.87
C ASP E 257 -39.88 -14.38 9.56
N LYS E 258 -39.89 -14.19 10.87
CA LYS E 258 -38.67 -14.16 11.66
C LYS E 258 -38.33 -15.51 12.26
N VAL E 259 -39.14 -16.53 12.01
CA VAL E 259 -38.90 -17.85 12.58
C VAL E 259 -38.07 -18.68 11.63
N LYS E 260 -38.62 -18.98 10.46
CA LYS E 260 -37.86 -19.78 9.50
C LYS E 260 -36.71 -18.99 8.91
N TYR E 261 -36.80 -17.67 8.89
CA TYR E 261 -35.78 -16.80 8.32
C TYR E 261 -35.15 -15.94 9.39
N GLU E 262 -34.93 -16.51 10.57
CA GLU E 262 -34.35 -15.80 11.70
C GLU E 262 -32.96 -15.27 11.38
N ASN E 263 -32.01 -16.18 11.16
CA ASN E 263 -30.66 -15.78 10.79
C ASN E 263 -30.48 -15.74 9.28
N ILE E 264 -31.43 -15.10 8.60
CA ILE E 264 -31.37 -15.04 7.15
C ILE E 264 -30.30 -14.08 6.68
N HIS E 265 -29.79 -13.23 7.56
CA HIS E 265 -28.73 -12.30 7.19
C HIS E 265 -27.37 -12.96 7.16
N ASN E 266 -27.24 -14.17 7.69
CA ASN E 266 -25.95 -14.84 7.77
C ASN E 266 -25.60 -15.56 6.47
N ALA E 267 -26.48 -16.41 5.98
CA ALA E 267 -26.20 -17.18 4.78
C ALA E 267 -26.01 -16.27 3.59
N ALA E 268 -25.06 -16.62 2.72
CA ALA E 268 -24.75 -15.83 1.53
C ALA E 268 -24.80 -16.77 0.33
N ARG E 269 -25.99 -16.95 -0.23
CA ARG E 269 -26.11 -17.87 -1.37
C ARG E 269 -25.73 -17.16 -2.66
N ASP E 270 -26.60 -16.29 -3.14
CA ASP E 270 -26.39 -15.48 -4.33
C ASP E 270 -27.64 -14.63 -4.56
N GLU E 271 -27.59 -13.76 -5.55
CA GLU E 271 -28.74 -12.91 -5.85
C GLU E 271 -29.93 -13.69 -6.39
N LYS E 272 -29.75 -14.97 -6.75
CA LYS E 272 -30.80 -15.72 -7.43
C LYS E 272 -31.62 -16.61 -6.51
N TYR E 273 -30.97 -17.50 -5.75
CA TYR E 273 -31.73 -18.50 -5.01
C TYR E 273 -32.58 -17.87 -3.90
N LEU E 274 -32.11 -16.76 -3.33
CA LEU E 274 -32.95 -16.05 -2.38
C LEU E 274 -34.14 -15.39 -3.07
N ILE E 275 -33.96 -14.91 -4.30
CA ILE E 275 -35.10 -14.41 -5.06
C ILE E 275 -36.08 -15.55 -5.34
N ASP E 276 -35.56 -16.73 -5.65
CA ASP E 276 -36.42 -17.87 -5.88
C ASP E 276 -37.19 -18.22 -4.61
N ASP E 277 -36.52 -18.12 -3.46
CA ASP E 277 -37.16 -18.38 -2.18
C ASP E 277 -38.30 -17.38 -1.93
N ILE E 278 -38.04 -16.10 -2.17
CA ILE E 278 -39.07 -15.09 -1.92
C ILE E 278 -40.23 -15.27 -2.89
N ILE E 279 -39.93 -15.63 -4.13
CA ILE E 279 -41.00 -15.88 -5.10
C ILE E 279 -41.84 -17.06 -4.65
N GLU E 280 -41.19 -18.12 -4.18
CA GLU E 280 -41.93 -19.30 -3.72
C GLU E 280 -42.79 -18.98 -2.51
N PHE E 281 -42.27 -18.19 -1.57
CA PHE E 281 -43.01 -17.88 -0.36
C PHE E 281 -44.23 -17.01 -0.62
N LEU E 282 -44.36 -16.44 -1.81
CA LEU E 282 -45.43 -15.48 -2.11
C LEU E 282 -46.53 -16.11 -2.96
N ASN E 283 -46.85 -17.38 -2.74
CA ASN E 283 -47.90 -18.05 -3.48
C ASN E 283 -49.18 -18.11 -2.66
N ASP E 284 -50.30 -17.82 -3.32
CA ASP E 284 -51.64 -17.94 -2.73
C ASP E 284 -51.77 -17.08 -1.47
N LYS E 285 -51.19 -15.88 -1.52
CA LYS E 285 -51.27 -14.93 -0.42
C LYS E 285 -51.27 -13.53 -0.99
N ARG E 286 -51.72 -12.57 -0.18
CA ARG E 286 -51.68 -11.14 -0.51
C ARG E 286 -50.61 -10.49 0.35
N TYR E 287 -49.62 -9.86 -0.28
CA TYR E 287 -48.48 -9.45 0.53
C TYR E 287 -48.55 -8.01 1.00
N LEU E 288 -48.74 -7.05 0.11
CA LEU E 288 -48.73 -5.63 0.47
C LEU E 288 -47.38 -5.24 1.06
N ILE E 289 -46.37 -5.34 0.23
CA ILE E 289 -45.04 -4.90 0.62
C ILE E 289 -44.93 -3.41 0.36
N VAL E 290 -44.16 -2.72 1.19
CA VAL E 290 -43.83 -1.32 0.98
C VAL E 290 -42.33 -1.14 1.04
N ILE E 291 -41.78 -0.43 0.07
CA ILE E 291 -40.35 -0.18 -0.01
C ILE E 291 -40.18 1.33 -0.16
N ASP E 292 -39.29 1.91 0.64
CA ASP E 292 -39.13 3.36 0.63
C ASP E 292 -37.69 3.76 0.37
N ASP E 293 -37.52 4.99 -0.07
CA ASP E 293 -36.22 5.56 -0.40
C ASP E 293 -35.50 4.74 -1.47
N ILE E 294 -36.13 4.63 -2.63
CA ILE E 294 -35.54 3.96 -3.78
C ILE E 294 -35.04 5.04 -4.73
N TRP E 295 -33.74 5.06 -4.99
CA TRP E 295 -33.18 6.02 -5.91
C TRP E 295 -32.59 5.23 -7.07
N ASN E 296 -32.44 5.88 -8.23
CA ASN E 296 -31.79 5.26 -9.38
C ASN E 296 -32.49 3.95 -9.77
N GLU E 297 -33.68 4.13 -10.36
CA GLU E 297 -34.65 3.08 -10.62
C GLU E 297 -34.05 1.77 -11.13
N LYS E 298 -32.90 1.84 -11.78
CA LYS E 298 -32.18 0.64 -12.20
C LYS E 298 -32.09 -0.38 -11.07
N ALA E 299 -32.01 0.10 -9.83
CA ALA E 299 -32.10 -0.82 -8.70
C ALA E 299 -33.48 -1.44 -8.61
N TRP E 300 -34.54 -0.64 -8.79
CA TRP E 300 -35.89 -1.12 -8.51
C TRP E 300 -36.30 -2.25 -9.44
N GLU E 301 -35.95 -2.15 -10.72
CA GLU E 301 -36.39 -3.15 -11.69
C GLU E 301 -35.92 -4.54 -11.29
N LEU E 302 -34.78 -4.64 -10.60
CA LEU E 302 -34.34 -5.92 -10.09
C LEU E 302 -35.29 -6.45 -9.03
N ILE E 303 -35.77 -5.58 -8.14
CA ILE E 303 -36.78 -6.00 -7.19
C ILE E 303 -38.10 -6.28 -7.93
N LYS E 304 -38.34 -5.57 -9.02
CA LYS E 304 -39.60 -5.72 -9.74
C LYS E 304 -39.82 -7.15 -10.18
N CYS E 305 -38.78 -7.79 -10.72
CA CYS E 305 -38.92 -9.15 -11.19
C CYS E 305 -39.23 -10.12 -10.06
N ALA E 306 -38.88 -9.78 -8.82
CA ALA E 306 -39.30 -10.59 -7.69
C ALA E 306 -40.82 -10.60 -7.52
N PHE E 307 -41.51 -9.60 -8.06
CA PHE E 307 -42.97 -9.59 -8.12
C PHE E 307 -43.34 -9.69 -9.59
N SER E 308 -43.43 -10.91 -10.09
CA SER E 308 -43.75 -11.13 -11.49
C SER E 308 -44.92 -12.08 -11.69
N LYS E 309 -45.52 -12.58 -10.61
CA LYS E 309 -46.61 -13.54 -10.71
C LYS E 309 -47.95 -12.85 -10.49
N LYS E 310 -48.98 -13.42 -11.07
CA LYS E 310 -50.33 -12.93 -10.86
C LYS E 310 -50.72 -13.16 -9.40
N SER E 311 -51.17 -12.10 -8.74
CA SER E 311 -51.59 -12.20 -7.35
C SER E 311 -52.74 -11.24 -7.13
N PRO E 312 -53.98 -11.72 -7.24
CA PRO E 312 -55.12 -10.84 -6.97
C PRO E 312 -55.21 -10.49 -5.50
N GLY E 313 -55.44 -9.20 -5.23
CA GLY E 313 -55.67 -8.74 -3.88
C GLY E 313 -54.48 -8.20 -3.14
N SER E 314 -53.35 -7.96 -3.81
CA SER E 314 -52.20 -7.37 -3.16
C SER E 314 -51.74 -6.14 -3.94
N ARG E 315 -51.17 -5.19 -3.21
CA ARG E 315 -50.68 -3.92 -3.78
C ARG E 315 -49.40 -3.52 -3.05
N LEU E 316 -48.64 -2.58 -3.60
CA LEU E 316 -47.40 -2.19 -2.95
C LEU E 316 -47.24 -0.69 -3.04
N ILE E 317 -46.41 -0.15 -2.15
CA ILE E 317 -46.18 1.28 -2.04
C ILE E 317 -44.69 1.55 -2.22
N THR E 318 -44.38 2.73 -2.74
CA THR E 318 -43.02 3.16 -2.96
C THR E 318 -42.91 4.63 -2.62
N THR E 319 -41.72 5.06 -2.21
CA THR E 319 -41.42 6.47 -2.00
C THR E 319 -40.08 6.79 -2.63
N THR E 320 -39.88 8.05 -2.99
CA THR E 320 -38.63 8.52 -3.55
C THR E 320 -38.69 10.04 -3.67
N ARG E 321 -37.53 10.63 -3.89
CA ARG E 321 -37.43 12.05 -4.17
C ARG E 321 -37.40 12.35 -5.66
N ASN E 322 -37.60 11.35 -6.51
CA ASN E 322 -37.60 11.53 -7.96
C ASN E 322 -38.89 11.00 -8.54
N VAL E 323 -39.69 11.89 -9.15
CA VAL E 323 -40.82 11.41 -9.92
C VAL E 323 -40.35 10.59 -11.11
N SER E 324 -39.21 10.97 -11.69
CA SER E 324 -38.65 10.39 -12.90
C SER E 324 -38.35 8.92 -12.76
N VAL E 325 -38.30 8.40 -11.54
CA VAL E 325 -38.32 6.97 -11.32
C VAL E 325 -39.70 6.47 -10.94
N SER E 326 -40.63 7.37 -10.60
CA SER E 326 -41.97 6.93 -10.22
C SER E 326 -42.84 6.64 -11.43
N GLU E 327 -42.67 7.37 -12.54
CA GLU E 327 -43.49 7.00 -13.70
C GLU E 327 -43.15 5.60 -14.17
N ALA E 328 -41.95 5.12 -13.87
CA ALA E 328 -41.58 3.76 -14.21
C ALA E 328 -42.39 2.74 -13.44
N CYS E 329 -43.11 3.17 -12.40
CA CYS E 329 -44.01 2.31 -11.66
C CYS E 329 -45.44 2.65 -12.02
N CYS E 330 -46.33 1.67 -11.78
CA CYS E 330 -47.78 1.77 -11.77
C CYS E 330 -48.39 2.11 -13.12
N SER E 331 -47.55 2.43 -14.12
CA SER E 331 -48.00 2.57 -15.51
C SER E 331 -49.16 3.55 -15.70
N SER E 332 -49.44 4.39 -14.70
CA SER E 332 -50.59 5.28 -14.79
C SER E 332 -50.38 6.46 -13.85
N GLU E 333 -50.86 7.63 -14.28
CA GLU E 333 -50.79 8.81 -13.42
C GLU E 333 -51.86 8.79 -12.34
N ASP E 334 -52.90 7.98 -12.51
CA ASP E 334 -53.93 7.85 -11.49
C ASP E 334 -53.40 7.19 -10.22
N ASP E 335 -52.26 6.53 -10.29
CA ASP E 335 -51.68 5.86 -9.14
C ASP E 335 -50.54 6.66 -8.50
N ILE E 336 -50.01 7.66 -9.20
CA ILE E 336 -49.01 8.54 -8.59
C ILE E 336 -49.69 9.39 -7.52
N TYR E 337 -49.07 9.46 -6.35
CA TYR E 337 -49.61 10.21 -5.22
C TYR E 337 -48.65 11.34 -4.86
N ARG E 338 -48.94 12.54 -5.35
CA ARG E 338 -48.21 13.71 -4.88
C ARG E 338 -48.57 13.99 -3.42
N MET E 339 -47.60 14.51 -2.68
CA MET E 339 -47.84 14.95 -1.31
C MET E 339 -47.53 16.43 -1.20
N GLU E 340 -48.37 17.16 -0.46
CA GLU E 340 -48.33 18.61 -0.47
C GLU E 340 -47.84 19.15 0.88
N PRO E 341 -47.25 20.34 0.88
CA PRO E 341 -46.96 21.01 2.15
C PRO E 341 -48.24 21.33 2.90
N LEU E 342 -48.14 21.35 4.23
CA LEU E 342 -49.30 21.56 5.06
C LEU E 342 -49.83 22.99 4.92
N SER E 343 -51.11 23.16 5.25
CA SER E 343 -51.76 24.46 5.16
C SER E 343 -51.25 25.39 6.26
N ASN E 344 -51.55 26.67 6.10
CA ASN E 344 -51.06 27.67 7.04
C ASN E 344 -51.62 27.45 8.44
N ASP E 345 -52.91 27.11 8.55
CA ASP E 345 -53.52 26.93 9.86
C ASP E 345 -52.95 25.69 10.56
N VAL E 346 -52.83 24.59 9.82
CA VAL E 346 -52.25 23.38 10.41
C VAL E 346 -50.80 23.60 10.77
N SER E 347 -50.06 24.33 9.93
CA SER E 347 -48.68 24.64 10.25
C SER E 347 -48.59 25.49 11.51
N ARG E 348 -49.50 26.44 11.68
CA ARG E 348 -49.49 27.27 12.88
C ARG E 348 -49.78 26.43 14.12
N THR E 349 -50.76 25.52 14.02
CA THR E 349 -51.06 24.66 15.15
C THR E 349 -49.85 23.81 15.53
N LEU E 350 -49.18 23.25 14.52
CA LEU E 350 -48.00 22.44 14.78
C LEU E 350 -46.88 23.27 15.41
N PHE E 351 -46.69 24.49 14.92
CA PHE E 351 -45.64 25.35 15.46
C PHE E 351 -45.90 25.70 16.91
N CYS E 352 -47.14 26.04 17.25
CA CYS E 352 -47.46 26.43 18.61
C CYS E 352 -47.60 25.24 19.55
N LYS E 353 -47.80 24.04 19.01
CA LYS E 353 -47.86 22.86 19.86
C LYS E 353 -46.54 22.67 20.61
N ARG E 354 -45.42 22.90 19.93
CA ARG E 354 -44.13 22.57 20.49
C ARG E 354 -43.67 23.61 21.51
N ILE E 355 -43.51 24.86 21.08
CA ILE E 355 -42.89 25.87 21.92
C ILE E 355 -43.80 26.25 23.08
N PHE E 356 -45.00 26.70 22.76
CA PHE E 356 -45.91 27.18 23.79
C PHE E 356 -46.46 26.01 24.62
N SER E 357 -46.90 26.32 25.84
CA SER E 357 -47.45 25.27 26.67
C SER E 357 -48.81 24.83 26.14
N GLN E 358 -49.80 25.71 26.22
CA GLN E 358 -51.15 25.40 25.76
C GLN E 358 -51.79 26.50 24.94
N GLU E 359 -51.34 27.74 25.02
CA GLU E 359 -52.02 28.87 24.39
C GLU E 359 -51.02 29.71 23.64
N GLU E 360 -51.44 30.24 22.48
CA GLU E 360 -50.56 30.95 21.59
C GLU E 360 -50.73 32.46 21.61
N GLY E 361 -51.93 32.96 21.92
CA GLY E 361 -52.16 34.38 21.94
C GLY E 361 -51.68 35.08 23.19
N CYS E 362 -51.12 34.33 24.13
CA CYS E 362 -50.62 34.93 25.38
C CYS E 362 -49.57 36.00 25.14
N PRO E 363 -48.55 35.80 24.30
CA PRO E 363 -47.61 36.90 24.06
C PRO E 363 -48.27 38.11 23.42
N GLN E 364 -49.07 37.91 22.38
CA GLN E 364 -49.82 38.97 21.71
C GLN E 364 -48.92 40.06 21.16
N GLU E 365 -47.60 39.89 21.24
CA GLU E 365 -46.65 40.88 20.76
C GLU E 365 -45.55 40.28 19.89
N LEU E 366 -45.37 38.97 19.91
CA LEU E 366 -44.49 38.27 18.96
C LEU E 366 -45.27 37.59 17.86
N LEU E 367 -46.56 37.89 17.70
CA LEU E 367 -47.34 37.26 16.63
C LEU E 367 -46.73 37.58 15.28
N LYS E 368 -46.55 38.86 14.97
CA LYS E 368 -46.03 39.25 13.68
C LYS E 368 -44.75 38.48 13.37
N VAL E 369 -43.88 38.33 14.36
CA VAL E 369 -42.69 37.50 14.18
C VAL E 369 -43.06 36.06 13.90
N SER E 370 -44.07 35.54 14.60
CA SER E 370 -44.40 34.13 14.51
C SER E 370 -44.88 33.76 13.11
N GLU E 371 -45.94 34.42 12.64
CA GLU E 371 -46.36 34.16 11.27
C GLU E 371 -45.53 34.90 10.22
N GLU E 372 -44.45 35.57 10.60
CA GLU E 372 -43.49 35.93 9.58
C GLU E 372 -42.45 34.82 9.38
N ILE E 373 -41.96 34.25 10.47
CA ILE E 373 -41.01 33.14 10.38
C ILE E 373 -41.67 31.91 9.80
N LEU E 374 -42.89 31.58 10.24
CA LEU E 374 -43.52 30.35 9.80
C LEU E 374 -43.75 30.36 8.29
N LYS E 375 -43.75 31.53 7.67
CA LYS E 375 -43.87 31.59 6.22
C LYS E 375 -42.60 31.09 5.53
N LYS E 376 -41.44 31.26 6.15
CA LYS E 376 -40.19 30.84 5.52
C LYS E 376 -40.15 29.33 5.33
N CYS E 377 -40.59 28.58 6.33
CA CYS E 377 -40.62 27.13 6.21
C CYS E 377 -41.60 26.68 5.12
N GLY E 378 -42.71 27.38 5.00
CA GLY E 378 -43.72 27.08 4.02
C GLY E 378 -44.69 26.00 4.45
N GLY E 379 -44.31 24.75 4.33
CA GLY E 379 -45.17 23.70 4.84
C GLY E 379 -44.47 22.44 5.29
N VAL E 380 -43.13 22.43 5.26
CA VAL E 380 -42.38 21.19 5.41
C VAL E 380 -42.31 20.80 6.87
N PRO E 381 -42.87 19.65 7.27
CA PRO E 381 -42.89 19.32 8.70
C PRO E 381 -41.53 18.84 9.18
N LEU E 382 -40.48 19.47 8.70
CA LEU E 382 -39.14 19.32 9.23
C LEU E 382 -38.55 20.64 9.66
N ALA E 383 -38.74 21.69 8.85
CA ALA E 383 -38.26 23.01 9.22
C ALA E 383 -38.97 23.52 10.47
N ILE E 384 -40.29 23.36 10.54
CA ILE E 384 -41.03 23.80 11.71
C ILE E 384 -40.59 23.03 12.94
N ILE E 385 -40.43 21.71 12.82
CA ILE E 385 -39.97 20.92 13.95
C ILE E 385 -38.61 21.40 14.42
N THR E 386 -37.70 21.62 13.47
CA THR E 386 -36.35 22.05 13.81
C THR E 386 -36.36 23.39 14.52
N ILE E 387 -37.09 24.37 13.97
CA ILE E 387 -37.06 25.71 14.56
C ILE E 387 -37.75 25.71 15.91
N ALA E 388 -38.84 24.96 16.06
CA ALA E 388 -39.52 24.88 17.35
C ALA E 388 -38.62 24.28 18.41
N SER E 389 -37.87 23.24 18.05
CA SER E 389 -36.96 22.65 19.03
C SER E 389 -35.75 23.55 19.31
N LEU E 390 -35.28 24.29 18.30
CA LEU E 390 -34.12 25.14 18.49
C LEU E 390 -34.43 26.37 19.33
N LEU E 391 -35.58 26.98 19.09
CA LEU E 391 -35.86 28.31 19.62
C LEU E 391 -36.32 28.29 21.07
N ALA E 392 -36.65 27.14 21.62
CA ALA E 392 -37.13 27.03 23.01
C ALA E 392 -36.22 26.07 23.78
N ASN E 393 -35.15 26.59 24.35
CA ASN E 393 -34.31 25.77 25.22
C ASN E 393 -35.08 25.36 26.47
N LYS E 394 -35.65 26.33 27.19
CA LYS E 394 -36.61 26.05 28.26
C LYS E 394 -37.56 27.25 28.36
N GLY E 395 -38.66 27.17 27.62
CA GLY E 395 -39.71 28.16 27.70
C GLY E 395 -39.32 29.57 27.34
N HIS E 396 -39.01 29.84 26.07
CA HIS E 396 -38.71 31.19 25.61
C HIS E 396 -37.52 31.78 26.34
N ILE E 397 -36.34 31.32 25.93
CA ILE E 397 -35.08 31.90 26.35
C ILE E 397 -35.23 33.42 26.43
N LYS E 398 -35.85 34.01 25.41
CA LYS E 398 -36.07 35.44 25.33
C LYS E 398 -37.00 35.72 24.16
N ALA E 399 -37.36 36.98 23.98
CA ALA E 399 -38.44 37.36 23.08
C ALA E 399 -38.01 38.50 22.17
N LYS E 400 -38.33 38.35 20.88
CA LYS E 400 -38.31 39.44 19.91
C LYS E 400 -36.92 39.95 19.58
N ASP E 401 -35.89 39.45 20.27
CA ASP E 401 -34.53 39.82 19.92
C ASP E 401 -33.82 38.69 19.16
N GLU E 402 -33.78 37.49 19.74
CA GLU E 402 -33.17 36.39 19.01
C GLU E 402 -34.07 35.90 17.90
N TRP E 403 -35.38 36.15 18.00
CA TRP E 403 -36.27 35.83 16.89
C TRP E 403 -35.91 36.66 15.66
N TYR E 404 -35.71 37.97 15.86
CA TYR E 404 -35.30 38.82 14.75
C TYR E 404 -33.89 38.48 14.29
N ALA E 405 -33.02 38.10 15.22
CA ALA E 405 -31.68 37.67 14.84
C ALA E 405 -31.75 36.42 13.97
N LEU E 406 -32.63 35.49 14.32
CA LEU E 406 -32.85 34.29 13.52
C LEU E 406 -33.38 34.64 12.13
N LEU E 407 -34.36 35.55 12.08
CA LEU E 407 -34.93 35.93 10.79
C LEU E 407 -33.89 36.58 9.90
N SER E 408 -33.04 37.43 10.47
CA SER E 408 -31.96 38.01 9.68
C SER E 408 -30.94 36.96 9.28
N SER E 409 -30.69 35.99 10.16
CA SER E 409 -29.65 34.99 9.91
C SER E 409 -30.00 34.10 8.73
N ILE E 410 -31.26 33.71 8.61
CA ILE E 410 -31.66 32.84 7.51
C ILE E 410 -31.45 33.56 6.18
N GLY E 411 -30.88 32.86 5.22
CA GLY E 411 -30.49 33.47 3.98
C GLY E 411 -28.99 33.53 3.82
N HIS E 412 -28.28 33.80 4.91
CA HIS E 412 -26.83 33.89 4.82
C HIS E 412 -26.08 33.04 5.83
N GLY E 413 -26.56 32.94 7.06
CA GLY E 413 -25.78 32.25 8.07
C GLY E 413 -26.52 31.45 9.13
N LEU E 414 -27.79 31.09 8.89
CA LEU E 414 -28.53 30.40 9.93
C LEU E 414 -28.05 28.97 10.14
N THR E 415 -27.52 28.33 9.08
CA THR E 415 -27.27 26.90 9.14
C THR E 415 -26.22 26.55 10.18
N LYS E 416 -25.18 27.37 10.32
CA LYS E 416 -24.12 27.08 11.28
C LYS E 416 -24.60 27.29 12.71
N ASN E 417 -25.09 26.23 13.34
CA ASN E 417 -25.63 26.31 14.69
C ASN E 417 -25.40 24.96 15.37
N ARG E 418 -26.14 24.70 16.45
CA ARG E 418 -26.05 23.46 17.19
C ARG E 418 -27.39 22.75 17.16
N SER E 419 -27.34 21.42 17.06
CA SER E 419 -28.50 20.55 16.92
C SER E 419 -29.32 20.85 15.67
N LEU E 420 -28.77 21.66 14.76
CA LEU E 420 -29.39 21.96 13.49
C LEU E 420 -28.80 21.16 12.34
N GLU E 421 -27.52 20.82 12.42
CA GLU E 421 -26.87 20.05 11.36
C GLU E 421 -27.39 18.63 11.26
N GLN E 422 -28.07 18.13 12.29
CA GLN E 422 -28.60 16.77 12.24
C GLN E 422 -29.67 16.63 11.16
N MET E 423 -30.26 17.73 10.71
CA MET E 423 -31.23 17.66 9.64
C MET E 423 -30.72 18.13 8.30
N LYS E 424 -29.65 18.95 8.27
CA LYS E 424 -29.13 19.39 6.98
C LYS E 424 -28.56 18.24 6.17
N LYS E 425 -28.17 17.15 6.82
CA LYS E 425 -27.78 15.96 6.06
C LYS E 425 -28.95 15.42 5.25
N ILE E 426 -30.14 15.45 5.84
CA ILE E 426 -31.32 14.93 5.16
C ILE E 426 -31.60 15.73 3.90
N LEU E 427 -31.19 16.98 3.86
CA LEU E 427 -31.33 17.78 2.65
C LEU E 427 -30.16 17.64 1.70
N LEU E 428 -28.94 17.48 2.21
CA LEU E 428 -27.80 17.27 1.32
C LEU E 428 -27.76 15.89 0.69
N PHE E 429 -28.60 14.96 1.16
CA PHE E 429 -28.68 13.67 0.48
C PHE E 429 -28.97 13.85 -1.00
N SER E 430 -29.96 14.67 -1.33
CA SER E 430 -30.33 14.88 -2.71
C SER E 430 -29.20 15.53 -3.50
N TYR E 431 -28.51 16.50 -2.88
CA TYR E 431 -27.40 17.14 -3.58
C TYR E 431 -26.28 16.16 -3.86
N TYR E 432 -26.05 15.22 -2.93
CA TYR E 432 -24.99 14.25 -3.14
C TYR E 432 -25.39 13.21 -4.19
N ASP E 433 -26.66 12.85 -4.27
CA ASP E 433 -27.06 11.86 -5.26
C ASP E 433 -26.97 12.38 -6.69
N LEU E 434 -26.83 13.68 -6.87
CA LEU E 434 -26.71 14.22 -8.22
C LEU E 434 -25.48 13.62 -8.89
N PRO E 435 -25.54 13.36 -10.19
CA PRO E 435 -24.30 13.03 -10.91
C PRO E 435 -23.46 14.27 -11.04
N SER E 436 -22.31 14.17 -11.70
CA SER E 436 -21.57 15.38 -11.99
C SER E 436 -22.33 16.17 -13.05
N TYR E 437 -21.68 17.22 -13.56
CA TYR E 437 -22.24 18.12 -14.58
C TYR E 437 -23.60 18.65 -14.16
N LEU E 438 -23.98 18.45 -12.91
CA LEU E 438 -25.23 18.96 -12.36
C LEU E 438 -25.05 19.66 -11.02
N LYS E 439 -23.99 19.35 -10.28
CA LYS E 439 -23.68 20.15 -9.10
C LYS E 439 -23.49 21.62 -9.43
N PRO E 440 -22.73 22.01 -10.46
CA PRO E 440 -22.67 23.44 -10.78
C PRO E 440 -24.03 24.04 -11.11
N CYS E 441 -24.88 23.27 -11.79
CA CYS E 441 -26.20 23.77 -12.14
C CYS E 441 -27.02 24.08 -10.90
N LEU E 442 -27.01 23.18 -9.91
CA LEU E 442 -27.76 23.44 -8.69
C LEU E 442 -27.15 24.59 -7.90
N LEU E 443 -25.81 24.63 -7.80
CA LEU E 443 -25.17 25.69 -7.05
C LEU E 443 -25.33 27.05 -7.71
N TYR E 444 -25.64 27.09 -9.00
CA TYR E 444 -25.80 28.38 -9.67
C TYR E 444 -27.02 29.14 -9.19
N LEU E 445 -27.93 28.51 -8.46
CA LEU E 445 -29.16 29.15 -8.02
C LEU E 445 -28.95 30.16 -6.91
N SER E 446 -27.76 30.23 -6.32
CA SER E 446 -27.53 31.14 -5.21
C SER E 446 -27.36 32.58 -5.64
N ILE E 447 -27.15 32.84 -6.93
CA ILE E 447 -26.93 34.20 -7.39
C ILE E 447 -28.16 35.06 -7.18
N PHE E 448 -29.32 34.54 -7.57
CA PHE E 448 -30.53 35.34 -7.59
C PHE E 448 -31.05 35.60 -6.18
N PRO E 449 -31.78 36.70 -5.97
CA PRO E 449 -32.21 37.05 -4.61
C PRO E 449 -33.13 36.03 -3.97
N GLU E 450 -33.50 36.26 -2.72
CA GLU E 450 -34.19 35.23 -1.95
C GLU E 450 -35.56 34.90 -2.57
N ASP E 451 -36.44 35.88 -2.62
CA ASP E 451 -37.80 35.64 -3.06
C ASP E 451 -38.03 36.37 -4.38
N ARG E 452 -37.70 35.70 -5.48
CA ARG E 452 -37.93 36.21 -6.81
C ARG E 452 -38.15 35.03 -7.74
N GLU E 453 -38.72 35.30 -8.90
CA GLU E 453 -38.97 34.24 -9.87
C GLU E 453 -37.90 34.25 -10.95
N ILE E 454 -37.46 33.06 -11.34
CA ILE E 454 -36.35 32.90 -12.27
C ILE E 454 -36.89 32.23 -13.52
N ARG E 455 -36.89 32.95 -14.64
CA ARG E 455 -37.30 32.37 -15.91
C ARG E 455 -36.30 31.32 -16.34
N ARG E 456 -36.81 30.15 -16.73
CA ARG E 456 -35.91 29.04 -17.03
C ARG E 456 -35.05 29.34 -18.24
N ALA E 457 -35.54 30.14 -19.19
CA ALA E 457 -34.74 30.48 -20.35
C ALA E 457 -33.48 31.21 -19.94
N ARG E 458 -33.60 32.14 -18.99
CA ARG E 458 -32.42 32.83 -18.47
C ARG E 458 -31.45 31.84 -17.86
N LEU E 459 -31.95 30.87 -17.10
CA LEU E 459 -31.08 29.87 -16.50
C LEU E 459 -30.33 29.07 -17.56
N ILE E 460 -31.05 28.62 -18.59
CA ILE E 460 -30.43 27.78 -19.60
C ILE E 460 -29.35 28.56 -20.33
N TRP E 461 -29.66 29.79 -20.71
CA TRP E 461 -28.67 30.58 -21.44
C TRP E 461 -27.47 30.90 -20.57
N ARG E 462 -27.72 31.17 -19.29
CA ARG E 462 -26.59 31.41 -18.39
C ARG E 462 -25.71 30.18 -18.28
N TRP E 463 -26.31 29.00 -18.17
CA TRP E 463 -25.52 27.77 -18.07
C TRP E 463 -24.68 27.56 -19.33
N ILE E 464 -25.31 27.71 -20.50
CA ILE E 464 -24.58 27.45 -21.74
C ILE E 464 -23.45 28.47 -21.91
N SER E 465 -23.72 29.73 -21.57
CA SER E 465 -22.67 30.74 -21.68
C SER E 465 -21.54 30.47 -20.71
N GLU E 466 -21.87 29.99 -19.51
CA GLU E 466 -20.84 29.68 -18.52
C GLU E 466 -19.92 28.57 -19.01
N GLY E 467 -20.48 27.54 -19.60
CA GLY E 467 -19.72 26.39 -20.04
C GLY E 467 -20.02 25.10 -19.31
N PHE E 468 -21.18 24.96 -18.69
CA PHE E 468 -21.54 23.75 -17.97
C PHE E 468 -22.24 22.73 -18.85
N VAL E 469 -22.51 23.07 -20.11
CA VAL E 469 -23.22 22.20 -21.03
C VAL E 469 -22.31 21.96 -22.22
N TYR E 470 -22.02 20.69 -22.51
CA TYR E 470 -21.18 20.29 -23.63
C TYR E 470 -21.26 18.78 -23.78
N SER E 471 -20.99 18.31 -25.00
CA SER E 471 -20.96 16.88 -25.27
C SER E 471 -20.24 16.67 -26.60
N GLU E 472 -20.12 15.41 -27.00
CA GLU E 472 -19.43 15.03 -28.24
C GLU E 472 -20.24 13.97 -28.99
N LYS E 473 -21.54 14.22 -29.16
CA LYS E 473 -22.38 13.35 -29.95
C LYS E 473 -22.70 13.92 -31.33
N GLN E 474 -22.72 15.24 -31.46
CA GLN E 474 -23.01 15.99 -32.69
C GLN E 474 -24.44 15.79 -33.17
N ASP E 475 -25.26 15.01 -32.47
CA ASP E 475 -26.67 14.84 -32.79
C ASP E 475 -27.57 15.64 -31.87
N ILE E 476 -27.01 16.57 -31.10
CA ILE E 476 -27.74 17.30 -30.08
C ILE E 476 -27.68 18.79 -30.39
N SER E 477 -28.67 19.52 -29.88
CA SER E 477 -28.87 20.91 -30.26
C SER E 477 -28.07 21.89 -29.41
N LEU E 478 -27.47 21.44 -28.32
CA LEU E 478 -26.80 22.27 -27.32
C LEU E 478 -27.77 23.15 -26.55
N TYR E 479 -29.04 23.17 -26.94
CA TYR E 479 -30.08 23.87 -26.20
C TYR E 479 -31.11 22.94 -25.62
N GLU E 480 -31.53 21.92 -26.36
CA GLU E 480 -32.34 20.87 -25.75
C GLU E 480 -31.55 20.15 -24.67
N LEU E 481 -30.23 20.17 -24.76
CA LEU E 481 -29.41 19.63 -23.67
C LEU E 481 -29.60 20.44 -22.39
N GLY E 482 -29.60 21.77 -22.50
CA GLY E 482 -29.90 22.59 -21.34
C GLY E 482 -31.30 22.36 -20.83
N ASP E 483 -32.26 22.19 -21.74
CA ASP E 483 -33.61 21.85 -21.31
C ASP E 483 -33.62 20.52 -20.56
N SER E 484 -32.83 19.57 -21.02
CA SER E 484 -32.72 18.29 -20.34
C SER E 484 -32.16 18.46 -18.94
N TYR E 485 -31.14 19.30 -18.80
CA TYR E 485 -30.58 19.58 -17.48
C TYR E 485 -31.64 20.16 -16.56
N PHE E 486 -32.40 21.13 -17.07
CA PHE E 486 -33.44 21.76 -16.26
C PHE E 486 -34.51 20.76 -15.86
N ASN E 487 -34.95 19.93 -16.79
CA ASN E 487 -35.98 18.94 -16.47
C ASN E 487 -35.46 17.90 -15.48
N GLU E 488 -34.18 17.56 -15.58
CA GLU E 488 -33.59 16.64 -14.61
C GLU E 488 -33.54 17.27 -13.23
N LEU E 489 -33.25 18.56 -13.16
CA LEU E 489 -33.32 19.23 -11.87
C LEU E 489 -34.74 19.20 -11.33
N VAL E 490 -35.72 19.40 -12.21
CA VAL E 490 -37.11 19.47 -11.75
C VAL E 490 -37.59 18.12 -11.24
N ASN E 491 -37.37 17.06 -12.02
CA ASN E 491 -37.93 15.76 -11.64
C ASN E 491 -37.22 15.14 -10.47
N ARG E 492 -36.06 15.69 -10.07
CA ARG E 492 -35.39 15.28 -8.85
C ARG E 492 -36.01 15.90 -7.61
N SER E 493 -37.07 16.69 -7.78
CA SER E 493 -37.74 17.38 -6.68
C SER E 493 -36.77 18.31 -5.95
N MET E 494 -36.22 19.25 -6.71
CA MET E 494 -35.34 20.26 -6.14
C MET E 494 -35.70 21.67 -6.59
N ILE E 495 -36.61 21.82 -7.55
CA ILE E 495 -37.05 23.12 -8.03
C ILE E 495 -38.56 23.06 -8.26
N GLN E 496 -39.25 24.12 -7.87
CA GLN E 496 -40.67 24.22 -8.12
C GLN E 496 -40.91 24.95 -9.44
N PRO E 497 -41.57 24.33 -10.42
CA PRO E 497 -41.88 25.01 -11.67
C PRO E 497 -43.23 25.69 -11.64
N ILE E 498 -43.32 26.82 -12.32
CA ILE E 498 -44.55 27.61 -12.38
C ILE E 498 -44.75 28.12 -13.80
N GLY E 499 -46.01 28.10 -14.25
CA GLY E 499 -46.41 28.76 -15.48
C GLY E 499 -45.95 28.09 -16.77
N ILE E 500 -46.47 28.56 -17.90
CA ILE E 500 -46.07 28.07 -19.22
C ILE E 500 -45.82 29.29 -20.11
N ASP E 501 -44.60 29.42 -20.60
CA ASP E 501 -44.23 30.59 -21.39
C ASP E 501 -44.71 30.41 -22.82
N ASP E 502 -44.27 31.32 -23.71
CA ASP E 502 -44.66 31.29 -25.12
C ASP E 502 -43.88 30.25 -25.91
N GLU E 503 -43.09 29.41 -25.24
CA GLU E 503 -42.36 28.34 -25.88
C GLU E 503 -43.08 27.00 -25.75
N GLY E 504 -44.21 26.96 -25.07
CA GLY E 504 -44.87 25.72 -24.77
C GLY E 504 -44.30 24.98 -23.57
N LYS E 505 -43.31 25.54 -22.91
CA LYS E 505 -42.62 24.91 -21.80
C LYS E 505 -42.83 25.73 -20.52
N VAL E 506 -42.16 25.30 -19.44
CA VAL E 506 -42.36 25.95 -18.16
C VAL E 506 -41.84 27.39 -18.21
N LYS E 507 -42.54 28.28 -17.49
CA LYS E 507 -42.20 29.70 -17.54
C LYS E 507 -41.01 30.03 -16.65
N ALA E 508 -41.15 29.86 -15.34
CA ALA E 508 -40.12 30.28 -14.40
C ALA E 508 -40.04 29.28 -13.25
N CYS E 509 -39.11 29.53 -12.33
CA CYS E 509 -38.81 28.60 -11.26
C CYS E 509 -38.58 29.35 -9.96
N ARG E 510 -38.78 28.65 -8.85
CA ARG E 510 -38.56 29.20 -7.52
C ARG E 510 -37.88 28.15 -6.65
N VAL E 511 -37.17 28.64 -5.63
CA VAL E 511 -36.33 27.80 -4.79
C VAL E 511 -36.80 27.92 -3.34
N HIS E 512 -36.81 26.80 -2.64
CA HIS E 512 -37.18 26.80 -1.22
C HIS E 512 -36.14 27.57 -0.41
N ASP E 513 -36.59 28.17 0.69
CA ASP E 513 -35.76 29.10 1.44
C ASP E 513 -34.56 28.40 2.07
N MET E 514 -34.80 27.33 2.83
CA MET E 514 -33.69 26.68 3.52
C MET E 514 -32.77 25.97 2.54
N VAL E 515 -33.32 25.43 1.45
CA VAL E 515 -32.44 24.95 0.39
C VAL E 515 -31.62 26.11 -0.14
N LEU E 516 -32.22 27.29 -0.24
CA LEU E 516 -31.51 28.43 -0.82
C LEU E 516 -30.30 28.82 0.01
N ASP E 517 -30.50 29.06 1.32
CA ASP E 517 -29.35 29.47 2.11
C ASP E 517 -28.39 28.32 2.36
N LEU E 518 -28.91 27.09 2.37
CA LEU E 518 -28.03 25.94 2.48
C LEU E 518 -27.06 25.87 1.31
N ILE E 519 -27.57 25.95 0.08
CA ILE E 519 -26.68 25.94 -1.07
C ILE E 519 -25.87 27.22 -1.13
N CYS E 520 -26.39 28.32 -0.57
CA CYS E 520 -25.61 29.55 -0.50
C CYS E 520 -24.35 29.31 0.32
N SER E 521 -24.50 28.72 1.49
CA SER E 521 -23.33 28.38 2.30
C SER E 521 -22.43 27.39 1.59
N LEU E 522 -23.03 26.35 0.99
CA LEU E 522 -22.28 25.29 0.35
C LEU E 522 -21.46 25.79 -0.83
N SER E 523 -21.92 26.83 -1.51
CA SER E 523 -21.11 27.52 -2.49
C SER E 523 -20.24 28.59 -1.87
N SER E 524 -20.55 29.00 -0.65
CA SER E 524 -19.81 30.07 0.00
C SER E 524 -18.46 29.61 0.54
N GLU E 525 -18.35 28.37 1.02
CA GLU E 525 -17.04 27.99 1.54
C GLU E 525 -16.02 27.90 0.41
N GLU E 526 -16.50 27.70 -0.82
CA GLU E 526 -15.65 27.86 -1.99
C GLU E 526 -15.84 29.28 -2.52
N ASN E 527 -15.19 29.58 -3.64
CA ASN E 527 -15.36 30.88 -4.27
C ASN E 527 -16.27 30.78 -5.48
N PHE E 528 -17.27 29.89 -5.41
CA PHE E 528 -18.16 29.71 -6.55
C PHE E 528 -19.04 30.94 -6.77
N VAL E 529 -19.53 31.56 -5.70
CA VAL E 529 -20.32 32.79 -5.78
C VAL E 529 -19.86 33.74 -4.68
N THR E 530 -20.43 34.95 -4.69
CA THR E 530 -20.17 35.92 -3.65
C THR E 530 -21.38 36.84 -3.57
N ILE E 531 -21.90 37.04 -2.37
CA ILE E 531 -23.13 37.81 -2.15
C ILE E 531 -22.81 38.99 -1.26
N LEU E 532 -23.40 40.14 -1.60
CA LEU E 532 -23.29 41.35 -0.79
C LEU E 532 -24.68 41.70 -0.28
N ASP E 533 -24.98 41.29 0.96
CA ASP E 533 -26.30 41.43 1.55
C ASP E 533 -26.21 42.22 2.85
N ASP E 534 -27.23 43.06 3.09
CA ASP E 534 -27.26 43.84 4.32
C ASP E 534 -27.33 42.96 5.57
N PRO E 535 -28.24 41.98 5.67
CA PRO E 535 -28.20 41.09 6.84
C PRO E 535 -26.88 40.35 6.98
N ARG E 536 -26.24 40.02 5.86
CA ARG E 536 -24.95 39.34 5.89
C ARG E 536 -23.82 40.34 6.13
N ARG E 537 -23.64 41.27 5.20
CA ARG E 537 -22.57 42.27 5.26
C ARG E 537 -21.22 41.63 5.55
N LYS E 538 -20.86 40.66 4.71
CA LYS E 538 -19.60 39.94 4.85
C LYS E 538 -18.88 39.91 3.51
N MET E 539 -17.56 39.92 3.58
CA MET E 539 -16.69 39.80 2.42
C MET E 539 -15.61 38.78 2.71
N PRO E 540 -15.28 37.91 1.75
CA PRO E 540 -14.20 36.95 1.97
C PRO E 540 -12.89 37.67 2.19
N ASN E 541 -12.02 37.05 3.00
CA ASN E 541 -10.76 37.67 3.39
C ASN E 541 -9.77 37.79 2.25
N SER E 542 -10.14 37.49 1.01
CA SER E 542 -9.21 37.63 -0.11
C SER E 542 -10.00 38.11 -1.32
N GLU E 543 -9.80 39.38 -1.68
CA GLU E 543 -10.46 39.94 -2.86
C GLU E 543 -9.94 39.31 -4.15
N SER E 544 -8.74 38.72 -4.13
CA SER E 544 -8.14 38.23 -5.35
C SER E 544 -8.93 37.09 -5.96
N LYS E 545 -9.28 36.08 -5.14
CA LYS E 545 -9.92 34.88 -5.66
C LYS E 545 -11.45 34.99 -5.54
N VAL E 546 -11.99 35.89 -6.36
CA VAL E 546 -13.42 36.06 -6.52
C VAL E 546 -13.77 35.86 -7.99
N ARG E 547 -14.76 35.01 -8.26
CA ARG E 547 -15.14 34.71 -9.63
C ARG E 547 -16.56 35.16 -9.96
N ARG E 548 -17.54 34.84 -9.12
CA ARG E 548 -18.92 35.23 -9.34
C ARG E 548 -19.39 36.17 -8.24
N LEU E 549 -20.13 37.20 -8.64
CA LEU E 549 -20.65 38.18 -7.69
C LEU E 549 -22.14 38.37 -7.94
N SER E 550 -22.93 38.35 -6.87
CA SER E 550 -24.38 38.53 -6.95
C SER E 550 -24.77 39.70 -6.07
N ILE E 551 -24.67 40.91 -6.61
CA ILE E 551 -24.97 42.11 -5.85
C ILE E 551 -26.47 42.18 -5.59
N GLN E 552 -26.84 42.65 -4.41
CA GLN E 552 -28.23 42.69 -3.98
C GLN E 552 -28.45 44.02 -3.27
N ASN E 553 -29.52 44.10 -2.48
CA ASN E 553 -29.98 45.33 -1.85
C ASN E 553 -28.86 46.21 -1.29
N SER E 554 -27.78 45.59 -0.80
CA SER E 554 -26.65 46.36 -0.28
C SER E 554 -26.08 47.26 -1.36
N LYS E 555 -25.83 48.53 -1.00
CA LYS E 555 -25.32 49.50 -1.95
C LYS E 555 -24.24 50.37 -1.32
N ILE E 556 -23.46 49.82 -0.40
CA ILE E 556 -22.47 50.59 0.35
C ILE E 556 -21.05 50.22 -0.06
N ASP E 557 -20.65 48.98 0.16
CA ASP E 557 -19.30 48.53 -0.18
C ASP E 557 -19.34 47.95 -1.59
N VAL E 558 -18.90 48.74 -2.56
CA VAL E 558 -18.93 48.32 -3.96
C VAL E 558 -17.50 48.35 -4.48
N ASP E 559 -16.55 48.07 -3.58
CA ASP E 559 -15.14 48.12 -3.95
C ASP E 559 -14.79 47.09 -5.02
N THR E 560 -13.88 47.47 -5.90
CA THR E 560 -13.46 46.63 -7.02
C THR E 560 -11.96 46.70 -7.25
N THR E 561 -11.20 47.00 -6.20
CA THR E 561 -9.77 47.23 -6.36
C THR E 561 -9.03 45.97 -6.83
N ARG E 562 -9.34 44.83 -6.21
CA ARG E 562 -8.52 43.65 -6.42
C ARG E 562 -9.31 42.45 -6.94
N MET E 563 -10.11 42.66 -7.99
CA MET E 563 -10.82 41.58 -8.66
C MET E 563 -10.50 41.65 -10.15
N GLU E 564 -9.37 41.05 -10.54
CA GLU E 564 -8.97 41.08 -11.94
C GLU E 564 -9.72 40.03 -12.74
N HIS E 565 -9.56 38.77 -12.36
CA HIS E 565 -10.18 37.64 -13.05
C HIS E 565 -11.61 37.44 -12.51
N MET E 566 -12.49 38.33 -12.93
CA MET E 566 -13.87 38.33 -12.47
C MET E 566 -14.71 37.64 -13.53
N ARG E 567 -15.14 36.41 -13.25
CA ARG E 567 -15.82 35.61 -14.25
C ARG E 567 -17.15 36.23 -14.66
N SER E 568 -17.96 36.63 -13.68
CA SER E 568 -19.31 37.08 -13.95
C SER E 568 -19.69 38.14 -12.92
N VAL E 569 -20.74 38.92 -13.25
CA VAL E 569 -21.24 39.94 -12.35
C VAL E 569 -22.69 40.23 -12.71
N THR E 570 -23.49 40.49 -11.69
CA THR E 570 -24.92 40.78 -11.89
C THR E 570 -25.37 41.77 -10.83
N VAL E 571 -26.42 42.52 -11.16
CA VAL E 571 -27.00 43.52 -10.28
C VAL E 571 -28.51 43.34 -10.26
N PHE E 572 -29.12 43.40 -9.08
CA PHE E 572 -30.53 43.11 -8.91
C PHE E 572 -31.24 44.34 -8.35
N SER E 573 -31.97 45.06 -9.21
CA SER E 573 -32.88 46.13 -8.81
C SER E 573 -32.18 47.17 -7.94
N ASP E 574 -31.03 47.65 -8.42
CA ASP E 574 -30.24 48.62 -7.68
C ASP E 574 -29.89 49.79 -8.58
N ASN E 575 -29.89 50.98 -7.98
CA ASN E 575 -29.41 52.19 -8.65
C ASN E 575 -27.94 52.44 -8.38
N VAL E 576 -27.29 51.59 -7.59
CA VAL E 576 -25.88 51.76 -7.27
C VAL E 576 -24.97 51.46 -8.45
N VAL E 577 -25.51 50.81 -9.50
CA VAL E 577 -24.69 50.41 -10.63
C VAL E 577 -24.13 51.63 -11.34
N GLY E 578 -22.86 51.55 -11.74
CA GLY E 578 -22.25 52.60 -12.52
C GLY E 578 -21.65 53.71 -11.69
N LYS E 579 -22.49 54.34 -10.87
CA LYS E 579 -22.03 55.46 -10.05
C LYS E 579 -21.03 55.04 -8.99
N VAL E 580 -21.00 53.76 -8.62
CA VAL E 580 -20.06 53.29 -7.61
C VAL E 580 -19.27 52.11 -8.18
N LEU E 581 -19.78 51.50 -9.25
CA LEU E 581 -19.20 50.29 -9.80
C LEU E 581 -18.71 50.53 -11.22
N ASP E 582 -17.60 49.89 -11.57
CA ASP E 582 -17.04 49.91 -12.92
C ASP E 582 -16.87 48.48 -13.41
N ILE E 583 -17.25 48.23 -14.66
CA ILE E 583 -17.14 46.89 -15.23
C ILE E 583 -15.94 46.84 -16.17
N SER E 584 -15.62 47.99 -16.79
CA SER E 584 -14.55 48.02 -17.77
C SER E 584 -13.21 47.61 -17.17
N ARG E 585 -13.07 47.67 -15.85
CA ARG E 585 -11.83 47.23 -15.22
C ARG E 585 -11.68 45.71 -15.24
N PHE E 586 -12.76 44.98 -15.44
CA PHE E 586 -12.70 43.52 -15.55
C PHE E 586 -12.07 43.15 -16.88
N LYS E 587 -10.81 42.70 -16.84
CA LYS E 587 -10.13 42.33 -18.07
C LYS E 587 -10.84 41.18 -18.78
N VAL E 588 -11.31 40.20 -18.02
CA VAL E 588 -12.09 39.10 -18.54
C VAL E 588 -13.48 39.17 -17.93
N LEU E 589 -14.46 38.68 -18.66
CA LEU E 589 -15.83 38.62 -18.16
C LEU E 589 -16.60 37.63 -19.02
N ARG E 590 -17.09 36.56 -18.40
CA ARG E 590 -17.79 35.54 -19.17
C ARG E 590 -19.21 35.96 -19.49
N VAL E 591 -20.03 36.20 -18.46
CA VAL E 591 -21.41 36.59 -18.66
C VAL E 591 -21.65 37.91 -17.96
N LEU E 592 -22.55 38.72 -18.53
CA LEU E 592 -22.92 40.01 -17.99
C LEU E 592 -24.43 40.07 -17.87
N ASP E 593 -24.93 40.48 -16.71
CA ASP E 593 -26.36 40.52 -16.46
C ASP E 593 -26.69 41.82 -15.75
N LEU E 594 -27.52 42.66 -16.38
CA LEU E 594 -27.84 43.96 -15.81
C LEU E 594 -29.31 44.30 -15.98
N GLU E 595 -30.17 43.30 -16.09
CA GLU E 595 -31.59 43.56 -16.33
C GLU E 595 -32.21 44.27 -15.13
N GLY E 596 -33.10 45.22 -15.41
CA GLY E 596 -33.74 46.00 -14.37
C GLY E 596 -33.01 47.26 -13.96
N CYS E 597 -31.83 47.52 -14.53
CA CYS E 597 -31.10 48.72 -14.20
C CYS E 597 -31.67 49.93 -14.96
N HIS E 598 -31.12 51.10 -14.68
CA HIS E 598 -31.57 52.34 -15.28
C HIS E 598 -30.40 53.13 -15.84
N VAL E 599 -29.51 52.43 -16.55
CA VAL E 599 -28.30 53.04 -17.07
C VAL E 599 -28.22 52.76 -18.57
N SER E 600 -27.85 53.79 -19.33
CA SER E 600 -27.59 53.65 -20.76
C SER E 600 -26.21 54.22 -21.02
N ASP E 601 -25.18 53.42 -20.77
CA ASP E 601 -23.81 53.81 -21.06
C ASP E 601 -22.99 52.64 -21.58
N VAL E 602 -23.65 51.57 -22.05
CA VAL E 602 -22.96 50.34 -22.38
C VAL E 602 -22.30 50.52 -23.74
N GLY E 603 -21.06 51.03 -23.73
CA GLY E 603 -20.32 51.26 -24.94
C GLY E 603 -18.87 50.90 -24.78
N TYR E 604 -18.54 50.39 -23.59
CA TYR E 604 -17.21 49.94 -23.24
C TYR E 604 -17.00 48.45 -23.50
N VAL E 605 -18.00 47.76 -24.05
CA VAL E 605 -17.90 46.32 -24.29
C VAL E 605 -16.81 45.99 -25.29
N GLY E 606 -16.43 46.94 -26.15
CA GLY E 606 -15.35 46.70 -27.08
C GLY E 606 -14.05 46.31 -26.41
N ASN E 607 -13.86 46.74 -25.16
CA ASN E 607 -12.73 46.30 -24.36
C ASN E 607 -12.90 44.90 -23.81
N LEU E 608 -14.11 44.34 -23.90
CA LEU E 608 -14.41 43.01 -23.42
C LEU E 608 -14.46 42.03 -24.59
N LEU E 609 -13.80 40.90 -24.44
CA LEU E 609 -13.67 39.92 -25.52
C LEU E 609 -14.29 38.57 -25.23
N HIS E 610 -14.33 38.15 -23.97
CA HIS E 610 -14.78 36.81 -23.62
C HIS E 610 -16.25 36.76 -23.27
N LEU E 611 -16.97 37.86 -23.46
CA LEU E 611 -18.37 37.91 -23.07
C LEU E 611 -19.19 36.93 -23.90
N ARG E 612 -20.13 36.26 -23.23
CA ARG E 612 -21.06 35.35 -23.90
C ARG E 612 -22.50 35.79 -23.74
N TYR E 613 -22.95 35.99 -22.50
CA TYR E 613 -24.31 36.39 -22.20
C TYR E 613 -24.38 37.91 -22.06
N LEU E 614 -25.37 38.52 -22.70
CA LEU E 614 -25.56 39.98 -22.63
C LEU E 614 -27.05 40.25 -22.45
N GLY E 615 -27.47 40.37 -21.19
CA GLY E 615 -28.86 40.63 -20.86
C GLY E 615 -29.06 42.10 -20.52
N LEU E 616 -30.02 42.71 -21.22
CA LEU E 616 -30.28 44.14 -21.08
C LEU E 616 -31.77 44.42 -21.05
N LYS E 617 -32.53 43.56 -20.38
CA LYS E 617 -33.98 43.69 -20.36
C LYS E 617 -34.39 44.83 -19.43
N GLY E 618 -35.15 45.79 -19.95
CA GLY E 618 -35.60 46.91 -19.16
C GLY E 618 -34.44 47.75 -18.64
N THR E 619 -33.71 48.39 -19.54
CA THR E 619 -32.47 49.05 -19.19
C THR E 619 -32.41 50.51 -19.62
N HIS E 620 -33.38 50.98 -20.43
CA HIS E 620 -33.41 52.36 -20.92
C HIS E 620 -32.19 52.65 -21.80
N VAL E 621 -31.84 51.69 -22.65
CA VAL E 621 -30.69 51.82 -23.53
C VAL E 621 -31.11 52.60 -24.76
N LYS E 622 -30.53 53.79 -24.92
CA LYS E 622 -30.83 54.60 -26.10
C LYS E 622 -30.08 54.09 -27.32
N ASP E 623 -28.85 53.62 -27.15
CA ASP E 623 -28.04 53.17 -28.28
C ASP E 623 -26.91 52.30 -27.75
N LEU E 624 -26.38 51.46 -28.63
CA LEU E 624 -25.26 50.58 -28.36
C LEU E 624 -24.17 50.78 -29.41
N PRO E 625 -22.90 50.55 -29.04
CA PRO E 625 -21.80 51.01 -29.90
C PRO E 625 -21.70 50.24 -31.21
N MET E 626 -21.14 50.91 -32.21
CA MET E 626 -20.89 50.32 -33.51
C MET E 626 -19.77 49.29 -33.47
N GLU E 627 -18.96 49.29 -32.40
CA GLU E 627 -17.79 48.43 -32.29
C GLU E 627 -18.12 47.07 -31.66
N ILE E 628 -19.37 46.61 -31.75
CA ILE E 628 -19.75 45.34 -31.16
C ILE E 628 -19.29 44.15 -31.99
N GLY E 629 -18.77 44.38 -33.18
CA GLY E 629 -18.35 43.27 -34.02
C GLY E 629 -17.16 42.52 -33.48
N LYS E 630 -16.43 43.11 -32.53
CA LYS E 630 -15.28 42.46 -31.93
C LYS E 630 -15.65 41.26 -31.07
N LEU E 631 -16.93 41.09 -30.75
CA LEU E 631 -17.37 39.99 -29.89
C LEU E 631 -17.71 38.77 -30.74
N GLN E 632 -16.67 38.21 -31.36
CA GLN E 632 -16.85 37.03 -32.20
C GLN E 632 -17.41 35.88 -31.38
N PHE E 633 -16.94 35.71 -30.15
CA PHE E 633 -17.50 34.73 -29.23
C PHE E 633 -18.66 35.38 -28.52
N LEU E 634 -19.86 34.84 -28.73
CA LEU E 634 -21.05 35.32 -28.05
C LEU E 634 -22.09 34.22 -28.11
N LEU E 635 -23.03 34.29 -27.19
CA LEU E 635 -24.08 33.28 -27.12
C LEU E 635 -25.46 33.86 -27.34
N THR E 636 -25.86 34.83 -26.53
CA THR E 636 -27.20 35.36 -26.53
C THR E 636 -27.15 36.88 -26.63
N LEU E 637 -28.27 37.46 -27.00
CA LEU E 637 -28.37 38.92 -27.09
C LEU E 637 -29.83 39.30 -26.90
N ASP E 638 -30.17 39.74 -25.70
CA ASP E 638 -31.53 40.15 -25.36
C ASP E 638 -31.58 41.67 -25.30
N LEU E 639 -32.54 42.26 -25.99
CA LEU E 639 -32.67 43.71 -26.05
C LEU E 639 -34.11 44.15 -25.81
N ARG E 640 -34.95 43.29 -25.26
CA ARG E 640 -36.35 43.65 -25.03
C ARG E 640 -36.44 44.78 -24.01
N GLY E 641 -37.31 45.75 -24.30
CA GLY E 641 -37.47 46.89 -23.42
C GLY E 641 -36.35 47.90 -23.47
N THR E 642 -35.71 48.07 -24.63
CA THR E 642 -34.66 49.05 -24.79
C THR E 642 -35.13 50.17 -25.72
N LYS E 643 -34.66 51.38 -25.44
CA LYS E 643 -35.07 52.54 -26.21
C LYS E 643 -34.43 52.60 -27.59
N ILE E 644 -33.35 51.84 -27.81
CA ILE E 644 -32.72 51.81 -29.11
C ILE E 644 -33.68 51.22 -30.12
N GLU E 645 -33.79 51.85 -31.29
CA GLU E 645 -34.77 51.45 -32.29
C GLU E 645 -34.15 51.07 -33.63
N VAL E 646 -32.83 50.97 -33.71
CA VAL E 646 -32.18 50.51 -34.94
C VAL E 646 -30.86 49.84 -34.56
N LEU E 647 -30.60 48.68 -35.16
CA LEU E 647 -29.34 48.05 -34.80
C LEU E 647 -28.22 48.52 -35.72
N PRO E 648 -26.99 48.56 -35.21
CA PRO E 648 -25.86 48.93 -36.06
C PRO E 648 -25.60 47.89 -37.13
N TRP E 649 -24.95 48.35 -38.20
CA TRP E 649 -24.59 47.44 -39.29
C TRP E 649 -23.61 46.36 -38.85
N SER E 650 -22.87 46.57 -37.77
CA SER E 650 -21.85 45.60 -37.36
C SER E 650 -22.46 44.44 -36.59
N VAL E 651 -23.51 43.84 -37.16
CA VAL E 651 -24.00 42.56 -36.68
C VAL E 651 -23.76 41.45 -37.70
N VAL E 652 -23.60 41.79 -38.98
CA VAL E 652 -23.14 40.85 -39.98
C VAL E 652 -21.78 40.29 -39.58
N GLN E 653 -20.97 41.10 -38.91
CA GLN E 653 -19.66 40.64 -38.47
C GLN E 653 -19.77 39.51 -37.46
N LEU E 654 -20.84 39.47 -36.67
CA LEU E 654 -21.01 38.40 -35.70
C LEU E 654 -21.26 37.08 -36.40
N ARG E 655 -20.85 35.99 -35.75
CA ARG E 655 -20.84 34.67 -36.35
C ARG E 655 -21.59 33.63 -35.53
N ARG E 656 -21.45 33.65 -34.21
CA ARG E 656 -21.99 32.60 -33.35
C ARG E 656 -23.10 33.17 -32.50
N LEU E 657 -24.35 32.91 -32.89
CA LEU E 657 -25.50 33.25 -32.07
C LEU E 657 -26.54 32.15 -32.25
N MET E 658 -27.40 32.00 -31.25
CA MET E 658 -28.49 31.05 -31.38
C MET E 658 -29.84 31.65 -30.99
N CYS E 659 -29.84 32.71 -30.19
CA CYS E 659 -31.07 33.39 -29.84
C CYS E 659 -30.89 34.90 -30.00
N LEU E 660 -32.00 35.57 -30.32
CA LEU E 660 -31.99 37.03 -30.45
C LEU E 660 -33.38 37.52 -30.01
N TYR E 661 -33.49 37.86 -28.73
CA TYR E 661 -34.75 38.36 -28.15
C TYR E 661 -34.86 39.84 -28.45
N VAL E 662 -35.23 40.15 -29.68
CA VAL E 662 -35.34 41.52 -30.14
C VAL E 662 -36.82 41.87 -30.27
N ASP E 663 -37.11 43.17 -30.24
CA ASP E 663 -38.47 43.67 -30.43
C ASP E 663 -38.63 44.21 -31.84
N TYR E 664 -39.83 44.06 -32.38
CA TYR E 664 -40.12 44.42 -33.76
C TYR E 664 -40.00 45.91 -34.02
N GLY E 665 -39.95 46.74 -32.98
CA GLY E 665 -39.72 48.15 -33.20
C GLY E 665 -38.39 48.44 -33.85
N MET E 666 -37.37 47.64 -33.54
CA MET E 666 -36.05 47.87 -34.09
C MET E 666 -35.96 47.41 -35.55
N LYS E 667 -34.90 47.86 -36.21
CA LYS E 667 -34.67 47.60 -37.63
C LYS E 667 -33.54 46.58 -37.77
N LEU E 668 -33.79 45.54 -38.56
CA LEU E 668 -32.80 44.50 -38.80
C LEU E 668 -32.06 44.77 -40.10
N PRO E 669 -30.74 44.95 -40.08
CA PRO E 669 -30.02 45.27 -41.32
C PRO E 669 -29.96 44.07 -42.26
N SER E 670 -29.74 44.37 -43.52
CA SER E 670 -29.69 43.33 -44.54
C SER E 670 -28.43 42.47 -44.37
N GLY E 671 -28.50 41.26 -44.91
CA GLY E 671 -27.43 40.30 -44.76
C GLY E 671 -27.61 39.46 -43.51
N ILE E 672 -28.86 39.08 -43.23
CA ILE E 672 -29.15 38.31 -42.03
C ILE E 672 -28.92 36.82 -42.24
N GLY E 673 -28.93 36.35 -43.50
CA GLY E 673 -28.84 34.93 -43.75
C GLY E 673 -27.52 34.29 -43.36
N ASN E 674 -26.50 35.10 -43.06
CA ASN E 674 -25.21 34.56 -42.69
C ASN E 674 -25.25 33.83 -41.34
N LEU E 675 -26.11 34.29 -40.42
CA LEU E 675 -26.16 33.72 -39.07
C LEU E 675 -26.84 32.36 -39.13
N THR E 676 -26.08 31.38 -39.64
CA THR E 676 -26.62 30.03 -39.80
C THR E 676 -26.94 29.39 -38.46
N PHE E 677 -26.09 29.62 -37.46
CA PHE E 677 -26.24 28.93 -36.19
C PHE E 677 -27.45 29.40 -35.40
N LEU E 678 -28.10 30.48 -35.82
CA LEU E 678 -29.22 31.02 -35.06
C LEU E 678 -30.32 29.98 -34.93
N GLU E 679 -30.87 29.86 -33.74
CA GLU E 679 -31.85 28.82 -33.45
C GLU E 679 -33.22 29.33 -33.06
N VAL E 680 -33.31 30.47 -32.39
CA VAL E 680 -34.60 31.06 -32.05
C VAL E 680 -34.53 32.57 -32.25
N LEU E 681 -35.55 33.11 -32.91
CA LEU E 681 -35.67 34.53 -33.19
C LEU E 681 -37.06 34.99 -32.79
N ASP E 682 -37.15 36.10 -32.07
CA ASP E 682 -38.39 36.52 -31.45
C ASP E 682 -38.79 37.92 -31.92
N ASP E 683 -40.08 38.08 -32.24
CA ASP E 683 -40.68 39.38 -32.51
C ASP E 683 -39.94 40.12 -33.61
N LEU E 684 -39.94 39.53 -34.81
CA LEU E 684 -39.29 40.15 -35.94
C LEU E 684 -40.21 41.16 -36.59
N GLY E 685 -39.69 42.36 -36.86
CA GLY E 685 -40.45 43.41 -37.50
C GLY E 685 -40.35 43.36 -39.01
N LEU E 686 -41.44 42.99 -39.67
CA LEU E 686 -41.47 42.79 -41.11
C LEU E 686 -42.28 43.91 -41.74
N SER E 687 -41.61 45.02 -42.03
CA SER E 687 -42.26 46.16 -42.65
C SER E 687 -41.26 46.87 -43.55
N ASP E 688 -41.69 47.21 -44.77
CA ASP E 688 -40.85 47.90 -45.73
C ASP E 688 -39.56 47.13 -45.98
N VAL E 689 -39.73 45.92 -46.52
CA VAL E 689 -38.64 44.98 -46.70
C VAL E 689 -38.55 44.60 -48.18
N ASP E 690 -37.33 44.44 -48.67
CA ASP E 690 -37.08 44.02 -50.03
C ASP E 690 -37.05 42.50 -50.12
N LEU E 691 -37.22 41.99 -51.34
CA LEU E 691 -37.45 40.56 -51.53
C LEU E 691 -36.24 39.72 -51.15
N ASP E 692 -35.04 40.21 -51.46
CA ASP E 692 -33.83 39.45 -51.14
C ASP E 692 -33.68 39.22 -49.64
N PHE E 693 -33.98 40.25 -48.85
CA PHE E 693 -33.88 40.09 -47.40
C PHE E 693 -34.86 39.04 -46.90
N VAL E 694 -36.08 39.04 -47.43
CA VAL E 694 -37.06 38.04 -47.06
C VAL E 694 -36.58 36.64 -47.44
N LYS E 695 -36.01 36.50 -48.63
CA LYS E 695 -35.52 35.20 -49.07
C LYS E 695 -34.30 34.75 -48.28
N GLU E 696 -33.57 35.68 -47.68
CA GLU E 696 -32.44 35.30 -46.83
C GLU E 696 -32.88 34.40 -45.68
N LEU E 697 -34.11 34.60 -45.19
CA LEU E 697 -34.56 33.88 -44.02
C LEU E 697 -34.68 32.37 -44.25
N GLY E 698 -34.81 31.94 -45.50
CA GLY E 698 -34.83 30.50 -45.74
C GLY E 698 -33.47 29.84 -45.74
N ARG E 699 -32.40 30.64 -45.72
CA ARG E 699 -31.06 30.07 -45.83
C ARG E 699 -30.66 29.33 -44.56
N LEU E 700 -30.85 29.96 -43.41
CA LEU E 700 -30.34 29.44 -42.13
C LEU E 700 -31.24 28.30 -41.67
N THR E 701 -30.79 27.07 -41.93
CA THR E 701 -31.61 25.89 -41.72
C THR E 701 -31.40 25.30 -40.34
N LYS E 702 -31.49 26.13 -39.31
CA LYS E 702 -31.27 25.65 -37.96
C LYS E 702 -32.28 26.18 -36.97
N LEU E 703 -33.19 27.06 -37.39
CA LEU E 703 -34.04 27.78 -36.46
C LEU E 703 -35.05 26.83 -35.83
N ARG E 704 -35.36 27.10 -34.56
CA ARG E 704 -36.27 26.28 -33.78
C ARG E 704 -37.58 26.98 -33.45
N VAL E 705 -37.54 28.25 -33.06
CA VAL E 705 -38.73 29.00 -32.67
C VAL E 705 -38.68 30.39 -33.28
N LEU E 706 -39.77 30.80 -33.91
CA LEU E 706 -39.84 32.09 -34.57
C LEU E 706 -41.16 32.78 -34.24
N ARG E 707 -41.10 34.09 -34.00
CA ARG E 707 -42.28 34.90 -33.75
C ARG E 707 -42.28 36.08 -34.72
N LEU E 708 -43.41 36.30 -35.38
CA LEU E 708 -43.51 37.29 -36.44
C LEU E 708 -44.74 38.17 -36.25
N ASP E 709 -44.52 39.47 -36.41
CA ASP E 709 -45.60 40.43 -36.55
C ASP E 709 -45.22 41.42 -37.64
N PHE E 710 -46.22 41.99 -38.28
CA PHE E 710 -45.96 42.83 -39.44
C PHE E 710 -47.15 43.74 -39.71
N HIS E 711 -46.87 44.84 -40.41
CA HIS E 711 -47.92 45.72 -40.89
C HIS E 711 -47.70 46.22 -42.32
N GLY E 712 -46.57 45.95 -42.95
CA GLY E 712 -46.26 46.63 -44.19
C GLY E 712 -45.73 45.81 -45.35
N PHE E 713 -46.22 44.57 -45.53
CA PHE E 713 -45.79 43.83 -46.71
C PHE E 713 -46.88 42.90 -47.25
N ASP E 714 -48.16 43.19 -47.01
CA ASP E 714 -49.24 42.29 -47.42
C ASP E 714 -49.35 42.29 -48.93
N GLN E 715 -48.52 41.47 -49.56
CA GLN E 715 -48.44 41.35 -51.01
C GLN E 715 -48.13 39.89 -51.33
N SER E 716 -47.70 39.63 -52.56
CA SER E 716 -47.17 38.31 -52.88
C SER E 716 -45.85 38.03 -52.16
N MET E 717 -45.25 39.05 -51.55
CA MET E 717 -44.11 38.84 -50.67
C MET E 717 -44.43 37.84 -49.58
N GLY E 718 -45.69 37.84 -49.11
CA GLY E 718 -46.11 36.83 -48.15
C GLY E 718 -45.95 35.43 -48.69
N LYS E 719 -46.39 35.20 -49.93
CA LYS E 719 -46.19 33.89 -50.53
C LYS E 719 -44.72 33.60 -50.77
N ALA E 720 -43.93 34.63 -51.10
CA ALA E 720 -42.51 34.42 -51.30
C ALA E 720 -41.84 33.88 -50.04
N LEU E 721 -42.18 34.47 -48.89
CA LEU E 721 -41.71 33.94 -47.61
C LEU E 721 -42.40 32.64 -47.22
N GLU E 722 -43.58 32.38 -47.78
CA GLU E 722 -44.43 31.30 -47.30
C GLU E 722 -43.79 29.94 -47.58
N GLU E 723 -43.24 29.76 -48.78
CA GLU E 723 -42.47 28.56 -49.06
C GLU E 723 -41.07 28.63 -48.44
N SER E 724 -40.52 29.84 -48.28
CA SER E 724 -39.22 29.98 -47.66
C SER E 724 -39.22 29.44 -46.23
N ILE E 725 -40.39 29.47 -45.58
CA ILE E 725 -40.52 28.80 -44.29
C ILE E 725 -40.25 27.30 -44.44
N SER E 726 -40.81 26.68 -45.49
CA SER E 726 -40.70 25.24 -45.64
C SER E 726 -39.27 24.78 -45.84
N ASN E 727 -38.34 25.70 -46.12
CA ASN E 727 -36.93 25.34 -46.17
C ASN E 727 -36.43 24.87 -44.82
N MET E 728 -37.17 25.16 -43.76
CA MET E 728 -36.80 24.81 -42.41
C MET E 728 -37.31 23.42 -42.05
N TYR E 729 -36.60 22.77 -41.14
CA TYR E 729 -37.10 21.49 -40.63
C TYR E 729 -36.93 21.32 -39.14
N LYS E 730 -36.48 22.35 -38.41
CA LYS E 730 -36.19 22.27 -37.00
C LYS E 730 -37.15 23.10 -36.14
N LEU E 731 -38.31 23.45 -36.68
CA LEU E 731 -39.25 24.26 -35.91
C LEU E 731 -39.83 23.51 -34.72
N ASP E 732 -40.28 24.29 -33.75
CA ASP E 732 -40.98 23.77 -32.58
C ASP E 732 -42.28 24.54 -32.43
N SER E 733 -42.24 25.82 -32.77
CA SER E 733 -43.39 26.71 -32.61
C SER E 733 -43.29 27.82 -33.63
N LEU E 734 -44.44 28.44 -33.91
CA LEU E 734 -44.50 29.57 -34.82
C LEU E 734 -45.79 30.34 -34.55
N ASP E 735 -45.79 31.62 -34.91
CA ASP E 735 -46.98 32.44 -34.78
C ASP E 735 -46.84 33.68 -35.65
N VAL E 736 -47.99 34.19 -36.10
CA VAL E 736 -48.05 35.30 -37.05
C VAL E 736 -49.09 36.29 -36.56
N PHE E 737 -48.74 37.58 -36.61
CA PHE E 737 -49.60 38.65 -36.13
C PHE E 737 -49.90 39.63 -37.26
N VAL E 738 -51.19 39.94 -37.44
CA VAL E 738 -51.63 40.86 -38.49
C VAL E 738 -53.03 41.32 -38.13
N ASN E 739 -53.34 42.57 -38.47
CA ASN E 739 -54.54 43.23 -37.99
C ASN E 739 -55.57 43.39 -39.10
N ARG E 740 -56.77 42.86 -38.88
CA ARG E 740 -57.95 43.17 -39.68
C ARG E 740 -57.71 42.95 -41.17
N GLY E 741 -57.51 41.70 -41.54
CA GLY E 741 -57.35 41.36 -42.93
C GLY E 741 -57.42 39.88 -43.15
N LEU E 742 -57.71 39.51 -44.39
CA LEU E 742 -57.54 38.12 -44.80
C LEU E 742 -56.05 37.81 -44.89
N ILE E 743 -55.68 36.58 -44.51
CA ILE E 743 -54.28 36.21 -44.39
C ILE E 743 -53.75 35.95 -45.80
N ASN E 744 -53.10 36.95 -46.40
CA ASN E 744 -52.55 36.80 -47.74
C ASN E 744 -51.09 36.38 -47.70
N CYS E 745 -50.80 35.38 -46.89
CA CYS E 745 -49.46 34.80 -46.83
C CYS E 745 -49.43 33.32 -47.15
N LEU E 746 -50.24 32.53 -46.44
CA LEU E 746 -50.18 31.08 -46.54
C LEU E 746 -51.04 30.58 -47.69
N SER E 747 -50.45 29.79 -48.57
CA SER E 747 -51.19 29.15 -49.65
C SER E 747 -51.73 27.80 -49.16
N GLU E 748 -52.59 27.21 -49.97
CA GLU E 748 -53.10 25.87 -49.69
C GLU E 748 -52.21 24.78 -50.25
N HIS E 749 -51.13 25.15 -50.95
CA HIS E 749 -50.20 24.19 -51.55
C HIS E 749 -48.80 24.57 -51.08
N TRP E 750 -48.43 24.05 -49.92
CA TRP E 750 -47.14 24.34 -49.31
C TRP E 750 -46.87 23.30 -48.24
N VAL E 751 -45.78 22.57 -48.38
CA VAL E 751 -45.48 21.53 -47.38
C VAL E 751 -44.99 22.18 -46.10
N PRO E 752 -45.50 21.80 -44.94
CA PRO E 752 -45.02 22.37 -43.69
C PRO E 752 -43.82 21.59 -43.16
N PRO E 753 -43.01 22.19 -42.31
CA PRO E 753 -41.94 21.44 -41.65
C PRO E 753 -42.50 20.29 -40.84
N PRO E 754 -41.85 19.14 -40.86
CA PRO E 754 -42.42 17.95 -40.19
C PRO E 754 -42.60 18.12 -38.70
N ARG E 755 -41.73 18.88 -38.03
CA ARG E 755 -41.75 19.00 -36.59
C ARG E 755 -42.40 20.33 -36.22
N LEU E 756 -43.66 20.28 -35.80
CA LEU E 756 -44.40 21.46 -35.38
C LEU E 756 -45.27 21.09 -34.19
N CYS E 757 -45.23 21.92 -33.16
CA CYS E 757 -45.93 21.62 -31.92
C CYS E 757 -46.92 22.69 -31.50
N ARG E 758 -46.58 23.97 -31.65
CA ARG E 758 -47.42 25.03 -31.08
C ARG E 758 -48.26 25.75 -32.13
N LEU E 759 -47.63 26.43 -33.09
CA LEU E 759 -48.33 27.17 -34.15
C LEU E 759 -49.52 27.97 -33.61
N ALA E 760 -49.18 29.01 -32.87
CA ALA E 760 -50.19 29.91 -32.32
C ALA E 760 -50.51 31.04 -33.30
N PHE E 761 -51.49 31.85 -32.95
CA PHE E 761 -51.85 33.03 -33.73
C PHE E 761 -52.37 34.10 -32.78
N PRO E 762 -51.58 35.13 -32.50
CA PRO E 762 -51.99 36.12 -31.49
C PRO E 762 -53.10 37.04 -31.95
N SER E 763 -53.12 37.40 -33.23
CA SER E 763 -54.11 38.36 -33.71
C SER E 763 -55.51 37.76 -33.69
N LYS E 764 -56.51 38.61 -33.42
CA LYS E 764 -57.90 38.21 -33.48
C LYS E 764 -58.74 39.06 -34.41
N ARG E 765 -58.20 40.17 -34.92
CA ARG E 765 -58.92 40.98 -35.88
C ARG E 765 -58.73 40.51 -37.32
N SER E 766 -57.66 39.79 -37.61
CA SER E 766 -57.50 39.16 -38.91
C SER E 766 -58.19 37.80 -38.91
N TRP E 767 -58.25 37.19 -40.10
CA TRP E 767 -58.99 35.95 -40.26
C TRP E 767 -58.50 35.22 -41.50
N PHE E 768 -58.61 33.90 -41.45
CA PHE E 768 -58.53 33.10 -42.67
C PHE E 768 -59.92 32.94 -43.26
N LYS E 769 -59.96 32.69 -44.57
CA LYS E 769 -61.24 32.42 -45.20
C LYS E 769 -61.84 31.12 -44.68
N THR E 770 -61.06 30.05 -44.70
CA THR E 770 -61.50 28.74 -44.22
C THR E 770 -60.32 28.03 -43.57
N LEU E 771 -60.57 26.80 -43.14
CA LEU E 771 -59.51 25.99 -42.56
C LEU E 771 -58.51 25.62 -43.65
N PRO E 772 -57.22 25.90 -43.45
CA PRO E 772 -56.22 25.59 -44.49
C PRO E 772 -56.17 24.11 -44.79
N SER E 773 -55.95 23.78 -46.07
CA SER E 773 -55.87 22.39 -46.48
C SER E 773 -54.61 21.71 -45.95
N TRP E 774 -53.49 22.43 -45.90
CA TRP E 774 -52.23 21.82 -45.49
C TRP E 774 -52.23 21.41 -44.02
N ILE E 775 -53.20 21.85 -43.23
CA ILE E 775 -53.41 21.29 -41.90
C ILE E 775 -54.13 19.96 -42.06
N ASN E 776 -53.45 18.89 -41.69
CA ASN E 776 -54.00 17.54 -41.84
C ASN E 776 -53.33 16.64 -40.81
N PRO E 777 -53.98 15.55 -40.42
CA PRO E 777 -53.31 14.58 -39.54
C PRO E 777 -52.10 13.94 -40.18
N SER E 778 -52.00 13.97 -41.52
CA SER E 778 -50.83 13.45 -42.22
C SER E 778 -49.57 14.21 -41.82
N SER E 779 -49.46 15.46 -42.25
CA SER E 779 -48.30 16.25 -41.91
C SER E 779 -48.44 16.83 -40.51
N LEU E 780 -47.31 17.25 -39.96
CA LEU E 780 -47.24 17.89 -38.64
C LEU E 780 -48.12 17.24 -37.57
N PRO E 781 -47.92 15.95 -37.29
CA PRO E 781 -48.72 15.27 -36.26
C PRO E 781 -48.27 15.56 -34.83
N LEU E 782 -47.36 16.51 -34.63
CA LEU E 782 -46.77 16.77 -33.32
C LEU E 782 -47.40 17.97 -32.62
N LEU E 783 -48.53 18.46 -33.12
CA LEU E 783 -49.13 19.66 -32.55
C LEU E 783 -49.70 19.40 -31.16
N SER E 784 -49.48 20.34 -30.26
CA SER E 784 -50.09 20.32 -28.93
C SER E 784 -50.72 21.67 -28.61
N TYR E 785 -51.04 22.45 -29.64
CA TYR E 785 -51.45 23.84 -29.49
C TYR E 785 -52.02 24.27 -30.84
N LEU E 786 -53.17 24.93 -30.83
CA LEU E 786 -53.84 25.25 -32.09
C LEU E 786 -53.97 26.74 -32.34
N ASP E 787 -54.68 27.48 -31.49
CA ASP E 787 -54.75 28.95 -31.53
C ASP E 787 -54.98 29.48 -32.95
N ILE E 788 -56.18 29.24 -33.47
CA ILE E 788 -56.53 29.71 -34.80
C ILE E 788 -57.66 30.73 -34.70
N THR E 789 -57.71 31.62 -35.69
CA THR E 789 -58.85 32.52 -35.89
C THR E 789 -59.07 32.65 -37.39
N LEU E 790 -60.34 32.68 -37.79
CA LEU E 790 -60.69 32.71 -39.20
C LEU E 790 -62.11 33.25 -39.34
N PHE E 791 -62.48 33.59 -40.57
CA PHE E 791 -63.75 34.25 -40.80
C PHE E 791 -64.91 33.28 -40.61
N GLU E 792 -64.95 32.22 -41.41
CA GLU E 792 -66.08 31.30 -41.40
C GLU E 792 -65.82 30.16 -40.41
N VAL E 793 -66.69 29.16 -40.45
CA VAL E 793 -66.54 27.97 -39.61
C VAL E 793 -67.31 26.86 -40.29
N ARG E 794 -66.86 25.62 -40.09
CA ARG E 794 -67.49 24.46 -40.68
C ARG E 794 -67.59 23.36 -39.66
N SER E 795 -68.71 22.63 -39.69
CA SER E 795 -68.86 21.45 -38.83
C SER E 795 -67.93 20.32 -39.25
N GLU E 796 -67.32 20.42 -40.43
CA GLU E 796 -66.33 19.45 -40.88
C GLU E 796 -64.91 19.83 -40.48
N ASP E 797 -64.66 21.11 -40.22
CA ASP E 797 -63.34 21.53 -39.76
C ASP E 797 -63.02 20.89 -38.41
N ILE E 798 -63.99 20.84 -37.51
CA ILE E 798 -63.76 20.20 -36.22
C ILE E 798 -63.55 18.70 -36.41
N GLN E 799 -64.26 18.09 -37.35
CA GLN E 799 -64.05 16.67 -37.62
C GLN E 799 -62.64 16.42 -38.13
N LEU E 800 -62.14 17.30 -39.00
CA LEU E 800 -60.76 17.17 -39.47
C LEU E 800 -59.78 17.35 -38.33
N LEU E 801 -60.01 18.34 -37.46
CA LEU E 801 -59.10 18.61 -36.37
C LEU E 801 -59.12 17.51 -35.31
N GLY E 802 -60.20 16.74 -35.23
CA GLY E 802 -60.26 15.65 -34.29
C GLY E 802 -59.46 14.44 -34.66
N THR E 803 -58.74 14.46 -35.78
CA THR E 803 -57.92 13.31 -36.16
C THR E 803 -56.46 13.48 -35.76
N LEU E 804 -56.01 14.71 -35.50
CA LEU E 804 -54.64 14.93 -35.10
C LEU E 804 -54.36 14.28 -33.75
N PRO E 805 -53.13 13.78 -33.53
CA PRO E 805 -52.86 12.95 -32.35
C PRO E 805 -53.01 13.63 -31.00
N ALA E 806 -52.23 14.69 -30.74
CA ALA E 806 -52.19 15.21 -29.38
C ALA E 806 -53.12 16.38 -29.15
N LEU E 807 -52.85 17.51 -29.81
CA LEU E 807 -53.64 18.73 -29.68
C LEU E 807 -54.06 19.00 -28.24
N VAL E 808 -53.06 19.18 -27.38
CA VAL E 808 -53.34 19.42 -25.97
C VAL E 808 -54.10 20.73 -25.78
N TYR E 809 -53.71 21.77 -26.49
CA TYR E 809 -54.31 23.09 -26.38
C TYR E 809 -55.13 23.40 -27.62
N LEU E 810 -56.38 23.82 -27.42
CA LEU E 810 -57.28 24.13 -28.51
C LEU E 810 -57.92 25.49 -28.28
N GLU E 811 -57.89 26.35 -29.30
CA GLU E 811 -58.50 27.67 -29.22
C GLU E 811 -58.86 28.13 -30.63
N ILE E 812 -60.15 28.35 -30.88
CA ILE E 812 -60.65 28.70 -32.20
C ILE E 812 -61.56 29.91 -32.09
N TRP E 813 -61.40 30.85 -33.03
CA TRP E 813 -62.17 32.08 -33.07
C TRP E 813 -62.99 32.14 -34.35
N ASN E 814 -64.29 32.41 -34.21
CA ASN E 814 -65.19 32.59 -35.34
C ASN E 814 -65.40 34.09 -35.55
N TYR E 815 -64.73 34.64 -36.58
CA TYR E 815 -64.75 36.08 -36.77
C TYR E 815 -66.15 36.60 -37.08
N SER E 816 -66.90 35.87 -37.91
CA SER E 816 -68.18 36.38 -38.40
C SER E 816 -69.21 36.51 -37.28
N VAL E 817 -69.13 35.64 -36.26
CA VAL E 817 -70.11 35.70 -35.18
C VAL E 817 -69.94 36.98 -34.37
N PHE E 818 -68.71 37.30 -33.99
CA PHE E 818 -68.45 38.47 -33.16
C PHE E 818 -68.15 39.73 -33.96
N GLU E 819 -68.26 39.68 -35.28
CA GLU E 819 -68.09 40.87 -36.10
C GLU E 819 -69.19 41.10 -37.11
N GLU E 820 -69.97 40.09 -37.46
CA GLU E 820 -71.05 40.23 -38.42
C GLU E 820 -72.33 39.66 -37.83
N ALA E 821 -73.45 39.94 -38.49
CA ALA E 821 -74.75 39.48 -38.03
C ALA E 821 -74.90 38.01 -38.41
N HIS E 822 -74.41 37.13 -37.54
CA HIS E 822 -74.50 35.70 -37.75
C HIS E 822 -74.94 35.03 -36.45
N GLU E 823 -75.60 33.90 -36.60
CA GLU E 823 -76.08 33.12 -35.46
C GLU E 823 -75.13 31.96 -35.19
N VAL E 824 -74.83 31.75 -33.91
CA VAL E 824 -73.98 30.64 -33.50
C VAL E 824 -74.70 29.34 -33.82
N GLU E 825 -74.20 28.63 -34.83
CA GLU E 825 -74.76 27.35 -35.20
C GLU E 825 -74.22 26.26 -34.28
N ALA E 826 -74.63 25.01 -34.53
CA ALA E 826 -74.18 23.87 -33.74
C ALA E 826 -73.43 22.90 -34.64
N PRO E 827 -72.10 22.96 -34.68
CA PRO E 827 -71.34 21.98 -35.47
C PRO E 827 -71.50 20.57 -34.91
N VAL E 828 -71.42 19.59 -35.81
CA VAL E 828 -71.71 18.20 -35.46
C VAL E 828 -70.44 17.39 -35.69
N LEU E 829 -70.01 16.66 -34.66
CA LEU E 829 -68.91 15.72 -34.77
C LEU E 829 -69.44 14.44 -35.41
N SER E 830 -69.38 14.38 -36.73
CA SER E 830 -70.05 13.31 -37.46
C SER E 830 -69.30 12.00 -37.33
N SER E 831 -68.08 11.95 -37.86
CA SER E 831 -67.36 10.68 -37.96
C SER E 831 -66.62 10.37 -36.67
N GLY E 832 -66.31 9.09 -36.50
CA GLY E 832 -65.53 8.63 -35.36
C GLY E 832 -66.33 8.57 -34.08
N ALA E 833 -65.62 8.28 -33.00
CA ALA E 833 -66.21 8.16 -31.68
C ALA E 833 -65.63 9.14 -30.67
N ALA E 834 -64.30 9.24 -30.59
CA ALA E 834 -63.65 10.10 -29.60
C ALA E 834 -62.96 11.30 -30.24
N LEU E 835 -62.04 11.05 -31.16
CA LEU E 835 -61.33 12.10 -31.90
C LEU E 835 -60.52 13.01 -31.00
N PHE E 836 -60.46 12.71 -29.71
CA PHE E 836 -59.78 13.58 -28.74
C PHE E 836 -59.26 12.74 -27.59
N PRO E 837 -58.14 12.06 -27.80
CA PRO E 837 -57.59 11.23 -26.71
C PRO E 837 -57.08 12.06 -25.54
N CYS E 838 -56.39 13.17 -25.81
CA CYS E 838 -55.84 13.99 -24.74
C CYS E 838 -55.85 15.45 -25.22
N ALA E 839 -56.93 16.15 -24.89
CA ALA E 839 -57.06 17.57 -25.19
C ALA E 839 -57.60 18.24 -23.93
N THR E 840 -56.70 18.59 -23.02
CA THR E 840 -57.12 19.13 -21.72
C THR E 840 -57.74 20.51 -21.88
N GLU E 841 -57.15 21.36 -22.72
CA GLU E 841 -57.57 22.75 -22.86
C GLU E 841 -58.17 22.94 -24.25
N CYS E 842 -59.47 23.22 -24.30
CA CYS E 842 -60.18 23.45 -25.54
C CYS E 842 -60.99 24.74 -25.41
N ARG E 843 -60.83 25.64 -26.37
CA ARG E 843 -61.51 26.93 -26.35
C ARG E 843 -62.23 27.14 -27.67
N PHE E 844 -63.53 27.46 -27.60
CA PHE E 844 -64.32 27.78 -28.76
C PHE E 844 -64.89 29.17 -28.58
N ILE E 845 -64.68 30.04 -29.56
CA ILE E 845 -65.13 31.41 -29.52
C ILE E 845 -66.18 31.61 -30.61
N GLY E 846 -67.37 32.04 -30.21
CA GLY E 846 -68.45 32.24 -31.16
C GLY E 846 -68.95 30.98 -31.81
N ILE E 847 -68.60 29.82 -31.25
CA ILE E 847 -68.98 28.53 -31.82
C ILE E 847 -69.63 27.70 -30.73
N GLY E 848 -70.78 27.12 -31.04
CA GLY E 848 -71.55 26.38 -30.07
C GLY E 848 -71.02 24.98 -29.82
N ALA E 849 -70.52 24.74 -28.62
CA ALA E 849 -69.99 23.43 -28.21
C ALA E 849 -70.81 22.95 -27.03
N VAL E 850 -71.89 22.24 -27.31
CA VAL E 850 -72.75 21.69 -26.26
C VAL E 850 -72.00 20.53 -25.62
N PRO E 851 -72.35 20.13 -24.39
CA PRO E 851 -71.70 18.94 -23.81
C PRO E 851 -71.96 17.67 -24.60
N SER E 852 -73.03 17.63 -25.40
CA SER E 852 -73.40 16.41 -26.11
C SER E 852 -72.83 16.35 -27.52
N MET E 853 -71.51 16.51 -27.64
CA MET E 853 -70.84 16.08 -28.86
C MET E 853 -70.71 14.56 -28.90
N PHE E 854 -70.66 13.93 -27.75
CA PHE E 854 -70.48 12.49 -27.62
C PHE E 854 -70.63 12.13 -26.15
N PRO E 855 -70.90 10.85 -25.84
CA PRO E 855 -70.83 10.41 -24.44
C PRO E 855 -69.47 10.69 -23.80
N GLN E 856 -69.37 10.41 -22.50
CA GLN E 856 -68.17 10.76 -21.75
C GLN E 856 -66.91 10.12 -22.30
N GLY E 857 -67.03 9.03 -23.06
CA GLY E 857 -65.88 8.36 -23.64
C GLY E 857 -65.39 8.96 -24.94
N ALA E 858 -65.28 10.28 -25.00
CA ALA E 858 -64.73 10.97 -26.16
C ALA E 858 -63.45 11.73 -25.84
N ALA E 859 -63.46 12.55 -24.80
CA ALA E 859 -62.30 13.32 -24.37
C ALA E 859 -62.01 12.93 -22.93
N PRO E 860 -61.18 11.90 -22.70
CA PRO E 860 -60.86 11.52 -21.32
C PRO E 860 -60.26 12.65 -20.52
N ARG E 861 -59.40 13.45 -21.13
CA ARG E 861 -58.67 14.51 -20.43
C ARG E 861 -59.16 15.85 -20.99
N LEU E 862 -60.00 16.54 -20.22
CA LEU E 862 -60.44 17.88 -20.59
C LEU E 862 -60.81 18.61 -19.30
N LYS E 863 -59.90 19.45 -18.82
CA LYS E 863 -60.15 20.20 -17.60
C LYS E 863 -61.10 21.37 -17.83
N ARG E 864 -61.04 22.02 -18.99
CA ARG E 864 -61.76 23.26 -19.22
C ARG E 864 -62.26 23.32 -20.64
N LEU E 865 -63.42 23.97 -20.81
CA LEU E 865 -64.07 24.08 -22.11
C LEU E 865 -64.81 25.41 -22.15
N TRP E 866 -64.71 26.13 -23.27
CA TRP E 866 -65.37 27.41 -23.44
C TRP E 866 -66.09 27.46 -24.78
N PHE E 867 -67.30 27.99 -24.76
CA PHE E 867 -68.11 28.12 -25.97
C PHE E 867 -69.21 29.14 -25.71
N THR E 868 -70.03 29.38 -26.73
CA THR E 868 -71.13 30.33 -26.65
C THR E 868 -72.47 29.60 -26.76
N PHE E 869 -73.46 30.10 -26.03
CA PHE E 869 -74.76 29.45 -25.96
C PHE E 869 -75.90 30.44 -26.17
N PRO E 870 -76.71 30.28 -27.22
CA PRO E 870 -77.86 31.16 -27.41
C PRO E 870 -78.92 30.90 -26.35
N ALA E 871 -79.68 31.96 -26.03
CA ALA E 871 -80.80 31.82 -25.11
C ALA E 871 -82.00 31.13 -25.74
N LYS E 872 -82.06 31.08 -27.07
CA LYS E 872 -83.18 30.43 -27.74
C LYS E 872 -83.10 28.91 -27.65
N TRP E 873 -81.94 28.36 -27.32
CA TRP E 873 -81.79 26.92 -27.17
C TRP E 873 -82.16 26.44 -25.78
N ILE E 874 -82.54 27.35 -24.89
CA ILE E 874 -82.92 26.96 -23.52
C ILE E 874 -84.11 26.02 -23.56
N SER E 875 -85.09 26.32 -24.40
CA SER E 875 -86.28 25.49 -24.52
C SER E 875 -86.07 24.31 -25.47
N SER E 876 -84.90 24.19 -26.08
CA SER E 876 -84.63 23.10 -27.00
C SER E 876 -84.22 21.85 -26.24
N GLU E 877 -83.88 20.79 -26.97
CA GLU E 877 -83.42 19.54 -26.38
C GLU E 877 -81.99 19.19 -26.78
N ASN E 878 -81.24 20.14 -27.31
CA ASN E 878 -79.85 19.93 -27.70
C ASN E 878 -78.87 20.32 -26.61
N ILE E 879 -79.35 20.61 -25.41
CA ILE E 879 -78.49 21.08 -24.32
C ILE E 879 -78.57 20.03 -23.21
N GLY E 880 -78.75 18.77 -23.59
CA GLY E 880 -79.07 17.72 -22.64
C GLY E 880 -77.94 17.33 -21.72
N LEU E 881 -77.56 18.24 -20.81
CA LEU E 881 -76.53 17.98 -19.82
C LEU E 881 -77.16 17.36 -18.57
N GLY E 882 -76.36 17.22 -17.51
CA GLY E 882 -76.81 16.64 -16.26
C GLY E 882 -75.96 15.48 -15.76
N MET E 883 -75.11 14.93 -16.62
CA MET E 883 -74.24 13.83 -16.25
C MET E 883 -72.81 14.32 -16.03
N ARG E 884 -72.03 13.52 -15.31
CA ARG E 884 -70.65 13.85 -15.00
C ARG E 884 -69.72 13.15 -15.99
N HIS E 885 -68.88 13.93 -16.67
CA HIS E 885 -67.96 13.40 -17.65
C HIS E 885 -66.69 12.88 -16.99
N LEU E 886 -65.85 12.22 -17.78
CA LEU E 886 -64.66 11.58 -17.22
C LEU E 886 -63.69 12.56 -16.57
N PRO E 887 -63.28 13.66 -17.20
CA PRO E 887 -62.37 14.60 -16.53
C PRO E 887 -63.13 15.47 -15.54
N SER E 888 -62.40 16.39 -14.92
CA SER E 888 -62.99 17.32 -13.94
C SER E 888 -63.85 18.35 -14.65
N LEU E 889 -64.91 17.86 -15.28
CA LEU E 889 -65.79 18.69 -16.10
C LEU E 889 -67.02 19.10 -15.29
N GLN E 890 -66.77 19.83 -14.20
CA GLN E 890 -67.83 20.33 -13.34
C GLN E 890 -67.70 21.82 -13.08
N ARG E 891 -66.59 22.44 -13.43
CA ARG E 891 -66.36 23.87 -13.22
C ARG E 891 -66.39 24.55 -14.58
N VAL E 892 -67.59 24.95 -15.01
CA VAL E 892 -67.79 25.58 -16.30
C VAL E 892 -68.79 26.72 -16.16
N VAL E 893 -68.50 27.83 -16.84
CA VAL E 893 -69.43 28.94 -17.00
C VAL E 893 -69.42 29.32 -18.46
N VAL E 894 -70.60 29.56 -19.03
CA VAL E 894 -70.76 29.79 -20.46
C VAL E 894 -71.30 31.20 -20.68
N ASP E 895 -70.79 31.87 -21.71
CA ASP E 895 -71.29 33.17 -22.10
C ASP E 895 -72.58 32.97 -22.88
N VAL E 896 -73.71 33.14 -22.19
CA VAL E 896 -75.01 32.94 -22.83
C VAL E 896 -75.38 34.19 -23.63
N ILE E 897 -75.96 33.99 -24.81
CA ILE E 897 -76.36 35.07 -25.70
C ILE E 897 -77.88 35.09 -25.79
N SER E 898 -78.47 36.26 -25.58
CA SER E 898 -79.91 36.43 -25.65
C SER E 898 -80.46 36.08 -27.04
N THR F 34 29.65 4.54 -34.07
CA THR F 34 29.79 5.70 -33.20
C THR F 34 28.42 6.31 -32.91
N LEU F 35 28.01 7.26 -33.76
CA LEU F 35 26.70 7.87 -33.61
C LEU F 35 25.60 6.83 -33.73
N GLU F 36 25.70 5.93 -34.72
CA GLU F 36 24.71 4.88 -34.88
C GLU F 36 24.71 3.93 -33.69
N LYS F 37 25.86 3.79 -33.02
CA LYS F 37 25.94 2.88 -31.88
C LYS F 37 25.00 3.31 -30.76
N LYS F 38 24.97 4.60 -30.46
CA LYS F 38 24.09 5.09 -29.40
C LYS F 38 22.63 4.85 -29.75
N VAL F 39 22.25 5.11 -31.00
CA VAL F 39 20.88 4.89 -31.41
C VAL F 39 20.51 3.42 -31.27
N ARG F 40 21.38 2.54 -31.76
CA ARG F 40 21.07 1.12 -31.73
C ARG F 40 21.06 0.60 -30.30
N LYS F 41 21.83 1.20 -29.40
CA LYS F 41 21.78 0.81 -27.99
C LYS F 41 20.57 1.39 -27.28
N GLY F 42 19.95 2.43 -27.83
CA GLY F 42 18.69 2.89 -27.30
C GLY F 42 17.50 2.10 -27.81
N ILE F 43 17.64 1.49 -28.99
CA ILE F 43 16.51 0.82 -29.61
C ILE F 43 16.00 -0.33 -28.74
N GLU F 44 16.92 -1.15 -28.21
CA GLU F 44 16.45 -2.29 -27.44
C GLU F 44 15.81 -1.86 -26.12
N SER F 45 16.30 -0.77 -25.53
CA SER F 45 15.60 -0.20 -24.38
C SER F 45 14.19 0.20 -24.77
N LEU F 46 14.05 0.81 -25.95
CA LEU F 46 12.73 1.18 -26.42
C LEU F 46 11.84 -0.05 -26.60
N ILE F 47 12.43 -1.15 -27.08
CA ILE F 47 11.70 -2.38 -27.28
C ILE F 47 11.19 -2.93 -25.95
N THR F 48 12.04 -2.89 -24.92
CA THR F 48 11.59 -3.31 -23.60
C THR F 48 10.47 -2.42 -23.11
N GLU F 49 10.59 -1.11 -23.32
CA GLU F 49 9.52 -0.19 -22.94
C GLU F 49 8.21 -0.60 -23.59
N LEU F 50 8.26 -0.90 -24.89
CA LEU F 50 7.11 -1.46 -25.57
C LEU F 50 6.55 -2.63 -24.78
N LYS F 51 7.36 -3.68 -24.61
CA LYS F 51 6.88 -4.90 -24.01
C LYS F 51 6.15 -4.63 -22.69
N LEU F 52 6.71 -3.76 -21.86
CA LEU F 52 6.00 -3.36 -20.65
C LEU F 52 4.69 -2.64 -20.95
N MET F 53 4.66 -1.81 -21.99
CA MET F 53 3.42 -1.10 -22.25
C MET F 53 2.31 -2.02 -22.73
N GLN F 54 2.62 -2.93 -23.65
CA GLN F 54 1.58 -3.90 -24.02
C GLN F 54 1.21 -4.80 -22.85
N ALA F 55 2.14 -5.06 -21.95
CA ALA F 55 1.77 -5.77 -20.73
C ALA F 55 0.69 -4.99 -19.97
N VAL F 56 0.92 -3.71 -19.75
CA VAL F 56 -0.01 -2.89 -18.97
C VAL F 56 -1.35 -2.77 -19.69
N LEU F 57 -1.31 -2.50 -21.00
CA LEU F 57 -2.55 -2.31 -21.75
C LEU F 57 -3.36 -3.59 -21.81
N SER F 58 -2.69 -4.73 -21.97
CA SER F 58 -3.38 -6.01 -21.89
C SER F 58 -3.99 -6.21 -20.52
N LYS F 59 -3.30 -5.77 -19.47
CA LYS F 59 -3.84 -5.89 -18.12
C LYS F 59 -5.11 -5.07 -17.96
N VAL F 60 -5.07 -3.81 -18.39
CA VAL F 60 -6.18 -2.89 -18.12
C VAL F 60 -7.40 -3.26 -18.96
N SER F 61 -7.19 -3.64 -20.22
CA SER F 61 -8.32 -3.85 -21.11
C SER F 61 -9.16 -5.05 -20.73
N LYS F 62 -8.69 -5.90 -19.82
CA LYS F 62 -9.46 -7.08 -19.44
C LYS F 62 -10.74 -6.69 -18.71
N VAL F 63 -10.67 -5.71 -17.81
CA VAL F 63 -11.83 -5.34 -17.00
C VAL F 63 -12.83 -4.57 -17.85
N PRO F 64 -14.12 -4.71 -17.60
CA PRO F 64 -15.11 -3.93 -18.35
C PRO F 64 -15.00 -2.46 -18.03
N ALA F 65 -15.38 -1.63 -18.99
CA ALA F 65 -15.23 -0.19 -18.84
C ALA F 65 -16.36 0.42 -18.02
N ASP F 66 -16.67 -0.18 -16.90
CA ASP F 66 -17.62 0.38 -15.94
C ASP F 66 -17.03 0.43 -14.54
N GLN F 67 -16.26 -0.57 -14.15
CA GLN F 67 -15.55 -0.54 -12.87
C GLN F 67 -14.24 0.21 -12.98
N LEU F 68 -13.87 0.67 -14.17
CA LEU F 68 -12.62 1.39 -14.35
C LEU F 68 -12.82 2.87 -14.07
N ASP F 69 -11.99 3.42 -13.19
CA ASP F 69 -12.02 4.84 -12.92
C ASP F 69 -11.46 5.62 -14.09
N GLU F 70 -11.98 6.83 -14.30
CA GLU F 70 -11.71 7.55 -15.54
C GLU F 70 -10.26 8.01 -15.62
N GLY F 71 -9.61 8.27 -14.48
CA GLY F 71 -8.22 8.67 -14.53
C GLY F 71 -7.35 7.60 -15.16
N VAL F 72 -7.58 6.35 -14.77
CA VAL F 72 -6.85 5.24 -15.38
C VAL F 72 -7.18 5.14 -16.85
N LYS F 73 -8.44 5.40 -17.24
CA LYS F 73 -8.80 5.34 -18.65
C LYS F 73 -8.04 6.37 -19.47
N ILE F 74 -7.96 7.60 -18.96
CA ILE F 74 -7.24 8.66 -19.68
C ILE F 74 -5.77 8.31 -19.79
N TRP F 75 -5.19 7.82 -18.69
CA TRP F 75 -3.79 7.42 -18.71
C TRP F 75 -3.56 6.29 -19.71
N ALA F 76 -4.49 5.34 -19.78
CA ALA F 76 -4.35 4.24 -20.73
C ALA F 76 -4.40 4.74 -22.17
N GLY F 77 -5.32 5.67 -22.45
CA GLY F 77 -5.36 6.22 -23.80
C GLY F 77 -4.05 6.90 -24.17
N ASN F 78 -3.50 7.67 -23.24
CA ASN F 78 -2.25 8.37 -23.54
C ASN F 78 -1.12 7.39 -23.77
N VAL F 79 -1.02 6.34 -22.94
CA VAL F 79 0.08 5.41 -23.14
C VAL F 79 -0.12 4.64 -24.44
N LYS F 80 -1.36 4.41 -24.86
CA LYS F 80 -1.58 3.76 -26.15
C LYS F 80 -1.08 4.64 -27.29
N GLU F 81 -1.35 5.94 -27.21
CA GLU F 81 -0.85 6.83 -28.26
C GLU F 81 0.68 6.83 -28.29
N LEU F 82 1.31 6.88 -27.11
CA LEU F 82 2.76 6.79 -27.06
C LEU F 82 3.25 5.46 -27.64
N SER F 83 2.49 4.39 -27.43
CA SER F 83 2.86 3.10 -27.99
C SER F 83 2.88 3.15 -29.50
N TYR F 84 1.87 3.76 -30.11
CA TYR F 84 1.91 3.95 -31.55
C TYR F 84 3.14 4.72 -31.98
N GLN F 85 3.46 5.81 -31.29
CA GLN F 85 4.60 6.61 -31.69
C GLN F 85 5.90 5.80 -31.67
N MET F 86 6.10 5.02 -30.62
CA MET F 86 7.36 4.29 -30.50
C MET F 86 7.42 3.10 -31.46
N GLU F 87 6.28 2.46 -31.72
CA GLU F 87 6.26 1.45 -32.76
C GLU F 87 6.65 2.07 -34.11
N ASP F 88 6.15 3.27 -34.38
CA ASP F 88 6.54 3.98 -35.58
C ASP F 88 8.04 4.19 -35.64
N ILE F 89 8.63 4.66 -34.54
CA ILE F 89 10.07 4.94 -34.54
C ILE F 89 10.87 3.67 -34.78
N VAL F 90 10.52 2.59 -34.09
CA VAL F 90 11.30 1.37 -34.22
C VAL F 90 11.15 0.78 -35.62
N ASP F 91 9.95 0.86 -36.21
CA ASP F 91 9.76 0.39 -37.57
C ASP F 91 10.59 1.21 -38.55
N ALA F 92 10.62 2.54 -38.35
CA ALA F 92 11.41 3.38 -39.24
C ALA F 92 12.89 3.01 -39.16
N PHE F 93 13.41 2.85 -37.94
CA PHE F 93 14.82 2.49 -37.82
C PHE F 93 15.09 1.13 -38.45
N MET F 94 14.16 0.18 -38.27
CA MET F 94 14.37 -1.15 -38.81
C MET F 94 14.39 -1.13 -40.34
N VAL F 95 13.51 -0.35 -40.95
CA VAL F 95 13.45 -0.34 -42.41
C VAL F 95 14.64 0.41 -42.99
N ARG F 96 15.09 1.49 -42.34
CA ARG F 96 16.20 2.26 -42.89
C ARG F 96 17.51 1.51 -42.72
N VAL F 97 17.91 1.25 -41.48
CA VAL F 97 19.19 0.61 -41.20
C VAL F 97 18.97 -0.75 -40.55
N LYS F 125 22.42 11.33 -41.97
CA LYS F 125 21.18 12.01 -42.32
C LYS F 125 20.03 11.49 -41.49
N ASP F 126 19.65 10.23 -41.73
CA ASP F 126 18.54 9.64 -41.00
C ASP F 126 18.87 9.44 -39.52
N LEU F 127 20.15 9.28 -39.19
CA LEU F 127 20.53 9.01 -37.81
C LEU F 127 20.13 10.16 -36.90
N HIS F 128 20.38 11.40 -37.33
CA HIS F 128 20.04 12.55 -36.51
C HIS F 128 18.54 12.69 -36.33
N ARG F 129 17.77 12.45 -37.40
CA ARG F 129 16.31 12.51 -37.30
C ARG F 129 15.80 11.47 -36.32
N ILE F 130 16.31 10.23 -36.43
CA ILE F 130 15.91 9.18 -35.51
C ILE F 130 16.29 9.56 -34.09
N SER F 131 17.47 10.14 -33.91
CA SER F 131 17.93 10.54 -32.59
C SER F 131 16.97 11.55 -31.97
N ALA F 132 16.63 12.59 -32.72
CA ALA F 132 15.72 13.60 -32.18
C ALA F 132 14.37 13.00 -31.85
N ALA F 133 13.86 12.14 -32.73
CA ALA F 133 12.55 11.55 -32.49
C ALA F 133 12.55 10.70 -31.22
N LEU F 134 13.54 9.82 -31.06
CA LEU F 134 13.58 8.98 -29.87
C LEU F 134 13.76 9.82 -28.62
N GLU F 135 14.61 10.85 -28.67
CA GLU F 135 14.84 11.68 -27.49
C GLU F 135 13.54 12.34 -27.05
N GLU F 136 12.84 12.98 -27.99
CA GLU F 136 11.62 13.67 -27.61
C GLU F 136 10.58 12.69 -27.10
N VAL F 137 10.48 11.51 -27.72
CA VAL F 137 9.52 10.52 -27.25
C VAL F 137 9.81 10.12 -25.81
N VAL F 138 11.09 9.94 -25.49
CA VAL F 138 11.48 9.71 -24.10
C VAL F 138 10.99 10.86 -23.23
N LEU F 139 11.06 12.08 -23.75
CA LEU F 139 10.60 13.22 -22.97
C LEU F 139 9.11 13.15 -22.67
N GLN F 140 8.26 12.83 -23.66
CA GLN F 140 6.84 12.74 -23.30
C GLN F 140 6.58 11.56 -22.38
N ALA F 141 7.31 10.45 -22.54
CA ALA F 141 7.14 9.35 -21.60
C ALA F 141 7.44 9.80 -20.17
N LYS F 142 8.56 10.50 -20.00
CA LYS F 142 8.93 10.99 -18.68
C LYS F 142 7.91 11.97 -18.14
N GLN F 143 7.43 12.89 -18.98
CA GLN F 143 6.45 13.87 -18.53
C GLN F 143 5.17 13.18 -18.09
N LEU F 144 4.67 12.26 -18.90
CA LEU F 144 3.44 11.56 -18.56
C LEU F 144 3.62 10.70 -17.33
N ALA F 145 4.85 10.30 -17.00
CA ALA F 145 5.08 9.48 -15.81
C ALA F 145 4.48 10.12 -14.57
N GLU F 146 4.94 11.31 -14.20
CA GLU F 146 4.49 11.88 -12.94
C GLU F 146 3.12 12.54 -13.01
N LEU F 147 2.58 12.78 -14.20
CA LEU F 147 1.20 13.27 -14.27
C LEU F 147 0.23 12.25 -13.70
N ARG F 148 0.54 10.96 -13.82
CA ARG F 148 -0.31 9.94 -13.23
C ARG F 148 -0.31 10.03 -11.71
N GLN F 149 0.88 10.15 -11.11
CA GLN F 149 0.98 10.17 -9.67
C GLN F 149 0.56 11.50 -9.05
N ARG F 150 0.69 12.60 -9.79
CA ARG F 150 0.46 13.92 -9.19
C ARG F 150 -0.98 14.07 -8.70
N TYR F 151 -1.94 13.44 -9.38
CA TYR F 151 -3.35 13.54 -9.02
C TYR F 151 -3.90 12.13 -8.89
N GLU F 152 -3.78 11.56 -7.70
CA GLU F 152 -4.31 10.22 -7.45
C GLU F 152 -4.54 10.06 -5.97
N GLN F 153 -5.50 9.22 -5.61
CA GLN F 153 -5.88 9.01 -4.23
C GLN F 153 -6.17 7.54 -4.01
N GLU F 154 -6.56 7.21 -2.77
CA GLU F 154 -6.83 5.85 -2.39
C GLU F 154 -8.30 5.61 -2.07
N MET F 155 -8.89 6.43 -1.19
CA MET F 155 -10.31 6.35 -0.87
C MET F 155 -10.68 4.94 -0.37
N ARG F 156 -10.13 4.62 0.81
CA ARG F 156 -10.34 3.30 1.39
C ARG F 156 -11.82 2.93 1.45
N ASP F 157 -12.68 3.91 1.70
CA ASP F 157 -14.13 3.67 1.74
C ASP F 157 -14.77 3.96 0.39
N THR F 158 -14.28 3.26 -0.64
CA THR F 158 -14.83 3.34 -1.99
C THR F 158 -15.50 2.04 -2.41
N SER F 159 -15.77 1.14 -1.47
CA SER F 159 -16.21 -0.22 -1.78
C SER F 159 -17.64 -0.18 -2.30
N ALA F 160 -17.78 0.21 -3.56
CA ALA F 160 -19.06 0.16 -4.24
C ALA F 160 -19.41 -1.30 -4.54
N ASN F 161 -20.70 -1.60 -4.51
CA ASN F 161 -21.14 -2.97 -4.75
C ASN F 161 -20.80 -3.41 -6.16
N THR F 162 -20.54 -4.70 -6.32
CA THR F 162 -20.22 -5.26 -7.62
C THR F 162 -21.43 -5.20 -8.54
N SER F 163 -21.18 -4.88 -9.81
CA SER F 163 -22.25 -4.80 -10.78
C SER F 163 -22.88 -6.16 -11.00
N VAL F 164 -24.20 -6.17 -11.12
CA VAL F 164 -24.96 -7.41 -11.28
C VAL F 164 -24.97 -7.83 -12.75
N ASP F 165 -25.39 -9.06 -13.03
CA ASP F 165 -25.40 -9.58 -14.39
C ASP F 165 -26.59 -9.02 -15.16
N PRO F 166 -26.37 -8.35 -16.29
CA PRO F 166 -27.49 -7.73 -17.01
C PRO F 166 -28.54 -8.72 -17.49
N ARG F 167 -28.17 -9.98 -17.69
CA ARG F 167 -29.08 -10.97 -18.24
C ARG F 167 -29.64 -11.90 -17.16
N MET F 168 -29.92 -11.36 -15.99
CA MET F 168 -30.54 -12.19 -14.97
C MET F 168 -32.06 -12.06 -14.99
N MET F 169 -32.56 -10.84 -14.89
CA MET F 169 -34.00 -10.63 -14.91
C MET F 169 -34.61 -11.09 -16.23
N ALA F 170 -33.81 -11.16 -17.29
CA ALA F 170 -34.29 -11.73 -18.54
C ALA F 170 -34.73 -13.17 -18.35
N LEU F 171 -34.09 -13.89 -17.43
CA LEU F 171 -34.59 -15.20 -17.08
C LEU F 171 -35.96 -15.12 -16.45
N TYR F 172 -36.28 -14.00 -15.79
CA TYR F 172 -37.58 -13.80 -15.18
C TYR F 172 -38.48 -12.99 -16.12
N THR F 173 -38.96 -13.68 -17.15
CA THR F 173 -39.90 -13.10 -18.09
C THR F 173 -41.11 -14.02 -18.22
N ASP F 174 -42.22 -13.44 -18.67
CA ASP F 174 -43.48 -14.17 -18.72
C ASP F 174 -43.42 -15.30 -19.74
N VAL F 175 -44.02 -16.43 -19.38
CA VAL F 175 -44.08 -17.56 -20.30
C VAL F 175 -44.92 -17.21 -21.53
N THR F 176 -46.06 -16.57 -21.31
CA THR F 176 -46.96 -16.24 -22.41
C THR F 176 -46.52 -14.97 -23.11
N GLU F 177 -45.25 -14.88 -23.45
CA GLU F 177 -44.69 -13.74 -24.14
C GLU F 177 -43.89 -14.15 -25.37
N LEU F 178 -43.16 -15.25 -25.29
CA LEU F 178 -42.30 -15.69 -26.39
C LEU F 178 -43.15 -16.36 -27.46
N VAL F 179 -42.87 -16.02 -28.72
CA VAL F 179 -43.61 -16.58 -29.84
C VAL F 179 -42.62 -17.27 -30.77
N GLY F 180 -43.10 -18.35 -31.39
CA GLY F 180 -42.27 -19.11 -32.29
C GLY F 180 -41.26 -20.01 -31.61
N ILE F 181 -41.23 -20.05 -30.28
CA ILE F 181 -40.29 -20.91 -29.58
C ILE F 181 -40.64 -22.37 -29.81
N GLU F 182 -41.87 -22.64 -30.21
CA GLU F 182 -42.33 -24.00 -30.43
C GLU F 182 -41.64 -24.60 -31.64
N GLU F 183 -41.96 -25.86 -31.92
CA GLU F 183 -41.44 -26.63 -33.05
C GLU F 183 -39.92 -26.62 -33.10
N THR F 184 -39.31 -26.07 -32.06
CA THR F 184 -37.88 -26.20 -31.76
C THR F 184 -37.66 -26.79 -30.39
N ARG F 185 -38.44 -26.36 -29.41
CA ARG F 185 -38.45 -27.02 -28.11
C ARG F 185 -38.86 -28.48 -28.25
N ASP F 186 -39.92 -28.73 -29.02
CA ASP F 186 -40.36 -30.11 -29.25
C ASP F 186 -39.30 -30.89 -30.00
N LYS F 187 -38.65 -30.26 -30.97
CA LYS F 187 -37.61 -30.93 -31.74
C LYS F 187 -36.44 -31.33 -30.84
N LEU F 188 -36.00 -30.44 -29.96
CA LEU F 188 -34.90 -30.78 -29.09
C LEU F 188 -35.32 -31.83 -28.07
N ILE F 189 -36.55 -31.72 -27.56
CA ILE F 189 -37.09 -32.73 -26.65
C ILE F 189 -36.98 -34.11 -27.28
N ASN F 190 -37.60 -34.28 -28.44
CA ASN F 190 -37.64 -35.61 -29.04
C ASN F 190 -36.35 -35.99 -29.73
N MET F 191 -35.36 -35.09 -29.83
CA MET F 191 -34.03 -35.53 -30.21
C MET F 191 -33.19 -35.94 -29.01
N LEU F 192 -33.62 -35.62 -27.79
CA LEU F 192 -33.01 -36.27 -26.64
C LEU F 192 -33.91 -37.27 -25.94
N THR F 193 -35.23 -37.04 -25.93
CA THR F 193 -36.12 -37.95 -25.20
C THR F 193 -36.55 -39.15 -26.03
N GLU F 194 -36.15 -39.23 -27.29
CA GLU F 194 -36.49 -40.40 -28.10
C GLU F 194 -35.87 -41.67 -27.50
N GLY F 195 -34.71 -41.54 -26.87
CA GLY F 195 -34.12 -42.64 -26.13
C GLY F 195 -34.59 -42.75 -24.70
N ASP F 196 -35.38 -41.79 -24.23
CA ASP F 196 -35.93 -41.86 -22.88
C ASP F 196 -36.83 -43.08 -22.73
N ASP F 197 -37.58 -43.43 -23.76
CA ASP F 197 -38.25 -44.72 -23.78
C ASP F 197 -37.19 -45.81 -23.80
N TRP F 198 -37.44 -46.88 -23.05
CA TRP F 198 -36.40 -47.83 -22.67
C TRP F 198 -35.28 -47.08 -21.94
N SER F 199 -35.65 -46.52 -20.80
CA SER F 199 -34.80 -45.57 -20.09
C SER F 199 -33.61 -46.30 -19.48
N LYS F 200 -32.83 -46.97 -20.33
CA LYS F 200 -31.63 -47.67 -19.92
C LYS F 200 -30.46 -47.32 -20.82
N HIS F 201 -30.66 -46.44 -21.80
CA HIS F 201 -29.58 -46.07 -22.70
C HIS F 201 -28.51 -45.30 -21.94
N PRO F 202 -27.25 -45.42 -22.37
CA PRO F 202 -26.17 -44.75 -21.64
C PRO F 202 -26.32 -43.24 -21.70
N LEU F 203 -25.79 -42.57 -20.69
CA LEU F 203 -25.95 -41.13 -20.58
C LEU F 203 -25.24 -40.41 -21.72
N LYS F 204 -25.79 -39.26 -22.09
CA LYS F 204 -25.28 -38.50 -23.22
C LYS F 204 -25.53 -37.02 -22.96
N THR F 205 -24.79 -36.19 -23.68
CA THR F 205 -24.89 -34.75 -23.56
C THR F 205 -25.38 -34.18 -24.87
N ILE F 206 -26.08 -33.04 -24.80
CA ILE F 206 -26.52 -32.31 -25.99
C ILE F 206 -26.20 -30.85 -25.74
N SER F 207 -25.12 -30.36 -26.32
CA SER F 207 -24.77 -28.97 -26.14
C SER F 207 -25.58 -28.10 -27.10
N ILE F 208 -25.64 -26.81 -26.78
CA ILE F 208 -26.38 -25.85 -27.60
C ILE F 208 -25.50 -24.64 -27.86
N VAL F 209 -24.97 -24.55 -29.05
CA VAL F 209 -24.10 -23.45 -29.40
C VAL F 209 -24.93 -22.34 -30.03
N GLY F 210 -24.41 -21.13 -29.94
CA GLY F 210 -25.11 -19.99 -30.48
C GLY F 210 -24.25 -18.75 -30.34
N PHE F 211 -24.86 -17.60 -30.61
CA PHE F 211 -24.13 -16.35 -30.52
C PHE F 211 -25.09 -15.23 -30.13
N GLY F 212 -24.52 -14.16 -29.61
CA GLY F 212 -25.32 -13.00 -29.30
C GLY F 212 -26.41 -13.35 -28.31
N GLY F 213 -27.64 -13.05 -28.66
CA GLY F 213 -28.77 -13.34 -27.80
C GLY F 213 -29.87 -14.07 -28.53
N LEU F 214 -29.51 -15.00 -29.41
CA LEU F 214 -30.51 -15.70 -30.21
C LEU F 214 -31.41 -16.59 -29.36
N GLY F 215 -31.07 -16.82 -28.10
CA GLY F 215 -31.96 -17.51 -27.20
C GLY F 215 -31.55 -18.94 -26.97
N LYS F 216 -30.80 -19.18 -25.90
CA LYS F 216 -30.34 -20.50 -25.56
C LYS F 216 -30.83 -20.92 -24.18
N THR F 217 -30.66 -20.07 -23.17
CA THR F 217 -31.21 -20.37 -21.87
C THR F 217 -32.73 -20.45 -21.91
N THR F 218 -33.37 -19.65 -22.76
CA THR F 218 -34.83 -19.70 -22.87
C THR F 218 -35.30 -21.08 -23.30
N LEU F 219 -34.74 -21.58 -24.40
CA LEU F 219 -35.13 -22.89 -24.90
C LEU F 219 -34.71 -23.99 -23.93
N ALA F 220 -33.54 -23.82 -23.31
CA ALA F 220 -33.07 -24.79 -22.33
C ALA F 220 -34.03 -24.90 -21.17
N LYS F 221 -34.52 -23.76 -20.67
CA LYS F 221 -35.48 -23.79 -19.57
C LYS F 221 -36.81 -24.37 -20.04
N ALA F 222 -37.22 -24.04 -21.26
CA ALA F 222 -38.49 -24.56 -21.77
C ALA F 222 -38.46 -26.08 -21.82
N ALA F 223 -37.39 -26.65 -22.36
CA ALA F 223 -37.24 -28.11 -22.35
C ALA F 223 -37.11 -28.63 -20.93
N TYR F 224 -36.40 -27.88 -20.08
CA TYR F 224 -36.22 -28.28 -18.69
C TYR F 224 -37.55 -28.33 -17.94
N ASP F 225 -38.43 -27.38 -18.20
CA ASP F 225 -39.70 -27.30 -17.49
C ASP F 225 -40.71 -28.32 -17.94
N LYS F 226 -40.66 -28.74 -19.21
CA LYS F 226 -41.70 -29.62 -19.73
C LYS F 226 -41.45 -31.08 -19.34
N ILE F 227 -40.33 -31.64 -19.79
CA ILE F 227 -39.99 -33.03 -19.48
C ILE F 227 -39.16 -32.98 -18.21
N LYS F 228 -39.83 -32.89 -17.09
CA LYS F 228 -39.11 -32.84 -15.83
C LYS F 228 -39.64 -33.81 -14.79
N VAL F 229 -40.96 -34.01 -14.76
CA VAL F 229 -41.57 -34.83 -13.70
C VAL F 229 -41.16 -36.28 -13.79
N GLN F 230 -40.59 -36.72 -14.91
CA GLN F 230 -40.18 -38.10 -15.09
C GLN F 230 -38.74 -38.34 -14.67
N PHE F 231 -38.21 -37.55 -13.74
CA PHE F 231 -36.84 -37.69 -13.28
C PHE F 231 -36.79 -37.59 -11.78
N ASP F 232 -35.75 -38.18 -11.19
CA ASP F 232 -35.56 -38.15 -9.75
C ASP F 232 -34.81 -36.91 -9.28
N CYS F 233 -33.98 -36.33 -10.14
CA CYS F 233 -33.13 -35.22 -9.73
C CYS F 233 -33.13 -34.19 -10.87
N GLY F 234 -32.21 -33.26 -10.80
CA GLY F 234 -32.07 -32.23 -11.82
C GLY F 234 -31.58 -30.94 -11.21
N ALA F 235 -30.92 -30.13 -12.04
CA ALA F 235 -30.41 -28.85 -11.57
C ALA F 235 -30.13 -27.95 -12.75
N PHE F 236 -30.58 -26.70 -12.64
CA PHE F 236 -30.27 -25.64 -13.60
C PHE F 236 -29.25 -24.72 -12.95
N VAL F 237 -28.01 -24.74 -13.44
CA VAL F 237 -26.92 -24.00 -12.82
C VAL F 237 -26.19 -23.21 -13.89
N SER F 238 -25.93 -21.94 -13.60
CA SER F 238 -25.18 -21.08 -14.50
C SER F 238 -23.71 -21.01 -14.10
N VAL F 239 -22.89 -20.59 -15.05
CA VAL F 239 -21.46 -20.38 -14.85
C VAL F 239 -21.08 -19.06 -15.49
N SER F 240 -20.26 -18.28 -14.82
CA SER F 240 -19.86 -16.98 -15.32
C SER F 240 -18.62 -17.11 -16.20
N ARG F 241 -17.94 -15.99 -16.43
CA ARG F 241 -16.71 -16.02 -17.22
C ARG F 241 -15.55 -16.61 -16.43
N ASN F 242 -15.43 -16.24 -15.16
CA ASN F 242 -14.33 -16.68 -14.30
C ASN F 242 -14.93 -17.26 -13.02
N PRO F 243 -15.40 -18.50 -13.08
CA PRO F 243 -16.12 -19.07 -11.94
C PRO F 243 -15.17 -19.57 -10.86
N GLU F 244 -15.75 -19.90 -9.72
CA GLU F 244 -15.08 -20.66 -8.68
C GLU F 244 -15.73 -22.02 -8.62
N MET F 245 -14.93 -23.08 -8.81
CA MET F 245 -15.49 -24.41 -8.90
C MET F 245 -16.28 -24.77 -7.65
N LYS F 246 -15.79 -24.32 -6.49
CA LYS F 246 -16.52 -24.57 -5.25
C LYS F 246 -17.89 -23.92 -5.29
N LYS F 247 -17.97 -22.69 -5.81
CA LYS F 247 -19.26 -22.01 -5.92
C LYS F 247 -20.19 -22.79 -6.85
N VAL F 248 -19.67 -23.24 -7.99
CA VAL F 248 -20.49 -23.95 -8.96
C VAL F 248 -21.03 -25.24 -8.36
N LEU F 249 -20.18 -25.99 -7.67
CA LEU F 249 -20.61 -27.27 -7.12
C LEU F 249 -21.53 -27.09 -5.93
N LYS F 250 -21.34 -26.04 -5.15
CA LYS F 250 -22.34 -25.70 -4.14
C LYS F 250 -23.67 -25.37 -4.78
N ASP F 251 -23.63 -24.65 -5.91
CA ASP F 251 -24.85 -24.32 -6.64
C ASP F 251 -25.55 -25.59 -7.08
N ILE F 252 -24.80 -26.56 -7.58
CA ILE F 252 -25.40 -27.82 -8.03
C ILE F 252 -26.03 -28.54 -6.85
N LEU F 253 -25.31 -28.60 -5.72
CA LEU F 253 -25.83 -29.33 -4.56
C LEU F 253 -27.12 -28.70 -4.05
N TYR F 254 -27.15 -27.36 -3.94
CA TYR F 254 -28.36 -26.72 -3.45
C TYR F 254 -29.53 -26.95 -4.38
N GLY F 255 -29.27 -27.09 -5.67
CA GLY F 255 -30.34 -27.34 -6.62
C GLY F 255 -30.91 -28.74 -6.59
N LEU F 256 -30.23 -29.68 -5.93
CA LEU F 256 -30.74 -31.04 -5.85
C LEU F 256 -31.67 -31.20 -4.65
N ASP F 257 -31.17 -30.96 -3.45
CA ASP F 257 -31.99 -30.95 -2.24
C ASP F 257 -31.68 -29.68 -1.46
N LYS F 258 -32.73 -28.96 -1.09
CA LYS F 258 -32.60 -27.76 -0.28
C LYS F 258 -32.78 -28.02 1.20
N VAL F 259 -33.02 -29.27 1.59
CA VAL F 259 -33.24 -29.59 2.99
C VAL F 259 -31.93 -30.00 3.65
N LYS F 260 -31.36 -31.11 3.19
CA LYS F 260 -30.09 -31.56 3.77
C LYS F 260 -28.96 -30.61 3.39
N TYR F 261 -29.08 -29.91 2.27
CA TYR F 261 -28.05 -29.01 1.79
C TYR F 261 -28.55 -27.57 1.79
N GLU F 262 -29.30 -27.20 2.82
CA GLU F 262 -29.86 -25.87 2.94
C GLU F 262 -28.77 -24.80 2.98
N ASN F 263 -27.95 -24.82 4.02
CA ASN F 263 -26.84 -23.87 4.13
C ASN F 263 -25.56 -24.46 3.56
N ILE F 264 -25.66 -25.04 2.36
CA ILE F 264 -24.51 -25.70 1.75
C ILE F 264 -23.48 -24.69 1.24
N HIS F 265 -23.85 -23.43 1.12
CA HIS F 265 -22.93 -22.40 0.65
C HIS F 265 -21.99 -21.92 1.74
N ASN F 266 -22.25 -22.28 3.00
CA ASN F 266 -21.47 -21.78 4.12
C ASN F 266 -20.18 -22.58 4.30
N ALA F 267 -20.31 -23.90 4.50
CA ALA F 267 -19.15 -24.74 4.78
C ALA F 267 -18.20 -24.74 3.59
N ALA F 268 -16.90 -24.65 3.88
CA ALA F 268 -15.86 -24.63 2.87
C ALA F 268 -14.93 -25.81 3.12
N ARG F 269 -15.27 -26.96 2.54
CA ARG F 269 -14.46 -28.16 2.78
C ARG F 269 -13.23 -28.15 1.88
N ASP F 270 -13.44 -28.41 0.59
CA ASP F 270 -12.41 -28.37 -0.45
C ASP F 270 -13.05 -28.79 -1.75
N GLU F 271 -12.32 -28.70 -2.85
CA GLU F 271 -12.87 -29.12 -4.13
C GLU F 271 -13.09 -30.62 -4.20
N LYS F 272 -12.54 -31.39 -3.25
CA LYS F 272 -12.55 -32.84 -3.34
C LYS F 272 -13.78 -33.45 -2.67
N TYR F 273 -13.98 -33.16 -1.38
CA TYR F 273 -14.98 -33.87 -0.61
C TYR F 273 -16.40 -33.52 -1.05
N LEU F 274 -16.62 -32.28 -1.47
CA LEU F 274 -17.93 -31.96 -2.03
C LEU F 274 -18.16 -32.67 -3.36
N ILE F 275 -17.12 -32.86 -4.17
CA ILE F 275 -17.26 -33.67 -5.37
C ILE F 275 -17.61 -35.10 -4.99
N ASP F 276 -16.97 -35.62 -3.95
CA ASP F 276 -17.29 -36.98 -3.51
C ASP F 276 -18.73 -37.05 -3.03
N ASP F 277 -19.20 -36.01 -2.34
CA ASP F 277 -20.57 -35.98 -1.86
C ASP F 277 -21.56 -35.98 -3.02
N ILE F 278 -21.30 -35.16 -4.03
CA ILE F 278 -22.22 -35.12 -5.16
C ILE F 278 -22.18 -36.44 -5.93
N ILE F 279 -21.01 -37.06 -6.03
CA ILE F 279 -20.93 -38.37 -6.68
C ILE F 279 -21.75 -39.39 -5.90
N GLU F 280 -21.64 -39.36 -4.57
CA GLU F 280 -22.38 -40.31 -3.75
C GLU F 280 -23.88 -40.10 -3.86
N PHE F 281 -24.33 -38.84 -3.89
CA PHE F 281 -25.76 -38.57 -3.92
C PHE F 281 -26.41 -39.01 -5.22
N LEU F 282 -25.63 -39.34 -6.25
CA LEU F 282 -26.15 -39.63 -7.58
C LEU F 282 -26.15 -41.11 -7.88
N ASN F 283 -26.43 -41.96 -6.89
CA ASN F 283 -26.47 -43.39 -7.10
C ASN F 283 -27.91 -43.86 -7.30
N ASP F 284 -28.10 -44.73 -8.29
CA ASP F 284 -29.38 -45.38 -8.54
C ASP F 284 -30.49 -44.36 -8.79
N LYS F 285 -30.16 -43.31 -9.53
CA LYS F 285 -31.12 -42.27 -9.88
C LYS F 285 -30.77 -41.71 -11.25
N ARG F 286 -31.73 -41.03 -11.86
CA ARG F 286 -31.53 -40.34 -13.14
C ARG F 286 -31.57 -38.84 -12.86
N TYR F 287 -30.51 -38.13 -13.24
CA TYR F 287 -30.45 -36.75 -12.77
C TYR F 287 -30.96 -35.73 -13.78
N LEU F 288 -30.43 -35.74 -15.01
CA LEU F 288 -30.77 -34.72 -15.99
C LEU F 288 -30.40 -33.32 -15.48
N ILE F 289 -29.12 -33.13 -15.31
CA ILE F 289 -28.62 -31.81 -14.95
C ILE F 289 -28.43 -30.99 -16.21
N VAL F 290 -28.63 -29.69 -16.10
CA VAL F 290 -28.33 -28.76 -17.19
C VAL F 290 -27.43 -27.67 -16.66
N ILE F 291 -26.34 -27.41 -17.38
CA ILE F 291 -25.37 -26.40 -17.02
C ILE F 291 -25.21 -25.48 -18.21
N ASP F 292 -25.29 -24.17 -18.00
CA ASP F 292 -25.28 -23.23 -19.11
C ASP F 292 -24.19 -22.18 -18.91
N ASP F 293 -23.82 -21.56 -20.03
CA ASP F 293 -22.80 -20.51 -20.07
C ASP F 293 -21.46 -21.02 -19.55
N ILE F 294 -20.98 -22.11 -20.14
CA ILE F 294 -19.66 -22.64 -19.84
C ILE F 294 -18.69 -22.13 -20.88
N TRP F 295 -17.68 -21.39 -20.44
CA TRP F 295 -16.66 -20.90 -21.34
C TRP F 295 -15.34 -21.51 -20.90
N ASN F 296 -14.37 -21.63 -21.82
CA ASN F 296 -13.04 -22.12 -21.47
C ASN F 296 -13.11 -23.52 -20.87
N GLU F 297 -13.40 -24.49 -21.75
CA GLU F 297 -13.75 -25.86 -21.41
C GLU F 297 -12.95 -26.47 -20.27
N LYS F 298 -11.72 -25.99 -20.06
CA LYS F 298 -10.92 -26.40 -18.92
C LYS F 298 -11.73 -26.40 -17.63
N ALA F 299 -12.73 -25.52 -17.55
CA ALA F 299 -13.66 -25.58 -16.43
C ALA F 299 -14.58 -26.79 -16.55
N TRP F 300 -15.02 -27.11 -17.77
CA TRP F 300 -15.97 -28.19 -17.95
C TRP F 300 -15.36 -29.54 -17.58
N GLU F 301 -14.12 -29.78 -17.96
CA GLU F 301 -13.51 -31.08 -17.72
C GLU F 301 -13.44 -31.40 -16.24
N LEU F 302 -13.34 -30.38 -15.40
CA LEU F 302 -13.34 -30.60 -13.95
C LEU F 302 -14.70 -31.04 -13.44
N ILE F 303 -15.77 -30.79 -14.19
CA ILE F 303 -17.10 -31.12 -13.74
C ILE F 303 -17.53 -32.50 -14.25
N LYS F 304 -17.15 -32.85 -15.48
CA LYS F 304 -17.57 -34.14 -16.02
C LYS F 304 -17.05 -35.29 -15.19
N CYS F 305 -15.93 -35.10 -14.49
CA CYS F 305 -15.45 -36.14 -13.59
C CYS F 305 -16.44 -36.40 -12.47
N ALA F 306 -17.24 -35.40 -12.10
CA ALA F 306 -18.31 -35.65 -11.15
C ALA F 306 -19.40 -36.55 -11.71
N PHE F 307 -19.46 -36.69 -13.03
CA PHE F 307 -20.35 -37.65 -13.68
C PHE F 307 -19.46 -38.68 -14.37
N SER F 308 -19.04 -39.69 -13.61
CA SER F 308 -18.13 -40.69 -14.15
C SER F 308 -18.65 -42.10 -13.99
N LYS F 309 -19.78 -42.28 -13.32
CA LYS F 309 -20.35 -43.59 -13.10
C LYS F 309 -21.40 -43.92 -14.16
N LYS F 310 -21.61 -45.21 -14.39
CA LYS F 310 -22.64 -45.64 -15.32
C LYS F 310 -24.01 -45.31 -14.74
N SER F 311 -24.81 -44.56 -15.50
CA SER F 311 -26.14 -44.18 -15.06
C SER F 311 -27.09 -44.30 -16.24
N PRO F 312 -27.74 -45.45 -16.40
CA PRO F 312 -28.71 -45.59 -17.48
C PRO F 312 -29.95 -44.75 -17.21
N GLY F 313 -30.38 -44.01 -18.23
CA GLY F 313 -31.59 -43.23 -18.15
C GLY F 313 -31.44 -41.78 -17.78
N SER F 314 -30.22 -41.23 -17.79
CA SER F 314 -30.00 -39.83 -17.49
C SER F 314 -29.18 -39.20 -18.59
N ARG F 315 -29.33 -37.88 -18.73
CA ARG F 315 -28.63 -37.13 -19.76
C ARG F 315 -28.25 -35.77 -19.17
N LEU F 316 -27.71 -34.90 -20.01
CA LEU F 316 -27.49 -33.54 -19.55
C LEU F 316 -27.37 -32.61 -20.74
N ILE F 317 -27.56 -31.32 -20.47
CA ILE F 317 -27.59 -30.27 -21.48
C ILE F 317 -26.55 -29.21 -21.13
N THR F 318 -25.93 -28.65 -22.16
CA THR F 318 -24.93 -27.61 -22.00
C THR F 318 -25.22 -26.52 -23.02
N THR F 319 -24.82 -25.29 -22.70
CA THR F 319 -24.88 -24.17 -23.64
C THR F 319 -23.57 -23.42 -23.58
N THR F 320 -23.25 -22.71 -24.66
CA THR F 320 -22.07 -21.88 -24.72
C THR F 320 -22.11 -21.07 -26.01
N ARG F 321 -21.19 -20.12 -26.11
CA ARG F 321 -21.00 -19.35 -27.33
C ARG F 321 -19.84 -19.89 -28.17
N ASN F 322 -19.25 -21.01 -27.79
CA ASN F 322 -18.13 -21.60 -28.52
C ASN F 322 -18.47 -23.04 -28.88
N VAL F 323 -18.56 -23.33 -30.18
CA VAL F 323 -18.65 -24.72 -30.59
C VAL F 323 -17.39 -25.47 -30.22
N SER F 324 -16.24 -24.80 -30.28
CA SER F 324 -14.92 -25.37 -30.09
C SER F 324 -14.75 -25.99 -28.71
N VAL F 325 -15.62 -25.65 -27.77
CA VAL F 325 -15.74 -26.39 -26.52
C VAL F 325 -16.88 -27.39 -26.55
N SER F 326 -17.78 -27.28 -27.53
CA SER F 326 -18.90 -28.21 -27.61
C SER F 326 -18.50 -29.54 -28.22
N GLU F 327 -17.57 -29.56 -29.18
CA GLU F 327 -17.17 -30.87 -29.68
C GLU F 327 -16.50 -31.69 -28.58
N ALA F 328 -15.97 -31.02 -27.56
CA ALA F 328 -15.40 -31.72 -26.42
C ALA F 328 -16.46 -32.47 -25.64
N CYS F 329 -17.73 -32.18 -25.89
CA CYS F 329 -18.83 -32.91 -25.31
C CYS F 329 -19.45 -33.83 -26.35
N CYS F 330 -20.14 -34.86 -25.85
CA CYS F 330 -21.05 -35.76 -26.57
C CYS F 330 -20.37 -36.61 -27.63
N SER F 331 -19.08 -36.36 -27.90
CA SER F 331 -18.29 -37.25 -28.75
C SER F 331 -18.90 -37.54 -30.11
N SER F 332 -19.90 -36.77 -30.52
CA SER F 332 -20.63 -37.07 -31.75
C SER F 332 -21.26 -35.80 -32.27
N GLU F 333 -21.27 -35.64 -33.59
CA GLU F 333 -21.92 -34.48 -34.19
C GLU F 333 -23.44 -34.61 -34.18
N ASP F 334 -23.95 -35.83 -34.05
CA ASP F 334 -25.39 -36.05 -33.98
C ASP F 334 -26.01 -35.43 -32.74
N ASP F 335 -25.23 -35.21 -31.69
CA ASP F 335 -25.75 -34.67 -30.45
C ASP F 335 -25.57 -33.17 -30.33
N ILE F 336 -24.84 -32.54 -31.26
CA ILE F 336 -24.75 -31.09 -31.29
C ILE F 336 -26.06 -30.52 -31.80
N TYR F 337 -26.59 -29.52 -31.12
CA TYR F 337 -27.85 -28.89 -31.47
C TYR F 337 -27.58 -27.43 -31.87
N ARG F 338 -27.42 -27.19 -33.16
CA ARG F 338 -27.34 -25.83 -33.65
C ARG F 338 -28.69 -25.15 -33.48
N MET F 339 -28.67 -23.88 -33.12
CA MET F 339 -29.89 -23.08 -33.01
C MET F 339 -29.75 -21.89 -33.93
N GLU F 340 -30.83 -21.56 -34.64
CA GLU F 340 -30.78 -20.64 -35.76
C GLU F 340 -31.73 -19.47 -35.56
N PRO F 341 -31.47 -18.35 -36.23
CA PRO F 341 -32.38 -17.20 -36.13
C PRO F 341 -33.76 -17.52 -36.66
N LEU F 342 -34.75 -16.82 -36.11
CA LEU F 342 -36.14 -17.08 -36.45
C LEU F 342 -36.44 -16.64 -37.89
N SER F 343 -37.56 -17.16 -38.41
CA SER F 343 -37.98 -16.85 -39.77
C SER F 343 -38.55 -15.44 -39.85
N ASN F 344 -38.70 -14.96 -41.08
CA ASN F 344 -39.19 -13.59 -41.29
C ASN F 344 -40.61 -13.41 -40.77
N ASP F 345 -41.47 -14.40 -40.99
CA ASP F 345 -42.86 -14.26 -40.56
C ASP F 345 -42.98 -14.28 -39.04
N VAL F 346 -42.26 -15.20 -38.38
CA VAL F 346 -42.30 -15.25 -36.93
C VAL F 346 -41.67 -13.98 -36.35
N SER F 347 -40.60 -13.49 -36.98
CA SER F 347 -39.99 -12.24 -36.52
C SER F 347 -40.97 -11.08 -36.65
N ARG F 348 -41.73 -11.03 -37.75
CA ARG F 348 -42.70 -9.97 -37.92
C ARG F 348 -43.79 -10.05 -36.86
N THR F 349 -44.28 -11.27 -36.58
CA THR F 349 -45.29 -11.42 -35.54
C THR F 349 -44.77 -10.94 -34.20
N LEU F 350 -43.53 -11.31 -33.87
CA LEU F 350 -42.95 -10.89 -32.61
C LEU F 350 -42.77 -9.37 -32.56
N PHE F 351 -42.34 -8.77 -33.66
CA PHE F 351 -42.16 -7.32 -33.70
C PHE F 351 -43.46 -6.59 -33.49
N CYS F 352 -44.53 -7.04 -34.17
CA CYS F 352 -45.82 -6.36 -34.05
C CYS F 352 -46.55 -6.70 -32.76
N LYS F 353 -46.17 -7.79 -32.09
CA LYS F 353 -46.79 -8.10 -30.81
C LYS F 353 -46.54 -7.01 -29.79
N ARG F 354 -45.34 -6.43 -29.80
CA ARG F 354 -44.94 -5.51 -28.75
C ARG F 354 -45.48 -4.10 -29.01
N ILE F 355 -45.07 -3.48 -30.12
CA ILE F 355 -45.42 -2.09 -30.36
C ILE F 355 -46.91 -1.94 -30.62
N PHE F 356 -47.43 -2.68 -31.58
CA PHE F 356 -48.83 -2.53 -31.98
C PHE F 356 -49.74 -3.10 -30.90
N SER F 357 -51.01 -2.70 -30.94
CA SER F 357 -51.95 -3.22 -29.96
C SER F 357 -52.27 -4.69 -30.23
N GLN F 358 -52.97 -4.95 -31.34
CA GLN F 358 -53.28 -6.30 -31.76
C GLN F 358 -53.15 -6.52 -33.25
N GLU F 359 -53.00 -5.47 -34.06
CA GLU F 359 -53.03 -5.59 -35.51
C GLU F 359 -52.01 -4.64 -36.12
N GLU F 360 -51.59 -4.97 -37.33
CA GLU F 360 -50.47 -4.29 -37.98
C GLU F 360 -50.85 -3.48 -39.21
N GLY F 361 -52.01 -3.73 -39.81
CA GLY F 361 -52.37 -3.04 -41.04
C GLY F 361 -52.91 -1.65 -40.87
N CYS F 362 -53.06 -1.18 -39.63
CA CYS F 362 -53.59 0.17 -39.41
C CYS F 362 -52.73 1.25 -40.02
N PRO F 363 -51.40 1.27 -39.85
CA PRO F 363 -50.61 2.35 -40.47
C PRO F 363 -50.64 2.32 -41.98
N GLN F 364 -50.35 1.16 -42.59
CA GLN F 364 -50.40 0.95 -44.03
C GLN F 364 -49.47 1.88 -44.79
N GLU F 365 -48.64 2.65 -44.10
CA GLU F 365 -47.67 3.52 -44.76
C GLU F 365 -46.28 3.45 -44.15
N LEU F 366 -46.13 2.88 -42.96
CA LEU F 366 -44.82 2.57 -42.40
C LEU F 366 -44.47 1.10 -42.56
N LEU F 367 -45.25 0.35 -43.34
CA LEU F 367 -44.99 -1.08 -43.49
C LEU F 367 -43.58 -1.32 -44.01
N LYS F 368 -43.23 -0.68 -45.13
CA LYS F 368 -41.91 -0.89 -45.71
C LYS F 368 -40.81 -0.48 -44.75
N VAL F 369 -41.05 0.54 -43.92
CA VAL F 369 -40.11 0.86 -42.86
C VAL F 369 -39.97 -0.32 -41.91
N SER F 370 -41.09 -0.96 -41.57
CA SER F 370 -41.03 -2.10 -40.66
C SER F 370 -40.20 -3.23 -41.24
N GLU F 371 -40.43 -3.58 -42.51
CA GLU F 371 -39.62 -4.65 -43.08
C GLU F 371 -38.16 -4.26 -43.22
N GLU F 372 -37.84 -3.02 -43.56
CA GLU F 372 -36.44 -2.69 -43.77
C GLU F 372 -35.68 -2.56 -42.45
N ILE F 373 -36.36 -2.19 -41.37
CA ILE F 373 -35.72 -2.25 -40.06
C ILE F 373 -35.58 -3.69 -39.58
N LEU F 374 -36.67 -4.46 -39.65
CA LEU F 374 -36.63 -5.80 -39.09
C LEU F 374 -35.61 -6.68 -39.80
N LYS F 375 -35.22 -6.33 -41.02
CA LYS F 375 -34.17 -7.07 -41.71
C LYS F 375 -32.81 -6.88 -41.05
N LYS F 376 -32.55 -5.70 -40.48
CA LYS F 376 -31.24 -5.45 -39.89
C LYS F 376 -30.99 -6.37 -38.69
N CYS F 377 -32.00 -6.57 -37.85
CA CYS F 377 -31.85 -7.48 -36.74
C CYS F 377 -31.64 -8.91 -37.22
N GLY F 378 -32.31 -9.27 -38.31
CA GLY F 378 -32.18 -10.58 -38.91
C GLY F 378 -33.06 -11.64 -38.28
N GLY F 379 -32.64 -12.22 -37.16
CA GLY F 379 -33.52 -13.17 -36.50
C GLY F 379 -33.37 -13.26 -35.00
N VAL F 380 -32.52 -12.41 -34.41
CA VAL F 380 -32.11 -12.61 -33.02
C VAL F 380 -33.18 -12.06 -32.07
N PRO F 381 -33.77 -12.90 -31.22
CA PRO F 381 -34.86 -12.41 -30.37
C PRO F 381 -34.35 -11.60 -29.21
N LEU F 382 -33.34 -10.78 -29.45
CA LEU F 382 -32.91 -9.75 -28.52
C LEU F 382 -32.92 -8.38 -29.15
N ALA F 383 -32.44 -8.28 -30.38
CA ALA F 383 -32.48 -7.01 -31.10
C ALA F 383 -33.91 -6.54 -31.33
N ILE F 384 -34.79 -7.44 -31.76
CA ILE F 384 -36.18 -7.08 -31.95
C ILE F 384 -36.85 -6.70 -30.64
N ILE F 385 -36.61 -7.44 -29.57
CA ILE F 385 -37.18 -7.07 -28.27
C ILE F 385 -36.71 -5.68 -27.87
N THR F 386 -35.41 -5.42 -28.01
CA THR F 386 -34.86 -4.13 -27.64
C THR F 386 -35.47 -3.00 -28.44
N ILE F 387 -35.55 -3.18 -29.77
CA ILE F 387 -36.05 -2.10 -30.61
C ILE F 387 -37.53 -1.87 -30.36
N ALA F 388 -38.30 -2.93 -30.17
CA ALA F 388 -39.72 -2.77 -29.89
C ALA F 388 -39.95 -2.05 -28.57
N SER F 389 -39.17 -2.38 -27.55
CA SER F 389 -39.34 -1.72 -26.26
C SER F 389 -38.87 -0.26 -26.32
N LEU F 390 -37.78 0.01 -27.04
CA LEU F 390 -37.27 1.37 -27.13
C LEU F 390 -38.15 2.25 -28.01
N LEU F 391 -38.83 1.66 -28.97
CA LEU F 391 -39.38 2.42 -30.07
C LEU F 391 -40.76 3.00 -29.77
N ALA F 392 -41.44 2.51 -28.73
CA ALA F 392 -42.78 2.94 -28.38
C ALA F 392 -42.81 3.28 -26.90
N ASN F 393 -42.53 4.54 -26.57
CA ASN F 393 -42.66 4.98 -25.18
C ASN F 393 -44.10 4.86 -24.71
N LYS F 394 -45.04 5.43 -25.47
CA LYS F 394 -46.46 5.17 -25.24
C LYS F 394 -47.19 5.37 -26.57
N GLY F 395 -47.38 4.27 -27.29
CA GLY F 395 -48.19 4.27 -28.50
C GLY F 395 -47.70 5.14 -29.65
N HIS F 396 -46.59 4.77 -30.28
CA HIS F 396 -46.11 5.43 -31.49
C HIS F 396 -45.84 6.91 -31.23
N ILE F 397 -44.74 7.13 -30.52
CA ILE F 397 -44.29 8.47 -30.14
C ILE F 397 -44.36 9.43 -31.33
N LYS F 398 -44.27 8.89 -32.54
CA LYS F 398 -44.08 9.73 -33.71
C LYS F 398 -44.67 9.05 -34.94
N ALA F 399 -44.36 9.60 -36.11
CA ALA F 399 -44.71 9.00 -37.39
C ALA F 399 -43.60 9.30 -38.40
N LYS F 400 -42.88 8.27 -38.82
CA LYS F 400 -42.13 8.26 -40.07
C LYS F 400 -40.87 9.12 -40.13
N ASP F 401 -40.48 9.77 -39.04
CA ASP F 401 -39.25 10.57 -39.12
C ASP F 401 -38.11 9.94 -38.33
N GLU F 402 -38.31 9.68 -37.03
CA GLU F 402 -37.16 9.17 -36.29
C GLU F 402 -36.94 7.68 -36.50
N TRP F 403 -37.85 6.97 -37.16
CA TRP F 403 -37.47 5.65 -37.67
C TRP F 403 -36.43 5.78 -38.76
N TYR F 404 -36.58 6.75 -39.63
CA TYR F 404 -35.53 7.01 -40.61
C TYR F 404 -34.25 7.45 -39.92
N ALA F 405 -34.37 8.29 -38.88
CA ALA F 405 -33.20 8.68 -38.12
C ALA F 405 -32.53 7.47 -37.46
N LEU F 406 -33.33 6.56 -36.91
CA LEU F 406 -32.83 5.35 -36.28
C LEU F 406 -32.11 4.46 -37.30
N LEU F 407 -32.72 4.28 -38.46
CA LEU F 407 -32.11 3.48 -39.51
C LEU F 407 -30.78 4.07 -39.96
N SER F 408 -30.74 5.39 -40.12
CA SER F 408 -29.49 6.05 -40.46
C SER F 408 -28.45 5.86 -39.36
N SER F 409 -28.89 5.91 -38.09
CA SER F 409 -27.98 5.77 -36.97
C SER F 409 -27.35 4.39 -36.90
N ILE F 410 -27.97 3.38 -37.52
CA ILE F 410 -27.35 2.07 -37.59
C ILE F 410 -26.06 2.17 -38.38
N GLY F 411 -24.94 1.83 -37.75
CA GLY F 411 -23.66 1.91 -38.42
C GLY F 411 -22.71 2.88 -37.76
N HIS F 412 -23.23 3.99 -37.26
CA HIS F 412 -22.32 4.99 -36.70
C HIS F 412 -22.67 5.43 -35.28
N GLY F 413 -23.95 5.62 -34.96
CA GLY F 413 -24.26 6.20 -33.67
C GLY F 413 -25.51 5.75 -32.94
N LEU F 414 -26.08 4.61 -33.30
CA LEU F 414 -27.32 4.20 -32.64
C LEU F 414 -27.09 3.71 -31.23
N THR F 415 -25.93 3.11 -30.95
CA THR F 415 -25.73 2.42 -29.68
C THR F 415 -25.79 3.38 -28.48
N LYS F 416 -25.40 4.63 -28.68
CA LYS F 416 -25.39 5.61 -27.59
C LYS F 416 -26.81 6.14 -27.40
N ASN F 417 -27.56 5.49 -26.52
CA ASN F 417 -28.95 5.87 -26.27
C ASN F 417 -29.28 5.52 -24.83
N ARG F 418 -30.57 5.47 -24.50
CA ARG F 418 -31.03 5.18 -23.16
C ARG F 418 -31.77 3.85 -23.14
N SER F 419 -31.56 3.09 -22.06
CA SER F 419 -32.12 1.75 -21.88
C SER F 419 -31.68 0.78 -22.97
N LEU F 420 -30.66 1.15 -23.75
CA LEU F 420 -30.10 0.31 -24.78
C LEU F 420 -28.81 -0.38 -24.35
N GLU F 421 -28.00 0.29 -23.54
CA GLU F 421 -26.75 -0.30 -23.07
C GLU F 421 -26.95 -1.49 -22.17
N GLN F 422 -28.17 -1.70 -21.66
CA GLN F 422 -28.42 -2.87 -20.84
C GLN F 422 -28.27 -4.17 -21.62
N MET F 423 -28.34 -4.10 -22.95
CA MET F 423 -28.13 -5.28 -23.77
C MET F 423 -26.80 -5.30 -24.50
N LYS F 424 -26.15 -4.15 -24.67
CA LYS F 424 -24.84 -4.16 -25.31
C LYS F 424 -23.79 -4.88 -24.48
N LYS F 425 -23.97 -4.95 -23.16
CA LYS F 425 -23.04 -5.73 -22.35
C LYS F 425 -23.12 -7.21 -22.70
N ILE F 426 -24.33 -7.70 -22.97
CA ILE F 426 -24.51 -9.10 -23.31
C ILE F 426 -23.76 -9.45 -24.58
N LEU F 427 -23.54 -8.47 -25.45
CA LEU F 427 -22.76 -8.70 -26.65
C LEU F 427 -21.27 -8.47 -26.42
N LEU F 428 -20.89 -7.50 -25.59
CA LEU F 428 -19.49 -7.31 -25.30
C LEU F 428 -18.90 -8.40 -24.42
N PHE F 429 -19.73 -9.26 -23.83
CA PHE F 429 -19.20 -10.40 -23.09
C PHE F 429 -18.22 -11.20 -23.95
N SER F 430 -18.64 -11.53 -25.17
CA SER F 430 -17.79 -12.33 -26.05
C SER F 430 -16.51 -11.59 -26.41
N TYR F 431 -16.61 -10.28 -26.66
CA TYR F 431 -15.42 -9.51 -26.99
C TYR F 431 -14.45 -9.49 -25.82
N TYR F 432 -14.97 -9.40 -24.60
CA TYR F 432 -14.08 -9.39 -23.44
C TYR F 432 -13.45 -10.75 -23.20
N ASP F 433 -14.19 -11.84 -23.45
CA ASP F 433 -13.62 -13.15 -23.22
C ASP F 433 -12.50 -13.51 -24.18
N LEU F 434 -12.34 -12.76 -25.26
CA LEU F 434 -11.27 -13.04 -26.20
C LEU F 434 -9.92 -12.92 -25.48
N PRO F 435 -8.95 -13.75 -25.82
CA PRO F 435 -7.60 -13.50 -25.31
C PRO F 435 -7.01 -12.29 -26.01
N SER F 436 -5.78 -11.93 -25.68
CA SER F 436 -5.14 -10.89 -26.47
C SER F 436 -4.84 -11.43 -27.86
N TYR F 437 -4.10 -10.64 -28.64
CA TYR F 437 -3.70 -10.96 -30.01
C TYR F 437 -4.90 -11.31 -30.87
N LEU F 438 -6.11 -11.12 -30.35
CA LEU F 438 -7.35 -11.36 -31.07
C LEU F 438 -8.31 -10.19 -31.02
N LYS F 439 -8.21 -9.32 -30.02
CA LYS F 439 -8.99 -8.08 -30.05
C LYS F 439 -8.70 -7.26 -31.30
N PRO F 440 -7.45 -7.03 -31.71
CA PRO F 440 -7.24 -6.30 -32.97
C PRO F 440 -7.84 -7.01 -34.16
N CYS F 441 -7.80 -8.34 -34.18
CA CYS F 441 -8.37 -9.07 -35.30
C CYS F 441 -9.86 -8.84 -35.41
N LEU F 442 -10.57 -8.87 -34.29
CA LEU F 442 -12.00 -8.60 -34.33
C LEU F 442 -12.28 -7.15 -34.70
N LEU F 443 -11.54 -6.21 -34.09
CA LEU F 443 -11.77 -4.81 -34.37
C LEU F 443 -11.44 -4.43 -35.80
N TYR F 444 -10.63 -5.23 -36.49
CA TYR F 444 -10.30 -4.91 -37.87
C TYR F 444 -11.47 -5.03 -38.83
N LEU F 445 -12.58 -5.65 -38.40
CA LEU F 445 -13.72 -5.84 -39.29
C LEU F 445 -14.49 -4.56 -39.56
N SER F 446 -14.22 -3.48 -38.84
CA SER F 446 -14.98 -2.26 -39.02
C SER F 446 -14.62 -1.50 -40.29
N ILE F 447 -13.52 -1.87 -40.96
CA ILE F 447 -13.11 -1.14 -42.15
C ILE F 447 -14.12 -1.33 -43.28
N PHE F 448 -14.52 -2.58 -43.51
CA PHE F 448 -15.32 -2.90 -44.67
C PHE F 448 -16.75 -2.40 -44.50
N PRO F 449 -17.46 -2.13 -45.62
CA PRO F 449 -18.79 -1.53 -45.52
C PRO F 449 -19.79 -2.43 -44.83
N GLU F 450 -21.02 -1.94 -44.68
CA GLU F 450 -22.01 -2.65 -43.86
C GLU F 450 -22.32 -4.03 -44.42
N ASP F 451 -22.86 -4.10 -45.62
CA ASP F 451 -23.33 -5.36 -46.19
C ASP F 451 -22.48 -5.70 -47.40
N ARG F 452 -21.34 -6.34 -47.16
CA ARG F 452 -20.46 -6.82 -48.21
C ARG F 452 -19.72 -8.04 -47.70
N GLU F 453 -19.69 -9.10 -48.50
CA GLU F 453 -18.99 -10.31 -48.09
C GLU F 453 -17.48 -10.08 -48.14
N ILE F 454 -16.77 -10.70 -47.19
CA ILE F 454 -15.35 -10.47 -47.02
C ILE F 454 -14.63 -11.80 -47.20
N ARG F 455 -13.80 -11.89 -48.24
CA ARG F 455 -13.03 -13.10 -48.48
C ARG F 455 -12.00 -13.29 -47.37
N ARG F 456 -11.92 -14.52 -46.85
CA ARG F 456 -11.05 -14.75 -45.70
C ARG F 456 -9.58 -14.54 -46.06
N ALA F 457 -9.20 -14.82 -47.31
CA ALA F 457 -7.81 -14.65 -47.69
C ALA F 457 -7.38 -13.19 -47.56
N ARG F 458 -8.26 -12.27 -47.96
CA ARG F 458 -7.97 -10.85 -47.79
C ARG F 458 -7.76 -10.51 -46.33
N LEU F 459 -8.61 -11.04 -45.46
CA LEU F 459 -8.46 -10.78 -44.03
C LEU F 459 -7.13 -11.29 -43.51
N ILE F 460 -6.77 -12.51 -43.87
CA ILE F 460 -5.54 -13.11 -43.34
C ILE F 460 -4.33 -12.31 -43.80
N TRP F 461 -4.30 -11.96 -45.09
CA TRP F 461 -3.16 -11.22 -45.59
C TRP F 461 -3.10 -9.83 -44.99
N ARG F 462 -4.25 -9.19 -44.78
CA ARG F 462 -4.26 -7.89 -44.14
C ARG F 462 -3.72 -7.98 -42.71
N TRP F 463 -4.14 -9.02 -41.97
CA TRP F 463 -3.65 -9.18 -40.60
C TRP F 463 -2.14 -9.35 -40.58
N ILE F 464 -1.63 -10.26 -41.42
CA ILE F 464 -0.18 -10.50 -41.41
C ILE F 464 0.57 -9.25 -41.81
N SER F 465 0.11 -8.57 -42.85
CA SER F 465 0.76 -7.35 -43.29
C SER F 465 0.74 -6.28 -42.21
N GLU F 466 -0.36 -6.19 -41.46
CA GLU F 466 -0.43 -5.23 -40.37
C GLU F 466 0.60 -5.53 -39.29
N GLY F 467 0.74 -6.81 -38.94
CA GLY F 467 1.68 -7.18 -37.90
C GLY F 467 1.01 -7.73 -36.66
N PHE F 468 -0.20 -8.25 -36.81
CA PHE F 468 -0.93 -8.83 -35.69
C PHE F 468 -0.64 -10.31 -35.50
N VAL F 469 0.17 -10.90 -36.39
CA VAL F 469 0.48 -12.32 -36.34
C VAL F 469 2.00 -12.46 -36.22
N TYR F 470 2.46 -13.16 -35.20
CA TYR F 470 3.88 -13.41 -34.97
C TYR F 470 4.00 -14.45 -33.88
N SER F 471 5.15 -15.13 -33.86
CA SER F 471 5.45 -16.12 -32.84
C SER F 471 6.94 -16.40 -32.88
N GLU F 472 7.40 -17.27 -31.98
CA GLU F 472 8.80 -17.66 -31.87
C GLU F 472 8.92 -19.17 -31.68
N LYS F 473 8.21 -19.92 -32.51
CA LYS F 473 8.31 -21.37 -32.52
C LYS F 473 9.14 -21.89 -33.70
N GLN F 474 9.17 -21.15 -34.80
CA GLN F 474 9.93 -21.49 -36.00
C GLN F 474 9.43 -22.77 -36.65
N ASP F 475 8.32 -23.32 -36.15
CA ASP F 475 7.67 -24.47 -36.73
C ASP F 475 6.41 -24.10 -37.48
N ILE F 476 6.11 -22.82 -37.62
CA ILE F 476 4.89 -22.34 -38.27
C ILE F 476 5.28 -21.38 -39.38
N SER F 477 4.62 -21.55 -40.54
CA SER F 477 4.90 -20.71 -41.70
C SER F 477 4.17 -19.37 -41.65
N LEU F 478 3.56 -19.03 -40.52
CA LEU F 478 3.04 -17.69 -40.27
C LEU F 478 1.78 -17.39 -41.08
N TYR F 479 1.40 -18.31 -41.96
CA TYR F 479 0.14 -18.22 -42.69
C TYR F 479 -0.95 -19.10 -42.09
N GLU F 480 -0.64 -20.36 -41.81
CA GLU F 480 -1.59 -21.20 -41.10
C GLU F 480 -1.88 -20.65 -39.71
N LEU F 481 -0.98 -19.83 -39.17
CA LEU F 481 -1.29 -19.12 -37.94
C LEU F 481 -2.43 -18.14 -38.14
N GLY F 482 -2.41 -17.41 -39.25
CA GLY F 482 -3.55 -16.56 -39.57
C GLY F 482 -4.82 -17.36 -39.78
N ASP F 483 -4.69 -18.52 -40.44
CA ASP F 483 -5.86 -19.39 -40.56
C ASP F 483 -6.38 -19.81 -39.20
N SER F 484 -5.47 -20.07 -38.27
CA SER F 484 -5.88 -20.44 -36.91
C SER F 484 -6.61 -19.30 -36.24
N TYR F 485 -6.13 -18.08 -36.42
CA TYR F 485 -6.82 -16.92 -35.87
C TYR F 485 -8.23 -16.83 -36.43
N PHE F 486 -8.36 -17.00 -37.75
CA PHE F 486 -9.67 -16.92 -38.39
C PHE F 486 -10.61 -18.00 -37.87
N ASN F 487 -10.12 -19.23 -37.76
CA ASN F 487 -10.95 -20.32 -37.28
C ASN F 487 -11.33 -20.12 -35.82
N GLU F 488 -10.44 -19.52 -35.04
CA GLU F 488 -10.77 -19.22 -33.65
C GLU F 488 -11.85 -18.14 -33.58
N LEU F 489 -11.79 -17.15 -34.47
CA LEU F 489 -12.88 -16.18 -34.52
C LEU F 489 -14.19 -16.87 -34.89
N VAL F 490 -14.13 -17.83 -35.82
CA VAL F 490 -15.35 -18.47 -36.28
C VAL F 490 -15.97 -19.32 -35.18
N ASN F 491 -15.16 -20.18 -34.54
CA ASN F 491 -15.73 -21.12 -33.58
C ASN F 491 -16.18 -20.44 -32.30
N ARG F 492 -15.81 -19.18 -32.10
CA ARG F 492 -16.32 -18.39 -30.99
C ARG F 492 -17.70 -17.83 -31.28
N SER F 493 -18.28 -18.14 -32.43
CA SER F 493 -19.59 -17.67 -32.83
C SER F 493 -19.62 -16.13 -32.87
N MET F 494 -18.74 -15.58 -33.69
CA MET F 494 -18.67 -14.15 -33.88
C MET F 494 -18.59 -13.75 -35.35
N ILE F 495 -18.49 -14.71 -36.25
CA ILE F 495 -18.42 -14.47 -37.69
C ILE F 495 -19.17 -15.58 -38.39
N GLN F 496 -19.95 -15.22 -39.40
CA GLN F 496 -20.65 -16.21 -40.20
C GLN F 496 -19.82 -16.59 -41.42
N PRO F 497 -19.47 -17.86 -41.59
CA PRO F 497 -18.75 -18.30 -42.78
C PRO F 497 -19.70 -18.70 -43.90
N ILE F 498 -19.26 -18.48 -45.13
CA ILE F 498 -20.06 -18.79 -46.31
C ILE F 498 -19.16 -19.36 -47.41
N GLY F 499 -19.63 -20.41 -48.05
CA GLY F 499 -18.99 -20.93 -49.24
C GLY F 499 -17.64 -21.58 -49.03
N ILE F 500 -17.12 -22.23 -50.07
CA ILE F 500 -15.80 -22.87 -50.04
C ILE F 500 -15.04 -22.41 -51.28
N ASP F 501 -13.87 -21.81 -51.07
CA ASP F 501 -13.09 -21.28 -52.18
C ASP F 501 -12.28 -22.41 -52.83
N ASP F 502 -11.37 -22.04 -53.74
CA ASP F 502 -10.52 -23.01 -54.42
C ASP F 502 -9.36 -23.48 -53.56
N GLU F 503 -9.34 -23.09 -52.29
CA GLU F 503 -8.33 -23.54 -51.35
C GLU F 503 -8.78 -24.77 -50.56
N GLY F 504 -10.01 -25.23 -50.79
CA GLY F 504 -10.58 -26.30 -50.00
C GLY F 504 -11.20 -25.87 -48.70
N LYS F 505 -11.22 -24.58 -48.40
CA LYS F 505 -11.74 -24.10 -47.13
C LYS F 505 -12.73 -22.95 -47.33
N VAL F 506 -13.12 -22.29 -46.23
CA VAL F 506 -14.18 -21.29 -46.30
C VAL F 506 -13.82 -20.16 -47.25
N LYS F 507 -14.82 -19.71 -48.01
CA LYS F 507 -14.60 -18.70 -49.03
C LYS F 507 -14.55 -17.30 -48.44
N ALA F 508 -15.65 -16.84 -47.85
CA ALA F 508 -15.76 -15.47 -47.37
C ALA F 508 -16.51 -15.44 -46.05
N CYS F 509 -16.67 -14.24 -45.48
CA CYS F 509 -17.28 -14.08 -44.17
C CYS F 509 -18.16 -12.84 -44.18
N ARG F 510 -19.13 -12.85 -43.25
CA ARG F 510 -20.02 -11.72 -43.07
C ARG F 510 -20.21 -11.45 -41.59
N VAL F 511 -20.55 -10.21 -41.27
CA VAL F 511 -20.64 -9.73 -39.89
C VAL F 511 -22.07 -9.28 -39.62
N HIS F 512 -22.57 -9.59 -38.43
CA HIS F 512 -23.90 -9.14 -38.04
C HIS F 512 -23.94 -7.62 -37.92
N ASP F 513 -25.13 -7.06 -38.12
CA ASP F 513 -25.28 -5.61 -38.23
C ASP F 513 -24.97 -4.91 -36.91
N MET F 514 -25.72 -5.22 -35.86
CA MET F 514 -25.52 -4.50 -34.60
C MET F 514 -24.15 -4.76 -34.01
N VAL F 515 -23.60 -5.96 -34.21
CA VAL F 515 -22.22 -6.19 -33.85
C VAL F 515 -21.31 -5.26 -34.65
N LEU F 516 -21.66 -5.01 -35.91
CA LEU F 516 -20.80 -4.20 -36.76
C LEU F 516 -20.65 -2.78 -36.22
N ASP F 517 -21.77 -2.10 -35.96
CA ASP F 517 -21.64 -0.73 -35.44
C ASP F 517 -21.18 -0.73 -33.99
N LEU F 518 -21.48 -1.80 -33.24
CA LEU F 518 -20.96 -1.89 -31.88
C LEU F 518 -19.43 -1.88 -31.88
N ILE F 519 -18.82 -2.75 -32.69
CA ILE F 519 -17.37 -2.75 -32.78
C ILE F 519 -16.88 -1.49 -33.47
N CYS F 520 -17.70 -0.89 -34.33
CA CYS F 520 -17.33 0.39 -34.93
C CYS F 520 -17.14 1.45 -33.85
N SER F 521 -18.10 1.54 -32.94
CA SER F 521 -17.97 2.46 -31.82
C SER F 521 -16.77 2.11 -30.95
N LEU F 522 -16.59 0.82 -30.67
CA LEU F 522 -15.51 0.39 -29.80
C LEU F 522 -14.15 0.76 -30.38
N SER F 523 -13.99 0.62 -31.69
CA SER F 523 -12.79 1.12 -32.34
C SER F 523 -12.81 2.63 -32.48
N SER F 524 -13.97 3.25 -32.37
CA SER F 524 -14.09 4.68 -32.59
C SER F 524 -13.63 5.51 -31.41
N GLU F 525 -13.85 5.05 -30.17
CA GLU F 525 -13.45 5.94 -29.07
C GLU F 525 -11.94 6.07 -29.00
N GLU F 526 -11.20 5.09 -29.51
CA GLU F 526 -9.79 5.30 -29.80
C GLU F 526 -9.65 5.56 -31.30
N ASN F 527 -8.42 5.64 -31.78
CA ASN F 527 -8.15 5.96 -33.17
C ASN F 527 -7.77 4.73 -33.98
N PHE F 528 -8.41 3.60 -33.68
CA PHE F 528 -8.07 2.36 -34.37
C PHE F 528 -8.47 2.41 -35.84
N VAL F 529 -9.65 2.96 -36.13
CA VAL F 529 -10.13 3.12 -37.50
C VAL F 529 -10.76 4.50 -37.64
N THR F 530 -11.16 4.83 -38.86
CA THR F 530 -11.87 6.08 -39.14
C THR F 530 -12.73 5.87 -40.37
N ILE F 531 -14.01 6.22 -40.27
CA ILE F 531 -14.97 5.99 -41.34
C ILE F 531 -15.55 7.32 -41.78
N LEU F 532 -15.69 7.49 -43.10
CA LEU F 532 -16.32 8.67 -43.69
C LEU F 532 -17.62 8.23 -44.36
N ASP F 533 -18.73 8.36 -43.64
CA ASP F 533 -20.03 7.88 -44.09
C ASP F 533 -21.02 9.04 -44.17
N ASP F 534 -21.90 8.99 -45.16
CA ASP F 534 -22.92 10.03 -45.32
C ASP F 534 -23.87 10.09 -44.13
N PRO F 535 -24.47 8.99 -43.66
CA PRO F 535 -25.30 9.10 -42.45
C PRO F 535 -24.51 9.59 -41.25
N ARG F 536 -23.22 9.24 -41.16
CA ARG F 536 -22.40 9.69 -40.06
C ARG F 536 -21.92 11.12 -40.28
N ARG F 537 -21.15 11.34 -41.35
CA ARG F 537 -20.58 12.65 -41.68
C ARG F 537 -19.91 13.29 -40.47
N LYS F 538 -19.02 12.52 -39.85
CA LYS F 538 -18.28 12.98 -38.68
C LYS F 538 -16.80 12.68 -38.87
N MET F 539 -15.97 13.54 -38.28
CA MET F 539 -14.53 13.38 -38.29
C MET F 539 -14.04 13.64 -36.87
N PRO F 540 -12.99 12.96 -36.42
CA PRO F 540 -12.44 13.25 -35.10
C PRO F 540 -11.90 14.66 -35.05
N ASN F 541 -11.96 15.25 -33.86
CA ASN F 541 -11.52 16.63 -33.66
C ASN F 541 -10.02 16.80 -33.79
N SER F 542 -9.28 15.79 -34.20
CA SER F 542 -7.83 15.91 -34.33
C SER F 542 -7.41 15.13 -35.57
N GLU F 543 -7.04 15.87 -36.63
CA GLU F 543 -6.62 15.24 -37.86
C GLU F 543 -5.27 14.54 -37.72
N SER F 544 -4.45 14.94 -36.75
CA SER F 544 -3.11 14.39 -36.62
C SER F 544 -3.15 12.91 -36.25
N LYS F 545 -3.95 12.56 -35.24
CA LYS F 545 -3.96 11.21 -34.69
C LYS F 545 -4.96 10.30 -35.41
N VAL F 546 -4.70 10.11 -36.71
CA VAL F 546 -5.46 9.19 -37.54
C VAL F 546 -4.51 8.16 -38.10
N ARG F 547 -4.84 6.88 -37.95
CA ARG F 547 -4.00 5.80 -38.44
C ARG F 547 -4.66 5.00 -39.54
N ARG F 548 -5.87 4.49 -39.31
CA ARG F 548 -6.59 3.71 -40.30
C ARG F 548 -7.80 4.48 -40.80
N LEU F 549 -8.02 4.42 -42.12
CA LEU F 549 -9.14 5.12 -42.74
C LEU F 549 -9.87 4.17 -43.66
N SER F 550 -11.20 4.12 -43.54
CA SER F 550 -12.04 3.25 -44.34
C SER F 550 -13.04 4.11 -45.09
N ILE F 551 -12.62 4.62 -46.26
CA ILE F 551 -13.48 5.49 -47.04
C ILE F 551 -14.63 4.69 -47.63
N GLN F 552 -15.80 5.31 -47.70
CA GLN F 552 -17.01 4.65 -48.16
C GLN F 552 -17.76 5.63 -49.06
N ASN F 553 -19.05 5.36 -49.28
CA ASN F 553 -19.89 6.09 -50.23
C ASN F 553 -19.66 7.60 -50.25
N SER F 554 -19.36 8.18 -49.09
CA SER F 554 -19.11 9.62 -49.01
C SER F 554 -17.94 10.00 -49.91
N LYS F 555 -18.14 11.07 -50.69
CA LYS F 555 -17.13 11.53 -51.64
C LYS F 555 -16.97 13.04 -51.61
N ILE F 556 -17.17 13.66 -50.45
CA ILE F 556 -17.18 15.11 -50.32
C ILE F 556 -15.96 15.62 -49.56
N ASP F 557 -15.85 15.25 -48.28
CA ASP F 557 -14.73 15.68 -47.46
C ASP F 557 -13.63 14.63 -47.56
N VAL F 558 -12.68 14.86 -48.45
CA VAL F 558 -11.60 13.90 -48.70
C VAL F 558 -10.30 14.63 -48.39
N ASP F 559 -10.34 15.55 -47.44
CA ASP F 559 -9.16 16.33 -47.08
C ASP F 559 -8.05 15.44 -46.53
N THR F 560 -6.81 15.82 -46.83
CA THR F 560 -5.64 15.03 -46.46
C THR F 560 -4.50 15.89 -45.94
N THR F 561 -4.81 17.05 -45.36
CA THR F 561 -3.77 17.98 -45.00
C THR F 561 -2.90 17.45 -43.87
N ARG F 562 -3.50 16.90 -42.82
CA ARG F 562 -2.75 16.65 -41.60
C ARG F 562 -2.78 15.20 -41.16
N MET F 563 -2.46 14.27 -42.06
CA MET F 563 -2.26 12.86 -41.71
C MET F 563 -0.89 12.44 -42.22
N GLU F 564 0.14 12.73 -41.44
CA GLU F 564 1.49 12.31 -41.81
C GLU F 564 1.67 10.81 -41.57
N HIS F 565 1.47 10.39 -40.33
CA HIS F 565 1.61 8.98 -39.94
C HIS F 565 0.33 8.23 -40.26
N MET F 566 0.18 7.89 -41.53
CA MET F 566 -1.03 7.26 -42.04
C MET F 566 -0.73 5.77 -42.21
N ARG F 567 -1.26 4.95 -41.29
CA ARG F 567 -0.91 3.54 -41.30
C ARG F 567 -1.47 2.82 -42.53
N SER F 568 -2.76 3.00 -42.78
CA SER F 568 -3.44 2.25 -43.83
C SER F 568 -4.57 3.09 -44.40
N VAL F 569 -4.96 2.79 -45.63
CA VAL F 569 -6.02 3.53 -46.31
C VAL F 569 -6.67 2.61 -47.34
N THR F 570 -7.99 2.72 -47.46
CA THR F 570 -8.74 1.89 -48.40
C THR F 570 -9.90 2.68 -48.97
N VAL F 571 -10.34 2.28 -50.16
CA VAL F 571 -11.44 2.93 -50.86
C VAL F 571 -12.39 1.85 -51.35
N PHE F 572 -13.69 2.05 -51.17
CA PHE F 572 -14.70 1.05 -51.47
C PHE F 572 -15.65 1.58 -52.55
N SER F 573 -15.45 1.10 -53.78
CA SER F 573 -16.38 1.33 -54.89
C SER F 573 -16.68 2.81 -55.09
N ASP F 574 -15.61 3.61 -55.16
CA ASP F 574 -15.74 5.04 -55.33
C ASP F 574 -14.89 5.51 -56.50
N ASN F 575 -15.42 6.49 -57.23
CA ASN F 575 -14.68 7.18 -58.27
C ASN F 575 -13.97 8.42 -57.77
N VAL F 576 -14.09 8.73 -56.47
CA VAL F 576 -13.46 9.90 -55.89
C VAL F 576 -11.95 9.73 -55.76
N VAL F 577 -11.45 8.50 -55.88
CA VAL F 577 -10.02 8.25 -55.70
C VAL F 577 -9.23 8.96 -56.78
N GLY F 578 -8.07 9.49 -56.40
CA GLY F 578 -7.17 10.11 -57.35
C GLY F 578 -7.52 11.54 -57.66
N LYS F 579 -8.73 11.76 -58.17
CA LYS F 579 -9.14 13.12 -58.53
C LYS F 579 -9.25 14.02 -57.31
N VAL F 580 -9.47 13.44 -56.13
CA VAL F 580 -9.60 14.23 -54.92
C VAL F 580 -8.61 13.82 -53.83
N LEU F 581 -8.11 12.58 -53.84
CA LEU F 581 -7.24 12.08 -52.80
C LEU F 581 -5.83 11.85 -53.34
N ASP F 582 -4.84 12.12 -52.50
CA ASP F 582 -3.44 11.88 -52.82
C ASP F 582 -2.86 10.91 -51.81
N ILE F 583 -2.13 9.91 -52.30
CA ILE F 583 -1.56 8.89 -51.44
C ILE F 583 -0.07 9.15 -51.25
N SER F 584 0.56 9.75 -52.26
CA SER F 584 2.00 9.99 -52.21
C SER F 584 2.39 10.91 -51.06
N ARG F 585 1.44 11.66 -50.52
CA ARG F 585 1.74 12.52 -49.38
C ARG F 585 1.94 11.72 -48.09
N PHE F 586 1.47 10.47 -48.05
CA PHE F 586 1.66 9.61 -46.88
C PHE F 586 3.12 9.15 -46.85
N LYS F 587 3.91 9.74 -45.96
CA LYS F 587 5.32 9.37 -45.87
C LYS F 587 5.48 7.90 -45.50
N VAL F 588 4.65 7.41 -44.58
CA VAL F 588 4.62 6.00 -44.22
C VAL F 588 3.27 5.44 -44.65
N LEU F 589 3.26 4.15 -44.95
CA LEU F 589 2.02 3.46 -45.28
C LEU F 589 2.28 1.96 -45.16
N ARG F 590 1.52 1.30 -44.29
CA ARG F 590 1.73 -0.13 -44.09
C ARG F 590 1.06 -0.94 -45.19
N VAL F 591 -0.24 -0.77 -45.38
CA VAL F 591 -0.98 -1.53 -46.38
C VAL F 591 -1.76 -0.57 -47.25
N LEU F 592 -1.96 -0.97 -48.51
CA LEU F 592 -2.73 -0.20 -49.47
C LEU F 592 -3.75 -1.11 -50.10
N ASP F 593 -5.01 -0.66 -50.14
CA ASP F 593 -6.10 -1.47 -50.64
C ASP F 593 -6.97 -0.60 -51.54
N LEU F 594 -7.01 -0.93 -52.83
CA LEU F 594 -7.73 -0.09 -53.80
C LEU F 594 -8.51 -0.94 -54.79
N GLU F 595 -8.93 -2.14 -54.39
CA GLU F 595 -9.63 -3.02 -55.31
C GLU F 595 -10.99 -2.44 -55.68
N GLY F 596 -11.38 -2.61 -56.94
CA GLY F 596 -12.64 -2.07 -57.44
C GLY F 596 -12.57 -0.66 -57.97
N CYS F 597 -11.42 0.00 -57.88
CA CYS F 597 -11.28 1.34 -58.41
C CYS F 597 -11.12 1.31 -59.93
N HIS F 598 -11.04 2.49 -60.53
CA HIS F 598 -10.95 2.62 -61.99
C HIS F 598 -9.82 3.58 -62.34
N VAL F 599 -8.67 3.39 -61.70
CA VAL F 599 -7.52 4.27 -61.89
C VAL F 599 -6.31 3.43 -62.26
N SER F 600 -5.54 3.91 -63.23
CA SER F 600 -4.27 3.30 -63.60
C SER F 600 -3.22 4.41 -63.56
N ASP F 601 -2.73 4.71 -62.36
CA ASP F 601 -1.67 5.69 -62.20
C ASP F 601 -0.67 5.27 -61.13
N VAL F 602 -0.66 4.00 -60.75
CA VAL F 602 0.11 3.55 -59.60
C VAL F 602 1.57 3.45 -60.02
N GLY F 603 2.31 4.55 -59.89
CA GLY F 603 3.71 4.59 -60.26
C GLY F 603 4.51 5.41 -59.28
N TYR F 604 3.83 5.89 -58.26
CA TYR F 604 4.43 6.67 -57.18
C TYR F 604 4.82 5.82 -55.98
N VAL F 605 4.66 4.50 -56.07
CA VAL F 605 4.97 3.61 -54.95
C VAL F 605 6.46 3.65 -54.61
N GLY F 606 7.31 4.03 -55.56
CA GLY F 606 8.73 4.14 -55.27
C GLY F 606 9.04 5.09 -54.14
N ASN F 607 8.16 6.07 -53.91
CA ASN F 607 8.28 6.93 -52.75
C ASN F 607 7.81 6.26 -51.46
N LEU F 608 7.17 5.11 -51.56
CA LEU F 608 6.66 4.36 -50.41
C LEU F 608 7.60 3.19 -50.12
N LEU F 609 7.96 3.02 -48.86
CA LEU F 609 8.93 2.01 -48.46
C LEU F 609 8.38 0.97 -47.50
N HIS F 610 7.41 1.32 -46.67
CA HIS F 610 6.91 0.42 -45.63
C HIS F 610 5.71 -0.39 -46.08
N LEU F 611 5.35 -0.30 -47.35
CA LEU F 611 4.17 -0.99 -47.85
C LEU F 611 4.33 -2.50 -47.73
N ARG F 612 3.26 -3.16 -47.30
CA ARG F 612 3.23 -4.63 -47.23
C ARG F 612 2.17 -5.24 -48.13
N TYR F 613 0.93 -4.81 -48.00
CA TYR F 613 -0.19 -5.34 -48.78
C TYR F 613 -0.45 -4.40 -49.95
N LEU F 614 -0.56 -4.98 -51.15
CA LEU F 614 -0.82 -4.21 -52.37
C LEU F 614 -1.92 -4.93 -53.15
N GLY F 615 -3.17 -4.54 -52.91
CA GLY F 615 -4.30 -5.13 -53.58
C GLY F 615 -4.75 -4.27 -54.75
N LEU F 616 -4.83 -4.88 -55.93
CA LEU F 616 -5.17 -4.15 -57.15
C LEU F 616 -6.14 -4.96 -57.99
N LYS F 617 -7.09 -5.64 -57.36
CA LYS F 617 -8.02 -6.50 -58.06
C LYS F 617 -9.07 -5.65 -58.78
N GLY F 618 -9.17 -5.81 -60.09
CA GLY F 618 -10.13 -5.06 -60.87
C GLY F 618 -9.87 -3.57 -60.83
N THR F 619 -8.76 -3.12 -61.40
CA THR F 619 -8.30 -1.76 -61.24
C THR F 619 -8.02 -1.06 -62.57
N HIS F 620 -8.08 -1.77 -63.70
CA HIS F 620 -7.78 -1.21 -65.01
C HIS F 620 -6.35 -0.73 -65.11
N VAL F 621 -5.43 -1.44 -64.44
CA VAL F 621 -4.03 -1.07 -64.43
C VAL F 621 -3.39 -1.52 -65.74
N LYS F 622 -2.82 -0.57 -66.48
CA LYS F 622 -2.18 -0.90 -67.74
C LYS F 622 -0.72 -1.29 -67.53
N ASP F 623 -0.03 -0.63 -66.61
CA ASP F 623 1.37 -0.90 -66.37
C ASP F 623 1.75 -0.40 -64.99
N LEU F 624 2.82 -0.98 -64.44
CA LEU F 624 3.36 -0.62 -63.14
C LEU F 624 4.84 -0.31 -63.28
N PRO F 625 5.38 0.56 -62.43
CA PRO F 625 6.72 1.12 -62.69
C PRO F 625 7.82 0.09 -62.53
N MET F 626 8.92 0.34 -63.25
CA MET F 626 10.12 -0.48 -63.18
C MET F 626 10.83 -0.35 -61.83
N GLU F 627 10.50 0.69 -61.06
CA GLU F 627 11.19 0.99 -59.81
C GLU F 627 10.60 0.28 -58.60
N ILE F 628 9.88 -0.82 -58.81
CA ILE F 628 9.27 -1.55 -57.69
C ILE F 628 10.27 -2.33 -56.86
N GLY F 629 11.52 -2.46 -57.32
CA GLY F 629 12.50 -3.21 -56.57
C GLY F 629 12.84 -2.61 -55.22
N LYS F 630 12.53 -1.33 -55.02
CA LYS F 630 12.80 -0.68 -53.76
C LYS F 630 11.96 -1.21 -52.61
N LEU F 631 10.91 -1.98 -52.89
CA LEU F 631 10.04 -2.53 -51.85
C LEU F 631 10.57 -3.87 -51.38
N GLN F 632 11.71 -3.82 -50.70
CA GLN F 632 12.30 -5.04 -50.15
C GLN F 632 11.37 -5.68 -49.13
N PHE F 633 10.74 -4.87 -48.28
CA PHE F 633 9.74 -5.34 -47.35
C PHE F 633 8.40 -5.36 -48.06
N LEU F 634 7.87 -6.55 -48.29
CA LEU F 634 6.56 -6.70 -48.89
C LEU F 634 6.02 -8.06 -48.50
N LEU F 635 4.71 -8.20 -48.59
CA LEU F 635 4.07 -9.44 -48.19
C LEU F 635 3.29 -10.08 -49.33
N THR F 636 2.45 -9.32 -50.01
CA THR F 636 1.53 -9.87 -51.00
C THR F 636 1.58 -8.99 -52.24
N LEU F 637 1.07 -9.56 -53.35
CA LEU F 637 0.98 -8.82 -54.60
C LEU F 637 -0.12 -9.47 -55.42
N ASP F 638 -1.30 -8.86 -55.41
CA ASP F 638 -2.44 -9.34 -56.17
C ASP F 638 -2.64 -8.46 -57.39
N LEU F 639 -2.74 -9.08 -58.56
CA LEU F 639 -2.87 -8.34 -59.81
C LEU F 639 -3.98 -8.91 -60.69
N ARG F 640 -4.89 -9.69 -60.11
CA ARG F 640 -5.94 -10.31 -60.91
C ARG F 640 -6.88 -9.26 -61.47
N GLY F 641 -7.31 -9.47 -62.72
CA GLY F 641 -8.24 -8.55 -63.34
C GLY F 641 -7.63 -7.25 -63.82
N THR F 642 -6.33 -7.22 -64.06
CA THR F 642 -5.66 -6.01 -64.52
C THR F 642 -5.33 -6.12 -66.00
N LYS F 643 -5.13 -4.95 -66.63
CA LYS F 643 -4.80 -4.89 -68.05
C LYS F 643 -3.34 -5.13 -68.33
N ILE F 644 -2.47 -5.05 -67.32
CA ILE F 644 -1.06 -5.31 -67.52
C ILE F 644 -0.86 -6.75 -67.99
N GLU F 645 0.05 -6.95 -68.94
CA GLU F 645 0.26 -8.26 -69.53
C GLU F 645 1.71 -8.74 -69.46
N VAL F 646 2.59 -8.00 -68.81
CA VAL F 646 3.98 -8.41 -68.67
C VAL F 646 4.57 -7.74 -67.44
N LEU F 647 5.26 -8.52 -66.62
CA LEU F 647 5.83 -7.90 -65.43
C LEU F 647 7.24 -7.40 -65.70
N PRO F 648 7.64 -6.33 -65.01
CA PRO F 648 9.00 -5.82 -65.19
C PRO F 648 10.04 -6.80 -64.68
N TRP F 649 11.24 -6.69 -65.26
CA TRP F 649 12.34 -7.55 -64.84
C TRP F 649 12.70 -7.33 -63.37
N SER F 650 12.45 -6.14 -62.84
CA SER F 650 12.85 -5.84 -61.47
C SER F 650 11.86 -6.42 -60.46
N VAL F 651 11.55 -7.69 -60.58
CA VAL F 651 10.81 -8.41 -59.55
C VAL F 651 11.69 -9.43 -58.83
N VAL F 652 12.76 -9.91 -59.48
CA VAL F 652 13.73 -10.76 -58.79
C VAL F 652 14.40 -9.98 -57.67
N GLN F 653 14.49 -8.65 -57.81
CA GLN F 653 15.08 -7.83 -56.76
C GLN F 653 14.33 -7.97 -55.44
N LEU F 654 13.03 -8.23 -55.49
CA LEU F 654 12.27 -8.47 -54.27
C LEU F 654 12.72 -9.77 -53.63
N ARG F 655 12.63 -9.81 -52.30
CA ARG F 655 13.19 -10.90 -51.51
C ARG F 655 12.16 -11.61 -50.64
N ARG F 656 11.19 -10.89 -50.10
CA ARG F 656 10.22 -11.45 -49.16
C ARG F 656 8.84 -11.39 -49.79
N LEU F 657 8.33 -12.55 -50.19
CA LEU F 657 6.95 -12.67 -50.67
C LEU F 657 6.43 -14.02 -50.25
N MET F 658 5.11 -14.12 -50.13
CA MET F 658 4.50 -15.40 -49.76
C MET F 658 3.40 -15.78 -50.74
N CYS F 659 2.72 -14.81 -51.32
CA CYS F 659 1.67 -15.08 -52.27
C CYS F 659 1.83 -14.19 -53.50
N LEU F 660 1.35 -14.69 -54.63
CA LEU F 660 1.38 -13.93 -55.88
C LEU F 660 0.15 -14.35 -56.70
N TYR F 661 -0.93 -13.61 -56.53
CA TYR F 661 -2.19 -13.87 -57.23
C TYR F 661 -2.11 -13.22 -58.61
N VAL F 662 -1.42 -13.90 -59.51
CA VAL F 662 -1.20 -13.40 -60.85
C VAL F 662 -2.05 -14.20 -61.82
N ASP F 663 -2.33 -13.61 -62.98
CA ASP F 663 -3.06 -14.29 -64.04
C ASP F 663 -2.10 -14.77 -65.12
N TYR F 664 -2.45 -15.89 -65.73
CA TYR F 664 -1.57 -16.55 -66.70
C TYR F 664 -1.36 -15.72 -67.95
N GLY F 665 -2.18 -14.70 -68.18
CA GLY F 665 -1.94 -13.82 -69.32
C GLY F 665 -0.60 -13.12 -69.23
N MET F 666 -0.15 -12.80 -68.03
CA MET F 666 1.10 -12.07 -67.87
C MET F 666 2.30 -12.99 -68.05
N LYS F 667 3.46 -12.35 -68.24
CA LYS F 667 4.72 -13.03 -68.47
C LYS F 667 5.60 -12.94 -67.23
N LEU F 668 6.14 -14.09 -66.81
CA LEU F 668 6.99 -14.14 -65.63
C LEU F 668 8.45 -14.13 -66.06
N PRO F 669 9.25 -13.16 -65.64
CA PRO F 669 10.65 -13.11 -66.09
C PRO F 669 11.47 -14.22 -65.46
N SER F 670 12.61 -14.50 -66.08
CA SER F 670 13.50 -15.54 -65.60
C SER F 670 14.11 -15.15 -64.27
N GLY F 671 14.55 -16.15 -63.52
CA GLY F 671 15.02 -15.94 -62.17
C GLY F 671 13.94 -16.05 -61.12
N ILE F 672 12.83 -16.72 -61.44
CA ILE F 672 11.73 -16.84 -60.48
C ILE F 672 12.16 -17.65 -59.26
N GLY F 673 13.18 -18.50 -59.40
CA GLY F 673 13.59 -19.33 -58.29
C GLY F 673 14.20 -18.58 -57.13
N ASN F 674 14.56 -17.32 -57.32
CA ASN F 674 15.14 -16.55 -56.22
C ASN F 674 14.14 -16.30 -55.10
N LEU F 675 12.84 -16.26 -55.42
CA LEU F 675 11.81 -16.03 -54.42
C LEU F 675 11.64 -17.29 -53.58
N THR F 676 12.65 -17.55 -52.76
CA THR F 676 12.65 -18.76 -51.93
C THR F 676 11.50 -18.75 -50.94
N PHE F 677 11.25 -17.59 -50.32
CA PHE F 677 10.21 -17.52 -49.30
C PHE F 677 8.81 -17.63 -49.87
N LEU F 678 8.65 -17.57 -51.19
CA LEU F 678 7.33 -17.61 -51.78
C LEU F 678 6.60 -18.88 -51.38
N GLU F 679 5.33 -18.75 -51.02
CA GLU F 679 4.56 -19.85 -50.47
C GLU F 679 3.35 -20.26 -51.27
N VAL F 680 2.71 -19.35 -52.01
CA VAL F 680 1.58 -19.76 -52.85
C VAL F 680 1.61 -18.94 -54.13
N LEU F 681 1.41 -19.63 -55.25
CA LEU F 681 1.42 -19.03 -56.58
C LEU F 681 0.20 -19.52 -57.34
N ASP F 682 -0.50 -18.60 -58.01
CA ASP F 682 -1.78 -18.87 -58.61
C ASP F 682 -1.76 -18.55 -60.10
N ASP F 683 -2.34 -19.45 -60.88
CA ASP F 683 -2.61 -19.25 -62.31
C ASP F 683 -1.36 -18.82 -63.07
N LEU F 684 -0.36 -19.70 -63.07
CA LEU F 684 0.89 -19.43 -63.76
C LEU F 684 0.75 -19.83 -65.22
N GLY F 685 1.19 -18.94 -66.12
CA GLY F 685 1.15 -19.20 -67.55
C GLY F 685 2.41 -19.90 -68.04
N LEU F 686 2.26 -21.13 -68.51
CA LEU F 686 3.38 -21.96 -68.92
C LEU F 686 3.34 -22.15 -70.43
N SER F 687 3.94 -21.22 -71.15
CA SER F 687 3.97 -21.29 -72.61
C SER F 687 5.28 -20.68 -73.10
N ASP F 688 5.94 -21.38 -74.01
CA ASP F 688 7.20 -20.94 -74.61
C ASP F 688 8.23 -20.64 -73.52
N VAL F 689 8.59 -21.70 -72.80
CA VAL F 689 9.47 -21.60 -71.65
C VAL F 689 10.69 -22.49 -71.87
N ASP F 690 11.86 -21.99 -71.49
CA ASP F 690 13.09 -22.76 -71.59
C ASP F 690 13.26 -23.65 -70.36
N LEU F 691 14.16 -24.63 -70.49
CA LEU F 691 14.26 -25.70 -69.49
C LEU F 691 14.75 -25.17 -68.14
N ASP F 692 15.71 -24.25 -68.15
CA ASP F 692 16.26 -23.75 -66.89
C ASP F 692 15.19 -23.05 -66.06
N PHE F 693 14.32 -22.28 -66.71
CA PHE F 693 13.26 -21.59 -65.99
C PHE F 693 12.31 -22.60 -65.33
N VAL F 694 11.98 -23.67 -66.04
CA VAL F 694 11.13 -24.72 -65.47
C VAL F 694 11.83 -25.37 -64.28
N LYS F 695 13.11 -25.67 -64.43
CA LYS F 695 13.83 -26.34 -63.35
C LYS F 695 14.03 -25.43 -62.15
N GLU F 696 13.99 -24.11 -62.34
CA GLU F 696 14.04 -23.20 -61.19
C GLU F 696 12.87 -23.45 -60.25
N LEU F 697 11.74 -23.88 -60.78
CA LEU F 697 10.54 -24.05 -59.98
C LEU F 697 10.71 -25.09 -58.88
N GLY F 698 11.58 -26.07 -59.08
CA GLY F 698 11.80 -27.05 -58.04
C GLY F 698 12.69 -26.56 -56.91
N ARG F 699 13.39 -25.45 -57.10
CA ARG F 699 14.31 -24.97 -56.08
C ARG F 699 13.57 -24.48 -54.85
N LEU F 700 12.48 -23.73 -55.03
CA LEU F 700 11.76 -23.14 -53.92
C LEU F 700 10.91 -24.23 -53.27
N THR F 701 11.39 -24.74 -52.13
CA THR F 701 10.70 -25.81 -51.41
C THR F 701 9.84 -25.25 -50.30
N LYS F 702 8.94 -24.35 -50.67
CA LYS F 702 8.12 -23.67 -49.68
C LYS F 702 6.67 -23.51 -50.12
N LEU F 703 6.28 -24.11 -51.24
CA LEU F 703 4.99 -23.81 -51.84
C LEU F 703 3.85 -24.37 -51.02
N ARG F 704 2.73 -23.66 -51.06
CA ARG F 704 1.45 -24.12 -50.52
C ARG F 704 0.49 -24.58 -51.60
N VAL F 705 0.15 -23.71 -52.55
CA VAL F 705 -0.84 -24.00 -53.57
C VAL F 705 -0.31 -23.51 -54.91
N LEU F 706 -0.47 -24.33 -55.94
CA LEU F 706 -0.09 -23.95 -57.29
C LEU F 706 -1.24 -24.24 -58.24
N ARG F 707 -1.58 -23.24 -59.07
CA ARG F 707 -2.57 -23.40 -60.12
C ARG F 707 -1.88 -23.19 -61.46
N LEU F 708 -1.96 -24.19 -62.33
CA LEU F 708 -1.24 -24.18 -63.59
C LEU F 708 -2.18 -24.40 -64.76
N ASP F 709 -2.06 -23.55 -65.76
CA ASP F 709 -2.67 -23.76 -67.06
C ASP F 709 -1.62 -23.47 -68.12
N PHE F 710 -1.70 -24.18 -69.23
CA PHE F 710 -0.66 -24.09 -70.24
C PHE F 710 -1.21 -24.52 -71.59
N HIS F 711 -0.54 -24.05 -72.64
CA HIS F 711 -0.89 -24.45 -74.00
C HIS F 711 0.31 -24.77 -74.88
N GLY F 712 1.54 -24.44 -74.47
CA GLY F 712 2.64 -24.48 -75.41
C GLY F 712 3.92 -25.15 -74.97
N PHE F 713 3.84 -26.23 -74.18
CA PHE F 713 5.05 -26.97 -73.86
C PHE F 713 4.80 -28.47 -73.74
N ASP F 714 3.78 -29.00 -74.44
CA ASP F 714 3.43 -30.40 -74.32
C ASP F 714 4.51 -31.26 -74.97
N GLN F 715 5.60 -31.42 -74.24
CA GLN F 715 6.77 -32.16 -74.70
C GLN F 715 7.31 -32.95 -73.50
N SER F 716 8.55 -33.43 -73.62
CA SER F 716 9.23 -33.98 -72.46
C SER F 716 9.51 -32.93 -71.39
N MET F 717 9.35 -31.65 -71.74
CA MET F 717 9.38 -30.59 -70.74
C MET F 717 8.39 -30.87 -69.63
N GLY F 718 7.25 -31.47 -69.98
CA GLY F 718 6.29 -31.87 -68.97
C GLY F 718 6.88 -32.84 -67.97
N LYS F 719 7.60 -33.85 -68.45
CA LYS F 719 8.26 -34.77 -67.53
C LYS F 719 9.38 -34.08 -66.76
N ALA F 720 10.08 -33.13 -67.39
CA ALA F 720 11.14 -32.41 -66.68
C ALA F 720 10.58 -31.67 -65.48
N LEU F 721 9.43 -31.02 -65.65
CA LEU F 721 8.74 -30.40 -64.52
C LEU F 721 8.07 -31.42 -63.61
N GLU F 722 7.79 -32.62 -64.12
CA GLU F 722 6.94 -33.57 -63.41
C GLU F 722 7.62 -34.06 -62.15
N GLU F 723 8.91 -34.38 -62.23
CA GLU F 723 9.67 -34.70 -61.02
C GLU F 723 10.05 -33.44 -60.25
N SER F 724 10.21 -32.32 -60.94
CA SER F 724 10.56 -31.07 -60.26
C SER F 724 9.47 -30.66 -59.28
N ILE F 725 8.22 -31.08 -59.53
CA ILE F 725 7.17 -30.90 -58.54
C ILE F 725 7.53 -31.64 -57.26
N SER F 726 8.04 -32.87 -57.38
CA SER F 726 8.31 -33.68 -56.20
C SER F 726 9.42 -33.12 -55.33
N ASN F 727 10.16 -32.12 -55.82
CA ASN F 727 11.19 -31.50 -54.99
C ASN F 727 10.61 -30.88 -53.73
N MET F 728 9.32 -30.54 -53.76
CA MET F 728 8.62 -30.06 -52.58
C MET F 728 7.90 -31.20 -51.90
N TYR F 729 7.92 -31.20 -50.57
CA TYR F 729 7.29 -32.26 -49.78
C TYR F 729 6.15 -31.78 -48.89
N LYS F 730 5.85 -30.49 -48.90
CA LYS F 730 4.85 -29.93 -48.00
C LYS F 730 3.79 -29.09 -48.71
N LEU F 731 3.32 -29.56 -49.87
CA LEU F 731 2.14 -28.97 -50.49
C LEU F 731 0.88 -29.36 -49.72
N ASP F 732 -0.25 -28.83 -50.16
CA ASP F 732 -1.54 -29.35 -49.72
C ASP F 732 -2.59 -29.41 -50.81
N SER F 733 -2.37 -28.77 -51.97
CA SER F 733 -3.35 -28.78 -53.04
C SER F 733 -2.65 -28.47 -54.36
N LEU F 734 -3.27 -28.90 -55.45
CA LEU F 734 -2.71 -28.69 -56.78
C LEU F 734 -3.81 -28.85 -57.81
N ASP F 735 -3.56 -28.32 -59.01
CA ASP F 735 -4.49 -28.48 -60.13
C ASP F 735 -3.80 -28.05 -61.41
N VAL F 736 -4.16 -28.72 -62.51
CA VAL F 736 -3.51 -28.53 -63.80
C VAL F 736 -4.57 -28.41 -64.89
N PHE F 737 -4.38 -27.45 -65.78
CA PHE F 737 -5.33 -27.17 -66.86
C PHE F 737 -4.66 -27.35 -68.21
N VAL F 738 -5.32 -28.07 -69.12
CA VAL F 738 -4.79 -28.33 -70.45
C VAL F 738 -5.96 -28.66 -71.36
N ASN F 739 -5.83 -28.32 -72.64
CA ASN F 739 -6.95 -28.35 -73.58
C ASN F 739 -6.92 -29.62 -74.40
N ARG F 740 -7.97 -30.43 -74.27
CA ARG F 740 -8.31 -31.55 -75.16
C ARG F 740 -7.08 -32.31 -75.65
N GLY F 741 -6.34 -32.85 -74.69
CA GLY F 741 -5.16 -33.62 -75.03
C GLY F 741 -4.92 -34.73 -74.03
N LEU F 742 -4.18 -35.73 -74.47
CA LEU F 742 -3.68 -36.73 -73.54
C LEU F 742 -2.61 -36.08 -72.67
N ILE F 743 -2.55 -36.50 -71.40
CA ILE F 743 -1.75 -35.79 -70.40
C ILE F 743 -0.30 -36.24 -70.57
N ASN F 744 0.47 -35.50 -71.35
CA ASN F 744 1.89 -35.81 -71.54
C ASN F 744 2.77 -35.08 -70.53
N CYS F 745 2.38 -35.11 -69.26
CA CYS F 745 3.19 -34.54 -68.20
C CYS F 745 3.56 -35.56 -67.13
N LEU F 746 2.57 -36.24 -66.55
CA LEU F 746 2.78 -37.08 -65.39
C LEU F 746 3.14 -38.50 -65.82
N SER F 747 4.23 -39.02 -65.24
CA SER F 747 4.64 -40.39 -65.47
C SER F 747 4.03 -41.30 -64.41
N GLU F 748 4.25 -42.60 -64.58
CA GLU F 748 3.82 -43.57 -63.59
C GLU F 748 4.92 -43.89 -62.58
N HIS F 749 6.11 -43.32 -62.75
CA HIS F 749 7.23 -43.52 -61.83
C HIS F 749 7.64 -42.14 -61.32
N TRP F 750 6.96 -41.69 -60.27
CA TRP F 750 7.21 -40.36 -59.70
C TRP F 750 6.60 -40.31 -58.31
N VAL F 751 7.44 -40.06 -57.31
CA VAL F 751 6.93 -39.99 -55.94
C VAL F 751 6.19 -38.67 -55.74
N PRO F 752 4.98 -38.68 -55.21
CA PRO F 752 4.27 -37.44 -54.93
C PRO F 752 4.67 -36.88 -53.58
N PRO F 753 4.46 -35.59 -53.35
CA PRO F 753 4.67 -35.03 -52.01
C PRO F 753 3.78 -35.72 -51.01
N PRO F 754 4.28 -36.00 -49.80
CA PRO F 754 3.49 -36.76 -48.83
C PRO F 754 2.21 -36.07 -48.41
N ARG F 755 2.18 -34.74 -48.38
CA ARG F 755 1.01 -33.99 -47.95
C ARG F 755 0.30 -33.42 -49.17
N LEU F 756 -0.87 -33.98 -49.47
CA LEU F 756 -1.70 -33.51 -50.58
C LEU F 756 -3.16 -33.79 -50.22
N CYS F 757 -4.01 -32.79 -50.40
CA CYS F 757 -5.41 -32.90 -50.04
C CYS F 757 -6.36 -32.68 -51.20
N ARG F 758 -6.07 -31.72 -52.08
CA ARG F 758 -7.07 -31.39 -53.10
C ARG F 758 -6.80 -32.05 -54.44
N LEU F 759 -5.72 -31.68 -55.13
CA LEU F 759 -5.37 -32.23 -56.44
C LEU F 759 -6.57 -32.26 -57.39
N ALA F 760 -6.93 -31.06 -57.84
CA ALA F 760 -8.02 -30.90 -58.79
C ALA F 760 -7.51 -30.93 -60.23
N PHE F 761 -8.46 -30.89 -61.17
CA PHE F 761 -8.14 -30.78 -62.59
C PHE F 761 -9.28 -30.02 -63.26
N PRO F 762 -9.11 -28.72 -63.50
CA PRO F 762 -10.21 -27.94 -64.07
C PRO F 762 -10.61 -28.37 -65.47
N SER F 763 -9.68 -28.85 -66.28
CA SER F 763 -9.98 -29.19 -67.66
C SER F 763 -10.85 -30.42 -67.75
N LYS F 764 -11.75 -30.43 -68.74
CA LYS F 764 -12.58 -31.59 -69.03
C LYS F 764 -12.44 -32.09 -70.46
N ARG F 765 -11.90 -31.29 -71.37
CA ARG F 765 -11.63 -31.78 -72.72
C ARG F 765 -10.42 -32.70 -72.76
N SER F 766 -9.44 -32.48 -71.89
CA SER F 766 -8.29 -33.36 -71.81
C SER F 766 -8.65 -34.64 -71.07
N TRP F 767 -7.73 -35.60 -71.09
CA TRP F 767 -8.01 -36.91 -70.52
C TRP F 767 -6.70 -37.60 -70.18
N PHE F 768 -6.75 -38.42 -69.14
CA PHE F 768 -5.72 -39.42 -68.91
C PHE F 768 -6.10 -40.71 -69.62
N LYS F 769 -5.10 -41.49 -69.99
CA LYS F 769 -5.38 -42.80 -70.58
C LYS F 769 -6.06 -43.71 -69.57
N THR F 770 -5.47 -43.86 -68.39
CA THR F 770 -6.01 -44.69 -67.32
C THR F 770 -5.78 -44.01 -65.99
N LEU F 771 -6.15 -44.69 -64.92
CA LEU F 771 -5.89 -44.19 -63.58
C LEU F 771 -4.39 -44.28 -63.29
N PRO F 772 -3.75 -43.18 -62.90
CA PRO F 772 -2.30 -43.23 -62.64
C PRO F 772 -1.96 -44.20 -61.53
N SER F 773 -0.81 -44.86 -61.69
CA SER F 773 -0.37 -45.83 -60.69
C SER F 773 0.04 -45.15 -59.38
N TRP F 774 0.67 -43.98 -59.48
CA TRP F 774 1.16 -43.29 -58.29
C TRP F 774 0.04 -42.82 -57.37
N ILE F 775 -1.21 -42.82 -57.84
CA ILE F 775 -2.35 -42.63 -56.94
C ILE F 775 -2.59 -43.95 -56.23
N ASN F 776 -2.40 -43.95 -54.92
CA ASN F 776 -2.56 -45.17 -54.13
C ASN F 776 -2.85 -44.77 -52.69
N PRO F 777 -3.51 -45.64 -51.93
CA PRO F 777 -3.68 -45.35 -50.50
C PRO F 777 -2.37 -45.25 -49.74
N SER F 778 -1.29 -45.81 -50.29
CA SER F 778 0.03 -45.70 -49.67
C SER F 778 0.48 -44.26 -49.56
N SER F 779 0.77 -43.64 -50.70
CA SER F 779 1.21 -42.25 -50.69
C SER F 779 -0.01 -41.32 -50.65
N LEU F 780 0.24 -40.08 -50.25
CA LEU F 780 -0.78 -39.04 -50.21
C LEU F 780 -2.12 -39.49 -49.62
N PRO F 781 -2.14 -39.93 -48.36
CA PRO F 781 -3.40 -40.35 -47.74
C PRO F 781 -4.25 -39.20 -47.22
N LEU F 782 -3.93 -37.96 -47.56
CA LEU F 782 -4.61 -36.79 -47.03
C LEU F 782 -5.61 -36.19 -48.01
N LEU F 783 -5.96 -36.92 -49.06
CA LEU F 783 -6.82 -36.36 -50.10
C LEU F 783 -8.24 -36.16 -49.58
N SER F 784 -8.84 -35.05 -50.02
CA SER F 784 -10.23 -34.76 -49.71
C SER F 784 -10.95 -34.18 -50.93
N TYR F 785 -10.43 -34.49 -52.12
CA TYR F 785 -10.86 -33.85 -53.36
C TYR F 785 -10.26 -34.62 -54.51
N LEU F 786 -11.05 -34.86 -55.56
CA LEU F 786 -10.56 -35.61 -56.71
C LEU F 786 -10.48 -34.78 -57.99
N ASP F 787 -11.61 -34.28 -58.48
CA ASP F 787 -11.68 -33.51 -59.73
C ASP F 787 -10.78 -34.10 -60.82
N ILE F 788 -11.12 -35.33 -61.23
CA ILE F 788 -10.30 -36.08 -62.16
C ILE F 788 -11.11 -36.39 -63.42
N THR F 789 -10.48 -36.25 -64.57
CA THR F 789 -11.04 -36.67 -65.85
C THR F 789 -10.02 -37.49 -66.61
N LEU F 790 -10.51 -38.50 -67.33
CA LEU F 790 -9.65 -39.41 -68.05
C LEU F 790 -10.44 -40.04 -69.17
N PHE F 791 -9.73 -40.66 -70.11
CA PHE F 791 -10.39 -41.21 -71.30
C PHE F 791 -11.21 -42.44 -70.96
N GLU F 792 -10.56 -43.48 -70.47
CA GLU F 792 -11.23 -44.75 -70.22
C GLU F 792 -11.80 -44.78 -68.81
N VAL F 793 -12.25 -45.95 -68.38
CA VAL F 793 -12.75 -46.16 -67.04
C VAL F 793 -12.64 -47.64 -66.74
N ARG F 794 -12.43 -47.96 -65.47
CA ARG F 794 -12.27 -49.34 -65.04
C ARG F 794 -13.07 -49.58 -63.77
N SER F 795 -13.69 -50.77 -63.68
CA SER F 795 -14.38 -51.16 -62.46
C SER F 795 -13.42 -51.45 -61.32
N GLU F 796 -12.12 -51.51 -61.60
CA GLU F 796 -11.10 -51.66 -60.58
C GLU F 796 -10.55 -50.32 -60.11
N ASP F 797 -10.65 -49.27 -60.93
CA ASP F 797 -10.22 -47.95 -60.50
C ASP F 797 -11.04 -47.47 -59.30
N ILE F 798 -12.35 -47.70 -59.33
CA ILE F 798 -13.19 -47.33 -58.20
C ILE F 798 -12.81 -48.13 -56.97
N GLN F 799 -12.50 -49.41 -57.14
CA GLN F 799 -12.09 -50.23 -56.01
C GLN F 799 -10.79 -49.71 -55.41
N LEU F 800 -9.85 -49.31 -56.26
CA LEU F 800 -8.60 -48.73 -55.76
C LEU F 800 -8.86 -47.43 -55.02
N LEU F 801 -9.72 -46.58 -55.57
CA LEU F 801 -10.00 -45.30 -54.94
C LEU F 801 -10.76 -45.46 -53.64
N GLY F 802 -11.49 -46.55 -53.47
CA GLY F 802 -12.25 -46.78 -52.25
C GLY F 802 -11.39 -47.24 -51.10
N THR F 803 -10.11 -46.87 -51.08
CA THR F 803 -9.24 -47.24 -49.99
C THR F 803 -8.60 -46.04 -49.31
N LEU F 804 -8.50 -44.89 -49.99
CA LEU F 804 -7.93 -43.70 -49.40
C LEU F 804 -8.80 -43.23 -48.23
N PRO F 805 -8.19 -42.61 -47.21
CA PRO F 805 -8.93 -42.33 -45.96
C PRO F 805 -10.10 -41.37 -46.08
N ALA F 806 -9.87 -40.13 -46.51
CA ALA F 806 -10.90 -39.09 -46.36
C ALA F 806 -11.77 -38.95 -47.59
N LEU F 807 -11.19 -38.49 -48.71
CA LEU F 807 -11.90 -38.28 -49.97
C LEU F 807 -13.27 -37.64 -49.74
N VAL F 808 -13.25 -36.45 -49.15
CA VAL F 808 -14.50 -35.75 -48.85
C VAL F 808 -15.23 -35.39 -50.15
N TYR F 809 -14.48 -34.92 -51.14
CA TYR F 809 -15.04 -34.50 -52.42
C TYR F 809 -14.58 -35.48 -53.51
N LEU F 810 -15.52 -35.95 -54.31
CA LEU F 810 -15.23 -36.89 -55.40
C LEU F 810 -15.90 -36.43 -56.67
N GLU F 811 -15.15 -36.44 -57.77
CA GLU F 811 -15.69 -36.04 -59.07
C GLU F 811 -14.86 -36.69 -60.17
N ILE F 812 -15.50 -37.51 -61.00
CA ILE F 812 -14.83 -38.27 -62.04
C ILE F 812 -15.56 -38.07 -63.36
N TRP F 813 -14.79 -37.90 -64.44
CA TRP F 813 -15.32 -37.70 -65.78
C TRP F 813 -14.85 -38.81 -66.69
N ASN F 814 -15.79 -39.41 -67.43
CA ASN F 814 -15.48 -40.45 -68.41
C ASN F 814 -15.53 -39.82 -69.81
N TYR F 815 -14.35 -39.58 -70.40
CA TYR F 815 -14.29 -38.85 -71.66
C TYR F 815 -14.95 -39.63 -72.78
N SER F 816 -14.73 -40.95 -72.83
CA SER F 816 -15.18 -41.74 -73.97
C SER F 816 -16.70 -41.79 -74.07
N VAL F 817 -17.40 -41.76 -72.94
CA VAL F 817 -18.86 -41.85 -72.97
C VAL F 817 -19.45 -40.60 -73.61
N PHE F 818 -18.99 -39.43 -73.20
CA PHE F 818 -19.53 -38.17 -73.69
C PHE F 818 -18.83 -37.63 -74.92
N GLU F 819 -17.87 -38.37 -75.47
CA GLU F 819 -17.18 -37.95 -76.68
C GLU F 819 -17.09 -39.03 -77.74
N GLU F 820 -17.24 -40.29 -77.41
CA GLU F 820 -17.15 -41.38 -78.36
C GLU F 820 -18.38 -42.27 -78.21
N ALA F 821 -18.58 -43.14 -79.21
CA ALA F 821 -19.72 -44.05 -79.21
C ALA F 821 -19.44 -45.19 -78.24
N HIS F 822 -19.71 -44.91 -76.97
CA HIS F 822 -19.53 -45.90 -75.91
C HIS F 822 -20.76 -45.92 -75.02
N GLU F 823 -21.05 -47.09 -74.48
CA GLU F 823 -22.20 -47.28 -73.61
C GLU F 823 -21.76 -47.24 -72.15
N VAL F 824 -22.55 -46.58 -71.32
CA VAL F 824 -22.27 -46.49 -69.89
C VAL F 824 -22.40 -47.89 -69.30
N GLU F 825 -21.26 -48.47 -68.91
CA GLU F 825 -21.25 -49.76 -68.25
C GLU F 825 -21.58 -49.60 -66.76
N ALA F 826 -21.57 -50.71 -66.04
CA ALA F 826 -21.84 -50.70 -64.60
C ALA F 826 -20.62 -51.22 -63.86
N PRO F 827 -19.75 -50.34 -63.36
CA PRO F 827 -18.60 -50.81 -62.58
C PRO F 827 -19.05 -51.44 -61.27
N VAL F 828 -18.25 -52.40 -60.81
CA VAL F 828 -18.59 -53.22 -59.65
C VAL F 828 -17.55 -53.00 -58.56
N LEU F 829 -18.02 -52.67 -57.37
CA LEU F 829 -17.16 -52.56 -56.19
C LEU F 829 -16.94 -53.96 -55.65
N SER F 830 -15.86 -54.60 -56.10
CA SER F 830 -15.66 -56.02 -55.80
C SER F 830 -15.22 -56.23 -54.35
N SER F 831 -14.04 -55.73 -54.01
CA SER F 831 -13.44 -56.03 -52.72
C SER F 831 -13.95 -55.09 -51.64
N GLY F 832 -13.83 -55.52 -50.38
CA GLY F 832 -14.19 -54.71 -49.25
C GLY F 832 -15.69 -54.68 -49.01
N ALA F 833 -16.07 -53.89 -48.01
CA ALA F 833 -17.47 -53.74 -47.61
C ALA F 833 -17.96 -52.31 -47.72
N ALA F 834 -17.22 -51.34 -47.19
CA ALA F 834 -17.65 -49.95 -47.17
C ALA F 834 -16.82 -49.09 -48.13
N LEU F 835 -15.50 -49.11 -47.96
CA LEU F 835 -14.55 -48.44 -48.87
C LEU F 835 -14.67 -46.93 -48.84
N PHE F 836 -15.61 -46.39 -48.08
CA PHE F 836 -15.89 -44.96 -48.10
C PHE F 836 -16.44 -44.57 -46.74
N PRO F 837 -15.56 -44.28 -45.78
CA PRO F 837 -16.04 -43.89 -44.45
C PRO F 837 -16.75 -42.55 -44.44
N CYS F 838 -16.15 -41.52 -45.05
CA CYS F 838 -16.72 -40.17 -45.03
C CYS F 838 -16.46 -39.54 -46.41
N ALA F 839 -17.41 -39.71 -47.32
CA ALA F 839 -17.35 -39.12 -48.65
C ALA F 839 -18.72 -38.51 -48.93
N THR F 840 -18.91 -37.26 -48.50
CA THR F 840 -20.22 -36.64 -48.62
C THR F 840 -20.53 -36.25 -50.05
N GLU F 841 -19.53 -35.76 -50.79
CA GLU F 841 -19.72 -35.28 -52.15
C GLU F 841 -19.00 -36.22 -53.12
N CYS F 842 -19.77 -36.89 -53.96
CA CYS F 842 -19.24 -37.76 -55.00
C CYS F 842 -19.96 -37.44 -56.31
N ARG F 843 -19.21 -37.39 -57.40
CA ARG F 843 -19.76 -37.08 -58.70
C ARG F 843 -19.20 -38.05 -59.74
N PHE F 844 -20.08 -38.76 -60.43
CA PHE F 844 -19.70 -39.67 -61.50
C PHE F 844 -20.31 -39.15 -62.79
N ILE F 845 -19.46 -38.86 -63.77
CA ILE F 845 -19.89 -38.32 -65.06
C ILE F 845 -19.70 -39.41 -66.11
N GLY F 846 -20.80 -39.76 -66.79
CA GLY F 846 -20.73 -40.78 -67.81
C GLY F 846 -20.48 -42.17 -67.28
N ILE F 847 -20.56 -42.37 -65.97
CA ILE F 847 -20.29 -43.65 -65.33
C ILE F 847 -21.49 -44.04 -64.50
N GLY F 848 -21.95 -45.27 -64.68
CA GLY F 848 -23.16 -45.73 -64.02
C GLY F 848 -22.94 -46.12 -62.57
N ALA F 849 -23.51 -45.33 -61.66
CA ALA F 849 -23.41 -45.59 -60.22
C ALA F 849 -24.83 -45.84 -59.69
N VAL F 850 -25.24 -47.10 -59.71
CA VAL F 850 -26.55 -47.48 -59.21
C VAL F 850 -26.52 -47.35 -57.69
N PRO F 851 -27.66 -47.21 -57.02
CA PRO F 851 -27.64 -47.18 -55.55
C PRO F 851 -27.12 -48.46 -54.94
N SER F 852 -27.16 -49.58 -55.66
CA SER F 852 -26.78 -50.87 -55.10
C SER F 852 -25.31 -51.22 -55.36
N MET F 853 -24.40 -50.31 -54.99
CA MET F 853 -23.01 -50.72 -54.84
C MET F 853 -22.81 -51.52 -53.57
N PHE F 854 -23.63 -51.28 -52.55
CA PHE F 854 -23.54 -51.95 -51.26
C PHE F 854 -24.76 -51.54 -50.45
N PRO F 855 -25.12 -52.31 -49.41
CA PRO F 855 -26.14 -51.85 -48.46
C PRO F 855 -25.79 -50.51 -47.83
N GLN F 856 -26.71 -49.97 -47.03
CA GLN F 856 -26.57 -48.63 -46.48
C GLN F 856 -25.31 -48.48 -45.63
N GLY F 857 -24.74 -49.57 -45.13
CA GLY F 857 -23.53 -49.51 -44.33
C GLY F 857 -22.24 -49.45 -45.13
N ALA F 858 -22.20 -48.63 -46.18
CA ALA F 858 -21.00 -48.44 -46.98
C ALA F 858 -20.49 -47.01 -46.91
N ALA F 859 -21.36 -46.03 -47.16
CA ALA F 859 -21.00 -44.61 -47.10
C ALA F 859 -21.94 -43.95 -46.10
N PRO F 860 -21.57 -43.91 -44.82
CA PRO F 860 -22.45 -43.27 -43.83
C PRO F 860 -22.76 -41.83 -44.15
N ARG F 861 -21.78 -41.09 -44.65
CA ARG F 861 -21.92 -39.66 -44.92
C ARG F 861 -21.84 -39.44 -46.42
N LEU F 862 -22.99 -39.30 -47.06
CA LEU F 862 -23.04 -38.98 -48.49
C LEU F 862 -24.39 -38.32 -48.78
N LYS F 863 -24.38 -37.00 -48.91
CA LYS F 863 -25.59 -36.25 -49.20
C LYS F 863 -25.83 -36.04 -50.68
N ARG F 864 -24.81 -36.15 -51.52
CA ARG F 864 -24.92 -35.83 -52.93
C ARG F 864 -24.32 -36.94 -53.77
N LEU F 865 -25.00 -37.28 -54.86
CA LEU F 865 -24.53 -38.33 -55.76
C LEU F 865 -24.99 -37.99 -57.18
N TRP F 866 -24.13 -38.28 -58.15
CA TRP F 866 -24.42 -37.98 -59.55
C TRP F 866 -23.89 -39.11 -60.43
N PHE F 867 -24.74 -39.57 -61.36
CA PHE F 867 -24.36 -40.63 -62.28
C PHE F 867 -25.33 -40.63 -63.45
N THR F 868 -24.97 -41.38 -64.49
CA THR F 868 -25.78 -41.53 -65.68
C THR F 868 -26.50 -42.88 -65.67
N PHE F 869 -27.71 -42.90 -66.21
CA PHE F 869 -28.56 -44.08 -66.18
C PHE F 869 -29.15 -44.34 -67.56
N PRO F 870 -28.84 -45.47 -68.19
CA PRO F 870 -29.48 -45.79 -69.47
C PRO F 870 -30.96 -46.11 -69.30
N ALA F 871 -31.74 -45.83 -70.34
CA ALA F 871 -33.15 -46.18 -70.32
C ALA F 871 -33.38 -47.68 -70.51
N LYS F 872 -32.39 -48.40 -71.06
CA LYS F 872 -32.54 -49.83 -71.26
C LYS F 872 -32.49 -50.60 -69.95
N TRP F 873 -31.96 -50.01 -68.89
CA TRP F 873 -31.89 -50.67 -67.59
C TRP F 873 -33.18 -50.51 -66.79
N ILE F 874 -34.17 -49.80 -67.33
CA ILE F 874 -35.43 -49.61 -66.62
C ILE F 874 -36.11 -50.95 -66.37
N SER F 875 -36.11 -51.82 -67.37
CA SER F 875 -36.71 -53.14 -67.24
C SER F 875 -35.76 -54.16 -66.58
N SER F 876 -34.54 -53.77 -66.26
CA SER F 876 -33.57 -54.67 -65.64
C SER F 876 -33.83 -54.75 -64.14
N GLU F 877 -32.99 -55.53 -63.44
CA GLU F 877 -33.07 -55.65 -62.00
C GLU F 877 -31.82 -55.14 -61.29
N ASN F 878 -30.97 -54.40 -61.99
CA ASN F 878 -29.76 -53.83 -61.40
C ASN F 878 -29.98 -52.42 -60.88
N ILE F 879 -31.22 -51.94 -60.83
CA ILE F 879 -31.52 -50.58 -60.40
C ILE F 879 -32.39 -50.71 -59.15
N GLY F 880 -32.15 -51.76 -58.36
CA GLY F 880 -33.05 -52.10 -57.28
C GLY F 880 -33.02 -51.15 -56.09
N LEU F 881 -33.50 -49.94 -56.31
CA LEU F 881 -33.57 -48.93 -55.26
C LEU F 881 -34.89 -49.08 -54.49
N GLY F 882 -35.18 -48.13 -53.61
CA GLY F 882 -36.40 -48.13 -52.83
C GLY F 882 -36.20 -48.07 -51.32
N MET F 883 -34.97 -48.20 -50.82
CA MET F 883 -34.69 -48.12 -49.40
C MET F 883 -34.01 -46.80 -49.07
N ARG F 884 -34.19 -46.34 -47.83
CA ARG F 884 -33.60 -45.10 -47.36
C ARG F 884 -32.22 -45.40 -46.79
N HIS F 885 -31.20 -44.76 -47.35
CA HIS F 885 -29.83 -44.96 -46.90
C HIS F 885 -29.56 -44.13 -45.64
N LEU F 886 -28.40 -44.38 -45.04
CA LEU F 886 -28.06 -43.71 -43.78
C LEU F 886 -28.01 -42.19 -43.89
N PRO F 887 -27.30 -41.60 -44.85
CA PRO F 887 -27.29 -40.14 -44.96
C PRO F 887 -28.57 -39.63 -45.61
N SER F 888 -28.65 -38.33 -45.79
CA SER F 888 -29.82 -37.68 -46.40
C SER F 888 -29.85 -37.96 -47.90
N LEU F 889 -30.00 -39.24 -48.23
CA LEU F 889 -29.97 -39.70 -49.61
C LEU F 889 -31.39 -39.87 -50.13
N GLN F 890 -32.08 -38.74 -50.21
CA GLN F 890 -33.44 -38.71 -50.72
C GLN F 890 -33.68 -37.62 -51.76
N ARG F 891 -32.72 -36.72 -51.97
CA ARG F 891 -32.86 -35.64 -52.95
C ARG F 891 -31.88 -35.93 -54.08
N VAL F 892 -32.41 -36.48 -55.18
CA VAL F 892 -31.57 -36.88 -56.31
C VAL F 892 -32.38 -36.95 -57.59
N VAL F 893 -31.81 -36.45 -58.68
CA VAL F 893 -32.33 -36.64 -60.02
C VAL F 893 -31.18 -37.13 -60.89
N VAL F 894 -31.46 -38.12 -61.74
CA VAL F 894 -30.43 -38.82 -62.49
C VAL F 894 -30.54 -38.45 -63.95
N ASP F 895 -29.40 -38.22 -64.59
CA ASP F 895 -29.36 -38.00 -66.03
C ASP F 895 -29.66 -39.32 -66.73
N VAL F 896 -30.88 -39.46 -67.25
CA VAL F 896 -31.31 -40.68 -67.91
C VAL F 896 -31.02 -40.56 -69.40
N ILE F 897 -30.50 -41.63 -69.98
CA ILE F 897 -30.14 -41.67 -71.39
C ILE F 897 -31.00 -42.72 -72.08
N SER F 898 -31.63 -42.32 -73.19
CA SER F 898 -32.49 -43.22 -73.95
C SER F 898 -31.73 -44.44 -74.47
N VAL G 125 84.63 -35.42 46.14
CA VAL G 125 84.68 -36.67 46.87
C VAL G 125 83.27 -37.15 47.19
N ASN G 126 83.02 -38.45 46.97
CA ASN G 126 81.71 -39.04 47.24
C ASN G 126 81.78 -39.77 48.58
N PHE G 127 81.73 -38.99 49.64
CA PHE G 127 81.86 -39.57 50.98
C PHE G 127 80.59 -40.33 51.34
N PRO G 128 80.70 -41.57 51.80
CA PRO G 128 79.50 -42.34 52.16
C PRO G 128 78.98 -41.89 53.53
N PHE G 129 77.88 -42.51 53.94
CA PHE G 129 77.22 -42.14 55.20
C PHE G 129 78.07 -42.58 56.39
N PRO G 130 78.44 -41.68 57.30
CA PRO G 130 79.19 -42.10 58.48
C PRO G 130 78.30 -42.80 59.50
N LYS G 131 78.11 -44.10 59.30
CA LYS G 131 77.23 -44.88 60.16
C LYS G 131 77.83 -45.02 61.55
N LYS G 132 77.27 -44.29 62.52
CA LYS G 132 77.68 -44.40 63.92
C LYS G 132 76.46 -44.56 64.80
N MET G 133 76.66 -44.49 66.12
CA MET G 133 75.54 -44.62 67.05
C MET G 133 75.81 -43.78 68.29
N ILE G 134 74.83 -42.97 68.68
CA ILE G 134 74.90 -42.18 69.90
C ILE G 134 74.06 -42.90 70.96
N THR G 135 74.73 -43.54 71.92
CA THR G 135 74.04 -44.30 72.95
C THR G 135 74.45 -43.83 74.34
N GLU G 136 74.05 -44.57 75.37
CA GLU G 136 74.41 -44.22 76.73
C GLU G 136 75.93 -44.28 76.91
N SER G 137 76.43 -43.46 77.84
CA SER G 137 77.85 -43.29 78.10
C SER G 137 78.60 -42.75 76.88
N ASN G 138 77.89 -42.10 75.96
CA ASN G 138 78.49 -41.46 74.81
C ASN G 138 78.03 -40.04 74.57
N SER G 139 76.87 -39.64 75.10
CA SER G 139 76.42 -38.26 74.97
C SER G 139 77.36 -37.30 75.68
N LYS G 140 77.82 -37.68 76.87
CA LYS G 140 78.74 -36.84 77.63
C LYS G 140 80.18 -36.98 77.18
N ASP G 141 80.46 -37.83 76.19
CA ASP G 141 81.81 -37.98 75.67
C ASP G 141 82.32 -36.67 75.07
N ILE G 142 81.47 -35.98 74.32
CA ILE G 142 81.84 -34.75 73.65
C ILE G 142 81.14 -33.53 74.26
N ARG G 143 79.91 -33.71 74.73
CA ARG G 143 79.16 -32.59 75.29
C ARG G 143 79.84 -32.00 76.51
N GLU G 144 80.61 -32.81 77.24
CA GLU G 144 81.35 -32.29 78.39
C GLU G 144 82.34 -31.22 77.95
N TYR G 145 83.07 -31.47 76.87
CA TYR G 145 83.87 -30.42 76.26
C TYR G 145 82.99 -29.30 75.73
N LEU G 146 81.86 -29.66 75.12
CA LEU G 146 80.96 -28.66 74.57
C LEU G 146 80.31 -27.81 75.65
N ALA G 147 80.26 -28.30 76.89
CA ALA G 147 79.65 -27.55 77.98
C ALA G 147 80.55 -26.43 78.51
N SER G 148 81.81 -26.38 78.09
CA SER G 148 82.73 -25.36 78.56
C SER G 148 83.52 -24.67 77.46
N THR G 149 83.52 -25.18 76.24
CA THR G 149 84.28 -24.56 75.16
C THR G 149 83.62 -23.26 74.73
N PHE G 150 84.36 -22.47 73.97
CA PHE G 150 83.86 -21.15 73.53
C PHE G 150 82.56 -21.25 72.73
N PRO G 151 82.41 -22.14 71.76
CA PRO G 151 81.10 -22.32 71.13
C PRO G 151 80.21 -23.20 72.00
N PHE G 152 78.96 -23.35 71.57
CA PHE G 152 77.97 -24.25 72.16
C PHE G 152 77.55 -23.84 73.56
N GLU G 153 78.12 -22.78 74.13
CA GLU G 153 77.64 -22.28 75.41
C GLU G 153 76.26 -21.66 75.28
N GLN G 154 75.98 -21.03 74.14
CA GLN G 154 74.69 -20.39 73.88
C GLN G 154 73.86 -21.19 72.87
N GLN G 155 74.17 -22.47 72.68
CA GLN G 155 73.42 -23.31 71.77
C GLN G 155 72.98 -24.61 72.44
N SER G 156 72.47 -25.56 71.65
CA SER G 156 72.02 -26.84 72.17
C SER G 156 72.38 -27.93 71.17
N THR G 157 72.00 -29.17 71.49
CA THR G 157 72.27 -30.32 70.65
C THR G 157 70.97 -31.04 70.31
N ILE G 158 70.86 -31.46 69.06
CA ILE G 158 69.67 -32.16 68.59
C ILE G 158 69.54 -33.52 69.28
N LEU G 159 70.67 -34.15 69.63
CA LEU G 159 70.64 -35.48 70.22
C LEU G 159 69.89 -35.51 71.54
N ASP G 160 69.71 -34.36 72.20
CA ASP G 160 68.97 -34.30 73.45
C ASP G 160 67.50 -34.64 73.24
N GLN G 179 80.41 -14.43 82.31
CA GLN G 179 80.19 -14.48 80.87
C GLN G 179 79.73 -13.13 80.34
N LEU G 180 79.24 -12.27 81.24
CA LEU G 180 78.82 -10.93 80.84
C LEU G 180 79.98 -10.08 80.35
N LYS G 181 81.22 -10.43 80.70
CA LYS G 181 82.37 -9.70 80.17
C LYS G 181 82.50 -9.86 78.67
N PHE G 182 81.98 -10.94 78.09
CA PHE G 182 82.11 -11.17 76.66
C PHE G 182 81.48 -10.04 75.87
N ARG G 183 80.24 -9.66 76.21
CA ARG G 183 79.63 -8.51 75.54
C ARG G 183 79.93 -7.20 76.24
N GLN G 184 80.42 -7.23 77.49
CA GLN G 184 80.87 -6.00 78.12
C GLN G 184 82.07 -5.42 77.39
N GLU G 185 82.97 -6.29 76.93
CA GLU G 185 84.13 -5.81 76.16
C GLU G 185 83.69 -5.20 74.84
N ASN G 186 82.67 -5.78 74.20
CA ASN G 186 82.11 -5.16 73.01
C ASN G 186 81.45 -3.82 73.34
N LEU G 187 80.77 -3.73 74.49
CA LEU G 187 80.23 -2.46 74.93
C LEU G 187 81.33 -1.44 75.16
N ALA G 188 82.53 -1.90 75.51
CA ALA G 188 83.66 -0.98 75.63
C ALA G 188 84.18 -0.56 74.25
N GLU G 189 84.28 -1.51 73.31
CA GLU G 189 84.80 -1.25 71.98
C GLU G 189 83.75 -0.65 71.04
N LEU G 190 82.55 -0.36 71.57
CA LEU G 190 81.43 0.11 70.77
C LEU G 190 81.77 1.28 69.85
N LYS G 191 82.85 2.00 70.10
CA LYS G 191 83.20 3.18 69.30
C LYS G 191 84.61 3.04 68.73
N ASP G 192 84.89 1.86 68.14
CA ASP G 192 86.19 1.64 67.51
C ASP G 192 86.40 2.60 66.35
N GLN G 193 85.56 2.50 65.32
CA GLN G 193 85.75 3.23 64.07
C GLN G 193 84.84 4.43 63.93
N ILE G 194 83.97 4.71 64.91
CA ILE G 194 83.06 5.84 64.81
C ILE G 194 83.84 7.15 64.77
N ILE G 195 84.88 7.27 65.61
CA ILE G 195 85.67 8.48 65.68
C ILE G 195 86.56 8.69 64.47
N LEU G 196 86.74 7.66 63.64
CA LEU G 196 87.65 7.78 62.50
C LEU G 196 87.12 8.71 61.42
N SER G 197 85.81 8.67 61.17
CA SER G 197 85.19 9.42 60.09
C SER G 197 83.99 10.22 60.61
N LEU G 198 84.19 10.94 61.70
CA LEU G 198 83.11 11.72 62.29
C LEU G 198 82.65 12.85 61.38
N GLY G 199 83.46 13.25 60.41
CA GLY G 199 83.10 14.33 59.50
C GLY G 199 81.93 13.99 58.59
N ASN G 206 76.62 14.99 59.98
CA ASN G 206 76.57 13.82 59.13
C ASN G 206 76.84 12.55 59.92
N TRP G 207 78.05 12.46 60.48
CA TRP G 207 78.47 11.29 61.24
C TRP G 207 78.71 11.60 62.70
N GLN G 208 78.13 12.71 63.20
CA GLN G 208 78.33 13.09 64.58
C GLN G 208 77.29 12.46 65.52
N LYS G 209 76.05 12.30 65.04
CA LYS G 209 75.00 11.72 65.88
C LYS G 209 75.32 10.29 66.28
N LEU G 210 76.05 9.56 65.43
CA LEU G 210 76.46 8.20 65.76
C LEU G 210 77.26 8.19 67.06
N LEU G 211 78.30 9.01 67.14
CA LEU G 211 79.08 9.08 68.37
C LEU G 211 78.30 9.74 69.49
N ASP G 212 77.40 10.67 69.16
CA ASP G 212 76.61 11.34 70.20
C ASP G 212 75.75 10.34 70.96
N TYR G 213 75.11 9.41 70.24
CA TYR G 213 74.35 8.36 70.88
C TYR G 213 75.23 7.21 71.36
N THR G 214 76.41 7.04 70.79
CA THR G 214 77.32 5.98 71.21
C THR G 214 77.71 6.13 72.68
N ASN G 215 78.11 7.34 73.07
CA ASN G 215 78.48 7.59 74.45
C ASN G 215 77.28 7.46 75.38
N LYS G 216 76.09 7.83 74.92
CA LYS G 216 74.89 7.64 75.73
C LYS G 216 74.63 6.16 75.98
N LEU G 217 74.76 5.33 74.94
CA LEU G 217 74.58 3.90 75.10
C LEU G 217 75.64 3.31 76.02
N ASP G 218 76.90 3.78 75.88
CA ASP G 218 77.95 3.34 76.78
C ASP G 218 77.65 3.70 78.22
N GLU G 219 77.13 4.91 78.44
CA GLU G 219 76.74 5.33 79.79
C GLU G 219 75.65 4.43 80.36
N LEU G 220 74.59 4.21 79.58
CA LEU G 220 73.49 3.38 80.05
C LEU G 220 73.87 1.91 80.19
N SER G 221 74.94 1.48 79.52
CA SER G 221 75.34 0.08 79.60
C SER G 221 75.78 -0.31 81.00
N ASN G 222 76.59 0.54 81.64
CA ASN G 222 77.20 0.20 82.92
C ASN G 222 76.51 0.86 84.11
N THR G 223 75.84 1.99 83.91
CA THR G 223 75.17 2.65 85.01
C THR G 223 73.96 1.83 85.48
N LYS G 224 73.71 1.88 86.79
CA LYS G 224 72.60 1.16 87.39
C LYS G 224 71.41 2.11 87.50
N ILE G 225 70.29 1.73 86.86
CA ILE G 225 69.09 2.55 86.81
C ILE G 225 67.90 1.67 87.13
N SER G 226 66.96 2.22 87.91
CA SER G 226 65.77 1.47 88.28
C SER G 226 64.91 1.17 87.06
N PRO G 227 64.25 0.01 87.02
CA PRO G 227 63.51 -0.39 85.81
C PRO G 227 62.42 0.57 85.40
N GLU G 228 61.76 1.24 86.36
CA GLU G 228 60.61 2.07 86.02
C GLU G 228 60.96 3.28 85.16
N GLU G 229 62.24 3.64 85.08
CA GLU G 229 62.68 4.73 84.22
C GLU G 229 63.78 4.35 83.26
N PHE G 230 64.45 3.20 83.46
CA PHE G 230 65.49 2.78 82.55
C PHE G 230 64.91 2.51 81.15
N ILE G 231 63.67 2.05 81.10
CA ILE G 231 63.02 1.83 79.81
C ILE G 231 62.87 3.15 79.06
N GLU G 232 62.47 4.21 79.76
CA GLU G 232 62.37 5.53 79.14
C GLU G 232 63.75 6.03 78.71
N GLU G 233 64.76 5.81 79.56
CA GLU G 233 66.12 6.27 79.23
C GLU G 233 66.61 5.60 77.95
N ILE G 234 66.38 4.29 77.82
CA ILE G 234 66.89 3.59 76.65
C ILE G 234 66.02 3.85 75.42
N GLN G 235 64.72 4.10 75.60
CA GLN G 235 63.85 4.38 74.48
C GLN G 235 63.96 5.83 73.99
N LYS G 236 64.61 6.70 74.78
CA LYS G 236 64.84 8.06 74.32
C LYS G 236 65.61 8.10 73.00
N VAL G 237 66.41 7.08 72.73
CA VAL G 237 67.15 6.99 71.47
C VAL G 237 66.41 6.05 70.53
N LEU G 238 65.72 5.06 71.08
CA LEU G 238 65.00 4.09 70.25
C LEU G 238 63.90 4.77 69.44
N TYR G 239 63.16 5.68 70.06
CA TYR G 239 62.06 6.36 69.39
C TYR G 239 62.53 7.60 68.62
N LYS G 240 63.83 7.86 68.59
CA LYS G 240 64.38 9.06 67.97
C LYS G 240 64.94 8.78 66.58
N VAL G 241 65.64 7.67 66.41
CA VAL G 241 66.28 7.38 65.13
C VAL G 241 65.23 7.02 64.08
N LYS G 242 65.53 7.34 62.82
CA LYS G 242 64.64 7.05 61.70
C LYS G 242 65.20 6.01 60.76
N LEU G 243 66.41 6.21 60.24
CA LEU G 243 67.01 5.26 59.31
C LEU G 243 68.53 5.36 59.33
N LYS G 250 75.43 5.61 53.82
CA LYS G 250 75.19 4.17 54.09
C LYS G 250 76.09 3.71 55.23
N LEU G 251 77.25 4.36 55.40
CA LEU G 251 78.21 4.01 56.47
C LEU G 251 77.56 4.24 57.84
N TYR G 252 76.80 5.34 57.96
CA TYR G 252 76.10 5.67 59.23
C TYR G 252 75.09 4.56 59.57
N SER G 253 74.39 4.06 58.55
CA SER G 253 73.38 2.99 58.74
C SER G 253 74.06 1.73 59.27
N GLN G 254 75.25 1.41 58.74
CA GLN G 254 76.02 0.21 59.18
C GLN G 254 76.19 0.27 60.70
N PHE G 255 76.25 1.47 61.26
CA PHE G 255 76.41 1.65 62.69
C PHE G 255 75.10 1.90 63.43
N ASN G 256 74.05 2.30 62.71
CA ASN G 256 72.75 2.49 63.36
C ASN G 256 72.20 1.18 63.91
N LEU G 257 72.38 0.09 63.17
CA LEU G 257 71.92 -1.21 63.65
C LEU G 257 72.64 -1.62 64.92
N SER G 258 73.95 -1.37 64.99
CA SER G 258 74.71 -1.67 66.21
C SER G 258 74.24 -0.80 67.37
N ILE G 259 73.77 0.41 67.07
CA ILE G 259 73.20 1.27 68.12
C ILE G 259 71.97 0.60 68.71
N GLN G 260 71.07 0.12 67.86
CA GLN G 260 69.84 -0.48 68.34
C GLN G 260 70.09 -1.87 68.93
N ASP G 261 70.91 -2.69 68.26
CA ASP G 261 71.10 -4.06 68.68
C ASP G 261 71.76 -4.14 70.05
N PHE G 262 72.79 -3.32 70.28
CA PHE G 262 73.49 -3.38 71.56
C PHE G 262 72.66 -2.80 72.69
N ALA G 263 71.83 -1.80 72.40
CA ALA G 263 71.00 -1.19 73.42
C ALA G 263 69.96 -2.18 73.96
N LEU G 264 69.33 -2.95 73.08
CA LEU G 264 68.30 -3.88 73.52
C LEU G 264 68.87 -5.04 74.31
N GLN G 265 70.10 -5.46 74.00
CA GLN G 265 70.73 -6.55 74.73
C GLN G 265 70.95 -6.20 76.19
N ILE G 266 70.99 -4.90 76.53
CA ILE G 266 71.19 -4.48 77.90
C ILE G 266 70.04 -4.96 78.78
N ILE G 267 68.81 -4.82 78.29
CA ILE G 267 67.63 -5.15 79.09
C ILE G 267 67.63 -6.64 79.44
N HIS G 268 67.86 -7.50 78.45
CA HIS G 268 67.90 -8.93 78.71
C HIS G 268 69.05 -9.28 79.64
N SER G 269 70.22 -8.67 79.43
CA SER G 269 71.35 -8.93 80.31
C SER G 269 71.05 -8.52 81.74
N LYS G 270 70.43 -7.35 81.93
CA LYS G 270 70.04 -6.94 83.27
C LYS G 270 68.87 -7.78 83.77
N TYR G 271 68.01 -8.26 82.88
CA TYR G 271 66.96 -9.18 83.29
C TYR G 271 67.53 -10.51 83.76
N LYS G 272 68.64 -10.95 83.15
CA LYS G 272 69.30 -12.17 83.62
C LYS G 272 69.79 -12.01 85.05
N SER G 273 70.06 -10.78 85.48
CA SER G 273 70.43 -10.49 86.85
C SER G 273 69.22 -10.40 87.78
N ASN G 274 68.01 -10.56 87.25
CA ASN G 274 66.78 -10.51 88.03
C ASN G 274 66.59 -9.16 88.70
N GLN G 275 67.18 -8.10 88.13
CA GLN G 275 66.97 -6.75 88.61
C GLN G 275 65.83 -6.04 87.89
N ILE G 276 65.19 -6.72 86.95
CA ILE G 276 64.01 -6.21 86.25
C ILE G 276 62.84 -7.13 86.55
N SER G 277 61.74 -6.57 87.01
CA SER G 277 60.55 -7.38 87.28
C SER G 277 59.98 -7.94 85.99
N GLN G 278 59.54 -9.20 86.04
CA GLN G 278 59.00 -9.84 84.86
C GLN G 278 57.73 -9.13 84.38
N ASN G 279 56.88 -8.69 85.32
CA ASN G 279 55.67 -7.98 84.95
C ASN G 279 56.01 -6.66 84.26
N ASP G 280 57.08 -6.00 84.70
CA ASP G 280 57.49 -4.76 84.06
C ASP G 280 57.88 -5.00 82.60
N LEU G 281 58.61 -6.09 82.33
CA LEU G 281 58.94 -6.43 80.96
C LEU G 281 57.69 -6.78 80.16
N LEU G 282 56.75 -7.49 80.79
CA LEU G 282 55.51 -7.84 80.10
C LEU G 282 54.73 -6.61 79.71
N LYS G 283 54.68 -5.61 80.59
CA LYS G 283 53.93 -4.38 80.33
C LYS G 283 54.50 -3.57 79.18
N LEU G 284 55.74 -3.84 78.76
CA LEU G 284 56.34 -3.12 77.65
C LEU G 284 56.48 -3.93 76.37
N ILE G 285 56.62 -5.26 76.47
CA ILE G 285 56.76 -6.06 75.27
C ILE G 285 55.46 -6.07 74.46
N THR G 286 54.32 -6.06 75.15
CA THR G 286 53.03 -6.15 74.47
C THR G 286 52.72 -4.92 73.62
N GLU G 287 53.46 -3.83 73.78
CA GLU G 287 53.23 -2.65 72.97
C GLU G 287 53.60 -2.94 71.51
N ASP G 288 53.01 -2.16 70.60
CA ASP G 288 53.08 -2.47 69.19
C ASP G 288 54.46 -2.17 68.60
N GLU G 289 55.08 -1.06 69.01
CA GLU G 289 56.22 -0.53 68.26
C GLU G 289 57.41 -1.48 68.27
N MET G 290 57.85 -1.91 69.46
CA MET G 290 59.02 -2.78 69.48
C MET G 290 58.72 -4.18 68.97
N LEU G 291 57.45 -4.57 68.89
CA LEU G 291 57.12 -5.78 68.15
C LEU G 291 57.55 -5.65 66.69
N LYS G 292 57.33 -4.48 66.10
CA LYS G 292 57.81 -4.21 64.74
C LYS G 292 59.29 -3.89 64.69
N ILE G 293 59.90 -3.51 65.80
CA ILE G 293 61.32 -3.16 65.85
C ILE G 293 62.20 -4.41 65.92
N LEU G 294 61.85 -5.35 66.79
CA LEU G 294 62.69 -6.53 66.98
C LEU G 294 62.69 -7.41 65.73
N ALA G 295 61.52 -7.61 65.12
CA ALA G 295 61.41 -8.44 63.92
C ALA G 295 62.20 -7.86 62.76
N LYS G 296 62.42 -6.55 62.73
CA LYS G 296 63.25 -5.88 61.73
C LYS G 296 64.73 -5.96 62.08
N THR G 297 65.09 -5.64 63.33
CA THR G 297 66.50 -5.61 63.71
C THR G 297 67.11 -7.00 63.71
N LYS G 298 66.34 -8.05 63.98
CA LYS G 298 66.90 -9.40 63.95
C LYS G 298 67.40 -9.74 62.54
N VAL G 299 66.55 -9.56 61.54
CA VAL G 299 66.95 -9.89 60.18
C VAL G 299 68.03 -8.93 59.69
N LEU G 300 67.97 -7.65 60.10
CA LEU G 300 69.02 -6.72 59.72
C LEU G 300 70.38 -7.16 60.28
N THR G 301 70.41 -7.55 61.56
CA THR G 301 71.66 -7.98 62.16
C THR G 301 72.17 -9.27 61.52
N TYR G 302 71.26 -10.20 61.20
CA TYR G 302 71.69 -11.44 60.56
C TYR G 302 72.28 -11.17 59.19
N LYS G 303 71.60 -10.36 58.37
CA LYS G 303 72.10 -10.07 57.04
C LYS G 303 73.34 -9.18 57.06
N MET G 304 73.55 -8.50 58.18
CA MET G 304 74.75 -7.64 58.38
C MET G 304 76.04 -8.47 58.41
N LYS G 305 75.99 -9.68 58.99
CA LYS G 305 77.22 -10.43 59.23
C LYS G 305 77.20 -11.83 58.63
N TYR G 306 76.15 -12.61 58.89
CA TYR G 306 76.19 -14.02 58.56
C TYR G 306 75.82 -14.33 57.12
N PHE G 307 75.06 -13.45 56.47
CA PHE G 307 74.65 -13.68 55.09
C PHE G 307 75.82 -13.58 54.12
N ASP G 308 76.85 -12.82 54.45
CA ASP G 308 78.01 -12.72 53.57
C ASP G 308 78.75 -14.04 53.45
N SER G 309 78.80 -14.82 54.53
CA SER G 309 79.48 -16.10 54.52
C SER G 309 78.56 -17.29 54.29
N ALA G 310 77.26 -17.13 54.53
CA ALA G 310 76.33 -18.23 54.29
C ALA G 310 76.22 -18.55 52.80
N SER G 311 76.24 -17.51 51.96
CA SER G 311 76.11 -17.72 50.52
C SER G 311 77.28 -18.52 49.96
N LYS G 312 78.50 -18.22 50.41
CA LYS G 312 79.69 -18.89 49.90
C LYS G 312 79.66 -20.38 50.24
N MET G 313 79.24 -20.73 51.45
CA MET G 313 79.11 -22.13 51.83
C MET G 313 78.01 -22.84 51.05
N GLY G 314 77.05 -22.10 50.50
CA GLY G 314 75.92 -22.70 49.83
C GLY G 314 74.72 -22.94 50.69
N ILE G 315 74.68 -22.35 51.89
CA ILE G 315 73.57 -22.52 52.81
C ILE G 315 72.61 -21.34 52.78
N ASN G 316 72.82 -20.40 51.85
CA ASN G 316 71.93 -19.24 51.76
C ASN G 316 70.52 -19.66 51.38
N LYS G 317 70.38 -20.62 50.48
CA LYS G 317 69.06 -21.08 50.06
C LYS G 317 68.30 -21.78 51.17
N TYR G 318 68.98 -22.14 52.27
CA TYR G 318 68.32 -22.85 53.35
C TYR G 318 68.40 -22.05 54.64
N ILE G 319 68.12 -20.76 54.56
CA ILE G 319 68.04 -19.90 55.74
C ILE G 319 66.58 -19.89 56.19
N SER G 320 66.34 -20.33 57.43
CA SER G 320 65.00 -20.42 57.99
C SER G 320 64.84 -19.43 59.13
N THR G 321 63.83 -18.59 59.03
CA THR G 321 63.60 -17.57 60.06
C THR G 321 63.22 -18.19 61.40
N GLU G 322 62.40 -19.23 61.38
CA GLU G 322 61.93 -19.83 62.63
C GLU G 322 63.06 -20.50 63.40
N MET G 323 63.99 -21.17 62.72
CA MET G 323 65.23 -21.60 63.37
C MET G 323 66.29 -20.51 63.22
N MET G 324 66.11 -19.44 64.00
CA MET G 324 67.10 -18.39 64.14
C MET G 324 67.53 -18.13 65.57
N ASP G 325 66.72 -18.51 66.56
CA ASP G 325 67.08 -18.32 67.96
C ASP G 325 68.20 -19.25 68.39
N LEU G 326 68.46 -20.31 67.64
CA LEU G 326 69.50 -21.27 67.99
C LEU G 326 70.90 -20.73 67.80
N ASP G 327 71.06 -19.60 67.13
CA ASP G 327 72.37 -19.01 66.97
C ASP G 327 72.92 -18.57 68.32
N TRP G 328 74.24 -18.72 68.51
CA TRP G 328 74.85 -18.33 69.77
C TRP G 328 74.70 -16.82 70.00
N GLN G 329 74.87 -16.01 68.96
CA GLN G 329 74.75 -14.58 69.12
C GLN G 329 73.31 -14.16 69.36
N PHE G 330 72.37 -14.74 68.62
CA PHE G 330 70.95 -14.44 68.80
C PHE G 330 70.30 -15.42 69.77
N SER G 331 70.87 -15.55 70.95
CA SER G 331 70.39 -16.51 71.95
C SER G 331 69.46 -15.89 72.98
N HIS G 332 69.43 -14.56 73.09
CA HIS G 332 68.61 -13.90 74.09
C HIS G 332 67.12 -13.91 73.73
N TYR G 333 66.76 -14.27 72.50
CA TYR G 333 65.36 -14.28 72.10
C TYR G 333 64.56 -15.39 72.75
N LYS G 334 65.22 -16.35 73.41
CA LYS G 334 64.50 -17.47 74.02
C LYS G 334 63.52 -16.99 75.08
N THR G 335 63.97 -16.09 75.95
CA THR G 335 63.06 -15.54 76.96
C THR G 335 61.95 -14.73 76.30
N PHE G 336 62.29 -13.88 75.33
CA PHE G 336 61.30 -13.09 74.62
C PHE G 336 60.24 -13.96 73.96
N ASN G 337 60.57 -15.18 73.61
CA ASN G 337 59.60 -16.12 73.05
C ASN G 337 58.80 -16.82 74.14
N ASP G 338 59.47 -17.44 75.12
CA ASP G 338 58.77 -18.27 76.09
C ASP G 338 57.90 -17.44 77.04
N ALA G 339 58.46 -16.38 77.59
CA ALA G 339 57.68 -15.56 78.52
C ALA G 339 56.52 -14.89 77.82
N LEU G 340 56.66 -14.57 76.54
CA LEU G 340 55.57 -13.96 75.79
C LEU G 340 54.48 -14.99 75.48
N LYS G 341 54.87 -16.20 75.09
CA LYS G 341 53.87 -17.21 74.77
C LYS G 341 53.18 -17.74 76.02
N LYS G 342 53.85 -17.68 77.18
CA LYS G 342 53.26 -18.19 78.40
C LYS G 342 52.02 -17.39 78.78
N ASN G 343 52.02 -16.09 78.49
CA ASN G 343 50.92 -15.21 78.86
C ASN G 343 50.07 -14.79 77.67
N LYS G 344 50.69 -14.27 76.61
CA LYS G 344 49.99 -13.81 75.42
C LYS G 344 50.48 -14.64 74.24
N ALA G 345 49.87 -15.81 74.04
CA ALA G 345 50.32 -16.72 73.00
C ALA G 345 50.02 -16.20 71.61
N SER G 346 48.91 -15.48 71.43
CA SER G 346 48.54 -14.96 70.12
C SER G 346 49.59 -13.96 69.63
N ASP G 347 50.17 -13.19 70.55
CA ASP G 347 51.17 -12.21 70.16
C ASP G 347 52.43 -12.86 69.61
N SER G 348 52.74 -14.07 70.04
CA SER G 348 53.90 -14.77 69.49
C SER G 348 53.68 -15.09 68.01
N SER G 349 52.52 -15.63 67.67
CA SER G 349 52.20 -15.88 66.28
C SER G 349 52.13 -14.58 65.50
N TYR G 350 51.62 -13.52 66.12
CA TYR G 350 51.56 -12.22 65.46
C TYR G 350 52.95 -11.71 65.11
N LEU G 351 53.88 -11.78 66.07
CA LEU G 351 55.21 -11.27 65.83
C LEU G 351 55.96 -12.13 64.82
N GLY G 352 55.74 -13.45 64.85
CA GLY G 352 56.31 -14.29 63.82
C GLY G 352 55.78 -13.99 62.44
N TRP G 353 54.47 -13.71 62.35
CA TRP G 353 53.86 -13.34 61.07
C TRP G 353 54.46 -12.04 60.55
N LEU G 354 54.66 -11.06 61.42
CA LEU G 354 55.34 -9.84 61.01
C LEU G 354 56.79 -10.12 60.61
N THR G 355 57.46 -11.01 61.36
CA THR G 355 58.88 -11.27 61.13
C THR G 355 59.11 -11.86 59.75
N HIS G 356 58.33 -12.88 59.39
CA HIS G 356 58.50 -13.48 58.08
C HIS G 356 58.13 -12.51 56.95
N GLY G 357 57.09 -11.70 57.14
CA GLY G 357 56.73 -10.73 56.13
C GLY G 357 57.85 -9.73 55.89
N TYR G 358 58.51 -9.28 56.97
CA TYR G 358 59.69 -8.46 56.79
C TYR G 358 60.82 -9.22 56.12
N SER G 359 61.02 -10.48 56.51
CA SER G 359 62.13 -11.25 55.96
C SER G 359 61.99 -11.42 54.45
N ILE G 360 60.78 -11.66 53.97
CA ILE G 360 60.57 -11.86 52.55
C ILE G 360 61.01 -10.64 51.77
N LYS G 361 60.52 -9.45 52.17
CA LYS G 361 60.74 -8.28 51.33
C LYS G 361 62.15 -7.73 51.52
N TYR G 362 62.90 -8.19 52.52
CA TYR G 362 64.33 -7.95 52.54
C TYR G 362 65.11 -8.92 51.68
N GLY G 363 64.45 -9.92 51.09
CA GLY G 363 65.14 -10.85 50.23
C GLY G 363 65.72 -12.06 50.93
N LEU G 364 65.34 -12.33 52.18
CA LEU G 364 65.72 -13.60 52.79
C LEU G 364 65.08 -14.76 52.04
N SER G 365 63.83 -14.60 51.62
CA SER G 365 63.15 -15.57 50.76
C SER G 365 62.52 -14.82 49.60
N PRO G 366 63.34 -14.33 48.68
CA PRO G 366 62.84 -13.41 47.65
C PRO G 366 62.17 -14.12 46.49
N ASN G 367 61.38 -13.36 45.75
CA ASN G 367 60.74 -13.84 44.53
C ASN G 367 60.19 -12.65 43.77
N ASN G 368 59.86 -12.89 42.49
CA ASN G 368 59.28 -11.88 41.63
C ASN G 368 57.77 -11.71 41.83
N GLU G 369 57.14 -12.62 42.56
CA GLU G 369 55.70 -12.60 42.75
C GLU G 369 55.35 -12.07 44.15
N ARG G 370 54.18 -11.45 44.26
CA ARG G 370 53.75 -10.87 45.52
C ARG G 370 53.45 -11.94 46.56
N SER G 371 53.77 -11.64 47.81
CA SER G 371 53.49 -12.54 48.93
C SER G 371 52.05 -12.28 49.37
N MET G 372 51.15 -13.18 48.96
CA MET G 372 49.72 -12.98 49.17
C MET G 372 49.25 -13.41 50.56
N PHE G 373 50.17 -13.55 51.52
CA PHE G 373 49.80 -13.94 52.87
C PHE G 373 50.36 -13.01 53.95
N PHE G 374 51.20 -12.04 53.59
CA PHE G 374 51.85 -11.16 54.55
C PHE G 374 51.69 -9.72 54.07
N GLN G 375 52.15 -8.78 54.91
CA GLN G 375 52.11 -7.36 54.61
C GLN G 375 50.68 -6.88 54.36
N ASP G 376 49.74 -7.43 55.12
CA ASP G 376 48.34 -7.00 55.03
C ASP G 376 47.65 -7.39 56.33
N GLY G 377 47.19 -6.40 57.08
CA GLY G 377 46.57 -6.68 58.37
C GLY G 377 45.30 -7.50 58.25
N ARG G 378 44.58 -7.37 57.13
CA ARG G 378 43.34 -8.10 56.97
C ARG G 378 43.56 -9.61 56.95
N LYS G 379 44.76 -10.07 56.58
CA LYS G 379 45.06 -11.50 56.68
C LYS G 379 45.01 -11.95 58.13
N TYR G 380 45.67 -11.22 59.02
CA TYR G 380 45.65 -11.56 60.43
C TYR G 380 44.25 -11.56 61.01
N ALA G 381 43.32 -10.83 60.40
CA ALA G 381 41.94 -10.85 60.89
C ALA G 381 41.37 -12.25 60.86
N GLU G 382 41.44 -12.93 59.70
CA GLU G 382 40.96 -14.30 59.64
C GLU G 382 41.90 -15.25 60.37
N LEU G 383 43.21 -14.94 60.37
CA LEU G 383 44.14 -15.81 61.08
C LEU G 383 43.79 -15.91 62.55
N TYR G 384 43.48 -14.78 63.19
CA TYR G 384 43.04 -14.74 64.57
C TYR G 384 41.60 -15.19 64.73
N ALA G 385 40.75 -14.98 63.72
CA ALA G 385 39.36 -15.42 63.79
C ALA G 385 39.24 -16.93 63.89
N PHE G 386 40.01 -17.67 63.10
CA PHE G 386 40.02 -19.12 63.26
C PHE G 386 40.91 -19.58 64.40
N SER G 387 41.78 -18.71 64.91
CA SER G 387 42.59 -19.05 66.07
C SER G 387 41.77 -19.26 67.32
N LYS G 388 40.52 -18.79 67.35
CA LYS G 388 39.66 -18.91 68.51
C LYS G 388 38.44 -19.79 68.29
N SER G 389 37.89 -19.81 67.08
CA SER G 389 36.71 -20.61 66.77
C SER G 389 37.13 -21.89 66.05
N PRO G 390 36.78 -23.06 66.58
CA PRO G 390 37.22 -24.32 65.96
C PRO G 390 36.36 -24.83 64.83
N HIS G 391 35.40 -24.04 64.34
CA HIS G 391 34.50 -24.51 63.29
C HIS G 391 34.27 -23.41 62.26
N ARG G 392 35.33 -22.65 61.96
CA ARG G 392 35.26 -21.59 60.95
C ARG G 392 35.89 -21.98 59.62
N LYS G 393 36.61 -23.10 59.56
CA LYS G 393 37.13 -23.60 58.30
C LYS G 393 36.20 -24.58 57.61
N ILE G 394 35.33 -25.24 58.36
CA ILE G 394 34.35 -26.16 57.77
C ILE G 394 33.42 -25.40 56.84
N ILE G 395 32.92 -24.25 57.30
CA ILE G 395 32.00 -23.43 56.52
C ILE G 395 32.58 -22.03 56.45
N PRO G 396 33.55 -21.78 55.57
CA PRO G 396 34.24 -20.49 55.56
C PRO G 396 33.37 -19.40 54.95
N GLY G 397 33.86 -18.17 55.08
CA GLY G 397 33.19 -17.02 54.51
C GLY G 397 34.02 -16.40 53.41
N GLU G 398 33.56 -15.28 52.85
CA GLU G 398 34.32 -14.62 51.80
C GLU G 398 35.62 -14.06 52.36
N HIS G 399 36.60 -13.88 51.48
CA HIS G 399 37.99 -13.57 51.79
C HIS G 399 38.69 -14.73 52.48
N LEU G 400 38.02 -15.87 52.65
CA LEU G 400 38.62 -17.06 53.24
C LEU G 400 38.79 -18.19 52.23
N LYS G 401 37.93 -18.27 51.21
CA LYS G 401 38.18 -19.25 50.16
C LYS G 401 39.47 -18.94 49.41
N ASP G 402 39.77 -17.65 49.22
CA ASP G 402 40.97 -17.28 48.47
C ASP G 402 42.24 -17.76 49.19
N LEU G 403 42.30 -17.56 50.51
CA LEU G 403 43.46 -18.03 51.26
C LEU G 403 43.62 -19.54 51.16
N LEU G 404 42.51 -20.28 51.31
CA LEU G 404 42.59 -21.73 51.18
C LEU G 404 43.03 -22.15 49.79
N ALA G 405 42.55 -21.45 48.76
CA ALA G 405 42.96 -21.77 47.40
C ALA G 405 44.45 -21.57 47.21
N LYS G 406 44.98 -20.46 47.71
CA LYS G 406 46.42 -20.23 47.56
C LYS G 406 47.26 -21.14 48.44
N ILE G 407 46.72 -21.61 49.57
CA ILE G 407 47.43 -22.61 50.38
C ILE G 407 47.46 -23.96 49.68
N ASN G 408 46.32 -24.36 49.08
CA ASN G 408 46.28 -25.62 48.36
C ASN G 408 47.18 -25.59 47.13
N LYS G 409 47.22 -24.46 46.42
CA LYS G 409 48.09 -24.33 45.26
C LYS G 409 49.55 -24.46 45.66
N SER G 410 49.95 -23.82 46.75
CA SER G 410 51.31 -23.95 47.26
C SER G 410 51.61 -25.36 47.76
N LYS G 411 50.65 -26.03 48.38
CA LYS G 411 50.85 -27.40 48.83
C LYS G 411 51.07 -28.32 47.63
N GLY G 412 50.30 -28.14 46.57
CA GLY G 412 50.55 -28.88 45.34
C GLY G 412 51.87 -28.55 44.69
N ILE G 413 52.30 -27.28 44.79
CA ILE G 413 53.64 -26.91 44.33
C ILE G 413 54.70 -27.69 45.10
N PHE G 414 54.56 -27.76 46.42
CA PHE G 414 55.54 -28.47 47.23
C PHE G 414 55.53 -29.96 46.95
N LEU G 415 54.34 -30.54 46.74
CA LEU G 415 54.23 -31.97 46.49
C LEU G 415 54.70 -32.37 45.10
N ASP G 416 55.00 -31.40 44.24
CA ASP G 416 55.46 -31.71 42.89
C ASP G 416 56.87 -32.27 42.91
N GLN G 417 57.26 -32.89 41.79
CA GLN G 417 58.55 -33.54 41.66
C GLN G 417 59.52 -32.77 40.76
N ASN G 418 59.11 -32.49 39.51
CA ASN G 418 59.99 -31.88 38.53
C ASN G 418 60.12 -30.37 38.69
N ALA G 419 59.33 -29.76 39.57
CA ALA G 419 59.31 -28.31 39.68
C ALA G 419 60.67 -27.76 40.12
N LEU G 420 60.81 -26.45 40.03
CA LEU G 420 62.08 -25.81 40.34
C LEU G 420 62.26 -25.70 41.85
N LEU G 421 63.51 -25.89 42.31
CA LEU G 421 63.78 -26.03 43.73
C LEU G 421 63.49 -24.76 44.50
N ASP G 422 63.85 -23.59 43.94
CA ASP G 422 63.84 -22.35 44.70
C ASP G 422 62.44 -21.99 45.18
N LYS G 423 61.44 -22.17 44.32
CA LYS G 423 60.09 -21.82 44.71
C LYS G 423 59.43 -22.84 45.64
N ARG G 424 59.81 -24.12 45.57
CA ARG G 424 59.43 -25.02 46.65
C ARG G 424 60.07 -24.63 47.97
N ILE G 425 61.32 -24.17 47.95
CA ILE G 425 61.93 -23.63 49.15
C ILE G 425 61.12 -22.44 49.67
N TYR G 426 60.70 -21.58 48.74
CA TYR G 426 59.87 -20.44 49.10
C TYR G 426 58.60 -20.89 49.83
N ALA G 427 57.87 -21.83 49.22
CA ALA G 427 56.62 -22.33 49.79
C ALA G 427 56.84 -22.99 51.14
N PHE G 428 57.94 -23.75 51.27
CA PHE G 428 58.38 -24.23 52.57
C PHE G 428 58.49 -23.09 53.57
N HIS G 429 59.10 -21.98 53.15
CA HIS G 429 59.30 -20.86 54.06
C HIS G 429 58.00 -20.24 54.52
N GLU G 430 57.01 -20.08 53.63
CA GLU G 430 55.71 -19.63 54.13
C GLU G 430 55.09 -20.67 55.05
N LEU G 431 55.03 -21.92 54.60
CA LEU G 431 54.15 -22.90 55.24
C LEU G 431 54.65 -23.27 56.64
N ASN G 432 55.96 -23.24 56.86
CA ASN G 432 56.46 -23.53 58.20
C ASN G 432 55.93 -22.52 59.21
N THR G 433 56.09 -21.24 58.92
CA THR G 433 55.57 -20.20 59.81
C THR G 433 54.06 -20.30 59.93
N LEU G 434 53.37 -20.56 58.82
CA LEU G 434 51.92 -20.63 58.85
C LEU G 434 51.44 -21.74 59.75
N GLU G 435 52.07 -22.92 59.67
CA GLU G 435 51.62 -24.07 60.44
C GLU G 435 52.01 -23.93 61.91
N THR G 436 53.25 -23.52 62.18
CA THR G 436 53.69 -23.45 63.58
C THR G 436 52.98 -22.32 64.31
N HIS G 437 52.93 -21.13 63.72
CA HIS G 437 52.28 -20.00 64.40
C HIS G 437 50.78 -20.18 64.45
N PHE G 438 50.19 -20.83 63.45
CA PHE G 438 48.75 -21.07 63.37
C PHE G 438 48.54 -22.56 63.20
N PRO G 439 48.55 -23.33 64.28
CA PRO G 439 48.36 -24.78 64.15
C PRO G 439 46.99 -25.12 63.60
N GLY G 440 46.92 -26.21 62.85
CA GLY G 440 45.66 -26.63 62.24
C GLY G 440 45.16 -25.66 61.20
N ILE G 441 46.04 -25.17 60.33
CA ILE G 441 45.65 -24.23 59.29
C ILE G 441 45.67 -24.92 57.95
N THR G 442 46.51 -25.96 57.82
CA THR G 442 46.58 -26.76 56.60
C THR G 442 46.21 -28.22 56.91
N SER G 443 45.37 -28.43 57.91
CA SER G 443 45.01 -29.77 58.37
C SER G 443 44.07 -30.43 57.36
N SER G 444 44.62 -30.70 56.18
CA SER G 444 43.91 -31.45 55.14
C SER G 444 44.05 -32.92 55.47
N PHE G 445 43.15 -33.40 56.33
CA PHE G 445 43.26 -34.76 56.86
C PHE G 445 43.16 -35.82 55.77
N THR G 446 42.57 -35.49 54.62
CA THR G 446 42.46 -36.45 53.53
C THR G 446 43.70 -36.44 52.63
N ASP G 447 44.20 -35.24 52.30
CA ASP G 447 45.29 -35.13 51.34
C ASP G 447 46.63 -35.53 51.95
N ASP G 448 46.88 -35.16 53.20
CA ASP G 448 48.21 -35.38 53.78
C ASP G 448 48.51 -36.85 54.01
N LEU G 449 47.51 -37.63 54.42
CA LEU G 449 47.75 -39.02 54.78
C LEU G 449 48.22 -39.84 53.58
N LYS G 450 47.64 -39.59 52.41
CA LYS G 450 48.00 -40.37 51.23
C LYS G 450 49.30 -39.91 50.59
N SER G 451 49.90 -38.83 51.08
CA SER G 451 51.17 -38.33 50.56
C SER G 451 52.26 -38.30 51.61
N ASN G 452 51.97 -38.75 52.84
CA ASN G 452 52.93 -38.72 53.95
C ASN G 452 53.48 -37.32 54.16
N TYR G 453 52.59 -36.32 53.98
CA TYR G 453 53.02 -34.92 54.04
C TYR G 453 53.48 -34.54 55.44
N ARG G 454 52.80 -35.05 56.47
CA ARG G 454 53.13 -34.68 57.85
C ARG G 454 54.54 -35.11 58.21
N LYS G 455 54.94 -36.32 57.79
CA LYS G 455 56.31 -36.76 58.05
C LYS G 455 57.30 -36.11 57.10
N LYS G 456 56.88 -35.84 55.86
CA LYS G 456 57.78 -35.20 54.91
C LYS G 456 58.19 -33.81 55.37
N MET G 457 57.25 -33.04 55.93
CA MET G 457 57.58 -31.69 56.38
C MET G 457 58.57 -31.73 57.55
N GLU G 458 58.41 -32.66 58.49
CA GLU G 458 59.40 -32.81 59.55
C GLU G 458 60.75 -33.23 58.97
N SER G 459 60.73 -34.14 57.99
CA SER G 459 61.98 -34.64 57.41
C SER G 459 62.76 -33.51 56.76
N VAL G 460 62.08 -32.65 56.01
CA VAL G 460 62.78 -31.51 55.40
C VAL G 460 63.14 -30.45 56.44
N SER G 461 62.34 -30.29 57.50
CA SER G 461 62.68 -29.33 58.55
C SER G 461 63.99 -29.70 59.24
N LEU G 462 64.17 -30.99 59.56
CA LEU G 462 65.43 -31.42 60.15
C LEU G 462 66.61 -31.22 59.21
N THR G 463 66.42 -31.51 57.92
CA THR G 463 67.48 -31.29 56.95
C THR G 463 67.87 -29.82 56.90
N CYS G 464 66.89 -28.92 56.96
CA CYS G 464 67.20 -27.49 56.92
C CYS G 464 68.02 -27.06 58.14
N GLN G 465 67.68 -27.57 59.32
CA GLN G 465 68.39 -27.14 60.53
C GLN G 465 69.76 -27.80 60.68
N VAL G 466 69.98 -28.93 60.02
CA VAL G 466 71.31 -29.57 60.08
C VAL G 466 72.37 -28.64 59.52
N LEU G 467 72.09 -28.00 58.39
CA LEU G 467 73.06 -27.09 57.78
C LEU G 467 73.36 -25.89 58.65
N GLN G 468 72.47 -25.53 59.58
CA GLN G 468 72.80 -24.46 60.51
C GLN G 468 74.02 -24.82 61.36
N GLU G 469 74.00 -26.01 61.97
CA GLU G 469 75.14 -26.43 62.77
C GLU G 469 76.35 -26.73 61.89
N ILE G 470 76.13 -27.22 60.68
CA ILE G 470 77.25 -27.46 59.77
C ILE G 470 77.96 -26.16 59.44
N GLY G 471 77.20 -25.11 59.12
CA GLY G 471 77.79 -23.81 58.90
C GLY G 471 78.44 -23.23 60.13
N ASN G 472 77.88 -23.53 61.31
CA ASN G 472 78.53 -23.10 62.55
C ASN G 472 79.90 -23.74 62.69
N ILE G 473 79.99 -25.04 62.40
CA ILE G 473 81.28 -25.73 62.47
C ILE G 473 82.25 -25.15 61.44
N HIS G 474 81.75 -24.84 60.24
CA HIS G 474 82.61 -24.22 59.23
C HIS G 474 83.10 -22.84 59.66
N ARG G 475 82.24 -22.04 60.28
CA ARG G 475 82.63 -20.74 60.80
C ARG G 475 83.58 -20.85 61.98
N PHE G 476 83.57 -21.98 62.69
CA PHE G 476 84.52 -22.20 63.76
C PHE G 476 85.88 -22.69 63.28
N ILE G 477 85.92 -23.51 62.22
CA ILE G 477 87.17 -24.14 61.82
C ILE G 477 88.14 -23.12 61.22
N GLU G 478 87.65 -22.23 60.37
CA GLU G 478 88.56 -21.30 59.68
C GLU G 478 89.01 -20.18 60.62
N SER G 479 88.15 -19.76 61.55
CA SER G 479 88.54 -18.72 62.49
C SER G 479 89.67 -19.19 63.41
N LYS G 480 89.77 -20.49 63.64
CA LYS G 480 90.82 -21.04 64.48
C LYS G 480 92.12 -21.23 63.71
N THR G 487 85.89 -11.38 59.19
CA THR G 487 85.65 -12.34 60.27
C THR G 487 84.35 -13.10 60.04
N GLU G 488 84.45 -14.44 60.00
CA GLU G 488 83.28 -15.26 59.78
C GLU G 488 82.38 -15.35 61.02
N TYR G 489 82.91 -15.04 62.20
CA TYR G 489 82.04 -14.88 63.37
C TYR G 489 81.14 -13.66 63.23
N GLY G 490 81.45 -12.75 62.33
CA GLY G 490 80.61 -11.59 62.10
C GLY G 490 81.16 -10.34 62.74
N LEU G 491 80.85 -9.20 62.13
CA LEU G 491 81.29 -7.92 62.66
C LEU G 491 80.58 -7.63 63.99
N PHE G 492 81.35 -7.09 64.95
CA PHE G 492 80.84 -6.72 66.27
C PHE G 492 80.25 -7.90 67.03
N SER G 493 80.65 -9.12 66.69
CA SER G 493 80.18 -10.32 67.38
C SER G 493 81.15 -10.80 68.45
N ILE G 494 82.43 -10.85 68.13
CA ILE G 494 83.47 -11.30 69.06
C ILE G 494 84.52 -10.20 69.13
N PRO G 495 84.88 -9.72 70.32
CA PRO G 495 85.88 -8.65 70.41
C PRO G 495 87.28 -9.16 70.17
N LYS G 496 88.19 -8.21 69.91
CA LYS G 496 89.54 -8.56 69.47
C LYS G 496 90.32 -9.31 70.54
N ILE G 497 90.20 -8.88 71.80
CA ILE G 497 90.94 -9.56 72.88
C ILE G 497 90.43 -10.98 73.07
N PHE G 498 89.11 -11.17 73.00
CA PHE G 498 88.53 -12.50 73.11
C PHE G 498 88.55 -13.27 71.79
N SER G 499 89.25 -12.77 70.77
CA SER G 499 89.26 -13.44 69.48
C SER G 499 90.01 -14.77 69.57
N ILE G 500 89.96 -15.52 68.48
CA ILE G 500 90.52 -16.87 68.40
C ILE G 500 91.71 -16.84 67.46
N PRO G 501 92.90 -17.27 67.89
CA PRO G 501 94.06 -17.26 67.00
C PRO G 501 94.02 -18.38 65.96
N ILE G 502 95.10 -18.52 65.21
CA ILE G 502 95.14 -19.47 64.10
C ILE G 502 95.58 -20.87 64.53
N ASP G 503 96.22 -21.01 65.69
CA ASP G 503 96.83 -22.27 66.08
C ASP G 503 95.78 -23.37 66.23
N TYR G 504 96.12 -24.57 65.79
CA TYR G 504 95.24 -25.72 65.93
C TYR G 504 95.16 -26.14 67.39
N LYS G 505 93.98 -26.61 67.80
CA LYS G 505 93.75 -27.04 69.17
C LYS G 505 93.64 -28.56 69.25
N HIS G 506 94.26 -29.13 70.27
CA HIS G 506 94.28 -30.58 70.42
C HIS G 506 92.88 -31.13 70.73
N GLY G 507 92.04 -30.35 71.39
CA GLY G 507 90.70 -30.82 71.70
C GLY G 507 89.77 -30.90 70.51
N GLU G 508 90.18 -30.36 69.37
CA GLU G 508 89.35 -30.43 68.16
C GLU G 508 89.35 -31.82 67.55
N LYS G 509 90.50 -32.49 67.55
CA LYS G 509 90.61 -33.81 66.93
C LYS G 509 89.71 -34.85 67.62
N GLU G 510 89.38 -34.64 68.90
CA GLU G 510 88.58 -35.61 69.64
C GLU G 510 87.12 -35.23 69.78
N ASN G 511 86.76 -33.97 69.55
CA ASN G 511 85.40 -33.50 69.78
C ASN G 511 84.77 -32.79 68.60
N LEU G 512 85.46 -32.68 67.47
CA LEU G 512 84.91 -32.02 66.29
C LEU G 512 84.74 -32.97 65.11
N VAL G 513 85.82 -33.61 64.66
CA VAL G 513 85.72 -34.51 63.52
C VAL G 513 84.91 -35.75 63.89
N SER G 514 85.09 -36.25 65.12
CA SER G 514 84.27 -37.36 65.58
C SER G 514 82.81 -36.94 65.76
N TYR G 515 82.58 -35.73 66.27
CA TYR G 515 81.22 -35.24 66.48
C TYR G 515 80.49 -35.02 65.17
N VAL G 516 81.22 -34.72 64.09
CA VAL G 516 80.60 -34.63 62.77
C VAL G 516 79.97 -35.96 62.37
N ASP G 517 80.67 -37.06 62.66
CA ASP G 517 80.12 -38.38 62.40
C ASP G 517 78.84 -38.64 63.21
N PHE G 518 78.84 -38.24 64.48
CA PHE G 518 77.65 -38.35 65.30
C PHE G 518 76.49 -37.52 64.75
N LEU G 519 76.76 -36.30 64.28
CA LEU G 519 75.74 -35.47 63.66
C LEU G 519 75.17 -36.10 62.40
N TYR G 520 76.04 -36.64 61.53
CA TYR G 520 75.54 -37.21 60.28
C TYR G 520 74.80 -38.52 60.50
N SER G 521 75.25 -39.34 61.46
CA SER G 521 74.50 -40.55 61.79
C SER G 521 73.12 -40.20 62.34
N THR G 522 73.05 -39.17 63.19
CA THR G 522 71.76 -38.69 63.69
C THR G 522 70.92 -38.14 62.55
N ALA G 523 71.55 -37.56 61.54
CA ALA G 523 70.81 -37.05 60.38
C ALA G 523 70.26 -38.19 59.53
N HIS G 524 70.98 -39.30 59.43
CA HIS G 524 70.64 -40.39 58.53
C HIS G 524 69.94 -41.54 59.25
N GLU G 525 69.13 -41.24 60.26
CA GLU G 525 68.54 -42.30 61.08
C GLU G 525 67.01 -42.36 61.02
N ARG G 526 66.33 -41.23 60.86
CA ARG G 526 64.87 -41.24 60.88
C ARG G 526 64.24 -40.33 59.84
N ILE G 527 64.88 -40.16 58.68
CA ILE G 527 64.34 -39.35 57.60
C ILE G 527 63.92 -40.29 56.46
N LEU G 528 62.68 -40.15 56.01
CA LEU G 528 62.21 -40.98 54.91
C LEU G 528 62.80 -40.49 53.60
N GLN G 529 62.73 -41.35 52.59
CA GLN G 529 63.32 -41.08 51.28
C GLN G 529 62.24 -41.12 50.21
N ASP G 530 62.25 -40.11 49.35
CA ASP G 530 61.34 -40.01 48.21
C ASP G 530 62.07 -39.22 47.14
N ASN G 531 61.61 -39.37 45.89
CA ASN G 531 62.25 -38.64 44.79
C ASN G 531 62.16 -37.13 45.00
N SER G 532 61.00 -36.63 45.43
CA SER G 532 60.90 -35.23 45.81
C SER G 532 61.72 -34.94 47.06
N ILE G 533 61.70 -35.86 48.03
CA ILE G 533 62.54 -35.72 49.21
C ILE G 533 64.01 -35.83 48.84
N ASN G 534 64.32 -36.66 47.83
CA ASN G 534 65.69 -36.77 47.37
C ASN G 534 66.23 -35.41 46.92
N GLN G 535 65.44 -34.65 46.17
CA GLN G 535 65.85 -33.32 45.76
C GLN G 535 65.84 -32.33 46.93
N LEU G 536 65.16 -32.65 48.03
CA LEU G 536 65.06 -31.74 49.15
C LEU G 536 65.88 -32.14 50.36
N CYS G 537 66.07 -33.43 50.61
CA CYS G 537 66.77 -33.88 51.81
C CYS G 537 68.09 -34.56 51.52
N LEU G 538 68.10 -35.64 50.74
CA LEU G 538 69.31 -36.44 50.60
C LEU G 538 70.36 -35.73 49.76
N ASP G 539 69.97 -35.06 48.69
CA ASP G 539 70.96 -34.37 47.86
C ASP G 539 71.72 -33.28 48.62
N PRO G 540 71.06 -32.32 49.29
CA PRO G 540 71.84 -31.33 50.05
C PRO G 540 72.62 -31.93 51.20
N LEU G 541 72.08 -32.95 51.86
CA LEU G 541 72.82 -33.58 52.95
C LEU G 541 74.09 -34.26 52.44
N GLN G 542 73.99 -34.92 51.27
CA GLN G 542 75.18 -35.55 50.69
C GLN G 542 76.18 -34.50 50.23
N GLU G 543 75.70 -33.38 49.66
CA GLU G 543 76.61 -32.31 49.28
C GLU G 543 77.35 -31.77 50.51
N SER G 544 76.64 -31.54 51.61
CA SER G 544 77.26 -31.08 52.84
C SER G 544 78.24 -32.13 53.38
N LEU G 545 77.88 -33.40 53.30
CA LEU G 545 78.78 -34.46 53.76
C LEU G 545 80.06 -34.48 52.95
N ASN G 546 79.96 -34.29 51.63
CA ASN G 546 81.15 -34.21 50.79
C ASN G 546 82.00 -33.00 51.16
N ARG G 547 81.35 -31.85 51.40
CA ARG G 547 82.11 -30.63 51.67
C ARG G 547 82.79 -30.69 53.04
N ILE G 548 82.15 -31.32 54.02
CA ILE G 548 82.68 -31.31 55.38
C ILE G 548 83.84 -32.28 55.57
N LYS G 549 84.00 -33.25 54.67
CA LYS G 549 85.07 -34.23 54.77
C LYS G 549 86.26 -33.87 53.88
N SER G 550 86.28 -32.66 53.32
CA SER G 550 87.40 -32.21 52.49
C SER G 550 88.09 -30.98 53.06
N ASN G 551 87.78 -30.59 54.30
CA ASN G 551 88.36 -29.40 54.90
C ASN G 551 88.85 -29.59 56.33
N ILE G 552 88.47 -30.66 57.02
CA ILE G 552 88.89 -30.85 58.41
C ILE G 552 90.41 -30.98 58.54
N PRO G 553 91.10 -31.82 57.76
CA PRO G 553 92.57 -31.87 57.90
C PRO G 553 93.26 -30.55 57.58
N VAL G 554 92.72 -29.78 56.65
CA VAL G 554 93.34 -28.51 56.27
C VAL G 554 92.70 -27.35 57.05
N VAL H 125 19.19 56.71 83.91
CA VAL H 125 18.74 56.24 85.22
C VAL H 125 17.61 55.24 85.07
N ASN H 126 17.67 54.15 85.84
CA ASN H 126 16.67 53.09 85.77
C ASN H 126 15.69 53.27 86.94
N PHE H 127 14.80 54.25 86.80
CA PHE H 127 13.86 54.57 87.87
C PHE H 127 12.83 53.46 88.02
N PRO H 128 12.57 53.01 89.24
CA PRO H 128 11.58 51.96 89.46
C PRO H 128 10.16 52.53 89.42
N PHE H 129 9.19 51.65 89.65
CA PHE H 129 7.79 52.04 89.56
C PHE H 129 7.41 52.94 90.72
N PRO H 130 6.88 54.14 90.47
CA PRO H 130 6.45 55.04 91.56
C PRO H 130 5.14 54.60 92.20
N LYS H 131 5.26 53.68 93.16
CA LYS H 131 4.10 53.11 93.83
C LYS H 131 3.41 54.18 94.68
N LYS H 132 2.21 54.58 94.25
CA LYS H 132 1.40 55.54 95.00
C LYS H 132 -0.03 55.05 95.10
N MET H 133 -0.93 55.89 95.61
CA MET H 133 -2.34 55.51 95.76
C MET H 133 -3.19 56.76 95.58
N ILE H 134 -4.08 56.73 94.59
CA ILE H 134 -5.03 57.81 94.36
C ILE H 134 -6.38 57.36 94.91
N THR H 135 -6.71 57.84 96.10
CA THR H 135 -7.97 57.47 96.76
C THR H 135 -8.75 58.72 97.13
N GLU H 136 -9.80 58.55 97.93
CA GLU H 136 -10.58 59.70 98.36
C GLU H 136 -9.73 60.66 99.17
N SER H 137 -10.09 61.95 99.12
CA SER H 137 -9.35 63.04 99.74
C SER H 137 -7.95 63.20 99.16
N ASN H 138 -7.73 62.66 97.96
CA ASN H 138 -6.47 62.83 97.25
C ASN H 138 -6.63 63.25 95.80
N SER H 139 -7.79 62.97 95.17
CA SER H 139 -8.03 63.45 93.82
C SER H 139 -8.13 64.98 93.79
N LYS H 140 -8.77 65.57 94.78
CA LYS H 140 -8.89 67.02 94.87
C LYS H 140 -7.63 67.68 95.43
N ASP H 141 -6.63 66.89 95.82
CA ASP H 141 -5.38 67.45 96.32
C ASP H 141 -4.67 68.25 95.24
N ILE H 142 -4.68 67.75 94.01
CA ILE H 142 -3.94 68.37 92.92
C ILE H 142 -4.85 68.88 91.80
N ARG H 143 -5.92 68.15 91.48
CA ARG H 143 -6.83 68.59 90.43
C ARG H 143 -7.44 69.95 90.74
N GLU H 144 -7.51 70.31 92.03
CA GLU H 144 -7.95 71.65 92.39
C GLU H 144 -7.02 72.71 91.83
N TYR H 145 -5.70 72.49 91.93
CA TYR H 145 -4.77 73.35 91.21
C TYR H 145 -4.98 73.24 89.71
N LEU H 146 -5.19 72.02 89.22
CA LEU H 146 -5.48 71.84 87.80
C LEU H 146 -6.82 72.45 87.41
N ALA H 147 -7.72 72.70 88.37
CA ALA H 147 -9.01 73.28 88.04
C ALA H 147 -8.93 74.76 87.69
N SER H 148 -7.78 75.41 87.89
CA SER H 148 -7.63 76.82 87.59
C SER H 148 -6.32 77.20 86.91
N THR H 149 -5.33 76.31 86.87
CA THR H 149 -4.04 76.67 86.30
C THR H 149 -4.14 76.79 84.78
N PHE H 150 -3.09 77.34 84.17
CA PHE H 150 -3.08 77.56 82.74
C PHE H 150 -3.28 76.29 81.93
N PRO H 151 -2.59 75.18 82.20
CA PRO H 151 -2.91 73.92 81.52
C PRO H 151 -4.13 73.27 82.17
N PHE H 152 -4.60 72.20 81.53
CA PHE H 152 -5.66 71.33 82.01
C PHE H 152 -7.02 72.03 82.05
N GLU H 153 -7.10 73.31 81.69
CA GLU H 153 -8.40 73.96 81.56
C GLU H 153 -9.19 73.38 80.41
N GLN H 154 -8.52 73.02 79.31
CA GLN H 154 -9.14 72.40 78.15
C GLN H 154 -8.85 70.91 78.07
N GLN H 155 -8.36 70.31 79.16
CA GLN H 155 -8.06 68.89 79.18
C GLN H 155 -8.71 68.20 80.37
N SER H 156 -8.36 66.94 80.62
CA SER H 156 -8.94 66.16 81.70
C SER H 156 -7.89 65.19 82.21
N THR H 157 -8.34 64.22 83.00
CA THR H 157 -7.46 63.19 83.55
C THR H 157 -8.13 61.83 83.46
N ILE H 158 -7.31 60.78 83.41
CA ILE H 158 -7.82 59.42 83.37
C ILE H 158 -8.16 58.88 84.76
N LEU H 159 -7.79 59.59 85.82
CA LEU H 159 -8.14 59.16 87.17
C LEU H 159 -9.63 59.26 87.44
N ASP H 160 -10.35 60.03 86.63
CA ASP H 160 -11.78 60.21 86.82
C ASP H 160 -12.56 58.94 86.49
N GLN H 179 -12.00 83.48 79.05
CA GLN H 179 -11.14 82.51 78.39
C GLN H 179 -11.03 82.81 76.90
N LEU H 180 -12.04 83.50 76.37
CA LEU H 180 -12.04 83.84 74.96
C LEU H 180 -10.96 84.85 74.59
N LYS H 181 -10.46 85.61 75.56
CA LYS H 181 -9.40 86.56 75.27
C LYS H 181 -8.11 85.86 74.86
N PHE H 182 -7.93 84.60 75.26
CA PHE H 182 -6.75 83.84 74.85
C PHE H 182 -6.68 83.72 73.34
N ARG H 183 -7.79 83.36 72.71
CA ARG H 183 -7.81 83.30 71.25
C ARG H 183 -8.01 84.70 70.65
N GLN H 184 -8.57 85.63 71.42
CA GLN H 184 -8.78 86.97 70.90
C GLN H 184 -7.45 87.70 70.70
N GLU H 185 -6.46 87.45 71.57
CA GLU H 185 -5.15 88.06 71.39
C GLU H 185 -4.48 87.54 70.12
N ASN H 186 -4.63 86.25 69.82
CA ASN H 186 -4.19 85.76 68.53
C ASN H 186 -5.01 86.35 67.39
N LEU H 187 -6.28 86.65 67.64
CA LEU H 187 -7.09 87.35 66.63
C LEU H 187 -6.51 88.72 66.33
N ALA H 188 -5.76 89.29 67.26
CA ALA H 188 -5.04 90.52 66.99
C ALA H 188 -3.69 90.27 66.34
N GLU H 189 -2.98 89.23 66.79
CA GLU H 189 -1.66 88.88 66.28
C GLU H 189 -1.71 88.19 64.92
N LEU H 190 -2.90 88.00 64.37
CA LEU H 190 -3.10 87.24 63.13
C LEU H 190 -2.15 87.65 62.01
N LYS H 191 -1.66 88.89 62.01
CA LYS H 191 -0.80 89.37 60.93
C LYS H 191 0.52 89.91 61.49
N ASP H 192 1.16 89.12 62.35
CA ASP H 192 2.43 89.52 62.91
C ASP H 192 3.49 89.68 61.83
N GLN H 193 3.55 88.73 60.89
CA GLN H 193 4.62 88.69 59.91
C GLN H 193 4.13 88.72 58.46
N ILE H 194 2.83 88.76 58.23
CA ILE H 194 2.32 88.76 56.85
C ILE H 194 2.76 90.03 56.12
N ILE H 195 2.73 91.17 56.82
CA ILE H 195 3.12 92.44 56.22
C ILE H 195 4.60 92.49 55.91
N LEU H 196 5.41 91.61 56.52
CA LEU H 196 6.86 91.70 56.37
C LEU H 196 7.32 91.32 54.97
N SER H 197 6.65 90.35 54.36
CA SER H 197 7.06 89.78 53.07
C SER H 197 5.88 89.73 52.11
N LEU H 198 5.15 90.84 52.00
CA LEU H 198 3.99 90.89 51.12
C LEU H 198 4.36 90.74 49.65
N GLY H 199 5.60 91.00 49.29
CA GLY H 199 6.04 90.89 47.91
C GLY H 199 6.02 89.48 47.36
N ASN H 206 1.28 87.32 44.61
CA ASN H 206 2.10 86.30 45.25
C ASN H 206 1.74 86.15 46.72
N TRP H 207 2.19 87.09 47.54
CA TRP H 207 1.96 87.06 48.98
C TRP H 207 1.00 88.15 49.43
N GLN H 208 0.17 88.65 48.51
CA GLN H 208 -0.79 89.69 48.85
C GLN H 208 -2.12 89.14 49.32
N LYS H 209 -2.58 88.03 48.74
CA LYS H 209 -3.85 87.43 49.14
C LYS H 209 -3.86 87.01 50.60
N LEU H 210 -2.70 86.66 51.15
CA LEU H 210 -2.64 86.31 52.58
C LEU H 210 -3.14 87.46 53.44
N LEU H 211 -2.58 88.65 53.24
CA LEU H 211 -3.04 89.81 54.01
C LEU H 211 -4.42 90.25 53.56
N ASP H 212 -4.77 90.02 52.28
CA ASP H 212 -6.09 90.40 51.80
C ASP H 212 -7.19 89.66 52.56
N TYR H 213 -7.01 88.36 52.77
CA TYR H 213 -7.95 87.58 53.56
C TYR H 213 -7.71 87.70 55.06
N THR H 214 -6.52 88.12 55.47
CA THR H 214 -6.21 88.28 56.89
C THR H 214 -7.11 89.32 57.53
N ASN H 215 -7.19 90.51 56.93
CA ASN H 215 -8.04 91.56 57.47
C ASN H 215 -9.51 91.20 57.33
N LYS H 216 -9.89 90.43 56.31
CA LYS H 216 -11.27 89.97 56.20
C LYS H 216 -11.64 89.06 57.36
N LEU H 217 -10.76 88.12 57.70
CA LEU H 217 -11.03 87.25 58.84
C LEU H 217 -11.02 88.04 60.14
N ASP H 218 -10.15 89.05 60.24
CA ASP H 218 -10.17 89.92 61.41
C ASP H 218 -11.51 90.63 61.54
N GLU H 219 -12.04 91.13 60.42
CA GLU H 219 -13.36 91.78 60.43
C GLU H 219 -14.44 90.81 60.85
N LEU H 220 -14.44 89.60 60.29
CA LEU H 220 -15.45 88.62 60.63
C LEU H 220 -15.32 88.09 62.05
N SER H 221 -14.15 88.21 62.67
CA SER H 221 -13.94 87.69 64.01
C SER H 221 -14.76 88.45 65.04
N ASN H 222 -14.71 89.79 65.01
CA ASN H 222 -15.34 90.60 66.04
C ASN H 222 -16.73 91.09 65.66
N THR H 223 -17.03 91.22 64.37
CA THR H 223 -18.35 91.66 63.95
C THR H 223 -19.39 90.59 64.27
N LYS H 224 -20.59 91.04 64.64
CA LYS H 224 -21.70 90.14 64.96
C LYS H 224 -22.61 90.03 63.75
N ILE H 225 -22.82 88.80 63.28
CA ILE H 225 -23.61 88.52 62.10
C ILE H 225 -24.57 87.38 62.43
N SER H 226 -25.78 87.45 61.87
CA SER H 226 -26.78 86.41 62.11
C SER H 226 -26.29 85.05 61.60
N PRO H 227 -26.66 83.96 62.27
CA PRO H 227 -26.20 82.64 61.83
C PRO H 227 -26.59 82.30 60.40
N GLU H 228 -27.74 82.80 59.94
CA GLU H 228 -28.18 82.51 58.58
C GLU H 228 -27.25 83.09 57.53
N GLU H 229 -26.39 84.04 57.89
CA GLU H 229 -25.48 84.67 56.96
C GLU H 229 -24.01 84.58 57.34
N PHE H 230 -23.70 84.30 58.61
CA PHE H 230 -22.30 84.23 59.03
C PHE H 230 -21.58 83.08 58.33
N ILE H 231 -22.26 81.95 58.15
CA ILE H 231 -21.67 80.82 57.45
C ILE H 231 -21.40 81.19 55.99
N GLU H 232 -22.34 81.89 55.35
CA GLU H 232 -22.13 82.33 53.98
C GLU H 232 -20.97 83.29 53.88
N GLU H 233 -20.83 84.20 54.85
CA GLU H 233 -19.71 85.13 54.84
C GLU H 233 -18.38 84.39 55.01
N ILE H 234 -18.32 83.43 55.92
CA ILE H 234 -17.05 82.79 56.23
C ILE H 234 -16.67 81.79 55.14
N GLN H 235 -17.65 81.21 54.44
CA GLN H 235 -17.33 80.23 53.41
C GLN H 235 -16.75 80.86 52.15
N LYS H 236 -16.78 82.19 52.04
CA LYS H 236 -16.19 82.85 50.88
C LYS H 236 -14.70 82.54 50.76
N VAL H 237 -13.98 82.58 51.88
CA VAL H 237 -12.57 82.22 51.86
C VAL H 237 -12.40 80.70 51.85
N LEU H 238 -13.30 79.96 52.51
CA LEU H 238 -13.17 78.51 52.58
C LEU H 238 -13.25 77.87 51.21
N TYR H 239 -14.17 78.33 50.38
CA TYR H 239 -14.41 77.75 49.06
C TYR H 239 -13.56 78.39 47.98
N LYS H 240 -12.65 79.30 48.34
CA LYS H 240 -11.87 80.04 47.36
C LYS H 240 -10.45 79.53 47.23
N VAL H 241 -9.72 79.43 48.35
CA VAL H 241 -8.32 79.05 48.33
C VAL H 241 -8.22 77.55 48.02
N LYS H 242 -7.32 77.20 47.10
CA LYS H 242 -7.11 75.81 46.71
C LYS H 242 -5.97 75.16 47.48
N LEU H 243 -4.82 75.81 47.54
CA LEU H 243 -3.67 75.26 48.24
C LEU H 243 -2.81 76.37 48.85
N LYS H 250 5.60 76.82 49.99
CA LYS H 250 5.85 76.31 51.35
C LYS H 250 5.36 77.34 52.38
N LEU H 251 5.88 78.57 52.30
CA LEU H 251 5.47 79.66 53.23
C LEU H 251 3.97 79.95 53.06
N TYR H 252 3.50 79.94 51.81
CA TYR H 252 2.07 80.21 51.49
C TYR H 252 1.17 79.34 52.38
N SER H 253 1.28 78.02 52.24
CA SER H 253 0.48 77.10 53.03
C SER H 253 0.76 77.26 54.52
N GLN H 254 1.96 77.74 54.87
CA GLN H 254 2.28 77.98 56.27
C GLN H 254 1.36 79.04 56.87
N PHE H 255 0.86 79.95 56.04
CA PHE H 255 -0.13 80.93 56.49
C PHE H 255 -1.54 80.62 56.02
N ASN H 256 -1.69 79.79 54.97
CA ASN H 256 -3.02 79.41 54.51
C ASN H 256 -3.76 78.60 55.56
N LEU H 257 -3.05 77.69 56.24
CA LEU H 257 -3.69 76.88 57.27
C LEU H 257 -4.17 77.74 58.43
N SER H 258 -3.38 78.75 58.82
CA SER H 258 -3.82 79.66 59.87
C SER H 258 -5.05 80.45 59.43
N ILE H 259 -5.18 80.70 58.14
CA ILE H 259 -6.40 81.33 57.62
C ILE H 259 -7.61 80.45 57.87
N GLN H 260 -7.49 79.17 57.52
CA GLN H 260 -8.62 78.26 57.66
C GLN H 260 -8.86 77.88 59.13
N ASP H 261 -7.78 77.60 59.87
CA ASP H 261 -7.93 77.10 61.22
C ASP H 261 -8.58 78.13 62.14
N PHE H 262 -8.15 79.39 62.04
CA PHE H 262 -8.70 80.41 62.93
C PHE H 262 -10.12 80.79 62.55
N ALA H 263 -10.44 80.74 61.26
CA ALA H 263 -11.79 81.09 60.81
C ALA H 263 -12.82 80.11 61.35
N LEU H 264 -12.51 78.82 61.34
CA LEU H 264 -13.48 77.81 61.77
C LEU H 264 -13.70 77.85 63.28
N GLN H 265 -12.68 78.26 64.04
CA GLN H 265 -12.81 78.32 65.49
C GLN H 265 -13.87 79.32 65.92
N ILE H 266 -14.18 80.30 65.07
CA ILE H 266 -15.17 81.32 65.40
C ILE H 266 -16.55 80.68 65.58
N ILE H 267 -16.90 79.76 64.69
CA ILE H 267 -18.26 79.19 64.70
C ILE H 267 -18.51 78.45 66.00
N HIS H 268 -17.54 77.64 66.44
CA HIS H 268 -17.69 76.93 67.70
C HIS H 268 -17.74 77.91 68.86
N SER H 269 -16.93 78.97 68.82
CA SER H 269 -16.94 79.96 69.89
C SER H 269 -18.30 80.64 69.99
N LYS H 270 -18.89 81.00 68.85
CA LYS H 270 -20.22 81.60 68.87
C LYS H 270 -21.26 80.62 69.38
N TYR H 271 -21.11 79.33 69.03
CA TYR H 271 -22.03 78.32 69.53
C TYR H 271 -21.92 78.17 71.04
N LYS H 272 -20.70 78.25 71.58
CA LYS H 272 -20.53 78.21 73.04
C LYS H 272 -21.26 79.36 73.71
N SER H 273 -21.36 80.49 73.02
CA SER H 273 -22.11 81.65 73.51
C SER H 273 -23.57 81.62 73.09
N ASN H 274 -24.02 80.52 72.48
CA ASN H 274 -25.39 80.38 71.98
C ASN H 274 -25.73 81.46 70.95
N GLN H 275 -24.71 81.92 70.22
CA GLN H 275 -24.93 82.85 69.12
C GLN H 275 -25.38 82.14 67.84
N ILE H 276 -25.21 80.82 67.77
CA ILE H 276 -25.59 80.03 66.60
C ILE H 276 -26.53 78.92 67.06
N SER H 277 -27.65 78.77 66.35
CA SER H 277 -28.60 77.72 66.68
C SER H 277 -27.99 76.35 66.41
N GLN H 278 -28.33 75.38 67.27
CA GLN H 278 -27.79 74.04 67.12
C GLN H 278 -28.28 73.38 65.83
N ASN H 279 -29.55 73.57 65.49
CA ASN H 279 -30.07 73.00 64.26
C ASN H 279 -29.37 73.58 63.04
N ASP H 280 -29.03 74.87 63.09
CA ASP H 280 -28.28 75.49 62.00
C ASP H 280 -26.91 74.84 61.85
N LEU H 281 -26.24 74.55 62.96
CA LEU H 281 -24.96 73.86 62.89
C LEU H 281 -25.13 72.45 62.33
N LEU H 282 -26.20 71.77 62.72
CA LEU H 282 -26.46 70.43 62.18
C LEU H 282 -26.67 70.47 60.67
N LYS H 283 -27.40 71.48 60.19
CA LYS H 283 -27.68 71.59 58.77
C LYS H 283 -26.43 71.86 57.93
N LEU H 284 -25.32 72.27 58.56
CA LEU H 284 -24.09 72.52 57.83
C LEU H 284 -23.00 71.49 58.08
N ILE H 285 -23.05 70.77 59.21
CA ILE H 285 -22.03 69.75 59.45
C ILE H 285 -22.28 68.51 58.61
N THR H 286 -23.53 68.26 58.19
CA THR H 286 -23.81 67.14 57.31
C THR H 286 -23.29 67.37 55.90
N GLU H 287 -22.83 68.57 55.59
CA GLU H 287 -22.28 68.85 54.28
C GLU H 287 -21.04 68.00 54.01
N ASP H 288 -20.94 67.50 52.79
CA ASP H 288 -19.87 66.57 52.46
C ASP H 288 -18.50 67.23 52.47
N GLU H 289 -18.39 68.42 51.86
CA GLU H 289 -17.08 69.03 51.67
C GLU H 289 -16.45 69.44 53.00
N MET H 290 -17.25 69.95 53.94
CA MET H 290 -16.69 70.44 55.19
C MET H 290 -16.09 69.32 56.03
N LEU H 291 -16.61 68.10 55.91
CA LEU H 291 -15.97 66.96 56.56
C LEU H 291 -14.55 66.77 56.05
N LYS H 292 -14.37 66.82 54.73
CA LYS H 292 -13.06 66.74 54.12
C LYS H 292 -12.17 67.92 54.49
N ILE H 293 -12.74 69.11 54.67
CA ILE H 293 -11.98 70.27 55.11
C ILE H 293 -11.46 70.08 56.53
N LEU H 294 -12.31 69.64 57.44
CA LEU H 294 -11.91 69.52 58.83
C LEU H 294 -10.95 68.36 59.04
N ALA H 295 -11.22 67.21 58.42
CA ALA H 295 -10.35 66.06 58.57
C ALA H 295 -8.97 66.28 57.99
N LYS H 296 -8.82 67.23 57.07
CA LYS H 296 -7.53 67.65 56.53
C LYS H 296 -6.87 68.71 57.37
N THR H 297 -7.62 69.74 57.80
CA THR H 297 -7.01 70.83 58.54
C THR H 297 -6.56 70.39 59.93
N LYS H 298 -7.24 69.43 60.56
CA LYS H 298 -6.79 68.96 61.87
C LYS H 298 -5.40 68.34 61.78
N VAL H 299 -5.22 67.41 60.83
CA VAL H 299 -3.93 66.72 60.72
C VAL H 299 -2.86 67.66 60.20
N LEU H 300 -3.23 68.63 59.36
CA LEU H 300 -2.23 69.61 58.93
C LEU H 300 -1.78 70.50 60.07
N THR H 301 -2.73 70.97 60.91
CA THR H 301 -2.39 71.83 62.02
C THR H 301 -1.56 71.11 63.06
N TYR H 302 -1.85 69.83 63.32
CA TYR H 302 -1.06 69.10 64.31
C TYR H 302 0.41 69.01 63.88
N LYS H 303 0.65 68.67 62.61
CA LYS H 303 2.01 68.56 62.11
C LYS H 303 2.66 69.92 61.88
N MET H 304 1.86 70.99 61.81
CA MET H 304 2.43 72.33 61.80
C MET H 304 3.29 72.60 63.02
N LYS H 305 2.82 72.22 64.20
CA LYS H 305 3.46 72.68 65.43
C LYS H 305 3.99 71.55 66.29
N TYR H 306 3.18 70.52 66.56
CA TYR H 306 3.55 69.56 67.59
C TYR H 306 4.46 68.46 67.07
N PHE H 307 4.49 68.21 65.76
CA PHE H 307 5.30 67.14 65.21
C PHE H 307 6.79 67.45 65.30
N ASP H 308 7.17 68.72 65.28
CA ASP H 308 8.59 69.07 65.40
C ASP H 308 9.16 68.66 66.75
N SER H 309 8.40 68.84 67.82
CA SER H 309 8.85 68.48 69.16
C SER H 309 8.50 67.05 69.56
N ALA H 310 7.50 66.45 68.91
CA ALA H 310 7.14 65.08 69.24
C ALA H 310 8.25 64.10 68.86
N SER H 311 8.91 64.32 67.73
CA SER H 311 9.94 63.41 67.26
C SER H 311 11.13 63.38 68.21
N LYS H 312 11.54 64.56 68.70
CA LYS H 312 12.72 64.63 69.55
C LYS H 312 12.53 63.86 70.86
N MET H 313 11.35 63.96 71.46
CA MET H 313 11.05 63.21 72.66
C MET H 313 10.90 61.71 72.40
N GLY H 314 10.71 61.31 71.14
CA GLY H 314 10.47 59.93 70.82
C GLY H 314 9.02 59.52 70.88
N ILE H 315 8.09 60.47 70.98
CA ILE H 315 6.66 60.17 71.02
C ILE H 315 6.03 60.23 69.65
N ASN H 316 6.83 60.46 68.59
CA ASN H 316 6.27 60.51 67.25
C ASN H 316 5.68 59.18 66.82
N LYS H 317 6.31 58.07 67.20
CA LYS H 317 5.84 56.75 66.83
C LYS H 317 4.52 56.39 67.52
N TYR H 318 4.10 57.16 68.52
CA TYR H 318 2.88 56.87 69.28
C TYR H 318 1.88 58.02 69.13
N ILE H 319 1.68 58.48 67.90
CA ILE H 319 0.68 59.49 67.60
C ILE H 319 -0.56 58.77 67.07
N SER H 320 -1.67 58.91 67.77
CA SER H 320 -2.91 58.26 67.41
C SER H 320 -3.95 59.32 67.02
N THR H 321 -4.64 59.07 65.90
CA THR H 321 -5.55 60.07 65.37
C THR H 321 -6.80 60.23 66.23
N GLU H 322 -7.26 59.14 66.85
CA GLU H 322 -8.51 59.21 67.61
C GLU H 322 -8.35 59.92 68.95
N MET H 323 -7.14 59.96 69.52
CA MET H 323 -6.85 60.89 70.62
C MET H 323 -6.15 62.14 70.08
N MET H 324 -6.96 63.06 69.58
CA MET H 324 -6.50 64.40 69.20
C MET H 324 -7.34 65.47 69.85
N ASP H 325 -8.60 65.14 70.15
CA ASP H 325 -9.49 66.08 70.83
C ASP H 325 -9.04 66.37 72.25
N LEU H 326 -8.29 65.45 72.86
CA LEU H 326 -7.82 65.65 74.24
C LEU H 326 -6.79 66.77 74.34
N ASP H 327 -6.18 67.17 73.22
CA ASP H 327 -5.26 68.29 73.26
C ASP H 327 -5.99 69.57 73.64
N TRP H 328 -5.32 70.42 74.42
CA TRP H 328 -5.95 71.66 74.86
C TRP H 328 -6.28 72.56 73.68
N GLN H 329 -5.37 72.64 72.70
CA GLN H 329 -5.62 73.49 71.54
C GLN H 329 -6.74 72.95 70.68
N PHE H 330 -6.78 71.63 70.47
CA PHE H 330 -7.84 71.00 69.69
C PHE H 330 -8.99 70.53 70.59
N SER H 331 -9.52 71.44 71.41
CA SER H 331 -10.56 71.10 72.36
C SER H 331 -11.96 71.34 71.84
N HIS H 332 -12.12 72.20 70.84
CA HIS H 332 -13.44 72.51 70.31
C HIS H 332 -14.06 71.35 69.52
N TYR H 333 -13.29 70.32 69.21
CA TYR H 333 -13.79 69.18 68.45
C TYR H 333 -14.76 68.32 69.24
N LYS H 334 -14.85 68.51 70.56
CA LYS H 334 -15.74 67.68 71.37
C LYS H 334 -17.19 67.88 70.96
N THR H 335 -17.59 69.13 70.72
CA THR H 335 -18.94 69.38 70.23
C THR H 335 -19.15 68.77 68.85
N PHE H 336 -18.21 69.02 67.93
CA PHE H 336 -18.30 68.48 66.58
C PHE H 336 -18.42 66.96 66.58
N ASN H 337 -17.88 66.30 67.60
CA ASN H 337 -18.00 64.85 67.73
C ASN H 337 -19.32 64.43 68.35
N ASP H 338 -19.62 64.91 69.56
CA ASP H 338 -20.77 64.38 70.29
C ASP H 338 -22.09 64.84 69.69
N ALA H 339 -22.21 66.12 69.35
CA ALA H 339 -23.45 66.59 68.76
C ALA H 339 -23.72 65.93 67.41
N LEU H 340 -22.66 65.59 66.68
CA LEU H 340 -22.83 64.90 65.42
C LEU H 340 -23.23 63.44 65.62
N LYS H 341 -22.58 62.76 66.58
CA LYS H 341 -22.89 61.35 66.78
C LYS H 341 -24.26 61.16 67.40
N LYS H 342 -24.74 62.13 68.19
CA LYS H 342 -26.05 61.99 68.80
C LYS H 342 -27.16 61.95 67.76
N ASN H 343 -27.05 62.75 66.69
CA ASN H 343 -28.06 62.80 65.65
C ASN H 343 -27.74 61.86 64.50
N LYS H 344 -26.58 62.02 63.87
CA LYS H 344 -26.14 61.19 62.76
C LYS H 344 -24.88 60.45 63.20
N ALA H 345 -25.08 59.30 63.86
CA ALA H 345 -23.94 58.55 64.40
C ALA H 345 -23.09 57.96 63.29
N SER H 346 -23.70 57.60 62.15
CA SER H 346 -22.92 57.02 61.06
C SER H 346 -21.90 58.01 60.53
N ASP H 347 -22.27 59.29 60.46
CA ASP H 347 -21.35 60.30 59.93
C ASP H 347 -20.12 60.47 60.80
N SER H 348 -20.21 60.16 62.09
CA SER H 348 -19.04 60.24 62.96
C SER H 348 -17.99 59.21 62.54
N SER H 349 -18.40 57.95 62.39
CA SER H 349 -17.48 56.94 61.88
C SER H 349 -17.03 57.27 60.47
N TYR H 350 -17.91 57.88 59.67
CA TYR H 350 -17.54 58.31 58.33
C TYR H 350 -16.38 59.29 58.36
N LEU H 351 -16.51 60.34 59.16
CA LEU H 351 -15.48 61.36 59.23
C LEU H 351 -14.20 60.82 59.86
N GLY H 352 -14.32 59.93 60.84
CA GLY H 352 -13.13 59.28 61.37
C GLY H 352 -12.43 58.42 60.35
N TRP H 353 -13.20 57.70 59.53
CA TRP H 353 -12.62 56.87 58.48
C TRP H 353 -11.86 57.71 57.47
N LEU H 354 -12.44 58.85 57.08
CA LEU H 354 -11.70 59.78 56.22
C LEU H 354 -10.47 60.34 56.93
N THR H 355 -10.60 60.70 58.21
CA THR H 355 -9.52 61.37 58.91
C THR H 355 -8.29 60.49 59.00
N HIS H 356 -8.49 59.22 59.35
CA HIS H 356 -7.34 58.31 59.36
C HIS H 356 -6.79 58.10 57.96
N GLY H 357 -7.66 58.15 56.94
CA GLY H 357 -7.18 57.99 55.57
C GLY H 357 -6.22 59.08 55.15
N TYR H 358 -6.58 60.34 55.41
CA TYR H 358 -5.62 61.40 55.14
C TYR H 358 -4.43 61.33 56.08
N SER H 359 -4.64 60.85 57.30
CA SER H 359 -3.53 60.76 58.26
C SER H 359 -2.46 59.79 57.76
N ILE H 360 -2.87 58.70 57.14
CA ILE H 360 -1.91 57.69 56.67
C ILE H 360 -0.96 58.31 55.65
N LYS H 361 -1.51 59.05 54.69
CA LYS H 361 -0.72 59.50 53.54
C LYS H 361 -0.10 60.87 53.76
N TYR H 362 -0.23 61.44 54.95
CA TYR H 362 0.52 62.63 55.33
C TYR H 362 1.75 62.32 56.17
N GLY H 363 2.04 61.05 56.42
CA GLY H 363 3.20 60.68 57.19
C GLY H 363 2.96 60.50 58.68
N LEU H 364 1.72 60.65 59.13
CA LEU H 364 1.43 60.35 60.54
C LEU H 364 1.65 58.87 60.83
N SER H 365 1.21 57.99 59.94
CA SER H 365 1.47 56.56 60.02
C SER H 365 1.92 56.06 58.65
N PRO H 366 3.11 56.45 58.22
CA PRO H 366 3.55 56.13 56.86
C PRO H 366 3.98 54.68 56.72
N ASN H 367 3.91 54.19 55.49
CA ASN H 367 4.39 52.85 55.16
C ASN H 367 4.64 52.78 53.66
N ASN H 368 5.47 51.82 53.26
CA ASN H 368 5.83 51.67 51.86
C ASN H 368 4.80 50.89 51.06
N GLU H 369 3.83 50.26 51.72
CA GLU H 369 2.80 49.47 51.05
C GLU H 369 1.46 50.18 51.15
N ARG H 370 0.58 49.91 50.19
CA ARG H 370 -0.68 50.62 50.09
C ARG H 370 -1.59 50.29 51.26
N SER H 371 -2.61 51.12 51.45
CA SER H 371 -3.61 50.90 52.49
C SER H 371 -4.88 50.39 51.82
N MET H 372 -5.18 49.11 52.02
CA MET H 372 -6.33 48.49 51.37
C MET H 372 -7.64 48.77 52.09
N PHE H 373 -7.63 49.64 53.11
CA PHE H 373 -8.82 49.90 53.90
C PHE H 373 -9.35 51.31 53.77
N PHE H 374 -8.59 52.23 53.18
CA PHE H 374 -8.95 53.65 53.11
C PHE H 374 -8.73 54.14 51.69
N GLN H 375 -9.10 55.41 51.46
CA GLN H 375 -8.94 56.06 50.16
C GLN H 375 -9.70 55.33 49.06
N ASP H 376 -10.86 54.78 49.41
CA ASP H 376 -11.71 54.12 48.42
C ASP H 376 -13.14 54.10 48.96
N GLY H 377 -14.06 54.74 48.23
CA GLY H 377 -15.44 54.78 48.69
C GLY H 377 -16.09 53.42 48.76
N ARG H 378 -15.70 52.51 47.87
CA ARG H 378 -16.33 51.20 47.85
C ARG H 378 -16.07 50.42 49.14
N LYS H 379 -15.01 50.76 49.88
CA LYS H 379 -14.79 50.14 51.18
C LYS H 379 -15.94 50.48 52.13
N TYR H 380 -16.28 51.77 52.22
CA TYR H 380 -17.37 52.17 53.10
C TYR H 380 -18.69 51.55 52.71
N ALA H 381 -18.85 51.13 51.46
CA ALA H 381 -20.09 50.47 51.07
C ALA H 381 -20.34 49.24 51.94
N GLU H 382 -19.36 48.33 52.01
CA GLU H 382 -19.50 47.17 52.88
C GLU H 382 -19.40 47.55 54.36
N LEU H 383 -18.58 48.56 54.67
CA LEU H 383 -18.45 48.97 56.07
C LEU H 383 -19.80 49.40 56.65
N TYR H 384 -20.55 50.19 55.89
CA TYR H 384 -21.89 50.63 56.28
C TYR H 384 -22.93 49.54 56.09
N ALA H 385 -22.74 48.64 55.12
CA ALA H 385 -23.67 47.54 54.93
C ALA H 385 -23.69 46.61 56.14
N PHE H 386 -22.54 46.29 56.70
CA PHE H 386 -22.51 45.48 57.90
C PHE H 386 -22.87 46.28 59.15
N SER H 387 -22.77 47.60 59.09
CA SER H 387 -23.12 48.42 60.25
C SER H 387 -24.60 48.40 60.57
N LYS H 388 -25.43 47.89 59.66
CA LYS H 388 -26.88 47.86 59.84
C LYS H 388 -27.41 46.45 60.06
N SER H 389 -27.07 45.52 59.17
CA SER H 389 -27.47 44.13 59.33
C SER H 389 -26.41 43.37 60.10
N PRO H 390 -26.73 42.79 61.25
CA PRO H 390 -25.68 42.14 62.06
C PRO H 390 -25.37 40.74 61.60
N HIS H 391 -25.81 40.37 60.40
CA HIS H 391 -25.63 39.01 59.91
C HIS H 391 -25.06 38.98 58.50
N ARG H 392 -24.53 40.10 58.02
CA ARG H 392 -23.90 40.17 56.70
C ARG H 392 -22.44 39.77 56.71
N LYS H 393 -21.85 39.59 57.89
CA LYS H 393 -20.45 39.19 58.00
C LYS H 393 -20.31 37.68 58.21
N ILE H 394 -21.31 37.06 58.81
CA ILE H 394 -21.29 35.61 59.00
C ILE H 394 -21.38 34.90 57.65
N ILE H 395 -22.14 35.46 56.72
CA ILE H 395 -22.27 34.91 55.37
C ILE H 395 -21.95 36.04 54.39
N PRO H 396 -20.67 36.37 54.20
CA PRO H 396 -20.32 37.59 53.47
C PRO H 396 -20.24 37.37 51.96
N GLY H 397 -20.44 38.48 51.24
CA GLY H 397 -20.25 38.52 49.80
C GLY H 397 -18.82 38.86 49.44
N GLU H 398 -18.56 38.88 48.14
CA GLU H 398 -17.21 39.20 47.69
C GLU H 398 -16.91 40.67 47.95
N HIS H 399 -15.62 41.01 47.88
CA HIS H 399 -15.01 42.23 48.38
C HIS H 399 -15.09 42.31 49.90
N LEU H 400 -15.70 41.31 50.55
CA LEU H 400 -15.71 41.23 52.01
C LEU H 400 -14.87 40.09 52.55
N LYS H 401 -14.77 38.96 51.84
CA LYS H 401 -13.74 37.99 52.19
C LYS H 401 -12.36 38.60 52.05
N ASP H 402 -12.17 39.48 51.07
CA ASP H 402 -10.88 40.15 50.93
C ASP H 402 -10.58 41.03 52.14
N LEU H 403 -11.58 41.77 52.61
CA LEU H 403 -11.37 42.64 53.76
C LEU H 403 -11.07 41.82 55.02
N LEU H 404 -11.81 40.72 55.21
CA LEU H 404 -11.49 39.83 56.32
C LEU H 404 -10.09 39.26 56.21
N ALA H 405 -9.67 38.90 54.99
CA ALA H 405 -8.34 38.32 54.81
C ALA H 405 -7.25 39.34 55.07
N LYS H 406 -7.51 40.62 54.81
CA LYS H 406 -6.51 41.64 55.10
C LYS H 406 -6.56 42.13 56.55
N ILE H 407 -7.66 41.92 57.27
CA ILE H 407 -7.71 42.37 58.66
C ILE H 407 -7.24 41.27 59.61
N ASN H 408 -7.60 40.02 59.35
CA ASN H 408 -7.12 38.95 60.21
C ASN H 408 -5.62 38.73 60.06
N LYS H 409 -5.08 39.00 58.86
CA LYS H 409 -3.64 38.94 58.66
C LYS H 409 -2.93 39.97 59.53
N SER H 410 -3.45 41.21 59.57
CA SER H 410 -2.91 42.22 60.46
C SER H 410 -3.11 41.88 61.93
N LYS H 411 -4.22 41.21 62.27
CA LYS H 411 -4.43 40.77 63.65
C LYS H 411 -3.38 39.75 64.06
N GLY H 412 -3.07 38.80 63.17
CA GLY H 412 -1.97 37.88 63.43
C GLY H 412 -0.63 38.58 63.50
N ILE H 413 -0.43 39.61 62.68
CA ILE H 413 0.77 40.44 62.78
C ILE H 413 0.88 41.07 64.16
N PHE H 414 -0.23 41.61 64.66
CA PHE H 414 -0.24 42.20 66.00
C PHE H 414 0.03 41.16 67.07
N LEU H 415 -0.54 39.96 66.93
CA LEU H 415 -0.31 38.90 67.90
C LEU H 415 1.09 38.29 67.79
N ASP H 416 1.85 38.64 66.76
CA ASP H 416 3.19 38.11 66.58
C ASP H 416 4.17 38.74 67.57
N GLN H 417 5.35 38.13 67.68
CA GLN H 417 6.33 38.52 68.70
C GLN H 417 7.61 39.10 68.10
N ASN H 418 8.26 38.38 67.18
CA ASN H 418 9.61 38.71 66.76
C ASN H 418 9.68 39.85 65.75
N ALA H 419 8.61 40.10 65.00
CA ALA H 419 8.72 40.93 63.79
C ALA H 419 8.99 42.40 64.15
N LEU H 420 9.25 43.18 63.11
CA LEU H 420 9.63 44.58 63.29
C LEU H 420 8.48 45.39 63.86
N LEU H 421 8.82 46.41 64.65
CA LEU H 421 7.86 47.04 65.53
C LEU H 421 7.06 48.13 64.85
N ASP H 422 7.64 48.80 63.85
CA ASP H 422 6.97 49.92 63.21
C ASP H 422 5.68 49.48 62.54
N LYS H 423 5.67 48.30 61.94
CA LYS H 423 4.46 47.77 61.33
C LYS H 423 3.45 47.24 62.35
N ARG H 424 3.87 46.83 63.56
CA ARG H 424 2.90 46.70 64.64
C ARG H 424 2.25 48.04 64.95
N ILE H 425 3.03 49.12 64.97
CA ILE H 425 2.46 50.44 65.22
C ILE H 425 1.43 50.79 64.15
N TYR H 426 1.78 50.54 62.89
CA TYR H 426 0.87 50.84 61.79
C TYR H 426 -0.39 49.99 61.87
N ALA H 427 -0.22 48.69 62.13
CA ALA H 427 -1.38 47.79 62.26
C ALA H 427 -2.26 48.22 63.43
N PHE H 428 -1.66 48.68 64.52
CA PHE H 428 -2.45 49.17 65.65
C PHE H 428 -3.26 50.38 65.26
N HIS H 429 -2.60 51.40 64.70
CA HIS H 429 -3.35 52.61 64.32
C HIS H 429 -4.39 52.36 63.25
N GLU H 430 -4.30 51.26 62.52
CA GLU H 430 -5.43 50.90 61.67
C GLU H 430 -6.53 50.18 62.44
N LEU H 431 -6.18 49.09 63.12
CA LEU H 431 -7.19 48.21 63.69
C LEU H 431 -7.97 48.89 64.81
N ASN H 432 -7.30 49.72 65.62
CA ASN H 432 -8.02 50.44 66.66
C ASN H 432 -9.04 51.40 66.05
N THR H 433 -8.67 52.06 64.95
CA THR H 433 -9.60 52.95 64.27
C THR H 433 -10.81 52.19 63.76
N LEU H 434 -10.58 51.06 63.08
CA LEU H 434 -11.70 50.28 62.57
C LEU H 434 -12.58 49.76 63.71
N GLU H 435 -11.98 49.39 64.83
CA GLU H 435 -12.76 48.85 65.93
C GLU H 435 -13.59 49.93 66.62
N THR H 436 -12.98 51.10 66.86
CA THR H 436 -13.70 52.14 67.58
C THR H 436 -14.79 52.76 66.70
N HIS H 437 -14.53 52.88 65.40
CA HIS H 437 -15.55 53.48 64.53
C HIS H 437 -16.56 52.46 64.05
N PHE H 438 -16.12 51.20 63.86
CA PHE H 438 -16.97 50.13 63.35
C PHE H 438 -16.90 48.98 64.35
N PRO H 439 -17.66 49.07 65.44
CA PRO H 439 -17.59 48.03 66.47
C PRO H 439 -18.04 46.68 65.93
N GLY H 440 -17.44 45.62 66.48
CA GLY H 440 -17.75 44.28 66.03
C GLY H 440 -17.31 43.98 64.61
N ILE H 441 -16.16 44.51 64.20
CA ILE H 441 -15.62 44.24 62.88
C ILE H 441 -14.44 43.29 62.90
N THR H 442 -13.75 43.13 64.04
CA THR H 442 -12.72 42.11 64.21
C THR H 442 -13.10 41.13 65.32
N SER H 443 -14.40 40.99 65.60
CA SER H 443 -14.87 40.18 66.72
C SER H 443 -14.73 38.69 66.38
N SER H 444 -13.49 38.24 66.44
CA SER H 444 -13.18 36.81 66.32
C SER H 444 -13.40 36.19 67.70
N PHE H 445 -14.61 35.68 67.92
CA PHE H 445 -15.00 35.25 69.25
C PHE H 445 -14.14 34.12 69.78
N THR H 446 -13.52 33.34 68.89
CA THR H 446 -12.71 32.21 69.34
C THR H 446 -11.26 32.62 69.57
N ASP H 447 -10.66 33.32 68.61
CA ASP H 447 -9.25 33.68 68.71
C ASP H 447 -8.98 34.63 69.87
N ASP H 448 -9.84 35.64 70.07
CA ASP H 448 -9.57 36.66 71.07
C ASP H 448 -9.58 36.08 72.49
N LEU H 449 -10.51 35.17 72.77
CA LEU H 449 -10.61 34.62 74.12
C LEU H 449 -9.38 33.82 74.49
N LYS H 450 -8.86 33.02 73.55
CA LYS H 450 -7.68 32.23 73.81
C LYS H 450 -6.39 32.99 73.52
N SER H 451 -6.48 34.24 73.07
CA SER H 451 -5.31 35.08 72.93
C SER H 451 -5.35 36.33 73.80
N ASN H 452 -6.41 36.51 74.60
CA ASN H 452 -6.54 37.68 75.47
C ASN H 452 -6.46 38.99 74.68
N TYR H 453 -6.98 38.95 73.45
CA TYR H 453 -6.87 40.10 72.56
C TYR H 453 -7.68 41.30 73.07
N ARG H 454 -8.85 41.04 73.64
CA ARG H 454 -9.74 42.13 74.03
C ARG H 454 -9.12 43.02 75.10
N LYS H 455 -8.42 42.42 76.06
CA LYS H 455 -7.73 43.22 77.06
C LYS H 455 -6.36 43.68 76.60
N LYS H 456 -5.71 42.93 75.70
CA LYS H 456 -4.42 43.36 75.17
C LYS H 456 -4.55 44.67 74.40
N MET H 457 -5.63 44.81 73.62
CA MET H 457 -5.80 46.05 72.86
C MET H 457 -5.96 47.24 73.79
N GLU H 458 -6.74 47.10 74.86
CA GLU H 458 -6.91 48.19 75.80
C GLU H 458 -5.61 48.50 76.54
N SER H 459 -4.86 47.46 76.91
CA SER H 459 -3.59 47.65 77.60
C SER H 459 -2.62 48.44 76.73
N VAL H 460 -2.51 48.09 75.45
CA VAL H 460 -1.60 48.83 74.58
C VAL H 460 -2.18 50.18 74.17
N SER H 461 -3.50 50.37 74.30
CA SER H 461 -4.09 51.68 73.99
C SER H 461 -3.83 52.68 75.10
N LEU H 462 -3.89 52.25 76.35
CA LEU H 462 -3.77 53.20 77.46
C LEU H 462 -2.41 53.89 77.48
N THR H 463 -1.36 53.20 77.03
CA THR H 463 -0.02 53.78 77.03
C THR H 463 0.05 54.99 76.12
N CYS H 464 -0.77 55.02 75.06
CA CYS H 464 -0.77 56.17 74.17
C CYS H 464 -1.23 57.44 74.88
N GLN H 465 -2.34 57.37 75.62
CA GLN H 465 -2.76 58.52 76.39
C GLN H 465 -1.77 58.86 77.49
N VAL H 466 -1.18 57.84 78.12
CA VAL H 466 -0.16 58.09 79.13
C VAL H 466 1.01 58.86 78.54
N LEU H 467 1.50 58.43 77.38
CA LEU H 467 2.62 59.11 76.74
C LEU H 467 2.22 60.50 76.25
N GLN H 468 0.96 60.66 75.82
CA GLN H 468 0.49 61.99 75.42
C GLN H 468 0.52 62.95 76.60
N GLU H 469 0.07 62.50 77.77
CA GLU H 469 0.11 63.36 78.94
C GLU H 469 1.54 63.66 79.37
N ILE H 470 2.43 62.67 79.27
CA ILE H 470 3.83 62.92 79.62
C ILE H 470 4.44 63.94 78.67
N GLY H 471 4.15 63.83 77.38
CA GLY H 471 4.61 64.81 76.42
C GLY H 471 4.04 66.19 76.68
N ASN H 472 2.79 66.25 77.14
CA ASN H 472 2.20 67.52 77.53
C ASN H 472 2.96 68.14 78.70
N ILE H 473 3.32 67.32 79.68
CA ILE H 473 4.09 67.81 80.83
C ILE H 473 5.45 68.31 80.36
N HIS H 474 6.08 67.60 79.42
CA HIS H 474 7.36 68.06 78.89
C HIS H 474 7.20 69.37 78.13
N ARG H 475 6.12 69.52 77.35
CA ARG H 475 5.84 70.77 76.67
C ARG H 475 5.51 71.90 77.62
N PHE H 476 5.11 71.58 78.86
CA PHE H 476 4.89 72.59 79.88
C PHE H 476 6.16 72.99 80.61
N ILE H 477 7.06 72.04 80.88
CA ILE H 477 8.19 72.31 81.78
C ILE H 477 9.19 73.27 81.13
N GLU H 478 9.53 73.06 79.86
CA GLU H 478 10.56 73.88 79.24
C GLU H 478 10.03 75.27 78.89
N SER H 479 8.74 75.36 78.56
CA SER H 479 8.16 76.66 78.26
C SER H 479 8.14 77.57 79.48
N LYS H 480 8.15 76.98 80.68
CA LYS H 480 8.18 77.76 81.90
C LYS H 480 9.62 78.12 82.30
N THR H 487 8.95 77.56 69.97
CA THR H 487 8.00 77.40 71.05
C THR H 487 7.38 76.00 71.05
N GLU H 488 7.58 75.26 72.13
CA GLU H 488 7.04 73.91 72.23
C GLU H 488 5.52 73.91 72.39
N TYR H 489 4.94 75.01 72.86
CA TYR H 489 3.48 75.13 72.85
C TYR H 489 2.92 75.17 71.45
N GLY H 490 3.75 75.47 70.46
CA GLY H 490 3.32 75.51 69.07
C GLY H 490 3.16 76.92 68.56
N LEU H 491 3.44 77.10 67.28
CA LEU H 491 3.28 78.41 66.65
C LEU H 491 1.80 78.76 66.56
N PHE H 492 1.50 80.03 66.81
CA PHE H 492 0.13 80.57 66.75
C PHE H 492 -0.79 79.89 67.76
N SER H 493 -0.24 79.28 68.80
CA SER H 493 -1.02 78.62 69.84
C SER H 493 -1.20 79.49 71.07
N ILE H 494 -0.11 80.09 71.56
CA ILE H 494 -0.13 80.94 72.73
C ILE H 494 0.32 82.33 72.31
N PRO H 495 -0.48 83.37 72.50
CA PRO H 495 -0.04 84.72 72.14
C PRO H 495 1.06 85.21 73.07
N LYS H 496 1.89 86.12 72.54
CA LYS H 496 3.02 86.64 73.31
C LYS H 496 2.54 87.40 74.54
N ILE H 497 1.34 87.98 74.50
CA ILE H 497 0.83 88.69 75.66
C ILE H 497 0.60 87.73 76.82
N PHE H 498 0.02 86.57 76.54
CA PHE H 498 -0.15 85.51 77.54
C PHE H 498 1.00 84.52 77.57
N SER H 499 2.20 84.93 77.14
CA SER H 499 3.34 84.03 77.15
C SER H 499 3.75 83.70 78.58
N ILE H 500 4.54 82.64 78.72
CA ILE H 500 4.96 82.13 80.02
C ILE H 500 6.45 82.40 80.17
N PRO H 501 6.90 83.07 81.24
CA PRO H 501 8.33 83.35 81.40
C PRO H 501 9.12 82.12 81.81
N ILE H 502 10.41 82.31 82.11
CA ILE H 502 11.30 81.20 82.40
C ILE H 502 11.33 80.84 83.88
N ASP H 503 10.86 81.71 84.75
CA ASP H 503 11.01 81.52 86.19
C ASP H 503 10.28 80.26 86.66
N TYR H 504 10.91 79.54 87.58
CA TYR H 504 10.28 78.37 88.19
C TYR H 504 9.14 78.80 89.10
N LYS H 505 8.05 78.04 89.08
CA LYS H 505 6.87 78.37 89.88
C LYS H 505 6.78 77.45 91.09
N HIS H 506 6.40 78.04 92.23
CA HIS H 506 6.34 77.29 93.48
C HIS H 506 5.24 76.23 93.46
N GLY H 507 4.16 76.48 92.71
CA GLY H 507 3.09 75.51 92.64
C GLY H 507 3.42 74.26 91.86
N GLU H 508 4.54 74.26 91.11
CA GLU H 508 4.97 73.09 90.37
C GLU H 508 5.52 72.00 91.26
N LYS H 509 6.27 72.36 92.31
CA LYS H 509 6.86 71.38 93.20
C LYS H 509 5.82 70.51 93.90
N GLU H 510 4.61 71.02 94.09
CA GLU H 510 3.57 70.29 94.78
C GLU H 510 2.53 69.65 93.87
N ASN H 511 2.45 70.08 92.61
CA ASN H 511 1.40 69.60 91.73
C ASN H 511 1.92 68.98 90.44
N LEU H 512 3.24 68.88 90.24
CA LEU H 512 3.80 68.32 89.03
C LEU H 512 4.59 67.04 89.30
N VAL H 513 5.60 67.10 90.15
CA VAL H 513 6.40 65.91 90.44
C VAL H 513 5.56 64.88 91.19
N SER H 514 4.69 65.34 92.10
CA SER H 514 3.78 64.42 92.76
C SER H 514 2.77 63.83 91.77
N TYR H 515 2.27 64.66 90.86
CA TYR H 515 1.28 64.18 89.90
C TYR H 515 1.88 63.15 88.94
N VAL H 516 3.19 63.27 88.67
CA VAL H 516 3.87 62.27 87.84
C VAL H 516 3.80 60.89 88.49
N ASP H 517 4.04 60.84 89.81
CA ASP H 517 3.94 59.57 90.52
C ASP H 517 2.53 59.01 90.47
N PHE H 518 1.52 59.87 90.64
CA PHE H 518 0.14 59.43 90.51
C PHE H 518 -0.16 58.88 89.12
N LEU H 519 0.32 59.54 88.07
CA LEU H 519 0.13 59.09 86.70
C LEU H 519 0.78 57.73 86.46
N TYR H 520 2.00 57.54 86.93
CA TYR H 520 2.67 56.25 86.71
C TYR H 520 2.04 55.15 87.54
N SER H 521 1.59 55.46 88.75
CA SER H 521 0.86 54.47 89.54
C SER H 521 -0.44 54.08 88.86
N THR H 522 -1.15 55.06 88.30
CA THR H 522 -2.36 54.77 87.54
C THR H 522 -2.06 54.00 86.26
N ALA H 523 -0.88 54.18 85.69
CA ALA H 523 -0.50 53.39 84.52
C ALA H 523 -0.15 51.96 84.89
N HIS H 524 0.42 51.75 86.08
CA HIS H 524 0.92 50.45 86.51
C HIS H 524 -0.07 49.72 87.42
N GLU H 525 -1.37 49.88 87.21
CA GLU H 525 -2.35 49.33 88.15
C GLU H 525 -3.20 48.21 87.58
N ARG H 526 -3.55 48.24 86.29
CA ARG H 526 -4.44 47.22 85.74
C ARG H 526 -4.03 46.78 84.34
N ILE H 527 -2.78 47.02 83.94
CA ILE H 527 -2.30 46.61 82.63
C ILE H 527 -1.76 45.19 82.73
N LEU H 528 -2.20 44.32 81.84
CA LEU H 528 -1.72 42.95 81.86
C LEU H 528 -0.27 42.90 81.35
N GLN H 529 0.39 41.79 81.63
CA GLN H 529 1.80 41.61 81.27
C GLN H 529 1.95 40.44 80.31
N ASP H 530 2.66 40.68 79.21
CA ASP H 530 2.98 39.66 78.24
C ASP H 530 4.25 40.11 77.52
N ASN H 531 5.10 39.14 77.16
CA ASN H 531 6.37 39.49 76.54
C ASN H 531 6.16 40.26 75.24
N SER H 532 5.14 39.89 74.46
CA SER H 532 4.77 40.71 73.31
C SER H 532 4.26 42.08 73.75
N ILE H 533 3.41 42.10 74.78
CA ILE H 533 2.92 43.37 75.31
C ILE H 533 4.04 44.17 75.96
N ASN H 534 4.99 43.49 76.60
CA ASN H 534 6.09 44.19 77.26
C ASN H 534 6.91 44.99 76.26
N GLN H 535 7.09 44.45 75.04
CA GLN H 535 7.73 45.24 73.99
C GLN H 535 6.86 46.40 73.55
N LEU H 536 5.55 46.34 73.79
CA LEU H 536 4.61 47.38 73.40
C LEU H 536 4.15 48.25 74.56
N CYS H 537 4.17 47.72 75.79
CA CYS H 537 3.72 48.46 76.96
C CYS H 537 4.83 48.70 77.97
N LEU H 538 5.52 47.64 78.39
CA LEU H 538 6.49 47.78 79.48
C LEU H 538 7.70 48.59 79.05
N ASP H 539 8.26 48.28 77.88
CA ASP H 539 9.46 48.98 77.43
C ASP H 539 9.25 50.47 77.20
N PRO H 540 8.24 50.92 76.44
CA PRO H 540 8.07 52.37 76.28
C PRO H 540 7.70 53.08 77.56
N LEU H 541 6.87 52.46 78.41
CA LEU H 541 6.52 53.08 79.67
C LEU H 541 7.74 53.21 80.58
N GLN H 542 8.60 52.20 80.62
CA GLN H 542 9.81 52.29 81.42
C GLN H 542 10.77 53.34 80.86
N GLU H 543 10.86 53.43 79.53
CA GLU H 543 11.69 54.48 78.93
C GLU H 543 11.18 55.87 79.29
N SER H 544 9.87 56.06 79.23
CA SER H 544 9.29 57.35 79.62
C SER H 544 9.51 57.62 81.11
N LEU H 545 9.40 56.59 81.95
CA LEU H 545 9.66 56.76 83.38
C LEU H 545 11.10 57.18 83.63
N ASN H 546 12.05 56.58 82.90
CA ASN H 546 13.44 56.98 83.01
C ASN H 546 13.64 58.42 82.56
N ARG H 547 12.99 58.82 81.46
CA ARG H 547 13.17 60.16 80.95
C ARG H 547 12.52 61.22 81.83
N ILE H 548 11.40 60.90 82.48
CA ILE H 548 10.69 61.90 83.26
C ILE H 548 11.38 62.21 84.58
N LYS H 549 12.25 61.32 85.06
CA LYS H 549 12.95 61.52 86.33
C LYS H 549 14.34 62.09 86.13
N SER H 550 14.70 62.50 84.93
CA SER H 550 16.00 63.10 84.65
C SER H 550 15.89 64.55 84.21
N ASN H 551 14.71 65.16 84.29
CA ASN H 551 14.52 66.54 83.85
C ASN H 551 13.71 67.40 84.82
N ILE H 552 13.02 66.81 85.80
CA ILE H 552 12.22 67.61 86.72
C ILE H 552 13.07 68.58 87.54
N PRO H 553 14.18 68.17 88.17
CA PRO H 553 15.00 69.16 88.90
C PRO H 553 15.55 70.27 88.02
N VAL H 554 15.89 69.97 86.77
CA VAL H 554 16.47 70.96 85.88
C VAL H 554 15.39 71.54 84.97
N VAL I 125 -55.31 86.18 -4.07
CA VAL I 125 -56.61 86.36 -3.43
C VAL I 125 -57.21 85.00 -3.06
N ASN I 126 -57.76 84.91 -1.85
CA ASN I 126 -58.36 83.67 -1.36
C ASN I 126 -59.87 83.79 -1.52
N PHE I 127 -60.32 83.63 -2.76
CA PHE I 127 -61.75 83.76 -3.05
C PHE I 127 -62.51 82.56 -2.51
N PRO I 128 -63.60 82.78 -1.78
CA PRO I 128 -64.38 81.66 -1.24
C PRO I 128 -65.26 81.05 -2.32
N PHE I 129 -66.01 80.03 -1.92
CA PHE I 129 -66.86 79.30 -2.85
C PHE I 129 -68.07 80.15 -3.25
N PRO I 130 -68.30 80.40 -4.54
CA PRO I 130 -69.48 81.15 -4.96
C PRO I 130 -70.76 80.32 -4.85
N LYS I 131 -71.32 80.26 -3.64
CA LYS I 131 -72.50 79.45 -3.39
C LYS I 131 -73.71 80.03 -4.11
N LYS I 132 -74.12 79.37 -5.21
CA LYS I 132 -75.31 79.76 -5.94
C LYS I 132 -76.20 78.55 -6.18
N MET I 133 -77.23 78.70 -7.01
CA MET I 133 -78.13 77.59 -7.31
C MET I 133 -78.68 77.77 -8.71
N ILE I 134 -78.59 76.72 -9.51
CA ILE I 134 -79.17 76.69 -10.86
C ILE I 134 -80.45 75.87 -10.80
N THR I 135 -81.59 76.56 -10.87
CA THR I 135 -82.89 75.90 -10.77
C THR I 135 -83.76 76.22 -11.97
N GLU I 136 -85.04 75.86 -11.90
CA GLU I 136 -85.95 76.15 -13.00
C GLU I 136 -86.10 77.66 -13.18
N SER I 137 -86.41 78.04 -14.42
CA SER I 137 -86.50 79.45 -14.83
C SER I 137 -85.18 80.18 -14.69
N ASN I 138 -84.07 79.45 -14.66
CA ASN I 138 -82.74 80.03 -14.59
C ASN I 138 -81.77 79.46 -15.62
N SER I 139 -82.02 78.25 -16.15
CA SER I 139 -81.14 77.68 -17.15
C SER I 139 -81.17 78.51 -18.44
N LYS I 140 -82.35 78.98 -18.84
CA LYS I 140 -82.49 79.79 -20.04
C LYS I 140 -82.16 81.25 -19.81
N ASP I 141 -81.81 81.62 -18.57
CA ASP I 141 -81.45 83.02 -18.28
C ASP I 141 -80.18 83.42 -19.04
N ILE I 142 -79.19 82.53 -19.09
CA ILE I 142 -77.91 82.83 -19.70
C ILE I 142 -77.67 81.99 -20.95
N ARG I 143 -78.16 80.75 -20.97
CA ARG I 143 -77.96 79.89 -22.13
C ARG I 143 -78.63 80.47 -23.37
N GLU I 144 -79.67 81.28 -23.19
CA GLU I 144 -80.29 81.95 -24.33
C GLU I 144 -79.30 82.86 -25.03
N TYR I 145 -78.52 83.61 -24.26
CA TYR I 145 -77.41 84.35 -24.84
C TYR I 145 -76.37 83.40 -25.41
N LEU I 146 -76.06 82.33 -24.68
CA LEU I 146 -75.11 81.34 -25.18
C LEU I 146 -75.67 80.57 -26.37
N ALA I 147 -76.98 80.63 -26.62
CA ALA I 147 -77.56 79.96 -27.77
C ALA I 147 -77.31 80.67 -29.07
N SER I 148 -76.84 81.92 -29.04
CA SER I 148 -76.62 82.70 -30.24
C SER I 148 -75.29 83.44 -30.29
N THR I 149 -74.56 83.52 -29.18
CA THR I 149 -73.31 84.27 -29.17
C THR I 149 -72.24 83.51 -29.97
N PHE I 150 -71.14 84.21 -30.24
CA PHE I 150 -70.06 83.61 -31.04
C PHE I 150 -69.51 82.33 -30.42
N PRO I 151 -69.19 82.26 -29.14
CA PRO I 151 -68.83 80.97 -28.55
C PRO I 151 -70.08 80.15 -28.24
N PHE I 152 -69.85 78.92 -27.80
CA PHE I 152 -70.87 77.99 -27.32
C PHE I 152 -71.83 77.52 -28.41
N GLU I 153 -71.67 78.01 -29.64
CA GLU I 153 -72.47 77.47 -30.74
C GLU I 153 -72.05 76.05 -31.08
N GLN I 154 -70.77 75.73 -30.90
CA GLN I 154 -70.24 74.39 -31.14
C GLN I 154 -69.88 73.68 -29.84
N GLN I 155 -70.44 74.12 -28.72
CA GLN I 155 -70.16 73.49 -27.43
C GLN I 155 -71.46 73.16 -26.69
N SER I 156 -71.34 72.78 -25.42
CA SER I 156 -72.49 72.45 -24.59
C SER I 156 -72.24 72.98 -23.17
N THR I 157 -73.19 72.69 -22.28
CA THR I 157 -73.10 73.10 -20.89
C THR I 157 -73.26 71.90 -19.98
N ILE I 158 -72.49 71.89 -18.89
CA ILE I 158 -72.55 70.78 -17.94
C ILE I 158 -73.85 70.78 -17.15
N LEU I 159 -74.55 71.91 -17.09
CA LEU I 159 -75.80 71.98 -16.34
C LEU I 159 -76.91 71.15 -16.96
N ASP I 160 -76.75 70.74 -18.21
CA ASP I 160 -77.77 69.94 -18.90
C ASP I 160 -77.88 68.55 -18.31
N GLN I 179 -73.48 79.37 -40.82
CA GLN I 179 -72.31 78.98 -40.05
C GLN I 179 -71.18 78.50 -40.95
N LEU I 180 -71.55 77.99 -42.13
CA LEU I 180 -70.55 77.50 -43.07
C LEU I 180 -69.67 78.61 -43.61
N LYS I 181 -70.14 79.86 -43.60
CA LYS I 181 -69.30 80.96 -44.02
C LYS I 181 -68.12 81.19 -43.07
N PHE I 182 -68.27 80.82 -41.79
CA PHE I 182 -67.21 81.05 -40.82
C PHE I 182 -65.93 80.33 -41.23
N ARG I 183 -66.03 79.05 -41.59
CA ARG I 183 -64.85 78.35 -42.08
C ARG I 183 -64.67 78.49 -43.58
N GLN I 184 -65.70 78.92 -44.31
CA GLN I 184 -65.52 79.21 -45.72
C GLN I 184 -64.57 80.39 -45.92
N GLU I 185 -64.64 81.38 -45.04
CA GLU I 185 -63.72 82.51 -45.11
C GLU I 185 -62.28 82.06 -44.86
N ASN I 186 -62.10 81.12 -43.93
CA ASN I 186 -60.77 80.55 -43.73
C ASN I 186 -60.34 79.74 -44.94
N LEU I 187 -61.27 79.01 -45.56
CA LEU I 187 -60.97 78.31 -46.82
C LEU I 187 -60.58 79.28 -47.92
N ALA I 188 -61.04 80.53 -47.85
CA ALA I 188 -60.60 81.56 -48.79
C ALA I 188 -59.21 82.08 -48.43
N GLU I 189 -58.94 82.29 -47.14
CA GLU I 189 -57.68 82.82 -46.66
C GLU I 189 -56.61 81.74 -46.51
N LEU I 190 -56.91 80.52 -46.93
CA LEU I 190 -56.02 79.37 -46.74
C LEU I 190 -54.59 79.63 -47.20
N LYS I 191 -54.34 80.61 -48.05
CA LYS I 191 -53.03 80.84 -48.63
C LYS I 191 -52.56 82.27 -48.36
N ASP I 192 -52.68 82.70 -47.10
CA ASP I 192 -52.23 84.04 -46.72
C ASP I 192 -50.72 84.17 -46.85
N GLN I 193 -49.98 83.39 -46.06
CA GLN I 193 -48.53 83.52 -45.97
C GLN I 193 -47.76 82.51 -46.81
N ILE I 194 -48.46 81.62 -47.52
CA ILE I 194 -47.77 80.62 -48.32
C ILE I 194 -46.98 81.30 -49.45
N ILE I 195 -47.58 82.30 -50.08
CA ILE I 195 -46.94 82.99 -51.20
C ILE I 195 -45.79 83.89 -50.76
N LEU I 196 -45.66 84.16 -49.46
CA LEU I 196 -44.63 85.08 -48.99
C LEU I 196 -43.23 84.47 -49.10
N SER I 197 -43.11 83.18 -48.88
CA SER I 197 -41.81 82.49 -48.84
C SER I 197 -41.86 81.22 -49.67
N LEU I 198 -42.38 81.32 -50.89
CA LEU I 198 -42.48 80.16 -51.77
C LEU I 198 -41.12 79.60 -52.16
N GLY I 199 -40.05 80.39 -52.05
CA GLY I 199 -38.73 79.94 -52.40
C GLY I 199 -38.18 78.85 -51.50
N ASN I 206 -38.91 73.54 -52.61
CA ASN I 206 -38.88 73.55 -51.16
C ASN I 206 -40.23 73.93 -50.57
N TRP I 207 -40.72 75.11 -50.95
CA TRP I 207 -41.98 75.62 -50.44
C TRP I 207 -43.02 75.80 -51.54
N GLN I 208 -42.85 75.11 -52.68
CA GLN I 208 -43.79 75.23 -53.77
C GLN I 208 -44.92 74.21 -53.71
N LYS I 209 -44.62 73.00 -53.25
CA LYS I 209 -45.66 71.97 -53.12
C LYS I 209 -46.76 72.39 -52.16
N LEU I 210 -46.42 73.19 -51.15
CA LEU I 210 -47.42 73.69 -50.23
C LEU I 210 -48.51 74.46 -50.97
N LEU I 211 -48.11 75.43 -51.79
CA LEU I 211 -49.10 76.17 -52.57
C LEU I 211 -49.73 75.30 -53.65
N ASP I 212 -48.96 74.36 -54.22
CA ASP I 212 -49.50 73.52 -55.28
C ASP I 212 -50.67 72.69 -54.77
N TYR I 213 -50.56 72.12 -53.58
CA TYR I 213 -51.67 71.43 -52.96
C TYR I 213 -52.69 72.37 -52.34
N THR I 214 -52.27 73.56 -51.92
CA THR I 214 -53.19 74.54 -51.37
C THR I 214 -54.22 74.96 -52.41
N ASN I 215 -53.77 75.19 -53.64
CA ASN I 215 -54.69 75.52 -54.71
C ASN I 215 -55.63 74.37 -55.04
N LYS I 216 -55.15 73.13 -54.98
CA LYS I 216 -56.02 71.98 -55.18
C LYS I 216 -57.09 71.91 -54.09
N LEU I 217 -56.69 72.14 -52.84
CA LEU I 217 -57.68 72.13 -51.76
C LEU I 217 -58.69 73.25 -51.91
N ASP I 218 -58.24 74.43 -52.33
CA ASP I 218 -59.16 75.54 -52.60
C ASP I 218 -60.13 75.18 -53.71
N GLU I 219 -59.64 74.52 -54.76
CA GLU I 219 -60.51 74.07 -55.84
C GLU I 219 -61.56 73.10 -55.32
N LEU I 220 -61.14 72.08 -54.58
CA LEU I 220 -62.07 71.08 -54.08
C LEU I 220 -62.99 71.59 -52.98
N SER I 221 -62.65 72.71 -52.35
CA SER I 221 -63.46 73.22 -51.26
C SER I 221 -64.85 73.64 -51.73
N ASN I 222 -64.93 74.34 -52.86
CA ASN I 222 -66.19 74.89 -53.32
C ASN I 222 -66.83 74.11 -54.46
N THR I 223 -66.06 73.34 -55.21
CA THR I 223 -66.62 72.55 -56.31
C THR I 223 -67.50 71.43 -55.77
N LYS I 224 -68.54 71.12 -56.54
CA LYS I 224 -69.48 70.06 -56.18
C LYS I 224 -69.09 68.79 -56.92
N ILE I 225 -68.82 67.73 -56.18
CA ILE I 225 -68.33 66.47 -56.72
C ILE I 225 -69.13 65.33 -56.10
N SER I 226 -69.47 64.33 -56.92
CA SER I 226 -70.23 63.19 -56.43
C SER I 226 -69.39 62.38 -55.44
N PRO I 227 -70.04 61.79 -54.43
CA PRO I 227 -69.27 61.11 -53.36
C PRO I 227 -68.38 59.97 -53.85
N GLU I 228 -68.81 59.24 -54.88
CA GLU I 228 -68.08 58.04 -55.29
C GLU I 228 -66.69 58.35 -55.85
N GLU I 229 -66.41 59.61 -56.19
CA GLU I 229 -65.09 60.01 -56.64
C GLU I 229 -64.50 61.18 -55.85
N PHE I 230 -65.32 61.89 -55.08
CA PHE I 230 -64.79 62.98 -54.26
C PHE I 230 -63.79 62.48 -53.23
N ILE I 231 -64.03 61.27 -52.71
CA ILE I 231 -63.10 60.68 -51.76
C ILE I 231 -61.75 60.44 -52.42
N GLU I 232 -61.75 59.94 -53.65
CA GLU I 232 -60.50 59.75 -54.39
C GLU I 232 -59.82 61.08 -54.66
N GLU I 233 -60.61 62.10 -55.03
CA GLU I 233 -60.04 63.41 -55.32
C GLU I 233 -59.35 63.98 -54.09
N ILE I 234 -59.98 63.85 -52.93
CA ILE I 234 -59.40 64.44 -51.73
C ILE I 234 -58.26 63.58 -51.18
N GLN I 235 -58.30 62.27 -51.41
CA GLN I 235 -57.23 61.40 -50.94
C GLN I 235 -56.03 61.40 -51.86
N LYS I 236 -56.15 61.96 -53.06
CA LYS I 236 -55.01 62.06 -53.96
C LYS I 236 -53.87 62.85 -53.31
N VAL I 237 -54.19 63.75 -52.38
CA VAL I 237 -53.17 64.50 -51.65
C VAL I 237 -52.94 63.86 -50.29
N LEU I 238 -53.99 63.25 -49.73
CA LEU I 238 -53.87 62.62 -48.42
C LEU I 238 -52.86 61.48 -48.43
N TYR I 239 -52.87 60.66 -49.48
CA TYR I 239 -51.98 59.50 -49.57
C TYR I 239 -50.65 59.86 -50.22
N LYS I 240 -50.41 61.14 -50.49
CA LYS I 240 -49.20 61.58 -51.17
C LYS I 240 -48.16 62.16 -50.22
N VAL I 241 -48.56 63.05 -49.32
CA VAL I 241 -47.61 63.69 -48.43
C VAL I 241 -47.11 62.70 -47.39
N LYS I 242 -45.82 62.73 -47.10
CA LYS I 242 -45.23 61.84 -46.12
C LYS I 242 -44.90 62.51 -44.80
N LEU I 243 -44.52 63.79 -44.82
CA LEU I 243 -44.20 64.51 -43.59
C LEU I 243 -44.18 66.02 -43.82
N LYS I 250 -40.01 71.52 -40.71
CA LYS I 250 -40.31 72.51 -39.64
C LYS I 250 -41.40 73.47 -40.12
N LEU I 251 -41.01 74.48 -40.90
CA LEU I 251 -41.96 75.49 -41.42
C LEU I 251 -42.97 74.80 -42.35
N TYR I 252 -42.51 73.84 -43.16
CA TYR I 252 -43.39 73.12 -44.10
C TYR I 252 -44.47 72.35 -43.32
N SER I 253 -44.07 71.72 -42.20
CA SER I 253 -45.03 70.97 -41.36
C SER I 253 -46.10 71.93 -40.83
N GLN I 254 -45.69 73.14 -40.46
CA GLN I 254 -46.60 74.17 -39.97
C GLN I 254 -47.76 74.41 -40.93
N PHE I 255 -47.54 74.14 -42.21
CA PHE I 255 -48.59 74.25 -43.21
C PHE I 255 -49.08 72.90 -43.72
N ASN I 256 -48.32 71.82 -43.52
CA ASN I 256 -48.76 70.50 -43.96
C ASN I 256 -50.00 70.05 -43.19
N LEU I 257 -50.02 70.28 -41.88
CA LEU I 257 -51.19 69.89 -41.10
C LEU I 257 -52.40 70.73 -41.46
N SER I 258 -52.19 72.02 -41.76
CA SER I 258 -53.30 72.84 -42.24
C SER I 258 -53.83 72.34 -43.57
N ILE I 259 -52.95 71.76 -44.40
CA ILE I 259 -53.41 71.12 -45.63
C ILE I 259 -54.32 69.95 -45.30
N GLN I 260 -53.92 69.12 -44.34
CA GLN I 260 -54.71 67.94 -44.01
C GLN I 260 -55.96 68.31 -43.23
N ASP I 261 -55.84 69.26 -42.29
CA ASP I 261 -56.97 69.58 -41.41
C ASP I 261 -58.13 70.18 -42.20
N PHE I 262 -57.83 71.12 -43.09
CA PHE I 262 -58.91 71.78 -43.81
C PHE I 262 -59.55 70.85 -44.83
N ALA I 263 -58.76 69.96 -45.44
CA ALA I 263 -59.31 69.04 -46.42
C ALA I 263 -60.32 68.08 -45.81
N LEU I 264 -60.02 67.55 -44.60
CA LEU I 264 -60.90 66.57 -43.99
C LEU I 264 -62.20 67.19 -43.52
N GLN I 265 -62.18 68.47 -43.13
CA GLN I 265 -63.39 69.13 -42.66
C GLN I 265 -64.44 69.25 -43.74
N ILE I 266 -64.04 69.15 -45.01
CA ILE I 266 -64.99 69.27 -46.12
C ILE I 266 -65.99 68.12 -46.09
N ILE I 267 -65.52 66.90 -45.84
CA ILE I 267 -66.38 65.74 -45.91
C ILE I 267 -67.49 65.83 -44.87
N HIS I 268 -67.14 66.21 -43.64
CA HIS I 268 -68.16 66.36 -42.60
C HIS I 268 -69.14 67.47 -42.95
N SER I 269 -68.63 68.56 -43.54
CA SER I 269 -69.52 69.64 -43.95
C SER I 269 -70.51 69.17 -45.01
N LYS I 270 -70.04 68.38 -45.98
CA LYS I 270 -70.95 67.84 -47.00
C LYS I 270 -71.96 66.87 -46.37
N TYR I 271 -71.52 66.09 -45.39
CA TYR I 271 -72.43 65.17 -44.72
C TYR I 271 -73.48 65.93 -43.90
N LYS I 272 -73.12 67.09 -43.35
CA LYS I 272 -74.11 67.90 -42.65
C LYS I 272 -75.22 68.34 -43.59
N SER I 273 -74.86 68.74 -44.80
CA SER I 273 -75.82 69.12 -45.83
C SER I 273 -76.26 67.94 -46.68
N ASN I 274 -75.79 66.73 -46.35
CA ASN I 274 -76.26 65.49 -46.97
C ASN I 274 -75.89 65.41 -48.45
N GLN I 275 -74.67 65.85 -48.79
CA GLN I 275 -74.14 65.55 -50.11
C GLN I 275 -73.43 64.21 -50.17
N ILE I 276 -73.17 63.60 -49.02
CA ILE I 276 -72.47 62.32 -48.93
C ILE I 276 -73.35 61.33 -48.19
N SER I 277 -73.56 60.17 -48.78
CA SER I 277 -74.37 59.14 -48.13
C SER I 277 -73.66 58.61 -46.89
N GLN I 278 -74.46 58.27 -45.87
CA GLN I 278 -73.89 57.77 -44.63
C GLN I 278 -73.16 56.45 -44.84
N ASN I 279 -73.71 55.57 -45.67
CA ASN I 279 -73.04 54.30 -45.95
C ASN I 279 -71.72 54.51 -46.66
N ASP I 280 -71.65 55.51 -47.54
CA ASP I 280 -70.39 55.82 -48.22
C ASP I 280 -69.32 56.27 -47.22
N LEU I 281 -69.71 57.09 -46.24
CA LEU I 281 -68.79 57.48 -45.18
C LEU I 281 -68.38 56.28 -44.34
N LEU I 282 -69.32 55.38 -44.05
CA LEU I 282 -69.00 54.19 -43.26
C LEU I 282 -67.98 53.31 -43.99
N LYS I 283 -68.15 53.16 -45.31
CA LYS I 283 -67.26 52.31 -46.09
C LYS I 283 -65.83 52.85 -46.14
N LEU I 284 -65.61 54.11 -45.79
CA LEU I 284 -64.27 54.69 -45.81
C LEU I 284 -63.69 54.94 -44.42
N ILE I 285 -64.54 55.09 -43.40
CA ILE I 285 -64.01 55.30 -42.05
C ILE I 285 -63.48 54.01 -41.44
N THR I 286 -64.00 52.86 -41.84
CA THR I 286 -63.49 51.58 -41.34
C THR I 286 -62.10 51.26 -41.88
N GLU I 287 -61.62 52.02 -42.87
CA GLU I 287 -60.29 51.79 -43.40
C GLU I 287 -59.24 52.05 -42.34
N ASP I 288 -58.22 51.17 -42.30
CA ASP I 288 -57.26 51.21 -41.21
C ASP I 288 -56.37 52.45 -41.29
N GLU I 289 -55.97 52.86 -42.49
CA GLU I 289 -54.93 53.88 -42.62
C GLU I 289 -55.39 55.22 -42.09
N MET I 290 -56.59 55.66 -42.47
CA MET I 290 -57.03 57.00 -42.08
C MET I 290 -57.30 57.12 -40.59
N LEU I 291 -57.45 56.00 -39.88
CA LEU I 291 -57.54 56.08 -38.42
C LEU I 291 -56.29 56.70 -37.82
N LYS I 292 -55.12 56.23 -38.27
CA LYS I 292 -53.85 56.78 -37.80
C LYS I 292 -53.66 58.22 -38.27
N ILE I 293 -54.21 58.58 -39.42
CA ILE I 293 -54.16 59.97 -39.89
C ILE I 293 -54.96 60.88 -38.97
N LEU I 294 -56.19 60.50 -38.65
CA LEU I 294 -57.04 61.37 -37.83
C LEU I 294 -56.54 61.43 -36.39
N ALA I 295 -56.18 60.28 -35.81
CA ALA I 295 -55.72 60.25 -34.42
C ALA I 295 -54.41 61.00 -34.24
N LYS I 296 -53.65 61.22 -35.31
CA LYS I 296 -52.45 62.03 -35.29
C LYS I 296 -52.74 63.51 -35.53
N THR I 297 -53.58 63.82 -36.52
CA THR I 297 -53.84 65.21 -36.85
C THR I 297 -54.62 65.92 -35.76
N LYS I 298 -55.46 65.19 -35.00
CA LYS I 298 -56.18 65.84 -33.92
C LYS I 298 -55.22 66.41 -32.87
N VAL I 299 -54.32 65.57 -32.38
CA VAL I 299 -53.38 66.01 -31.35
C VAL I 299 -52.39 67.02 -31.92
N LEU I 300 -51.99 66.84 -33.18
CA LEU I 300 -51.07 67.81 -33.79
C LEU I 300 -51.72 69.19 -33.89
N THR I 301 -52.98 69.24 -34.33
CA THR I 301 -53.68 70.52 -34.42
C THR I 301 -53.88 71.14 -33.05
N TYR I 302 -54.21 70.34 -32.05
CA TYR I 302 -54.37 70.90 -30.70
C TYR I 302 -53.05 71.49 -30.19
N LYS I 303 -51.96 70.75 -30.36
CA LYS I 303 -50.66 71.23 -29.86
C LYS I 303 -50.13 72.39 -30.69
N MET I 304 -50.59 72.55 -31.94
CA MET I 304 -50.19 73.69 -32.73
C MET I 304 -50.63 75.00 -32.09
N LYS I 305 -51.87 75.07 -31.64
CA LYS I 305 -52.46 76.34 -31.27
C LYS I 305 -52.80 76.47 -29.79
N TYR I 306 -53.47 75.49 -29.19
CA TYR I 306 -54.03 75.70 -27.86
C TYR I 306 -53.04 75.42 -26.74
N PHE I 307 -52.04 74.57 -26.98
CA PHE I 307 -51.09 74.22 -25.93
C PHE I 307 -50.24 75.41 -25.51
N ASP I 308 -49.89 76.29 -26.45
CA ASP I 308 -49.04 77.43 -26.12
C ASP I 308 -49.71 78.35 -25.11
N SER I 309 -51.02 78.56 -25.22
CA SER I 309 -51.76 79.36 -24.25
C SER I 309 -52.21 78.56 -23.04
N ALA I 310 -52.39 77.25 -23.18
CA ALA I 310 -52.77 76.43 -22.03
C ALA I 310 -51.64 76.31 -21.04
N SER I 311 -50.40 76.23 -21.53
CA SER I 311 -49.26 76.10 -20.63
C SER I 311 -49.09 77.32 -19.73
N LYS I 312 -49.27 78.51 -20.30
CA LYS I 312 -49.10 79.74 -19.51
C LYS I 312 -50.14 79.84 -18.40
N MET I 313 -51.39 79.49 -18.71
CA MET I 313 -52.45 79.50 -17.69
C MET I 313 -52.20 78.48 -16.59
N GLY I 314 -51.45 77.43 -16.87
CA GLY I 314 -51.25 76.35 -15.91
C GLY I 314 -52.21 75.19 -16.04
N ILE I 315 -52.96 75.12 -17.14
CA ILE I 315 -53.90 74.03 -17.38
C ILE I 315 -53.30 72.95 -18.28
N ASN I 316 -52.00 73.05 -18.59
CA ASN I 316 -51.35 72.04 -19.43
C ASN I 316 -51.37 70.68 -18.75
N LYS I 317 -51.18 70.65 -17.43
CA LYS I 317 -51.15 69.38 -16.71
C LYS I 317 -52.50 68.69 -16.69
N TYR I 318 -53.57 69.38 -17.07
CA TYR I 318 -54.90 68.76 -17.03
C TYR I 318 -55.52 68.71 -18.42
N ILE I 319 -54.74 68.26 -19.40
CA ILE I 319 -55.22 68.04 -20.76
C ILE I 319 -55.63 66.58 -20.89
N SER I 320 -56.89 66.35 -21.23
CA SER I 320 -57.44 65.00 -21.36
C SER I 320 -57.70 64.70 -22.82
N THR I 321 -57.19 63.55 -23.28
CA THR I 321 -57.35 63.17 -24.69
C THR I 321 -58.80 62.93 -25.05
N GLU I 322 -59.55 62.25 -24.18
CA GLU I 322 -60.95 61.97 -24.46
C GLU I 322 -61.85 63.19 -24.32
N MET I 323 -61.38 64.23 -23.62
CA MET I 323 -62.10 65.51 -23.56
C MET I 323 -61.52 66.47 -24.61
N MET I 324 -61.71 66.10 -25.87
CA MET I 324 -61.27 66.88 -27.00
C MET I 324 -62.38 67.28 -27.96
N ASP I 325 -63.43 66.48 -28.10
CA ASP I 325 -64.52 66.81 -29.00
C ASP I 325 -65.32 68.01 -28.52
N LEU I 326 -65.25 68.33 -27.23
CA LEU I 326 -66.02 69.44 -26.67
C LEU I 326 -65.51 70.79 -27.12
N ASP I 327 -64.31 70.86 -27.69
CA ASP I 327 -63.81 72.14 -28.21
C ASP I 327 -64.66 72.60 -29.38
N TRP I 328 -64.86 73.92 -29.46
CA TRP I 328 -65.66 74.48 -30.55
C TRP I 328 -65.02 74.18 -31.91
N GLN I 329 -63.69 74.30 -31.99
CA GLN I 329 -63.02 74.05 -33.27
C GLN I 329 -63.03 72.57 -33.61
N PHE I 330 -62.78 71.71 -32.63
CA PHE I 330 -62.81 70.26 -32.85
C PHE I 330 -64.18 69.68 -32.54
N SER I 331 -65.22 70.25 -33.14
CA SER I 331 -66.59 69.82 -32.88
C SER I 331 -67.11 68.80 -33.88
N HIS I 332 -66.48 68.70 -35.05
CA HIS I 332 -66.94 67.77 -36.08
C HIS I 332 -66.68 66.31 -35.72
N TYR I 333 -65.89 66.04 -34.68
CA TYR I 333 -65.58 64.67 -34.29
C TYR I 333 -66.77 63.92 -33.71
N LYS I 334 -67.84 64.62 -33.35
CA LYS I 334 -69.02 63.95 -32.79
C LYS I 334 -69.63 62.99 -33.80
N THR I 335 -69.74 63.41 -35.06
CA THR I 335 -70.23 62.52 -36.09
C THR I 335 -69.31 61.33 -36.30
N PHE I 336 -67.99 61.57 -36.30
CA PHE I 336 -67.03 60.50 -36.41
C PHE I 336 -67.10 59.52 -35.26
N ASN I 337 -67.57 59.95 -34.09
CA ASN I 337 -67.62 59.11 -32.90
C ASN I 337 -68.94 58.34 -32.80
N ASP I 338 -70.08 59.04 -32.76
CA ASP I 338 -71.35 58.36 -32.50
C ASP I 338 -71.74 57.45 -33.66
N ALA I 339 -71.57 57.92 -34.89
CA ALA I 339 -71.92 57.09 -36.04
C ALA I 339 -71.03 55.86 -36.12
N LEU I 340 -69.75 56.00 -35.77
CA LEU I 340 -68.84 54.86 -35.80
C LEU I 340 -69.18 53.86 -34.70
N LYS I 341 -69.53 54.35 -33.50
CA LYS I 341 -69.83 53.43 -32.42
C LYS I 341 -71.20 52.78 -32.59
N LYS I 342 -72.11 53.43 -33.31
CA LYS I 342 -73.43 52.85 -33.53
C LYS I 342 -73.33 51.54 -34.29
N ASN I 343 -72.29 51.39 -35.11
CA ASN I 343 -72.08 50.19 -35.91
C ASN I 343 -70.90 49.36 -35.45
N LYS I 344 -69.76 50.00 -35.21
CA LYS I 344 -68.53 49.31 -34.81
C LYS I 344 -67.95 49.99 -33.58
N ALA I 345 -68.45 49.60 -32.40
CA ALA I 345 -67.94 50.16 -31.15
C ALA I 345 -66.54 49.65 -30.85
N SER I 346 -66.22 48.43 -31.27
CA SER I 346 -64.86 47.92 -31.11
C SER I 346 -63.87 48.81 -31.85
N ASP I 347 -64.24 49.25 -33.05
CA ASP I 347 -63.39 50.21 -33.76
C ASP I 347 -63.29 51.53 -33.02
N SER I 348 -64.35 51.96 -32.35
CA SER I 348 -64.27 53.20 -31.57
C SER I 348 -63.26 53.07 -30.43
N SER I 349 -63.31 51.94 -29.71
CA SER I 349 -62.34 51.70 -28.65
C SER I 349 -60.93 51.61 -29.22
N TYR I 350 -60.78 50.97 -30.39
CA TYR I 350 -59.48 50.86 -31.03
C TYR I 350 -58.94 52.25 -31.41
N LEU I 351 -59.81 53.11 -31.92
CA LEU I 351 -59.42 54.47 -32.25
C LEU I 351 -58.99 55.25 -31.01
N GLY I 352 -59.74 55.11 -29.92
CA GLY I 352 -59.32 55.77 -28.68
C GLY I 352 -57.99 55.26 -28.18
N TRP I 353 -57.78 53.94 -28.27
CA TRP I 353 -56.51 53.34 -27.88
C TRP I 353 -55.36 53.95 -28.68
N LEU I 354 -55.49 53.97 -30.00
CA LEU I 354 -54.45 54.55 -30.84
C LEU I 354 -54.25 56.03 -30.55
N THR I 355 -55.35 56.76 -30.33
CA THR I 355 -55.26 58.19 -30.08
C THR I 355 -54.44 58.47 -28.84
N HIS I 356 -54.74 57.78 -27.74
CA HIS I 356 -53.94 58.00 -26.53
C HIS I 356 -52.51 57.50 -26.70
N GLY I 357 -52.32 56.37 -27.39
CA GLY I 357 -50.98 55.88 -27.61
C GLY I 357 -50.11 56.89 -28.33
N TYR I 358 -50.67 57.55 -29.33
CA TYR I 358 -49.94 58.63 -29.99
C TYR I 358 -49.76 59.82 -29.06
N SER I 359 -50.83 60.27 -28.41
CA SER I 359 -50.77 61.48 -27.61
C SER I 359 -49.77 61.37 -26.48
N ILE I 360 -49.49 60.15 -26.02
CA ILE I 360 -48.52 59.97 -24.94
C ILE I 360 -47.14 60.44 -25.37
N LYS I 361 -46.71 60.05 -26.57
CA LYS I 361 -45.32 60.23 -26.95
C LYS I 361 -45.06 61.52 -27.73
N TYR I 362 -46.06 62.38 -27.89
CA TYR I 362 -45.82 63.72 -28.39
C TYR I 362 -45.62 64.74 -27.27
N GLY I 363 -45.69 64.32 -26.02
CA GLY I 363 -45.51 65.23 -24.90
C GLY I 363 -46.79 65.70 -24.24
N LEU I 364 -47.97 65.31 -24.74
CA LEU I 364 -49.20 65.63 -24.03
C LEU I 364 -49.25 64.94 -22.68
N SER I 365 -48.80 63.69 -22.62
CA SER I 365 -48.69 62.95 -21.37
C SER I 365 -47.29 62.35 -21.29
N PRO I 366 -46.28 63.18 -21.06
CA PRO I 366 -44.90 62.70 -21.12
C PRO I 366 -44.48 61.97 -19.84
N ASN I 367 -43.52 61.07 -20.01
CA ASN I 367 -42.93 60.37 -18.88
C ASN I 367 -41.60 59.77 -19.32
N ASN I 368 -40.70 59.62 -18.36
CA ASN I 368 -39.42 58.97 -18.63
C ASN I 368 -39.50 57.45 -18.65
N GLU I 369 -40.59 56.89 -18.16
CA GLU I 369 -40.79 55.46 -18.09
C GLU I 369 -41.79 55.01 -19.16
N ARG I 370 -41.63 53.77 -19.61
CA ARG I 370 -42.31 53.29 -20.80
C ARG I 370 -43.82 53.17 -20.56
N SER I 371 -44.56 53.01 -21.66
CA SER I 371 -46.01 52.84 -21.62
C SER I 371 -46.30 51.40 -22.00
N MET I 372 -46.51 50.55 -21.00
CA MET I 372 -46.71 49.12 -21.20
C MET I 372 -48.12 48.77 -21.62
N PHE I 373 -48.92 49.75 -22.03
CA PHE I 373 -50.30 49.51 -22.44
C PHE I 373 -50.60 49.97 -23.85
N PHE I 374 -49.71 50.73 -24.49
CA PHE I 374 -49.94 51.32 -25.79
C PHE I 374 -48.73 51.05 -26.69
N GLN I 375 -48.88 51.40 -27.97
CA GLN I 375 -47.81 51.23 -28.96
C GLN I 375 -47.40 49.77 -29.10
N ASP I 376 -48.37 48.86 -28.99
CA ASP I 376 -48.09 47.44 -29.18
C ASP I 376 -49.40 46.75 -29.56
N GLY I 377 -49.44 46.18 -30.77
CA GLY I 377 -50.66 45.54 -31.23
C GLY I 377 -51.07 44.36 -30.37
N ARG I 378 -50.08 43.64 -29.80
CA ARG I 378 -50.39 42.47 -29.01
C ARG I 378 -51.21 42.79 -27.77
N LYS I 379 -51.17 44.04 -27.29
CA LYS I 379 -52.04 44.44 -26.20
C LYS I 379 -53.51 44.34 -26.61
N TYR I 380 -53.82 44.83 -27.81
CA TYR I 380 -55.19 44.77 -28.30
C TYR I 380 -55.68 43.34 -28.45
N ALA I 381 -54.78 42.37 -28.60
CA ALA I 381 -55.21 40.99 -28.67
C ALA I 381 -55.98 40.59 -27.41
N GLU I 382 -55.38 40.82 -26.24
CA GLU I 382 -56.08 40.52 -25.00
C GLU I 382 -57.22 41.49 -24.74
N LEU I 383 -57.06 42.75 -25.13
CA LEU I 383 -58.14 43.71 -24.94
C LEU I 383 -59.42 43.24 -25.64
N TYR I 384 -59.32 42.91 -26.93
CA TYR I 384 -60.44 42.39 -27.69
C TYR I 384 -60.85 41.00 -27.23
N ALA I 385 -59.92 40.18 -26.73
CA ALA I 385 -60.28 38.87 -26.23
C ALA I 385 -61.23 38.97 -25.04
N PHE I 386 -60.95 39.89 -24.12
CA PHE I 386 -61.85 40.10 -23.00
C PHE I 386 -63.07 40.95 -23.37
N SER I 387 -62.97 41.79 -24.40
CA SER I 387 -64.13 42.57 -24.82
C SER I 387 -65.26 41.70 -25.35
N LYS I 388 -64.96 40.47 -25.78
CA LYS I 388 -65.96 39.56 -26.29
C LYS I 388 -66.31 38.43 -25.34
N SER I 389 -65.34 37.92 -24.60
CA SER I 389 -65.59 36.89 -23.59
C SER I 389 -65.40 37.50 -22.21
N PRO I 390 -66.48 37.76 -21.46
CA PRO I 390 -66.34 38.50 -20.21
C PRO I 390 -65.93 37.63 -19.04
N HIS I 391 -65.48 36.40 -19.31
CA HIS I 391 -65.11 35.47 -18.26
C HIS I 391 -63.65 35.04 -18.37
N ARG I 392 -62.83 35.83 -19.07
CA ARG I 392 -61.40 35.59 -19.18
C ARG I 392 -60.60 36.31 -18.12
N LYS I 393 -61.25 37.12 -17.28
CA LYS I 393 -60.55 37.85 -16.22
C LYS I 393 -60.54 37.06 -14.92
N ILE I 394 -61.59 36.28 -14.67
CA ILE I 394 -61.66 35.48 -13.45
C ILE I 394 -60.56 34.43 -13.45
N ILE I 395 -60.30 33.83 -14.61
CA ILE I 395 -59.24 32.84 -14.76
C ILE I 395 -58.40 33.23 -15.97
N PRO I 396 -57.44 34.13 -15.81
CA PRO I 396 -56.70 34.67 -16.95
C PRO I 396 -55.58 33.73 -17.38
N GLY I 397 -54.87 34.15 -18.42
CA GLY I 397 -53.74 33.38 -18.91
C GLY I 397 -52.49 34.22 -18.98
N GLU I 398 -51.44 33.68 -19.60
CA GLU I 398 -50.18 34.40 -19.70
C GLU I 398 -50.33 35.60 -20.63
N HIS I 399 -49.42 36.57 -20.47
CA HIS I 399 -49.50 37.89 -21.10
C HIS I 399 -50.69 38.70 -20.59
N LEU I 400 -51.53 38.09 -19.76
CA LEU I 400 -52.63 38.79 -19.12
C LEU I 400 -52.42 39.01 -17.63
N LYS I 401 -51.69 38.10 -16.98
CA LYS I 401 -51.31 38.32 -15.59
C LYS I 401 -50.39 39.54 -15.47
N ASP I 402 -49.47 39.72 -16.41
CA ASP I 402 -48.58 40.87 -16.38
C ASP I 402 -49.36 42.17 -16.55
N LEU I 403 -50.31 42.19 -17.48
CA LEU I 403 -51.12 43.39 -17.69
C LEU I 403 -51.91 43.73 -16.44
N LEU I 404 -52.51 42.73 -15.79
CA LEU I 404 -53.22 42.98 -14.55
C LEU I 404 -52.28 43.47 -13.45
N ALA I 405 -51.06 42.93 -13.40
CA ALA I 405 -50.09 43.40 -12.41
C ALA I 405 -49.76 44.87 -12.63
N LYS I 406 -49.52 45.27 -13.88
CA LYS I 406 -49.21 46.66 -14.16
C LYS I 406 -50.40 47.59 -13.91
N ILE I 407 -51.63 47.16 -14.22
CA ILE I 407 -52.78 48.03 -13.95
C ILE I 407 -53.03 48.17 -12.46
N ASN I 408 -52.90 47.08 -11.71
CA ASN I 408 -53.06 47.15 -10.26
C ASN I 408 -51.96 47.99 -9.62
N LYS I 409 -50.75 47.96 -10.18
CA LYS I 409 -49.66 48.74 -9.62
C LYS I 409 -49.96 50.23 -9.66
N SER I 410 -50.48 50.72 -10.78
CA SER I 410 -50.89 52.12 -10.89
C SER I 410 -52.19 52.42 -10.16
N LYS I 411 -53.09 51.44 -10.05
CA LYS I 411 -54.29 51.64 -9.26
C LYS I 411 -53.94 51.90 -7.80
N GLY I 412 -52.97 51.15 -7.26
CA GLY I 412 -52.47 51.45 -5.94
C GLY I 412 -51.72 52.77 -5.84
N ILE I 413 -51.05 53.18 -6.92
CA ILE I 413 -50.38 54.47 -6.94
C ILE I 413 -51.39 55.60 -6.81
N PHE I 414 -52.49 55.51 -7.57
CA PHE I 414 -53.47 56.59 -7.57
C PHE I 414 -54.08 56.80 -6.19
N LEU I 415 -54.34 55.72 -5.47
CA LEU I 415 -54.89 55.84 -4.12
C LEU I 415 -53.88 56.43 -3.14
N ASP I 416 -52.60 56.41 -3.48
CA ASP I 416 -51.58 57.01 -2.62
C ASP I 416 -51.64 58.53 -2.69
N GLN I 417 -51.12 59.17 -1.66
CA GLN I 417 -51.14 60.63 -1.53
C GLN I 417 -49.76 61.27 -1.55
N ASN I 418 -48.72 60.54 -1.14
CA ASN I 418 -47.39 61.14 -1.00
C ASN I 418 -46.71 61.34 -2.34
N ALA I 419 -47.03 60.52 -3.33
CA ALA I 419 -46.30 60.54 -4.59
C ALA I 419 -46.47 61.87 -5.31
N LEU I 420 -45.66 62.07 -6.35
CA LEU I 420 -45.67 63.33 -7.08
C LEU I 420 -46.95 63.46 -7.88
N LEU I 421 -47.41 64.70 -8.07
CA LEU I 421 -48.73 64.94 -8.64
C LEU I 421 -48.79 64.56 -10.11
N ASP I 422 -47.76 64.92 -10.87
CA ASP I 422 -47.79 64.72 -12.32
C ASP I 422 -47.86 63.25 -12.69
N LYS I 423 -47.23 62.39 -11.89
CA LYS I 423 -47.25 60.95 -12.19
C LYS I 423 -48.63 60.34 -11.91
N ARG I 424 -49.33 60.81 -10.86
CA ARG I 424 -50.73 60.42 -10.68
C ARG I 424 -51.61 60.99 -11.78
N ILE I 425 -51.31 62.19 -12.27
CA ILE I 425 -52.01 62.72 -13.44
C ILE I 425 -51.84 61.79 -14.63
N TYR I 426 -50.61 61.33 -14.88
CA TYR I 426 -50.35 60.38 -15.95
C TYR I 426 -51.19 59.12 -15.77
N ALA I 427 -51.14 58.53 -14.58
CA ALA I 427 -51.88 57.29 -14.29
C ALA I 427 -53.37 57.46 -14.50
N PHE I 428 -53.92 58.60 -14.06
CA PHE I 428 -55.27 59.00 -14.42
C PHE I 428 -55.47 58.95 -15.92
N HIS I 429 -54.53 59.52 -16.67
CA HIS I 429 -54.74 59.67 -18.11
C HIS I 429 -54.83 58.34 -18.84
N GLU I 430 -53.97 57.36 -18.52
CA GLU I 430 -54.16 56.09 -19.23
C GLU I 430 -55.42 55.38 -18.73
N LEU I 431 -55.61 55.36 -17.41
CA LEU I 431 -56.67 54.54 -16.83
C LEU I 431 -58.04 55.00 -17.29
N ASN I 432 -58.23 56.30 -17.53
CA ASN I 432 -59.50 56.77 -18.06
C ASN I 432 -59.78 56.18 -19.43
N THR I 433 -58.76 56.17 -20.30
CA THR I 433 -58.95 55.60 -21.64
C THR I 433 -59.25 54.11 -21.55
N LEU I 434 -58.52 53.40 -20.68
CA LEU I 434 -58.78 51.96 -20.51
C LEU I 434 -60.18 51.70 -19.99
N GLU I 435 -60.65 52.50 -19.03
CA GLU I 435 -61.95 52.24 -18.44
C GLU I 435 -63.07 52.57 -19.42
N THR I 436 -63.00 53.73 -20.07
CA THR I 436 -64.09 54.12 -20.98
C THR I 436 -64.11 53.24 -22.22
N HIS I 437 -62.95 53.06 -22.86
CA HIS I 437 -62.91 52.29 -24.11
C HIS I 437 -63.06 50.80 -23.87
N PHE I 438 -62.60 50.31 -22.72
CA PHE I 438 -62.68 48.90 -22.35
C PHE I 438 -63.37 48.83 -21.00
N PRO I 439 -64.69 48.93 -20.97
CA PRO I 439 -65.40 48.91 -19.69
C PRO I 439 -65.21 47.59 -18.96
N GLY I 440 -65.17 47.68 -17.64
CA GLY I 440 -64.96 46.51 -16.81
C GLY I 440 -63.58 45.90 -16.95
N ILE I 441 -62.55 46.73 -17.10
CA ILE I 441 -61.18 46.25 -17.19
C ILE I 441 -60.41 46.42 -15.88
N THR I 442 -60.80 47.37 -15.04
CA THR I 442 -60.24 47.51 -13.70
C THR I 442 -61.28 47.23 -12.63
N SER I 443 -62.34 46.49 -12.98
CA SER I 443 -63.47 46.27 -12.08
C SER I 443 -63.06 45.28 -11.00
N SER I 444 -62.26 45.77 -10.06
CA SER I 444 -61.90 45.02 -8.86
C SER I 444 -63.02 45.27 -7.85
N PHE I 445 -64.01 44.37 -7.84
CA PHE I 445 -65.21 44.58 -7.03
C PHE I 445 -64.91 44.70 -5.54
N THR I 446 -63.78 44.15 -5.08
CA THR I 446 -63.46 44.17 -3.67
C THR I 446 -62.76 45.46 -3.26
N ASP I 447 -61.72 45.86 -4.01
CA ASP I 447 -60.90 46.99 -3.59
C ASP I 447 -61.58 48.32 -3.83
N ASP I 448 -62.34 48.45 -4.92
CA ASP I 448 -62.94 49.74 -5.26
C ASP I 448 -63.95 50.18 -4.21
N LEU I 449 -64.76 49.24 -3.70
CA LEU I 449 -65.78 49.58 -2.73
C LEU I 449 -65.14 50.07 -1.42
N LYS I 450 -64.05 49.44 -1.01
CA LYS I 450 -63.38 49.82 0.23
C LYS I 450 -62.74 51.19 0.15
N SER I 451 -62.34 51.64 -1.03
CA SER I 451 -61.68 52.93 -1.19
C SER I 451 -62.54 53.94 -1.94
N ASN I 452 -63.79 53.61 -2.25
CA ASN I 452 -64.69 54.49 -3.00
C ASN I 452 -64.04 54.93 -4.31
N TYR I 453 -63.45 53.96 -5.01
CA TYR I 453 -62.61 54.27 -6.17
C TYR I 453 -63.42 54.90 -7.30
N ARG I 454 -64.62 54.37 -7.56
CA ARG I 454 -65.41 54.84 -8.70
C ARG I 454 -65.83 56.30 -8.51
N LYS I 455 -66.35 56.64 -7.34
CA LYS I 455 -66.79 58.01 -7.10
C LYS I 455 -65.61 58.97 -7.06
N LYS I 456 -64.48 58.53 -6.51
CA LYS I 456 -63.28 59.35 -6.54
C LYS I 456 -62.83 59.63 -7.96
N MET I 457 -62.87 58.61 -8.82
CA MET I 457 -62.50 58.79 -10.22
C MET I 457 -63.46 59.74 -10.92
N GLU I 458 -64.77 59.60 -10.67
CA GLU I 458 -65.71 60.51 -11.29
C GLU I 458 -65.50 61.94 -10.83
N SER I 459 -65.22 62.14 -9.54
CA SER I 459 -64.97 63.47 -9.02
C SER I 459 -63.74 64.10 -9.65
N VAL I 460 -62.65 63.34 -9.73
CA VAL I 460 -61.45 63.91 -10.35
C VAL I 460 -61.59 64.04 -11.85
N SER I 461 -62.54 63.32 -12.47
CA SER I 461 -62.80 63.49 -13.89
C SER I 461 -63.54 64.78 -14.17
N LEU I 462 -64.55 65.10 -13.35
CA LEU I 462 -65.36 66.29 -13.58
C LEU I 462 -64.52 67.58 -13.50
N THR I 463 -63.47 67.57 -12.68
CA THR I 463 -62.59 68.73 -12.55
C THR I 463 -61.97 69.09 -13.90
N CYS I 464 -61.68 68.08 -14.72
CA CYS I 464 -61.06 68.36 -16.02
C CYS I 464 -61.98 69.16 -16.93
N GLN I 465 -63.26 68.77 -17.01
CA GLN I 465 -64.20 69.55 -17.81
C GLN I 465 -64.41 70.93 -17.21
N VAL I 466 -64.46 71.03 -15.89
CA VAL I 466 -64.59 72.34 -15.26
C VAL I 466 -63.44 73.25 -15.66
N LEU I 467 -62.21 72.74 -15.58
CA LEU I 467 -61.04 73.54 -15.94
C LEU I 467 -61.01 73.84 -17.44
N GLN I 468 -61.49 72.92 -18.26
CA GLN I 468 -61.57 73.17 -19.70
C GLN I 468 -62.50 74.35 -19.99
N GLU I 469 -63.66 74.37 -19.34
CA GLU I 469 -64.58 75.48 -19.55
C GLU I 469 -64.00 76.79 -19.02
N ILE I 470 -63.31 76.74 -17.88
CA ILE I 470 -62.68 77.96 -17.34
C ILE I 470 -61.61 78.47 -18.31
N GLY I 471 -60.80 77.56 -18.85
CA GLY I 471 -59.81 77.96 -19.83
C GLY I 471 -60.43 78.53 -21.10
N ASN I 472 -61.58 77.99 -21.51
CA ASN I 472 -62.29 78.58 -22.64
C ASN I 472 -62.75 79.99 -22.34
N ILE I 473 -63.26 80.22 -21.13
CA ILE I 473 -63.66 81.57 -20.73
C ILE I 473 -62.46 82.52 -20.75
N HIS I 474 -61.31 82.03 -20.27
CA HIS I 474 -60.10 82.86 -20.31
C HIS I 474 -59.66 83.14 -21.74
N ARG I 475 -59.74 82.15 -22.62
CA ARG I 475 -59.41 82.36 -24.02
C ARG I 475 -60.40 83.28 -24.73
N PHE I 476 -61.60 83.45 -24.17
CA PHE I 476 -62.57 84.39 -24.71
C PHE I 476 -62.40 85.80 -24.18
N ILE I 477 -62.00 85.96 -22.91
CA ILE I 477 -62.00 87.29 -22.30
C ILE I 477 -60.91 88.18 -22.89
N GLU I 478 -59.71 87.64 -23.10
CA GLU I 478 -58.59 88.48 -23.54
C GLU I 478 -58.72 88.86 -25.00
N SER I 479 -59.26 87.97 -25.83
CA SER I 479 -59.42 88.28 -27.25
C SER I 479 -60.39 89.42 -27.47
N LYS I 480 -61.34 89.61 -26.55
CA LYS I 480 -62.31 90.69 -26.65
C LYS I 480 -61.73 92.00 -26.15
N THR I 487 -52.67 85.13 -31.12
CA THR I 487 -54.10 84.96 -30.94
C THR I 487 -54.41 83.73 -30.10
N GLU I 488 -55.10 83.93 -28.97
CA GLU I 488 -55.43 82.82 -28.09
C GLU I 488 -56.50 81.90 -28.67
N TYR I 489 -57.28 82.38 -29.64
CA TYR I 489 -58.16 81.47 -30.39
C TYR I 489 -57.36 80.49 -31.24
N GLY I 490 -56.09 80.77 -31.50
CA GLY I 490 -55.25 79.86 -32.24
C GLY I 490 -55.10 80.27 -33.69
N LEU I 491 -53.97 79.88 -34.27
CA LEU I 491 -53.71 80.16 -35.68
C LEU I 491 -54.67 79.38 -36.57
N PHE I 492 -55.15 80.03 -37.63
CA PHE I 492 -56.03 79.44 -38.62
C PHE I 492 -57.35 78.95 -38.02
N SER I 493 -57.76 79.52 -36.89
CA SER I 493 -59.01 79.15 -36.24
C SER I 493 -60.13 80.14 -36.55
N ILE I 494 -59.89 81.43 -36.36
CA ILE I 494 -60.87 82.47 -36.61
C ILE I 494 -60.29 83.42 -37.65
N PRO I 495 -60.99 83.70 -38.74
CA PRO I 495 -60.43 84.59 -39.77
C PRO I 495 -60.48 86.04 -39.33
N LYS I 496 -59.71 86.87 -40.05
CA LYS I 496 -59.49 88.25 -39.63
C LYS I 496 -60.78 89.07 -39.69
N ILE I 497 -61.59 88.89 -40.73
CA ILE I 497 -62.81 89.67 -40.83
C ILE I 497 -63.80 89.29 -39.74
N PHE I 498 -63.89 88.00 -39.43
CA PHE I 498 -64.75 87.54 -38.34
C PHE I 498 -64.09 87.64 -36.98
N SER I 499 -62.95 88.32 -36.86
CA SER I 499 -62.24 88.42 -35.59
C SER I 499 -63.04 89.26 -34.61
N ILE I 500 -62.57 89.30 -33.37
CA ILE I 500 -63.23 89.98 -32.26
C ILE I 500 -62.38 91.17 -31.86
N PRO I 501 -62.94 92.39 -31.83
CA PRO I 501 -62.15 93.56 -31.43
C PRO I 501 -61.90 93.62 -29.92
N ILE I 502 -61.33 94.73 -29.47
CA ILE I 502 -60.94 94.86 -28.07
C ILE I 502 -62.05 95.41 -27.18
N ASP I 503 -63.06 96.05 -27.76
CA ASP I 503 -64.06 96.76 -26.97
C ASP I 503 -64.84 95.80 -26.07
N TYR I 504 -65.11 96.26 -24.85
CA TYR I 504 -65.90 95.45 -23.91
C TYR I 504 -67.36 95.40 -24.36
N LYS I 505 -68.00 94.26 -24.10
CA LYS I 505 -69.38 94.04 -24.51
C LYS I 505 -70.29 94.07 -23.28
N HIS I 506 -71.45 94.74 -23.43
CA HIS I 506 -72.38 94.86 -22.31
C HIS I 506 -72.99 93.53 -21.92
N GLY I 507 -73.18 92.62 -22.88
CA GLY I 507 -73.75 91.32 -22.58
C GLY I 507 -72.83 90.41 -21.78
N GLU I 508 -71.55 90.76 -21.67
CA GLU I 508 -70.63 89.96 -20.89
C GLU I 508 -70.90 90.10 -19.39
N LYS I 509 -71.19 91.31 -18.93
CA LYS I 509 -71.37 91.55 -17.51
C LYS I 509 -72.57 90.80 -16.93
N GLU I 510 -73.52 90.39 -17.77
CA GLU I 510 -74.72 89.70 -17.31
C GLU I 510 -74.70 88.20 -17.58
N ASN I 511 -73.86 87.72 -18.49
CA ASN I 511 -73.88 86.33 -18.89
C ASN I 511 -72.53 85.62 -18.76
N LEU I 512 -71.48 86.31 -18.31
CA LEU I 512 -70.17 85.70 -18.17
C LEU I 512 -69.71 85.64 -16.72
N VAL I 513 -69.63 86.79 -16.05
CA VAL I 513 -69.19 86.80 -14.65
C VAL I 513 -70.24 86.13 -13.77
N SER I 514 -71.52 86.34 -14.08
CA SER I 514 -72.58 85.64 -13.35
C SER I 514 -72.53 84.15 -13.61
N TYR I 515 -72.30 83.75 -14.87
CA TYR I 515 -72.26 82.34 -15.22
C TYR I 515 -71.05 81.62 -14.64
N VAL I 516 -69.97 82.36 -14.35
CA VAL I 516 -68.83 81.77 -13.65
C VAL I 516 -69.26 81.25 -12.28
N ASP I 517 -70.09 82.04 -11.56
CA ASP I 517 -70.61 81.59 -10.28
C ASP I 517 -71.48 80.35 -10.43
N PHE I 518 -72.31 80.30 -11.48
CA PHE I 518 -73.11 79.12 -11.74
C PHE I 518 -72.25 77.90 -12.01
N LEU I 519 -71.16 78.06 -12.75
CA LEU I 519 -70.22 76.97 -13.00
C LEU I 519 -69.55 76.49 -11.72
N TYR I 520 -69.10 77.42 -10.88
CA TYR I 520 -68.38 77.01 -9.67
C TYR I 520 -69.32 76.37 -8.65
N SER I 521 -70.56 76.86 -8.55
CA SER I 521 -71.53 76.22 -7.68
C SER I 521 -71.85 74.82 -8.16
N THR I 522 -71.99 74.65 -9.47
CA THR I 522 -72.19 73.31 -10.03
C THR I 522 -70.98 72.42 -9.80
N ALA I 523 -69.79 73.00 -9.77
CA ALA I 523 -68.59 72.22 -9.48
C ALA I 523 -68.54 71.80 -8.02
N HIS I 524 -69.00 72.66 -7.11
CA HIS I 524 -68.90 72.42 -5.68
C HIS I 524 -70.16 71.81 -5.08
N GLU I 525 -70.89 70.99 -5.83
CA GLU I 525 -72.19 70.50 -5.37
C GLU I 525 -72.24 68.99 -5.16
N ARG I 526 -71.47 68.21 -5.92
CA ARG I 526 -71.55 66.76 -5.78
C ARG I 526 -70.19 66.07 -5.88
N ILE I 527 -69.12 66.74 -5.47
CA ILE I 527 -67.78 66.15 -5.47
C ILE I 527 -67.38 65.86 -4.03
N LEU I 528 -66.95 64.63 -3.77
CA LEU I 528 -66.53 64.27 -2.44
C LEU I 528 -65.11 64.80 -2.18
N GLN I 529 -64.73 64.81 -0.91
CA GLN I 529 -63.44 65.33 -0.48
C GLN I 529 -62.65 64.24 0.23
N ASP I 530 -61.36 64.16 -0.09
CA ASP I 530 -60.46 63.21 0.54
C ASP I 530 -59.06 63.80 0.51
N ASN I 531 -58.19 63.29 1.39
CA ASN I 531 -56.82 63.79 1.44
C ASN I 531 -56.13 63.61 0.09
N SER I 532 -56.41 62.51 -0.60
CA SER I 532 -55.92 62.33 -1.96
C SER I 532 -56.73 63.16 -2.95
N ILE I 533 -58.04 63.26 -2.74
CA ILE I 533 -58.89 64.02 -3.65
C ILE I 533 -58.59 65.51 -3.55
N ASN I 534 -58.32 66.00 -2.33
CA ASN I 534 -58.06 67.42 -2.15
C ASN I 534 -56.83 67.86 -2.93
N GLN I 535 -55.77 67.05 -2.92
CA GLN I 535 -54.62 67.34 -3.75
C GLN I 535 -54.92 67.20 -5.24
N LEU I 536 -56.01 66.53 -5.60
CA LEU I 536 -56.40 66.33 -6.98
C LEU I 536 -57.61 67.15 -7.41
N CYS I 537 -58.51 67.49 -6.49
CA CYS I 537 -59.70 68.27 -6.82
C CYS I 537 -59.73 69.62 -6.11
N LEU I 538 -59.58 69.63 -4.78
CA LEU I 538 -59.80 70.86 -4.03
C LEU I 538 -58.74 71.91 -4.36
N ASP I 539 -57.47 71.51 -4.35
CA ASP I 539 -56.40 72.47 -4.61
C ASP I 539 -56.46 73.09 -6.00
N PRO I 540 -56.55 72.32 -7.10
CA PRO I 540 -56.61 72.96 -8.41
C PRO I 540 -57.88 73.77 -8.62
N LEU I 541 -59.02 73.29 -8.10
CA LEU I 541 -60.26 74.04 -8.26
C LEU I 541 -60.19 75.36 -7.49
N GLN I 542 -59.61 75.35 -6.29
CA GLN I 542 -59.46 76.59 -5.53
C GLN I 542 -58.48 77.53 -6.23
N GLU I 543 -57.41 77.00 -6.81
CA GLU I 543 -56.47 77.86 -7.54
C GLU I 543 -57.15 78.51 -8.74
N SER I 544 -57.95 77.72 -9.49
CA SER I 544 -58.69 78.29 -10.61
C SER I 544 -59.72 79.32 -10.15
N LEU I 545 -60.38 79.06 -9.03
CA LEU I 545 -61.34 80.02 -8.49
C LEU I 545 -60.65 81.34 -8.11
N ASN I 546 -59.46 81.25 -7.51
CA ASN I 546 -58.70 82.45 -7.20
C ASN I 546 -58.29 83.19 -8.47
N ARG I 547 -57.86 82.46 -9.50
CA ARG I 547 -57.36 83.12 -10.70
C ARG I 547 -58.48 83.72 -11.53
N ILE I 548 -59.69 83.15 -11.47
CA ILE I 548 -60.78 83.63 -12.29
C ILE I 548 -61.41 84.91 -11.74
N LYS I 549 -61.20 85.21 -10.46
CA LYS I 549 -61.77 86.40 -9.84
C LYS I 549 -60.77 87.55 -9.74
N SER I 550 -59.62 87.44 -10.41
CA SER I 550 -58.61 88.49 -10.40
C SER I 550 -58.37 89.09 -11.78
N ASN I 551 -59.20 88.73 -12.77
CA ASN I 551 -59.02 89.24 -14.13
C ASN I 551 -60.30 89.67 -14.82
N ILE I 552 -61.48 89.34 -14.29
CA ILE I 552 -62.73 89.71 -14.96
C ILE I 552 -62.91 91.22 -15.05
N PRO I 553 -62.75 92.01 -13.97
CA PRO I 553 -62.93 93.46 -14.11
C PRO I 553 -61.94 94.09 -15.08
N VAL I 554 -60.72 93.58 -15.17
CA VAL I 554 -59.72 94.15 -16.05
C VAL I 554 -59.70 93.42 -17.39
N VAL J 125 -36.75 12.47 -94.93
CA VAL J 125 -38.09 12.04 -95.31
C VAL J 125 -38.63 11.03 -94.30
N ASN J 126 -39.89 11.21 -93.89
CA ASN J 126 -40.53 10.33 -92.92
C ASN J 126 -41.42 9.34 -93.68
N PHE J 127 -40.77 8.36 -94.28
CA PHE J 127 -41.50 7.38 -95.08
C PHE J 127 -42.34 6.48 -94.19
N PRO J 128 -43.59 6.22 -94.54
CA PRO J 128 -44.44 5.35 -93.72
C PRO J 128 -44.15 3.88 -94.00
N PHE J 129 -44.91 3.02 -93.34
CA PHE J 129 -44.70 1.58 -93.48
C PHE J 129 -45.16 1.10 -94.85
N PRO J 130 -44.29 0.47 -95.63
CA PRO J 130 -44.73 -0.06 -96.94
C PRO J 130 -45.58 -1.30 -96.80
N LYS J 131 -46.88 -1.11 -96.56
CA LYS J 131 -47.79 -2.23 -96.34
C LYS J 131 -47.95 -3.03 -97.63
N LYS J 132 -47.33 -4.20 -97.68
CA LYS J 132 -47.47 -5.11 -98.81
C LYS J 132 -47.80 -6.52 -98.32
N MET J 133 -47.77 -7.49 -99.22
CA MET J 133 -48.08 -8.87 -98.84
C MET J 133 -47.34 -9.81 -99.78
N ILE J 134 -46.62 -10.78 -99.21
CA ILE J 134 -45.93 -11.81 -99.98
C ILE J 134 -46.70 -13.11 -99.77
N THR J 135 -47.45 -13.52 -100.81
CA THR J 135 -48.28 -14.71 -100.72
C THR J 135 -47.94 -15.68 -101.86
N GLU J 136 -48.76 -16.71 -102.03
CA GLU J 136 -48.54 -17.66 -103.12
C GLU J 136 -48.65 -16.94 -104.47
N SER J 137 -47.88 -17.44 -105.44
CA SER J 137 -47.74 -16.86 -106.77
C SER J 137 -47.15 -15.45 -106.73
N ASN J 138 -46.48 -15.12 -105.62
CA ASN J 138 -45.78 -13.85 -105.49
C ASN J 138 -44.34 -13.99 -105.02
N SER J 139 -43.99 -15.06 -104.31
CA SER J 139 -42.60 -15.29 -103.94
C SER J 139 -41.73 -15.52 -105.17
N LYS J 140 -42.26 -16.25 -106.15
CA LYS J 140 -41.54 -16.51 -107.39
C LYS J 140 -41.57 -15.32 -108.34
N ASP J 141 -42.30 -14.25 -108.00
CA ASP J 141 -42.33 -13.08 -108.86
C ASP J 141 -40.96 -12.42 -108.96
N ILE J 142 -40.25 -12.32 -107.85
CA ILE J 142 -38.96 -11.65 -107.81
C ILE J 142 -37.81 -12.63 -107.58
N ARG J 143 -38.01 -13.68 -106.77
CA ARG J 143 -36.94 -14.64 -106.52
C ARG J 143 -36.50 -15.33 -107.81
N GLU J 144 -37.38 -15.43 -108.80
CA GLU J 144 -37.00 -16.00 -110.09
C GLU J 144 -35.90 -15.16 -110.73
N TYR J 145 -36.04 -13.84 -110.70
CA TYR J 145 -34.94 -12.97 -111.12
C TYR J 145 -33.75 -13.15 -110.20
N LEU J 146 -33.98 -13.20 -108.88
CA LEU J 146 -32.89 -13.41 -107.95
C LEU J 146 -32.28 -14.80 -108.07
N ALA J 147 -33.00 -15.76 -108.65
CA ALA J 147 -32.47 -17.10 -108.83
C ALA J 147 -31.34 -17.17 -109.85
N SER J 148 -31.14 -16.12 -110.64
CA SER J 148 -30.11 -16.13 -111.68
C SER J 148 -29.27 -14.87 -111.73
N THR J 149 -29.68 -13.78 -111.07
CA THR J 149 -28.90 -12.55 -111.14
C THR J 149 -27.60 -12.69 -110.33
N PHE J 150 -26.73 -11.70 -110.50
CA PHE J 150 -25.43 -11.75 -109.83
C PHE J 150 -25.53 -11.84 -108.32
N PRO J 151 -26.35 -11.04 -107.63
CA PRO J 151 -26.56 -11.26 -106.20
C PRO J 151 -27.53 -12.41 -105.98
N PHE J 152 -27.71 -12.76 -104.71
CA PHE J 152 -28.63 -13.79 -104.23
C PHE J 152 -28.20 -15.20 -104.62
N GLU J 153 -27.16 -15.35 -105.44
CA GLU J 153 -26.68 -16.68 -105.80
C GLU J 153 -26.05 -17.37 -104.59
N GLN J 154 -25.36 -16.62 -103.73
CA GLN J 154 -24.73 -17.15 -102.54
C GLN J 154 -25.45 -16.73 -101.27
N GLN J 155 -26.72 -16.33 -101.38
CA GLN J 155 -27.51 -15.93 -100.22
C GLN J 155 -28.89 -16.54 -100.26
N SER J 156 -29.76 -16.12 -99.34
CA SER J 156 -31.13 -16.63 -99.28
C SER J 156 -32.05 -15.47 -98.87
N THR J 157 -33.30 -15.80 -98.55
CA THR J 157 -34.27 -14.80 -98.14
C THR J 157 -35.01 -15.25 -96.90
N ILE J 158 -35.48 -14.28 -96.12
CA ILE J 158 -36.22 -14.56 -94.90
C ILE J 158 -37.58 -15.14 -95.21
N LEU J 159 -38.16 -14.78 -96.37
CA LEU J 159 -39.51 -15.21 -96.72
C LEU J 159 -39.61 -16.72 -96.86
N ASP J 160 -38.50 -17.42 -97.03
CA ASP J 160 -38.51 -18.88 -97.14
C ASP J 160 -38.96 -19.51 -95.83
N GLN J 179 -19.43 -21.47 -112.09
CA GLN J 179 -19.37 -20.38 -111.12
C GLN J 179 -17.99 -20.28 -110.47
N LEU J 180 -17.17 -21.31 -110.67
CA LEU J 180 -15.80 -21.29 -110.16
C LEU J 180 -14.91 -20.30 -110.88
N LYS J 181 -15.31 -19.84 -112.07
CA LYS J 181 -14.52 -18.84 -112.78
C LYS J 181 -14.49 -17.52 -112.03
N PHE J 182 -15.52 -17.24 -111.22
CA PHE J 182 -15.54 -15.99 -110.45
C PHE J 182 -14.36 -15.91 -109.50
N ARG J 183 -14.06 -17.02 -108.81
CA ARG J 183 -12.88 -17.05 -107.95
C ARG J 183 -11.61 -17.33 -108.74
N GLN J 184 -11.72 -17.99 -109.89
CA GLN J 184 -10.53 -18.24 -110.71
C GLN J 184 -9.96 -16.95 -111.27
N GLU J 185 -10.83 -15.98 -111.59
CA GLU J 185 -10.36 -14.68 -112.06
C GLU J 185 -9.54 -13.98 -110.98
N ASN J 186 -10.00 -14.04 -109.73
CA ASN J 186 -9.22 -13.50 -108.63
C ASN J 186 -7.95 -14.30 -108.39
N LEU J 187 -7.98 -15.62 -108.63
CA LEU J 187 -6.75 -16.41 -108.56
C LEU J 187 -5.73 -15.91 -109.58
N ALA J 188 -6.20 -15.56 -110.78
CA ALA J 188 -5.31 -14.95 -111.77
C ALA J 188 -4.81 -13.59 -111.32
N GLU J 189 -5.69 -12.76 -110.75
CA GLU J 189 -5.33 -11.42 -110.28
C GLU J 189 -4.60 -11.43 -108.94
N LEU J 190 -4.32 -12.62 -108.41
CA LEU J 190 -3.67 -12.77 -107.11
C LEU J 190 -2.45 -11.86 -106.94
N LYS J 191 -1.78 -11.50 -108.04
CA LYS J 191 -0.53 -10.74 -107.96
C LYS J 191 -0.63 -9.46 -108.79
N ASP J 192 -1.72 -8.72 -108.59
CA ASP J 192 -1.90 -7.45 -109.29
C ASP J 192 -0.84 -6.44 -108.86
N GLN J 193 -0.82 -6.10 -107.57
CA GLN J 193 0.02 -5.02 -107.07
C GLN J 193 1.21 -5.51 -106.26
N ILE J 194 1.39 -6.82 -106.11
CA ILE J 194 2.51 -7.33 -105.31
C ILE J 194 3.83 -6.96 -105.97
N ILE J 195 3.91 -7.08 -107.29
CA ILE J 195 5.14 -6.80 -108.01
C ILE J 195 5.50 -5.32 -108.05
N LEU J 196 4.55 -4.44 -107.69
CA LEU J 196 4.80 -3.01 -107.83
C LEU J 196 5.80 -2.51 -106.80
N SER J 197 5.77 -3.05 -105.58
CA SER J 197 6.60 -2.57 -104.48
C SER J 197 7.29 -3.75 -103.80
N LEU J 198 7.93 -4.60 -104.60
CA LEU J 198 8.62 -5.77 -104.05
C LEU J 198 9.80 -5.39 -103.17
N GLY J 199 10.32 -4.18 -103.33
CA GLY J 199 11.47 -3.73 -102.54
C GLY J 199 11.19 -3.60 -101.07
N ASN J 206 11.99 -7.92 -97.55
CA ASN J 206 10.90 -7.12 -97.01
C ASN J 206 9.57 -7.53 -97.64
N TRP J 207 9.39 -7.21 -98.91
CA TRP J 207 8.15 -7.49 -99.63
C TRP J 207 8.33 -8.58 -100.68
N GLN J 208 9.38 -9.39 -100.55
CA GLN J 208 9.64 -10.44 -101.52
C GLN J 208 8.88 -11.72 -101.19
N LYS J 209 8.72 -12.04 -99.90
CA LYS J 209 8.03 -13.26 -99.51
C LYS J 209 6.58 -13.27 -99.98
N LEU J 210 5.97 -12.09 -100.09
CA LEU J 210 4.60 -12.01 -100.58
C LEU J 210 4.48 -12.62 -101.98
N LEU J 211 5.33 -12.17 -102.91
CA LEU J 211 5.32 -12.75 -104.25
C LEU J 211 5.87 -14.17 -104.24
N ASP J 212 6.78 -14.48 -103.32
CA ASP J 212 7.32 -15.83 -103.24
C ASP J 212 6.23 -16.84 -102.95
N TYR J 213 5.33 -16.51 -102.03
CA TYR J 213 4.21 -17.39 -101.72
C TYR J 213 3.02 -17.21 -102.65
N THR J 214 2.90 -16.07 -103.32
CA THR J 214 1.80 -15.84 -104.24
C THR J 214 1.84 -16.82 -105.40
N ASN J 215 3.01 -17.01 -105.99
CA ASN J 215 3.16 -17.96 -107.08
C ASN J 215 2.95 -19.40 -106.61
N LYS J 216 3.36 -19.73 -105.38
CA LYS J 216 3.09 -21.05 -104.84
C LYS J 216 1.59 -21.29 -104.70
N LEU J 217 0.86 -20.30 -104.18
CA LEU J 217 -0.59 -20.43 -104.05
C LEU J 217 -1.25 -20.55 -105.41
N ASP J 218 -0.79 -19.76 -106.39
CA ASP J 218 -1.32 -19.87 -107.74
C ASP J 218 -1.07 -21.25 -108.33
N GLU J 219 0.12 -21.80 -108.08
CA GLU J 219 0.43 -23.16 -108.54
C GLU J 219 -0.52 -24.18 -107.92
N LEU J 220 -0.67 -24.14 -106.59
CA LEU J 220 -1.55 -25.07 -105.92
C LEU J 220 -3.02 -24.87 -106.25
N SER J 221 -3.39 -23.69 -106.73
CA SER J 221 -4.79 -23.41 -107.06
C SER J 221 -5.26 -24.26 -108.24
N ASN J 222 -4.45 -24.38 -109.29
CA ASN J 222 -4.84 -25.07 -110.50
C ASN J 222 -4.32 -26.49 -110.60
N THR J 223 -3.18 -26.80 -109.98
CA THR J 223 -2.66 -28.15 -110.01
C THR J 223 -3.55 -29.09 -109.19
N LYS J 224 -3.73 -30.31 -109.69
CA LYS J 224 -4.55 -31.31 -109.01
C LYS J 224 -3.63 -32.22 -108.20
N ILE J 225 -3.89 -32.30 -106.90
CA ILE J 225 -3.08 -33.07 -105.97
C ILE J 225 -4.02 -33.91 -105.10
N SER J 226 -3.60 -35.14 -104.81
CA SER J 226 -4.41 -36.04 -104.01
C SER J 226 -4.63 -35.44 -102.61
N PRO J 227 -5.79 -35.70 -101.99
CA PRO J 227 -6.10 -35.04 -100.71
C PRO J 227 -5.09 -35.33 -99.61
N GLU J 228 -4.51 -36.53 -99.58
CA GLU J 228 -3.58 -36.88 -98.52
C GLU J 228 -2.28 -36.09 -98.59
N GLU J 229 -2.01 -35.40 -99.70
CA GLU J 229 -0.83 -34.56 -99.82
C GLU J 229 -1.15 -33.08 -100.00
N PHE J 230 -2.31 -32.75 -100.57
CA PHE J 230 -2.65 -31.35 -100.80
C PHE J 230 -2.77 -30.59 -99.50
N ILE J 231 -3.24 -31.25 -98.43
CA ILE J 231 -3.34 -30.60 -97.13
C ILE J 231 -1.96 -30.20 -96.63
N GLU J 232 -0.98 -31.10 -96.74
CA GLU J 232 0.38 -30.75 -96.34
C GLU J 232 0.96 -29.66 -97.23
N GLU J 233 0.71 -29.73 -98.54
CA GLU J 233 1.23 -28.73 -99.46
C GLU J 233 0.70 -27.34 -99.12
N ILE J 234 -0.59 -27.25 -98.80
CA ILE J 234 -1.17 -25.93 -98.52
C ILE J 234 -0.82 -25.47 -97.12
N GLN J 235 -0.63 -26.40 -96.18
CA GLN J 235 -0.27 -26.02 -94.81
C GLN J 235 1.19 -25.68 -94.67
N LYS J 236 2.03 -26.05 -95.66
CA LYS J 236 3.43 -25.66 -95.62
C LYS J 236 3.59 -24.15 -95.50
N VAL J 237 2.67 -23.37 -96.05
CA VAL J 237 2.68 -21.93 -95.88
C VAL J 237 1.80 -21.48 -94.72
N LEU J 238 0.72 -22.21 -94.43
CA LEU J 238 -0.17 -21.84 -93.34
C LEU J 238 0.56 -21.87 -92.00
N TYR J 239 1.39 -22.89 -91.78
CA TYR J 239 2.12 -23.03 -90.54
C TYR J 239 3.43 -22.25 -90.54
N LYS J 240 3.71 -21.50 -91.60
CA LYS J 240 4.97 -20.79 -91.76
C LYS J 240 4.86 -19.31 -91.39
N VAL J 241 3.78 -18.65 -91.80
CA VAL J 241 3.66 -17.22 -91.58
C VAL J 241 3.38 -16.93 -90.11
N LYS J 242 3.78 -15.73 -89.67
CA LYS J 242 3.60 -15.28 -88.30
C LYS J 242 2.65 -14.10 -88.18
N LEU J 243 2.93 -13.01 -88.90
CA LEU J 243 2.09 -11.82 -88.85
C LEU J 243 2.21 -10.99 -90.11
N LYS J 250 2.45 -4.06 -91.99
CA LYS J 250 1.50 -3.01 -92.46
C LYS J 250 1.07 -3.32 -93.89
N LEU J 251 1.84 -2.84 -94.87
CA LEU J 251 1.53 -3.07 -96.31
C LEU J 251 1.60 -4.57 -96.60
N TYR J 252 2.59 -5.26 -96.03
CA TYR J 252 2.77 -6.73 -96.23
C TYR J 252 1.54 -7.47 -95.69
N SER J 253 1.03 -7.03 -94.54
CA SER J 253 -0.16 -7.66 -93.90
C SER J 253 -1.37 -7.52 -94.83
N GLN J 254 -1.52 -6.35 -95.47
CA GLN J 254 -2.66 -6.09 -96.39
C GLN J 254 -2.76 -7.23 -97.40
N PHE J 255 -1.68 -8.00 -97.56
CA PHE J 255 -1.64 -9.12 -98.48
C PHE J 255 -1.44 -10.46 -97.80
N ASN J 256 -0.97 -10.47 -96.54
CA ASN J 256 -0.81 -11.72 -95.82
C ASN J 256 -2.15 -12.42 -95.61
N LEU J 257 -3.18 -11.64 -95.27
CA LEU J 257 -4.51 -12.21 -95.09
C LEU J 257 -5.05 -12.76 -96.42
N SER J 258 -4.79 -12.06 -97.52
CA SER J 258 -5.20 -12.56 -98.83
C SER J 258 -4.48 -13.85 -99.18
N ILE J 259 -3.25 -14.01 -98.69
CA ILE J 259 -2.52 -15.27 -98.86
C ILE J 259 -3.27 -16.40 -98.16
N GLN J 260 -3.68 -16.15 -96.91
CA GLN J 260 -4.36 -17.19 -96.14
C GLN J 260 -5.78 -17.39 -96.62
N ASP J 261 -6.50 -16.31 -96.89
CA ASP J 261 -7.92 -16.40 -97.22
C ASP J 261 -8.14 -17.17 -98.52
N PHE J 262 -7.37 -16.86 -99.54
CA PHE J 262 -7.59 -17.50 -100.84
C PHE J 262 -7.08 -18.94 -100.85
N ALA J 263 -6.05 -19.24 -100.06
CA ALA J 263 -5.55 -20.60 -100.00
C ALA J 263 -6.57 -21.54 -99.39
N LEU J 264 -7.24 -21.11 -98.32
CA LEU J 264 -8.20 -21.99 -97.65
C LEU J 264 -9.45 -22.23 -98.50
N GLN J 265 -9.82 -21.26 -99.33
CA GLN J 265 -10.99 -21.42 -100.19
C GLN J 265 -10.82 -22.56 -101.18
N ILE J 266 -9.57 -22.94 -101.48
CA ILE J 266 -9.32 -24.02 -102.42
C ILE J 266 -9.86 -25.35 -101.89
N ILE J 267 -9.64 -25.61 -100.60
CA ILE J 267 -10.04 -26.90 -100.03
C ILE J 267 -11.54 -27.08 -100.11
N HIS J 268 -12.30 -26.04 -99.76
CA HIS J 268 -13.75 -26.12 -99.87
C HIS J 268 -14.18 -26.27 -101.33
N SER J 269 -13.50 -25.56 -102.24
CA SER J 269 -13.87 -25.64 -103.66
C SER J 269 -13.68 -27.06 -104.19
N LYS J 270 -12.58 -27.72 -103.83
CA LYS J 270 -12.39 -29.10 -104.27
C LYS J 270 -13.37 -30.03 -103.58
N TYR J 271 -13.82 -29.69 -102.36
CA TYR J 271 -14.81 -30.50 -101.69
C TYR J 271 -16.15 -30.45 -102.42
N LYS J 272 -16.52 -29.27 -102.95
CA LYS J 272 -17.75 -29.18 -103.73
C LYS J 272 -17.69 -30.06 -104.98
N SER J 273 -16.49 -30.33 -105.47
CA SER J 273 -16.28 -31.22 -106.60
C SER J 273 -16.08 -32.67 -106.17
N ASN J 274 -16.23 -32.96 -104.89
CA ASN J 274 -16.00 -34.28 -104.31
C ASN J 274 -14.55 -34.75 -104.54
N GLN J 275 -13.63 -33.82 -104.73
CA GLN J 275 -12.22 -34.18 -104.86
C GLN J 275 -11.62 -34.57 -103.53
N ILE J 276 -12.10 -33.98 -102.43
CA ILE J 276 -11.59 -34.25 -101.09
C ILE J 276 -12.63 -35.05 -100.33
N SER J 277 -12.22 -36.18 -99.76
CA SER J 277 -13.15 -37.01 -99.01
C SER J 277 -13.63 -36.29 -97.76
N GLN J 278 -14.89 -36.53 -97.39
CA GLN J 278 -15.46 -35.87 -96.23
C GLN J 278 -14.74 -36.28 -94.95
N ASN J 279 -14.38 -37.56 -94.84
CA ASN J 279 -13.68 -38.03 -93.65
C ASN J 279 -12.30 -37.37 -93.53
N ASP J 280 -11.62 -37.17 -94.67
CA ASP J 280 -10.33 -36.50 -94.65
C ASP J 280 -10.46 -35.07 -94.14
N LEU J 281 -11.51 -34.36 -94.57
CA LEU J 281 -11.76 -33.02 -94.05
C LEU J 281 -12.10 -33.06 -92.56
N LEU J 282 -12.85 -34.06 -92.13
CA LEU J 282 -13.19 -34.18 -90.72
C LEU J 282 -11.93 -34.38 -89.88
N LYS J 283 -11.00 -35.20 -90.37
CA LYS J 283 -9.77 -35.49 -89.65
C LYS J 283 -8.86 -34.27 -89.50
N LEU J 284 -9.10 -33.20 -90.27
CA LEU J 284 -8.29 -32.00 -90.17
C LEU J 284 -9.03 -30.81 -89.57
N ILE J 285 -10.36 -30.81 -89.59
CA ILE J 285 -11.08 -29.69 -88.98
C ILE J 285 -11.08 -29.81 -87.46
N THR J 286 -10.91 -31.02 -86.91
CA THR J 286 -10.79 -31.18 -85.48
C THR J 286 -9.48 -30.64 -84.93
N GLU J 287 -8.54 -30.28 -85.80
CA GLU J 287 -7.28 -29.72 -85.35
C GLU J 287 -7.51 -28.42 -84.60
N ASP J 288 -6.74 -28.24 -83.52
CA ASP J 288 -6.96 -27.10 -82.65
C ASP J 288 -6.57 -25.79 -83.32
N GLU J 289 -5.41 -25.76 -83.96
CA GLU J 289 -4.88 -24.49 -84.48
C GLU J 289 -5.75 -23.94 -85.60
N MET J 290 -6.23 -24.81 -86.50
CA MET J 290 -6.99 -24.32 -87.65
C MET J 290 -8.30 -23.66 -87.23
N LEU J 291 -8.88 -24.08 -86.10
CA LEU J 291 -10.05 -23.38 -85.59
C LEU J 291 -9.73 -21.92 -85.28
N LYS J 292 -8.61 -21.69 -84.61
CA LYS J 292 -8.16 -20.32 -84.36
C LYS J 292 -7.89 -19.60 -85.67
N ILE J 293 -7.25 -20.27 -86.62
CA ILE J 293 -6.90 -19.64 -87.88
C ILE J 293 -8.15 -19.15 -88.60
N LEU J 294 -9.17 -20.00 -88.71
CA LEU J 294 -10.40 -19.60 -89.39
C LEU J 294 -11.14 -18.52 -88.61
N ALA J 295 -11.25 -18.69 -87.28
CA ALA J 295 -11.96 -17.72 -86.46
C ALA J 295 -11.31 -16.34 -86.48
N LYS J 296 -10.00 -16.27 -86.69
CA LYS J 296 -9.30 -15.01 -86.85
C LYS J 296 -9.42 -14.44 -88.26
N THR J 297 -9.22 -15.29 -89.28
CA THR J 297 -9.21 -14.79 -90.64
C THR J 297 -10.59 -14.33 -91.08
N LYS J 298 -11.66 -14.92 -90.55
CA LYS J 298 -13.00 -14.46 -90.93
C LYS J 298 -13.22 -13.01 -90.54
N VAL J 299 -12.96 -12.68 -89.26
CA VAL J 299 -13.18 -11.31 -88.81
C VAL J 299 -12.16 -10.37 -89.44
N LEU J 300 -10.92 -10.83 -89.65
CA LEU J 300 -9.94 -9.98 -90.31
C LEU J 300 -10.37 -9.62 -91.73
N THR J 301 -10.86 -10.61 -92.48
CA THR J 301 -11.33 -10.35 -93.84
C THR J 301 -12.55 -9.44 -93.84
N TYR J 302 -13.47 -9.64 -92.89
CA TYR J 302 -14.65 -8.78 -92.85
C TYR J 302 -14.26 -7.33 -92.58
N LYS J 303 -13.38 -7.10 -91.60
CA LYS J 303 -12.98 -5.73 -91.28
C LYS J 303 -12.07 -5.15 -92.35
N MET J 304 -11.43 -6.00 -93.16
CA MET J 304 -10.61 -5.51 -94.26
C MET J 304 -11.42 -4.70 -95.25
N LYS J 305 -12.62 -5.17 -95.59
CA LYS J 305 -13.35 -4.58 -96.71
C LYS J 305 -14.69 -3.99 -96.30
N TYR J 306 -15.51 -4.73 -95.57
CA TYR J 306 -16.90 -4.31 -95.39
C TYR J 306 -17.07 -3.30 -94.27
N PHE J 307 -16.13 -3.23 -93.32
CA PHE J 307 -16.25 -2.30 -92.21
C PHE J 307 -16.07 -0.85 -92.63
N ASP J 308 -15.32 -0.61 -93.72
CA ASP J 308 -15.14 0.76 -94.19
C ASP J 308 -16.45 1.35 -94.71
N SER J 309 -17.31 0.52 -95.30
CA SER J 309 -18.59 0.98 -95.85
C SER J 309 -19.76 0.78 -94.91
N ALA J 310 -19.67 -0.17 -93.98
CA ALA J 310 -20.76 -0.37 -93.03
C ALA J 310 -20.92 0.82 -92.10
N SER J 311 -19.80 1.41 -91.67
CA SER J 311 -19.86 2.54 -90.74
C SER J 311 -20.56 3.74 -91.35
N LYS J 312 -20.28 4.04 -92.63
CA LYS J 312 -20.89 5.20 -93.28
C LYS J 312 -22.39 5.06 -93.37
N MET J 313 -22.88 3.85 -93.70
CA MET J 313 -24.31 3.61 -93.74
C MET J 313 -24.95 3.70 -92.35
N GLY J 314 -24.16 3.52 -91.29
CA GLY J 314 -24.69 3.48 -89.95
C GLY J 314 -25.06 2.10 -89.45
N ILE J 315 -24.63 1.04 -90.14
CA ILE J 315 -24.93 -0.32 -89.74
C ILE J 315 -23.77 -0.97 -88.98
N ASN J 316 -22.72 -0.19 -88.67
CA ASN J 316 -21.59 -0.74 -87.95
C ASN J 316 -21.99 -1.19 -86.54
N LYS J 317 -22.89 -0.46 -85.90
CA LYS J 317 -23.32 -0.80 -84.56
C LYS J 317 -24.13 -2.08 -84.50
N TYR J 318 -24.54 -2.61 -85.65
CA TYR J 318 -25.36 -3.82 -85.67
C TYR J 318 -24.67 -4.94 -86.44
N ILE J 319 -23.38 -5.12 -86.21
CA ILE J 319 -22.61 -6.18 -86.83
C ILE J 319 -22.64 -7.40 -85.91
N SER J 320 -23.27 -8.48 -86.36
CA SER J 320 -23.44 -9.67 -85.55
C SER J 320 -22.49 -10.77 -86.05
N THR J 321 -21.74 -11.34 -85.11
CA THR J 321 -20.72 -12.33 -85.48
C THR J 321 -21.34 -13.57 -86.10
N GLU J 322 -22.43 -14.07 -85.52
CA GLU J 322 -23.07 -15.26 -86.07
C GLU J 322 -23.84 -14.98 -87.35
N MET J 323 -24.06 -13.71 -87.68
CA MET J 323 -24.70 -13.34 -88.95
C MET J 323 -23.67 -12.97 -90.01
N MET J 324 -22.64 -13.79 -90.17
CA MET J 324 -21.62 -13.54 -91.18
C MET J 324 -21.56 -14.69 -92.18
N ASP J 325 -22.12 -15.84 -91.80
CA ASP J 325 -22.15 -16.99 -92.71
C ASP J 325 -22.99 -16.73 -93.96
N LEU J 326 -23.98 -15.85 -93.88
CA LEU J 326 -24.89 -15.59 -94.98
C LEU J 326 -24.35 -14.59 -95.98
N ASP J 327 -23.16 -14.05 -95.75
CA ASP J 327 -22.53 -13.18 -96.73
C ASP J 327 -22.21 -13.94 -98.01
N TRP J 328 -22.41 -13.29 -99.15
CA TRP J 328 -22.15 -13.94 -100.42
C TRP J 328 -20.67 -14.28 -100.58
N GLN J 329 -19.78 -13.39 -100.15
CA GLN J 329 -18.35 -13.65 -100.29
C GLN J 329 -17.91 -14.81 -99.40
N PHE J 330 -18.43 -14.87 -98.17
CA PHE J 330 -18.11 -15.97 -97.26
C PHE J 330 -19.11 -17.10 -97.37
N SER J 331 -19.34 -17.56 -98.60
CA SER J 331 -20.34 -18.58 -98.88
C SER J 331 -19.87 -19.98 -98.56
N HIS J 332 -18.57 -20.17 -98.31
CA HIS J 332 -18.03 -21.50 -98.07
C HIS J 332 -18.15 -21.95 -96.62
N TYR J 333 -18.54 -21.06 -95.71
CA TYR J 333 -18.59 -21.40 -94.29
C TYR J 333 -19.81 -22.25 -93.93
N LYS J 334 -20.79 -22.37 -94.84
CA LYS J 334 -21.94 -23.23 -94.57
C LYS J 334 -21.49 -24.66 -94.31
N THR J 335 -20.58 -25.18 -95.14
CA THR J 335 -20.07 -26.52 -94.93
C THR J 335 -19.29 -26.62 -93.63
N PHE J 336 -18.33 -25.70 -93.42
CA PHE J 336 -17.51 -25.75 -92.22
C PHE J 336 -18.35 -25.70 -90.95
N ASN J 337 -19.54 -25.09 -91.01
CA ASN J 337 -20.44 -25.08 -89.86
C ASN J 337 -21.24 -26.38 -89.76
N ASP J 338 -22.00 -26.72 -90.81
CA ASP J 338 -22.97 -27.81 -90.70
C ASP J 338 -22.30 -29.19 -90.67
N ALA J 339 -21.28 -29.40 -91.52
CA ALA J 339 -20.58 -30.68 -91.52
C ALA J 339 -19.91 -30.93 -90.17
N LEU J 340 -19.30 -29.89 -89.60
CA LEU J 340 -18.72 -30.02 -88.27
C LEU J 340 -19.79 -30.27 -87.22
N LYS J 341 -20.94 -29.60 -87.34
CA LYS J 341 -22.00 -29.74 -86.35
C LYS J 341 -22.59 -31.15 -86.35
N LYS J 342 -22.81 -31.72 -87.53
CA LYS J 342 -23.50 -33.00 -87.62
C LYS J 342 -22.71 -34.11 -86.92
N ASN J 343 -21.38 -33.98 -86.87
CA ASN J 343 -20.53 -34.98 -86.26
C ASN J 343 -20.08 -34.56 -84.86
N LYS J 344 -19.43 -33.41 -84.75
CA LYS J 344 -18.92 -32.90 -83.48
C LYS J 344 -19.64 -31.58 -83.18
N ALA J 345 -20.79 -31.68 -82.52
CA ALA J 345 -21.58 -30.49 -82.23
C ALA J 345 -20.90 -29.60 -81.19
N SER J 346 -20.17 -30.19 -80.24
CA SER J 346 -19.52 -29.40 -79.20
C SER J 346 -18.48 -28.46 -79.80
N ASP J 347 -17.73 -28.94 -80.79
CA ASP J 347 -16.69 -28.11 -81.40
C ASP J 347 -17.27 -26.91 -82.13
N SER J 348 -18.51 -26.98 -82.61
CA SER J 348 -19.11 -25.82 -83.26
C SER J 348 -19.32 -24.70 -82.26
N SER J 349 -19.93 -25.00 -81.11
CA SER J 349 -20.06 -23.98 -80.07
C SER J 349 -18.70 -23.52 -79.57
N TYR J 350 -17.74 -24.44 -79.49
CA TYR J 350 -16.40 -24.07 -79.04
C TYR J 350 -15.77 -23.06 -79.99
N LEU J 351 -15.87 -23.31 -81.30
CA LEU J 351 -15.26 -22.40 -82.26
C LEU J 351 -16.00 -21.08 -82.34
N GLY J 352 -17.32 -21.09 -82.17
CA GLY J 352 -18.04 -19.83 -82.08
C GLY J 352 -17.65 -19.02 -80.87
N TRP J 353 -17.48 -19.69 -79.73
CA TRP J 353 -17.01 -19.03 -78.52
C TRP J 353 -15.63 -18.42 -78.74
N LEU J 354 -14.73 -19.16 -79.40
CA LEU J 354 -13.43 -18.61 -79.73
C LEU J 354 -13.55 -17.41 -80.67
N THR J 355 -14.42 -17.51 -81.67
CA THR J 355 -14.55 -16.46 -82.67
C THR J 355 -15.00 -15.15 -82.04
N HIS J 356 -16.02 -15.21 -81.18
CA HIS J 356 -16.49 -13.98 -80.56
C HIS J 356 -15.44 -13.34 -79.66
N GLY J 357 -14.57 -14.14 -79.05
CA GLY J 357 -13.52 -13.56 -78.23
C GLY J 357 -12.58 -12.69 -79.04
N TYR J 358 -12.16 -13.18 -80.21
CA TYR J 358 -11.33 -12.37 -81.08
C TYR J 358 -12.11 -11.19 -81.65
N SER J 359 -13.40 -11.39 -81.92
CA SER J 359 -14.22 -10.31 -82.47
C SER J 359 -14.31 -9.15 -81.48
N ILE J 360 -14.45 -9.46 -80.19
CA ILE J 360 -14.59 -8.40 -79.19
C ILE J 360 -13.35 -7.52 -79.16
N LYS J 361 -12.17 -8.13 -79.15
CA LYS J 361 -10.95 -7.37 -78.96
C LYS J 361 -10.37 -6.82 -80.26
N TYR J 362 -11.04 -7.03 -81.39
CA TYR J 362 -10.67 -6.42 -82.65
C TYR J 362 -11.62 -5.31 -83.08
N GLY J 363 -12.43 -4.78 -82.16
CA GLY J 363 -13.26 -3.64 -82.45
C GLY J 363 -14.62 -3.95 -83.05
N LEU J 364 -14.91 -5.23 -83.34
CA LEU J 364 -16.25 -5.58 -83.80
C LEU J 364 -17.29 -5.30 -82.71
N SER J 365 -16.97 -5.64 -81.47
CA SER J 365 -17.82 -5.34 -80.32
C SER J 365 -16.94 -4.77 -79.21
N PRO J 366 -16.48 -3.53 -79.38
CA PRO J 366 -15.51 -2.98 -78.43
C PRO J 366 -16.17 -2.43 -77.17
N ASN J 367 -15.38 -2.38 -76.11
CA ASN J 367 -15.82 -1.80 -74.85
C ASN J 367 -14.58 -1.46 -74.02
N ASN J 368 -14.77 -0.57 -73.05
CA ASN J 368 -13.69 -0.19 -72.13
C ASN J 368 -13.55 -1.15 -70.97
N GLU J 369 -14.48 -2.09 -70.81
CA GLU J 369 -14.46 -3.06 -69.72
C GLU J 369 -14.10 -4.44 -70.24
N ARG J 370 -13.52 -5.25 -69.35
CA ARG J 370 -13.07 -6.58 -69.73
C ARG J 370 -14.26 -7.47 -70.07
N SER J 371 -14.02 -8.44 -70.96
CA SER J 371 -15.03 -9.44 -71.30
C SER J 371 -14.87 -10.61 -70.34
N MET J 372 -15.77 -10.70 -69.36
CA MET J 372 -15.67 -11.72 -68.32
C MET J 372 -16.17 -13.08 -68.75
N PHE J 373 -16.43 -13.28 -70.05
CA PHE J 373 -16.96 -14.55 -70.53
C PHE J 373 -16.11 -15.20 -71.62
N PHE J 374 -15.10 -14.52 -72.13
CA PHE J 374 -14.26 -15.02 -73.22
C PHE J 374 -12.81 -14.81 -72.86
N GLN J 375 -11.92 -15.28 -73.73
CA GLN J 375 -10.48 -15.14 -73.56
C GLN J 375 -10.00 -15.79 -72.26
N ASP J 376 -10.63 -16.90 -71.89
CA ASP J 376 -10.21 -17.65 -70.70
C ASP J 376 -10.70 -19.08 -70.84
N GLY J 377 -9.77 -20.03 -70.89
CA GLY J 377 -10.15 -21.41 -71.10
C GLY J 377 -11.02 -21.97 -69.98
N ARG J 378 -10.82 -21.49 -68.75
CA ARG J 378 -11.59 -21.99 -67.63
C ARG J 378 -13.08 -21.73 -67.79
N LYS J 379 -13.46 -20.69 -68.54
CA LYS J 379 -14.88 -20.45 -68.81
C LYS J 379 -15.49 -21.62 -69.56
N TYR J 380 -14.82 -22.06 -70.63
CA TYR J 380 -15.32 -23.18 -71.41
C TYR J 380 -15.41 -24.45 -70.58
N ALA J 381 -14.61 -24.58 -69.51
CA ALA J 381 -14.72 -25.75 -68.66
C ALA J 381 -16.13 -25.87 -68.09
N GLU J 382 -16.62 -24.82 -67.45
CA GLU J 382 -17.99 -24.86 -66.93
C GLU J 382 -19.02 -24.86 -68.05
N LEU J 383 -18.75 -24.18 -69.15
CA LEU J 383 -19.69 -24.20 -70.26
C LEU J 383 -19.94 -25.62 -70.75
N TYR J 384 -18.87 -26.35 -71.04
CA TYR J 384 -18.97 -27.74 -71.46
C TYR J 384 -19.47 -28.65 -70.34
N ALA J 385 -19.17 -28.34 -69.08
CA ALA J 385 -19.68 -29.12 -67.97
C ALA J 385 -21.20 -29.06 -67.87
N PHE J 386 -21.79 -27.88 -68.03
CA PHE J 386 -23.24 -27.78 -68.07
C PHE J 386 -23.82 -28.22 -69.41
N SER J 387 -23.02 -28.22 -70.47
CA SER J 387 -23.49 -28.71 -71.76
C SER J 387 -23.81 -30.20 -71.75
N LYS J 388 -23.38 -30.93 -70.73
CA LYS J 388 -23.62 -32.36 -70.64
C LYS J 388 -24.57 -32.72 -69.49
N SER J 389 -24.28 -32.26 -68.29
CA SER J 389 -25.15 -32.51 -67.15
C SER J 389 -26.29 -31.49 -67.12
N PRO J 390 -27.54 -31.92 -67.17
CA PRO J 390 -28.65 -30.97 -67.25
C PRO J 390 -29.11 -30.48 -65.89
N HIS J 391 -28.32 -30.75 -64.85
CA HIS J 391 -28.75 -30.40 -63.50
C HIS J 391 -27.60 -29.85 -62.65
N ARG J 392 -26.50 -29.43 -63.28
CA ARG J 392 -25.38 -28.84 -62.57
C ARG J 392 -25.54 -27.34 -62.35
N LYS J 393 -26.48 -26.70 -63.06
CA LYS J 393 -26.73 -25.28 -62.92
C LYS J 393 -27.78 -24.96 -61.86
N ILE J 394 -28.70 -25.89 -61.60
CA ILE J 394 -29.69 -25.68 -60.54
C ILE J 394 -29.00 -25.63 -59.18
N ILE J 395 -27.92 -26.39 -59.01
CA ILE J 395 -27.11 -26.35 -57.79
C ILE J 395 -25.69 -26.04 -58.22
N PRO J 396 -25.39 -24.79 -58.56
CA PRO J 396 -24.11 -24.49 -59.21
C PRO J 396 -22.93 -24.60 -58.24
N GLY J 397 -21.76 -24.86 -58.82
CA GLY J 397 -20.52 -24.89 -58.09
C GLY J 397 -19.80 -23.56 -58.12
N GLU J 398 -18.59 -23.57 -57.57
CA GLU J 398 -17.79 -22.36 -57.54
C GLU J 398 -17.36 -21.97 -58.95
N HIS J 399 -17.14 -20.66 -59.13
CA HIS J 399 -16.92 -20.00 -60.42
C HIS J 399 -18.16 -20.07 -61.31
N LEU J 400 -19.24 -20.71 -60.85
CA LEU J 400 -20.49 -20.74 -61.58
C LEU J 400 -21.53 -19.79 -61.00
N LYS J 401 -21.47 -19.49 -59.69
CA LYS J 401 -22.28 -18.39 -59.18
C LYS J 401 -21.85 -17.07 -59.81
N ASP J 402 -20.54 -16.88 -60.00
CA ASP J 402 -20.06 -15.63 -60.59
C ASP J 402 -20.56 -15.46 -62.01
N LEU J 403 -20.53 -16.53 -62.81
CA LEU J 403 -21.00 -16.42 -64.18
C LEU J 403 -22.48 -16.09 -64.24
N LEU J 404 -23.28 -16.75 -63.39
CA LEU J 404 -24.70 -16.41 -63.32
C LEU J 404 -24.91 -14.96 -62.87
N ALA J 405 -24.12 -14.50 -61.92
CA ALA J 405 -24.28 -13.14 -61.41
C ALA J 405 -23.90 -12.11 -62.46
N LYS J 406 -22.97 -12.44 -63.34
CA LYS J 406 -22.65 -11.51 -64.43
C LYS J 406 -23.56 -11.66 -65.64
N ILE J 407 -24.27 -12.78 -65.79
CA ILE J 407 -25.15 -12.96 -66.95
C ILE J 407 -26.53 -12.38 -66.67
N ASN J 408 -27.08 -12.61 -65.46
CA ASN J 408 -28.38 -12.02 -65.16
C ASN J 408 -28.25 -10.50 -65.00
N LYS J 409 -27.09 -10.02 -64.58
CA LYS J 409 -26.87 -8.58 -64.49
C LYS J 409 -26.94 -7.94 -65.87
N SER J 410 -26.34 -8.58 -66.88
CA SER J 410 -26.46 -8.11 -68.25
C SER J 410 -27.85 -8.31 -68.82
N LYS J 411 -28.56 -9.35 -68.39
CA LYS J 411 -29.95 -9.52 -68.81
C LYS J 411 -30.80 -8.37 -68.30
N GLY J 412 -30.63 -7.99 -67.04
CA GLY J 412 -31.29 -6.80 -66.51
C GLY J 412 -30.83 -5.51 -67.18
N ILE J 413 -29.57 -5.45 -67.59
CA ILE J 413 -29.09 -4.32 -68.39
C ILE J 413 -29.87 -4.22 -69.69
N PHE J 414 -30.06 -5.35 -70.37
CA PHE J 414 -30.80 -5.37 -71.62
C PHE J 414 -32.27 -5.02 -71.40
N LEU J 415 -32.85 -5.48 -70.30
CA LEU J 415 -34.25 -5.16 -70.01
C LEU J 415 -34.45 -3.69 -69.68
N ASP J 416 -33.38 -2.95 -69.41
CA ASP J 416 -33.48 -1.52 -69.15
C ASP J 416 -33.62 -0.75 -70.47
N GLN J 417 -33.99 0.52 -70.35
CA GLN J 417 -34.27 1.38 -71.49
C GLN J 417 -33.58 2.73 -71.44
N ASN J 418 -33.30 3.25 -70.23
CA ASN J 418 -32.92 4.65 -70.10
C ASN J 418 -31.51 4.94 -70.58
N ALA J 419 -30.55 4.06 -70.29
CA ALA J 419 -29.15 4.40 -70.45
C ALA J 419 -28.75 4.35 -71.92
N LEU J 420 -27.44 4.48 -72.15
CA LEU J 420 -26.92 4.58 -73.51
C LEU J 420 -27.07 3.24 -74.24
N LEU J 421 -27.28 3.33 -75.56
CA LEU J 421 -27.66 2.16 -76.34
C LEU J 421 -26.53 1.16 -76.52
N ASP J 422 -25.30 1.65 -76.64
CA ASP J 422 -24.18 0.78 -77.02
C ASP J 422 -23.96 -0.32 -76.00
N LYS J 423 -24.29 -0.08 -74.74
CA LYS J 423 -24.05 -1.14 -73.77
C LYS J 423 -25.09 -2.25 -73.83
N ARG J 424 -26.35 -1.97 -74.17
CA ARG J 424 -27.22 -3.09 -74.52
C ARG J 424 -26.81 -3.71 -75.84
N ILE J 425 -26.21 -2.94 -76.75
CA ILE J 425 -25.69 -3.56 -77.97
C ILE J 425 -24.65 -4.62 -77.62
N TYR J 426 -23.71 -4.26 -76.74
CA TYR J 426 -22.72 -5.21 -76.27
C TYR J 426 -23.37 -6.40 -75.56
N ALA J 427 -24.34 -6.11 -74.69
CA ALA J 427 -25.02 -7.17 -73.96
C ALA J 427 -25.68 -8.16 -74.91
N PHE J 428 -26.31 -7.66 -75.97
CA PHE J 428 -26.92 -8.54 -76.95
C PHE J 428 -25.88 -9.36 -77.70
N HIS J 429 -24.84 -8.70 -78.23
CA HIS J 429 -23.84 -9.45 -78.99
C HIS J 429 -23.14 -10.50 -78.14
N GLU J 430 -23.17 -10.37 -76.81
CA GLU J 430 -22.67 -11.46 -75.99
C GLU J 430 -23.73 -12.52 -75.74
N LEU J 431 -24.91 -12.10 -75.26
CA LEU J 431 -25.90 -13.06 -74.77
C LEU J 431 -26.45 -13.91 -75.89
N ASN J 432 -26.62 -13.34 -77.09
CA ASN J 432 -27.07 -14.16 -78.21
C ASN J 432 -26.05 -15.24 -78.55
N THR J 433 -24.77 -14.90 -78.51
CA THR J 433 -23.73 -15.90 -78.75
C THR J 433 -23.81 -17.03 -77.72
N LEU J 434 -23.92 -16.66 -76.44
CA LEU J 434 -24.01 -17.70 -75.40
C LEU J 434 -25.27 -18.55 -75.57
N GLU J 435 -26.40 -17.93 -75.91
CA GLU J 435 -27.63 -18.69 -76.03
C GLU J 435 -27.61 -19.63 -77.22
N THR J 436 -27.18 -19.14 -78.39
CA THR J 436 -27.16 -20.01 -79.56
C THR J 436 -26.15 -21.13 -79.40
N HIS J 437 -24.95 -20.82 -78.89
CA HIS J 437 -23.94 -21.85 -78.77
C HIS J 437 -24.16 -22.74 -77.56
N PHE J 438 -24.72 -22.19 -76.48
CA PHE J 438 -24.98 -22.93 -75.24
C PHE J 438 -26.45 -22.73 -74.91
N PRO J 439 -27.34 -23.51 -75.52
CA PRO J 439 -28.77 -23.35 -75.25
C PRO J 439 -29.11 -23.65 -73.80
N GLY J 440 -30.14 -22.98 -73.31
CA GLY J 440 -30.54 -23.13 -71.92
C GLY J 440 -29.55 -22.59 -70.92
N ILE J 441 -28.90 -21.47 -71.23
CA ILE J 441 -27.96 -20.84 -70.32
C ILE J 441 -28.52 -19.58 -69.68
N THR J 442 -29.57 -18.98 -70.25
CA THR J 442 -30.29 -17.88 -69.61
C THR J 442 -31.72 -18.28 -69.26
N SER J 443 -31.98 -19.59 -69.15
CA SER J 443 -33.33 -20.10 -68.98
C SER J 443 -33.81 -19.85 -67.55
N SER J 444 -34.06 -18.58 -67.27
CA SER J 444 -34.75 -18.18 -66.04
C SER J 444 -36.24 -18.26 -66.33
N PHE J 445 -36.83 -19.41 -66.00
CA PHE J 445 -38.20 -19.71 -66.40
C PHE J 445 -39.21 -18.70 -65.88
N THR J 446 -38.94 -18.07 -64.74
CA THR J 446 -39.89 -17.14 -64.16
C THR J 446 -39.66 -15.71 -64.61
N ASP J 447 -38.39 -15.30 -64.74
CA ASP J 447 -38.10 -13.90 -65.07
C ASP J 447 -38.38 -13.59 -66.53
N ASP J 448 -38.07 -14.54 -67.43
CA ASP J 448 -38.19 -14.27 -68.86
C ASP J 448 -39.65 -14.11 -69.29
N LEU J 449 -40.53 -14.93 -68.71
CA LEU J 449 -41.94 -14.90 -69.11
C LEU J 449 -42.60 -13.59 -68.73
N LYS J 450 -42.23 -13.03 -67.58
CA LYS J 450 -42.85 -11.80 -67.12
C LYS J 450 -42.48 -10.60 -67.98
N SER J 451 -41.34 -10.67 -68.67
CA SER J 451 -40.89 -9.55 -69.51
C SER J 451 -40.94 -9.88 -70.99
N ASN J 452 -41.50 -11.04 -71.36
CA ASN J 452 -41.58 -11.47 -72.76
C ASN J 452 -40.20 -11.46 -73.42
N TYR J 453 -39.19 -11.86 -72.64
CA TYR J 453 -37.81 -11.80 -73.12
C TYR J 453 -37.56 -12.76 -74.27
N ARG J 454 -38.21 -13.94 -74.25
CA ARG J 454 -37.99 -14.94 -75.29
C ARG J 454 -38.38 -14.40 -76.66
N LYS J 455 -39.51 -13.69 -76.74
CA LYS J 455 -39.90 -13.08 -78.01
C LYS J 455 -39.11 -11.80 -78.29
N LYS J 456 -38.70 -11.08 -77.25
CA LYS J 456 -37.93 -9.86 -77.47
C LYS J 456 -36.58 -10.14 -78.12
N MET J 457 -35.91 -11.21 -77.70
CA MET J 457 -34.61 -11.54 -78.30
C MET J 457 -34.77 -11.85 -79.79
N GLU J 458 -35.79 -12.61 -80.16
CA GLU J 458 -36.02 -12.92 -81.57
C GLU J 458 -36.43 -11.68 -82.35
N SER J 459 -37.23 -10.81 -81.74
CA SER J 459 -37.66 -9.58 -82.43
C SER J 459 -36.45 -8.71 -82.74
N VAL J 460 -35.55 -8.53 -81.78
CA VAL J 460 -34.37 -7.71 -82.04
C VAL J 460 -33.39 -8.42 -82.99
N SER J 461 -33.31 -9.75 -82.93
CA SER J 461 -32.43 -10.48 -83.84
C SER J 461 -32.86 -10.31 -85.29
N LEU J 462 -34.17 -10.40 -85.55
CA LEU J 462 -34.66 -10.22 -86.92
C LEU J 462 -34.37 -8.81 -87.43
N THR J 463 -34.57 -7.80 -86.59
CA THR J 463 -34.29 -6.43 -87.00
C THR J 463 -32.81 -6.22 -87.27
N CYS J 464 -31.94 -6.83 -86.46
CA CYS J 464 -30.51 -6.74 -86.75
C CYS J 464 -30.16 -7.47 -88.05
N GLN J 465 -30.84 -8.57 -88.34
CA GLN J 465 -30.59 -9.30 -89.58
C GLN J 465 -31.02 -8.52 -90.81
N VAL J 466 -32.09 -7.75 -90.70
CA VAL J 466 -32.64 -7.03 -91.86
C VAL J 466 -31.60 -6.05 -92.42
N LEU J 467 -30.88 -5.36 -91.54
CA LEU J 467 -29.90 -4.39 -91.99
C LEU J 467 -28.77 -5.02 -92.80
N GLN J 468 -28.51 -6.32 -92.61
CA GLN J 468 -27.52 -6.99 -93.45
C GLN J 468 -27.93 -6.94 -94.92
N GLU J 469 -29.17 -7.36 -95.21
CA GLU J 469 -29.65 -7.32 -96.59
C GLU J 469 -29.82 -5.88 -97.08
N ILE J 470 -30.20 -4.96 -96.18
CA ILE J 470 -30.33 -3.56 -96.60
C ILE J 470 -28.97 -3.02 -97.03
N GLY J 471 -27.93 -3.29 -96.25
CA GLY J 471 -26.58 -2.90 -96.64
C GLY J 471 -26.11 -3.59 -97.90
N ASN J 472 -26.53 -4.84 -98.10
CA ASN J 472 -26.22 -5.53 -99.35
C ASN J 472 -26.83 -4.80 -100.54
N ILE J 473 -28.09 -4.38 -100.41
CA ILE J 473 -28.74 -3.64 -101.50
C ILE J 473 -28.05 -2.30 -101.72
N HIS J 474 -27.64 -1.64 -100.64
CA HIS J 474 -26.94 -0.37 -100.77
C HIS J 474 -25.58 -0.55 -101.44
N ARG J 475 -24.88 -1.64 -101.14
CA ARG J 475 -23.61 -1.95 -101.79
C ARG J 475 -23.79 -2.41 -103.23
N PHE J 476 -24.98 -2.86 -103.60
CA PHE J 476 -25.28 -3.20 -105.00
C PHE J 476 -25.68 -2.00 -105.83
N ILE J 477 -26.40 -1.04 -105.25
CA ILE J 477 -26.97 0.04 -106.06
C ILE J 477 -25.88 0.99 -106.56
N GLU J 478 -24.94 1.36 -105.70
CA GLU J 478 -23.92 2.33 -106.11
C GLU J 478 -22.88 1.72 -107.04
N SER J 479 -22.57 0.43 -106.83
CA SER J 479 -21.62 -0.24 -107.72
C SER J 479 -22.16 -0.35 -109.13
N LYS J 480 -23.48 -0.41 -109.29
CA LYS J 480 -24.08 -0.48 -110.61
C LYS J 480 -24.18 0.90 -111.26
N THR J 487 -14.03 0.19 -103.75
CA THR J 487 -15.10 -0.70 -104.17
C THR J 487 -15.93 -1.17 -102.97
N GLU J 488 -17.23 -0.89 -103.01
CA GLU J 488 -18.11 -1.28 -101.92
C GLU J 488 -18.36 -2.79 -101.89
N TYR J 489 -18.16 -3.50 -103.01
CA TYR J 489 -18.12 -4.95 -102.95
C TYR J 489 -16.92 -5.47 -102.16
N GLY J 490 -15.93 -4.62 -101.92
CA GLY J 490 -14.78 -5.00 -101.14
C GLY J 490 -13.58 -5.34 -102.01
N LEU J 491 -12.39 -5.11 -101.45
CA LEU J 491 -11.16 -5.43 -102.16
C LEU J 491 -11.01 -6.93 -102.32
N PHE J 492 -10.53 -7.36 -103.48
CA PHE J 492 -10.28 -8.77 -103.79
C PHE J 492 -11.54 -9.61 -103.75
N SER J 493 -12.71 -8.98 -103.84
CA SER J 493 -13.98 -9.70 -103.83
C SER J 493 -14.54 -9.94 -105.22
N ILE J 494 -14.51 -8.92 -106.07
CA ILE J 494 -15.00 -9.02 -107.44
C ILE J 494 -13.85 -8.67 -108.38
N PRO J 495 -13.49 -9.55 -109.31
CA PRO J 495 -12.42 -9.22 -110.26
C PRO J 495 -12.85 -8.14 -111.24
N LYS J 496 -11.87 -7.40 -111.75
CA LYS J 496 -12.17 -6.32 -112.70
C LYS J 496 -12.78 -6.85 -113.98
N ILE J 497 -12.46 -8.09 -114.36
CA ILE J 497 -13.06 -8.69 -115.54
C ILE J 497 -14.55 -8.87 -115.35
N PHE J 498 -14.96 -9.35 -114.17
CA PHE J 498 -16.37 -9.52 -113.84
C PHE J 498 -16.96 -8.28 -113.16
N SER J 499 -16.37 -7.11 -113.34
CA SER J 499 -16.85 -5.91 -112.68
C SER J 499 -18.20 -5.49 -113.25
N ILE J 500 -18.88 -4.60 -112.53
CA ILE J 500 -20.22 -4.14 -112.88
C ILE J 500 -20.11 -2.68 -113.30
N PRO J 501 -20.62 -2.31 -114.48
CA PRO J 501 -20.54 -0.92 -114.92
C PRO J 501 -21.51 -0.01 -114.18
N ILE J 502 -21.58 1.26 -114.62
CA ILE J 502 -22.39 2.26 -113.94
C ILE J 502 -23.83 2.30 -114.43
N ASP J 503 -24.11 1.74 -115.61
CA ASP J 503 -25.42 1.91 -116.23
C ASP J 503 -26.53 1.29 -115.37
N TYR J 504 -27.66 1.99 -115.31
CA TYR J 504 -28.83 1.47 -114.62
C TYR J 504 -29.41 0.30 -115.40
N LYS J 505 -29.86 -0.72 -114.68
CA LYS J 505 -30.39 -1.93 -115.30
C LYS J 505 -31.91 -1.94 -115.24
N HIS J 506 -32.53 -2.42 -116.33
CA HIS J 506 -33.99 -2.40 -116.42
C HIS J 506 -34.63 -3.36 -115.43
N GLY J 507 -33.97 -4.47 -115.11
CA GLY J 507 -34.55 -5.43 -114.18
C GLY J 507 -34.56 -4.96 -112.74
N GLU J 508 -33.86 -3.87 -112.43
CA GLU J 508 -33.84 -3.34 -111.08
C GLU J 508 -35.18 -2.70 -110.70
N LYS J 509 -35.81 -1.99 -111.64
CA LYS J 509 -37.07 -1.31 -111.36
C LYS J 509 -38.17 -2.27 -110.95
N GLU J 510 -38.11 -3.53 -111.38
CA GLU J 510 -39.15 -4.50 -111.09
C GLU J 510 -38.78 -5.48 -109.98
N ASN J 511 -37.50 -5.55 -109.59
CA ASN J 511 -37.05 -6.56 -108.64
C ASN J 511 -36.30 -5.99 -107.45
N LEU J 512 -36.09 -4.67 -107.38
CA LEU J 512 -35.35 -4.07 -106.28
C LEU J 512 -36.21 -3.14 -105.45
N VAL J 513 -36.81 -2.11 -106.06
CA VAL J 513 -37.65 -1.19 -105.30
C VAL J 513 -38.91 -1.90 -104.81
N SER J 514 -39.46 -2.79 -105.64
CA SER J 514 -40.58 -3.62 -105.19
C SER J 514 -40.17 -4.56 -104.07
N TYR J 515 -38.98 -5.18 -104.18
CA TYR J 515 -38.52 -6.11 -103.17
C TYR J 515 -38.28 -5.40 -101.84
N VAL J 516 -37.91 -4.11 -101.88
CA VAL J 516 -37.74 -3.35 -100.64
C VAL J 516 -39.04 -3.28 -99.86
N ASP J 517 -40.16 -3.04 -100.57
CA ASP J 517 -41.46 -3.02 -99.90
C ASP J 517 -41.79 -4.38 -99.30
N PHE J 518 -41.52 -5.46 -100.03
CA PHE J 518 -41.74 -6.79 -99.48
C PHE J 518 -40.90 -7.05 -98.24
N LEU J 519 -39.63 -6.65 -98.25
CA LEU J 519 -38.75 -6.79 -97.09
C LEU J 519 -39.26 -6.01 -95.89
N TYR J 520 -39.69 -4.77 -96.10
CA TYR J 520 -40.16 -3.97 -94.97
C TYR J 520 -41.50 -4.48 -94.44
N SER J 521 -42.36 -4.97 -95.33
CA SER J 521 -43.60 -5.60 -94.87
C SER J 521 -43.32 -6.85 -94.07
N THR J 522 -42.35 -7.66 -94.52
CA THR J 522 -41.93 -8.84 -93.78
C THR J 522 -41.29 -8.47 -92.45
N ALA J 523 -40.64 -7.32 -92.37
CA ALA J 523 -40.08 -6.86 -91.10
C ALA J 523 -41.16 -6.38 -90.14
N HIS J 524 -42.20 -5.73 -90.67
CA HIS J 524 -43.23 -5.11 -89.85
C HIS J 524 -44.45 -6.00 -89.66
N GLU J 525 -44.29 -7.31 -89.66
CA GLU J 525 -45.43 -8.21 -89.65
C GLU J 525 -45.60 -8.99 -88.35
N ARG J 526 -44.51 -9.33 -87.66
CA ARG J 526 -44.63 -10.15 -86.46
C ARG J 526 -43.66 -9.71 -85.35
N ILE J 527 -43.22 -8.46 -85.35
CA ILE J 527 -42.34 -7.95 -84.31
C ILE J 527 -43.17 -7.18 -83.29
N LEU J 528 -43.00 -7.50 -82.01
CA LEU J 528 -43.71 -6.80 -80.96
C LEU J 528 -43.06 -5.44 -80.70
N GLN J 529 -43.79 -4.58 -79.98
CA GLN J 529 -43.34 -3.23 -79.69
C GLN J 529 -43.30 -3.01 -78.18
N ASP J 530 -42.26 -2.33 -77.72
CA ASP J 530 -42.09 -2.02 -76.32
C ASP J 530 -41.22 -0.78 -76.21
N ASN J 531 -41.26 -0.14 -75.04
CA ASN J 531 -40.45 1.06 -74.83
C ASN J 531 -38.97 0.77 -75.01
N SER J 532 -38.51 -0.39 -74.52
CA SER J 532 -37.14 -0.80 -74.77
C SER J 532 -36.97 -1.34 -76.20
N ILE J 533 -38.00 -2.00 -76.72
CA ILE J 533 -37.93 -2.54 -78.08
C ILE J 533 -37.93 -1.42 -79.10
N ASN J 534 -38.72 -0.37 -78.87
CA ASN J 534 -38.79 0.73 -79.84
C ASN J 534 -37.44 1.39 -80.03
N GLN J 535 -36.70 1.61 -78.94
CA GLN J 535 -35.35 2.14 -79.07
C GLN J 535 -34.39 1.14 -79.71
N LEU J 536 -34.75 -0.15 -79.72
CA LEU J 536 -33.90 -1.19 -80.29
C LEU J 536 -34.41 -1.72 -81.62
N CYS J 537 -35.72 -1.68 -81.87
CA CYS J 537 -36.30 -2.20 -83.09
C CYS J 537 -36.96 -1.14 -83.94
N LEU J 538 -37.87 -0.36 -83.36
CA LEU J 538 -38.67 0.57 -84.15
C LEU J 538 -37.80 1.71 -84.71
N ASP J 539 -36.99 2.33 -83.86
CA ASP J 539 -36.20 3.48 -84.30
C ASP J 539 -35.20 3.13 -85.40
N PRO J 540 -34.33 2.11 -85.26
CA PRO J 540 -33.40 1.82 -86.35
C PRO J 540 -34.09 1.37 -87.62
N LEU J 541 -35.16 0.59 -87.50
CA LEU J 541 -35.89 0.15 -88.69
C LEU J 541 -36.52 1.33 -89.42
N GLN J 542 -37.10 2.28 -88.67
CA GLN J 542 -37.67 3.46 -89.29
C GLN J 542 -36.59 4.32 -89.94
N GLU J 543 -35.42 4.44 -89.30
CA GLU J 543 -34.32 5.19 -89.89
C GLU J 543 -33.87 4.54 -91.20
N SER J 544 -33.73 3.22 -91.21
CA SER J 544 -33.36 2.51 -92.43
C SER J 544 -34.43 2.69 -93.51
N LEU J 545 -35.70 2.65 -93.12
CA LEU J 545 -36.78 2.88 -94.07
C LEU J 545 -36.69 4.28 -94.68
N ASN J 546 -36.36 5.28 -93.86
CA ASN J 546 -36.19 6.63 -94.37
C ASN J 546 -35.04 6.70 -95.37
N ARG J 547 -33.90 6.08 -95.03
CA ARG J 547 -32.74 6.18 -95.91
C ARG J 547 -32.95 5.40 -97.20
N ILE J 548 -33.71 4.29 -97.15
CA ILE J 548 -33.85 3.44 -98.33
C ILE J 548 -34.76 4.06 -99.38
N LYS J 549 -35.60 5.03 -99.01
CA LYS J 549 -36.49 5.69 -99.94
C LYS J 549 -35.99 7.05 -100.39
N SER J 550 -34.72 7.37 -100.12
CA SER J 550 -34.12 8.63 -100.53
C SER J 550 -32.93 8.43 -101.46
N ASN J 551 -32.69 7.21 -101.93
CA ASN J 551 -31.55 6.95 -102.80
C ASN J 551 -31.86 6.03 -103.98
N ILE J 552 -33.00 5.33 -103.99
CA ILE J 552 -33.30 4.43 -105.11
C ILE J 552 -33.41 5.16 -106.45
N PRO J 553 -34.18 6.26 -106.56
CA PRO J 553 -34.25 6.95 -107.87
C PRO J 553 -32.92 7.47 -108.35
N VAL J 554 -32.05 7.90 -107.45
CA VAL J 554 -30.75 8.44 -107.83
C VAL J 554 -29.68 7.34 -107.81
PG ATP K . 3.22 -38.19 -8.84
O1G ATP K . 2.62 -38.49 -10.17
O2G ATP K . 4.17 -39.29 -8.37
O3G ATP K . 3.93 -36.84 -8.77
PB ATP K . 0.91 -39.01 -7.19
O1B ATP K . 1.37 -39.99 -6.19
O2B ATP K . -0.18 -38.05 -6.73
O3B ATP K . 2.11 -38.14 -7.73
PA ATP K . 0.77 -41.02 -9.34
O1A ATP K . 0.03 -42.19 -8.81
O2A ATP K . 2.29 -41.16 -9.31
O3A ATP K . 0.42 -39.71 -8.52
O5' ATP K . 0.31 -40.69 -10.81
C5' ATP K . -0.70 -41.49 -11.46
C4' ATP K . -0.65 -41.24 -12.95
O4' ATP K . -0.13 -42.40 -13.62
C3' ATP K . -2.00 -40.97 -13.61
O3' ATP K . -1.83 -40.20 -14.79
C2' ATP K . -2.47 -42.37 -13.94
O2' ATP K . -3.43 -42.38 -14.99
C1' ATP K . -1.16 -43.00 -14.41
N9 ATP K . -1.08 -44.44 -14.25
C8 ATP K . -0.45 -45.14 -13.27
N7 ATP K . -0.55 -46.44 -13.37
C5 ATP K . -1.33 -46.62 -14.51
C6 ATP K . -1.80 -47.76 -15.17
N6 ATP K . -1.57 -49.01 -14.76
N1 ATP K . -2.56 -47.58 -16.27
C2 ATP K . -2.81 -46.34 -16.69
N3 ATP K . -2.41 -45.18 -16.16
C4 ATP K . -1.67 -45.38 -15.06
PG ATP L . 11.09 -24.65 28.71
O1G ATP L . 11.61 -25.88 28.05
O2G ATP L . 11.55 -24.52 30.14
O3G ATP L . 11.39 -23.35 27.95
PB ATP L . 8.38 -25.71 29.17
O1B ATP L . 7.95 -25.55 30.57
O2B ATP L . 7.28 -25.57 28.12
O3B ATP L . 9.52 -24.70 28.80
PA ATP L . 9.99 -28.08 29.78
O1A ATP L . 9.17 -28.95 30.64
O2A ATP L . 11.02 -27.22 30.51
O3A ATP L . 9.10 -27.10 28.93
O5' ATP L . 10.75 -28.94 28.69
C5' ATP L . 10.76 -30.39 28.76
C4' ATP L . 11.77 -30.94 27.79
O4' ATP L . 12.82 -31.62 28.52
C3' ATP L . 11.23 -32.00 26.83
O3' ATP L . 12.06 -32.11 25.69
C2' ATP L . 11.32 -33.26 27.69
O2' ATP L . 11.39 -34.43 26.89
C1' ATP L . 12.65 -33.03 28.41
N9 ATP L . 12.72 -33.60 29.74
C8 ATP L . 12.37 -33.00 30.92
N7 ATP L . 12.55 -33.76 31.98
C5 ATP L . 13.05 -34.94 31.46
C6 ATP L . 13.45 -36.15 32.05
N6 ATP L . 13.40 -36.38 33.36
N1 ATP L . 13.90 -37.13 31.24
C2 ATP L . 13.96 -36.91 29.92
N3 ATP L . 13.62 -35.81 29.25
C4 ATP L . 13.17 -34.85 30.07
PG ATP M . -13.95 6.85 36.17
O1G ATP M . -13.00 6.16 37.09
O2G ATP M . -14.76 7.93 36.88
O3G ATP M . -13.29 7.44 34.93
PB ATP M . -15.92 4.65 36.14
O1B ATP M . -17.29 5.09 36.43
O2B ATP M . -15.78 3.51 35.14
O3B ATP M . -15.02 5.84 35.62
PA ATP M . -15.19 4.65 38.98
O1A ATP M . -16.34 4.04 39.67
O2A ATP M . -15.13 6.17 39.03
O3A ATP M . -15.15 4.24 37.47
O5' ATP M . -13.84 4.07 39.57
C5' ATP M . -13.82 3.31 40.79
C4' ATP M . -12.40 3.17 41.29
O4' ATP M . -12.29 3.79 42.58
C3' ATP M . -11.93 1.74 41.50
O3' ATP M . -10.51 1.68 41.47
C2' ATP M . -12.43 1.45 42.91
O2' ATP M . -11.69 0.41 43.54
C1' ATP M . -12.14 2.80 43.59
N9 ATP M . -13.03 3.11 44.70
C8 ATP M . -14.14 3.92 44.66
N7 ATP M . -14.76 4.03 45.81
C5 ATP M . -14.02 3.22 46.66
C6 ATP M . -14.14 2.91 48.03
N6 ATP M . -15.12 3.38 48.81
N1 ATP M . -13.24 2.07 48.57
C2 ATP M . -12.26 1.59 47.79
N3 ATP M . -12.04 1.83 46.49
C4 ATP M . -12.95 2.65 45.98
PG ATP N . -37.38 12.58 3.39
O1G ATP N . -37.54 13.21 4.72
O2G ATP N . -38.45 13.01 2.41
O3G ATP N . -36.01 12.79 2.76
PB ATP N . -38.41 9.95 4.20
O1B ATP N . -39.50 9.48 3.33
O2B ATP N . -37.48 8.87 4.77
O3B ATP N . -37.52 11.02 3.48
PA ATP N . -40.19 11.76 5.69
O1A ATP N . -41.41 11.02 6.05
O2A ATP N . -40.32 12.65 4.44
O3A ATP N . -38.98 10.79 5.43
O5' ATP N . -39.72 12.66 6.89
C5' ATP N . -40.45 12.67 8.13
C4' ATP N . -40.00 13.84 8.98
O4' ATP N . -41.02 14.86 8.95
C3' ATP N . -39.82 13.52 10.46
O3' ATP N . -38.92 14.45 11.06
C2' ATP N . -41.23 13.71 11.01
O2' ATP N . -41.23 13.99 12.39
C1' ATP N . -41.66 14.95 10.21
N9 ATP N . -43.09 15.05 10.01
C8 ATP N . -43.79 14.76 8.87
N7 ATP N . -45.09 14.95 8.97
C5 ATP N . -45.25 15.42 10.26
C6 ATP N . -46.38 15.83 11.00
N6 ATP N . -47.62 15.81 10.50
N1 ATP N . -46.20 16.24 12.26
C2 ATP N . -44.95 16.25 12.76
N3 ATP N . -43.81 15.90 12.17
C4 ATP N . -44.02 15.49 10.91
PG ATP O . -26.75 -15.32 -24.67
O1G ATP O . -27.94 -14.42 -24.69
O2G ATP O . -26.66 -16.23 -25.88
O3G ATP O . -25.43 -14.58 -24.48
PB ATP O . -27.89 -17.14 -22.65
O1B ATP O . -27.87 -18.56 -23.06
O2B ATP O . -27.67 -16.87 -21.16
O3B ATP O . -26.82 -16.30 -23.43
PA ATP O . -30.25 -16.53 -24.28
O1A ATP O . -31.25 -17.60 -24.04
O2A ATP O . -29.42 -16.69 -25.55
O3A ATP O . -29.24 -16.43 -23.08
O5' ATP O . -30.97 -15.13 -24.31
C5' ATP O . -32.39 -15.01 -24.16
C4' ATP O . -32.85 -13.63 -24.57
O4' ATP O . -33.54 -13.70 -25.83
C3' ATP O . -33.84 -12.98 -23.62
O3' ATP O . -33.79 -11.56 -23.73
C2' ATP O . -35.17 -13.50 -24.15
O2' ATP O . -36.25 -12.66 -23.78
C1' ATP O . -34.91 -13.41 -25.65
N9 ATP O . -35.69 -14.35 -26.45
C8 ATP O . -35.27 -15.54 -27.00
N7 ATP O . -36.19 -16.17 -27.67
C5 ATP O . -37.31 -15.36 -27.57
C6 ATP O . -38.62 -15.47 -28.06
N6 ATP O . -39.05 -16.50 -28.80
N1 ATP O . -39.49 -14.48 -27.76
C2 ATP O . -39.06 -13.45 -27.02
N3 ATP O . -37.85 -13.24 -26.51
C4 ATP O . -37.01 -14.24 -26.81
#